data_4BUJ
#
_entry.id   4BUJ
#
_cell.length_a   183.375
_cell.length_b   200.415
_cell.length_c   340.179
_cell.angle_alpha   90.00
_cell.angle_beta   90.00
_cell.angle_gamma   90.00
#
_symmetry.space_group_name_H-M   'P 21 21 21'
#
loop_
_entity.id
_entity.type
_entity.pdbx_description
1 polymer 'ANTIVIRAL HELICASE SKI2'
2 polymer 'SUPERKILLER PROTEIN 3'
3 polymer 'ANTIVIRAL PROTEIN SKI8'
4 non-polymer 'SULFATE ION'
#
loop_
_entity_poly.entity_id
_entity_poly.type
_entity_poly.pdbx_seq_one_letter_code
_entity_poly.pdbx_strand_id
1 'polypeptide(L)'
;GPDSMSEGFSSSSIQELYQSLKEITNNADVELFEDRITKLDFESTDEPKHANDIIKDRFLRPSNALPWSLLDMVQDVPHT
SSPEDCSGKLDYKELLKVPDPINRTSYQFKRTGLEGKISGYKEEVDLKEVANANASNSLSITRSINHNQNSVRGSTAQLP
FTPGGIPMKSVKTDSEQNGSSTMANATKLLHKDGQGLFDIPEGMNRGIKPMD(UNK)(UNK)(UNK)(UNK)(UNK)
(UNK)(UNK)(UNK)(UNK)(UNK)(UNK)(UNK)(UNK)(UNK)(UNK)(UNK)(UNK)(UNK)(UNK)(UNK)(UNK)
(UNK)(UNK)(UNK)(UNK)(UNK)(UNK)(UNK)(UNK)(UNK)(UNK)(UNK)(UNK)(UNK)(UNK)(UNK)(UNK)
(UNK)(UNK)(UNK)(UNK)(UNK)(UNK)(UNK)(UNK)(UNK)(UNK)(UNK)(UNK)(UNK)(UNK)(UNK)(UNK)
(UNK)(UNK)(UNK)(UNK)(UNK)(UNK)(UNK)(UNK)(UNK)(UNK)(UNK)(UNK)(UNK)(UNK)(UNK)(UNK)
(UNK)(UNK)(UNK)(UNK)(UNK)(UNK)(UNK)(UNK)(UNK)(UNK)(UNK)(UNK)(UNK)(UNK)(UNK)(UNK)
(UNK)(UNK)(UNK)(UNK)(UNK)(UNK)(UNK)EWAHVVDLNHKIENFDELIPNPARSWPFELDTFQKEAVYHLEQGD
SVFVAAHTSAGKTVVAEYAIAMAHRNMTKTIYTSPIKALSNQKFRDFKETFDDVNIGLITGDVQINPDANCLIMTTEILR
SMLYRGADLIRDVEFVIFDEVHYVNDQDRGVVWEEVIIMLPQHVKFILLSATVPNTYEFANWIGRTKQKNIYVISTPKRP
VPLEINIWAKKELIPVINQNSEFLEANFRKHKEILNGESAKGAPSKTDNGRGGSTARGGRGGSNTRDGRGGRGNSTRGGA
NRGGSRGAGAIGSNKRKFFTQDGPSKKTWPEIVNYLRKRELLPMVVFVFSKKRCEEYADWLEGINFCNNKEKSQIHMFIE
KSITRLKKEDRDLPQILKTRSLLERGIAVHHGGLLPIVKELIEILFSKGFIKVLFATETFAMGLNLPTRTVIFSSIRKHD
GNGLRELTPGEFTQMAGRAGRRGLDSTGTVIVMAYNSPLSIATFKEVTMGVPTRLQSQFRLTYNMILNLLRIEALRVEEM
IKYSFSENAGSRGLSLLPDYEKRLAVLKDTEFIDQNHNVLLKGRVACEINSGYELVLTELILDNFLGSFEPEEIVALLSV
FVYEGKTREEEPPIVTPRLAKGKQRIEEIYKKMLCVFNTHQIPLTQDEAEFLDRKRFAMMNVVYEWARGLSFKEIMEMSP
EAEGTVVRVITWLDEICREVKTASIIIGNSTLHMKMSRAQELIKRDIVFAASLYL
;
A,E
2 'polypeptide(L)'
;GPDSMSDIKQLLKEAKQELTNRDYEETIEISEKVLKLDPDNYFAHIFLGKALSSLPASNNVSSNRNLERATNHYVSAAKL
VPDNLLAWKGLFLLFRTTEVVPDILSYDEYFDLCGQYADALLKQEQSQVELINDIKLLKKTHPDCQKAFYQHLKPGSLMA
ETIGRHLSTPQDALLNLIKILSNIETTEIGKTLSQNRLKLKASDPDYQIKLNSFSWEIIKNSEIDQLYNQLVNILADDQK
RSEIENQWLEYRIKVLKSMPLDVKKDFFTKVKEMVEDMVLVNHQSLLAWQKYFEWTDYEDLDNMDAPLIIKYFKKFPKDP
LAMILYSWLSSKLSKYDIKSLESANKPPEGHKKTEKETDIKDVDETNEDEVKDRVEDEVKDRVEDEVKDQDEEAKEDEEE
DLDDIEIGLLEEEVVTVLTENIVKCKNNILAHRILCQYYLLTKEYEAALPYIKNGISLIAYNIKDLGVHLPLTKREFSLD
LATVYTYVDAPKDHNAALKLYDNILSGDFSNIQAKMGKGIIFIERKNWKDAMTLLTQVHEQSPNNLEVLSELSWSKAHMG
YMDEALAGLDTVIKGIKGMDLRSIDFRALNLWRQAKVYIMKHASINDAKQENVKCAFKLLIQSIKILDTFAPGFSTLGDI
YCHYYKDHLRAFKCYFKAFDLDAGDYTAAKYITETYASKPNWQAASSIASRLIKGEKAKAELRSNNWPFRVVGIAHLEKQ
EESDSIEWFQSALRVDPNDVESWVGLGQAYHACGRIEASIKVFDKAIQLRPSHTFAQYFKAISLCDVGEYLESLDILEKV
CQEAATEESFQIGLVEVLMRCSLDLYSQGFLLKSVSIAKDTIERIKIIISELKCENQQVWIYLSQVLRLFIWIESKVDTL
PVESLVSIFENSQFSGSEEIDSVDNIKIDTLLDSTTDDNVSIACKFLILASKYSVSDQKFTDIAGTVRASYWYNIGISEL
TAFITLKEPQYRDAAIFAFKKSIQLQSNTSETWIGLGIATMDINFRVSQHCFIKATALEPKATNTWFNLAMLGLKKKDTE
FAQQVLNKLQSLAPQDSSPWLGMALILEEQGDIIGSSKLFAHSFILSNGRSKAAQFMYAKNVLENHINNGDDERDIETVE
KLTTASIALEQFFKKSPDSQFALQCALLTLERLHHYENANELANRLIGILEKKFEKTQDERELFNFAIIKGQFARIHLGL
GNFELSIENADLSQGIISESSDEKSMKTKISNHICLGLSYFFLNDFDQTLNQFQELLSISKDSKHLVVLIAKVLYDVGES
DTKEIALQELTEYIATSGADLLVTLTIAAMSILDDKREDLSIILEELKALPLSKQIIDKHKDAPYLIEEITKRLYRNDTG
KQVWQRSAYFFPNNLKVWERLDKNIQRRIASNGQNKVTAEEMSKLYCESKNLRSIQRGMFLCPWNVTAVKALNECF
;
B,F
3 'polypeptide(L)'
;MSKVFIATANAGKAHDADIFSVSACNSFTVSCSGDGYLKVWDNKLLDNENPKDKSYSHFVHKSGLHHVDVLQAIERDAFE
LCLVATTSFSGDLLFYRITREDETKKVIFEKLDLLDSDMKKHSFWALKWGASNDRLLSHRLVATDVKGTTYIWKFHPFAD
ESNSLTLNWSPTLELQGTVESPMTPSQFATSVDISERGLIATGFNNGTVQISELSTLRPLYNFESQHSMINNSNSIRSVK
FSPQGSLLAIAHDSNSFGCITLYETEFGERIGSLSVPTHSSQASLGEFAHSSWVMSLSFNDSGETLCSAGWDGKLRFWDV
KTKERITTLNMHCDDIEIEEDILAVDEHGDSLAEPGVFDVKFLKKGWRSGMGADLNESLCCVCLDRSIRWFREAGGK
;
C,D,G,H
#
loop_
_chem_comp.id
_chem_comp.type
_chem_comp.name
_chem_comp.formula
SO4 non-polymer 'SULFATE ION' 'O4 S -2'
#
# COMPACT_ATOMS: atom_id res chain seq x y z
N SER A 12 8.41 -36.62 6.17
CA SER A 12 9.13 -35.37 6.00
C SER A 12 8.39 -34.47 5.00
N SER A 13 7.76 -33.42 5.54
CA SER A 13 7.01 -32.49 4.70
C SER A 13 7.92 -31.83 3.67
N ILE A 14 7.33 -31.40 2.55
CA ILE A 14 8.10 -31.01 1.38
C ILE A 14 9.07 -29.84 1.59
N GLN A 15 8.67 -28.86 2.38
CA GLN A 15 9.53 -27.71 2.65
C GLN A 15 10.88 -28.21 3.15
N GLU A 16 10.86 -29.24 3.98
CA GLU A 16 12.07 -29.83 4.54
C GLU A 16 12.92 -30.48 3.45
N LEU A 17 12.25 -31.16 2.51
CA LEU A 17 12.95 -31.84 1.44
C LEU A 17 13.60 -30.82 0.52
N TYR A 18 12.88 -29.77 0.17
CA TYR A 18 13.44 -28.70 -0.65
C TYR A 18 14.56 -28.01 0.11
N GLN A 19 14.33 -27.75 1.38
CA GLN A 19 15.32 -27.19 2.28
C GLN A 19 16.60 -27.99 2.15
N SER A 20 16.47 -29.30 2.25
CA SER A 20 17.60 -30.19 2.04
C SER A 20 18.17 -30.02 0.64
N LEU A 21 17.26 -29.94 -0.34
CA LEU A 21 17.65 -29.79 -1.74
C LEU A 21 18.49 -28.55 -1.99
N LYS A 22 18.22 -27.45 -1.29
CA LYS A 22 19.03 -26.23 -1.43
C LYS A 22 20.53 -26.41 -1.15
N GLU A 23 20.91 -27.46 -0.43
CA GLU A 23 22.30 -27.65 -0.05
C GLU A 23 23.24 -27.78 -1.25
N ILE A 24 22.69 -28.02 -2.43
CA ILE A 24 23.50 -28.13 -3.64
C ILE A 24 24.14 -26.77 -3.98
N THR A 25 25.42 -26.81 -4.30
CA THR A 25 26.13 -25.62 -4.76
C THR A 25 26.90 -25.97 -6.02
N ASN A 26 27.41 -24.96 -6.69
CA ASN A 26 28.21 -25.20 -7.89
C ASN A 26 29.63 -25.59 -7.55
N ASN A 27 30.18 -26.53 -8.31
CA ASN A 27 31.58 -26.95 -8.15
C ASN A 27 32.47 -26.31 -9.20
N ALA A 28 33.46 -25.54 -8.75
CA ALA A 28 34.30 -24.74 -9.64
C ALA A 28 34.97 -25.60 -10.70
N VAL A 30 32.28 -24.31 -14.37
CA VAL A 30 31.37 -24.41 -15.51
C VAL A 30 31.67 -25.66 -16.32
N GLU A 31 31.82 -26.79 -15.64
CA GLU A 31 32.10 -28.06 -16.29
C GLU A 31 30.91 -28.49 -17.17
N LEU A 32 31.19 -29.28 -18.19
CA LEU A 32 30.17 -29.74 -19.13
C LEU A 32 29.06 -30.49 -18.42
N PHE A 33 27.88 -30.51 -19.03
CA PHE A 33 26.72 -31.17 -18.46
C PHE A 33 26.97 -32.67 -18.27
N GLU A 34 26.38 -33.23 -17.23
CA GLU A 34 26.50 -34.66 -16.94
C GLU A 34 25.16 -35.22 -16.52
N ASP A 35 24.63 -36.14 -17.32
CA ASP A 35 23.33 -36.76 -17.04
C ASP A 35 23.45 -37.68 -15.82
N ARG A 36 23.41 -37.08 -14.64
CA ARG A 36 23.66 -37.81 -13.42
C ARG A 36 22.63 -38.86 -13.11
N ILE A 37 23.10 -40.05 -12.74
CA ILE A 37 22.25 -41.15 -12.34
C ILE A 37 22.06 -41.10 -10.83
N THR A 38 20.85 -41.36 -10.36
CA THR A 38 20.50 -41.15 -8.95
C THR A 38 20.93 -42.28 -8.04
N LYS A 39 21.17 -41.93 -6.77
CA LYS A 39 21.61 -42.90 -5.77
C LYS A 39 20.44 -43.48 -4.98
N LEU A 40 19.31 -42.80 -5.03
CA LEU A 40 18.12 -43.21 -4.29
C LEU A 40 17.75 -44.66 -4.60
N ASP A 41 17.49 -45.43 -3.55
CA ASP A 41 17.06 -46.82 -3.70
C ASP A 41 15.55 -46.90 -3.54
N PHE A 42 14.85 -46.77 -4.67
CA PHE A 42 13.39 -46.82 -4.66
C PHE A 42 12.93 -48.11 -3.99
N GLU A 43 13.61 -49.20 -4.34
CA GLU A 43 13.26 -50.53 -3.85
C GLU A 43 13.31 -50.58 -2.32
N LYS A 49 7.78 -56.50 6.11
CA LYS A 49 6.42 -56.83 5.70
C LYS A 49 5.48 -55.67 5.95
N HIS A 50 5.88 -54.48 5.50
CA HIS A 50 5.04 -53.29 5.63
C HIS A 50 3.75 -53.46 4.84
N ALA A 51 3.80 -54.35 3.84
CA ALA A 51 2.68 -54.60 2.94
C ALA A 51 1.34 -54.77 3.66
N ASN A 52 1.37 -55.46 4.80
CA ASN A 52 0.17 -55.64 5.60
C ASN A 52 -0.53 -54.31 5.86
N ASP A 53 0.26 -53.28 6.08
CA ASP A 53 -0.29 -51.94 6.29
C ASP A 53 -0.83 -51.41 4.96
N ILE A 54 -0.22 -51.83 3.86
CA ILE A 54 -0.62 -51.36 2.54
C ILE A 54 -1.91 -52.04 2.11
N ILE A 55 -2.02 -53.32 2.42
CA ILE A 55 -3.23 -54.06 2.14
C ILE A 55 -4.38 -53.48 2.95
N LYS A 56 -4.21 -53.42 4.27
CA LYS A 56 -5.24 -52.92 5.17
C LYS A 56 -5.81 -51.58 4.70
N ASP A 57 -4.95 -50.70 4.20
CA ASP A 57 -5.40 -49.41 3.70
C ASP A 57 -6.23 -49.58 2.43
N ARG A 58 -5.87 -50.55 1.61
CA ARG A 58 -6.47 -50.67 0.29
C ARG A 58 -7.84 -51.37 0.32
N PHE A 59 -7.92 -52.49 1.03
CA PHE A 59 -9.09 -53.36 0.94
C PHE A 59 -10.05 -53.32 2.13
N LEU A 60 -9.54 -52.96 3.31
CA LEU A 60 -10.34 -52.99 4.53
C LEU A 60 -10.68 -51.60 5.06
N ARG A 61 -9.79 -50.65 4.87
CA ARG A 61 -10.01 -49.30 5.38
C ARG A 61 -11.37 -48.76 4.96
N PRO A 62 -12.19 -48.33 5.93
CA PRO A 62 -13.52 -47.87 5.57
C PRO A 62 -13.45 -46.50 4.92
N SER A 63 -14.44 -46.19 4.09
CA SER A 63 -14.42 -44.95 3.33
C SER A 63 -15.04 -43.81 4.16
N ASN A 64 -14.26 -42.75 4.40
CA ASN A 64 -14.77 -41.56 5.07
C ASN A 64 -15.86 -40.91 4.22
N ALA A 65 -15.55 -40.73 2.94
CA ALA A 65 -16.47 -40.13 1.99
C ALA A 65 -17.17 -41.25 1.24
N LEU A 66 -18.49 -41.21 1.18
CA LEU A 66 -19.27 -42.28 0.57
C LEU A 66 -19.05 -42.39 -0.94
N PRO A 67 -18.78 -43.61 -1.43
CA PRO A 67 -18.57 -43.84 -2.86
C PRO A 67 -19.90 -44.00 -3.61
N TRP A 68 -19.86 -43.84 -4.93
CA TRP A 68 -21.05 -43.89 -5.76
C TRP A 68 -21.90 -45.14 -5.50
N SER A 69 -21.24 -46.28 -5.37
CA SER A 69 -21.92 -47.56 -5.20
C SER A 69 -22.97 -47.52 -4.11
N LEU A 70 -22.65 -46.81 -3.02
CA LEU A 70 -23.62 -46.63 -1.94
C LEU A 70 -24.53 -45.45 -2.24
N LEU A 71 -23.98 -44.40 -2.85
CA LEU A 71 -24.79 -43.22 -3.16
C LEU A 71 -26.03 -43.59 -3.96
N ASP A 72 -25.87 -44.40 -5.01
CA ASP A 72 -27.01 -44.87 -5.81
C ASP A 72 -28.10 -45.44 -4.91
N MET A 73 -27.67 -46.26 -3.96
CA MET A 73 -28.56 -46.95 -3.05
C MET A 73 -29.10 -45.97 -2.01
N VAL A 74 -28.30 -44.94 -1.73
CA VAL A 74 -28.59 -44.05 -0.62
C VAL A 74 -29.51 -42.88 -0.97
N GLN A 75 -29.15 -42.09 -1.99
CA GLN A 75 -29.85 -40.85 -2.28
C GLN A 75 -31.02 -41.03 -3.25
N ASP A 76 -32.01 -40.16 -3.13
CA ASP A 76 -33.23 -40.25 -3.92
C ASP A 76 -33.49 -38.96 -4.69
N VAL A 77 -34.07 -39.09 -5.89
CA VAL A 77 -34.35 -37.95 -6.75
C VAL A 77 -35.63 -37.27 -6.30
N PRO A 78 -35.62 -35.94 -6.13
CA PRO A 78 -36.89 -35.24 -5.96
C PRO A 78 -37.68 -35.17 -7.27
N HIS A 79 -39.00 -35.03 -7.18
CA HIS A 79 -39.90 -35.18 -8.34
C HIS A 79 -40.40 -33.87 -8.94
N THR A 80 -40.98 -32.99 -8.12
CA THR A 80 -41.65 -31.80 -8.63
C THR A 80 -40.69 -30.82 -9.32
N SER A 81 -41.22 -30.02 -10.26
CA SER A 81 -40.42 -29.03 -10.98
C SER A 81 -40.39 -27.70 -10.25
N SER A 82 -39.24 -27.02 -10.30
CA SER A 82 -39.05 -25.74 -9.61
C SER A 82 -38.18 -24.79 -10.43
N GLY A 88 -49.52 -26.42 -11.33
CA GLY A 88 -48.20 -26.64 -11.90
C GLY A 88 -48.02 -25.90 -13.22
N LYS A 89 -49.04 -25.13 -13.60
CA LYS A 89 -49.02 -24.39 -14.86
C LYS A 89 -48.18 -23.13 -14.75
N LEU A 90 -48.04 -22.58 -13.54
CA LEU A 90 -47.23 -21.39 -13.35
C LEU A 90 -45.79 -21.62 -13.79
N ASP A 91 -45.31 -22.86 -13.68
CA ASP A 91 -43.97 -23.23 -14.14
C ASP A 91 -43.86 -22.98 -15.64
N TYR A 92 -44.86 -23.45 -16.39
CA TYR A 92 -44.92 -23.16 -17.81
C TYR A 92 -45.09 -21.67 -18.02
N LYS A 93 -45.83 -21.05 -17.11
CA LYS A 93 -46.02 -19.60 -17.12
C LYS A 93 -44.70 -18.84 -16.93
N GLU A 94 -43.78 -19.42 -16.15
CA GLU A 94 -42.47 -18.82 -15.93
C GLU A 94 -41.58 -18.89 -17.17
N LEU A 95 -41.63 -20.03 -17.85
CA LEU A 95 -40.72 -20.31 -18.97
C LEU A 95 -40.80 -19.30 -20.12
N LEU A 96 -42.02 -18.96 -20.51
CA LEU A 96 -42.25 -18.10 -21.68
C LEU A 96 -41.50 -16.77 -21.64
N LYS A 97 -41.37 -16.15 -22.81
CA LYS A 97 -40.59 -14.94 -22.96
C LYS A 97 -41.45 -13.68 -23.08
N VAL A 98 -41.32 -12.79 -22.10
CA VAL A 98 -41.91 -11.46 -22.17
C VAL A 98 -41.12 -10.62 -23.16
N PRO A 99 -41.81 -9.81 -24.00
CA PRO A 99 -41.10 -9.01 -25.00
C PRO A 99 -40.30 -7.84 -24.43
N ASP A 100 -39.43 -7.26 -25.24
CA ASP A 100 -38.60 -6.14 -24.82
C ASP A 100 -39.36 -4.82 -24.95
N PRO A 101 -38.85 -3.76 -24.28
CA PRO A 101 -39.45 -2.43 -24.41
C PRO A 101 -39.23 -1.81 -25.79
N ILE A 102 -39.93 -0.70 -26.05
CA ILE A 102 -39.84 -0.01 -27.32
C ILE A 102 -39.55 1.47 -27.12
N ASN A 103 -38.49 1.96 -27.76
CA ASN A 103 -38.11 3.36 -27.68
C ASN A 103 -38.39 4.06 -29.00
N ARG A 104 -39.22 5.09 -28.95
CA ARG A 104 -39.58 5.85 -30.15
C ARG A 104 -38.88 7.21 -30.14
N THR A 105 -38.64 7.73 -28.94
CA THR A 105 -37.98 9.02 -28.77
C THR A 105 -36.51 8.92 -29.14
N SER A 106 -35.98 9.99 -29.74
CA SER A 106 -34.57 10.04 -30.10
C SER A 106 -34.15 11.48 -30.32
N TYR A 107 -32.87 11.75 -30.13
CA TYR A 107 -32.34 13.09 -30.29
C TYR A 107 -32.02 13.39 -31.75
N GLN A 108 -32.45 14.57 -32.21
CA GLN A 108 -31.98 15.09 -33.49
C GLN A 108 -31.37 16.46 -33.24
N PHE A 109 -30.10 16.61 -33.59
CA PHE A 109 -29.36 17.82 -33.28
C PHE A 109 -29.52 18.86 -34.37
N LYS A 110 -30.00 20.04 -33.98
CA LYS A 110 -30.22 21.13 -34.91
C LYS A 110 -29.06 22.12 -34.84
N ARG A 111 -28.58 22.53 -36.01
CA ARG A 111 -27.48 23.50 -36.13
C ARG A 111 -28.00 24.89 -36.45
N THR A 112 -27.40 25.88 -35.80
CA THR A 112 -27.68 27.28 -36.08
C THR A 112 -26.37 28.02 -36.19
N GLY A 113 -26.26 28.83 -37.24
CA GLY A 113 -25.01 29.50 -37.57
C GLY A 113 -24.59 29.01 -38.93
N LEU A 114 -23.42 29.45 -39.40
CA LEU A 114 -22.85 28.90 -40.62
C LEU A 114 -21.70 28.00 -40.23
N GLU A 115 -21.81 26.72 -40.60
CA GLU A 115 -20.85 25.73 -40.15
C GLU A 115 -20.85 25.78 -38.62
N GLY A 116 -22.03 25.68 -38.03
CA GLY A 116 -22.14 25.76 -36.57
C GLY A 116 -22.41 24.42 -35.94
N LYS A 117 -21.76 24.15 -34.82
CA LYS A 117 -22.07 22.96 -34.05
C LYS A 117 -23.52 23.08 -33.59
N ILE A 118 -24.14 21.94 -33.28
CA ILE A 118 -25.56 21.91 -32.96
C ILE A 118 -25.96 23.01 -31.98
N SER A 119 -26.92 23.83 -32.40
CA SER A 119 -27.43 24.90 -31.55
C SER A 119 -28.11 24.32 -30.30
N GLY A 120 -28.86 23.24 -30.47
CA GLY A 120 -29.60 22.66 -29.38
C GLY A 120 -30.00 21.21 -29.56
N TYR A 121 -30.62 20.67 -28.50
CA TYR A 121 -31.09 19.30 -28.48
C TYR A 121 -32.60 19.34 -28.57
N LYS A 122 -33.15 18.42 -29.36
CA LYS A 122 -34.58 18.27 -29.46
C LYS A 122 -34.93 16.79 -29.64
N GLU A 123 -35.70 16.23 -28.70
CA GLU A 123 -36.07 14.83 -28.81
C GLU A 123 -37.35 14.72 -29.61
N GLU A 124 -37.31 13.92 -30.67
CA GLU A 124 -38.45 13.76 -31.57
C GLU A 124 -38.51 12.33 -32.08
N VAL A 125 -39.65 11.98 -32.66
CA VAL A 125 -39.94 10.60 -33.01
C VAL A 125 -39.19 10.16 -34.27
N ASP A 126 -38.83 8.88 -34.32
CA ASP A 126 -38.48 8.19 -35.56
C ASP A 126 -38.75 6.70 -35.33
N LEU A 127 -38.92 5.92 -36.39
CA LEU A 127 -39.23 4.50 -36.21
C LEU A 127 -39.25 3.71 -37.52
N LYS A 128 -39.05 2.40 -37.43
CA LYS A 128 -39.16 1.52 -38.59
C LYS A 128 -39.52 0.11 -38.13
N GLU A 129 -40.74 -0.31 -38.43
CA GLU A 129 -41.20 -1.65 -38.04
C GLU A 129 -41.09 -1.88 -36.53
N VAL A 130 -40.64 -3.06 -36.12
CA VAL A 130 -40.42 -3.34 -34.71
C VAL A 130 -39.04 -2.82 -34.29
N ALA A 131 -38.60 -3.19 -33.09
CA ALA A 131 -37.24 -2.89 -32.64
C ALA A 131 -36.24 -3.52 -33.61
N ASN A 132 -35.34 -2.69 -34.14
CA ASN A 132 -34.52 -3.06 -35.29
C ASN A 132 -33.47 -4.13 -35.01
N ALA A 133 -33.82 -5.37 -35.33
CA ALA A 133 -32.92 -6.52 -35.13
C ALA A 133 -32.42 -7.06 -36.46
N ASN A 134 -31.18 -7.54 -36.46
CA ASN A 134 -30.54 -8.00 -37.68
C ASN A 134 -31.18 -9.27 -38.21
N ALA A 135 -31.68 -10.10 -37.31
CA ALA A 135 -32.29 -11.36 -37.69
C ALA A 135 -33.80 -11.25 -37.58
N SER A 136 -34.26 -10.94 -36.38
CA SER A 136 -35.69 -10.98 -36.04
C SER A 136 -36.52 -10.05 -36.91
N ASN A 137 -35.97 -8.87 -37.18
CA ASN A 137 -36.74 -7.76 -37.76
C ASN A 137 -36.51 -7.54 -39.26
N SER A 138 -35.50 -6.73 -39.59
CA SER A 138 -35.46 -6.03 -40.89
C SER A 138 -34.32 -6.41 -41.83
N LEU A 139 -34.47 -5.97 -43.08
CA LEU A 139 -33.44 -6.09 -44.10
C LEU A 139 -32.74 -4.75 -44.28
N SER A 140 -33.25 -3.71 -43.62
CA SER A 140 -32.73 -2.36 -43.79
C SER A 140 -31.33 -2.22 -43.20
N ILE A 141 -30.52 -1.36 -43.81
CA ILE A 141 -29.16 -1.12 -43.32
C ILE A 141 -29.20 -0.51 -41.92
N THR A 142 -30.31 0.15 -41.60
CA THR A 142 -30.49 0.75 -40.28
C THR A 142 -30.27 -0.24 -39.13
N ARG A 143 -30.72 -1.47 -39.33
CA ARG A 143 -30.86 -2.46 -38.24
C ARG A 143 -29.65 -2.57 -37.32
N SER A 144 -29.92 -2.77 -36.03
CA SER A 144 -28.89 -2.82 -35.00
C SER A 144 -27.88 -3.93 -35.27
N ILE A 145 -26.64 -3.69 -34.88
CA ILE A 145 -25.55 -4.63 -35.14
C ILE A 145 -25.47 -5.70 -34.06
N ASN A 146 -25.46 -6.96 -34.47
CA ASN A 146 -25.22 -8.05 -33.53
C ASN A 146 -23.73 -8.10 -33.21
N HIS A 147 -23.33 -7.31 -32.21
CA HIS A 147 -21.92 -7.18 -31.85
C HIS A 147 -21.28 -8.55 -31.61
N ASN A 148 -22.09 -9.49 -31.11
CA ASN A 148 -21.62 -10.85 -30.85
C ASN A 148 -21.40 -11.64 -32.13
N GLN A 149 -22.28 -11.46 -33.11
CA GLN A 149 -22.20 -12.19 -34.37
C GLN A 149 -21.01 -11.71 -35.20
N ASN A 150 -20.50 -12.58 -36.06
CA ASN A 150 -19.34 -12.28 -36.87
C ASN A 150 -19.56 -11.05 -37.74
N SER A 151 -18.52 -10.22 -37.85
CA SER A 151 -18.56 -9.02 -38.67
C SER A 151 -18.41 -9.38 -40.15
N VAL A 152 -17.64 -10.43 -40.43
CA VAL A 152 -17.26 -10.77 -41.78
C VAL A 152 -18.07 -11.92 -42.35
N ARG A 153 -17.89 -13.11 -41.78
CA ARG A 153 -18.44 -14.33 -42.37
C ARG A 153 -19.96 -14.28 -42.54
N GLY A 154 -20.61 -13.45 -41.73
CA GLY A 154 -22.06 -13.39 -41.72
C GLY A 154 -22.62 -14.59 -41.01
N SER A 155 -23.94 -14.64 -40.83
CA SER A 155 -24.59 -15.76 -40.16
C SER A 155 -25.88 -16.12 -40.86
N THR A 156 -26.19 -17.41 -40.88
CA THR A 156 -27.39 -17.90 -41.54
C THR A 156 -28.64 -17.25 -40.95
N ALA A 157 -28.59 -16.92 -39.67
CA ALA A 157 -29.72 -16.34 -38.97
C ALA A 157 -29.98 -14.93 -39.43
N GLN A 158 -28.92 -14.20 -39.78
CA GLN A 158 -29.04 -12.84 -40.24
C GLN A 158 -29.55 -12.77 -41.68
N LEU A 159 -30.56 -11.93 -41.93
CA LEU A 159 -31.09 -11.72 -43.27
C LEU A 159 -30.14 -10.82 -44.04
N PRO A 160 -30.10 -10.96 -45.37
CA PRO A 160 -29.20 -10.12 -46.15
C PRO A 160 -29.63 -8.66 -46.11
N PHE A 161 -28.78 -7.77 -46.60
CA PHE A 161 -29.16 -6.37 -46.72
C PHE A 161 -29.93 -6.16 -48.01
N THR A 162 -30.94 -5.30 -47.96
CA THR A 162 -31.83 -5.05 -49.10
C THR A 162 -31.04 -4.77 -50.37
N PRO A 163 -31.14 -5.67 -51.36
CA PRO A 163 -30.46 -5.47 -52.65
C PRO A 163 -30.86 -4.16 -53.30
N GLY A 164 -29.90 -3.41 -53.81
CA GLY A 164 -30.19 -2.10 -54.38
C GLY A 164 -30.70 -2.13 -55.82
N GLY A 165 -31.71 -1.31 -56.09
CA GLY A 165 -32.22 -1.17 -57.45
C GLY A 165 -33.23 -2.22 -57.87
N ILE A 166 -33.51 -3.17 -56.98
CA ILE A 166 -34.45 -4.24 -57.29
C ILE A 166 -35.79 -4.06 -56.55
N PRO A 167 -36.84 -3.68 -57.28
CA PRO A 167 -38.19 -3.74 -56.72
C PRO A 167 -38.56 -5.17 -56.35
N MET A 168 -38.94 -5.37 -55.09
CA MET A 168 -39.34 -6.68 -54.57
C MET A 168 -40.80 -6.62 -54.12
N LYS A 169 -41.42 -7.78 -53.97
CA LYS A 169 -42.82 -7.88 -53.57
C LYS A 169 -43.05 -7.33 -52.17
N SER A 170 -42.09 -7.59 -51.28
CA SER A 170 -42.18 -7.17 -49.88
C SER A 170 -41.68 -5.74 -49.69
N VAL A 171 -42.62 -4.80 -49.64
CA VAL A 171 -42.32 -3.38 -49.45
C VAL A 171 -43.62 -2.57 -49.47
N SER A 181 -54.38 -1.92 -43.73
CA SER A 181 -53.75 -1.86 -45.05
C SER A 181 -53.02 -3.16 -45.34
N THR A 182 -51.83 -3.30 -44.75
CA THR A 182 -51.08 -4.54 -44.89
C THR A 182 -51.57 -5.51 -43.82
N MET A 183 -51.82 -4.98 -42.63
CA MET A 183 -52.35 -5.77 -41.52
C MET A 183 -53.64 -6.47 -41.92
N ALA A 184 -54.59 -5.68 -42.43
CA ALA A 184 -55.89 -6.22 -42.82
C ALA A 184 -55.70 -7.34 -43.82
N ASN A 185 -54.83 -7.11 -44.80
CA ASN A 185 -54.54 -8.12 -45.83
C ASN A 185 -53.90 -9.37 -45.21
N ALA A 186 -53.03 -9.16 -44.22
CA ALA A 186 -52.37 -10.26 -43.53
C ALA A 186 -53.37 -11.12 -42.75
N THR A 187 -54.22 -10.47 -41.96
CA THR A 187 -55.20 -11.18 -41.15
C THR A 187 -56.31 -11.78 -42.01
N LYS A 188 -56.63 -11.09 -43.11
CA LYS A 188 -57.74 -11.49 -43.97
C LYS A 188 -57.62 -12.93 -44.48
N LEU A 189 -56.38 -13.39 -44.67
CA LEU A 189 -56.13 -14.66 -45.35
C LEU A 189 -56.45 -15.90 -44.49
N LEU A 190 -56.06 -15.87 -43.23
CA LEU A 190 -55.94 -17.10 -42.43
C LEU A 190 -57.15 -17.43 -41.55
N HIS A 191 -57.97 -16.43 -41.26
CA HIS A 191 -58.98 -16.54 -40.22
C HIS A 191 -59.99 -17.68 -40.43
N LYS A 192 -60.07 -18.59 -39.46
CA LYS A 192 -61.18 -19.52 -39.36
C LYS A 192 -61.91 -19.12 -38.10
N ASP A 193 -62.01 -17.81 -37.90
CA ASP A 193 -62.41 -17.25 -36.62
C ASP A 193 -63.83 -17.63 -36.19
N GLY A 194 -63.96 -17.86 -34.89
CA GLY A 194 -65.24 -18.07 -34.25
C GLY A 194 -65.59 -16.85 -33.42
N GLN A 195 -66.69 -16.19 -33.78
CA GLN A 195 -67.10 -14.97 -33.11
C GLN A 195 -66.05 -13.86 -33.29
N GLY A 196 -65.35 -13.89 -34.42
CA GLY A 196 -64.42 -12.84 -34.77
C GLY A 196 -63.00 -13.05 -34.26
N LEU A 197 -62.78 -14.15 -33.54
CA LEU A 197 -61.46 -14.45 -32.95
C LEU A 197 -60.81 -15.67 -33.60
N PHE A 198 -59.54 -15.53 -33.98
CA PHE A 198 -58.80 -16.58 -34.71
C PHE A 198 -58.79 -17.90 -33.94
N ASP A 199 -59.15 -18.98 -34.64
CA ASP A 199 -59.13 -20.30 -34.04
C ASP A 199 -58.03 -21.19 -34.64
N ILE A 200 -57.20 -20.60 -35.49
CA ILE A 200 -56.16 -21.35 -36.20
C ILE A 200 -54.91 -20.51 -36.45
N PRO A 201 -53.73 -21.08 -36.16
CA PRO A 201 -52.43 -20.47 -36.48
C PRO A 201 -51.98 -20.71 -37.93
N GLU A 202 -51.15 -19.80 -38.45
CA GLU A 202 -50.73 -19.82 -39.85
C GLU A 202 -50.02 -21.10 -40.27
N GLY A 203 -50.35 -21.60 -41.45
CA GLY A 203 -49.63 -22.70 -42.06
C GLY A 203 -49.94 -24.08 -41.50
N MET A 204 -50.98 -24.20 -40.68
CA MET A 204 -51.40 -25.50 -40.15
C MET A 204 -52.91 -25.52 -39.86
N ASN A 205 -53.43 -26.67 -39.45
CA ASN A 205 -54.88 -26.89 -39.36
C ASN A 205 -55.41 -27.01 -37.94
N ARG A 206 -54.56 -27.38 -37.00
CA ARG A 206 -55.04 -27.86 -35.71
C ARG A 206 -55.85 -26.83 -34.91
N GLY A 207 -55.32 -25.63 -34.72
CA GLY A 207 -55.79 -24.76 -33.65
C GLY A 207 -55.24 -25.32 -32.35
N ILE A 208 -56.06 -25.33 -31.30
CA ILE A 208 -55.74 -26.07 -30.08
C ILE A 208 -56.99 -26.71 -29.50
N LYS A 209 -56.78 -27.79 -28.75
CA LYS A 209 -57.86 -28.50 -28.06
C LYS A 209 -57.37 -28.97 -26.69
N PRO A 210 -57.96 -28.44 -25.59
CA PRO A 210 -57.50 -28.86 -24.26
C PRO A 210 -57.77 -30.33 -23.93
N MET A 211 -57.06 -30.85 -22.93
CA MET A 211 -57.21 -32.23 -22.48
C MET A 211 -56.96 -32.34 -20.98
N UNK A 253 -66.29 -16.20 -22.17
CA UNK A 253 -67.58 -15.67 -21.68
C UNK A 253 -67.82 -14.13 -21.98
N UNK A 254 -67.92 -13.32 -20.93
CA UNK A 254 -68.02 -11.84 -21.05
C UNK A 254 -66.76 -11.14 -21.68
N UNK A 255 -65.58 -11.72 -21.47
CA UNK A 255 -64.29 -11.20 -22.04
C UNK A 255 -64.26 -11.07 -23.63
N UNK A 256 -64.92 -11.99 -24.32
CA UNK A 256 -65.01 -11.97 -25.81
C UNK A 256 -65.46 -10.58 -26.43
N UNK A 257 -66.48 -9.95 -25.86
CA UNK A 257 -66.94 -8.61 -26.32
C UNK A 257 -65.84 -7.47 -26.23
N UNK A 258 -64.93 -7.58 -25.26
CA UNK A 258 -63.80 -6.64 -25.11
C UNK A 258 -62.73 -6.71 -26.27
N UNK A 259 -62.22 -7.91 -26.55
CA UNK A 259 -61.25 -8.14 -27.66
C UNK A 259 -61.81 -7.82 -29.11
N UNK A 260 -62.91 -8.45 -29.49
CA UNK A 260 -63.62 -8.14 -30.77
C UNK A 260 -63.82 -6.60 -31.03
N UNK A 261 -64.33 -5.87 -30.04
CA UNK A 261 -64.43 -4.40 -30.10
C UNK A 261 -63.04 -3.69 -30.06
N UNK A 262 -62.01 -4.46 -29.70
CA UNK A 262 -60.61 -3.95 -29.60
C UNK A 262 -59.71 -4.14 -30.91
N UNK A 263 -60.20 -4.89 -31.91
CA UNK A 263 -59.53 -4.97 -33.23
C UNK A 263 -59.10 -3.56 -33.81
N UNK A 264 -60.02 -2.59 -33.77
CA UNK A 264 -59.74 -1.14 -34.05
C UNK A 264 -58.50 -0.82 -34.93
N UNK A 265 -58.50 -1.27 -36.18
CA UNK A 265 -57.39 -1.00 -37.09
C UNK A 265 -57.10 0.53 -37.33
N UNK A 266 -55.90 0.99 -36.99
CA UNK A 266 -55.51 2.40 -37.15
C UNK A 266 -53.99 2.64 -37.36
N UNK A 267 -53.51 2.48 -38.59
CA UNK A 267 -52.11 2.81 -38.90
C UNK A 267 -51.80 4.34 -38.87
N UNK A 268 -52.57 5.13 -39.61
CA UNK A 268 -52.40 6.60 -39.65
C UNK A 268 -50.91 7.13 -39.67
N UNK A 269 -50.15 6.80 -40.71
CA UNK A 269 -48.74 7.29 -40.85
C UNK A 269 -48.53 8.83 -40.61
N UNK A 270 -49.26 9.66 -41.36
CA UNK A 270 -49.15 11.12 -41.19
C UNK A 270 -47.70 11.71 -41.37
N UNK A 271 -46.82 10.96 -42.05
CA UNK A 271 -45.48 11.46 -42.40
C UNK A 271 -45.52 12.82 -43.20
N UNK A 272 -46.46 12.93 -44.13
CA UNK A 272 -46.75 14.20 -44.82
C UNK A 272 -47.27 15.33 -43.87
N UNK A 273 -48.07 14.97 -42.86
CA UNK A 273 -48.49 15.92 -41.80
C UNK A 273 -47.29 16.60 -41.04
N UNK A 274 -46.21 15.85 -40.83
CA UNK A 274 -44.96 16.37 -40.22
C UNK A 274 -44.04 17.18 -41.22
N UNK A 275 -43.70 16.57 -42.35
CA UNK A 275 -42.96 17.26 -43.45
C UNK A 275 -43.66 18.59 -43.96
N UNK A 276 -45.00 18.58 -44.05
CA UNK A 276 -45.78 19.81 -44.32
C UNK A 276 -45.53 20.95 -43.28
N UNK A 277 -45.47 20.60 -42.00
CA UNK A 277 -45.01 21.51 -40.93
C UNK A 277 -43.51 21.98 -41.09
N UNK A 278 -42.64 21.08 -41.53
CA UNK A 278 -41.22 21.40 -41.84
C UNK A 278 -41.02 22.50 -42.96
N UNK A 279 -41.82 22.41 -44.03
CA UNK A 279 -41.85 23.43 -45.11
C UNK A 279 -42.71 24.71 -44.74
N UNK A 280 -43.92 24.51 -44.22
CA UNK A 280 -44.77 25.61 -43.68
C UNK A 280 -44.06 26.53 -42.60
N UNK A 281 -43.44 25.91 -41.60
CA UNK A 281 -42.54 26.63 -40.65
C UNK A 281 -41.38 27.45 -41.36
N UNK A 282 -40.80 26.87 -42.41
CA UNK A 282 -39.85 27.59 -43.31
C UNK A 282 -40.50 28.83 -44.03
N UNK A 283 -41.77 28.70 -44.41
CA UNK A 283 -42.58 29.84 -44.91
C UNK A 283 -42.82 30.95 -43.82
N UNK A 284 -43.10 30.52 -42.59
CA UNK A 284 -43.13 31.40 -41.40
C UNK A 284 -41.77 32.17 -41.13
N UNK A 285 -40.66 31.44 -41.11
CA UNK A 285 -39.30 32.03 -41.10
C UNK A 285 -38.99 32.94 -42.36
N UNK A 286 -39.49 32.55 -43.53
CA UNK A 286 -39.39 33.36 -44.77
C UNK A 286 -40.14 34.76 -44.70
N UNK A 287 -41.41 34.74 -44.33
CA UNK A 287 -42.22 35.97 -44.10
C UNK A 287 -41.80 36.80 -42.82
N UNK A 288 -41.54 36.11 -41.70
CA UNK A 288 -41.07 36.75 -40.44
C UNK A 288 -39.84 37.73 -40.61
N UNK A 289 -38.88 37.35 -41.46
CA UNK A 289 -37.73 38.23 -41.80
C UNK A 289 -38.12 39.69 -42.26
N UNK A 290 -39.22 39.81 -42.99
CA UNK A 290 -39.79 41.13 -43.36
C UNK A 290 -40.23 42.02 -42.12
N UNK A 291 -40.86 41.42 -41.13
CA UNK A 291 -41.30 42.14 -39.91
C UNK A 291 -40.80 41.53 -38.56
N UNK A 292 -37.79 56.40 -43.87
CA UNK A 292 -36.69 56.19 -44.83
C UNK A 292 -35.87 57.49 -45.23
N UNK A 293 -34.54 57.45 -45.15
CA UNK A 293 -33.69 58.57 -45.67
C UNK A 293 -33.89 58.93 -47.23
N UNK A 294 -33.98 60.22 -47.57
CA UNK A 294 -34.19 60.69 -48.99
C UNK A 294 -33.36 59.95 -50.13
N UNK A 295 -32.03 60.03 -50.07
CA UNK A 295 -31.11 59.33 -51.02
C UNK A 295 -31.28 57.73 -51.09
N UNK A 296 -31.18 57.07 -49.93
CA UNK A 296 -31.42 55.60 -49.80
C UNK A 296 -32.87 55.12 -50.27
N UNK A 297 -33.92 55.81 -49.85
CA UNK A 297 -35.32 55.54 -50.30
C UNK A 297 -35.51 55.44 -51.87
N UNK A 298 -34.69 56.15 -52.63
CA UNK A 298 -34.64 55.99 -54.10
C UNK A 298 -34.40 54.49 -54.57
N UNK A 299 -33.52 53.77 -53.88
CA UNK A 299 -33.34 52.29 -54.10
C UNK A 299 -34.45 51.42 -53.42
N UNK A 300 -34.91 51.82 -52.23
CA UNK A 300 -36.05 51.16 -51.55
C UNK A 300 -37.34 51.01 -52.46
N UNK A 301 -37.65 52.05 -53.23
CA UNK A 301 -38.72 52.00 -54.26
C UNK A 301 -38.38 51.09 -55.52
N UNK A 302 -37.12 51.13 -55.96
CA UNK A 302 -36.62 50.28 -57.08
C UNK A 302 -36.49 48.72 -56.75
N UNK A 303 -35.97 48.39 -55.57
CA UNK A 303 -35.82 46.95 -55.13
C UNK A 303 -37.17 46.24 -54.66
N UNK A 304 -37.97 46.90 -53.83
CA UNK A 304 -39.27 46.32 -53.36
C UNK A 304 -40.37 47.38 -53.03
N GLU A 305 -29.49 5.37 -63.58
CA GLU A 305 -30.02 4.13 -64.12
C GLU A 305 -29.48 3.83 -65.51
N TRP A 306 -28.82 4.81 -66.12
CA TRP A 306 -28.23 4.62 -67.44
C TRP A 306 -26.80 4.09 -67.33
N ALA A 307 -26.25 3.63 -68.45
CA ALA A 307 -24.88 3.15 -68.53
C ALA A 307 -24.18 3.80 -69.72
N HIS A 308 -23.37 4.83 -69.45
CA HIS A 308 -22.89 5.73 -70.50
C HIS A 308 -21.62 5.22 -71.15
N VAL A 309 -21.35 5.70 -72.36
CA VAL A 309 -20.20 5.28 -73.15
C VAL A 309 -19.23 6.44 -73.28
N VAL A 310 -17.97 6.20 -72.97
CA VAL A 310 -16.95 7.23 -73.08
C VAL A 310 -16.35 7.23 -74.48
N ASP A 311 -16.32 8.41 -75.10
CA ASP A 311 -15.71 8.56 -76.41
C ASP A 311 -14.20 8.61 -76.25
N LEU A 312 -13.52 7.57 -76.74
CA LEU A 312 -12.08 7.46 -76.64
C LEU A 312 -11.39 8.61 -77.37
N ASN A 313 -12.06 9.12 -78.41
CA ASN A 313 -11.52 10.22 -79.20
C ASN A 313 -11.42 11.51 -78.39
N HIS A 314 -12.45 11.80 -77.61
CA HIS A 314 -12.48 13.01 -76.78
C HIS A 314 -11.42 12.94 -75.69
N LYS A 315 -10.47 13.87 -75.74
CA LYS A 315 -9.34 13.87 -74.81
C LYS A 315 -9.59 14.84 -73.66
N ILE A 316 -9.17 14.43 -72.46
CA ILE A 316 -9.20 15.30 -71.28
C ILE A 316 -8.24 16.48 -71.46
N GLU A 317 -8.80 17.68 -71.52
CA GLU A 317 -8.04 18.88 -71.87
C GLU A 317 -6.97 19.18 -70.83
N ASN A 318 -7.41 19.51 -69.63
CA ASN A 318 -6.51 19.79 -68.52
C ASN A 318 -6.95 19.02 -67.28
N PHE A 319 -6.30 17.88 -67.05
CA PHE A 319 -6.69 16.99 -65.97
C PHE A 319 -6.38 17.60 -64.60
N ASP A 320 -5.15 18.06 -64.45
CA ASP A 320 -4.68 18.65 -63.19
C ASP A 320 -5.57 19.82 -62.79
N GLU A 321 -6.03 20.57 -63.78
CA GLU A 321 -6.95 21.67 -63.54
C GLU A 321 -8.36 21.13 -63.32
N LEU A 322 -8.67 19.99 -63.92
CA LEU A 322 -10.01 19.40 -63.83
C LEU A 322 -10.29 18.77 -62.46
N ILE A 323 -9.45 17.81 -62.08
CA ILE A 323 -9.56 17.14 -60.79
C ILE A 323 -8.54 17.71 -59.81
N PRO A 324 -8.95 18.70 -58.99
CA PRO A 324 -8.01 19.48 -58.18
C PRO A 324 -7.28 18.70 -57.09
N ASN A 325 -8.03 17.97 -56.26
CA ASN A 325 -7.47 17.23 -55.13
C ASN A 325 -7.63 15.71 -55.29
N PRO A 326 -6.71 15.08 -56.06
CA PRO A 326 -6.83 13.67 -56.43
C PRO A 326 -6.45 12.72 -55.31
N ALA A 327 -7.06 11.54 -55.30
CA ALA A 327 -6.82 10.55 -54.26
C ALA A 327 -5.39 10.01 -54.31
N ARG A 328 -4.87 9.81 -55.51
CA ARG A 328 -3.49 9.36 -55.69
C ARG A 328 -2.86 9.93 -56.96
N SER A 329 -1.56 10.18 -56.89
CA SER A 329 -0.80 10.69 -58.02
C SER A 329 0.28 9.69 -58.41
N TRP A 330 0.53 9.57 -59.71
CA TRP A 330 1.54 8.65 -60.23
C TRP A 330 2.69 9.42 -60.88
N PRO A 331 3.87 8.78 -61.01
CA PRO A 331 5.05 9.47 -61.54
C PRO A 331 4.95 9.72 -63.04
N PHE A 332 4.35 8.76 -63.75
CA PHE A 332 4.08 8.92 -65.17
C PHE A 332 2.74 9.62 -65.35
N GLU A 333 2.49 10.12 -66.55
CA GLU A 333 1.21 10.74 -66.86
C GLU A 333 0.19 9.67 -67.23
N LEU A 334 -0.96 9.69 -66.57
CA LEU A 334 -1.99 8.69 -66.81
C LEU A 334 -2.52 8.81 -68.24
N ASP A 335 -2.70 7.67 -68.88
CA ASP A 335 -3.31 7.63 -70.20
C ASP A 335 -4.74 8.12 -70.14
N THR A 336 -5.29 8.44 -71.30
CA THR A 336 -6.61 9.05 -71.41
C THR A 336 -7.66 8.26 -70.64
N PHE A 337 -7.75 6.96 -70.93
CA PHE A 337 -8.81 6.14 -70.35
C PHE A 337 -8.68 6.08 -68.83
N GLN A 338 -7.44 6.09 -68.35
CA GLN A 338 -7.18 6.13 -66.91
C GLN A 338 -7.72 7.44 -66.33
N LYS A 339 -7.36 8.56 -66.96
CA LYS A 339 -7.80 9.87 -66.48
C LYS A 339 -9.33 9.98 -66.50
N GLU A 340 -9.95 9.47 -67.56
CA GLU A 340 -11.41 9.43 -67.63
C GLU A 340 -11.99 8.63 -66.49
N ALA A 341 -11.50 7.41 -66.33
CA ALA A 341 -11.97 6.53 -65.26
C ALA A 341 -11.86 7.22 -63.91
N VAL A 342 -10.67 7.73 -63.62
CA VAL A 342 -10.42 8.49 -62.40
C VAL A 342 -11.46 9.59 -62.24
N TYR A 343 -11.65 10.40 -63.29
CA TYR A 343 -12.60 11.49 -63.23
C TYR A 343 -14.00 11.02 -62.88
N HIS A 344 -14.57 10.16 -63.74
CA HIS A 344 -15.94 9.71 -63.56
C HIS A 344 -16.12 9.01 -62.22
N LEU A 345 -15.08 8.34 -61.74
CA LEU A 345 -15.09 7.80 -60.38
C LEU A 345 -15.22 8.96 -59.38
N GLU A 346 -14.33 9.94 -59.53
CA GLU A 346 -14.28 11.09 -58.62
C GLU A 346 -15.58 11.89 -58.63
N GLN A 347 -16.32 11.79 -59.72
CA GLN A 347 -17.65 12.40 -59.79
C GLN A 347 -18.65 11.57 -59.00
N GLY A 348 -18.20 10.43 -58.50
CA GLY A 348 -19.02 9.59 -57.64
C GLY A 348 -19.67 8.44 -58.38
N ASP A 349 -19.56 8.44 -59.70
CA ASP A 349 -20.18 7.41 -60.51
C ASP A 349 -19.28 6.20 -60.62
N SER A 350 -19.72 5.21 -61.40
CA SER A 350 -19.03 3.94 -61.55
C SER A 350 -18.35 3.86 -62.91
N VAL A 351 -17.25 3.13 -62.98
CA VAL A 351 -16.56 2.91 -64.25
C VAL A 351 -16.57 1.44 -64.63
N PHE A 352 -16.60 1.19 -65.93
CA PHE A 352 -16.39 -0.15 -66.48
C PHE A 352 -15.23 -0.05 -67.46
N VAL A 353 -14.03 -0.23 -66.95
CA VAL A 353 -12.85 -0.18 -67.80
C VAL A 353 -12.71 -1.52 -68.46
N ALA A 354 -12.31 -1.52 -69.72
CA ALA A 354 -12.07 -2.76 -70.43
C ALA A 354 -10.92 -2.58 -71.40
N ALA A 355 -9.72 -2.94 -70.96
CA ALA A 355 -8.53 -2.80 -71.79
C ALA A 355 -7.63 -4.01 -71.64
N HIS A 356 -6.70 -4.16 -72.56
CA HIS A 356 -5.85 -5.34 -72.61
C HIS A 356 -5.11 -5.59 -71.32
N THR A 357 -4.70 -6.83 -71.12
CA THR A 357 -3.95 -7.20 -69.92
C THR A 357 -2.61 -6.47 -69.94
N SER A 358 -2.15 -6.07 -68.76
CA SER A 358 -0.89 -5.35 -68.61
C SER A 358 -0.88 -4.03 -69.38
N ALA A 359 -2.07 -3.47 -69.57
CA ALA A 359 -2.21 -2.17 -70.23
C ALA A 359 -2.27 -1.04 -69.21
N GLY A 360 -2.30 -1.41 -67.92
CA GLY A 360 -2.33 -0.44 -66.85
C GLY A 360 -3.74 -0.08 -66.42
N LYS A 361 -4.54 -1.10 -66.12
CA LYS A 361 -5.91 -0.88 -65.67
C LYS A 361 -5.95 -0.69 -64.17
N THR A 362 -5.00 -1.30 -63.48
CA THR A 362 -5.00 -1.33 -62.02
C THR A 362 -5.12 0.07 -61.42
N VAL A 363 -4.47 1.05 -62.05
CA VAL A 363 -4.48 2.44 -61.59
C VAL A 363 -5.89 2.91 -61.25
N VAL A 364 -6.85 2.46 -62.04
CA VAL A 364 -8.24 2.73 -61.76
C VAL A 364 -8.61 2.10 -60.42
N ALA A 365 -8.31 0.82 -60.26
CA ALA A 365 -8.59 0.14 -59.00
C ALA A 365 -7.92 0.85 -57.83
N GLU A 366 -6.60 1.02 -57.92
CA GLU A 366 -5.83 1.67 -56.87
C GLU A 366 -6.43 3.04 -56.53
N TYR A 367 -6.80 3.79 -57.56
CA TYR A 367 -7.44 5.08 -57.32
C TYR A 367 -8.74 4.88 -56.56
N ALA A 368 -9.53 3.89 -56.98
CA ALA A 368 -10.80 3.61 -56.30
C ALA A 368 -10.56 3.30 -54.83
N ILE A 369 -9.54 2.49 -54.56
CA ILE A 369 -9.22 2.12 -53.19
C ILE A 369 -8.83 3.36 -52.39
N ALA A 370 -7.99 4.20 -52.96
CA ALA A 370 -7.61 5.44 -52.31
C ALA A 370 -8.85 6.29 -52.02
N MET A 371 -9.68 6.45 -53.04
CA MET A 371 -10.86 7.28 -52.93
C MET A 371 -11.73 6.78 -51.80
N ALA A 372 -11.87 5.45 -51.69
CA ALA A 372 -12.60 4.86 -50.59
C ALA A 372 -11.90 5.16 -49.28
N HIS A 373 -10.57 5.08 -49.28
CA HIS A 373 -9.81 5.35 -48.07
C HIS A 373 -10.12 6.74 -47.55
N ARG A 374 -10.04 7.75 -48.42
CA ARG A 374 -10.29 9.14 -48.01
C ARG A 374 -11.67 9.30 -47.38
N ASN A 375 -12.67 8.63 -47.96
CA ASN A 375 -14.03 8.73 -47.45
C ASN A 375 -14.26 7.85 -46.22
N MET A 376 -13.19 7.29 -45.69
CA MET A 376 -13.28 6.45 -44.50
C MET A 376 -14.17 5.22 -44.76
N THR A 377 -14.35 4.88 -46.03
CA THR A 377 -15.10 3.70 -46.43
C THR A 377 -14.15 2.59 -46.87
N LYS A 378 -14.68 1.40 -47.17
CA LYS A 378 -13.87 0.24 -47.52
C LYS A 378 -14.05 -0.18 -48.97
N THR A 379 -13.09 -0.95 -49.47
CA THR A 379 -13.10 -1.43 -50.84
C THR A 379 -12.89 -2.94 -50.89
N ILE A 380 -13.87 -3.68 -51.38
CA ILE A 380 -13.73 -5.12 -51.55
C ILE A 380 -13.21 -5.42 -52.93
N TYR A 381 -12.10 -6.15 -53.00
CA TYR A 381 -11.55 -6.60 -54.27
C TYR A 381 -11.98 -8.04 -54.47
N THR A 382 -12.52 -8.33 -55.65
CA THR A 382 -13.01 -9.66 -55.95
C THR A 382 -12.31 -10.23 -57.17
N SER A 383 -11.35 -11.11 -56.92
CA SER A 383 -10.66 -11.80 -57.99
C SER A 383 -11.40 -13.11 -58.25
N PRO A 384 -11.37 -13.62 -59.50
CA PRO A 384 -12.22 -14.76 -59.85
C PRO A 384 -11.55 -16.11 -59.64
N ILE A 385 -10.23 -16.15 -59.74
CA ILE A 385 -9.47 -17.36 -59.41
C ILE A 385 -9.00 -17.24 -57.96
N LYS A 386 -9.25 -18.27 -57.16
CA LYS A 386 -8.87 -18.25 -55.75
C LYS A 386 -7.36 -18.03 -55.60
N ALA A 387 -6.61 -18.54 -56.57
CA ALA A 387 -5.16 -18.40 -56.59
C ALA A 387 -4.71 -16.95 -56.67
N LEU A 388 -5.33 -16.18 -57.56
CA LEU A 388 -4.92 -14.81 -57.80
C LEU A 388 -5.15 -13.92 -56.60
N SER A 389 -5.95 -14.39 -55.63
CA SER A 389 -6.22 -13.62 -54.43
C SER A 389 -4.93 -13.34 -53.67
N ASN A 390 -4.12 -14.38 -53.49
CA ASN A 390 -2.83 -14.24 -52.82
C ASN A 390 -1.90 -13.34 -53.61
N GLN A 391 -1.85 -13.58 -54.92
CA GLN A 391 -1.03 -12.77 -55.81
C GLN A 391 -1.36 -11.30 -55.62
N LYS A 392 -2.65 -10.97 -55.74
CA LYS A 392 -3.09 -9.59 -55.65
C LYS A 392 -2.89 -9.04 -54.26
N PHE A 393 -3.02 -9.90 -53.25
CA PHE A 393 -2.71 -9.50 -51.89
C PHE A 393 -1.28 -9.00 -51.80
N ARG A 394 -0.32 -9.84 -52.16
CA ARG A 394 1.07 -9.40 -52.06
C ARG A 394 1.30 -8.20 -52.97
N ASP A 395 0.69 -8.19 -54.14
CA ASP A 395 0.79 -7.04 -55.02
C ASP A 395 0.38 -5.73 -54.33
N PHE A 396 -0.89 -5.66 -53.92
CA PHE A 396 -1.40 -4.46 -53.26
C PHE A 396 -0.62 -4.14 -51.99
N LYS A 397 -0.23 -5.17 -51.26
CA LYS A 397 0.48 -4.97 -50.01
C LYS A 397 1.82 -4.31 -50.31
N GLU A 398 2.48 -4.76 -51.37
CA GLU A 398 3.71 -4.11 -51.81
C GLU A 398 3.42 -2.70 -52.29
N THR A 399 2.28 -2.51 -52.93
CA THR A 399 1.93 -1.20 -53.48
C THR A 399 1.55 -0.12 -52.46
N PHE A 400 0.66 -0.46 -51.53
CA PHE A 400 -0.07 0.59 -50.80
C PHE A 400 0.61 1.23 -49.59
N ASP A 401 0.27 2.51 -49.45
CA ASP A 401 0.88 3.41 -48.48
C ASP A 401 -0.08 3.69 -47.32
N ASP A 402 0.20 3.11 -46.16
CA ASP A 402 -0.61 3.37 -44.98
C ASP A 402 -2.08 3.04 -45.23
N VAL A 403 -2.34 2.17 -46.21
CA VAL A 403 -3.67 1.61 -46.42
C VAL A 403 -3.61 0.13 -46.09
N ASN A 404 -4.11 -0.24 -44.92
CA ASN A 404 -4.11 -1.64 -44.54
C ASN A 404 -5.05 -2.43 -45.43
N ILE A 405 -4.53 -3.51 -46.02
CA ILE A 405 -5.31 -4.39 -46.88
C ILE A 405 -5.25 -5.82 -46.37
N GLY A 406 -6.35 -6.55 -46.55
CA GLY A 406 -6.51 -7.88 -45.99
C GLY A 406 -6.98 -8.87 -47.03
N LEU A 407 -7.10 -10.13 -46.61
CA LEU A 407 -7.51 -11.21 -47.49
C LEU A 407 -8.46 -12.14 -46.76
N ILE A 408 -9.56 -12.51 -47.41
CA ILE A 408 -10.56 -13.38 -46.80
C ILE A 408 -10.91 -14.53 -47.73
N THR A 409 -10.94 -15.74 -47.18
CA THR A 409 -11.23 -16.93 -47.97
C THR A 409 -11.94 -17.97 -47.10
N GLY A 410 -11.95 -19.22 -47.57
CA GLY A 410 -12.49 -20.30 -46.79
C GLY A 410 -11.51 -20.71 -45.71
N ASP A 411 -10.27 -20.95 -46.13
CA ASP A 411 -9.22 -21.39 -45.21
C ASP A 411 -8.93 -20.37 -44.11
N VAL A 412 -8.40 -19.22 -44.52
CA VAL A 412 -7.85 -18.23 -43.59
C VAL A 412 -8.50 -16.86 -43.72
N GLN A 413 -8.25 -16.02 -42.73
CA GLN A 413 -8.80 -14.67 -42.67
C GLN A 413 -7.71 -13.72 -42.18
N ILE A 414 -7.32 -12.78 -43.03
CA ILE A 414 -6.14 -11.95 -42.76
C ILE A 414 -6.46 -10.46 -42.77
N ASN A 415 -6.22 -9.81 -41.63
CA ASN A 415 -6.51 -8.40 -41.45
C ASN A 415 -7.94 -8.06 -41.82
N PRO A 416 -8.93 -8.69 -41.15
CA PRO A 416 -10.33 -8.50 -41.51
C PRO A 416 -10.81 -7.06 -41.40
N ASP A 417 -10.17 -6.29 -40.52
CA ASP A 417 -10.57 -4.91 -40.27
C ASP A 417 -9.96 -3.96 -41.31
N ALA A 418 -9.31 -4.53 -42.31
CA ALA A 418 -8.57 -3.74 -43.31
C ALA A 418 -9.48 -2.83 -44.12
N ASN A 419 -8.91 -1.74 -44.61
CA ASN A 419 -9.66 -0.81 -45.45
C ASN A 419 -9.97 -1.41 -46.80
N CYS A 420 -9.21 -2.43 -47.18
CA CYS A 420 -9.44 -3.09 -48.47
C CYS A 420 -9.27 -4.60 -48.35
N LEU A 421 -10.35 -5.34 -48.59
CA LEU A 421 -10.31 -6.79 -48.48
C LEU A 421 -10.32 -7.44 -49.85
N ILE A 422 -9.44 -8.42 -50.04
CA ILE A 422 -9.37 -9.19 -51.27
C ILE A 422 -10.02 -10.54 -51.01
N MET A 423 -10.88 -10.98 -51.93
CA MET A 423 -11.58 -12.25 -51.76
C MET A 423 -12.10 -12.84 -53.06
N THR A 424 -12.63 -14.06 -52.98
CA THR A 424 -13.27 -14.70 -54.13
C THR A 424 -14.69 -14.18 -54.21
N THR A 425 -15.23 -14.07 -55.42
CA THR A 425 -16.60 -13.61 -55.62
C THR A 425 -17.57 -14.53 -54.87
N GLU A 426 -17.18 -15.79 -54.73
CA GLU A 426 -17.98 -16.75 -54.01
C GLU A 426 -18.11 -16.36 -52.55
N ILE A 427 -17.00 -15.94 -51.94
CA ILE A 427 -17.05 -15.54 -50.54
C ILE A 427 -17.95 -14.32 -50.39
N LEU A 428 -17.89 -13.42 -51.36
CA LEU A 428 -18.70 -12.21 -51.33
C LEU A 428 -20.18 -12.56 -51.41
N ARG A 429 -20.51 -13.43 -52.36
CA ARG A 429 -21.88 -13.94 -52.45
C ARG A 429 -22.32 -14.47 -51.09
N SER A 430 -21.53 -15.39 -50.55
CA SER A 430 -21.85 -16.00 -49.27
C SER A 430 -22.03 -14.96 -48.18
N MET A 431 -21.14 -13.98 -48.13
CA MET A 431 -21.24 -12.91 -47.15
C MET A 431 -22.54 -12.14 -47.31
N LEU A 432 -22.87 -11.83 -48.57
CA LEU A 432 -24.09 -11.09 -48.88
C LEU A 432 -25.32 -11.82 -48.40
N TYR A 433 -25.44 -13.10 -48.77
CA TYR A 433 -26.61 -13.89 -48.36
C TYR A 433 -26.75 -14.02 -46.85
N ARG A 434 -25.62 -14.06 -46.16
CA ARG A 434 -25.61 -14.17 -44.70
C ARG A 434 -25.74 -12.78 -44.07
N GLY A 435 -25.77 -11.75 -44.91
CA GLY A 435 -25.99 -10.40 -44.44
C GLY A 435 -24.86 -9.91 -43.57
N ALA A 436 -23.65 -10.04 -44.07
CA ALA A 436 -22.45 -9.66 -43.33
C ALA A 436 -22.46 -8.16 -43.10
N ASP A 437 -22.24 -7.77 -41.85
CA ASP A 437 -22.23 -6.36 -41.47
C ASP A 437 -21.12 -5.64 -42.23
N LEU A 438 -20.08 -6.39 -42.58
CA LEU A 438 -18.89 -5.83 -43.20
C LEU A 438 -19.17 -4.94 -44.41
N ILE A 439 -20.24 -5.26 -45.14
CA ILE A 439 -20.56 -4.52 -46.37
C ILE A 439 -21.21 -3.16 -46.10
N ARG A 440 -21.34 -2.82 -44.81
CA ARG A 440 -21.79 -1.49 -44.40
C ARG A 440 -20.85 -0.41 -44.90
N ASP A 441 -19.56 -0.62 -44.68
CA ASP A 441 -18.57 0.40 -44.94
C ASP A 441 -18.03 0.39 -46.36
N VAL A 442 -18.49 -0.56 -47.15
CA VAL A 442 -18.00 -0.71 -48.51
C VAL A 442 -18.54 0.44 -49.37
N GLU A 443 -17.68 0.95 -50.26
CA GLU A 443 -18.09 1.97 -51.23
C GLU A 443 -17.84 1.48 -52.65
N PHE A 444 -16.91 0.53 -52.79
CA PHE A 444 -16.58 -0.04 -54.09
C PHE A 444 -16.41 -1.56 -54.01
N VAL A 445 -16.83 -2.24 -55.07
CA VAL A 445 -16.53 -3.66 -55.26
C VAL A 445 -15.87 -3.82 -56.62
N ILE A 446 -14.60 -4.18 -56.62
CA ILE A 446 -13.85 -4.29 -57.86
C ILE A 446 -13.96 -5.70 -58.43
N PHE A 447 -14.80 -5.86 -59.45
CA PHE A 447 -14.87 -7.14 -60.16
C PHE A 447 -13.75 -7.18 -61.19
N ASP A 448 -12.75 -8.03 -60.94
CA ASP A 448 -11.58 -8.10 -61.81
C ASP A 448 -11.75 -9.16 -62.88
N GLU A 449 -11.44 -8.79 -64.12
CA GLU A 449 -11.48 -9.71 -65.24
C GLU A 449 -12.86 -10.34 -65.29
N VAL A 450 -13.87 -9.50 -65.52
CA VAL A 450 -15.27 -9.92 -65.51
C VAL A 450 -15.52 -11.03 -66.54
N HIS A 451 -14.77 -11.05 -67.63
CA HIS A 451 -15.03 -11.96 -68.75
C HIS A 451 -15.00 -13.45 -68.33
N TYR A 452 -14.76 -13.71 -67.05
CA TYR A 452 -15.09 -14.98 -66.42
C TYR A 452 -16.60 -15.11 -66.15
N VAL A 453 -17.35 -14.06 -66.49
CA VAL A 453 -18.78 -13.95 -66.19
C VAL A 453 -19.70 -14.92 -66.93
N ASN A 454 -19.11 -15.85 -67.69
CA ASN A 454 -19.89 -16.87 -68.38
C ASN A 454 -19.29 -18.28 -68.21
N ASP A 455 -18.35 -18.42 -67.30
CA ASP A 455 -17.84 -19.74 -66.92
C ASP A 455 -19.02 -20.53 -66.35
N GLN A 456 -19.25 -21.72 -66.89
CA GLN A 456 -20.47 -22.49 -66.61
C GLN A 456 -20.79 -22.64 -65.12
N ASP A 457 -19.77 -22.94 -64.32
CA ASP A 457 -19.97 -23.27 -62.91
C ASP A 457 -19.82 -22.06 -61.98
N ARG A 458 -19.24 -20.98 -62.47
CA ARG A 458 -18.91 -19.83 -61.65
C ARG A 458 -19.66 -18.55 -62.04
N GLY A 459 -20.11 -18.48 -63.28
CA GLY A 459 -20.81 -17.30 -63.77
C GLY A 459 -22.07 -17.01 -62.97
N VAL A 460 -22.68 -18.07 -62.44
CA VAL A 460 -23.89 -17.95 -61.64
C VAL A 460 -23.66 -16.99 -60.48
N VAL A 461 -22.43 -16.95 -59.99
CA VAL A 461 -22.11 -16.18 -58.79
C VAL A 461 -22.14 -14.67 -59.03
N TRP A 462 -21.39 -14.20 -60.02
CA TRP A 462 -21.29 -12.76 -60.30
C TRP A 462 -22.64 -12.08 -60.35
N GLU A 463 -23.55 -12.66 -61.12
CA GLU A 463 -24.88 -12.08 -61.25
C GLU A 463 -25.56 -12.00 -59.89
N GLU A 464 -25.50 -13.10 -59.13
CA GLU A 464 -26.08 -13.10 -57.80
C GLU A 464 -25.46 -12.03 -56.92
N VAL A 465 -24.15 -11.84 -57.01
CA VAL A 465 -23.49 -10.77 -56.27
C VAL A 465 -24.02 -9.39 -56.69
N ILE A 466 -23.93 -9.07 -57.98
CA ILE A 466 -24.38 -7.78 -58.48
C ILE A 466 -25.81 -7.51 -58.03
N ILE A 467 -26.69 -8.48 -58.25
CA ILE A 467 -28.08 -8.34 -57.85
C ILE A 467 -28.17 -8.14 -56.33
N MET A 468 -27.44 -8.95 -55.57
CA MET A 468 -27.59 -8.96 -54.12
C MET A 468 -27.02 -7.73 -53.42
N LEU A 469 -26.02 -7.10 -54.03
CA LEU A 469 -25.30 -5.99 -53.39
C LEU A 469 -26.26 -4.87 -52.98
N PRO A 470 -26.03 -4.26 -51.81
CA PRO A 470 -26.96 -3.23 -51.33
C PRO A 470 -26.99 -1.98 -52.20
N GLN A 471 -27.74 -0.98 -51.76
CA GLN A 471 -27.91 0.25 -52.51
C GLN A 471 -26.60 1.02 -52.67
N HIS A 472 -25.88 1.18 -51.57
CA HIS A 472 -24.77 2.13 -51.51
C HIS A 472 -23.47 1.68 -52.16
N VAL A 473 -23.42 0.47 -52.69
CA VAL A 473 -22.19 -0.07 -53.25
C VAL A 473 -22.02 0.32 -54.72
N LYS A 474 -21.00 1.12 -55.01
CA LYS A 474 -20.66 1.47 -56.38
C LYS A 474 -19.82 0.37 -56.99
N PHE A 475 -19.62 0.41 -58.31
CA PHE A 475 -18.91 -0.64 -59.02
C PHE A 475 -17.69 -0.16 -59.81
N ILE A 476 -16.59 -0.88 -59.69
CA ILE A 476 -15.45 -0.71 -60.57
C ILE A 476 -15.20 -2.02 -61.30
N LEU A 477 -15.63 -2.10 -62.55
CA LEU A 477 -15.56 -3.34 -63.32
C LEU A 477 -14.42 -3.33 -64.31
N LEU A 478 -13.51 -4.29 -64.17
CA LEU A 478 -12.37 -4.42 -65.08
C LEU A 478 -12.44 -5.74 -65.85
N SER A 479 -12.43 -5.64 -67.19
CA SER A 479 -12.32 -6.81 -68.06
C SER A 479 -11.25 -6.57 -69.12
N ALA A 480 -10.80 -7.64 -69.77
CA ALA A 480 -9.94 -7.53 -70.94
C ALA A 480 -10.83 -7.33 -72.16
N THR A 481 -10.21 -7.18 -73.33
CA THR A 481 -10.94 -6.72 -74.50
C THR A 481 -12.08 -7.67 -74.87
N VAL A 482 -13.27 -7.09 -74.99
CA VAL A 482 -14.46 -7.79 -75.48
C VAL A 482 -15.31 -6.76 -76.21
N PRO A 483 -16.21 -7.20 -77.10
CA PRO A 483 -17.01 -6.26 -77.88
C PRO A 483 -18.34 -5.93 -77.22
N ASN A 484 -18.72 -6.74 -76.24
CA ASN A 484 -20.09 -6.74 -75.73
C ASN A 484 -20.26 -5.85 -74.51
N THR A 485 -19.37 -4.88 -74.35
CA THR A 485 -19.26 -4.11 -73.10
C THR A 485 -20.54 -3.35 -72.73
N TYR A 486 -21.14 -2.69 -73.72
CA TYR A 486 -22.27 -1.82 -73.45
C TYR A 486 -23.50 -2.57 -72.95
N GLU A 487 -23.80 -3.71 -73.57
CA GLU A 487 -24.97 -4.50 -73.17
C GLU A 487 -24.86 -4.82 -71.69
N PHE A 488 -23.71 -5.34 -71.30
CA PHE A 488 -23.44 -5.74 -69.93
C PHE A 488 -23.49 -4.55 -68.97
N ALA A 489 -22.74 -3.50 -69.32
CA ALA A 489 -22.73 -2.28 -68.53
C ALA A 489 -24.15 -1.77 -68.35
N ASN A 490 -24.95 -1.87 -69.41
CA ASN A 490 -26.35 -1.48 -69.34
C ASN A 490 -27.06 -2.36 -68.35
N TRP A 491 -26.89 -3.68 -68.48
CA TRP A 491 -27.56 -4.61 -67.58
C TRP A 491 -27.33 -4.18 -66.13
N ILE A 492 -26.07 -4.00 -65.76
CA ILE A 492 -25.77 -3.60 -64.38
C ILE A 492 -26.39 -2.26 -64.05
N GLY A 493 -26.13 -1.27 -64.92
CA GLY A 493 -26.64 0.06 -64.73
C GLY A 493 -28.14 0.09 -64.45
N ARG A 494 -28.91 -0.45 -65.40
CA ARG A 494 -30.35 -0.48 -65.29
C ARG A 494 -30.80 -1.30 -64.09
N THR A 495 -30.20 -2.47 -63.91
CA THR A 495 -30.63 -3.38 -62.85
C THR A 495 -30.36 -2.81 -61.47
N LYS A 496 -29.23 -2.12 -61.32
CA LYS A 496 -28.81 -1.60 -60.02
C LYS A 496 -29.07 -0.11 -59.89
N GLN A 497 -29.57 0.50 -60.96
CA GLN A 497 -29.84 1.93 -60.99
C GLN A 497 -28.62 2.72 -60.54
N LYS A 498 -27.50 2.46 -61.20
CA LYS A 498 -26.25 3.17 -60.95
C LYS A 498 -25.68 3.66 -62.25
N ASN A 499 -25.29 4.93 -62.29
CA ASN A 499 -24.59 5.46 -63.45
C ASN A 499 -23.23 4.77 -63.60
N ILE A 500 -22.94 4.29 -64.80
CA ILE A 500 -21.72 3.54 -65.05
C ILE A 500 -21.16 3.94 -66.42
N TYR A 501 -19.85 4.19 -66.46
CA TYR A 501 -19.20 4.68 -67.67
C TYR A 501 -18.30 3.61 -68.30
N VAL A 502 -18.68 3.14 -69.48
CA VAL A 502 -17.89 2.18 -70.22
C VAL A 502 -16.68 2.84 -70.87
N ILE A 503 -15.50 2.32 -70.56
CA ILE A 503 -14.25 2.83 -71.13
C ILE A 503 -13.44 1.67 -71.69
N SER A 504 -13.20 1.70 -73.00
CA SER A 504 -12.38 0.67 -73.65
C SER A 504 -11.32 1.31 -74.55
N THR A 505 -10.07 0.86 -74.39
CA THR A 505 -8.96 1.40 -75.17
C THR A 505 -8.11 0.29 -75.77
N PRO A 506 -8.57 -0.30 -76.89
CA PRO A 506 -7.95 -1.44 -77.58
C PRO A 506 -6.42 -1.41 -77.64
N LYS A 507 -5.81 -0.25 -77.53
CA LYS A 507 -4.35 -0.10 -77.65
C LYS A 507 -3.59 -1.01 -76.68
N ARG A 508 -2.79 -1.93 -77.22
CA ARG A 508 -1.94 -2.80 -76.42
C ARG A 508 -0.82 -2.00 -75.77
N PRO A 509 -0.29 -2.50 -74.63
CA PRO A 509 0.77 -1.76 -73.93
C PRO A 509 2.07 -1.81 -74.69
N VAL A 510 2.32 -2.94 -75.35
CA VAL A 510 3.55 -3.15 -76.09
C VAL A 510 3.22 -3.91 -77.37
N PRO A 511 3.74 -3.44 -78.52
CA PRO A 511 3.40 -4.10 -79.79
C PRO A 511 3.85 -5.56 -79.83
N LEU A 512 3.04 -6.41 -80.46
CA LEU A 512 3.34 -7.83 -80.55
C LEU A 512 3.41 -8.26 -82.02
N GLU A 513 4.48 -8.96 -82.39
CA GLU A 513 4.61 -9.52 -83.72
C GLU A 513 4.46 -11.04 -83.64
N ILE A 514 3.67 -11.60 -84.55
CA ILE A 514 3.34 -13.02 -84.49
C ILE A 514 4.05 -13.81 -85.59
N ASN A 515 4.72 -14.89 -85.16
CA ASN A 515 5.59 -15.68 -86.01
C ASN A 515 5.20 -17.16 -86.06
N ILE A 516 5.59 -17.84 -87.13
CA ILE A 516 5.50 -19.29 -87.22
C ILE A 516 6.91 -19.86 -87.30
N TRP A 517 7.13 -20.97 -86.60
CA TRP A 517 8.43 -21.62 -86.55
C TRP A 517 8.38 -22.89 -87.40
N ALA A 518 9.32 -23.02 -88.33
CA ALA A 518 9.32 -24.15 -89.26
C ALA A 518 10.73 -24.48 -89.75
N LYS A 519 11.15 -25.71 -89.48
CA LYS A 519 12.44 -26.20 -89.98
C LYS A 519 13.58 -25.28 -89.59
N LYS A 520 13.69 -24.98 -88.31
CA LYS A 520 14.78 -24.15 -87.78
C LYS A 520 14.79 -22.74 -88.38
N GLU A 521 13.61 -22.25 -88.75
CA GLU A 521 13.47 -20.94 -89.36
C GLU A 521 12.31 -20.17 -88.72
N LEU A 522 12.57 -18.92 -88.35
CA LEU A 522 11.53 -18.08 -87.75
C LEU A 522 10.93 -17.14 -88.80
N ILE A 523 9.63 -17.27 -89.01
CA ILE A 523 8.92 -16.55 -90.07
C ILE A 523 7.83 -15.68 -89.48
N PRO A 524 7.92 -14.35 -89.64
CA PRO A 524 6.92 -13.46 -89.04
C PRO A 524 5.69 -13.32 -89.93
N VAL A 525 4.61 -13.98 -89.58
CA VAL A 525 3.40 -13.95 -90.40
C VAL A 525 2.60 -12.68 -90.16
N ILE A 526 2.65 -12.14 -88.95
CA ILE A 526 1.93 -10.91 -88.63
C ILE A 526 2.81 -9.88 -87.94
N ASN A 527 3.05 -8.79 -88.64
CA ASN A 527 3.86 -7.71 -88.08
C ASN A 527 3.02 -6.83 -87.16
N GLN A 528 3.68 -5.85 -86.56
CA GLN A 528 3.14 -5.13 -85.42
C GLN A 528 1.79 -4.46 -85.65
N ASN A 529 1.48 -4.13 -86.90
CA ASN A 529 0.21 -3.48 -87.22
C ASN A 529 -0.89 -4.47 -87.57
N SER A 530 -0.70 -5.73 -87.19
CA SER A 530 -1.68 -6.78 -87.46
C SER A 530 -1.92 -6.97 -88.95
N GLU A 531 -0.91 -6.69 -89.76
CA GLU A 531 -0.99 -6.95 -91.19
C GLU A 531 -0.53 -8.38 -91.46
N PHE A 532 -1.46 -9.25 -91.83
CA PHE A 532 -1.12 -10.63 -92.15
C PHE A 532 -0.20 -10.64 -93.36
N LEU A 533 1.08 -10.93 -93.14
CA LEU A 533 2.04 -10.97 -94.24
C LEU A 533 1.81 -12.21 -95.10
N GLU A 534 1.30 -11.99 -96.30
CA GLU A 534 0.84 -13.07 -97.16
C GLU A 534 1.96 -13.99 -97.65
N ALA A 535 3.08 -13.39 -98.04
CA ALA A 535 4.18 -14.16 -98.61
C ALA A 535 4.74 -15.15 -97.60
N ASN A 536 5.07 -14.64 -96.42
CA ASN A 536 5.71 -15.42 -95.36
C ASN A 536 4.96 -16.70 -94.99
N PHE A 537 3.64 -16.59 -94.96
CA PHE A 537 2.81 -17.74 -94.63
C PHE A 537 3.00 -18.83 -95.69
N ARG A 538 2.78 -18.47 -96.95
CA ARG A 538 3.00 -19.39 -98.05
C ARG A 538 4.45 -19.89 -98.05
N LYS A 539 5.36 -19.02 -97.59
CA LYS A 539 6.77 -19.40 -97.51
C LYS A 539 6.96 -20.57 -96.55
N HIS A 540 6.43 -20.43 -95.33
CA HIS A 540 6.48 -21.54 -94.38
C HIS A 540 5.72 -22.73 -94.94
N LYS A 541 4.67 -22.46 -95.71
CA LYS A 541 3.94 -23.52 -96.41
C LYS A 541 4.87 -24.26 -97.36
N GLU A 542 5.75 -23.50 -98.03
CA GLU A 542 6.71 -24.08 -98.94
C GLU A 542 7.77 -24.88 -98.21
N ILE A 543 8.36 -24.30 -97.17
CA ILE A 543 9.47 -24.96 -96.46
C ILE A 543 9.08 -26.34 -95.95
N LEU A 544 7.94 -26.44 -95.28
CA LEU A 544 7.53 -27.68 -94.64
C LEU A 544 7.14 -28.77 -95.63
N ASN A 545 7.11 -28.43 -96.92
CA ASN A 545 6.85 -29.40 -97.98
C ASN A 545 8.12 -29.73 -98.76
N ASP A 611 2.55 -32.57 -87.08
CA ASP A 611 2.61 -33.73 -86.21
C ASP A 611 2.82 -33.31 -84.75
N GLY A 612 4.01 -33.58 -84.21
CA GLY A 612 4.30 -33.26 -82.81
C GLY A 612 5.78 -32.97 -82.59
N PRO A 613 6.14 -32.50 -81.38
CA PRO A 613 7.53 -32.14 -81.07
C PRO A 613 8.45 -33.35 -80.95
N SER A 614 9.75 -33.06 -80.85
CA SER A 614 10.76 -34.09 -80.68
C SER A 614 11.77 -33.63 -79.65
N LYS A 615 12.64 -34.55 -79.23
CA LYS A 615 13.68 -34.24 -78.26
C LYS A 615 14.68 -33.24 -78.80
N LYS A 616 14.67 -33.06 -80.13
CA LYS A 616 15.60 -32.16 -80.81
C LYS A 616 14.93 -30.87 -81.25
N THR A 617 13.65 -30.69 -80.92
CA THR A 617 12.89 -29.52 -81.34
C THR A 617 13.08 -28.35 -80.38
N TRP A 618 12.68 -28.58 -79.13
CA TRP A 618 12.73 -27.54 -78.10
C TRP A 618 14.14 -27.03 -77.83
N PRO A 619 15.14 -27.93 -77.87
CA PRO A 619 16.50 -27.43 -77.71
C PRO A 619 16.90 -26.48 -78.84
N GLU A 620 16.54 -26.83 -80.07
CA GLU A 620 16.82 -25.97 -81.22
C GLU A 620 16.14 -24.60 -81.05
N ILE A 621 14.84 -24.62 -80.79
CA ILE A 621 14.08 -23.38 -80.60
C ILE A 621 14.71 -22.53 -79.50
N VAL A 622 14.97 -23.16 -78.36
CA VAL A 622 15.59 -22.49 -77.22
C VAL A 622 16.93 -21.87 -77.60
N ASN A 623 17.77 -22.65 -78.27
CA ASN A 623 19.11 -22.17 -78.64
C ASN A 623 19.07 -21.00 -79.62
N TYR A 624 18.22 -21.09 -80.65
CA TYR A 624 18.09 -19.95 -81.55
C TYR A 624 17.60 -18.73 -80.79
N LEU A 625 16.48 -18.88 -80.09
CA LEU A 625 15.90 -17.74 -79.38
C LEU A 625 16.86 -17.20 -78.34
N ARG A 626 17.72 -18.08 -77.82
CA ARG A 626 18.77 -17.68 -76.88
C ARG A 626 19.84 -16.85 -77.58
N LYS A 627 20.27 -17.33 -78.74
CA LYS A 627 21.31 -16.66 -79.51
C LYS A 627 20.96 -15.21 -79.81
N ARG A 628 19.68 -14.94 -80.00
CA ARG A 628 19.21 -13.61 -80.40
C ARG A 628 18.58 -12.84 -79.24
N GLU A 629 18.89 -13.25 -78.02
CA GLU A 629 18.42 -12.54 -76.82
C GLU A 629 16.90 -12.45 -76.76
N LEU A 630 16.21 -13.48 -77.25
CA LEU A 630 14.76 -13.52 -77.24
C LEU A 630 14.23 -14.19 -75.95
N LEU A 631 15.12 -14.40 -74.99
CA LEU A 631 14.74 -14.99 -73.70
C LEU A 631 14.25 -13.90 -72.77
N PRO A 632 13.47 -14.27 -71.74
CA PRO A 632 13.02 -15.62 -71.37
C PRO A 632 11.75 -16.03 -72.13
N MET A 633 11.36 -17.29 -72.06
CA MET A 633 10.23 -17.77 -72.87
C MET A 633 9.19 -18.57 -72.10
N VAL A 634 7.93 -18.34 -72.46
CA VAL A 634 6.83 -19.13 -71.91
C VAL A 634 6.26 -19.99 -73.03
N VAL A 635 6.37 -21.31 -72.85
CA VAL A 635 5.80 -22.29 -73.77
C VAL A 635 4.50 -22.83 -73.18
N PHE A 636 3.42 -22.62 -73.92
CA PHE A 636 2.11 -23.08 -73.50
C PHE A 636 1.78 -24.46 -74.08
N VAL A 637 2.36 -25.49 -73.49
CA VAL A 637 1.92 -26.86 -73.72
C VAL A 637 0.60 -27.04 -72.97
N PHE A 638 -0.30 -27.86 -73.48
CA PHE A 638 -1.65 -27.94 -72.92
C PHE A 638 -1.93 -29.24 -72.17
N SER A 639 -0.89 -29.92 -71.71
CA SER A 639 -1.07 -31.08 -70.86
C SER A 639 0.15 -31.28 -69.96
N LYS A 640 -0.07 -31.41 -68.64
CA LYS A 640 1.01 -31.49 -67.66
C LYS A 640 2.07 -32.53 -68.03
N LYS A 641 1.62 -33.68 -68.53
CA LYS A 641 2.53 -34.74 -68.96
C LYS A 641 3.44 -34.20 -70.04
N ARG A 642 2.84 -33.62 -71.08
CA ARG A 642 3.59 -33.02 -72.16
C ARG A 642 4.56 -31.98 -71.61
N CYS A 643 4.08 -31.17 -70.67
CA CYS A 643 4.92 -30.15 -70.05
C CYS A 643 6.15 -30.76 -69.42
N GLU A 644 5.95 -31.66 -68.46
CA GLU A 644 7.08 -32.24 -67.73
C GLU A 644 8.01 -32.97 -68.69
N GLU A 645 7.43 -33.59 -69.71
CA GLU A 645 8.22 -34.27 -70.73
C GLU A 645 9.13 -33.29 -71.48
N TYR A 646 8.52 -32.30 -72.12
CA TYR A 646 9.27 -31.25 -72.82
C TYR A 646 10.34 -30.68 -71.92
N ALA A 647 9.97 -30.38 -70.67
CA ALA A 647 10.91 -29.87 -69.70
C ALA A 647 12.09 -30.82 -69.55
N ASP A 648 11.79 -32.09 -69.29
CA ASP A 648 12.84 -33.09 -69.13
C ASP A 648 13.76 -33.16 -70.35
N TRP A 649 13.18 -32.98 -71.54
CA TRP A 649 13.98 -33.03 -72.78
C TRP A 649 15.09 -31.98 -72.90
N LEU A 650 15.12 -30.98 -72.01
CA LEU A 650 16.16 -29.96 -72.05
C LEU A 650 17.34 -30.32 -71.16
N GLU A 651 17.65 -31.61 -71.11
CA GLU A 651 18.77 -32.10 -70.32
C GLU A 651 20.08 -31.54 -70.88
N GLY A 652 20.87 -30.91 -70.01
CA GLY A 652 22.13 -30.33 -70.41
C GLY A 652 22.10 -28.82 -70.55
N ILE A 653 20.90 -28.28 -70.79
CA ILE A 653 20.71 -26.84 -70.93
C ILE A 653 20.75 -26.17 -69.56
N ASN A 654 21.55 -25.11 -69.46
CA ASN A 654 21.66 -24.35 -68.23
C ASN A 654 21.74 -22.86 -68.54
N PHE A 655 21.05 -22.06 -67.74
CA PHE A 655 21.05 -20.61 -67.92
C PHE A 655 21.68 -19.92 -66.72
N CYS A 656 21.56 -20.55 -65.56
CA CYS A 656 21.88 -19.90 -64.29
C CYS A 656 23.37 -19.86 -63.94
N ASN A 657 23.78 -18.72 -63.40
CA ASN A 657 25.14 -18.52 -62.92
C ASN A 657 25.28 -19.18 -61.55
N ASN A 658 26.50 -19.23 -61.02
CA ASN A 658 26.74 -19.75 -59.68
C ASN A 658 26.05 -18.92 -58.60
N LYS A 659 26.19 -17.60 -58.71
CA LYS A 659 25.53 -16.68 -57.80
C LYS A 659 24.02 -16.85 -57.89
N GLU A 660 23.52 -16.98 -59.12
CA GLU A 660 22.09 -17.16 -59.35
C GLU A 660 21.59 -18.47 -58.78
N LYS A 661 22.33 -19.55 -59.03
CA LYS A 661 21.98 -20.85 -58.50
C LYS A 661 21.94 -20.80 -56.97
N SER A 662 22.97 -20.19 -56.38
CA SER A 662 23.00 -20.01 -54.93
C SER A 662 21.79 -19.23 -54.44
N GLN A 663 21.50 -18.11 -55.11
CA GLN A 663 20.35 -17.28 -54.76
C GLN A 663 19.06 -18.10 -54.79
N ILE A 664 18.85 -18.82 -55.89
CA ILE A 664 17.68 -19.68 -56.04
C ILE A 664 17.60 -20.68 -54.89
N HIS A 665 18.66 -21.48 -54.74
CA HIS A 665 18.71 -22.49 -53.68
C HIS A 665 18.35 -21.90 -52.33
N MET A 666 18.99 -20.79 -51.97
CA MET A 666 18.71 -20.15 -50.70
C MET A 666 17.27 -19.69 -50.62
N PHE A 667 16.74 -19.19 -51.74
CA PHE A 667 15.33 -18.79 -51.76
C PHE A 667 14.39 -19.98 -51.53
N ILE A 668 14.63 -21.07 -52.25
CA ILE A 668 13.79 -22.26 -52.09
C ILE A 668 13.87 -22.75 -50.65
N GLU A 669 15.09 -22.83 -50.14
CA GLU A 669 15.30 -23.25 -48.76
C GLU A 669 14.57 -22.31 -47.80
N LYS A 670 14.64 -21.01 -48.08
CA LYS A 670 13.94 -20.01 -47.28
C LYS A 670 12.43 -20.25 -47.33
N SER A 671 11.93 -20.61 -48.51
CA SER A 671 10.50 -20.83 -48.69
C SER A 671 9.99 -22.09 -47.99
N ILE A 672 10.65 -23.22 -48.24
CA ILE A 672 10.14 -24.50 -47.74
C ILE A 672 10.50 -24.77 -46.28
N THR A 673 10.99 -23.77 -45.57
CA THR A 673 11.27 -23.90 -44.15
C THR A 673 9.97 -24.10 -43.38
N ARG A 674 8.87 -23.68 -43.99
CA ARG A 674 7.54 -23.84 -43.40
C ARG A 674 7.21 -25.29 -43.12
N LEU A 675 7.84 -26.19 -43.86
CA LEU A 675 7.40 -27.57 -43.94
C LEU A 675 8.22 -28.51 -43.06
N LYS A 676 7.65 -29.69 -42.81
CA LYS A 676 8.36 -30.77 -42.17
C LYS A 676 9.48 -31.23 -43.10
N LYS A 677 10.37 -32.07 -42.62
CA LYS A 677 11.39 -32.63 -43.49
C LYS A 677 10.78 -33.59 -44.47
N GLU A 678 9.82 -34.40 -44.01
CA GLU A 678 9.17 -35.37 -44.87
C GLU A 678 8.53 -34.70 -46.08
N ASP A 679 8.10 -33.45 -45.90
CA ASP A 679 7.50 -32.71 -47.00
C ASP A 679 8.57 -31.98 -47.80
N ARG A 680 9.63 -31.58 -47.12
CA ARG A 680 10.75 -30.91 -47.77
C ARG A 680 11.46 -31.82 -48.76
N ASP A 681 11.36 -33.13 -48.53
CA ASP A 681 12.09 -34.10 -49.34
C ASP A 681 11.17 -34.85 -50.30
N LEU A 682 10.00 -34.30 -50.58
CA LEU A 682 9.09 -34.90 -51.55
C LEU A 682 9.74 -34.83 -52.93
N PRO A 683 9.67 -35.93 -53.70
CA PRO A 683 10.36 -36.00 -55.01
C PRO A 683 10.10 -34.78 -55.89
N GLN A 684 8.85 -34.34 -55.92
CA GLN A 684 8.47 -33.20 -56.75
C GLN A 684 9.33 -31.99 -56.41
N ILE A 685 9.43 -31.67 -55.13
CA ILE A 685 10.18 -30.50 -54.70
C ILE A 685 11.64 -30.60 -55.15
N LEU A 686 12.24 -31.77 -54.99
CA LEU A 686 13.63 -31.98 -55.37
C LEU A 686 13.81 -31.76 -56.87
N LYS A 687 13.03 -32.48 -57.67
CA LYS A 687 13.13 -32.36 -59.12
C LYS A 687 12.93 -30.90 -59.52
N THR A 688 11.93 -30.27 -58.93
CA THR A 688 11.65 -28.87 -59.19
C THR A 688 12.86 -28.04 -58.83
N ARG A 689 13.51 -28.37 -57.72
CA ARG A 689 14.69 -27.64 -57.29
C ARG A 689 15.75 -27.73 -58.36
N SER A 690 16.01 -28.94 -58.85
CA SER A 690 16.98 -29.11 -59.93
C SER A 690 16.64 -28.24 -61.13
N LEU A 691 15.41 -28.37 -61.63
CA LEU A 691 14.98 -27.59 -62.79
C LEU A 691 15.16 -26.08 -62.56
N LEU A 692 14.69 -25.60 -61.42
CA LEU A 692 14.76 -24.17 -61.11
C LEU A 692 16.19 -23.67 -61.01
N GLU A 693 17.03 -24.41 -60.29
CA GLU A 693 18.44 -24.05 -60.17
C GLU A 693 19.11 -24.08 -61.54
N ARG A 694 18.62 -24.93 -62.44
CA ARG A 694 19.11 -24.91 -63.83
C ARG A 694 18.62 -23.69 -64.64
N GLY A 695 17.44 -23.16 -64.28
CA GLY A 695 16.93 -21.95 -64.89
C GLY A 695 15.75 -22.20 -65.82
N ILE A 696 15.21 -23.41 -65.76
CA ILE A 696 14.04 -23.78 -66.56
C ILE A 696 12.97 -24.30 -65.61
N ALA A 697 11.70 -24.21 -66.01
CA ALA A 697 10.66 -24.72 -65.13
C ALA A 697 9.35 -25.12 -65.82
N VAL A 698 8.45 -25.66 -65.02
CA VAL A 698 7.17 -26.14 -65.49
C VAL A 698 6.06 -25.62 -64.57
N HIS A 699 4.93 -25.22 -65.15
CA HIS A 699 3.81 -24.76 -64.33
C HIS A 699 2.50 -25.39 -64.76
N HIS A 700 2.07 -26.41 -64.02
CA HIS A 700 0.79 -27.07 -64.28
C HIS A 700 0.08 -27.45 -62.99
N GLY A 701 -1.25 -27.51 -63.06
CA GLY A 701 -2.10 -27.73 -61.90
C GLY A 701 -1.74 -28.94 -61.05
N GLY A 702 -1.09 -29.93 -61.66
CA GLY A 702 -0.65 -31.11 -60.95
C GLY A 702 0.37 -30.84 -59.84
N LEU A 703 1.11 -29.75 -59.97
CA LEU A 703 2.13 -29.40 -58.98
C LEU A 703 1.50 -29.03 -57.64
N LEU A 704 2.22 -29.30 -56.55
CA LEU A 704 1.80 -28.85 -55.24
C LEU A 704 1.69 -27.33 -55.28
N PRO A 705 0.75 -26.75 -54.49
CA PRO A 705 0.57 -25.30 -54.54
C PRO A 705 1.88 -24.56 -54.29
N ILE A 706 2.53 -24.86 -53.17
CA ILE A 706 3.76 -24.17 -52.80
C ILE A 706 4.80 -24.21 -53.91
N VAL A 707 4.82 -25.30 -54.66
CA VAL A 707 5.74 -25.44 -55.77
C VAL A 707 5.36 -24.46 -56.87
N LYS A 708 4.08 -24.44 -57.21
CA LYS A 708 3.54 -23.48 -58.15
C LYS A 708 3.91 -22.06 -57.73
N GLU A 709 3.68 -21.74 -56.46
CA GLU A 709 3.97 -20.41 -55.94
C GLU A 709 5.47 -20.11 -56.01
N LEU A 710 6.27 -21.11 -55.66
CA LEU A 710 7.72 -21.01 -55.72
C LEU A 710 8.17 -20.63 -57.13
N ILE A 711 7.64 -21.35 -58.11
CA ILE A 711 7.97 -21.09 -59.51
C ILE A 711 7.46 -19.73 -59.96
N GLU A 712 6.23 -19.41 -59.58
CA GLU A 712 5.64 -18.13 -59.93
C GLU A 712 6.53 -17.00 -59.46
N ILE A 713 6.87 -17.02 -58.17
CA ILE A 713 7.72 -15.97 -57.61
C ILE A 713 9.09 -15.95 -58.28
N LEU A 714 9.70 -17.12 -58.43
CA LEU A 714 11.03 -17.19 -59.05
C LEU A 714 11.01 -16.67 -60.50
N PHE A 715 9.89 -16.90 -61.18
CA PHE A 715 9.75 -16.39 -62.55
C PHE A 715 9.51 -14.89 -62.52
N SER A 716 8.73 -14.43 -61.54
CA SER A 716 8.53 -13.01 -61.33
C SER A 716 9.86 -12.27 -61.17
N LYS A 717 10.88 -12.94 -60.63
CA LYS A 717 12.20 -12.33 -60.46
C LYS A 717 13.08 -12.54 -61.69
N GLY A 718 12.60 -13.32 -62.65
CA GLY A 718 13.30 -13.53 -63.90
C GLY A 718 14.48 -14.48 -63.77
N PHE A 719 14.43 -15.36 -62.78
CA PHE A 719 15.47 -16.37 -62.61
C PHE A 719 15.29 -17.50 -63.62
N ILE A 720 14.08 -17.65 -64.12
CA ILE A 720 13.77 -18.70 -65.07
C ILE A 720 13.76 -18.12 -66.48
N LYS A 721 14.33 -18.86 -67.42
CA LYS A 721 14.46 -18.40 -68.80
C LYS A 721 13.56 -19.19 -69.74
N VAL A 722 13.27 -20.43 -69.36
CA VAL A 722 12.36 -21.28 -70.15
C VAL A 722 11.30 -21.87 -69.24
N LEU A 723 10.04 -21.56 -69.53
CA LEU A 723 8.94 -22.03 -68.71
C LEU A 723 7.86 -22.75 -69.52
N PHE A 724 7.68 -24.04 -69.22
CA PHE A 724 6.61 -24.83 -69.84
C PHE A 724 5.38 -24.78 -68.94
N ALA A 725 4.37 -24.03 -69.36
CA ALA A 725 3.20 -23.79 -68.52
C ALA A 725 1.91 -24.20 -69.22
N THR A 726 0.90 -24.49 -68.41
CA THR A 726 -0.42 -24.80 -68.93
C THR A 726 -1.18 -23.50 -69.14
N GLU A 727 -2.43 -23.60 -69.59
CA GLU A 727 -3.19 -22.41 -69.95
C GLU A 727 -3.41 -21.49 -68.76
N THR A 728 -3.70 -22.09 -67.60
CA THR A 728 -4.01 -21.34 -66.39
C THR A 728 -2.97 -20.28 -66.08
N PHE A 729 -1.71 -20.62 -66.32
CA PHE A 729 -0.59 -19.73 -66.04
C PHE A 729 -0.71 -18.38 -66.75
N ALA A 730 -1.55 -18.33 -67.79
CA ALA A 730 -1.80 -17.08 -68.49
C ALA A 730 -2.50 -16.08 -67.59
N MET A 731 -3.36 -16.57 -66.72
CA MET A 731 -4.12 -15.70 -65.84
C MET A 731 -3.27 -15.17 -64.69
N GLY A 732 -1.99 -15.54 -64.69
CA GLY A 732 -1.06 -15.08 -63.66
C GLY A 732 -0.96 -13.58 -63.60
N LEU A 733 -0.48 -13.06 -62.48
CA LEU A 733 -0.43 -11.63 -62.27
C LEU A 733 0.82 -10.98 -62.84
N ASN A 734 1.96 -11.67 -62.74
CA ASN A 734 3.24 -11.10 -63.15
C ASN A 734 4.08 -12.03 -64.02
N LEU A 735 4.14 -11.72 -65.31
CA LEU A 735 4.90 -12.50 -66.29
C LEU A 735 5.83 -11.62 -67.11
N PRO A 736 7.14 -11.67 -66.82
CA PRO A 736 8.10 -11.06 -67.73
C PRO A 736 8.62 -12.08 -68.75
N THR A 737 7.85 -12.35 -69.81
CA THR A 737 8.26 -13.28 -70.87
C THR A 737 8.63 -12.46 -72.10
N ARG A 738 9.88 -12.54 -72.54
CA ARG A 738 10.28 -11.87 -73.77
C ARG A 738 9.68 -12.58 -74.98
N THR A 739 9.25 -13.82 -74.79
CA THR A 739 8.72 -14.63 -75.88
C THR A 739 7.64 -15.59 -75.40
N VAL A 740 6.58 -15.71 -76.20
CA VAL A 740 5.54 -16.71 -75.94
C VAL A 740 5.49 -17.70 -77.09
N ILE A 741 5.51 -18.99 -76.76
CA ILE A 741 5.53 -20.04 -77.77
C ILE A 741 4.30 -20.93 -77.64
N PHE A 742 3.69 -21.24 -78.78
CA PHE A 742 2.58 -22.17 -78.85
C PHE A 742 2.98 -23.53 -79.42
N SER A 743 2.91 -24.55 -78.58
CA SER A 743 3.13 -25.93 -79.02
C SER A 743 1.97 -26.34 -79.93
N SER A 744 0.78 -25.85 -79.59
CA SER A 744 -0.42 -26.17 -80.36
C SER A 744 -1.40 -25.00 -80.31
N ILE A 745 -2.24 -24.91 -81.34
CA ILE A 745 -3.34 -23.94 -81.36
C ILE A 745 -4.67 -24.70 -81.32
N ARG A 746 -4.61 -25.90 -80.74
CA ARG A 746 -5.80 -26.72 -80.52
C ARG A 746 -5.70 -27.34 -79.13
N LYS A 747 -6.65 -26.99 -78.27
CA LYS A 747 -6.68 -27.47 -76.89
C LYS A 747 -7.74 -28.57 -76.73
N HIS A 748 -7.42 -29.61 -75.95
CA HIS A 748 -8.37 -30.69 -75.71
C HIS A 748 -9.47 -30.16 -74.79
N ASP A 749 -10.72 -30.43 -75.15
CA ASP A 749 -11.86 -29.97 -74.36
C ASP A 749 -13.14 -30.61 -74.88
N GLY A 750 -14.10 -30.76 -73.98
CA GLY A 750 -15.36 -31.37 -74.30
C GLY A 750 -15.18 -32.76 -74.91
N ASN A 751 -15.49 -32.87 -76.21
CA ASN A 751 -15.25 -34.09 -76.96
C ASN A 751 -14.25 -33.85 -78.09
N GLY A 752 -13.04 -34.39 -77.93
CA GLY A 752 -12.01 -34.28 -78.94
C GLY A 752 -11.25 -32.97 -78.88
N LEU A 753 -10.22 -32.85 -79.70
CA LEU A 753 -9.41 -31.64 -79.77
C LEU A 753 -10.20 -30.47 -80.37
N ARG A 754 -10.06 -29.30 -79.76
CA ARG A 754 -10.80 -28.12 -80.16
C ARG A 754 -9.78 -27.02 -80.41
N GLU A 755 -9.93 -26.37 -81.56
CA GLU A 755 -9.17 -25.16 -81.90
C GLU A 755 -9.44 -24.04 -80.91
N LEU A 756 -8.38 -23.38 -80.42
CA LEU A 756 -8.57 -22.41 -79.36
C LEU A 756 -9.36 -21.19 -79.82
N THR A 757 -10.13 -20.62 -78.90
CA THR A 757 -10.94 -19.44 -79.19
C THR A 757 -9.99 -18.25 -79.21
N PRO A 758 -10.28 -17.20 -80.01
CA PRO A 758 -9.29 -16.13 -80.16
C PRO A 758 -8.99 -15.42 -78.86
N GLY A 759 -9.95 -15.41 -77.94
CA GLY A 759 -9.74 -14.84 -76.63
C GLY A 759 -8.59 -15.51 -75.90
N GLU A 760 -8.56 -16.84 -75.93
CA GLU A 760 -7.50 -17.60 -75.30
C GLU A 760 -6.14 -17.25 -75.89
N PHE A 761 -6.10 -17.17 -77.22
CA PHE A 761 -4.88 -16.77 -77.91
C PHE A 761 -4.45 -15.39 -77.43
N THR A 762 -5.38 -14.43 -77.49
CA THR A 762 -5.09 -13.06 -77.06
C THR A 762 -4.54 -13.07 -75.64
N GLN A 763 -5.20 -13.79 -74.75
CA GLN A 763 -4.79 -13.86 -73.35
C GLN A 763 -3.37 -14.36 -73.21
N MET A 764 -3.11 -15.55 -73.76
CA MET A 764 -1.80 -16.17 -73.61
C MET A 764 -0.70 -15.43 -74.39
N ALA A 765 -1.08 -14.82 -75.51
CA ALA A 765 -0.11 -14.15 -76.37
C ALA A 765 0.09 -12.71 -75.92
N GLY A 766 -0.89 -12.20 -75.20
CA GLY A 766 -0.87 -10.81 -74.74
C GLY A 766 0.22 -10.53 -73.72
N ARG A 767 0.70 -11.57 -73.07
CA ARG A 767 1.70 -11.42 -72.03
C ARG A 767 3.11 -11.21 -72.57
N ALA A 768 3.28 -11.33 -73.87
CA ALA A 768 4.60 -11.29 -74.50
C ALA A 768 5.36 -9.96 -74.38
N GLY A 769 4.68 -8.90 -73.97
CA GLY A 769 5.32 -7.59 -73.87
C GLY A 769 5.79 -7.22 -72.47
N ARG A 770 7.10 -7.05 -72.31
CA ARG A 770 7.65 -6.47 -71.09
C ARG A 770 7.72 -4.96 -71.23
N ARG A 771 6.73 -4.27 -70.66
CA ARG A 771 6.64 -2.82 -70.82
C ARG A 771 7.87 -2.12 -70.26
N GLY A 772 8.51 -1.30 -71.10
CA GLY A 772 9.64 -0.50 -70.67
C GLY A 772 10.98 -1.19 -70.84
N LEU A 773 10.96 -2.48 -71.13
CA LEU A 773 12.18 -3.27 -71.27
C LEU A 773 12.29 -3.88 -72.67
N ASP A 774 11.14 -4.14 -73.30
CA ASP A 774 11.09 -4.76 -74.62
C ASP A 774 10.40 -3.88 -75.65
N SER A 775 10.99 -3.83 -76.85
CA SER A 775 10.46 -2.99 -77.92
C SER A 775 9.25 -3.65 -78.57
N THR A 776 9.26 -4.98 -78.64
CA THR A 776 8.16 -5.73 -79.22
C THR A 776 8.09 -7.14 -78.64
N GLY A 777 6.91 -7.50 -78.14
CA GLY A 777 6.69 -8.84 -77.60
C GLY A 777 6.69 -9.87 -78.71
N THR A 778 7.53 -10.90 -78.55
CA THR A 778 7.70 -11.92 -79.58
C THR A 778 6.80 -13.13 -79.35
N VAL A 779 5.99 -13.44 -80.35
CA VAL A 779 5.06 -14.54 -80.28
C VAL A 779 5.38 -15.55 -81.37
N ILE A 780 5.41 -16.83 -81.00
CA ILE A 780 5.75 -17.90 -81.93
C ILE A 780 4.73 -19.02 -81.86
N VAL A 781 4.38 -19.55 -83.03
CA VAL A 781 3.47 -20.69 -83.13
C VAL A 781 4.20 -21.83 -83.84
N MET A 782 4.32 -22.97 -83.16
CA MET A 782 5.13 -24.07 -83.66
C MET A 782 4.50 -24.77 -84.87
N ALA A 783 5.34 -25.47 -85.65
CA ALA A 783 4.88 -26.27 -86.77
C ALA A 783 5.78 -27.48 -86.94
N TYR A 784 5.17 -28.67 -86.97
CA TYR A 784 5.92 -29.92 -86.93
C TYR A 784 5.70 -30.79 -88.17
N ASN A 785 6.60 -30.68 -89.14
CA ASN A 785 6.60 -31.56 -90.31
C ASN A 785 5.33 -31.47 -91.18
N SER A 786 4.52 -30.44 -90.95
CA SER A 786 3.31 -30.22 -91.74
C SER A 786 2.82 -28.78 -91.57
N PRO A 787 2.24 -28.21 -92.64
CA PRO A 787 1.87 -26.78 -92.61
C PRO A 787 0.59 -26.51 -91.81
N LEU A 788 0.42 -25.27 -91.37
CA LEU A 788 -0.77 -24.86 -90.62
C LEU A 788 -1.78 -24.22 -91.57
N SER A 789 -3.04 -24.68 -91.51
CA SER A 789 -4.09 -24.15 -92.37
C SER A 789 -4.38 -22.68 -92.09
N ILE A 790 -4.40 -21.88 -93.15
CA ILE A 790 -4.58 -20.43 -93.01
C ILE A 790 -5.95 -20.05 -92.45
N ALA A 791 -6.96 -20.82 -92.84
CA ALA A 791 -8.35 -20.49 -92.52
C ALA A 791 -8.59 -20.45 -91.01
N THR A 792 -8.07 -21.46 -90.31
CA THR A 792 -8.22 -21.54 -88.87
C THR A 792 -7.26 -20.59 -88.19
N PHE A 793 -6.00 -20.61 -88.63
CA PHE A 793 -4.95 -19.77 -88.09
C PHE A 793 -5.39 -18.31 -88.02
N LYS A 794 -5.94 -17.79 -89.11
CA LYS A 794 -6.45 -16.42 -89.14
C LYS A 794 -7.55 -16.23 -88.09
N GLU A 795 -8.33 -17.28 -87.85
CA GLU A 795 -9.42 -17.22 -86.88
C GLU A 795 -8.89 -17.25 -85.45
N VAL A 796 -7.88 -18.08 -85.20
CA VAL A 796 -7.30 -18.20 -83.87
C VAL A 796 -6.46 -16.97 -83.55
N THR A 797 -5.85 -16.40 -84.58
CA THR A 797 -4.98 -15.25 -84.38
C THR A 797 -5.74 -13.92 -84.38
N MET A 798 -6.60 -13.72 -85.37
CA MET A 798 -7.22 -12.41 -85.59
C MET A 798 -8.74 -12.49 -85.59
N GLY A 799 -9.30 -13.47 -84.87
CA GLY A 799 -10.73 -13.69 -84.87
C GLY A 799 -11.51 -12.67 -84.07
N VAL A 800 -12.83 -12.78 -84.10
CA VAL A 800 -13.71 -11.94 -83.30
C VAL A 800 -13.78 -12.52 -81.89
N PRO A 801 -13.32 -11.76 -80.88
CA PRO A 801 -13.37 -12.30 -79.51
C PRO A 801 -14.77 -12.68 -79.09
N THR A 802 -14.86 -13.61 -78.14
CA THR A 802 -16.15 -14.09 -77.66
C THR A 802 -16.93 -12.96 -77.00
N ARG A 803 -18.26 -13.06 -77.06
CA ARG A 803 -19.12 -12.06 -76.46
C ARG A 803 -19.37 -12.40 -74.99
N LEU A 804 -19.90 -11.44 -74.23
CA LEU A 804 -20.20 -11.68 -72.82
C LEU A 804 -21.60 -12.28 -72.65
N GLN A 805 -21.72 -13.58 -72.92
CA GLN A 805 -22.97 -14.27 -72.68
C GLN A 805 -23.10 -14.47 -71.18
N SER A 806 -24.15 -15.16 -70.76
CA SER A 806 -24.33 -15.52 -69.36
C SER A 806 -24.38 -17.02 -69.18
N GLN A 807 -24.14 -17.48 -67.97
CA GLN A 807 -24.23 -18.89 -67.64
C GLN A 807 -25.04 -19.04 -66.36
N PHE A 808 -25.99 -18.13 -66.18
CA PHE A 808 -26.86 -18.16 -65.01
C PHE A 808 -27.60 -19.47 -64.88
N ARG A 809 -27.59 -20.06 -63.69
CA ARG A 809 -28.20 -21.35 -63.46
C ARG A 809 -28.93 -21.37 -62.13
N LEU A 810 -30.01 -22.14 -62.06
CA LEU A 810 -30.75 -22.30 -60.82
C LEU A 810 -30.26 -23.51 -60.04
N THR A 811 -29.66 -23.26 -58.88
CA THR A 811 -29.28 -24.33 -57.96
C THR A 811 -30.32 -24.43 -56.85
N TYR A 812 -30.48 -25.62 -56.29
CA TYR A 812 -31.51 -25.83 -55.29
C TYR A 812 -31.18 -25.08 -54.00
N ASN A 813 -29.89 -24.99 -53.71
CA ASN A 813 -29.42 -24.20 -52.58
C ASN A 813 -29.86 -22.74 -52.68
N MET A 814 -29.75 -22.17 -53.88
CA MET A 814 -30.18 -20.79 -54.11
C MET A 814 -31.67 -20.63 -53.89
N ILE A 815 -32.45 -21.58 -54.39
CA ILE A 815 -33.90 -21.50 -54.23
C ILE A 815 -34.25 -21.59 -52.75
N LEU A 816 -33.75 -22.63 -52.09
CA LEU A 816 -34.00 -22.83 -50.67
C LEU A 816 -33.49 -21.65 -49.84
N ASN A 817 -32.42 -21.02 -50.31
CA ASN A 817 -31.98 -19.78 -49.69
C ASN A 817 -33.03 -18.70 -49.84
N LEU A 818 -33.37 -18.39 -51.09
CA LEU A 818 -34.23 -17.26 -51.40
C LEU A 818 -35.65 -17.43 -50.87
N LEU A 819 -36.07 -18.68 -50.63
CA LEU A 819 -37.38 -18.92 -50.03
C LEU A 819 -37.38 -18.77 -48.52
N ARG A 820 -36.21 -18.93 -47.91
CA ARG A 820 -36.09 -18.80 -46.46
C ARG A 820 -36.20 -17.34 -46.04
N ILE A 821 -35.71 -16.45 -46.90
CA ILE A 821 -35.62 -15.03 -46.57
C ILE A 821 -36.92 -14.31 -46.92
N GLU A 822 -37.60 -14.78 -47.97
CA GLU A 822 -38.82 -14.13 -48.45
C GLU A 822 -38.55 -12.71 -48.89
N ALA A 823 -37.40 -12.51 -49.51
CA ALA A 823 -37.03 -11.24 -50.11
C ALA A 823 -36.27 -11.53 -51.38
N LEU A 824 -36.56 -10.75 -52.41
CA LEU A 824 -36.05 -11.03 -53.75
C LEU A 824 -36.49 -12.44 -54.13
N ARG A 825 -37.81 -12.64 -54.15
CA ARG A 825 -38.40 -13.91 -54.57
C ARG A 825 -37.81 -14.36 -55.90
N VAL A 826 -37.40 -15.63 -55.96
CA VAL A 826 -36.54 -16.13 -57.04
C VAL A 826 -36.92 -15.60 -58.41
N GLU A 827 -38.22 -15.51 -58.65
CA GLU A 827 -38.76 -15.01 -59.90
C GLU A 827 -38.16 -13.64 -60.22
N GLU A 828 -38.05 -12.80 -59.21
CA GLU A 828 -37.45 -11.48 -59.38
C GLU A 828 -35.99 -11.66 -59.79
N MET A 829 -35.27 -12.57 -59.14
CA MET A 829 -33.86 -12.75 -59.47
C MET A 829 -33.70 -13.22 -60.90
N ILE A 830 -34.58 -14.13 -61.35
CA ILE A 830 -34.57 -14.52 -62.75
C ILE A 830 -34.84 -13.30 -63.63
N LYS A 831 -35.87 -12.54 -63.29
CA LYS A 831 -36.24 -11.33 -64.03
C LYS A 831 -35.05 -10.39 -64.16
N TYR A 832 -34.31 -10.20 -63.08
CA TYR A 832 -33.16 -9.31 -63.09
C TYR A 832 -31.82 -10.01 -63.35
N SER A 833 -31.87 -11.24 -63.86
CA SER A 833 -30.64 -11.92 -64.28
C SER A 833 -30.11 -11.26 -65.55
N PHE A 834 -28.91 -11.64 -65.96
CA PHE A 834 -28.33 -11.06 -67.17
C PHE A 834 -29.06 -11.57 -68.42
N SER A 835 -29.37 -12.86 -68.43
CA SER A 835 -30.07 -13.49 -69.54
C SER A 835 -31.58 -13.49 -69.29
N GLU A 836 -32.32 -12.87 -70.20
CA GLU A 836 -33.79 -12.81 -70.11
C GLU A 836 -34.40 -12.96 -71.50
N ASN A 837 -35.62 -13.49 -71.55
CA ASN A 837 -36.36 -13.71 -72.81
C ASN A 837 -35.66 -14.65 -73.80
N GLY A 842 -32.72 -18.77 -71.99
CA GLY A 842 -32.78 -18.01 -70.75
C GLY A 842 -34.21 -17.76 -70.31
N LEU A 843 -35.14 -17.81 -71.26
CA LEU A 843 -36.57 -17.72 -70.92
C LEU A 843 -37.03 -18.96 -70.17
N SER A 844 -36.27 -20.05 -70.33
CA SER A 844 -36.64 -21.36 -69.79
C SER A 844 -36.44 -21.51 -68.29
N LEU A 845 -35.77 -20.54 -67.67
CA LEU A 845 -35.48 -20.58 -66.24
C LEU A 845 -36.75 -20.66 -65.38
N LEU A 846 -37.76 -19.85 -65.74
CA LEU A 846 -38.97 -19.76 -64.94
C LEU A 846 -39.80 -21.05 -65.01
N PRO A 847 -39.83 -21.72 -66.18
CA PRO A 847 -40.29 -23.11 -66.23
C PRO A 847 -39.39 -24.10 -65.49
N ASP A 848 -38.08 -23.95 -65.64
CA ASP A 848 -37.12 -24.82 -64.95
C ASP A 848 -37.35 -24.73 -63.44
N TYR A 849 -37.52 -23.51 -62.96
CA TYR A 849 -37.86 -23.24 -61.57
C TYR A 849 -39.07 -24.06 -61.15
N GLU A 850 -40.13 -24.00 -61.94
CA GLU A 850 -41.35 -24.74 -61.66
C GLU A 850 -41.07 -26.23 -61.45
N LYS A 851 -40.11 -26.76 -62.19
CA LYS A 851 -39.74 -28.17 -62.06
C LYS A 851 -38.94 -28.39 -60.78
N ARG A 852 -37.99 -27.48 -60.52
CA ARG A 852 -37.15 -27.59 -59.34
C ARG A 852 -37.98 -27.46 -58.07
N LEU A 853 -39.03 -26.64 -58.12
CA LEU A 853 -39.92 -26.51 -56.99
C LEU A 853 -40.71 -27.81 -56.82
N ALA A 854 -41.02 -28.44 -57.95
CA ALA A 854 -41.76 -29.70 -57.92
C ALA A 854 -40.93 -30.78 -57.25
N VAL A 855 -39.68 -30.96 -57.69
CA VAL A 855 -38.82 -32.00 -57.12
C VAL A 855 -38.55 -31.74 -55.64
N LEU A 856 -38.36 -30.48 -55.27
CA LEU A 856 -38.17 -30.12 -53.88
C LEU A 856 -39.44 -30.43 -53.11
N LYS A 857 -40.59 -30.01 -53.64
CA LYS A 857 -41.87 -30.24 -53.00
C LYS A 857 -42.16 -31.72 -52.86
N ASP A 858 -41.66 -32.50 -53.80
CA ASP A 858 -41.87 -33.95 -53.82
C ASP A 858 -41.02 -34.63 -52.76
N THR A 859 -39.76 -34.22 -52.67
CA THR A 859 -38.81 -34.86 -51.75
C THR A 859 -38.84 -34.25 -50.35
N GLU A 860 -39.93 -33.55 -50.02
CA GLU A 860 -40.15 -33.11 -48.64
C GLU A 860 -39.10 -32.11 -48.13
N PHE A 861 -38.54 -31.30 -49.03
CA PHE A 861 -37.66 -30.20 -48.64
C PHE A 861 -38.48 -28.94 -48.37
N ILE A 862 -39.54 -28.76 -49.15
CA ILE A 862 -40.46 -27.64 -48.96
C ILE A 862 -41.89 -28.19 -49.07
N ASP A 863 -42.80 -27.69 -48.25
CA ASP A 863 -44.16 -28.22 -48.23
C ASP A 863 -45.01 -27.68 -49.35
N GLN A 864 -46.26 -28.12 -49.41
CA GLN A 864 -47.17 -27.76 -50.50
C GLN A 864 -47.34 -26.24 -50.62
N ASN A 865 -47.18 -25.55 -49.50
CA ASN A 865 -47.36 -24.10 -49.48
C ASN A 865 -46.05 -23.34 -49.72
N HIS A 866 -45.06 -24.06 -50.23
CA HIS A 866 -43.76 -23.48 -50.61
C HIS A 866 -43.02 -22.80 -49.47
N ASN A 867 -43.16 -23.33 -48.27
CA ASN A 867 -42.35 -22.92 -47.14
C ASN A 867 -41.16 -23.85 -46.99
N VAL A 868 -40.04 -23.33 -46.52
CA VAL A 868 -38.84 -24.12 -46.34
C VAL A 868 -38.97 -25.00 -45.10
N LEU A 869 -39.11 -26.30 -45.31
CA LEU A 869 -39.18 -27.27 -44.23
C LEU A 869 -37.77 -27.57 -43.73
N LEU A 870 -37.67 -28.32 -42.63
CA LEU A 870 -36.38 -28.63 -42.00
C LEU A 870 -35.31 -29.09 -43.00
N LYS A 871 -35.63 -30.13 -43.76
CA LYS A 871 -34.71 -30.64 -44.78
C LYS A 871 -34.30 -29.51 -45.69
N GLY A 872 -35.21 -28.56 -45.89
CA GLY A 872 -34.92 -27.36 -46.64
C GLY A 872 -33.83 -26.54 -45.95
N ARG A 873 -33.97 -26.35 -44.64
CA ARG A 873 -32.99 -25.59 -43.87
C ARG A 873 -31.62 -26.24 -43.95
N VAL A 874 -31.57 -27.54 -43.71
CA VAL A 874 -30.29 -28.24 -43.75
C VAL A 874 -29.70 -28.19 -45.16
N ALA A 875 -30.54 -28.36 -46.18
CA ALA A 875 -30.08 -28.23 -47.56
C ALA A 875 -29.66 -26.80 -47.86
N CYS A 876 -30.31 -25.85 -47.20
CA CYS A 876 -30.05 -24.44 -47.42
C CYS A 876 -28.59 -24.11 -47.09
N GLU A 877 -28.00 -24.92 -46.22
CA GLU A 877 -26.66 -24.64 -45.68
C GLU A 877 -25.52 -25.14 -46.54
N ILE A 878 -25.81 -26.01 -47.51
CA ILE A 878 -24.78 -26.71 -48.28
C ILE A 878 -24.55 -26.14 -49.67
N ASN A 879 -23.36 -25.63 -49.92
CA ASN A 879 -23.04 -24.99 -51.19
C ASN A 879 -22.61 -25.96 -52.28
N SER A 880 -21.77 -26.93 -51.93
CA SER A 880 -21.28 -27.91 -52.90
C SER A 880 -22.45 -28.58 -53.64
N GLY A 881 -22.37 -28.57 -54.96
CA GLY A 881 -23.49 -28.86 -55.85
C GLY A 881 -24.53 -29.90 -55.45
N TYR A 882 -24.10 -30.92 -54.69
CA TYR A 882 -24.96 -32.07 -54.43
C TYR A 882 -25.64 -31.93 -53.08
N GLU A 883 -26.33 -30.80 -52.90
CA GLU A 883 -26.99 -30.51 -51.63
C GLU A 883 -28.07 -31.53 -51.29
N LEU A 884 -28.92 -31.84 -52.26
CA LEU A 884 -30.07 -32.73 -52.02
C LEU A 884 -29.65 -34.09 -51.46
N VAL A 885 -28.58 -34.64 -52.02
CA VAL A 885 -28.09 -35.96 -51.64
C VAL A 885 -27.46 -35.95 -50.24
N LEU A 886 -26.45 -35.10 -50.08
CA LEU A 886 -25.76 -34.95 -48.81
C LEU A 886 -26.78 -34.71 -47.70
N THR A 887 -27.68 -33.77 -47.94
CA THR A 887 -28.71 -33.43 -46.97
C THR A 887 -29.39 -34.68 -46.42
N GLU A 888 -29.75 -35.60 -47.30
CA GLU A 888 -30.41 -36.82 -46.87
C GLU A 888 -29.44 -37.77 -46.18
N LEU A 889 -28.22 -37.86 -46.70
CA LEU A 889 -27.19 -38.70 -46.08
C LEU A 889 -26.95 -38.30 -44.62
N ILE A 890 -26.82 -37.00 -44.34
CA ILE A 890 -26.52 -36.54 -42.97
C ILE A 890 -27.76 -36.36 -42.10
N LEU A 891 -28.93 -36.72 -42.62
CA LEU A 891 -30.17 -36.53 -41.87
C LEU A 891 -30.45 -37.66 -40.89
N ASP A 892 -30.44 -38.90 -41.38
CA ASP A 892 -30.65 -40.05 -40.51
C ASP A 892 -29.40 -40.35 -39.71
N ASN A 893 -29.49 -41.32 -38.80
CA ASN A 893 -28.36 -41.68 -37.96
C ASN A 893 -27.44 -42.70 -38.61
N PHE A 894 -27.40 -42.70 -39.94
CA PHE A 894 -26.56 -43.64 -40.67
C PHE A 894 -25.08 -43.42 -40.42
N LEU A 895 -24.68 -42.16 -40.34
CA LEU A 895 -23.28 -41.82 -40.05
C LEU A 895 -23.00 -41.87 -38.56
N GLY A 896 -23.97 -42.33 -37.77
CA GLY A 896 -23.81 -42.39 -36.33
C GLY A 896 -22.69 -43.34 -35.92
N SER A 897 -22.58 -44.46 -36.64
CA SER A 897 -21.59 -45.47 -36.32
C SER A 897 -20.30 -45.27 -37.12
N PHE A 898 -20.11 -44.07 -37.67
CA PHE A 898 -18.95 -43.78 -38.49
C PHE A 898 -17.91 -42.97 -37.75
N GLU A 899 -16.65 -43.31 -37.94
CA GLU A 899 -15.56 -42.54 -37.38
C GLU A 899 -15.44 -41.24 -38.15
N PRO A 900 -14.94 -40.17 -37.51
CA PRO A 900 -14.79 -38.90 -38.23
C PRO A 900 -13.82 -39.07 -39.39
N GLU A 901 -12.74 -39.79 -39.11
CA GLU A 901 -11.76 -40.10 -40.14
C GLU A 901 -12.44 -40.79 -41.31
N GLU A 902 -13.44 -41.60 -41.01
CA GLU A 902 -14.19 -42.30 -42.05
C GLU A 902 -15.11 -41.33 -42.79
N ILE A 903 -15.92 -40.60 -42.05
CA ILE A 903 -16.84 -39.64 -42.64
C ILE A 903 -16.13 -38.72 -43.63
N VAL A 904 -15.07 -38.06 -43.18
CA VAL A 904 -14.36 -37.09 -44.02
C VAL A 904 -13.85 -37.75 -45.30
N ALA A 905 -13.48 -39.02 -45.21
CA ALA A 905 -13.05 -39.78 -46.36
C ALA A 905 -14.25 -40.06 -47.25
N LEU A 906 -15.37 -40.43 -46.63
CA LEU A 906 -16.58 -40.79 -47.37
C LEU A 906 -17.06 -39.60 -48.17
N LEU A 907 -16.97 -38.41 -47.58
CA LEU A 907 -17.44 -37.20 -48.25
C LEU A 907 -16.55 -36.78 -49.44
N SER A 908 -15.47 -37.51 -49.66
CA SER A 908 -14.56 -37.19 -50.76
C SER A 908 -15.26 -37.26 -52.11
N VAL A 909 -16.39 -37.98 -52.14
CA VAL A 909 -17.08 -38.22 -53.40
C VAL A 909 -17.72 -36.94 -53.92
N PHE A 910 -18.08 -36.03 -53.02
CA PHE A 910 -18.77 -34.80 -53.44
C PHE A 910 -17.81 -33.73 -53.92
N VAL A 911 -16.53 -34.07 -54.03
CA VAL A 911 -15.49 -33.11 -54.42
C VAL A 911 -14.55 -33.64 -55.49
N TYR A 912 -14.42 -34.96 -55.60
CA TYR A 912 -13.53 -35.55 -56.59
C TYR A 912 -14.20 -35.61 -57.96
N GLU A 913 -13.51 -35.14 -58.98
CA GLU A 913 -14.02 -35.16 -60.35
C GLU A 913 -14.35 -36.59 -60.76
N GLY A 914 -13.42 -37.51 -60.49
CA GLY A 914 -13.65 -38.92 -60.73
C GLY A 914 -13.04 -39.40 -62.04
N LYS A 915 -12.27 -38.53 -62.70
CA LYS A 915 -11.69 -38.86 -63.99
C LYS A 915 -10.27 -39.40 -63.85
N THR A 916 -10.16 -40.65 -63.40
CA THR A 916 -8.87 -41.31 -63.24
C THR A 916 -8.73 -42.50 -64.19
N ARG A 917 -7.52 -42.67 -64.72
CA ARG A 917 -7.23 -43.76 -65.63
C ARG A 917 -7.04 -45.05 -64.84
N GLU A 918 -6.41 -44.93 -63.69
CA GLU A 918 -6.09 -46.10 -62.85
C GLU A 918 -7.36 -46.76 -62.33
N GLU A 919 -7.20 -47.97 -61.79
CA GLU A 919 -8.32 -48.76 -61.29
C GLU A 919 -8.63 -48.42 -59.84
N GLU A 920 -9.87 -48.62 -59.44
CA GLU A 920 -10.26 -48.36 -58.06
C GLU A 920 -9.65 -49.41 -57.13
N PRO A 921 -8.90 -48.97 -56.11
CA PRO A 921 -8.40 -49.92 -55.12
C PRO A 921 -9.49 -50.33 -54.13
N PRO A 922 -9.30 -51.44 -53.41
CA PRO A 922 -10.33 -51.94 -52.49
C PRO A 922 -10.63 -50.98 -51.34
N ILE A 923 -11.89 -50.90 -50.92
CA ILE A 923 -12.28 -50.01 -49.84
C ILE A 923 -11.53 -50.37 -48.54
N VAL A 924 -10.89 -49.36 -47.94
CA VAL A 924 -9.96 -49.56 -46.83
C VAL A 924 -10.64 -50.09 -45.57
N THR A 925 -11.94 -49.83 -45.40
CA THR A 925 -12.68 -50.38 -44.27
C THR A 925 -14.14 -50.56 -44.63
N PRO A 926 -14.75 -51.67 -44.17
CA PRO A 926 -16.13 -52.00 -44.56
C PRO A 926 -17.13 -50.84 -44.49
N ARG A 927 -17.06 -50.01 -43.46
CA ARG A 927 -18.03 -48.94 -43.32
C ARG A 927 -17.89 -47.92 -44.44
N LEU A 928 -16.69 -47.80 -45.00
CA LEU A 928 -16.51 -46.93 -46.15
C LEU A 928 -17.24 -47.50 -47.36
N ALA A 929 -17.12 -48.80 -47.56
CA ALA A 929 -17.87 -49.46 -48.62
C ALA A 929 -19.37 -49.24 -48.39
N LYS A 930 -19.81 -49.45 -47.16
CA LYS A 930 -21.22 -49.29 -46.81
C LYS A 930 -21.70 -47.87 -47.13
N GLY A 931 -20.92 -46.88 -46.72
CA GLY A 931 -21.22 -45.49 -47.02
C GLY A 931 -21.35 -45.28 -48.52
N LYS A 932 -20.38 -45.80 -49.27
CA LYS A 932 -20.43 -45.74 -50.73
C LYS A 932 -21.77 -46.27 -51.24
N GLN A 933 -22.15 -47.45 -50.75
CA GLN A 933 -23.44 -48.04 -51.08
C GLN A 933 -24.59 -47.07 -50.79
N ARG A 934 -24.61 -46.53 -49.57
CA ARG A 934 -25.66 -45.61 -49.14
C ARG A 934 -25.78 -44.41 -50.08
N ILE A 935 -24.66 -43.75 -50.36
CA ILE A 935 -24.66 -42.62 -51.27
C ILE A 935 -25.17 -43.04 -52.65
N GLU A 936 -24.70 -44.18 -53.14
CA GLU A 936 -25.17 -44.68 -54.43
C GLU A 936 -26.70 -44.83 -54.45
N GLU A 937 -27.25 -45.47 -53.41
CA GLU A 937 -28.71 -45.57 -53.30
C GLU A 937 -29.39 -44.19 -53.35
N ILE A 938 -28.99 -43.31 -52.45
CA ILE A 938 -29.62 -42.00 -52.36
C ILE A 938 -29.53 -41.24 -53.68
N TYR A 939 -28.36 -41.30 -54.30
CA TYR A 939 -28.15 -40.61 -55.57
C TYR A 939 -29.01 -41.22 -56.68
N LYS A 940 -29.15 -42.54 -56.67
CA LYS A 940 -30.06 -43.19 -57.60
C LYS A 940 -31.47 -42.64 -57.43
N LYS A 941 -31.95 -42.63 -56.18
CA LYS A 941 -33.28 -42.09 -55.89
C LYS A 941 -33.43 -40.66 -56.40
N MET A 942 -32.47 -39.80 -56.09
CA MET A 942 -32.51 -38.43 -56.56
C MET A 942 -32.51 -38.34 -58.10
N LEU A 943 -31.68 -39.14 -58.74
CA LEU A 943 -31.65 -39.14 -60.20
C LEU A 943 -33.00 -39.51 -60.77
N CYS A 944 -33.62 -40.52 -60.17
CA CYS A 944 -34.95 -40.92 -60.59
C CYS A 944 -35.93 -39.74 -60.45
N VAL A 945 -36.04 -39.18 -59.24
CA VAL A 945 -36.99 -38.08 -59.04
C VAL A 945 -36.64 -36.84 -59.87
N PHE A 946 -35.38 -36.71 -60.27
CA PHE A 946 -35.00 -35.65 -61.20
C PHE A 946 -35.59 -35.95 -62.58
N ASN A 947 -35.30 -37.14 -63.08
CA ASN A 947 -35.78 -37.52 -64.41
C ASN A 947 -37.29 -37.72 -64.45
N THR A 948 -37.91 -37.85 -63.28
CA THR A 948 -39.38 -37.85 -63.20
C THR A 948 -39.92 -36.52 -63.66
N HIS A 949 -39.59 -35.47 -62.91
CA HIS A 949 -40.06 -34.12 -63.21
C HIS A 949 -39.29 -33.50 -64.37
N GLN A 950 -38.33 -34.26 -64.90
CA GLN A 950 -37.67 -33.91 -66.15
C GLN A 950 -36.89 -32.60 -66.06
N ILE A 951 -35.91 -32.55 -65.18
CA ILE A 951 -34.97 -31.44 -65.14
C ILE A 951 -33.79 -31.77 -66.04
N PRO A 952 -33.27 -30.78 -66.78
CA PRO A 952 -32.04 -31.01 -67.55
C PRO A 952 -30.81 -31.12 -66.66
N LEU A 953 -30.04 -32.19 -66.82
CA LEU A 953 -28.87 -32.45 -66.00
C LEU A 953 -27.58 -31.90 -66.62
N THR A 954 -26.56 -31.77 -65.78
CA THR A 954 -25.23 -31.39 -66.24
C THR A 954 -24.38 -32.64 -66.38
N GLN A 955 -23.24 -32.51 -67.08
CA GLN A 955 -22.35 -33.64 -67.31
C GLN A 955 -21.92 -34.28 -65.99
N ASP A 956 -21.76 -33.44 -64.97
CA ASP A 956 -21.36 -33.93 -63.66
C ASP A 956 -22.45 -34.76 -63.01
N GLU A 957 -23.69 -34.28 -63.14
CA GLU A 957 -24.82 -34.95 -62.52
C GLU A 957 -25.09 -36.29 -63.17
N ALA A 958 -25.01 -36.33 -64.50
CA ALA A 958 -25.32 -37.55 -65.23
C ALA A 958 -24.29 -38.63 -64.96
N GLU A 959 -23.01 -38.28 -65.09
CA GLU A 959 -21.93 -39.26 -64.97
C GLU A 959 -21.44 -39.40 -63.53
N PHE A 960 -22.22 -38.89 -62.57
CA PHE A 960 -21.84 -38.96 -61.17
C PHE A 960 -21.63 -40.40 -60.72
N LEU A 961 -22.58 -41.27 -61.06
CA LEU A 961 -22.44 -42.68 -60.73
C LEU A 961 -21.58 -43.38 -61.77
N ASP A 962 -21.71 -42.96 -63.02
CA ASP A 962 -20.96 -43.58 -64.12
C ASP A 962 -19.45 -43.45 -63.94
N ARG A 963 -19.02 -42.25 -63.54
CA ARG A 963 -17.61 -42.01 -63.31
C ARG A 963 -17.16 -42.58 -61.97
N LYS A 964 -15.85 -42.69 -61.78
CA LYS A 964 -15.26 -43.29 -60.58
C LYS A 964 -14.90 -42.21 -59.57
N ARG A 965 -15.89 -41.76 -58.79
CA ARG A 965 -15.68 -40.65 -57.86
C ARG A 965 -15.16 -41.07 -56.50
N PHE A 966 -15.30 -42.34 -56.15
CA PHE A 966 -14.89 -42.81 -54.82
C PHE A 966 -13.41 -43.18 -54.75
N ALA A 967 -12.71 -43.06 -55.88
CA ALA A 967 -11.32 -43.52 -55.99
C ALA A 967 -10.38 -42.87 -54.98
N MET A 968 -10.81 -41.79 -54.36
CA MET A 968 -9.94 -41.03 -53.46
C MET A 968 -10.20 -41.30 -51.98
N MET A 969 -11.17 -42.16 -51.69
CA MET A 969 -11.60 -42.37 -50.31
C MET A 969 -10.49 -42.85 -49.39
N ASN A 970 -9.85 -43.96 -49.75
CA ASN A 970 -8.79 -44.52 -48.92
C ASN A 970 -7.73 -43.46 -48.66
N VAL A 971 -7.43 -42.69 -49.69
CA VAL A 971 -6.40 -41.66 -49.64
C VAL A 971 -6.73 -40.62 -48.57
N VAL A 972 -7.91 -40.02 -48.68
CA VAL A 972 -8.37 -39.06 -47.69
C VAL A 972 -8.38 -39.71 -46.31
N TYR A 973 -8.83 -40.96 -46.26
CA TYR A 973 -8.92 -41.69 -45.00
C TYR A 973 -7.55 -41.75 -44.32
N GLU A 974 -6.56 -42.34 -44.99
CA GLU A 974 -5.22 -42.43 -44.44
C GLU A 974 -4.69 -41.04 -44.11
N TRP A 975 -5.04 -40.05 -44.92
CA TRP A 975 -4.66 -38.69 -44.58
C TRP A 975 -5.30 -38.26 -43.27
N ALA A 976 -6.56 -38.61 -43.07
CA ALA A 976 -7.28 -38.23 -41.86
C ALA A 976 -6.67 -38.97 -40.68
N ARG A 977 -6.21 -40.19 -40.93
CA ARG A 977 -5.61 -41.02 -39.89
C ARG A 977 -4.16 -40.63 -39.62
N GLY A 978 -3.62 -39.73 -40.45
CA GLY A 978 -2.38 -39.03 -40.14
C GLY A 978 -1.14 -39.45 -40.91
N LEU A 979 -1.32 -40.15 -42.02
CA LEU A 979 -0.17 -40.64 -42.79
C LEU A 979 0.57 -39.51 -43.54
N SER A 980 1.89 -39.65 -43.63
CA SER A 980 2.76 -38.63 -44.24
C SER A 980 2.46 -38.44 -45.73
N PHE A 981 2.72 -37.25 -46.26
CA PHE A 981 2.36 -36.94 -47.64
C PHE A 981 3.07 -37.83 -48.67
N LYS A 982 4.29 -38.22 -48.37
CA LYS A 982 5.06 -39.09 -49.25
C LYS A 982 4.32 -40.40 -49.48
N GLU A 983 3.90 -41.03 -48.38
CA GLU A 983 3.22 -42.31 -48.45
C GLU A 983 1.89 -42.19 -49.19
N ILE A 984 1.03 -41.30 -48.70
CA ILE A 984 -0.25 -41.05 -49.34
C ILE A 984 -0.06 -40.78 -50.83
N MET A 985 1.02 -40.09 -51.20
CA MET A 985 1.31 -39.92 -52.61
C MET A 985 1.64 -41.23 -53.29
N GLU A 986 2.56 -41.99 -52.71
CA GLU A 986 2.87 -43.33 -53.23
C GLU A 986 1.59 -44.16 -53.32
N MET A 987 0.61 -43.79 -52.51
CA MET A 987 -0.67 -44.48 -52.46
C MET A 987 -1.72 -43.97 -53.44
N SER A 988 -1.86 -42.64 -53.57
CA SER A 988 -3.02 -42.05 -54.26
C SER A 988 -3.08 -42.35 -55.74
N PRO A 989 -4.29 -42.62 -56.27
CA PRO A 989 -4.46 -42.91 -57.70
C PRO A 989 -4.31 -41.66 -58.53
N GLU A 990 -4.90 -40.58 -58.05
CA GLU A 990 -4.76 -39.29 -58.72
C GLU A 990 -3.43 -38.65 -58.30
N ALA A 991 -2.95 -37.70 -59.09
CA ALA A 991 -1.62 -37.12 -58.88
C ALA A 991 -1.58 -36.07 -57.76
N GLU A 992 -0.40 -35.51 -57.52
CA GLU A 992 -0.12 -34.67 -56.35
C GLU A 992 -1.05 -33.47 -56.17
N GLY A 993 -1.12 -32.63 -57.19
CA GLY A 993 -1.87 -31.38 -57.11
C GLY A 993 -3.33 -31.56 -56.76
N THR A 994 -3.92 -32.65 -57.23
CA THR A 994 -5.34 -32.88 -57.04
C THR A 994 -5.66 -33.31 -55.61
N VAL A 995 -4.79 -34.14 -55.04
CA VAL A 995 -4.94 -34.59 -53.66
C VAL A 995 -5.16 -33.37 -52.77
N VAL A 996 -4.27 -32.40 -52.92
CA VAL A 996 -4.36 -31.11 -52.23
C VAL A 996 -5.75 -30.54 -52.42
N ARG A 997 -6.18 -30.44 -53.68
CA ARG A 997 -7.47 -29.87 -54.03
C ARG A 997 -8.59 -30.53 -53.24
N VAL A 998 -8.63 -31.86 -53.28
CA VAL A 998 -9.67 -32.62 -52.61
C VAL A 998 -9.64 -32.40 -51.10
N ILE A 999 -8.51 -32.74 -50.49
CA ILE A 999 -8.38 -32.62 -49.04
C ILE A 999 -8.70 -31.20 -48.61
N THR A 1000 -8.35 -30.23 -49.45
CA THR A 1000 -8.64 -28.84 -49.16
C THR A 1000 -10.15 -28.53 -49.21
N TRP A 1001 -10.82 -28.91 -50.30
CA TRP A 1001 -12.26 -28.69 -50.42
C TRP A 1001 -13.06 -29.37 -49.30
N LEU A 1002 -12.56 -30.51 -48.85
CA LEU A 1002 -13.20 -31.22 -47.75
C LEU A 1002 -13.31 -30.40 -46.46
N ASP A 1003 -12.46 -29.41 -46.27
CA ASP A 1003 -12.57 -28.53 -45.12
C ASP A 1003 -13.93 -27.83 -45.21
N GLU A 1004 -14.19 -27.20 -46.35
CA GLU A 1004 -15.45 -26.50 -46.58
C GLU A 1004 -16.60 -27.47 -46.42
N ILE A 1005 -16.48 -28.64 -47.04
CA ILE A 1005 -17.54 -29.63 -46.90
C ILE A 1005 -17.83 -29.89 -45.43
N CYS A 1006 -16.77 -30.23 -44.69
CA CYS A 1006 -16.90 -30.50 -43.27
C CYS A 1006 -17.58 -29.37 -42.55
N ARG A 1007 -17.15 -28.13 -42.81
CA ARG A 1007 -17.83 -26.97 -42.23
C ARG A 1007 -19.33 -26.96 -42.53
N GLU A 1008 -19.71 -27.15 -43.78
CA GLU A 1008 -21.13 -27.20 -44.12
C GLU A 1008 -21.83 -28.26 -43.29
N VAL A 1009 -21.31 -29.48 -43.34
CA VAL A 1009 -21.88 -30.59 -42.55
C VAL A 1009 -21.85 -30.25 -41.05
N LYS A 1010 -20.84 -29.50 -40.64
CA LYS A 1010 -20.71 -29.06 -39.25
C LYS A 1010 -21.86 -28.14 -38.87
N THR A 1011 -22.20 -27.18 -39.74
CA THR A 1011 -23.35 -26.32 -39.48
C THR A 1011 -24.66 -27.09 -39.53
N ALA A 1012 -24.78 -27.95 -40.52
CA ALA A 1012 -25.99 -28.75 -40.72
C ALA A 1012 -26.45 -29.40 -39.42
N SER A 1013 -25.53 -30.10 -38.77
CA SER A 1013 -25.88 -30.91 -37.60
C SER A 1013 -26.39 -30.04 -36.45
N ILE A 1014 -25.96 -28.79 -36.41
CA ILE A 1014 -26.45 -27.85 -35.40
C ILE A 1014 -27.94 -27.60 -35.62
N ILE A 1015 -28.39 -27.76 -36.87
CA ILE A 1015 -29.80 -27.65 -37.22
C ILE A 1015 -30.50 -29.00 -37.07
N ILE A 1016 -29.83 -30.06 -37.52
CA ILE A 1016 -30.40 -31.41 -37.46
C ILE A 1016 -30.70 -31.81 -36.01
N GLY A 1017 -29.87 -31.32 -35.09
CA GLY A 1017 -30.01 -31.68 -33.68
C GLY A 1017 -29.03 -32.77 -33.27
N ASN A 1018 -28.15 -33.15 -34.19
CA ASN A 1018 -27.17 -34.20 -33.95
C ASN A 1018 -25.84 -33.61 -33.51
N SER A 1019 -25.71 -33.36 -32.21
CA SER A 1019 -24.52 -32.70 -31.69
C SER A 1019 -23.26 -33.56 -31.85
N THR A 1020 -23.44 -34.87 -32.02
CA THR A 1020 -22.32 -35.78 -32.18
C THR A 1020 -21.60 -35.58 -33.52
N LEU A 1021 -22.39 -35.49 -34.59
CA LEU A 1021 -21.84 -35.28 -35.92
C LEU A 1021 -21.01 -34.02 -35.93
N HIS A 1022 -21.48 -33.02 -35.20
CA HIS A 1022 -20.76 -31.77 -35.05
C HIS A 1022 -19.33 -32.05 -34.58
N MET A 1023 -19.21 -32.74 -33.46
CA MET A 1023 -17.91 -33.08 -32.90
C MET A 1023 -17.09 -33.86 -33.91
N LYS A 1024 -17.67 -34.90 -34.48
CA LYS A 1024 -16.95 -35.71 -35.44
C LYS A 1024 -16.37 -34.86 -36.57
N MET A 1025 -17.19 -33.98 -37.12
CA MET A 1025 -16.75 -33.15 -38.22
C MET A 1025 -15.65 -32.20 -37.77
N SER A 1026 -15.82 -31.59 -36.60
CA SER A 1026 -14.80 -30.68 -36.08
C SER A 1026 -13.47 -31.42 -35.89
N ARG A 1027 -13.56 -32.64 -35.36
CA ARG A 1027 -12.39 -33.49 -35.22
C ARG A 1027 -11.75 -33.69 -36.58
N ALA A 1028 -12.57 -34.06 -37.56
CA ALA A 1028 -12.09 -34.28 -38.91
C ALA A 1028 -11.39 -33.03 -39.47
N GLN A 1029 -11.99 -31.87 -39.25
CA GLN A 1029 -11.39 -30.61 -39.64
C GLN A 1029 -9.99 -30.52 -39.06
N GLU A 1030 -9.88 -30.60 -37.73
CA GLU A 1030 -8.57 -30.51 -37.11
C GLU A 1030 -7.62 -31.55 -37.69
N LEU A 1031 -8.14 -32.75 -37.95
CA LEU A 1031 -7.28 -33.85 -38.40
C LEU A 1031 -6.71 -33.67 -39.81
N ILE A 1032 -7.52 -33.23 -40.78
CA ILE A 1032 -7.03 -33.14 -42.17
C ILE A 1032 -6.16 -31.91 -42.43
N LYS A 1033 -6.34 -30.85 -41.66
CA LYS A 1033 -5.65 -29.59 -41.89
C LYS A 1033 -4.27 -29.60 -41.27
N ARG A 1034 -3.29 -30.09 -42.01
CA ARG A 1034 -1.93 -30.17 -41.51
C ARG A 1034 -0.92 -30.32 -42.63
N ASP A 1035 0.31 -29.88 -42.36
CA ASP A 1035 1.43 -30.10 -43.26
C ASP A 1035 1.18 -29.52 -44.64
N ILE A 1036 1.96 -29.99 -45.61
CA ILE A 1036 2.05 -29.39 -46.91
C ILE A 1036 0.71 -29.09 -47.55
N VAL A 1037 -0.27 -29.95 -47.27
CA VAL A 1037 -1.59 -29.80 -47.87
C VAL A 1037 -2.22 -28.47 -47.50
N PHE A 1038 -1.93 -27.98 -46.30
CA PHE A 1038 -2.51 -26.76 -45.80
C PHE A 1038 -1.43 -25.72 -45.45
N ALA A 1039 -0.27 -25.87 -46.07
CA ALA A 1039 0.83 -24.96 -45.85
C ALA A 1039 0.40 -23.54 -46.19
N ALA A 1040 1.10 -22.57 -45.62
CA ALA A 1040 0.82 -21.17 -45.88
C ALA A 1040 1.29 -20.79 -47.29
N SER A 1041 0.58 -19.85 -47.90
CA SER A 1041 0.99 -19.32 -49.19
C SER A 1041 2.31 -18.57 -49.07
N LEU A 1042 3.11 -18.58 -50.12
CA LEU A 1042 4.38 -17.85 -50.12
C LEU A 1042 4.14 -16.34 -50.29
N TYR A 1043 2.89 -15.97 -50.51
CA TYR A 1043 2.54 -14.57 -50.70
C TYR A 1043 2.17 -13.90 -49.38
N LEU A 1044 2.08 -14.69 -48.32
CA LEU A 1044 1.85 -14.15 -46.98
C LEU A 1044 3.16 -13.98 -46.21
N ASP B 3 33.26 -8.22 -158.91
CA ASP B 3 33.33 -7.13 -157.89
C ASP B 3 33.92 -5.86 -158.50
N SER B 4 33.27 -5.34 -159.53
CA SER B 4 33.76 -4.16 -160.23
C SER B 4 32.58 -3.33 -160.73
N MET B 5 32.86 -2.09 -161.13
CA MET B 5 31.83 -1.16 -161.59
C MET B 5 31.06 -1.73 -162.79
N SER B 6 31.79 -2.13 -163.82
CA SER B 6 31.20 -2.76 -164.99
C SER B 6 30.53 -4.07 -164.57
N ASP B 7 31.14 -4.76 -163.60
CA ASP B 7 30.59 -6.00 -163.06
C ASP B 7 29.23 -5.76 -162.39
N ILE B 8 29.16 -4.76 -161.52
CA ILE B 8 27.91 -4.42 -160.84
C ILE B 8 26.85 -3.98 -161.85
N LYS B 9 27.26 -3.15 -162.81
CA LYS B 9 26.36 -2.70 -163.87
C LYS B 9 25.74 -3.88 -164.62
N GLN B 10 26.61 -4.73 -165.14
CA GLN B 10 26.17 -5.91 -165.89
C GLN B 10 25.31 -6.83 -165.00
N LEU B 11 25.70 -6.96 -163.74
CA LEU B 11 24.95 -7.78 -162.78
C LEU B 11 23.54 -7.24 -162.59
N LEU B 12 23.42 -5.94 -162.37
CA LEU B 12 22.12 -5.32 -162.19
C LEU B 12 21.32 -5.43 -163.47
N LYS B 13 21.99 -5.31 -164.61
CA LYS B 13 21.33 -5.52 -165.90
C LYS B 13 20.69 -6.91 -165.90
N GLU B 14 21.49 -7.90 -165.52
CA GLU B 14 21.04 -9.28 -165.44
C GLU B 14 19.93 -9.44 -164.41
N ALA B 15 20.00 -8.65 -163.34
CA ALA B 15 18.96 -8.65 -162.32
C ALA B 15 17.64 -8.11 -162.89
N LYS B 16 17.67 -6.90 -163.45
CA LYS B 16 16.46 -6.24 -163.95
C LYS B 16 15.87 -6.98 -165.14
N GLN B 17 16.72 -7.50 -166.01
CA GLN B 17 16.26 -8.26 -167.17
C GLN B 17 15.54 -9.53 -166.71
N GLU B 18 16.01 -10.10 -165.60
CA GLU B 18 15.38 -11.29 -165.04
C GLU B 18 14.12 -10.92 -164.28
N LEU B 19 14.14 -9.80 -163.58
CA LEU B 19 12.93 -9.28 -162.95
C LEU B 19 11.85 -8.93 -163.98
N THR B 20 12.24 -8.41 -165.14
CA THR B 20 11.28 -8.10 -166.21
C THR B 20 10.58 -9.35 -166.74
N ASN B 21 11.24 -10.49 -166.61
CA ASN B 21 10.68 -11.77 -167.06
C ASN B 21 9.71 -12.37 -166.06
N ARG B 22 9.48 -11.66 -164.96
CA ARG B 22 8.59 -12.14 -163.91
C ARG B 22 9.16 -13.38 -163.21
N ASP B 23 10.49 -13.52 -163.27
CA ASP B 23 11.18 -14.56 -162.52
C ASP B 23 11.56 -14.00 -161.16
N TYR B 24 10.56 -13.80 -160.31
CA TYR B 24 10.73 -13.11 -159.04
C TYR B 24 11.69 -13.83 -158.08
N GLU B 25 11.58 -15.15 -158.03
CA GLU B 25 12.47 -15.97 -157.22
C GLU B 25 13.93 -15.79 -157.64
N GLU B 26 14.12 -15.47 -158.92
CA GLU B 26 15.45 -15.24 -159.47
C GLU B 26 15.96 -13.85 -159.09
N THR B 27 15.09 -12.85 -159.22
CA THR B 27 15.44 -11.46 -158.90
C THR B 27 15.79 -11.29 -157.44
N ILE B 28 14.96 -11.89 -156.57
CA ILE B 28 15.21 -11.86 -155.13
C ILE B 28 16.59 -12.45 -154.83
N GLU B 29 17.00 -13.42 -155.66
CA GLU B 29 18.28 -14.08 -155.50
C GLU B 29 19.44 -13.23 -156.03
N ILE B 30 19.27 -12.71 -157.24
CA ILE B 30 20.34 -11.96 -157.91
C ILE B 30 20.60 -10.61 -157.23
N SER B 31 19.53 -9.91 -156.88
CA SER B 31 19.65 -8.57 -156.30
C SER B 31 20.45 -8.57 -155.01
N GLU B 32 20.17 -9.53 -154.15
CA GLU B 32 20.88 -9.65 -152.88
C GLU B 32 22.39 -9.76 -153.08
N LYS B 33 22.80 -10.47 -154.12
CA LYS B 33 24.22 -10.63 -154.42
C LYS B 33 24.89 -9.29 -154.70
N VAL B 34 24.28 -8.50 -155.58
CA VAL B 34 24.78 -7.17 -155.90
C VAL B 34 24.80 -6.32 -154.64
N LEU B 35 23.68 -6.32 -153.91
CA LEU B 35 23.60 -5.59 -152.65
C LEU B 35 24.68 -6.05 -151.68
N LYS B 36 25.05 -7.32 -151.79
CA LYS B 36 26.14 -7.86 -150.97
C LYS B 36 27.48 -7.33 -151.47
N LEU B 37 27.65 -7.26 -152.79
CA LEU B 37 28.85 -6.72 -153.39
C LEU B 37 28.98 -5.24 -153.06
N ASP B 38 27.99 -4.45 -153.45
CA ASP B 38 27.96 -3.03 -153.14
C ASP B 38 26.98 -2.81 -151.99
N PRO B 39 27.49 -2.53 -150.77
CA PRO B 39 26.68 -2.40 -149.55
C PRO B 39 25.34 -1.67 -149.75
N ASP B 40 25.38 -0.56 -150.48
CA ASP B 40 24.19 0.24 -150.76
C ASP B 40 24.08 0.52 -152.25
N ASN B 41 22.95 0.15 -152.84
CA ASN B 41 22.72 0.35 -154.26
C ASN B 41 21.26 0.73 -154.50
N TYR B 42 21.05 1.91 -155.09
CA TYR B 42 19.70 2.44 -155.23
C TYR B 42 18.77 1.48 -155.98
N PHE B 43 19.28 0.86 -157.04
CA PHE B 43 18.47 0.02 -157.91
C PHE B 43 18.23 -1.38 -157.32
N ALA B 44 19.31 -2.00 -156.85
CA ALA B 44 19.25 -3.33 -156.27
C ALA B 44 18.18 -3.40 -155.20
N HIS B 45 18.12 -2.37 -154.35
CA HIS B 45 17.15 -2.31 -153.27
C HIS B 45 15.72 -2.28 -153.81
N ILE B 46 15.48 -1.51 -154.87
CA ILE B 46 14.16 -1.45 -155.48
C ILE B 46 13.78 -2.81 -156.05
N PHE B 47 14.66 -3.39 -156.86
CA PHE B 47 14.38 -4.71 -157.44
C PHE B 47 14.10 -5.72 -156.34
N LEU B 48 14.95 -5.70 -155.31
CA LEU B 48 14.78 -6.58 -154.17
C LEU B 48 13.40 -6.38 -153.54
N GLY B 49 13.05 -5.13 -153.30
CA GLY B 49 11.76 -4.79 -152.71
C GLY B 49 10.59 -5.30 -153.53
N LYS B 50 10.49 -4.86 -154.78
CA LYS B 50 9.38 -5.25 -155.64
C LYS B 50 9.32 -6.76 -155.82
N ALA B 51 10.48 -7.36 -156.08
CA ALA B 51 10.57 -8.80 -156.29
C ALA B 51 10.14 -9.59 -155.06
N LEU B 52 10.59 -9.16 -153.87
CA LEU B 52 10.18 -9.84 -152.65
C LEU B 52 8.70 -9.65 -152.37
N SER B 53 8.22 -8.42 -152.52
CA SER B 53 6.81 -8.12 -152.29
C SER B 53 5.93 -8.99 -153.17
N SER B 54 6.27 -9.05 -154.46
CA SER B 54 5.46 -9.82 -155.41
C SER B 54 5.60 -11.34 -155.25
N LEU B 55 6.65 -11.78 -154.58
CA LEU B 55 6.87 -13.21 -154.34
C LEU B 55 5.68 -13.81 -153.60
N PRO B 56 4.99 -14.79 -154.22
CA PRO B 56 3.77 -15.37 -153.64
C PRO B 56 3.91 -15.83 -152.19
N ALA B 57 2.78 -15.92 -151.50
CA ALA B 57 2.75 -16.30 -150.09
C ALA B 57 1.87 -17.53 -149.87
N SER B 58 2.48 -18.61 -149.40
CA SER B 58 1.72 -19.81 -149.06
C SER B 58 0.87 -19.58 -147.81
N ASN B 59 1.28 -18.60 -147.00
CA ASN B 59 0.56 -18.29 -145.76
C ASN B 59 0.76 -16.85 -145.30
N ASN B 60 0.16 -16.52 -144.15
CA ASN B 60 0.20 -15.17 -143.61
C ASN B 60 1.54 -14.77 -143.00
N VAL B 61 2.14 -15.69 -142.25
CA VAL B 61 3.43 -15.43 -141.61
C VAL B 61 4.51 -15.14 -142.65
N SER B 62 4.57 -15.97 -143.69
CA SER B 62 5.53 -15.80 -144.76
C SER B 62 5.27 -14.47 -145.46
N SER B 63 4.02 -14.20 -145.80
CA SER B 63 3.64 -12.95 -146.43
C SER B 63 4.09 -11.77 -145.57
N ASN B 64 3.84 -11.85 -144.28
CA ASN B 64 4.19 -10.79 -143.34
C ASN B 64 5.70 -10.55 -143.33
N ARG B 65 6.47 -11.59 -143.03
CA ARG B 65 7.92 -11.47 -142.97
C ARG B 65 8.48 -10.98 -144.31
N ASN B 66 8.03 -11.64 -145.37
CA ASN B 66 8.43 -11.31 -146.74
C ASN B 66 8.14 -9.85 -147.06
N LEU B 67 6.95 -9.38 -146.72
CA LEU B 67 6.54 -8.02 -147.07
C LEU B 67 7.19 -6.97 -146.17
N GLU B 68 7.49 -7.33 -144.92
CA GLU B 68 8.25 -6.43 -144.06
C GLU B 68 9.64 -6.26 -144.65
N ARG B 69 10.28 -7.37 -144.97
CA ARG B 69 11.59 -7.34 -145.62
C ARG B 69 11.53 -6.51 -146.90
N ALA B 70 10.50 -6.75 -147.70
CA ALA B 70 10.26 -5.97 -148.90
C ALA B 70 10.10 -4.49 -148.58
N THR B 71 9.36 -4.21 -147.51
CA THR B 71 9.07 -2.84 -147.10
C THR B 71 10.35 -2.10 -146.72
N ASN B 72 11.23 -2.77 -145.99
CA ASN B 72 12.49 -2.16 -145.55
C ASN B 72 13.37 -1.64 -146.69
N HIS B 73 13.59 -2.46 -147.72
CA HIS B 73 14.55 -2.11 -148.77
C HIS B 73 14.09 -0.92 -149.61
N TYR B 74 12.77 -0.76 -149.78
CA TYR B 74 12.26 0.44 -150.47
C TYR B 74 12.62 1.69 -149.69
N VAL B 75 12.31 1.66 -148.39
CA VAL B 75 12.60 2.78 -147.50
C VAL B 75 14.10 3.09 -147.50
N SER B 76 14.91 2.05 -147.41
CA SER B 76 16.36 2.22 -147.49
C SER B 76 16.75 2.84 -148.83
N ALA B 77 16.13 2.37 -149.91
CA ALA B 77 16.39 2.90 -151.25
C ALA B 77 15.95 4.36 -151.35
N ALA B 78 14.87 4.70 -150.66
CA ALA B 78 14.34 6.05 -150.67
C ALA B 78 15.21 6.97 -149.82
N LYS B 79 15.73 6.44 -148.71
CA LYS B 79 16.60 7.20 -147.85
C LYS B 79 17.94 7.45 -148.53
N LEU B 80 18.46 6.41 -149.20
CA LEU B 80 19.74 6.52 -149.89
C LEU B 80 19.73 7.67 -150.91
N VAL B 81 18.73 7.66 -151.78
CA VAL B 81 18.58 8.68 -152.82
C VAL B 81 17.36 9.56 -152.54
N PRO B 82 17.57 10.85 -152.21
CA PRO B 82 16.45 11.69 -151.78
C PRO B 82 15.35 11.93 -152.83
N ASP B 83 15.74 12.22 -154.07
CA ASP B 83 14.82 12.75 -155.08
C ASP B 83 14.42 11.75 -156.17
N ASN B 84 14.95 10.52 -156.09
CA ASN B 84 14.67 9.51 -157.11
C ASN B 84 13.26 8.92 -156.96
N LEU B 85 12.42 9.18 -157.95
CA LEU B 85 10.99 8.85 -157.87
C LEU B 85 10.68 7.37 -158.05
N LEU B 86 11.60 6.62 -158.65
CA LEU B 86 11.36 5.19 -158.88
C LEU B 86 11.12 4.47 -157.56
N ALA B 87 12.05 4.62 -156.63
CA ALA B 87 11.94 4.02 -155.30
C ALA B 87 10.64 4.41 -154.61
N TRP B 88 10.40 5.71 -154.53
CA TRP B 88 9.22 6.26 -153.86
C TRP B 88 7.91 5.76 -154.49
N LYS B 89 7.76 6.04 -155.78
CA LYS B 89 6.59 5.63 -156.54
C LYS B 89 6.36 4.14 -156.38
N GLY B 90 7.45 3.37 -156.39
CA GLY B 90 7.37 1.94 -156.13
C GLY B 90 6.96 1.66 -154.70
N LEU B 91 7.43 2.48 -153.76
CA LEU B 91 7.16 2.27 -152.35
C LEU B 91 5.68 2.45 -152.03
N PHE B 92 5.11 3.58 -152.45
CA PHE B 92 3.73 3.90 -152.10
C PHE B 92 2.71 2.97 -152.76
N LEU B 93 3.05 2.47 -153.94
CA LEU B 93 2.21 1.48 -154.60
C LEU B 93 2.09 0.27 -153.67
N LEU B 94 3.14 0.04 -152.90
CA LEU B 94 3.15 -1.06 -151.93
C LEU B 94 2.24 -0.73 -150.76
N PHE B 95 2.17 0.54 -150.38
CA PHE B 95 1.26 0.97 -149.33
C PHE B 95 -0.18 0.79 -149.79
N ARG B 96 -0.45 1.19 -151.03
CA ARG B 96 -1.77 1.03 -151.61
C ARG B 96 -2.10 -0.44 -151.83
N THR B 97 -1.09 -1.22 -152.22
CA THR B 97 -1.26 -2.64 -152.53
C THR B 97 -1.53 -3.47 -151.28
N THR B 98 -0.79 -3.20 -150.21
CA THR B 98 -0.92 -3.97 -148.97
C THR B 98 -1.52 -3.10 -147.87
N GLU B 99 -2.73 -3.48 -147.42
CA GLU B 99 -3.41 -2.74 -146.37
C GLU B 99 -2.67 -2.89 -145.05
N VAL B 100 -1.89 -3.97 -144.93
CA VAL B 100 -1.13 -4.21 -143.72
C VAL B 100 0.00 -3.20 -143.58
N VAL B 101 0.61 -2.82 -144.70
CA VAL B 101 1.81 -1.99 -144.72
C VAL B 101 1.71 -0.72 -143.86
N PRO B 102 0.66 0.09 -144.06
CA PRO B 102 0.49 1.26 -143.19
C PRO B 102 0.32 0.90 -141.71
N ASP B 103 -0.34 -0.22 -141.44
CA ASP B 103 -0.60 -0.63 -140.07
C ASP B 103 0.63 -1.21 -139.37
N ILE B 104 1.49 -1.89 -140.14
CA ILE B 104 2.73 -2.46 -139.59
C ILE B 104 3.80 -1.39 -139.40
N LEU B 105 3.93 -0.51 -140.38
CA LEU B 105 4.90 0.57 -140.29
C LEU B 105 4.35 1.60 -139.30
N SER B 106 5.24 2.18 -138.50
CA SER B 106 4.84 3.19 -137.54
C SER B 106 4.04 4.26 -138.27
N TYR B 107 2.82 4.52 -137.80
CA TYR B 107 1.95 5.51 -138.43
C TYR B 107 2.68 6.83 -138.68
N ASP B 108 3.57 7.18 -137.75
CA ASP B 108 4.40 8.37 -137.88
C ASP B 108 5.30 8.24 -139.11
N GLU B 109 5.91 7.07 -139.26
CA GLU B 109 6.88 6.86 -140.33
C GLU B 109 6.25 7.03 -141.71
N TYR B 110 4.98 6.66 -141.82
CA TYR B 110 4.24 6.80 -143.07
C TYR B 110 4.28 8.24 -143.56
N PHE B 111 3.68 9.13 -142.78
CA PHE B 111 3.67 10.55 -143.11
C PHE B 111 5.10 11.05 -143.23
N ASP B 112 5.99 10.55 -142.37
CA ASP B 112 7.40 10.88 -142.47
C ASP B 112 7.96 10.55 -143.84
N LEU B 113 7.51 9.46 -144.45
CA LEU B 113 7.91 9.13 -145.82
C LEU B 113 7.23 10.07 -146.81
N CYS B 114 5.95 10.31 -146.59
CA CYS B 114 5.17 11.19 -147.46
C CYS B 114 5.83 12.57 -147.59
N GLY B 115 6.20 13.15 -146.46
CA GLY B 115 6.79 14.47 -146.42
C GLY B 115 8.03 14.55 -147.28
N GLN B 116 8.81 13.48 -147.30
CA GLN B 116 9.99 13.41 -148.14
C GLN B 116 9.59 13.24 -149.59
N TYR B 117 8.61 12.37 -149.84
CA TYR B 117 8.06 12.20 -151.18
C TYR B 117 7.66 13.53 -151.83
N ALA B 118 6.81 14.28 -151.14
CA ALA B 118 6.23 15.50 -151.69
C ALA B 118 7.27 16.49 -152.20
N ASP B 119 8.40 16.56 -151.52
CA ASP B 119 9.47 17.49 -151.89
C ASP B 119 9.98 17.22 -153.30
N ALA B 120 10.21 15.95 -153.61
CA ALA B 120 10.65 15.54 -154.95
C ALA B 120 9.48 15.68 -155.92
N LEU B 121 8.31 15.22 -155.48
CA LEU B 121 7.10 15.29 -156.30
C LEU B 121 6.86 16.71 -156.79
N LEU B 122 7.13 17.69 -155.93
CA LEU B 122 6.95 19.09 -156.29
C LEU B 122 7.85 19.47 -157.46
N LYS B 123 9.12 19.10 -157.39
CA LYS B 123 10.07 19.42 -158.45
C LYS B 123 9.74 18.70 -159.76
N GLN B 124 9.37 17.43 -159.66
CA GLN B 124 9.08 16.61 -160.84
C GLN B 124 7.66 16.77 -161.39
N GLU B 125 6.67 16.66 -160.52
CA GLU B 125 5.26 16.70 -160.93
C GLU B 125 4.39 17.36 -159.87
N GLN B 128 0.35 15.68 -158.30
CA GLN B 128 0.58 15.31 -156.90
C GLN B 128 -0.74 15.01 -156.19
N VAL B 129 -1.81 14.91 -156.97
CA VAL B 129 -3.14 14.68 -156.42
C VAL B 129 -3.31 13.25 -155.92
N GLU B 130 -2.59 12.32 -156.54
CA GLU B 130 -2.63 10.91 -156.16
C GLU B 130 -2.29 10.74 -154.68
N LEU B 131 -1.23 11.40 -154.25
CA LEU B 131 -0.79 11.34 -152.86
C LEU B 131 -1.87 11.87 -151.92
N ILE B 132 -2.44 13.02 -152.27
CA ILE B 132 -3.45 13.65 -151.44
C ILE B 132 -4.71 12.78 -151.33
N ASN B 133 -5.20 12.31 -152.46
CA ASN B 133 -6.39 11.45 -152.47
C ASN B 133 -6.12 10.15 -151.70
N ASP B 134 -4.97 9.54 -152.00
CA ASP B 134 -4.57 8.28 -151.36
C ASP B 134 -4.46 8.43 -149.86
N ILE B 135 -3.83 9.51 -149.41
CA ILE B 135 -3.61 9.73 -147.98
C ILE B 135 -4.92 10.12 -147.28
N LYS B 136 -5.70 10.98 -147.92
CA LYS B 136 -7.00 11.36 -147.37
C LYS B 136 -7.86 10.12 -147.18
N LEU B 137 -7.86 9.26 -148.20
CA LEU B 137 -8.60 7.99 -148.15
C LEU B 137 -8.11 7.14 -147.00
N LEU B 138 -6.83 7.29 -146.68
CA LEU B 138 -6.21 6.57 -145.57
C LEU B 138 -6.71 7.15 -144.25
N LYS B 139 -6.74 8.46 -144.15
CA LYS B 139 -7.32 9.12 -142.98
C LYS B 139 -8.81 8.76 -142.80
N LYS B 140 -9.57 8.72 -143.89
CA LYS B 140 -10.99 8.37 -143.83
C LYS B 140 -11.22 6.88 -143.57
N THR B 141 -10.41 6.04 -144.21
CA THR B 141 -10.55 4.59 -144.10
C THR B 141 -10.13 4.14 -142.71
N HIS B 142 -8.89 4.47 -142.33
CA HIS B 142 -8.37 4.15 -141.01
C HIS B 142 -8.41 5.38 -140.10
N PRO B 143 -9.23 5.35 -139.04
CA PRO B 143 -9.40 6.54 -138.22
C PRO B 143 -8.44 6.64 -137.04
N ASP B 144 -7.70 5.57 -136.78
CA ASP B 144 -6.77 5.54 -135.65
C ASP B 144 -5.62 6.54 -135.80
N CYS B 145 -5.21 6.75 -137.05
CA CYS B 145 -4.03 7.55 -137.36
C CYS B 145 -4.28 9.05 -137.21
N GLN B 146 -5.51 9.42 -136.89
CA GLN B 146 -5.90 10.81 -136.76
C GLN B 146 -4.90 11.57 -135.89
N LYS B 147 -4.32 10.87 -134.92
CA LYS B 147 -3.30 11.44 -134.05
C LYS B 147 -2.09 11.91 -134.86
N ALA B 148 -1.65 11.07 -135.79
CA ALA B 148 -0.45 11.35 -136.57
C ALA B 148 -0.69 12.45 -137.61
N PHE B 149 -1.77 12.30 -138.38
CA PHE B 149 -2.12 13.23 -139.44
C PHE B 149 -2.10 14.68 -138.93
N TYR B 150 -2.71 14.89 -137.77
CA TYR B 150 -2.78 16.23 -137.20
C TYR B 150 -1.47 16.64 -136.54
N GLN B 151 -0.56 15.68 -136.31
CA GLN B 151 0.71 16.02 -135.70
C GLN B 151 1.60 16.72 -136.71
N HIS B 152 1.66 16.16 -137.92
CA HIS B 152 2.50 16.71 -138.98
C HIS B 152 1.77 17.78 -139.77
N LEU B 153 0.45 17.70 -139.83
CA LEU B 153 -0.35 18.72 -140.46
C LEU B 153 -0.17 20.05 -139.71
N LYS B 154 0.15 19.94 -138.42
CA LYS B 154 0.47 21.11 -137.61
C LYS B 154 1.67 21.82 -138.19
N PRO B 155 1.73 23.16 -138.08
CA PRO B 155 2.85 23.86 -138.70
C PRO B 155 4.21 23.45 -138.13
N GLY B 156 5.24 23.39 -138.98
CA GLY B 156 6.60 23.14 -138.54
C GLY B 156 7.16 21.77 -138.89
N SER B 157 6.45 21.05 -139.75
CA SER B 157 6.87 19.74 -140.24
C SER B 157 7.01 19.80 -141.76
N LEU B 158 7.84 18.93 -142.31
CA LEU B 158 8.08 18.86 -143.75
C LEU B 158 6.79 18.74 -144.55
N MET B 159 5.82 18.04 -143.95
CA MET B 159 4.51 17.86 -144.55
C MET B 159 3.67 19.12 -144.44
N ALA B 160 3.92 19.93 -143.41
CA ALA B 160 3.19 21.19 -143.23
C ALA B 160 3.44 22.10 -144.42
N GLU B 161 4.71 22.25 -144.80
CA GLU B 161 5.08 23.02 -145.97
C GLU B 161 4.72 22.25 -147.24
N THR B 162 5.01 20.95 -147.23
CA THR B 162 4.76 20.11 -148.40
C THR B 162 3.30 20.12 -148.85
N ILE B 163 2.41 19.64 -147.99
CA ILE B 163 1.00 19.54 -148.32
C ILE B 163 0.23 20.76 -147.82
N GLY B 164 -0.26 20.70 -146.60
CA GLY B 164 -0.98 21.81 -146.00
C GLY B 164 -2.30 22.11 -146.71
N ARG B 165 -2.88 21.07 -147.32
CA ARG B 165 -4.18 21.22 -147.98
C ARG B 165 -5.30 21.26 -146.96
N THR B 169 -7.07 24.50 -142.78
CA THR B 169 -6.07 25.38 -142.18
C THR B 169 -5.26 24.63 -141.15
N PRO B 170 -4.02 25.10 -140.91
CA PRO B 170 -3.17 24.44 -139.91
C PRO B 170 -3.69 24.65 -138.50
N GLN B 171 -4.27 25.82 -138.25
CA GLN B 171 -4.81 26.13 -136.94
C GLN B 171 -5.87 25.11 -136.53
N ASP B 172 -6.78 24.80 -137.47
CA ASP B 172 -7.81 23.81 -137.22
C ASP B 172 -7.16 22.44 -137.07
N ALA B 173 -6.29 22.12 -138.03
CA ALA B 173 -5.57 20.84 -138.06
C ALA B 173 -4.80 20.63 -136.77
N LEU B 174 -4.37 21.72 -136.15
CA LEU B 174 -3.67 21.66 -134.87
C LEU B 174 -4.67 21.58 -133.72
N LEU B 175 -5.76 22.34 -133.82
CA LEU B 175 -6.82 22.30 -132.81
C LEU B 175 -7.31 20.88 -132.60
N ASN B 176 -7.62 20.17 -133.68
CA ASN B 176 -8.08 18.79 -133.57
C ASN B 176 -7.10 17.90 -132.76
N LEU B 177 -5.81 18.11 -132.97
CA LEU B 177 -4.79 17.34 -132.28
C LEU B 177 -4.89 17.50 -130.77
N ILE B 178 -5.11 18.74 -130.33
CA ILE B 178 -5.22 19.05 -128.92
C ILE B 178 -6.31 18.21 -128.28
N LYS B 179 -7.47 18.18 -128.94
CA LYS B 179 -8.61 17.42 -128.47
C LYS B 179 -8.32 15.92 -128.52
N ILE B 180 -7.64 15.47 -129.58
CA ILE B 180 -7.25 14.07 -129.69
C ILE B 180 -6.43 13.65 -128.48
N LEU B 181 -5.30 14.33 -128.29
CA LEU B 181 -4.40 14.03 -127.20
C LEU B 181 -5.12 14.19 -125.86
N SER B 182 -5.95 15.22 -125.75
CA SER B 182 -6.71 15.46 -124.53
C SER B 182 -7.60 14.28 -124.20
N ASN B 183 -8.39 13.86 -125.18
CA ASN B 183 -9.25 12.69 -125.03
C ASN B 183 -8.42 11.44 -124.69
N ILE B 184 -7.33 11.22 -125.43
CA ILE B 184 -6.42 10.12 -125.14
C ILE B 184 -5.96 10.16 -123.66
N GLU B 185 -5.53 11.31 -123.18
CA GLU B 185 -5.11 11.46 -121.77
C GLU B 185 -6.23 11.16 -120.79
N THR B 186 -7.40 11.78 -121.01
CA THR B 186 -8.54 11.58 -120.14
C THR B 186 -8.90 10.10 -120.02
N THR B 187 -9.06 9.45 -121.17
CA THR B 187 -9.40 8.03 -121.20
C THR B 187 -8.27 7.17 -120.61
N GLU B 188 -7.03 7.62 -120.81
CA GLU B 188 -5.88 6.92 -120.23
C GLU B 188 -5.87 7.01 -118.70
N ILE B 189 -6.25 8.17 -118.15
CA ILE B 189 -6.27 8.35 -116.71
C ILE B 189 -7.30 7.44 -116.01
N GLY B 190 -8.45 7.26 -116.67
CA GLY B 190 -9.53 6.48 -116.11
C GLY B 190 -9.14 5.06 -115.73
N LYS B 191 -8.39 4.40 -116.62
CA LYS B 191 -7.91 3.05 -116.36
C LYS B 191 -6.94 3.04 -115.17
N THR B 192 -6.23 4.16 -114.99
CA THR B 192 -5.32 4.31 -113.87
C THR B 192 -6.09 4.58 -112.58
N LEU B 193 -7.24 5.26 -112.71
CA LEU B 193 -8.10 5.58 -111.57
C LEU B 193 -8.43 4.38 -110.69
N SER B 194 -9.01 3.34 -111.29
CA SER B 194 -9.53 2.17 -110.57
C SER B 194 -8.54 1.58 -109.54
N GLN B 195 -7.36 1.21 -110.01
CA GLN B 195 -6.36 0.58 -109.15
C GLN B 195 -5.84 1.55 -108.10
N ASN B 196 -5.71 2.82 -108.48
CA ASN B 196 -5.15 3.83 -107.59
C ASN B 196 -6.08 4.25 -106.45
N ARG B 197 -7.31 4.60 -106.79
CA ARG B 197 -8.24 5.16 -105.81
C ARG B 197 -8.46 4.24 -104.61
N LEU B 198 -8.29 2.94 -104.81
CA LEU B 198 -8.49 1.99 -103.73
C LEU B 198 -7.45 2.19 -102.63
N LYS B 199 -6.25 2.61 -103.01
CA LYS B 199 -5.17 2.84 -102.05
C LYS B 199 -5.55 3.94 -101.06
N LEU B 200 -5.97 5.09 -101.60
CA LEU B 200 -6.33 6.24 -100.77
C LEU B 200 -7.54 5.92 -99.87
N LYS B 201 -7.50 6.39 -98.64
CA LYS B 201 -8.56 6.13 -97.66
C LYS B 201 -9.85 6.88 -98.02
N ALA B 202 -10.95 6.50 -97.37
CA ALA B 202 -12.25 7.08 -97.67
C ALA B 202 -12.36 8.52 -97.20
N SER B 203 -11.83 8.80 -96.01
CA SER B 203 -11.93 10.12 -95.43
C SER B 203 -10.67 10.62 -94.73
N ASP B 204 -9.60 10.72 -95.50
CA ASP B 204 -8.54 11.67 -95.17
C ASP B 204 -8.88 12.84 -96.08
N PRO B 205 -8.87 14.07 -95.54
CA PRO B 205 -9.45 15.20 -96.27
C PRO B 205 -8.80 15.46 -97.64
N ASP B 206 -7.59 14.95 -97.84
CA ASP B 206 -6.82 15.18 -99.05
C ASP B 206 -7.10 14.09 -100.08
N TYR B 207 -8.29 13.49 -100.00
CA TYR B 207 -8.66 12.40 -100.91
C TYR B 207 -8.58 12.85 -102.37
N GLN B 208 -9.24 13.95 -102.69
CA GLN B 208 -9.26 14.47 -104.06
C GLN B 208 -7.84 14.68 -104.57
N ILE B 209 -7.02 15.33 -103.74
CA ILE B 209 -5.64 15.62 -104.10
C ILE B 209 -4.85 14.32 -104.27
N LYS B 210 -5.02 13.41 -103.32
CA LYS B 210 -4.33 12.13 -103.39
C LYS B 210 -4.66 11.44 -104.72
N LEU B 211 -5.94 11.42 -105.09
CA LEU B 211 -6.33 10.81 -106.37
C LEU B 211 -5.73 11.59 -107.55
N ASN B 212 -5.77 12.92 -107.47
CA ASN B 212 -5.22 13.78 -108.53
C ASN B 212 -3.71 13.64 -108.69
N SER B 213 -3.02 13.32 -107.61
CA SER B 213 -1.57 13.19 -107.62
C SER B 213 -1.11 12.04 -108.52
N PHE B 214 -1.89 10.96 -108.52
CA PHE B 214 -1.55 9.76 -109.30
C PHE B 214 -1.69 10.01 -110.79
N SER B 215 -2.48 11.02 -111.15
CA SER B 215 -2.72 11.35 -112.54
C SER B 215 -1.50 11.97 -113.22
N TRP B 216 -0.52 12.37 -112.42
CA TRP B 216 0.62 13.12 -112.95
C TRP B 216 1.43 12.34 -113.99
N GLU B 217 1.56 11.04 -113.79
CA GLU B 217 2.40 10.20 -114.65
C GLU B 217 2.04 10.34 -116.12
N ILE B 218 0.76 10.59 -116.41
CA ILE B 218 0.29 10.72 -117.79
C ILE B 218 0.44 12.15 -118.31
N ILE B 219 0.41 13.12 -117.39
CA ILE B 219 0.49 14.53 -117.77
C ILE B 219 1.93 14.98 -117.96
N LYS B 220 2.84 14.46 -117.14
CA LYS B 220 4.24 14.85 -117.17
C LYS B 220 4.86 14.60 -118.55
N ASN B 221 4.46 13.52 -119.20
CA ASN B 221 4.93 13.21 -120.54
C ASN B 221 4.15 13.98 -121.62
N SER B 222 2.95 14.42 -121.27
CA SER B 222 2.08 15.13 -122.20
C SER B 222 2.58 16.55 -122.46
N GLU B 223 2.83 16.86 -123.73
CA GLU B 223 3.31 18.18 -124.13
C GLU B 223 2.19 18.97 -124.80
N ILE B 224 0.99 18.81 -124.27
CA ILE B 224 -0.20 19.44 -124.84
C ILE B 224 -0.18 20.96 -124.68
N ASP B 225 0.26 21.42 -123.51
CA ASP B 225 0.22 22.85 -123.18
C ASP B 225 0.90 23.72 -124.23
N GLN B 226 2.12 23.34 -124.62
CA GLN B 226 2.85 24.08 -125.63
C GLN B 226 2.04 24.16 -126.93
N LEU B 227 1.49 23.03 -127.33
CA LEU B 227 0.62 22.95 -128.51
C LEU B 227 -0.52 23.93 -128.35
N TYR B 228 -1.07 23.97 -127.14
CA TYR B 228 -2.15 24.91 -126.82
C TYR B 228 -1.68 26.34 -126.99
N ASN B 229 -0.47 26.64 -126.54
CA ASN B 229 0.09 27.97 -126.69
C ASN B 229 0.20 28.36 -128.16
N GLN B 230 0.80 27.47 -128.95
CA GLN B 230 0.91 27.66 -130.40
C GLN B 230 -0.46 27.95 -131.03
N LEU B 231 -1.41 27.05 -130.78
CA LEU B 231 -2.79 27.21 -131.26
C LEU B 231 -3.37 28.53 -130.81
N VAL B 232 -3.06 28.92 -129.58
CA VAL B 232 -3.51 30.19 -129.03
C VAL B 232 -2.99 31.32 -129.89
N ASN B 233 -1.68 31.33 -130.12
CA ASN B 233 -1.07 32.43 -130.87
C ASN B 233 -1.46 32.49 -132.35
N ILE B 234 -1.46 31.36 -133.05
CA ILE B 234 -1.73 31.38 -134.49
C ILE B 234 -3.17 31.71 -134.87
N LEU B 235 -4.12 31.47 -133.96
CA LEU B 235 -5.55 31.66 -134.24
C LEU B 235 -5.86 33.03 -134.83
N ALA B 236 -5.51 34.07 -134.08
CA ALA B 236 -5.63 35.46 -134.55
C ALA B 236 -7.05 35.83 -134.97
N ASP B 237 -8.03 35.31 -134.23
CA ASP B 237 -9.42 35.72 -134.41
C ASP B 237 -10.02 35.90 -133.02
N ASP B 238 -10.48 37.11 -132.73
CA ASP B 238 -10.90 37.50 -131.38
C ASP B 238 -11.68 36.44 -130.60
N GLN B 239 -12.86 36.06 -131.11
CA GLN B 239 -13.74 35.12 -130.41
C GLN B 239 -13.07 33.77 -130.17
N LYS B 240 -12.60 33.14 -131.26
CA LYS B 240 -11.96 31.83 -131.17
C LYS B 240 -10.73 31.89 -130.27
N ARG B 241 -9.95 32.97 -130.40
CA ARG B 241 -8.78 33.20 -129.57
C ARG B 241 -9.18 33.19 -128.09
N SER B 242 -10.19 33.97 -127.76
CA SER B 242 -10.70 34.03 -126.38
C SER B 242 -11.21 32.68 -125.88
N GLU B 243 -12.02 32.01 -126.69
CA GLU B 243 -12.58 30.72 -126.29
C GLU B 243 -11.46 29.69 -126.05
N ILE B 244 -10.55 29.58 -127.00
CA ILE B 244 -9.41 28.67 -126.89
C ILE B 244 -8.59 29.03 -125.66
N GLU B 245 -8.42 30.34 -125.43
CA GLU B 245 -7.72 30.82 -124.24
C GLU B 245 -8.41 30.31 -122.98
N ASN B 246 -9.73 30.44 -122.93
CA ASN B 246 -10.52 29.98 -121.79
C ASN B 246 -10.29 28.49 -121.54
N GLN B 247 -10.54 27.68 -122.58
CA GLN B 247 -10.32 26.24 -122.49
C GLN B 247 -8.91 25.94 -122.00
N TRP B 248 -7.94 26.66 -122.58
CA TRP B 248 -6.55 26.50 -122.22
C TRP B 248 -6.37 26.69 -120.73
N LEU B 249 -6.84 27.84 -120.23
CA LEU B 249 -6.75 28.13 -118.80
C LEU B 249 -7.38 27.02 -117.98
N GLU B 250 -8.55 26.55 -118.39
CA GLU B 250 -9.16 25.41 -117.72
C GLU B 250 -8.18 24.23 -117.66
N TYR B 251 -7.55 23.91 -118.78
CA TYR B 251 -6.51 22.88 -118.80
C TYR B 251 -5.39 23.20 -117.80
N ARG B 252 -4.83 24.40 -117.92
CA ARG B 252 -3.74 24.85 -117.06
C ARG B 252 -4.04 24.63 -115.59
N ILE B 253 -5.24 25.01 -115.15
CA ILE B 253 -5.59 24.80 -113.75
C ILE B 253 -5.86 23.32 -113.44
N LYS B 254 -6.38 22.58 -114.41
CA LYS B 254 -6.43 21.13 -114.27
C LYS B 254 -5.04 20.57 -113.95
N VAL B 255 -4.04 21.05 -114.68
CA VAL B 255 -2.67 20.59 -114.45
C VAL B 255 -2.24 20.94 -113.02
N LEU B 256 -2.64 22.11 -112.54
CA LEU B 256 -2.32 22.53 -111.18
C LEU B 256 -2.91 21.54 -110.18
N LYS B 257 -4.17 21.20 -110.37
CA LYS B 257 -4.79 20.14 -109.58
C LYS B 257 -3.96 18.86 -109.68
N SER B 258 -3.42 18.62 -110.88
CA SER B 258 -2.61 17.43 -111.13
C SER B 258 -1.23 17.39 -110.46
N MET B 259 -0.47 18.49 -110.51
CA MET B 259 0.94 18.47 -110.12
C MET B 259 1.17 18.53 -108.61
N PRO B 260 2.32 18.00 -108.13
CA PRO B 260 2.65 17.99 -106.70
C PRO B 260 2.81 19.38 -106.07
N LEU B 261 3.10 19.41 -104.78
CA LEU B 261 3.21 20.67 -104.04
C LEU B 261 4.42 21.47 -104.49
N ASP B 262 5.55 20.79 -104.65
CA ASP B 262 6.79 21.44 -105.03
C ASP B 262 6.65 22.17 -106.37
N VAL B 263 6.16 21.44 -107.37
CA VAL B 263 6.07 21.97 -108.73
C VAL B 263 4.93 23.01 -108.87
N LYS B 264 3.87 22.78 -108.11
CA LYS B 264 2.67 23.63 -108.16
C LYS B 264 3.00 25.10 -107.94
N LYS B 265 3.83 25.38 -106.95
CA LYS B 265 4.22 26.75 -106.63
C LYS B 265 5.01 27.34 -107.78
N ASP B 266 5.98 26.58 -108.28
CA ASP B 266 6.82 27.04 -109.38
C ASP B 266 5.98 27.39 -110.59
N PHE B 267 5.00 26.54 -110.90
CA PHE B 267 4.12 26.77 -112.04
C PHE B 267 3.08 27.86 -111.77
N PHE B 268 2.60 27.93 -110.53
CA PHE B 268 1.47 28.81 -110.19
C PHE B 268 1.70 30.28 -110.53
N THR B 269 2.94 30.74 -110.40
CA THR B 269 3.27 32.12 -110.73
C THR B 269 2.88 32.39 -112.19
N LYS B 270 3.15 31.40 -113.04
CA LYS B 270 2.83 31.50 -114.46
C LYS B 270 1.34 31.69 -114.69
N VAL B 271 0.53 30.82 -114.09
CA VAL B 271 -0.92 30.90 -114.29
C VAL B 271 -1.48 32.18 -113.68
N LYS B 272 -0.95 32.61 -112.55
CA LYS B 272 -1.40 33.87 -111.97
C LYS B 272 -1.09 35.03 -112.92
N GLU B 273 0.14 35.07 -113.43
CA GLU B 273 0.54 36.08 -114.41
C GLU B 273 -0.38 36.04 -115.62
N MET B 274 -0.70 34.83 -116.07
CA MET B 274 -1.61 34.61 -117.18
C MET B 274 -2.99 35.21 -116.91
N VAL B 275 -3.56 34.83 -115.78
CA VAL B 275 -4.88 35.32 -115.39
C VAL B 275 -4.88 36.85 -115.28
N GLU B 276 -3.88 37.43 -114.62
CA GLU B 276 -3.78 38.88 -114.51
C GLU B 276 -3.71 39.51 -115.90
N ASP B 277 -2.90 38.92 -116.77
CA ASP B 277 -2.81 39.36 -118.17
C ASP B 277 -4.18 39.34 -118.83
N MET B 278 -4.96 38.28 -118.58
CA MET B 278 -6.34 38.23 -119.09
C MET B 278 -7.19 39.36 -118.51
N VAL B 279 -7.15 39.52 -117.20
CA VAL B 279 -7.96 40.53 -116.51
C VAL B 279 -7.64 41.92 -117.01
N LEU B 280 -6.38 42.14 -117.36
CA LEU B 280 -5.96 43.41 -117.95
C LEU B 280 -6.69 43.73 -119.26
N VAL B 281 -6.93 42.70 -120.07
CA VAL B 281 -7.56 42.85 -121.38
C VAL B 281 -9.02 42.40 -121.33
N ASN B 282 -9.62 42.51 -120.15
CA ASN B 282 -11.01 42.11 -119.89
C ASN B 282 -11.53 40.89 -120.69
N HIS B 283 -10.75 39.81 -120.68
CA HIS B 283 -11.15 38.57 -121.34
C HIS B 283 -12.50 38.07 -120.81
N GLN B 284 -13.29 37.47 -121.70
CA GLN B 284 -14.65 37.08 -121.36
C GLN B 284 -14.72 36.02 -120.26
N SER B 285 -13.74 35.13 -120.22
CA SER B 285 -13.76 33.99 -119.30
C SER B 285 -13.86 34.40 -117.84
N LEU B 286 -14.97 34.06 -117.19
CA LEU B 286 -15.17 34.34 -115.78
C LEU B 286 -14.03 33.79 -114.94
N LEU B 287 -13.68 32.54 -115.19
CA LEU B 287 -12.66 31.82 -114.43
C LEU B 287 -11.44 32.69 -114.19
N ALA B 288 -11.04 33.41 -115.23
CA ALA B 288 -9.94 34.36 -115.14
C ALA B 288 -10.20 35.40 -114.06
N TRP B 289 -11.30 36.15 -114.20
CA TRP B 289 -11.63 37.19 -113.22
C TRP B 289 -11.77 36.64 -111.82
N GLN B 290 -12.61 35.61 -111.68
CA GLN B 290 -12.82 34.93 -110.41
C GLN B 290 -11.48 34.61 -109.77
N LYS B 291 -10.72 33.74 -110.43
CA LYS B 291 -9.41 33.34 -109.92
C LYS B 291 -8.50 34.55 -109.66
N TYR B 292 -8.62 35.57 -110.51
CA TYR B 292 -7.80 36.77 -110.36
C TYR B 292 -8.05 37.44 -109.03
N PHE B 293 -9.33 37.68 -108.72
CA PHE B 293 -9.67 38.30 -107.46
C PHE B 293 -9.40 37.38 -106.28
N GLU B 294 -9.74 36.09 -106.37
CA GLU B 294 -9.45 35.17 -105.27
C GLU B 294 -7.97 35.14 -104.96
N TRP B 295 -7.15 35.04 -106.01
CA TRP B 295 -5.73 34.79 -105.84
C TRP B 295 -4.92 36.00 -105.37
N THR B 296 -5.26 37.18 -105.86
CA THR B 296 -4.62 38.40 -105.37
C THR B 296 -5.02 38.59 -103.91
N ASP B 297 -4.06 38.50 -103.00
CA ASP B 297 -4.33 38.67 -101.57
C ASP B 297 -4.05 40.10 -101.14
N TYR B 298 -5.01 40.67 -100.41
CA TYR B 298 -4.96 42.08 -100.07
C TYR B 298 -4.71 42.25 -98.57
N GLU B 299 -3.74 43.11 -98.24
CA GLU B 299 -3.38 43.33 -96.83
C GLU B 299 -4.61 43.68 -96.01
N ASP B 300 -5.32 44.71 -96.46
CA ASP B 300 -6.56 45.12 -95.82
C ASP B 300 -7.64 45.21 -96.89
N LEU B 301 -8.89 45.02 -96.50
CA LEU B 301 -9.98 45.06 -97.46
C LEU B 301 -10.28 46.48 -97.93
N ASP B 302 -9.62 47.46 -97.32
CA ASP B 302 -9.83 48.86 -97.65
C ASP B 302 -8.71 49.44 -98.52
N ASN B 303 -7.88 48.57 -99.08
CA ASN B 303 -6.83 48.98 -100.00
C ASN B 303 -6.84 48.15 -101.29
N MET B 304 -7.93 47.44 -101.54
CA MET B 304 -8.05 46.62 -102.76
C MET B 304 -8.64 47.43 -103.91
N ASP B 305 -8.40 46.96 -105.14
CA ASP B 305 -8.83 47.66 -106.34
C ASP B 305 -10.34 47.88 -106.35
N ALA B 306 -10.76 49.10 -106.67
CA ALA B 306 -12.17 49.48 -106.55
C ALA B 306 -12.89 49.56 -107.90
N PRO B 307 -12.27 50.17 -108.92
CA PRO B 307 -13.03 50.21 -110.18
C PRO B 307 -13.07 48.85 -110.88
N LEU B 308 -12.00 48.06 -110.76
CA LEU B 308 -11.93 46.78 -111.44
C LEU B 308 -13.07 45.87 -111.01
N ILE B 309 -13.36 45.84 -109.72
CA ILE B 309 -14.42 44.99 -109.19
C ILE B 309 -15.79 45.52 -109.59
N ILE B 310 -15.89 46.84 -109.76
CA ILE B 310 -17.13 47.45 -110.24
C ILE B 310 -17.34 47.08 -111.70
N LYS B 311 -16.27 47.11 -112.48
CA LYS B 311 -16.33 46.67 -113.86
C LYS B 311 -16.62 45.17 -113.90
N TYR B 312 -16.06 44.45 -112.93
CA TYR B 312 -16.30 43.02 -112.78
C TYR B 312 -17.78 42.72 -112.53
N PHE B 313 -18.38 43.43 -111.58
CA PHE B 313 -19.80 43.27 -111.31
C PHE B 313 -20.66 43.70 -112.48
N LYS B 314 -20.34 44.87 -113.04
CA LYS B 314 -21.09 45.39 -114.18
C LYS B 314 -21.02 44.39 -115.32
N LYS B 315 -19.84 43.80 -115.51
CA LYS B 315 -19.64 42.83 -116.58
C LYS B 315 -20.40 41.54 -116.34
N PHE B 316 -20.48 41.12 -115.08
CA PHE B 316 -21.09 39.83 -114.74
C PHE B 316 -21.94 39.93 -113.47
N PRO B 317 -23.16 40.49 -113.60
CA PRO B 317 -24.05 40.66 -112.46
C PRO B 317 -24.69 39.35 -111.99
N LYS B 318 -24.46 38.27 -112.72
CA LYS B 318 -24.97 36.95 -112.36
C LYS B 318 -24.01 36.17 -111.45
N ASP B 319 -22.71 36.30 -111.70
CA ASP B 319 -21.64 35.70 -110.91
C ASP B 319 -21.91 36.04 -109.45
N PRO B 320 -21.84 35.05 -108.55
CA PRO B 320 -22.11 35.37 -107.14
C PRO B 320 -21.05 36.29 -106.53
N LEU B 321 -19.78 35.94 -106.70
CA LEU B 321 -18.68 36.68 -106.08
C LEU B 321 -18.75 38.16 -106.42
N ALA B 322 -19.03 38.45 -107.69
CA ALA B 322 -19.25 39.81 -108.13
C ALA B 322 -20.25 40.52 -107.23
N MET B 323 -21.41 39.89 -107.08
CA MET B 323 -22.47 40.45 -106.24
C MET B 323 -21.99 40.64 -104.82
N ILE B 324 -21.26 39.66 -104.28
CA ILE B 324 -20.70 39.77 -102.93
C ILE B 324 -19.80 40.99 -102.77
N LEU B 325 -18.75 41.05 -103.59
CA LEU B 325 -17.77 42.13 -103.52
C LEU B 325 -18.41 43.49 -103.75
N TYR B 326 -19.29 43.59 -104.75
CA TYR B 326 -19.99 44.83 -105.00
C TYR B 326 -20.84 45.19 -103.77
N SER B 327 -21.51 44.19 -103.23
CA SER B 327 -22.37 44.36 -102.07
C SER B 327 -21.57 44.97 -100.92
N TRP B 328 -20.37 44.44 -100.69
CA TRP B 328 -19.47 45.00 -99.69
C TRP B 328 -19.02 46.42 -100.02
N LEU B 329 -18.61 46.64 -101.27
CA LEU B 329 -18.18 47.97 -101.69
C LEU B 329 -19.29 48.98 -101.43
N SER B 330 -20.53 48.53 -101.58
CA SER B 330 -21.70 49.35 -101.27
C SER B 330 -21.98 49.44 -99.77
N SER B 331 -21.41 48.53 -98.99
CA SER B 331 -21.72 48.43 -97.57
C SER B 331 -21.31 49.69 -96.80
N LYS B 332 -21.98 49.95 -95.68
CA LYS B 332 -21.71 51.13 -94.88
C LYS B 332 -20.39 51.02 -94.11
N LEU B 333 -20.07 49.80 -93.67
CA LEU B 333 -18.85 49.55 -92.91
C LEU B 333 -17.65 49.83 -93.79
N SER B 334 -17.78 49.43 -95.04
CA SER B 334 -16.70 49.57 -96.02
C SER B 334 -16.30 51.03 -96.19
N LYS B 335 -15.00 51.25 -96.36
CA LYS B 335 -14.45 52.59 -96.43
C LYS B 335 -14.45 53.17 -97.85
N TYR B 336 -15.03 52.45 -98.81
CA TYR B 336 -15.06 52.89 -100.19
C TYR B 336 -16.23 53.82 -100.46
N ASP B 337 -16.04 54.76 -101.38
CA ASP B 337 -17.10 55.68 -101.78
C ASP B 337 -17.87 55.09 -102.96
N ILE B 338 -19.05 54.54 -102.68
CA ILE B 338 -19.86 53.89 -103.70
C ILE B 338 -20.36 54.91 -104.72
N LYS B 339 -20.68 56.11 -104.24
CA LYS B 339 -21.17 57.18 -105.11
C LYS B 339 -20.08 57.62 -106.07
N SER B 340 -18.90 57.93 -105.52
CA SER B 340 -17.78 58.41 -106.32
C SER B 340 -17.20 57.31 -107.19
N LEU B 341 -17.29 56.07 -106.74
CA LEU B 341 -16.73 54.93 -107.46
C LEU B 341 -17.42 54.74 -108.79
N GLU B 342 -18.73 54.96 -108.83
CA GLU B 342 -19.49 54.80 -110.05
C GLU B 342 -19.55 56.10 -110.86
N SER B 343 -19.10 57.19 -110.26
CA SER B 343 -19.08 58.49 -110.92
C SER B 343 -18.15 58.50 -112.13
N ASP B 403 -39.59 61.88 -103.32
CA ASP B 403 -39.08 62.86 -102.35
C ASP B 403 -37.55 62.80 -102.29
N ASP B 404 -36.93 62.61 -103.44
CA ASP B 404 -35.47 62.59 -103.54
C ASP B 404 -34.85 61.46 -102.72
N ILE B 405 -35.50 60.31 -102.71
CA ILE B 405 -34.96 59.12 -102.08
C ILE B 405 -33.96 58.45 -103.03
N GLU B 406 -32.72 58.33 -102.58
CA GLU B 406 -31.64 57.82 -103.42
C GLU B 406 -31.91 56.38 -103.84
N ILE B 407 -31.85 56.12 -105.14
CA ILE B 407 -31.94 54.76 -105.66
C ILE B 407 -30.76 53.96 -105.16
N GLY B 408 -30.92 53.35 -103.99
CA GLY B 408 -29.79 52.76 -103.27
C GLY B 408 -29.99 51.31 -102.88
N LEU B 409 -28.88 50.69 -102.48
CA LEU B 409 -28.89 49.32 -101.97
C LEU B 409 -29.00 49.35 -100.44
N LEU B 410 -30.12 48.84 -99.92
CA LEU B 410 -30.36 48.84 -98.47
C LEU B 410 -29.30 48.03 -97.73
N GLU B 411 -28.78 48.61 -96.64
CA GLU B 411 -27.74 47.97 -95.85
C GLU B 411 -28.17 46.58 -95.40
N GLU B 412 -29.42 46.45 -94.99
CA GLU B 412 -29.92 45.15 -94.56
C GLU B 412 -29.98 44.17 -95.73
N GLU B 413 -29.82 44.71 -96.94
CA GLU B 413 -29.75 43.88 -98.14
C GLU B 413 -28.31 43.44 -98.42
N VAL B 414 -27.35 44.21 -97.93
CA VAL B 414 -25.95 43.86 -98.07
C VAL B 414 -25.72 42.48 -97.47
N VAL B 415 -26.04 42.37 -96.18
CA VAL B 415 -25.86 41.12 -95.46
C VAL B 415 -26.60 39.96 -96.13
N THR B 416 -27.84 40.19 -96.56
CA THR B 416 -28.62 39.11 -97.16
C THR B 416 -27.96 38.65 -98.47
N VAL B 417 -27.45 39.62 -99.23
CA VAL B 417 -26.66 39.33 -100.42
C VAL B 417 -25.45 38.46 -100.05
N LEU B 418 -24.68 38.91 -99.07
CA LEU B 418 -23.52 38.15 -98.60
C LEU B 418 -23.92 36.71 -98.27
N THR B 419 -24.93 36.56 -97.41
CA THR B 419 -25.35 35.24 -96.93
C THR B 419 -25.80 34.34 -98.07
N GLU B 420 -26.71 34.83 -98.89
CA GLU B 420 -27.20 34.06 -100.03
C GLU B 420 -26.06 33.63 -100.93
N ASN B 421 -25.22 34.60 -101.31
CA ASN B 421 -24.21 34.32 -102.32
C ASN B 421 -22.95 33.59 -101.85
N ILE B 422 -22.59 33.71 -100.57
CA ILE B 422 -21.47 32.91 -100.10
C ILE B 422 -21.79 31.43 -100.12
N VAL B 423 -23.05 31.08 -99.87
CA VAL B 423 -23.48 29.68 -99.92
C VAL B 423 -23.28 29.14 -101.33
N LYS B 424 -23.39 30.02 -102.32
CA LYS B 424 -23.16 29.66 -103.71
C LYS B 424 -21.67 29.75 -104.04
N CYS B 425 -20.94 30.53 -103.26
CA CYS B 425 -19.50 30.68 -103.47
C CYS B 425 -18.68 29.79 -102.57
N LYS B 426 -19.35 29.02 -101.71
CA LYS B 426 -18.65 28.14 -100.77
C LYS B 426 -17.45 27.45 -101.43
N ASN B 427 -16.37 27.34 -100.68
CA ASN B 427 -15.07 26.91 -101.18
C ASN B 427 -14.29 28.06 -101.83
N ASN B 428 -14.83 29.28 -101.69
CA ASN B 428 -14.15 30.50 -102.14
C ASN B 428 -13.53 31.23 -100.95
N ILE B 429 -12.25 31.56 -101.07
CA ILE B 429 -11.49 32.15 -99.97
C ILE B 429 -11.92 33.59 -99.68
N LEU B 430 -11.97 34.40 -100.72
CA LEU B 430 -12.25 35.83 -100.58
C LEU B 430 -13.61 36.05 -99.93
N ALA B 431 -14.62 35.34 -100.41
CA ALA B 431 -15.99 35.47 -99.90
C ALA B 431 -16.06 35.18 -98.40
N HIS B 432 -15.34 34.14 -97.97
CA HIS B 432 -15.28 33.80 -96.56
C HIS B 432 -14.62 34.92 -95.78
N ARG B 433 -13.44 35.34 -96.23
CA ARG B 433 -12.74 36.45 -95.61
C ARG B 433 -13.69 37.63 -95.39
N ILE B 434 -14.29 38.07 -96.48
CA ILE B 434 -15.11 39.28 -96.47
C ILE B 434 -16.34 39.11 -95.58
N LEU B 435 -16.96 37.92 -95.62
CA LEU B 435 -18.10 37.67 -94.75
C LEU B 435 -17.69 37.74 -93.28
N CYS B 436 -16.59 37.08 -92.94
CA CYS B 436 -16.09 37.12 -91.57
C CYS B 436 -15.89 38.57 -91.15
N GLN B 437 -15.17 39.33 -91.96
CA GLN B 437 -14.94 40.73 -91.65
C GLN B 437 -16.27 41.45 -91.37
N TYR B 438 -17.23 41.32 -92.27
CA TYR B 438 -18.54 41.95 -92.08
C TYR B 438 -19.17 41.56 -90.74
N TYR B 439 -19.23 40.26 -90.47
CA TYR B 439 -19.86 39.81 -89.22
C TYR B 439 -19.12 40.31 -87.97
N LEU B 440 -17.80 40.37 -88.02
CA LEU B 440 -17.03 40.88 -86.88
C LEU B 440 -17.23 42.38 -86.69
N LEU B 441 -17.29 43.13 -87.79
CA LEU B 441 -17.50 44.57 -87.71
C LEU B 441 -18.84 44.94 -87.05
N THR B 442 -19.76 43.98 -87.03
CA THR B 442 -21.08 44.17 -86.40
C THR B 442 -21.15 43.48 -85.05
N LYS B 443 -20.01 43.01 -84.56
CA LYS B 443 -19.93 42.38 -83.24
C LYS B 443 -20.71 41.07 -83.17
N GLU B 444 -21.05 40.50 -84.32
CA GLU B 444 -21.68 39.19 -84.38
C GLU B 444 -20.60 38.11 -84.41
N TYR B 445 -19.82 38.03 -83.34
CA TYR B 445 -18.65 37.15 -83.28
C TYR B 445 -19.03 35.68 -83.43
N GLU B 446 -20.14 35.29 -82.80
CA GLU B 446 -20.58 33.91 -82.78
C GLU B 446 -20.78 33.39 -84.21
N ALA B 447 -21.19 34.29 -85.10
CA ALA B 447 -21.43 33.94 -86.50
C ALA B 447 -20.13 33.83 -87.28
N ALA B 448 -19.10 34.55 -86.83
CA ALA B 448 -17.84 34.60 -87.55
C ALA B 448 -17.05 33.30 -87.41
N LEU B 449 -17.06 32.71 -86.22
CA LEU B 449 -16.20 31.59 -85.87
C LEU B 449 -16.16 30.45 -86.90
N PRO B 450 -17.33 30.01 -87.38
CA PRO B 450 -17.31 28.90 -88.33
C PRO B 450 -16.80 29.31 -89.71
N TYR B 451 -17.15 30.51 -90.16
CA TYR B 451 -16.70 30.98 -91.46
C TYR B 451 -15.19 31.16 -91.49
N ILE B 452 -14.63 31.57 -90.36
CA ILE B 452 -13.18 31.69 -90.22
C ILE B 452 -12.55 30.30 -90.20
N LYS B 453 -13.04 29.46 -89.29
CA LYS B 453 -12.52 28.11 -89.13
C LYS B 453 -12.46 27.44 -90.49
N ASN B 454 -13.59 27.50 -91.21
CA ASN B 454 -13.67 26.94 -92.55
C ASN B 454 -12.72 27.66 -93.50
N GLY B 455 -12.66 28.99 -93.37
CA GLY B 455 -11.80 29.80 -94.20
C GLY B 455 -10.35 29.36 -94.16
N ILE B 456 -9.83 29.12 -92.96
CA ILE B 456 -8.46 28.64 -92.82
C ILE B 456 -8.31 27.32 -93.55
N SER B 457 -9.32 26.46 -93.40
CA SER B 457 -9.28 25.14 -94.01
C SER B 457 -9.10 25.25 -95.51
N LEU B 458 -9.81 26.19 -96.12
CA LEU B 458 -9.70 26.40 -97.56
C LEU B 458 -8.25 26.72 -97.90
N ILE B 459 -7.68 27.69 -97.20
CA ILE B 459 -6.32 28.14 -97.47
C ILE B 459 -5.34 26.98 -97.46
N ALA B 460 -5.49 26.10 -96.47
CA ALA B 460 -4.60 24.95 -96.34
C ALA B 460 -4.90 23.90 -97.41
N TYR B 461 -6.15 23.84 -97.86
CA TYR B 461 -6.54 22.91 -98.91
C TYR B 461 -6.21 23.48 -100.28
N ASN B 462 -6.38 24.79 -100.43
CA ASN B 462 -6.13 25.44 -101.70
C ASN B 462 -4.66 25.39 -102.04
N ILE B 463 -3.80 25.52 -101.04
CA ILE B 463 -2.37 25.51 -101.26
C ILE B 463 -1.87 24.14 -101.73
N LYS B 464 -2.50 23.08 -101.24
CA LYS B 464 -2.00 21.72 -101.50
C LYS B 464 -2.05 21.33 -102.97
N ASP B 465 -3.14 21.66 -103.66
CA ASP B 465 -3.25 21.33 -105.08
C ASP B 465 -2.78 22.49 -105.96
N LEU B 466 -3.38 23.66 -105.78
CA LEU B 466 -3.09 24.81 -106.62
C LEU B 466 -1.70 25.39 -106.36
N GLY B 467 -1.26 25.34 -105.13
CA GLY B 467 0.03 25.92 -104.77
C GLY B 467 -0.03 27.43 -104.65
N VAL B 468 -1.21 27.95 -104.32
CA VAL B 468 -1.37 29.39 -104.12
C VAL B 468 -1.03 29.73 -102.68
N HIS B 469 -0.35 30.86 -102.50
CA HIS B 469 -0.03 31.37 -101.17
C HIS B 469 -0.54 32.79 -101.01
N LEU B 470 -1.22 33.02 -99.90
CA LEU B 470 -1.74 34.35 -99.55
C LEU B 470 -1.50 34.58 -98.07
N PRO B 471 -0.27 34.97 -97.69
CA PRO B 471 0.11 35.04 -96.27
C PRO B 471 -0.73 36.03 -95.48
N LEU B 472 -0.81 37.25 -95.99
CA LEU B 472 -1.53 38.32 -95.33
C LEU B 472 -2.95 37.89 -94.99
N THR B 473 -3.60 37.23 -95.94
CA THR B 473 -4.96 36.74 -95.75
C THR B 473 -5.02 35.80 -94.55
N LYS B 474 -4.20 34.75 -94.59
CA LYS B 474 -4.13 33.77 -93.51
C LYS B 474 -3.94 34.48 -92.17
N ARG B 475 -2.99 35.41 -92.14
CA ARG B 475 -2.73 36.17 -90.91
C ARG B 475 -3.98 36.92 -90.44
N GLU B 476 -4.69 37.54 -91.38
CA GLU B 476 -5.93 38.22 -91.04
C GLU B 476 -6.95 37.25 -90.46
N PHE B 477 -7.20 36.16 -91.19
CA PHE B 477 -8.14 35.13 -90.75
C PHE B 477 -7.85 34.71 -89.32
N SER B 478 -6.59 34.37 -89.09
CA SER B 478 -6.15 33.96 -87.77
C SER B 478 -6.44 35.07 -86.74
N LEU B 479 -6.12 36.30 -87.10
CA LEU B 479 -6.45 37.43 -86.25
C LEU B 479 -7.93 37.43 -85.87
N ASP B 480 -8.78 37.30 -86.89
CA ASP B 480 -10.22 37.26 -86.68
C ASP B 480 -10.59 36.16 -85.69
N LEU B 481 -10.05 34.96 -85.93
CA LEU B 481 -10.25 33.86 -85.01
C LEU B 481 -9.85 34.27 -83.58
N ALA B 482 -8.71 34.94 -83.46
CA ALA B 482 -8.25 35.38 -82.14
C ALA B 482 -9.30 36.27 -81.48
N THR B 483 -9.76 37.31 -82.18
CA THR B 483 -10.78 38.20 -81.64
C THR B 483 -12.02 37.41 -81.19
N VAL B 484 -12.51 36.52 -82.04
CA VAL B 484 -13.67 35.72 -81.67
C VAL B 484 -13.36 34.97 -80.38
N TYR B 485 -12.20 34.33 -80.31
CA TYR B 485 -11.77 33.65 -79.09
C TYR B 485 -11.67 34.63 -77.92
N THR B 486 -11.37 35.89 -78.22
CA THR B 486 -11.28 36.90 -77.18
C THR B 486 -12.64 37.27 -76.61
N TYR B 487 -13.65 37.38 -77.47
CA TYR B 487 -14.97 37.81 -76.99
C TYR B 487 -16.02 36.72 -76.77
N VAL B 488 -16.04 35.70 -77.63
CA VAL B 488 -17.12 34.70 -77.71
C VAL B 488 -17.71 34.32 -76.35
N ASP B 489 -17.08 33.35 -75.68
CA ASP B 489 -17.38 33.03 -74.29
C ASP B 489 -16.22 33.56 -73.46
N ALA B 490 -16.54 34.21 -72.35
CA ALA B 490 -15.63 35.16 -71.72
C ALA B 490 -14.19 34.68 -71.50
N PRO B 491 -13.97 33.62 -70.69
CA PRO B 491 -12.57 33.33 -70.36
C PRO B 491 -12.00 32.10 -71.05
N LYS B 492 -12.87 31.30 -71.67
CA LYS B 492 -12.53 29.94 -72.10
C LYS B 492 -11.38 29.87 -73.09
N ASP B 493 -11.51 30.60 -74.20
CA ASP B 493 -10.56 30.49 -75.30
C ASP B 493 -9.53 31.64 -75.32
N HIS B 494 -9.37 32.33 -74.20
CA HIS B 494 -8.41 33.43 -74.11
C HIS B 494 -6.99 32.95 -74.27
N ASN B 495 -6.68 31.82 -73.63
CA ASN B 495 -5.32 31.31 -73.61
C ASN B 495 -4.82 31.00 -75.01
N ALA B 496 -5.72 30.57 -75.89
CA ALA B 496 -5.38 30.30 -77.27
C ALA B 496 -5.27 31.61 -78.04
N ALA B 497 -6.21 32.50 -77.78
CA ALA B 497 -6.21 33.83 -78.39
C ALA B 497 -4.85 34.49 -78.20
N LEU B 498 -4.33 34.43 -76.97
CA LEU B 498 -3.01 35.00 -76.67
C LEU B 498 -1.91 34.41 -77.55
N LYS B 499 -1.82 33.09 -77.56
CA LYS B 499 -0.81 32.40 -78.37
C LYS B 499 -0.94 32.84 -79.81
N LEU B 500 -2.18 32.98 -80.28
CA LEU B 500 -2.43 33.42 -81.64
C LEU B 500 -1.98 34.87 -81.88
N TYR B 501 -2.38 35.75 -80.95
CA TYR B 501 -2.02 37.16 -81.03
C TYR B 501 -0.53 37.29 -81.11
N ASP B 502 0.18 36.61 -80.23
CA ASP B 502 1.65 36.63 -80.27
C ASP B 502 2.13 36.07 -81.59
N ASN B 503 1.55 34.94 -82.00
CA ASN B 503 1.90 34.28 -83.25
C ASN B 503 1.90 35.22 -84.44
N ILE B 504 0.87 36.05 -84.56
CA ILE B 504 0.83 37.05 -85.63
C ILE B 504 1.57 38.35 -85.29
N LEU B 505 1.65 38.66 -84.00
CA LEU B 505 2.29 39.91 -83.57
C LEU B 505 3.77 39.85 -83.86
N SER B 506 4.34 38.64 -83.79
CA SER B 506 5.76 38.42 -84.12
C SER B 506 6.17 39.11 -85.41
N GLY B 507 5.26 39.15 -86.37
CA GLY B 507 5.52 39.81 -87.63
C GLY B 507 5.32 41.32 -87.54
N ASP B 508 4.14 41.75 -87.09
CA ASP B 508 3.80 43.19 -87.11
C ASP B 508 4.43 43.99 -85.97
N PHE B 509 4.41 43.45 -84.76
CA PHE B 509 4.95 44.12 -83.57
C PHE B 509 4.19 45.40 -83.17
N SER B 510 3.89 46.25 -84.15
CA SER B 510 3.21 47.53 -83.91
C SER B 510 1.70 47.35 -83.75
N ASN B 511 1.18 46.22 -84.24
CA ASN B 511 -0.26 46.00 -84.41
C ASN B 511 -1.12 46.37 -83.21
N ILE B 512 -2.16 47.16 -83.48
CA ILE B 512 -3.05 47.67 -82.44
C ILE B 512 -4.14 46.65 -82.09
N GLN B 513 -4.82 46.12 -83.11
CA GLN B 513 -5.95 45.23 -82.91
C GLN B 513 -5.57 44.02 -82.04
N ALA B 514 -4.31 43.62 -82.13
CA ALA B 514 -3.82 42.48 -81.37
C ALA B 514 -3.47 42.90 -79.94
N LYS B 515 -2.79 44.02 -79.83
CA LYS B 515 -2.36 44.53 -78.53
C LYS B 515 -3.57 44.85 -77.66
N MET B 516 -4.64 45.31 -78.29
CA MET B 516 -5.88 45.55 -77.54
C MET B 516 -6.42 44.23 -77.03
N GLY B 517 -6.29 43.20 -77.87
CA GLY B 517 -6.66 41.86 -77.48
C GLY B 517 -5.90 41.44 -76.23
N LYS B 518 -4.58 41.35 -76.36
CA LYS B 518 -3.71 41.04 -75.22
C LYS B 518 -4.07 41.91 -74.02
N GLY B 519 -4.38 43.17 -74.29
CA GLY B 519 -4.81 44.09 -73.26
C GLY B 519 -6.00 43.55 -72.50
N ILE B 520 -7.11 43.32 -73.20
CA ILE B 520 -8.32 42.81 -72.55
C ILE B 520 -8.04 41.49 -71.83
N ILE B 521 -7.30 40.60 -72.47
CA ILE B 521 -6.96 39.33 -71.83
C ILE B 521 -6.30 39.63 -70.49
N PHE B 522 -5.29 40.47 -70.49
CA PHE B 522 -4.56 40.77 -69.26
C PHE B 522 -5.46 41.47 -68.24
N ILE B 523 -6.36 42.34 -68.70
CA ILE B 523 -7.33 42.96 -67.80
C ILE B 523 -8.14 41.87 -67.14
N GLU B 524 -8.48 40.83 -67.89
CA GLU B 524 -9.20 39.68 -67.33
C GLU B 524 -8.37 38.97 -66.28
N ARG B 525 -7.08 38.79 -66.54
CA ARG B 525 -6.23 37.97 -65.68
C ARG B 525 -5.67 38.73 -64.48
N LYS B 526 -6.26 39.89 -64.19
CA LYS B 526 -5.81 40.70 -63.07
C LYS B 526 -4.32 41.01 -63.19
N ASN B 527 -3.81 40.96 -64.42
CA ASN B 527 -2.42 41.22 -64.70
C ASN B 527 -2.30 42.60 -65.35
N TRP B 528 -2.43 43.62 -64.51
CA TRP B 528 -2.61 44.99 -64.99
C TRP B 528 -1.32 45.60 -65.55
N LYS B 529 -0.19 45.32 -64.90
CA LYS B 529 1.10 45.93 -65.26
C LYS B 529 1.38 45.85 -66.76
N ASP B 530 0.83 44.84 -67.41
CA ASP B 530 0.96 44.66 -68.85
C ASP B 530 -0.22 45.30 -69.56
N ALA B 531 -1.42 45.07 -69.02
CA ALA B 531 -2.65 45.61 -69.58
C ALA B 531 -2.54 47.13 -69.80
N MET B 532 -2.05 47.83 -68.79
CA MET B 532 -1.82 49.27 -68.89
C MET B 532 -0.87 49.58 -70.04
N THR B 533 0.35 49.05 -69.96
CA THR B 533 1.37 49.37 -70.96
C THR B 533 0.90 49.12 -72.39
N LEU B 534 0.20 48.01 -72.62
CA LEU B 534 -0.34 47.75 -73.96
C LEU B 534 -1.43 48.76 -74.30
N LEU B 535 -2.40 48.89 -73.39
CA LEU B 535 -3.53 49.76 -73.64
C LEU B 535 -3.12 51.20 -73.88
N THR B 536 -2.08 51.68 -73.21
CA THR B 536 -1.60 53.03 -73.44
C THR B 536 -1.12 53.15 -74.87
N GLN B 537 -0.34 52.17 -75.31
CA GLN B 537 0.25 52.24 -76.63
C GLN B 537 -0.83 52.16 -77.71
N VAL B 538 -1.83 51.30 -77.52
CA VAL B 538 -2.93 51.25 -78.49
C VAL B 538 -3.83 52.49 -78.38
N HIS B 539 -3.97 53.04 -77.18
CA HIS B 539 -4.76 54.24 -77.01
C HIS B 539 -4.09 55.41 -77.74
N GLU B 540 -2.76 55.49 -77.63
CA GLU B 540 -2.01 56.57 -78.28
C GLU B 540 -2.27 56.57 -79.78
N GLN B 541 -2.71 55.43 -80.32
CA GLN B 541 -3.05 55.34 -81.74
C GLN B 541 -4.46 55.83 -82.02
N SER B 542 -5.39 55.60 -81.10
CA SER B 542 -6.79 55.93 -81.35
C SER B 542 -7.56 56.39 -80.11
N PRO B 543 -7.62 57.72 -79.89
CA PRO B 543 -8.57 58.25 -78.90
C PRO B 543 -10.00 58.19 -79.42
N ASN B 544 -10.15 57.71 -80.65
CA ASN B 544 -11.47 57.55 -81.25
C ASN B 544 -12.27 56.50 -80.50
N ASN B 545 -11.60 55.42 -80.13
CA ASN B 545 -12.24 54.27 -79.52
C ASN B 545 -12.40 54.44 -78.01
N LEU B 546 -13.62 54.20 -77.53
CA LEU B 546 -13.94 54.37 -76.11
C LEU B 546 -13.68 53.10 -75.34
N GLU B 547 -13.81 51.95 -76.01
CA GLU B 547 -13.55 50.67 -75.38
C GLU B 547 -12.14 50.65 -74.80
N VAL B 548 -11.17 51.03 -75.62
CA VAL B 548 -9.79 51.09 -75.19
C VAL B 548 -9.58 52.09 -74.04
N LEU B 549 -10.21 53.27 -74.15
CA LEU B 549 -10.05 54.31 -73.14
C LEU B 549 -10.58 53.84 -71.79
N SER B 550 -11.73 53.16 -71.83
CA SER B 550 -12.33 52.64 -70.62
C SER B 550 -11.46 51.53 -70.04
N GLU B 551 -11.09 50.58 -70.87
CA GLU B 551 -10.25 49.48 -70.44
C GLU B 551 -8.93 49.97 -69.89
N LEU B 552 -8.40 51.04 -70.49
CA LEU B 552 -7.15 51.62 -70.03
C LEU B 552 -7.36 52.29 -68.69
N SER B 553 -8.38 53.15 -68.61
CA SER B 553 -8.72 53.83 -67.36
C SER B 553 -8.85 52.82 -66.24
N TRP B 554 -9.52 51.70 -66.51
CA TRP B 554 -9.65 50.61 -65.56
C TRP B 554 -8.27 50.07 -65.20
N SER B 555 -7.49 49.74 -66.23
CA SER B 555 -6.13 49.25 -66.04
C SER B 555 -5.28 50.27 -65.29
N LYS B 556 -5.65 51.54 -65.40
CA LYS B 556 -4.92 52.60 -64.72
C LYS B 556 -5.38 52.69 -63.27
N ALA B 557 -6.68 52.52 -63.06
CA ALA B 557 -7.26 52.58 -61.72
C ALA B 557 -6.68 51.48 -60.87
N HIS B 558 -6.75 50.26 -61.38
CA HIS B 558 -6.26 49.11 -60.62
C HIS B 558 -4.78 49.21 -60.33
N MET B 559 -4.08 50.03 -61.12
CA MET B 559 -2.64 50.18 -60.94
C MET B 559 -2.32 51.16 -59.81
N GLY B 560 -3.15 52.20 -59.65
CA GLY B 560 -3.00 53.14 -58.57
C GLY B 560 -2.89 54.59 -59.00
N TYR B 561 -3.28 54.88 -60.23
CA TYR B 561 -3.40 56.24 -60.72
C TYR B 561 -4.87 56.53 -60.88
N MET B 562 -5.56 56.61 -59.75
CA MET B 562 -7.01 56.54 -59.70
C MET B 562 -7.69 57.76 -60.29
N ASP B 563 -7.07 58.92 -60.12
CA ASP B 563 -7.66 60.17 -60.59
C ASP B 563 -7.78 60.16 -62.11
N GLU B 564 -6.68 59.84 -62.79
CA GLU B 564 -6.65 59.78 -64.24
C GLU B 564 -7.71 58.82 -64.75
N ALA B 565 -7.86 57.69 -64.06
CA ALA B 565 -8.84 56.68 -64.42
C ALA B 565 -10.23 57.27 -64.28
N LEU B 566 -10.52 57.78 -63.09
CA LEU B 566 -11.81 58.36 -62.77
C LEU B 566 -12.18 59.42 -63.80
N ALA B 567 -11.20 60.24 -64.17
CA ALA B 567 -11.40 61.28 -65.16
C ALA B 567 -11.64 60.69 -66.54
N GLY B 568 -10.84 59.68 -66.89
CA GLY B 568 -10.94 59.04 -68.19
C GLY B 568 -12.30 58.42 -68.39
N LEU B 569 -12.80 57.74 -67.37
CA LEU B 569 -14.13 57.16 -67.47
C LEU B 569 -15.17 58.24 -67.74
N ASP B 570 -15.10 59.36 -67.02
CA ASP B 570 -16.06 60.44 -67.15
C ASP B 570 -16.21 60.89 -68.61
N THR B 571 -15.10 60.97 -69.33
CA THR B 571 -15.14 61.22 -70.76
C THR B 571 -15.77 60.00 -71.42
N VAL B 572 -15.29 58.84 -71.02
CA VAL B 572 -15.77 57.58 -71.57
C VAL B 572 -17.28 57.37 -71.42
N ILE B 573 -17.91 58.03 -70.43
CA ILE B 573 -19.38 57.93 -70.29
C ILE B 573 -20.12 58.86 -71.25
N LYS B 574 -19.76 60.13 -71.25
CA LYS B 574 -20.42 61.12 -72.09
C LYS B 574 -20.17 60.85 -73.57
N GLY B 575 -18.95 60.42 -73.88
CA GLY B 575 -18.56 60.20 -75.27
C GLY B 575 -19.39 59.17 -76.00
N ILE B 576 -20.04 58.26 -75.26
CA ILE B 576 -20.80 57.18 -75.89
C ILE B 576 -22.06 57.72 -76.56
N LYS B 577 -22.85 58.45 -75.79
CA LYS B 577 -24.03 59.15 -76.30
C LYS B 577 -24.90 58.25 -77.19
N GLY B 578 -25.15 57.04 -76.71
CA GLY B 578 -25.97 56.08 -77.44
C GLY B 578 -27.09 55.50 -76.60
N MET B 579 -28.12 55.00 -77.26
CA MET B 579 -29.23 54.30 -76.61
C MET B 579 -29.43 52.92 -77.23
N ASP B 580 -28.49 52.49 -78.05
CA ASP B 580 -28.50 51.15 -78.60
C ASP B 580 -28.48 50.15 -77.46
N LEU B 581 -29.10 48.99 -77.67
CA LEU B 581 -29.15 47.95 -76.64
C LEU B 581 -27.75 47.65 -76.12
N ARG B 582 -26.77 47.66 -77.03
CA ARG B 582 -25.38 47.35 -76.67
C ARG B 582 -24.68 48.55 -76.06
N SER B 583 -25.28 49.73 -76.19
CA SER B 583 -24.71 50.97 -75.65
C SER B 583 -25.09 51.19 -74.19
N ILE B 584 -26.38 51.04 -73.89
CA ILE B 584 -26.90 51.28 -72.55
C ILE B 584 -26.12 50.53 -71.46
N ASP B 585 -25.99 49.22 -71.63
CA ASP B 585 -25.30 48.41 -70.64
C ASP B 585 -23.83 48.81 -70.51
N PHE B 586 -23.27 49.33 -71.60
CA PHE B 586 -21.89 49.76 -71.57
C PHE B 586 -21.77 51.08 -70.81
N ARG B 587 -22.75 51.97 -71.02
CA ARG B 587 -22.84 53.18 -70.22
C ARG B 587 -22.93 52.80 -68.75
N ALA B 588 -23.79 51.84 -68.45
CA ALA B 588 -23.95 51.33 -67.08
C ALA B 588 -22.65 50.73 -66.57
N LEU B 589 -21.95 50.02 -67.46
CA LEU B 589 -20.69 49.37 -67.12
C LEU B 589 -19.67 50.40 -66.66
N ASN B 590 -19.46 51.41 -67.49
CA ASN B 590 -18.53 52.47 -67.15
C ASN B 590 -18.99 53.25 -65.92
N LEU B 591 -20.30 53.49 -65.82
CA LEU B 591 -20.88 54.12 -64.64
C LEU B 591 -20.52 53.33 -63.38
N TRP B 592 -20.60 52.02 -63.48
CA TRP B 592 -20.24 51.13 -62.36
C TRP B 592 -18.73 51.14 -62.09
N ARG B 593 -17.95 51.12 -63.16
CA ARG B 593 -16.49 51.14 -63.05
C ARG B 593 -16.00 52.39 -62.33
N GLN B 594 -16.55 53.54 -62.74
CA GLN B 594 -16.21 54.81 -62.11
C GLN B 594 -16.45 54.70 -60.60
N ALA B 595 -17.59 54.12 -60.23
CA ALA B 595 -17.94 53.95 -58.82
C ALA B 595 -16.93 53.07 -58.11
N LYS B 596 -16.62 51.92 -58.70
CA LYS B 596 -15.62 51.01 -58.14
C LYS B 596 -14.33 51.77 -57.86
N VAL B 597 -13.86 52.52 -58.86
CA VAL B 597 -12.66 53.31 -58.69
C VAL B 597 -12.88 54.40 -57.63
N TYR B 598 -14.09 54.95 -57.58
CA TYR B 598 -14.42 55.96 -56.58
C TYR B 598 -14.30 55.37 -55.17
N ILE B 599 -14.60 54.08 -55.04
CA ILE B 599 -14.35 53.37 -53.78
C ILE B 599 -12.85 53.15 -53.58
N MET B 600 -12.17 52.76 -54.66
CA MET B 600 -10.70 52.65 -54.61
C MET B 600 -10.10 53.97 -54.15
N LYS B 601 -10.76 55.08 -54.46
CA LYS B 601 -10.36 56.37 -53.89
C LYS B 601 -10.52 56.34 -52.37
N HIS B 602 -11.63 55.78 -51.89
CA HIS B 602 -11.90 55.70 -50.46
C HIS B 602 -10.94 54.75 -49.76
N ALA B 603 -10.35 53.83 -50.52
CA ALA B 603 -9.27 53.00 -50.00
C ALA B 603 -8.14 53.84 -49.39
N SER B 604 -7.85 54.98 -50.01
CA SER B 604 -6.83 55.90 -49.50
C SER B 604 -7.00 57.30 -50.08
N ALA B 608 -9.50 58.49 -45.33
CA ALA B 608 -10.12 59.13 -44.17
C ALA B 608 -11.37 59.95 -44.56
N LYS B 609 -11.41 60.42 -45.80
CA LYS B 609 -12.55 61.21 -46.28
C LYS B 609 -13.82 60.34 -46.37
N GLN B 610 -14.94 60.89 -45.90
CA GLN B 610 -16.19 60.14 -45.86
C GLN B 610 -17.07 60.38 -47.10
N GLU B 611 -16.65 61.33 -47.93
CA GLU B 611 -17.53 61.85 -48.98
C GLU B 611 -17.66 60.96 -50.22
N ASN B 612 -16.52 60.64 -50.85
CA ASN B 612 -16.50 60.03 -52.18
C ASN B 612 -17.27 58.71 -52.35
N VAL B 613 -17.29 57.90 -51.28
CA VAL B 613 -18.09 56.69 -51.23
C VAL B 613 -19.53 57.05 -51.58
N LYS B 614 -20.00 58.18 -51.05
CA LYS B 614 -21.36 58.65 -51.32
C LYS B 614 -21.53 58.94 -52.81
N CYS B 615 -20.47 59.44 -53.45
CA CYS B 615 -20.52 59.69 -54.88
C CYS B 615 -20.63 58.36 -55.60
N ALA B 616 -19.83 57.39 -55.15
CA ALA B 616 -19.93 56.05 -55.70
C ALA B 616 -21.37 55.53 -55.60
N PHE B 617 -21.98 55.66 -54.43
CA PHE B 617 -23.38 55.30 -54.23
C PHE B 617 -24.29 55.93 -55.30
N LYS B 618 -24.04 57.21 -55.60
CA LYS B 618 -24.83 57.92 -56.60
C LYS B 618 -24.64 57.29 -57.98
N LEU B 619 -23.38 57.09 -58.38
CA LEU B 619 -23.09 56.48 -59.68
C LEU B 619 -23.74 55.10 -59.83
N LEU B 620 -23.65 54.29 -58.78
CA LEU B 620 -24.29 52.99 -58.76
C LEU B 620 -25.82 53.12 -58.93
N ILE B 621 -26.40 54.03 -58.14
CA ILE B 621 -27.84 54.30 -58.20
C ILE B 621 -28.27 54.66 -59.62
N GLN B 622 -27.48 55.50 -60.27
CA GLN B 622 -27.67 55.82 -61.68
C GLN B 622 -27.64 54.54 -62.52
N SER B 623 -26.59 53.74 -62.35
CA SER B 623 -26.42 52.47 -63.09
C SER B 623 -27.64 51.60 -63.02
N ILE B 624 -28.03 51.28 -61.79
CA ILE B 624 -29.22 50.48 -61.53
C ILE B 624 -30.43 51.15 -62.17
N LYS B 625 -30.48 52.47 -62.06
CA LYS B 625 -31.57 53.25 -62.65
C LYS B 625 -31.63 53.15 -64.17
N ILE B 626 -30.48 53.20 -64.83
CA ILE B 626 -30.44 53.14 -66.29
C ILE B 626 -30.60 51.72 -66.82
N LEU B 627 -29.84 50.76 -66.30
CA LEU B 627 -29.87 49.45 -66.92
C LEU B 627 -31.09 48.68 -66.42
N ASP B 628 -31.31 48.68 -65.10
CA ASP B 628 -32.43 47.99 -64.48
C ASP B 628 -32.25 46.47 -64.41
N THR B 629 -31.30 45.94 -65.18
CA THR B 629 -30.98 44.52 -65.19
C THR B 629 -29.49 44.37 -64.91
N PHE B 630 -28.93 45.36 -64.22
CA PHE B 630 -27.49 45.43 -64.02
C PHE B 630 -27.08 45.01 -62.61
N ALA B 631 -26.81 43.72 -62.47
CA ALA B 631 -26.50 43.14 -61.15
C ALA B 631 -25.36 43.86 -60.41
N PRO B 632 -24.22 44.07 -61.09
CA PRO B 632 -23.05 44.62 -60.38
C PRO B 632 -23.36 45.93 -59.68
N GLY B 633 -24.33 46.67 -60.21
CA GLY B 633 -24.79 47.88 -59.58
C GLY B 633 -25.37 47.57 -58.21
N PHE B 634 -26.24 46.57 -58.17
CA PHE B 634 -26.87 46.18 -56.92
C PHE B 634 -25.85 45.55 -55.98
N SER B 635 -24.95 44.75 -56.54
CA SER B 635 -23.91 44.11 -55.74
C SER B 635 -23.03 45.17 -55.06
N THR B 636 -22.47 46.07 -55.85
CA THR B 636 -21.61 47.11 -55.32
C THR B 636 -22.39 47.98 -54.34
N LEU B 637 -23.57 48.44 -54.77
CA LEU B 637 -24.44 49.23 -53.91
C LEU B 637 -24.72 48.45 -52.62
N GLY B 638 -24.73 47.12 -52.72
CA GLY B 638 -24.83 46.27 -51.56
C GLY B 638 -23.56 46.26 -50.73
N ASP B 639 -22.42 46.26 -51.40
CA ASP B 639 -21.12 46.32 -50.72
C ASP B 639 -21.06 47.59 -49.87
N ILE B 640 -21.53 48.69 -50.43
CA ILE B 640 -21.57 49.95 -49.69
C ILE B 640 -22.34 49.78 -48.38
N TYR B 641 -23.58 49.33 -48.46
CA TYR B 641 -24.40 49.12 -47.26
C TYR B 641 -23.73 48.13 -46.33
N CYS B 642 -23.12 47.09 -46.89
CA CYS B 642 -22.52 46.02 -46.09
C CYS B 642 -21.32 46.51 -45.28
N HIS B 643 -20.43 47.29 -45.91
CA HIS B 643 -19.20 47.73 -45.25
C HIS B 643 -19.24 49.16 -44.74
N TYR B 644 -19.87 50.06 -45.49
CA TYR B 644 -19.74 51.49 -45.23
C TYR B 644 -20.91 52.12 -44.45
N TYR B 645 -22.14 51.82 -44.85
CA TYR B 645 -23.30 52.41 -44.19
C TYR B 645 -23.83 51.55 -43.04
N LYS B 646 -23.39 50.30 -42.98
CA LYS B 646 -23.81 49.41 -41.91
C LYS B 646 -25.33 49.25 -41.87
N ASP B 647 -25.93 49.02 -43.04
CA ASP B 647 -27.35 48.75 -43.15
C ASP B 647 -27.58 47.31 -43.57
N HIS B 648 -28.01 46.48 -42.62
CA HIS B 648 -28.18 45.06 -42.85
C HIS B 648 -29.32 44.78 -43.83
N LEU B 649 -30.51 45.28 -43.51
CA LEU B 649 -31.71 45.00 -44.31
C LEU B 649 -31.52 45.40 -45.78
N ARG B 650 -31.17 46.66 -46.01
CA ARG B 650 -31.02 47.17 -47.36
C ARG B 650 -29.95 46.40 -48.13
N ALA B 651 -28.84 46.12 -47.46
CA ALA B 651 -27.75 45.37 -48.07
C ALA B 651 -28.24 43.98 -48.51
N PHE B 652 -28.94 43.31 -47.60
CA PHE B 652 -29.49 41.99 -47.90
C PHE B 652 -30.40 42.07 -49.11
N LYS B 653 -31.33 43.03 -49.09
CA LYS B 653 -32.26 43.23 -50.19
C LYS B 653 -31.51 43.44 -51.49
N CYS B 654 -30.46 44.26 -51.43
CA CYS B 654 -29.66 44.54 -52.60
C CYS B 654 -29.00 43.28 -53.14
N TYR B 655 -28.25 42.59 -52.29
CA TYR B 655 -27.57 41.36 -52.72
C TYR B 655 -28.56 40.35 -53.26
N PHE B 656 -29.72 40.25 -52.62
CA PHE B 656 -30.76 39.35 -53.06
C PHE B 656 -31.22 39.77 -54.44
N LYS B 657 -31.35 41.09 -54.65
CA LYS B 657 -31.69 41.63 -55.96
C LYS B 657 -30.57 41.36 -56.97
N ALA B 658 -29.33 41.34 -56.49
CA ALA B 658 -28.18 41.11 -57.35
C ALA B 658 -28.10 39.66 -57.82
N PHE B 659 -28.15 38.73 -56.87
CA PHE B 659 -27.96 37.32 -57.16
C PHE B 659 -28.95 36.86 -58.24
N ASP B 660 -30.17 37.36 -58.15
CA ASP B 660 -31.23 36.99 -59.08
C ASP B 660 -30.84 37.34 -60.51
N LEU B 661 -30.12 38.45 -60.67
CA LEU B 661 -29.69 38.90 -61.98
C LEU B 661 -28.35 38.27 -62.38
N ASP B 662 -27.42 38.13 -61.43
CA ASP B 662 -26.08 37.65 -61.73
C ASP B 662 -25.94 36.14 -61.56
N ALA B 663 -26.24 35.65 -60.35
CA ALA B 663 -26.12 34.23 -60.01
C ALA B 663 -24.68 33.72 -60.13
N GLY B 664 -23.76 34.63 -60.40
CA GLY B 664 -22.37 34.28 -60.61
C GLY B 664 -21.45 35.13 -59.77
N ASP B 665 -22.02 35.81 -58.76
CA ASP B 665 -21.22 36.60 -57.83
C ASP B 665 -21.22 35.99 -56.43
N TYR B 666 -20.06 35.50 -56.06
CA TYR B 666 -19.82 34.83 -54.80
C TYR B 666 -20.32 35.67 -53.63
N THR B 667 -19.96 36.94 -53.64
CA THR B 667 -20.20 37.83 -52.52
C THR B 667 -21.66 37.87 -52.09
N ALA B 668 -22.56 38.05 -53.04
CA ALA B 668 -23.99 38.17 -52.74
C ALA B 668 -24.51 36.88 -52.10
N ALA B 669 -24.23 35.77 -52.76
CA ALA B 669 -24.60 34.45 -52.26
C ALA B 669 -24.13 34.28 -50.83
N LYS B 670 -22.85 34.62 -50.60
CA LYS B 670 -22.30 34.49 -49.26
C LYS B 670 -23.06 35.36 -48.26
N TYR B 671 -23.28 36.63 -48.56
CA TYR B 671 -23.99 37.50 -47.64
C TYR B 671 -25.39 36.98 -47.31
N ILE B 672 -26.16 36.64 -48.34
CA ILE B 672 -27.52 36.12 -48.17
C ILE B 672 -27.52 34.82 -47.38
N THR B 673 -26.67 33.89 -47.80
CA THR B 673 -26.56 32.59 -47.15
C THR B 673 -26.19 32.77 -45.68
N GLU B 674 -25.20 33.63 -45.42
CA GLU B 674 -24.73 33.86 -44.06
C GLU B 674 -25.88 34.41 -43.23
N THR B 675 -26.59 35.38 -43.80
CA THR B 675 -27.75 35.97 -43.13
C THR B 675 -28.76 34.89 -42.78
N TYR B 676 -29.15 34.08 -43.77
CA TYR B 676 -30.15 33.02 -43.53
C TYR B 676 -29.63 31.87 -42.67
N ALA B 677 -28.33 31.64 -42.67
CA ALA B 677 -27.74 30.57 -41.87
C ALA B 677 -27.93 30.85 -40.37
N SER B 678 -27.92 32.12 -40.01
CA SER B 678 -28.05 32.54 -38.62
C SER B 678 -29.50 32.53 -38.15
N LYS B 679 -30.43 32.66 -39.10
CA LYS B 679 -31.86 32.82 -38.82
C LYS B 679 -32.40 31.98 -37.66
N PRO B 680 -32.27 30.65 -37.73
CA PRO B 680 -31.73 29.84 -38.82
C PRO B 680 -32.84 29.27 -39.72
N ASN B 681 -32.67 29.41 -41.03
CA ASN B 681 -33.59 28.84 -42.00
C ASN B 681 -32.82 28.19 -43.13
N TRP B 682 -32.42 26.94 -42.91
CA TRP B 682 -31.51 26.24 -43.83
C TRP B 682 -32.15 25.90 -45.17
N GLN B 683 -33.48 25.82 -45.20
CA GLN B 683 -34.19 25.51 -46.43
C GLN B 683 -33.98 26.61 -47.47
N ALA B 684 -33.62 27.81 -47.01
CA ALA B 684 -33.33 28.92 -47.90
C ALA B 684 -31.86 28.90 -48.32
N ALA B 685 -30.98 28.79 -47.32
CA ALA B 685 -29.55 28.73 -47.57
C ALA B 685 -29.22 27.59 -48.51
N SER B 686 -29.94 26.49 -48.38
CA SER B 686 -29.79 25.36 -49.28
C SER B 686 -30.16 25.79 -50.70
N SER B 687 -31.17 26.64 -50.82
CA SER B 687 -31.61 27.12 -52.13
C SER B 687 -30.59 28.08 -52.76
N ILE B 688 -30.16 29.07 -52.00
CA ILE B 688 -29.14 30.00 -52.48
C ILE B 688 -27.86 29.25 -52.85
N ALA B 689 -27.36 28.46 -51.89
CA ALA B 689 -26.14 27.69 -52.08
C ALA B 689 -26.24 26.76 -53.27
N SER B 690 -27.30 25.94 -53.32
CA SER B 690 -27.49 25.02 -54.42
C SER B 690 -27.53 25.77 -55.75
N ARG B 691 -28.31 26.85 -55.79
CA ARG B 691 -28.40 27.66 -56.99
C ARG B 691 -27.00 28.12 -57.42
N LEU B 692 -26.24 28.65 -56.47
CA LEU B 692 -24.88 29.09 -56.74
C LEU B 692 -24.03 27.96 -57.31
N ILE B 693 -24.03 26.81 -56.65
CA ILE B 693 -23.20 25.68 -57.09
C ILE B 693 -23.60 25.22 -58.48
N LYS B 694 -24.90 24.99 -58.68
CA LYS B 694 -25.41 24.51 -59.96
C LYS B 694 -25.16 25.53 -61.05
N GLY B 695 -25.19 26.81 -60.68
CA GLY B 695 -24.92 27.90 -61.62
C GLY B 695 -23.63 27.68 -62.39
N GLU B 696 -22.59 27.23 -61.70
CA GLU B 696 -21.31 26.97 -62.33
C GLU B 696 -20.75 28.24 -62.94
N LYS B 697 -21.20 29.38 -62.42
CA LYS B 697 -20.70 30.67 -62.85
C LYS B 697 -19.65 31.18 -61.87
N ALA B 698 -19.39 30.40 -60.82
CA ALA B 698 -18.38 30.75 -59.83
C ALA B 698 -17.51 29.53 -59.55
N LYS B 699 -17.24 28.76 -60.60
CA LYS B 699 -16.46 27.54 -60.47
C LYS B 699 -15.09 27.84 -59.89
N ALA B 700 -14.55 29.01 -60.21
CA ALA B 700 -13.23 29.41 -59.76
C ALA B 700 -13.22 29.74 -58.28
N GLU B 701 -14.26 30.43 -57.82
CA GLU B 701 -14.36 30.86 -56.44
C GLU B 701 -14.59 29.67 -55.52
N LEU B 702 -15.42 28.72 -55.98
CA LEU B 702 -15.78 27.57 -55.16
C LEU B 702 -14.66 26.52 -55.10
N ARG B 703 -13.61 26.72 -55.88
CA ARG B 703 -12.44 25.85 -55.79
C ARG B 703 -11.67 26.12 -54.51
N SER B 704 -11.99 27.24 -53.86
CA SER B 704 -11.25 27.70 -52.69
C SER B 704 -12.09 27.68 -51.40
N ASN B 705 -13.34 28.10 -51.50
CA ASN B 705 -14.24 28.14 -50.34
C ASN B 705 -15.33 27.09 -50.47
N ASN B 706 -15.57 26.34 -49.39
CA ASN B 706 -16.40 25.15 -49.44
C ASN B 706 -17.80 25.31 -48.88
N TRP B 707 -18.18 26.52 -48.45
CA TRP B 707 -19.41 26.67 -47.69
C TRP B 707 -20.69 26.28 -48.42
N PRO B 708 -20.76 26.50 -49.75
CA PRO B 708 -22.02 26.11 -50.39
C PRO B 708 -22.34 24.62 -50.20
N PHE B 709 -21.36 23.79 -50.49
CA PHE B 709 -21.48 22.34 -50.35
C PHE B 709 -21.93 21.97 -48.95
N ARG B 710 -21.15 22.41 -47.97
CA ARG B 710 -21.49 22.21 -46.58
C ARG B 710 -22.93 22.61 -46.29
N VAL B 711 -23.30 23.82 -46.69
CA VAL B 711 -24.64 24.35 -46.41
C VAL B 711 -25.71 23.40 -46.95
N VAL B 712 -25.61 23.05 -48.23
CA VAL B 712 -26.56 22.11 -48.81
C VAL B 712 -26.61 20.83 -47.98
N GLY B 713 -25.43 20.33 -47.61
CA GLY B 713 -25.35 19.15 -46.77
C GLY B 713 -26.13 19.31 -45.47
N ILE B 714 -25.84 20.37 -44.73
CA ILE B 714 -26.47 20.59 -43.44
C ILE B 714 -27.98 20.69 -43.62
N ALA B 715 -28.38 21.46 -44.63
CA ALA B 715 -29.79 21.59 -44.96
C ALA B 715 -30.40 20.21 -45.15
N HIS B 716 -29.70 19.34 -45.87
CA HIS B 716 -30.15 17.97 -46.05
C HIS B 716 -30.14 17.20 -44.74
N LEU B 717 -29.20 17.50 -43.86
CA LEU B 717 -29.18 16.84 -42.55
C LEU B 717 -30.44 17.18 -41.78
N GLU B 718 -30.75 18.47 -41.67
CA GLU B 718 -31.90 18.86 -40.87
C GLU B 718 -33.25 18.49 -41.47
N LYS B 719 -33.24 17.95 -42.68
CA LYS B 719 -34.46 17.40 -43.27
C LYS B 719 -34.53 15.90 -43.01
N GLN B 720 -33.53 15.38 -42.31
CA GLN B 720 -33.45 13.97 -41.98
C GLN B 720 -33.44 13.14 -43.27
N GLU B 721 -32.70 13.64 -44.25
CA GLU B 721 -32.38 12.88 -45.45
C GLU B 721 -30.87 12.72 -45.56
N GLU B 722 -30.29 12.09 -44.54
CA GLU B 722 -28.84 12.02 -44.37
C GLU B 722 -28.13 11.40 -45.57
N SER B 723 -28.75 10.39 -46.17
CA SER B 723 -28.11 9.68 -47.27
C SER B 723 -27.78 10.64 -48.40
N ASP B 724 -28.64 11.63 -48.61
CA ASP B 724 -28.39 12.65 -49.62
C ASP B 724 -27.25 13.56 -49.21
N SER B 725 -27.10 13.76 -47.92
CA SER B 725 -26.14 14.73 -47.39
C SER B 725 -24.69 14.40 -47.71
N ILE B 726 -24.40 13.11 -47.88
CA ILE B 726 -23.03 12.63 -47.95
C ILE B 726 -22.25 13.24 -49.12
N GLU B 727 -22.81 13.16 -50.31
CA GLU B 727 -22.10 13.61 -51.51
C GLU B 727 -21.69 15.06 -51.40
N TRP B 728 -22.43 15.83 -50.62
CA TRP B 728 -22.13 17.25 -50.44
C TRP B 728 -20.98 17.46 -49.48
N PHE B 729 -21.08 16.87 -48.28
CA PHE B 729 -20.00 16.96 -47.30
C PHE B 729 -18.70 16.43 -47.91
N GLN B 730 -18.77 15.21 -48.45
CA GLN B 730 -17.60 14.59 -49.06
C GLN B 730 -16.95 15.53 -50.06
N SER B 731 -17.78 16.27 -50.78
CA SER B 731 -17.30 17.19 -51.80
C SER B 731 -16.72 18.45 -51.16
N ALA B 732 -17.36 18.91 -50.09
CA ALA B 732 -16.87 20.07 -49.35
C ALA B 732 -15.48 19.82 -48.79
N LEU B 733 -15.29 18.66 -48.19
CA LEU B 733 -14.00 18.32 -47.59
C LEU B 733 -12.89 18.17 -48.62
N ARG B 734 -13.26 17.85 -49.86
CA ARG B 734 -12.29 17.74 -50.93
C ARG B 734 -11.65 19.10 -51.20
N VAL B 735 -12.37 20.16 -50.82
CA VAL B 735 -11.89 21.52 -50.99
C VAL B 735 -11.13 21.97 -49.73
N ASP B 736 -11.79 21.86 -48.58
CA ASP B 736 -11.18 22.24 -47.30
C ASP B 736 -11.17 21.05 -46.36
N PRO B 737 -10.17 20.16 -46.49
CA PRO B 737 -10.12 18.95 -45.69
C PRO B 737 -9.92 19.19 -44.20
N ASN B 738 -9.77 20.44 -43.80
CA ASN B 738 -9.63 20.80 -42.39
C ASN B 738 -10.92 21.34 -41.78
N ASP B 739 -12.01 21.27 -42.54
CA ASP B 739 -13.31 21.75 -42.08
C ASP B 739 -13.93 20.75 -41.11
N VAL B 740 -13.85 21.07 -39.83
CA VAL B 740 -14.25 20.15 -38.78
C VAL B 740 -15.72 19.78 -38.81
N GLU B 741 -16.58 20.80 -38.71
CA GLU B 741 -18.01 20.57 -38.63
C GLU B 741 -18.56 19.76 -39.80
N SER B 742 -17.89 19.86 -40.95
CA SER B 742 -18.30 19.09 -42.11
C SER B 742 -17.93 17.62 -41.93
N TRP B 743 -16.76 17.34 -41.36
CA TRP B 743 -16.42 15.97 -40.99
C TRP B 743 -17.48 15.46 -40.04
N VAL B 744 -17.77 16.23 -38.99
CA VAL B 744 -18.75 15.82 -38.00
C VAL B 744 -20.09 15.50 -38.65
N GLY B 745 -20.58 16.44 -39.45
CA GLY B 745 -21.81 16.21 -40.18
C GLY B 745 -21.72 14.93 -40.99
N LEU B 746 -20.63 14.78 -41.74
CA LEU B 746 -20.44 13.62 -42.59
C LEU B 746 -20.56 12.33 -41.81
N GLY B 747 -19.83 12.25 -40.70
CA GLY B 747 -19.87 11.08 -39.85
C GLY B 747 -21.27 10.86 -39.32
N GLN B 748 -21.93 11.96 -38.97
CA GLN B 748 -23.30 11.87 -38.47
C GLN B 748 -24.21 11.31 -39.56
N ALA B 749 -23.93 11.66 -40.81
CA ALA B 749 -24.70 11.13 -41.92
C ALA B 749 -24.39 9.65 -42.09
N TYR B 750 -23.11 9.29 -42.00
CA TYR B 750 -22.72 7.89 -42.08
C TYR B 750 -23.48 7.09 -41.04
N HIS B 751 -23.48 7.60 -39.81
CA HIS B 751 -24.11 6.88 -38.71
C HIS B 751 -25.59 6.65 -38.98
N ALA B 752 -26.18 7.51 -39.80
CA ALA B 752 -27.58 7.37 -40.15
C ALA B 752 -27.76 6.42 -41.33
N CYS B 753 -26.67 5.82 -41.77
CA CYS B 753 -26.71 4.86 -42.87
C CYS B 753 -25.99 3.61 -42.45
N GLY B 754 -25.88 3.44 -41.14
CA GLY B 754 -25.29 2.25 -40.59
C GLY B 754 -23.93 2.00 -41.21
N ARG B 755 -23.16 3.07 -41.42
CA ARG B 755 -21.76 2.90 -41.78
C ARG B 755 -20.92 3.09 -40.53
N ILE B 756 -21.32 2.40 -39.47
CA ILE B 756 -20.99 2.82 -38.12
C ILE B 756 -19.49 2.92 -37.89
N GLU B 757 -18.73 1.92 -38.31
CA GLU B 757 -17.28 1.94 -38.15
C GLU B 757 -16.69 3.14 -38.89
N ALA B 758 -17.21 3.42 -40.08
CA ALA B 758 -16.79 4.62 -40.79
C ALA B 758 -17.10 5.85 -39.94
N SER B 759 -18.27 5.90 -39.31
CA SER B 759 -18.59 7.00 -38.41
C SER B 759 -17.48 7.14 -37.38
N ILE B 760 -17.14 6.02 -36.75
CA ILE B 760 -16.06 6.00 -35.78
C ILE B 760 -14.86 6.73 -36.37
N LYS B 761 -14.39 6.27 -37.53
CA LYS B 761 -13.22 6.90 -38.15
C LYS B 761 -13.39 8.40 -38.44
N VAL B 762 -14.54 8.78 -38.98
CA VAL B 762 -14.78 10.18 -39.30
C VAL B 762 -14.68 11.03 -38.05
N PHE B 763 -15.45 10.68 -37.03
CA PHE B 763 -15.40 11.43 -35.77
C PHE B 763 -14.01 11.42 -35.19
N ASP B 764 -13.31 10.31 -35.38
CA ASP B 764 -11.92 10.21 -34.94
C ASP B 764 -11.07 11.27 -35.61
N LYS B 765 -11.22 11.44 -36.92
CA LYS B 765 -10.51 12.52 -37.61
C LYS B 765 -10.97 13.88 -37.11
N ALA B 766 -12.28 14.05 -36.95
CA ALA B 766 -12.82 15.31 -36.44
C ALA B 766 -12.12 15.70 -35.14
N ILE B 767 -12.03 14.75 -34.22
CA ILE B 767 -11.28 14.99 -32.97
C ILE B 767 -9.81 15.23 -33.27
N GLN B 768 -9.25 14.45 -34.20
CA GLN B 768 -7.84 14.58 -34.56
C GLN B 768 -7.51 16.02 -34.91
N LEU B 769 -8.40 16.66 -35.65
CA LEU B 769 -8.24 18.06 -35.99
C LEU B 769 -8.42 18.94 -34.75
N ARG B 770 -9.63 18.92 -34.19
CA ARG B 770 -9.96 19.71 -33.00
C ARG B 770 -10.23 18.80 -31.83
N PRO B 771 -9.24 18.56 -30.97
CA PRO B 771 -9.47 17.62 -29.88
C PRO B 771 -10.29 18.28 -28.76
N SER B 772 -10.44 19.59 -28.83
CA SER B 772 -11.24 20.34 -27.87
C SER B 772 -12.72 20.28 -28.23
N HIS B 773 -13.08 19.34 -29.09
CA HIS B 773 -14.44 19.17 -29.57
C HIS B 773 -15.18 18.16 -28.71
N THR B 774 -16.29 18.59 -28.11
CA THR B 774 -17.04 17.72 -27.21
C THR B 774 -18.04 16.87 -28.00
N PHE B 775 -18.70 17.49 -28.97
CA PHE B 775 -19.72 16.78 -29.74
C PHE B 775 -19.13 15.67 -30.58
N ALA B 776 -17.97 15.91 -31.17
CA ALA B 776 -17.30 14.87 -31.94
C ALA B 776 -17.02 13.68 -31.04
N GLN B 777 -16.55 13.97 -29.83
CA GLN B 777 -16.29 12.93 -28.85
C GLN B 777 -17.59 12.18 -28.52
N TYR B 778 -18.66 12.93 -28.24
CA TYR B 778 -19.98 12.34 -28.01
C TYR B 778 -20.38 11.36 -29.12
N PHE B 779 -20.41 11.86 -30.35
CA PHE B 779 -20.80 11.05 -31.50
C PHE B 779 -19.91 9.81 -31.64
N LYS B 780 -18.60 10.01 -31.53
CA LYS B 780 -17.67 8.90 -31.58
C LYS B 780 -18.00 7.89 -30.49
N ALA B 781 -18.30 8.38 -29.30
CA ALA B 781 -18.62 7.51 -28.19
C ALA B 781 -19.84 6.66 -28.52
N ILE B 782 -20.90 7.30 -28.96
CA ILE B 782 -22.11 6.57 -29.34
C ILE B 782 -21.83 5.52 -30.42
N SER B 783 -21.18 5.93 -31.52
CA SER B 783 -20.87 4.98 -32.58
C SER B 783 -20.06 3.80 -32.04
N LEU B 784 -19.03 4.10 -31.25
CA LEU B 784 -18.24 3.07 -30.60
C LEU B 784 -19.14 2.12 -29.83
N CYS B 785 -20.07 2.68 -29.06
CA CYS B 785 -21.04 1.87 -28.32
C CYS B 785 -21.83 0.98 -29.26
N ASP B 786 -22.29 1.54 -30.38
CA ASP B 786 -23.05 0.78 -31.36
C ASP B 786 -22.24 -0.38 -31.94
N VAL B 787 -20.97 -0.14 -32.24
CA VAL B 787 -20.13 -1.22 -32.75
C VAL B 787 -19.86 -2.25 -31.65
N GLY B 788 -19.91 -1.82 -30.40
CA GLY B 788 -19.81 -2.75 -29.28
C GLY B 788 -18.62 -2.52 -28.36
N GLU B 789 -17.79 -1.53 -28.67
CA GLU B 789 -16.63 -1.24 -27.81
C GLU B 789 -17.05 -0.26 -26.71
N TYR B 790 -17.54 -0.80 -25.59
CA TYR B 790 -18.10 0.03 -24.53
C TYR B 790 -17.04 0.79 -23.74
N LEU B 791 -15.89 0.17 -23.55
CA LEU B 791 -14.85 0.78 -22.71
C LEU B 791 -14.45 2.15 -23.24
N GLU B 792 -14.03 2.19 -24.50
CA GLU B 792 -13.63 3.42 -25.15
C GLU B 792 -14.77 4.44 -25.10
N SER B 793 -15.96 3.99 -25.47
CA SER B 793 -17.14 4.84 -25.45
C SER B 793 -17.33 5.47 -24.08
N LEU B 794 -17.17 4.66 -23.03
CA LEU B 794 -17.39 5.16 -21.68
C LEU B 794 -16.28 6.13 -21.25
N ASP B 795 -15.03 5.79 -21.54
CA ASP B 795 -13.92 6.70 -21.21
C ASP B 795 -14.17 8.05 -21.86
N ILE B 796 -14.54 8.01 -23.13
CA ILE B 796 -14.91 9.22 -23.88
C ILE B 796 -16.04 9.97 -23.18
N LEU B 797 -17.20 9.32 -23.04
CA LEU B 797 -18.38 9.99 -22.48
C LEU B 797 -18.20 10.52 -21.07
N GLU B 798 -17.44 9.80 -20.24
CA GLU B 798 -17.16 10.25 -18.89
C GLU B 798 -16.23 11.46 -18.93
N LYS B 799 -15.15 11.34 -19.70
CA LYS B 799 -14.22 12.45 -19.90
C LYS B 799 -14.95 13.71 -20.38
N VAL B 800 -15.94 13.54 -21.26
CA VAL B 800 -16.74 14.69 -21.70
C VAL B 800 -17.67 15.18 -20.61
N CYS B 801 -18.45 14.27 -20.04
CA CYS B 801 -19.45 14.61 -19.05
C CYS B 801 -18.85 15.36 -17.87
N GLN B 802 -17.61 15.05 -17.52
CA GLN B 802 -16.91 15.85 -16.52
C GLN B 802 -16.68 17.28 -17.03
N GLU B 803 -16.17 17.41 -18.25
CA GLU B 803 -15.76 18.70 -18.80
C GLU B 803 -16.92 19.67 -19.04
N ALA B 804 -18.08 19.14 -19.39
CA ALA B 804 -19.28 19.96 -19.62
C ALA B 804 -20.52 19.31 -19.02
N ALA B 805 -20.57 19.25 -17.69
CA ALA B 805 -21.66 18.58 -17.00
C ALA B 805 -22.96 19.37 -17.09
N THR B 806 -22.89 20.56 -17.66
CA THR B 806 -24.05 21.42 -17.76
C THR B 806 -25.06 20.87 -18.77
N GLU B 807 -24.56 20.16 -19.77
CA GLU B 807 -25.38 19.78 -20.91
C GLU B 807 -26.01 18.39 -20.77
N GLU B 808 -27.19 18.24 -21.36
CA GLU B 808 -28.08 17.10 -21.14
C GLU B 808 -27.68 15.88 -21.97
N SER B 809 -27.56 16.10 -23.28
CA SER B 809 -27.28 15.05 -24.23
C SER B 809 -26.14 14.14 -23.81
N PHE B 810 -25.06 14.74 -23.32
CA PHE B 810 -23.90 13.98 -22.89
C PHE B 810 -24.25 13.03 -21.76
N GLN B 811 -24.88 13.57 -20.71
CA GLN B 811 -25.31 12.76 -19.57
C GLN B 811 -26.20 11.60 -20.01
N ILE B 812 -27.23 11.94 -20.78
CA ILE B 812 -28.15 10.91 -21.28
C ILE B 812 -27.36 9.85 -22.06
N GLY B 813 -26.40 10.31 -22.86
CA GLY B 813 -25.51 9.41 -23.56
C GLY B 813 -24.75 8.46 -22.64
N LEU B 814 -24.13 9.01 -21.60
CA LEU B 814 -23.47 8.20 -20.58
C LEU B 814 -24.41 7.13 -20.06
N VAL B 815 -25.62 7.53 -19.67
CA VAL B 815 -26.61 6.56 -19.22
C VAL B 815 -26.83 5.49 -20.29
N GLU B 816 -27.12 5.92 -21.51
CA GLU B 816 -27.35 4.99 -22.60
C GLU B 816 -26.25 3.96 -22.71
N VAL B 817 -25.02 4.42 -22.96
CA VAL B 817 -23.90 3.51 -23.12
C VAL B 817 -23.77 2.59 -21.91
N LEU B 818 -23.94 3.15 -20.71
CA LEU B 818 -23.85 2.32 -19.51
C LEU B 818 -24.89 1.20 -19.48
N MET B 819 -26.16 1.52 -19.67
CA MET B 819 -27.15 0.48 -19.61
C MET B 819 -27.01 -0.54 -20.75
N ARG B 820 -26.58 -0.07 -21.91
CA ARG B 820 -26.35 -0.97 -23.02
C ARG B 820 -25.23 -1.93 -22.63
N CYS B 821 -24.20 -1.39 -21.99
CA CYS B 821 -23.14 -2.21 -21.43
C CYS B 821 -23.73 -3.22 -20.47
N SER B 822 -24.60 -2.76 -19.57
CA SER B 822 -25.24 -3.65 -18.60
C SER B 822 -25.91 -4.82 -19.29
N LEU B 823 -26.86 -4.53 -20.17
CA LEU B 823 -27.60 -5.59 -20.85
C LEU B 823 -26.67 -6.51 -21.64
N ASP B 824 -25.69 -5.92 -22.32
CA ASP B 824 -24.76 -6.71 -23.10
C ASP B 824 -24.01 -7.68 -22.19
N LEU B 825 -23.39 -7.16 -21.13
CA LEU B 825 -22.61 -7.99 -20.22
C LEU B 825 -23.47 -9.02 -19.51
N TYR B 826 -24.73 -8.67 -19.26
CA TYR B 826 -25.67 -9.64 -18.72
C TYR B 826 -25.87 -10.75 -19.72
N SER B 827 -26.17 -10.36 -20.95
CA SER B 827 -26.46 -11.31 -22.01
C SER B 827 -25.28 -12.23 -22.29
N GLN B 828 -24.08 -11.66 -22.32
CA GLN B 828 -22.90 -12.46 -22.61
C GLN B 828 -22.45 -13.34 -21.44
N GLY B 829 -23.06 -13.19 -20.26
CA GLY B 829 -22.76 -14.06 -19.13
C GLY B 829 -22.06 -13.42 -17.93
N PHE B 830 -21.55 -12.21 -18.12
CA PHE B 830 -20.88 -11.50 -17.05
C PHE B 830 -21.91 -10.97 -16.05
N LEU B 831 -22.57 -11.90 -15.37
CA LEU B 831 -23.71 -11.57 -14.52
C LEU B 831 -23.40 -10.55 -13.42
N LEU B 832 -22.34 -10.81 -12.66
CA LEU B 832 -22.04 -9.96 -11.51
C LEU B 832 -21.65 -8.55 -11.93
N LYS B 833 -20.80 -8.42 -12.94
CA LYS B 833 -20.39 -7.09 -13.39
C LYS B 833 -21.58 -6.29 -13.93
N SER B 834 -22.55 -6.99 -14.50
CA SER B 834 -23.74 -6.34 -15.03
C SER B 834 -24.44 -5.52 -13.95
N VAL B 835 -24.59 -6.13 -12.77
CA VAL B 835 -25.22 -5.45 -11.65
C VAL B 835 -24.44 -4.20 -11.26
N SER B 836 -23.12 -4.31 -11.24
CA SER B 836 -22.27 -3.17 -10.91
C SER B 836 -22.52 -2.04 -11.89
N ILE B 837 -22.51 -2.36 -13.18
CA ILE B 837 -22.82 -1.36 -14.19
C ILE B 837 -24.24 -0.81 -14.00
N ALA B 838 -25.16 -1.66 -13.55
CA ALA B 838 -26.52 -1.22 -13.27
C ALA B 838 -26.56 -0.21 -12.12
N LYS B 839 -25.91 -0.54 -11.01
CA LYS B 839 -25.86 0.36 -9.88
C LYS B 839 -25.26 1.70 -10.31
N ASP B 840 -24.14 1.60 -11.03
CA ASP B 840 -23.47 2.78 -11.56
C ASP B 840 -24.43 3.64 -12.38
N THR B 841 -25.11 3.01 -13.34
CA THR B 841 -25.97 3.78 -14.23
C THR B 841 -27.19 4.37 -13.51
N ILE B 842 -27.76 3.64 -12.54
CA ILE B 842 -28.84 4.21 -11.75
C ILE B 842 -28.35 5.41 -10.94
N GLU B 843 -27.16 5.30 -10.34
CA GLU B 843 -26.57 6.45 -9.66
C GLU B 843 -26.47 7.63 -10.62
N ARG B 844 -25.97 7.39 -11.82
CA ARG B 844 -25.90 8.44 -12.82
C ARG B 844 -27.28 9.05 -13.10
N ILE B 845 -28.30 8.21 -13.28
CA ILE B 845 -29.65 8.72 -13.51
C ILE B 845 -30.12 9.60 -12.36
N LYS B 846 -29.89 9.15 -11.14
CA LYS B 846 -30.18 9.98 -9.98
C LYS B 846 -29.49 11.34 -10.12
N ILE B 847 -28.20 11.30 -10.45
CA ILE B 847 -27.45 12.55 -10.66
C ILE B 847 -28.07 13.43 -11.75
N ILE B 848 -28.54 12.84 -12.85
CA ILE B 848 -29.21 13.62 -13.88
C ILE B 848 -30.44 14.30 -13.31
N ILE B 849 -31.31 13.53 -12.67
CA ILE B 849 -32.55 14.11 -12.15
C ILE B 849 -32.31 15.14 -11.05
N SER B 850 -31.26 14.95 -10.24
CA SER B 850 -30.97 15.89 -9.17
C SER B 850 -30.21 17.13 -9.65
N GLU B 851 -29.28 16.94 -10.56
CA GLU B 851 -28.39 18.01 -10.98
C GLU B 851 -29.00 18.90 -12.05
N LEU B 852 -29.72 18.30 -13.00
CA LEU B 852 -30.23 19.03 -14.14
C LEU B 852 -31.76 19.15 -14.08
N LYS B 853 -32.41 18.20 -13.43
CA LYS B 853 -33.87 18.09 -13.47
C LYS B 853 -34.31 17.92 -14.92
N CYS B 854 -33.47 17.21 -15.69
CA CYS B 854 -33.66 17.01 -17.11
C CYS B 854 -34.49 15.76 -17.38
N GLU B 855 -35.64 15.94 -18.02
CA GLU B 855 -36.59 14.85 -18.25
C GLU B 855 -36.72 14.50 -19.73
N ASN B 856 -36.08 13.40 -20.14
CA ASN B 856 -36.24 12.87 -21.49
C ASN B 856 -37.20 11.70 -21.47
N GLN B 857 -37.79 11.39 -22.61
CA GLN B 857 -38.59 10.18 -22.72
C GLN B 857 -37.72 8.96 -22.46
N GLN B 858 -36.44 9.11 -22.76
CA GLN B 858 -35.51 7.99 -22.82
C GLN B 858 -34.99 7.52 -21.46
N VAL B 859 -34.66 8.46 -20.59
CA VAL B 859 -34.05 8.12 -19.30
C VAL B 859 -34.87 7.09 -18.54
N TRP B 860 -36.18 7.27 -18.52
CA TRP B 860 -37.06 6.37 -17.79
C TRP B 860 -37.09 4.96 -18.42
N ILE B 861 -36.99 4.89 -19.75
CA ILE B 861 -36.86 3.61 -20.44
C ILE B 861 -35.53 2.99 -20.05
N TYR B 862 -34.48 3.81 -20.03
CA TYR B 862 -33.16 3.34 -19.68
C TYR B 862 -33.19 2.69 -18.29
N LEU B 863 -33.66 3.47 -17.31
CA LEU B 863 -33.85 2.97 -15.95
C LEU B 863 -34.70 1.70 -15.94
N SER B 864 -35.80 1.71 -16.68
CA SER B 864 -36.66 0.53 -16.78
C SER B 864 -35.86 -0.69 -17.22
N GLN B 865 -35.05 -0.53 -18.27
CA GLN B 865 -34.25 -1.63 -18.79
C GLN B 865 -33.15 -2.05 -17.81
N VAL B 866 -32.57 -1.08 -17.11
CA VAL B 866 -31.53 -1.39 -16.12
C VAL B 866 -32.08 -2.17 -14.94
N LEU B 867 -33.22 -1.71 -14.39
CA LEU B 867 -33.79 -2.32 -13.19
C LEU B 867 -34.10 -3.79 -13.36
N ARG B 868 -34.37 -4.22 -14.59
CA ARG B 868 -34.76 -5.60 -14.86
C ARG B 868 -33.68 -6.53 -14.35
N LEU B 869 -32.44 -6.08 -14.41
CA LEU B 869 -31.32 -6.91 -14.04
C LEU B 869 -31.41 -7.33 -12.57
N PHE B 870 -31.64 -6.37 -11.68
CA PHE B 870 -31.84 -6.69 -10.27
C PHE B 870 -32.96 -7.73 -10.11
N ILE B 871 -33.99 -7.61 -10.95
CA ILE B 871 -35.14 -8.49 -10.87
C ILE B 871 -34.77 -9.88 -11.35
N TRP B 872 -34.04 -9.94 -12.46
CA TRP B 872 -33.72 -11.20 -13.10
C TRP B 872 -32.72 -11.99 -12.28
N ILE B 873 -31.59 -11.36 -11.96
CA ILE B 873 -30.53 -12.03 -11.18
C ILE B 873 -30.63 -11.64 -9.70
N GLU B 874 -31.23 -12.54 -8.92
CA GLU B 874 -31.58 -12.25 -7.55
C GLU B 874 -30.37 -12.25 -6.62
N SER B 875 -29.27 -12.85 -7.07
CA SER B 875 -28.09 -13.03 -6.22
C SER B 875 -27.62 -11.70 -5.63
N LYS B 876 -27.52 -10.67 -6.46
CA LYS B 876 -27.11 -9.34 -5.99
C LYS B 876 -28.27 -8.36 -6.00
N VAL B 877 -29.49 -8.86 -5.83
CA VAL B 877 -30.67 -7.99 -5.81
C VAL B 877 -30.60 -7.01 -4.65
N ASP B 878 -29.78 -7.33 -3.65
CA ASP B 878 -29.62 -6.47 -2.49
C ASP B 878 -28.78 -5.24 -2.81
N THR B 879 -28.09 -5.26 -3.95
CA THR B 879 -27.30 -4.11 -4.39
C THR B 879 -28.21 -2.94 -4.73
N LEU B 880 -29.43 -3.26 -5.15
CA LEU B 880 -30.46 -2.28 -5.52
C LEU B 880 -30.54 -1.12 -4.52
N PRO B 881 -30.22 0.10 -4.98
CA PRO B 881 -30.26 1.26 -4.07
C PRO B 881 -31.65 1.87 -3.94
N VAL B 882 -32.34 1.55 -2.85
CA VAL B 882 -33.66 2.10 -2.61
C VAL B 882 -33.61 3.62 -2.51
N GLU B 883 -32.67 4.12 -1.72
CA GLU B 883 -32.57 5.55 -1.46
C GLU B 883 -32.43 6.32 -2.77
N SER B 884 -31.45 5.92 -3.56
CA SER B 884 -31.17 6.56 -4.84
C SER B 884 -32.42 6.61 -5.71
N LEU B 885 -33.17 5.51 -5.70
CA LEU B 885 -34.41 5.42 -6.46
C LEU B 885 -35.47 6.38 -5.93
N VAL B 886 -35.68 6.36 -4.61
CA VAL B 886 -36.64 7.26 -4.00
C VAL B 886 -36.32 8.70 -4.38
N SER B 887 -35.04 9.07 -4.31
CA SER B 887 -34.63 10.40 -4.74
C SER B 887 -34.94 10.62 -6.22
N ILE B 888 -34.55 9.65 -7.05
CA ILE B 888 -34.78 9.73 -8.49
C ILE B 888 -36.26 9.93 -8.82
N PHE B 889 -37.14 9.31 -8.05
CA PHE B 889 -38.57 9.45 -8.30
C PHE B 889 -39.16 10.70 -7.64
N GLU B 890 -38.64 11.07 -6.48
CA GLU B 890 -39.16 12.20 -5.73
C GLU B 890 -38.82 13.51 -6.44
N ASN B 891 -37.63 13.58 -7.01
CA ASN B 891 -37.19 14.79 -7.71
C ASN B 891 -37.99 15.08 -8.98
N SER B 892 -38.28 14.04 -9.76
CA SER B 892 -39.03 14.21 -11.01
C SER B 892 -40.53 14.36 -10.71
N GLN B 893 -41.18 15.23 -11.48
CA GLN B 893 -42.61 15.49 -11.30
C GLN B 893 -43.42 14.76 -12.37
N PHE B 894 -44.37 13.96 -11.91
CA PHE B 894 -45.25 13.22 -12.80
C PHE B 894 -46.70 13.54 -12.48
N SER B 895 -47.44 13.90 -13.52
CA SER B 895 -48.87 14.21 -13.39
C SER B 895 -49.62 13.03 -12.79
N GLY B 896 -49.23 11.82 -13.17
CA GLY B 896 -49.85 10.64 -12.62
C GLY B 896 -51.06 10.21 -13.41
N SER B 897 -51.28 8.91 -13.45
CA SER B 897 -52.45 8.32 -14.08
C SER B 897 -53.23 7.46 -13.08
N GLU B 898 -54.38 7.96 -12.64
CA GLU B 898 -55.19 7.28 -11.62
C GLU B 898 -55.69 5.94 -12.13
N GLU B 899 -56.06 5.87 -13.40
CA GLU B 899 -56.55 4.65 -14.00
C GLU B 899 -55.51 3.53 -13.94
N ILE B 900 -54.24 3.88 -14.18
CA ILE B 900 -53.16 2.91 -14.15
C ILE B 900 -52.72 2.67 -12.71
N ASP B 901 -52.58 3.74 -11.94
CA ASP B 901 -52.19 3.64 -10.53
C ASP B 901 -53.20 2.85 -9.71
N SER B 902 -54.47 2.98 -10.04
CA SER B 902 -55.53 2.32 -9.28
C SER B 902 -55.53 0.81 -9.49
N VAL B 903 -55.01 0.35 -10.62
CA VAL B 903 -54.96 -1.07 -10.91
C VAL B 903 -53.85 -1.78 -10.14
N ASP B 904 -52.64 -1.23 -10.18
CA ASP B 904 -51.48 -1.87 -9.58
C ASP B 904 -51.31 -1.51 -8.10
N ASN B 905 -51.96 -0.43 -7.68
CA ASN B 905 -51.84 0.08 -6.33
C ASN B 905 -50.40 0.45 -5.98
N ILE B 906 -49.77 1.21 -6.88
CA ILE B 906 -48.38 1.63 -6.71
C ILE B 906 -48.21 3.14 -6.89
N LYS B 907 -47.75 3.79 -5.82
CA LYS B 907 -47.35 5.19 -5.85
C LYS B 907 -46.06 5.33 -5.06
N ILE B 908 -45.32 6.41 -5.27
CA ILE B 908 -44.03 6.59 -4.61
C ILE B 908 -44.18 6.59 -3.09
N ASP B 909 -45.31 7.11 -2.62
CA ASP B 909 -45.58 7.16 -1.18
C ASP B 909 -46.12 5.84 -0.65
N THR B 910 -46.76 5.06 -1.52
CA THR B 910 -47.46 3.84 -1.11
C THR B 910 -46.60 2.58 -1.09
N LEU B 911 -45.77 2.40 -2.11
CA LEU B 911 -45.11 1.11 -2.33
C LEU B 911 -44.11 0.71 -1.25
N LEU B 912 -43.36 1.68 -0.74
CA LEU B 912 -42.36 1.38 0.29
C LEU B 912 -43.00 1.28 1.68
N ASP B 913 -44.27 1.66 1.76
CA ASP B 913 -45.03 1.57 3.00
C ASP B 913 -45.25 0.10 3.37
N SER B 914 -45.45 -0.73 2.36
CA SER B 914 -45.68 -2.16 2.56
C SER B 914 -44.50 -2.78 3.30
N THR B 915 -44.81 -3.69 4.20
CA THR B 915 -43.80 -4.37 5.00
C THR B 915 -43.74 -5.85 4.62
N THR B 916 -42.59 -6.47 4.86
CA THR B 916 -42.43 -7.90 4.63
C THR B 916 -42.54 -8.27 3.17
N ASP B 917 -42.10 -7.37 2.30
CA ASP B 917 -42.01 -7.63 0.87
C ASP B 917 -40.54 -7.69 0.47
N ASP B 918 -40.18 -8.72 -0.30
CA ASP B 918 -38.79 -8.97 -0.65
C ASP B 918 -38.21 -7.87 -1.54
N ASN B 919 -36.88 -7.73 -1.54
CA ASN B 919 -36.19 -6.78 -2.39
C ASN B 919 -36.61 -6.90 -3.84
N VAL B 920 -36.89 -8.13 -4.25
CA VAL B 920 -37.31 -8.42 -5.62
C VAL B 920 -38.58 -7.67 -5.94
N SER B 921 -39.58 -7.81 -5.09
CA SER B 921 -40.86 -7.14 -5.30
C SER B 921 -40.66 -5.63 -5.32
N ILE B 922 -39.82 -5.13 -4.42
CA ILE B 922 -39.50 -3.71 -4.36
C ILE B 922 -38.95 -3.27 -5.72
N ALA B 923 -37.96 -4.00 -6.20
CA ALA B 923 -37.40 -3.76 -7.52
C ALA B 923 -38.49 -3.74 -8.58
N CYS B 924 -39.39 -4.73 -8.55
CA CYS B 924 -40.50 -4.80 -9.49
C CYS B 924 -41.30 -3.52 -9.46
N LYS B 925 -41.71 -3.12 -8.25
CA LYS B 925 -42.51 -1.91 -8.07
C LYS B 925 -41.78 -0.70 -8.65
N PHE B 926 -40.49 -0.59 -8.38
CA PHE B 926 -39.70 0.49 -8.96
C PHE B 926 -39.65 0.40 -10.47
N LEU B 927 -39.58 -0.83 -11.00
CA LEU B 927 -39.58 -1.03 -12.44
C LEU B 927 -40.85 -0.45 -13.03
N ILE B 928 -41.99 -0.85 -12.45
CA ILE B 928 -43.29 -0.33 -12.90
C ILE B 928 -43.33 1.19 -12.80
N LEU B 929 -43.04 1.70 -11.62
CA LEU B 929 -43.08 3.15 -11.36
C LEU B 929 -42.24 3.89 -12.38
N ALA B 930 -41.05 3.36 -12.65
CA ALA B 930 -40.15 3.96 -13.62
C ALA B 930 -40.79 3.97 -15.00
N SER B 931 -41.16 2.79 -15.47
CA SER B 931 -41.77 2.67 -16.79
C SER B 931 -42.99 3.58 -16.92
N LYS B 932 -43.69 3.75 -15.81
CA LYS B 932 -44.90 4.56 -15.77
C LYS B 932 -44.61 6.05 -15.73
N TYR B 933 -43.55 6.44 -15.02
CA TYR B 933 -43.20 7.85 -14.87
C TYR B 933 -42.70 8.50 -16.15
N SER B 934 -42.48 7.72 -17.20
CA SER B 934 -41.90 8.27 -18.43
C SER B 934 -42.81 9.35 -19.03
N VAL B 935 -42.19 10.46 -19.45
CA VAL B 935 -42.93 11.70 -19.70
C VAL B 935 -43.15 12.03 -21.17
N SER B 936 -44.40 12.27 -21.53
CA SER B 936 -44.72 12.98 -22.76
C SER B 936 -44.53 14.46 -22.44
N ASP B 937 -43.27 14.87 -22.32
CA ASP B 937 -42.90 16.18 -21.80
C ASP B 937 -43.51 17.36 -22.56
N GLN B 938 -43.44 18.54 -21.94
CA GLN B 938 -43.99 19.73 -22.54
C GLN B 938 -43.25 20.03 -23.83
N LYS B 939 -43.97 20.64 -24.77
CA LYS B 939 -43.43 21.01 -26.07
C LYS B 939 -43.04 19.81 -26.93
N PHE B 940 -43.49 18.62 -26.54
CA PHE B 940 -43.19 17.41 -27.31
C PHE B 940 -44.19 17.26 -28.43
N THR B 941 -43.70 16.90 -29.62
CA THR B 941 -44.56 16.67 -30.78
C THR B 941 -44.58 15.19 -31.13
N ASP B 942 -45.58 14.47 -30.63
CA ASP B 942 -45.71 13.05 -30.93
C ASP B 942 -46.33 12.83 -32.31
N ILE B 943 -45.50 12.36 -33.24
CA ILE B 943 -45.93 12.15 -34.61
C ILE B 943 -46.88 10.95 -34.71
N ALA B 944 -48.15 11.23 -34.98
CA ALA B 944 -49.18 10.21 -35.16
C ALA B 944 -49.53 9.44 -33.87
N GLY B 945 -48.91 9.82 -32.75
CA GLY B 945 -49.25 9.24 -31.47
C GLY B 945 -48.77 7.82 -31.23
N THR B 946 -47.67 7.44 -31.87
CA THR B 946 -47.07 6.13 -31.68
C THR B 946 -46.46 6.04 -30.28
N VAL B 947 -46.01 7.19 -29.79
CA VAL B 947 -45.29 7.27 -28.53
C VAL B 947 -46.19 6.86 -27.37
N ARG B 948 -47.45 7.26 -27.43
CA ARG B 948 -48.42 6.89 -26.39
C ARG B 948 -48.55 5.38 -26.31
N ALA B 949 -48.64 4.75 -27.48
CA ALA B 949 -48.71 3.31 -27.57
C ALA B 949 -47.45 2.69 -26.98
N SER B 950 -46.28 3.21 -27.37
CA SER B 950 -45.03 2.73 -26.77
C SER B 950 -45.04 2.90 -25.26
N TYR B 951 -45.60 4.01 -24.77
CA TYR B 951 -45.69 4.28 -23.33
C TYR B 951 -46.51 3.22 -22.61
N TRP B 952 -47.77 3.09 -23.01
CA TRP B 952 -48.66 2.09 -22.41
C TRP B 952 -48.12 0.67 -22.61
N TYR B 953 -47.48 0.45 -23.75
CA TYR B 953 -46.89 -0.84 -24.04
C TYR B 953 -45.81 -1.16 -23.02
N ASN B 954 -44.83 -0.27 -22.91
CA ASN B 954 -43.77 -0.41 -21.91
C ASN B 954 -44.33 -0.65 -20.52
N ILE B 955 -45.33 0.14 -20.15
CA ILE B 955 -46.04 -0.08 -18.89
C ILE B 955 -46.59 -1.50 -18.82
N GLY B 956 -47.21 -1.94 -19.91
CA GLY B 956 -47.75 -3.30 -19.99
C GLY B 956 -46.69 -4.35 -19.74
N ILE B 957 -45.57 -4.26 -20.47
CA ILE B 957 -44.48 -5.20 -20.31
C ILE B 957 -43.97 -5.19 -18.86
N SER B 958 -43.80 -4.01 -18.28
CA SER B 958 -43.33 -3.88 -16.90
C SER B 958 -44.28 -4.57 -15.92
N GLU B 959 -45.55 -4.18 -16.00
CA GLU B 959 -46.60 -4.79 -15.19
C GLU B 959 -46.56 -6.31 -15.33
N LEU B 960 -46.44 -6.76 -16.57
CA LEU B 960 -46.41 -8.19 -16.86
C LEU B 960 -45.22 -8.85 -16.18
N THR B 961 -44.06 -8.20 -16.25
CA THR B 961 -42.86 -8.71 -15.58
C THR B 961 -43.14 -8.85 -14.08
N ALA B 962 -43.71 -7.81 -13.49
CA ALA B 962 -44.07 -7.84 -12.07
C ALA B 962 -45.01 -9.00 -11.77
N PHE B 963 -46.00 -9.19 -12.64
CA PHE B 963 -46.96 -10.28 -12.47
C PHE B 963 -46.29 -11.64 -12.51
N ILE B 964 -45.48 -11.87 -13.54
CA ILE B 964 -44.78 -13.15 -13.69
C ILE B 964 -43.85 -13.39 -12.49
N THR B 965 -43.15 -12.34 -12.06
CA THR B 965 -42.24 -12.47 -10.93
C THR B 965 -42.98 -12.76 -9.64
N LEU B 966 -44.05 -12.03 -9.36
CA LEU B 966 -44.69 -12.09 -8.05
C LEU B 966 -45.98 -12.91 -8.00
N LYS B 967 -46.51 -13.27 -9.15
CA LYS B 967 -47.73 -14.08 -9.22
C LYS B 967 -48.90 -13.42 -8.50
N GLU B 968 -49.01 -12.10 -8.62
CA GLU B 968 -50.11 -11.37 -8.00
C GLU B 968 -51.01 -10.74 -9.07
N PRO B 969 -52.33 -11.00 -9.00
CA PRO B 969 -53.25 -10.59 -10.08
C PRO B 969 -53.24 -9.10 -10.46
N GLN B 970 -52.98 -8.21 -9.51
CA GLN B 970 -53.06 -6.78 -9.78
C GLN B 970 -52.22 -6.41 -11.00
N TYR B 971 -51.02 -6.98 -11.05
CA TYR B 971 -50.08 -6.69 -12.12
C TYR B 971 -50.53 -7.29 -13.44
N ARG B 972 -51.26 -8.41 -13.37
CA ARG B 972 -51.85 -9.00 -14.57
C ARG B 972 -52.95 -8.10 -15.11
N ASP B 973 -53.86 -7.71 -14.23
CA ASP B 973 -54.96 -6.82 -14.62
C ASP B 973 -54.41 -5.52 -15.19
N ALA B 974 -53.43 -4.95 -14.49
CA ALA B 974 -52.75 -3.74 -14.95
C ALA B 974 -52.08 -3.96 -16.31
N ALA B 975 -51.42 -5.10 -16.47
CA ALA B 975 -50.78 -5.44 -17.73
C ALA B 975 -51.78 -5.47 -18.89
N ILE B 976 -52.86 -6.22 -18.72
CA ILE B 976 -53.89 -6.30 -19.74
C ILE B 976 -54.45 -4.91 -20.03
N PHE B 977 -54.76 -4.17 -18.97
CA PHE B 977 -55.31 -2.82 -19.13
C PHE B 977 -54.38 -1.95 -19.98
N ALA B 978 -53.10 -1.96 -19.63
CA ALA B 978 -52.12 -1.17 -20.36
C ALA B 978 -52.04 -1.60 -21.82
N PHE B 979 -51.91 -2.91 -22.05
CA PHE B 979 -51.84 -3.43 -23.42
C PHE B 979 -53.08 -3.06 -24.22
N LYS B 980 -54.22 -3.08 -23.54
CA LYS B 980 -55.48 -2.66 -24.14
C LYS B 980 -55.34 -1.20 -24.56
N LYS B 981 -54.89 -0.35 -23.62
CA LYS B 981 -54.71 1.07 -23.90
C LYS B 981 -53.75 1.30 -25.08
N SER B 982 -52.65 0.57 -25.10
CA SER B 982 -51.65 0.70 -26.15
C SER B 982 -52.17 0.25 -27.49
N ILE B 983 -52.91 -0.87 -27.50
CA ILE B 983 -53.41 -1.46 -28.73
C ILE B 983 -54.22 -0.46 -29.54
N GLN B 984 -55.14 0.23 -28.85
CA GLN B 984 -56.03 1.19 -29.50
C GLN B 984 -55.24 2.30 -30.16
N LEU B 985 -54.19 2.76 -29.50
CA LEU B 985 -53.38 3.86 -30.00
C LEU B 985 -52.62 3.47 -31.27
N GLN B 986 -52.24 2.20 -31.37
CA GLN B 986 -51.36 1.73 -32.46
C GLN B 986 -52.06 0.66 -33.30
N SER B 987 -52.10 -0.56 -32.78
CA SER B 987 -52.85 -1.67 -33.41
C SER B 987 -52.15 -2.33 -34.60
N ASN B 988 -50.87 -2.07 -34.79
CA ASN B 988 -50.11 -2.71 -35.87
C ASN B 988 -48.82 -3.37 -35.40
N THR B 989 -48.38 -3.02 -34.19
CA THR B 989 -47.15 -3.58 -33.65
C THR B 989 -47.39 -4.97 -33.11
N SER B 990 -46.60 -5.94 -33.58
CA SER B 990 -46.77 -7.33 -33.16
C SER B 990 -46.52 -7.48 -31.68
N GLU B 991 -45.53 -6.74 -31.18
CA GLU B 991 -44.95 -6.98 -29.86
C GLU B 991 -45.89 -6.74 -28.68
N THR B 992 -46.94 -5.95 -28.88
CA THR B 992 -47.90 -5.66 -27.82
C THR B 992 -48.88 -6.82 -27.68
N TRP B 993 -49.30 -7.36 -28.81
CA TRP B 993 -50.24 -8.48 -28.83
C TRP B 993 -49.61 -9.68 -28.10
N ILE B 994 -48.29 -9.80 -28.20
CA ILE B 994 -47.57 -10.87 -27.53
C ILE B 994 -47.77 -10.75 -26.04
N GLY B 995 -47.46 -9.57 -25.51
CA GLY B 995 -47.65 -9.28 -24.10
C GLY B 995 -49.08 -9.51 -23.66
N LEU B 996 -50.03 -9.00 -24.46
CA LEU B 996 -51.43 -9.27 -24.18
C LEU B 996 -51.71 -10.77 -24.13
N GLY B 997 -51.16 -11.53 -25.08
CA GLY B 997 -51.36 -12.96 -25.11
C GLY B 997 -50.81 -13.64 -23.87
N ILE B 998 -49.56 -13.31 -23.53
CA ILE B 998 -48.93 -13.82 -22.32
C ILE B 998 -49.81 -13.53 -21.12
N ALA B 999 -50.32 -12.30 -21.07
CA ALA B 999 -51.14 -11.87 -19.94
C ALA B 999 -52.53 -12.52 -19.90
N THR B 1000 -52.83 -13.35 -20.89
CA THR B 1000 -54.18 -13.92 -21.00
C THR B 1000 -54.16 -15.45 -21.00
N MET B 1001 -52.98 -16.03 -20.80
CA MET B 1001 -52.86 -17.48 -20.81
C MET B 1001 -53.71 -18.15 -19.72
N ASP B 1002 -53.76 -17.55 -18.54
CA ASP B 1002 -54.46 -18.15 -17.42
C ASP B 1002 -55.97 -17.95 -17.49
N ILE B 1003 -56.38 -16.70 -17.75
CA ILE B 1003 -57.79 -16.34 -17.72
C ILE B 1003 -58.62 -17.11 -18.73
N ASN B 1004 -58.29 -16.98 -20.02
CA ASN B 1004 -58.96 -17.74 -21.05
C ASN B 1004 -58.10 -17.91 -22.30
N PHE B 1005 -57.87 -19.15 -22.70
CA PHE B 1005 -56.87 -19.43 -23.73
C PHE B 1005 -57.25 -18.85 -25.10
N ARG B 1006 -58.54 -18.84 -25.42
CA ARG B 1006 -59.00 -18.44 -26.76
C ARG B 1006 -58.46 -17.07 -27.16
N VAL B 1007 -58.56 -16.12 -26.25
CA VAL B 1007 -58.07 -14.78 -26.47
C VAL B 1007 -56.54 -14.77 -26.55
N SER B 1008 -55.89 -15.50 -25.65
CA SER B 1008 -54.44 -15.58 -25.62
C SER B 1008 -53.89 -16.08 -26.94
N GLN B 1009 -54.41 -17.23 -27.37
CA GLN B 1009 -54.18 -17.73 -28.72
C GLN B 1009 -54.39 -16.62 -29.74
N HIS B 1010 -55.64 -16.15 -29.84
CA HIS B 1010 -56.01 -15.06 -30.75
C HIS B 1010 -54.93 -13.97 -30.85
N CYS B 1011 -54.48 -13.53 -29.68
CA CYS B 1011 -53.41 -12.53 -29.58
C CYS B 1011 -52.15 -13.06 -30.25
N PHE B 1012 -51.71 -14.25 -29.84
CA PHE B 1012 -50.49 -14.84 -30.36
C PHE B 1012 -50.57 -15.02 -31.88
N ILE B 1013 -51.75 -15.36 -32.37
CA ILE B 1013 -51.94 -15.60 -33.81
C ILE B 1013 -51.81 -14.26 -34.53
N LYS B 1014 -52.54 -13.26 -34.02
CA LYS B 1014 -52.44 -11.91 -34.56
C LYS B 1014 -50.98 -11.48 -34.60
N ALA B 1015 -50.27 -11.74 -33.51
CA ALA B 1015 -48.85 -11.41 -33.43
C ALA B 1015 -48.04 -12.10 -34.52
N THR B 1016 -48.22 -13.42 -34.65
CA THR B 1016 -47.53 -14.16 -35.71
C THR B 1016 -47.82 -13.56 -37.08
N ALA B 1017 -49.06 -13.15 -37.29
CA ALA B 1017 -49.44 -12.50 -38.55
C ALA B 1017 -48.83 -11.12 -38.73
N LEU B 1018 -48.75 -10.33 -37.67
CA LEU B 1018 -48.22 -8.96 -37.76
C LEU B 1018 -46.71 -8.89 -37.96
N GLU B 1019 -45.98 -9.84 -37.39
CA GLU B 1019 -44.54 -9.95 -37.61
C GLU B 1019 -44.19 -11.41 -37.91
N PRO B 1020 -44.10 -11.78 -39.18
CA PRO B 1020 -43.91 -13.18 -39.55
C PRO B 1020 -42.52 -13.70 -39.21
N LYS B 1021 -41.55 -12.79 -39.13
CA LYS B 1021 -40.18 -13.16 -38.85
C LYS B 1021 -39.93 -13.32 -37.35
N ALA B 1022 -40.98 -13.11 -36.54
CA ALA B 1022 -40.86 -13.17 -35.09
C ALA B 1022 -40.94 -14.61 -34.58
N THR B 1023 -39.89 -15.04 -33.88
CA THR B 1023 -39.81 -16.41 -33.38
C THR B 1023 -40.38 -16.55 -31.97
N ASN B 1024 -40.45 -15.45 -31.23
CA ASN B 1024 -40.99 -15.46 -29.88
C ASN B 1024 -42.44 -15.90 -29.86
N THR B 1025 -43.21 -15.28 -30.73
CA THR B 1025 -44.65 -15.50 -30.82
C THR B 1025 -44.98 -17.00 -30.83
N TRP B 1026 -44.50 -17.68 -31.86
CA TRP B 1026 -44.74 -19.11 -32.04
C TRP B 1026 -44.43 -19.88 -30.76
N PHE B 1027 -43.29 -19.55 -30.15
CA PHE B 1027 -42.88 -20.26 -28.96
C PHE B 1027 -43.86 -20.06 -27.83
N ASN B 1028 -44.17 -18.80 -27.52
CA ASN B 1028 -45.14 -18.51 -26.47
C ASN B 1028 -46.42 -19.27 -26.74
N LEU B 1029 -46.86 -19.26 -27.99
CA LEU B 1029 -48.07 -19.97 -28.38
C LEU B 1029 -47.94 -21.46 -28.08
N ALA B 1030 -46.79 -22.04 -28.42
CA ALA B 1030 -46.54 -23.45 -28.12
C ALA B 1030 -46.64 -23.70 -26.62
N MET B 1031 -46.02 -22.81 -25.84
CA MET B 1031 -46.06 -22.92 -24.39
C MET B 1031 -47.50 -22.88 -23.89
N LEU B 1032 -48.32 -22.02 -24.48
CA LEU B 1032 -49.75 -22.08 -24.19
C LEU B 1032 -50.28 -23.44 -24.58
N GLY B 1033 -49.83 -23.94 -25.74
CA GLY B 1033 -50.24 -25.24 -26.22
C GLY B 1033 -50.01 -26.30 -25.15
N LEU B 1034 -48.84 -26.24 -24.53
CA LEU B 1034 -48.52 -27.13 -23.41
C LEU B 1034 -49.43 -26.85 -22.24
N LYS B 1035 -49.63 -25.56 -21.94
CA LYS B 1035 -50.45 -25.15 -20.80
C LYS B 1035 -51.83 -25.81 -20.82
N LYS B 1036 -52.39 -25.94 -22.01
CA LYS B 1036 -53.70 -26.57 -22.18
C LYS B 1036 -53.56 -28.06 -22.45
N LYS B 1037 -52.34 -28.58 -22.29
CA LYS B 1037 -52.06 -30.01 -22.43
C LYS B 1037 -52.38 -30.55 -23.83
N ASP B 1038 -52.04 -29.78 -24.86
CA ASP B 1038 -52.12 -30.26 -26.24
C ASP B 1038 -50.71 -30.56 -26.76
N THR B 1039 -50.27 -31.81 -26.55
CA THR B 1039 -48.93 -32.23 -26.92
C THR B 1039 -48.64 -32.03 -28.41
N GLU B 1040 -49.42 -32.71 -29.24
CA GLU B 1040 -49.21 -32.70 -30.68
C GLU B 1040 -49.07 -31.29 -31.26
N PHE B 1041 -50.00 -30.42 -30.88
CA PHE B 1041 -49.97 -29.04 -31.37
C PHE B 1041 -48.63 -28.38 -31.02
N ALA B 1042 -48.33 -28.33 -29.73
CA ALA B 1042 -47.09 -27.75 -29.26
C ALA B 1042 -45.90 -28.30 -30.03
N GLN B 1043 -45.86 -29.62 -30.18
CA GLN B 1043 -44.78 -30.27 -30.92
C GLN B 1043 -44.74 -29.77 -32.37
N GLN B 1044 -45.92 -29.65 -32.99
CA GLN B 1044 -46.00 -29.13 -34.35
C GLN B 1044 -45.42 -27.72 -34.44
N VAL B 1045 -45.91 -26.82 -33.59
CA VAL B 1045 -45.40 -25.45 -33.55
C VAL B 1045 -43.88 -25.44 -33.37
N LEU B 1046 -43.41 -26.24 -32.42
CA LEU B 1046 -41.99 -26.31 -32.13
C LEU B 1046 -41.19 -26.82 -33.32
N ASN B 1047 -41.74 -27.80 -34.03
CA ASN B 1047 -41.11 -28.25 -35.26
C ASN B 1047 -41.03 -27.11 -36.26
N LYS B 1048 -42.14 -26.36 -36.36
CA LYS B 1048 -42.18 -25.17 -37.19
C LYS B 1048 -41.04 -24.22 -36.82
N LEU B 1049 -40.82 -24.05 -35.52
CA LEU B 1049 -39.72 -23.21 -35.05
C LEU B 1049 -38.35 -23.76 -35.44
N GLN B 1050 -38.16 -25.06 -35.24
CA GLN B 1050 -36.91 -25.69 -35.65
C GLN B 1050 -36.67 -25.41 -37.13
N SER B 1051 -37.75 -25.45 -37.90
CA SER B 1051 -37.68 -25.04 -39.31
C SER B 1051 -37.27 -23.57 -39.40
N LEU B 1052 -37.94 -22.73 -38.62
CA LEU B 1052 -37.69 -21.29 -38.65
C LEU B 1052 -36.31 -20.92 -38.15
N ALA B 1053 -36.08 -21.09 -36.85
CA ALA B 1053 -34.83 -20.68 -36.23
C ALA B 1053 -34.29 -21.79 -35.32
N PRO B 1054 -33.34 -22.59 -35.82
CA PRO B 1054 -32.83 -23.70 -35.00
C PRO B 1054 -31.69 -23.29 -34.08
N GLN B 1055 -31.27 -22.04 -34.16
CA GLN B 1055 -30.19 -21.55 -33.30
C GLN B 1055 -30.68 -21.32 -31.87
N ASP B 1056 -31.97 -21.06 -31.71
CA ASP B 1056 -32.55 -20.80 -30.40
C ASP B 1056 -32.60 -22.06 -29.54
N SER B 1057 -32.28 -21.91 -28.27
CA SER B 1057 -32.30 -23.01 -27.31
C SER B 1057 -33.74 -23.39 -26.95
N SER B 1058 -34.58 -22.37 -26.91
CA SER B 1058 -35.96 -22.48 -26.48
C SER B 1058 -36.74 -23.62 -27.15
N PRO B 1059 -36.82 -23.61 -28.49
CA PRO B 1059 -37.64 -24.64 -29.14
C PRO B 1059 -37.15 -26.04 -28.81
N TRP B 1060 -35.83 -26.24 -28.84
CA TRP B 1060 -35.27 -27.54 -28.49
C TRP B 1060 -35.67 -27.92 -27.07
N LEU B 1061 -35.53 -26.99 -26.14
CA LEU B 1061 -35.94 -27.23 -24.76
C LEU B 1061 -37.41 -27.65 -24.67
N GLY B 1062 -38.28 -26.93 -25.36
CA GLY B 1062 -39.70 -27.29 -25.38
C GLY B 1062 -39.89 -28.70 -25.91
N MET B 1063 -39.28 -28.98 -27.05
CA MET B 1063 -39.36 -30.29 -27.68
C MET B 1063 -38.90 -31.36 -26.70
N ALA B 1064 -37.85 -31.06 -25.93
CA ALA B 1064 -37.39 -31.98 -24.90
C ALA B 1064 -38.48 -32.20 -23.85
N LEU B 1065 -38.93 -31.10 -23.25
CA LEU B 1065 -39.94 -31.16 -22.20
C LEU B 1065 -41.11 -32.03 -22.62
N ILE B 1066 -41.60 -31.80 -23.84
CA ILE B 1066 -42.68 -32.63 -24.39
C ILE B 1066 -42.29 -34.10 -24.29
N LEU B 1067 -41.04 -34.42 -24.63
CA LEU B 1067 -40.58 -35.80 -24.68
C LEU B 1067 -40.27 -36.38 -23.30
N GLU B 1068 -39.95 -35.53 -22.34
CA GLU B 1068 -39.80 -36.02 -20.97
C GLU B 1068 -41.18 -36.30 -20.39
N GLU B 1069 -42.15 -35.45 -20.72
CA GLU B 1069 -43.53 -35.71 -20.34
C GLU B 1069 -44.02 -36.98 -21.06
N GLN B 1070 -43.62 -37.13 -22.31
CA GLN B 1070 -43.99 -38.28 -23.14
C GLN B 1070 -43.34 -39.57 -22.67
N GLY B 1071 -42.06 -39.47 -22.29
CA GLY B 1071 -41.35 -40.57 -21.66
C GLY B 1071 -40.18 -41.16 -22.45
N ASP B 1072 -40.00 -40.73 -23.69
CA ASP B 1072 -38.84 -41.17 -24.49
C ASP B 1072 -37.62 -40.43 -23.95
N ILE B 1073 -37.18 -40.84 -22.76
CA ILE B 1073 -36.27 -40.03 -21.97
C ILE B 1073 -34.84 -39.94 -22.51
N ILE B 1074 -34.40 -40.97 -23.23
CA ILE B 1074 -33.05 -40.95 -23.79
C ILE B 1074 -32.91 -39.83 -24.83
N GLY B 1075 -33.86 -39.76 -25.76
CA GLY B 1075 -33.88 -38.73 -26.77
C GLY B 1075 -34.14 -37.38 -26.12
N SER B 1076 -35.00 -37.39 -25.11
CA SER B 1076 -35.29 -36.21 -24.33
C SER B 1076 -34.01 -35.65 -23.73
N SER B 1077 -33.19 -36.55 -23.19
CA SER B 1077 -31.91 -36.17 -22.61
C SER B 1077 -31.00 -35.62 -23.69
N LYS B 1078 -30.99 -36.30 -24.83
CA LYS B 1078 -30.27 -35.80 -26.01
C LYS B 1078 -30.68 -34.35 -26.34
N LEU B 1079 -31.98 -34.11 -26.32
CA LEU B 1079 -32.50 -32.78 -26.65
C LEU B 1079 -32.18 -31.75 -25.58
N PHE B 1080 -32.38 -32.08 -24.31
CA PHE B 1080 -32.03 -31.17 -23.22
C PHE B 1080 -30.57 -30.79 -23.35
N ALA B 1081 -29.74 -31.79 -23.63
CA ALA B 1081 -28.32 -31.56 -23.85
C ALA B 1081 -28.07 -30.58 -24.99
N HIS B 1082 -28.59 -30.90 -26.17
CA HIS B 1082 -28.42 -30.02 -27.34
C HIS B 1082 -28.91 -28.60 -27.05
N SER B 1083 -30.06 -28.51 -26.39
CA SER B 1083 -30.65 -27.22 -26.05
C SER B 1083 -29.71 -26.45 -25.16
N PHE B 1084 -29.23 -27.10 -24.10
CA PHE B 1084 -28.29 -26.45 -23.22
C PHE B 1084 -27.08 -25.98 -24.02
N ILE B 1085 -26.51 -26.89 -24.79
CA ILE B 1085 -25.32 -26.59 -25.58
C ILE B 1085 -25.53 -25.37 -26.46
N LEU B 1086 -26.68 -25.29 -27.12
CA LEU B 1086 -26.98 -24.11 -27.94
C LEU B 1086 -27.18 -22.89 -27.06
N SER B 1087 -27.78 -23.11 -25.87
CA SER B 1087 -28.02 -22.02 -24.94
C SER B 1087 -26.71 -21.30 -24.60
N ASN B 1088 -25.68 -22.08 -24.31
CA ASN B 1088 -24.40 -21.53 -23.88
C ASN B 1088 -24.57 -20.74 -22.58
N GLY B 1089 -25.51 -21.19 -21.75
CA GLY B 1089 -25.76 -20.59 -20.45
C GLY B 1089 -26.68 -19.38 -20.50
N ARG B 1090 -27.47 -19.27 -21.55
CA ARG B 1090 -28.34 -18.11 -21.75
C ARG B 1090 -29.58 -18.15 -20.87
N SER B 1091 -30.24 -19.30 -20.82
CA SER B 1091 -31.52 -19.44 -20.14
C SER B 1091 -31.41 -20.26 -18.86
N LYS B 1092 -32.09 -19.79 -17.80
CA LYS B 1092 -32.14 -20.52 -16.53
C LYS B 1092 -32.64 -21.95 -16.75
N ALA B 1093 -33.81 -22.05 -17.37
CA ALA B 1093 -34.52 -23.32 -17.50
C ALA B 1093 -33.67 -24.37 -18.19
N ALA B 1094 -32.85 -23.95 -19.13
CA ALA B 1094 -31.98 -24.86 -19.85
C ALA B 1094 -30.99 -25.51 -18.89
N GLN B 1095 -30.33 -24.69 -18.08
CA GLN B 1095 -29.34 -25.17 -17.13
C GLN B 1095 -30.00 -26.10 -16.12
N PHE B 1096 -31.08 -25.60 -15.50
CA PHE B 1096 -31.81 -26.37 -14.51
C PHE B 1096 -32.24 -27.73 -15.05
N MET B 1097 -33.00 -27.70 -16.14
CA MET B 1097 -33.48 -28.92 -16.76
C MET B 1097 -32.34 -29.85 -17.12
N TYR B 1098 -31.25 -29.28 -17.65
CA TYR B 1098 -30.10 -30.12 -17.98
C TYR B 1098 -29.59 -30.85 -16.75
N ALA B 1099 -29.25 -30.11 -15.71
CA ALA B 1099 -28.73 -30.73 -14.48
C ALA B 1099 -29.69 -31.81 -13.98
N LYS B 1100 -30.97 -31.44 -13.86
CA LYS B 1100 -31.99 -32.38 -13.41
C LYS B 1100 -31.93 -33.66 -14.23
N ASN B 1101 -32.01 -33.53 -15.55
CA ASN B 1101 -31.97 -34.69 -16.43
C ASN B 1101 -30.70 -35.53 -16.24
N VAL B 1102 -29.54 -34.87 -16.18
CA VAL B 1102 -28.27 -35.57 -15.93
C VAL B 1102 -28.37 -36.42 -14.67
N LEU B 1103 -28.86 -35.83 -13.58
CA LEU B 1103 -29.08 -36.60 -12.37
C LEU B 1103 -30.05 -37.75 -12.59
N GLU B 1104 -31.27 -37.44 -13.01
CA GLU B 1104 -32.30 -38.46 -13.22
C GLU B 1104 -31.77 -39.64 -14.01
N ASN B 1105 -30.87 -39.37 -14.95
CA ASN B 1105 -30.20 -40.44 -15.68
C ASN B 1105 -29.13 -41.16 -14.88
N HIS B 1106 -28.22 -40.40 -14.26
CA HIS B 1106 -26.99 -40.98 -13.71
C HIS B 1106 -26.93 -41.17 -12.19
N ILE B 1107 -28.08 -41.22 -11.51
CA ILE B 1107 -28.08 -41.42 -10.06
C ILE B 1107 -28.07 -42.89 -9.65
N ASN B 1108 -28.85 -43.72 -10.33
CA ASN B 1108 -28.96 -45.12 -9.94
C ASN B 1108 -28.85 -46.10 -11.11
N ASN B 1109 -28.31 -45.66 -12.23
CA ASN B 1109 -28.11 -46.55 -13.37
C ASN B 1109 -26.83 -47.37 -13.24
N GLY B 1110 -26.11 -47.16 -12.14
CA GLY B 1110 -24.96 -47.99 -11.82
C GLY B 1110 -23.65 -47.52 -12.43
N ASP B 1111 -23.47 -46.21 -12.53
CA ASP B 1111 -22.24 -45.65 -13.06
C ASP B 1111 -21.09 -45.88 -12.09
N ASP B 1112 -19.90 -46.09 -12.65
CA ASP B 1112 -18.68 -46.23 -11.85
C ASP B 1112 -17.90 -44.94 -11.89
N GLU B 1113 -17.19 -44.67 -10.80
CA GLU B 1113 -16.48 -43.41 -10.63
C GLU B 1113 -15.37 -43.23 -11.66
N ARG B 1114 -15.06 -44.28 -12.40
CA ARG B 1114 -13.99 -44.24 -13.38
C ARG B 1114 -14.44 -43.65 -14.72
N ASP B 1115 -15.72 -43.80 -15.03
CA ASP B 1115 -16.28 -43.36 -16.32
C ASP B 1115 -16.18 -41.85 -16.50
N ILE B 1116 -15.21 -41.39 -17.29
CA ILE B 1116 -14.93 -39.97 -17.49
C ILE B 1116 -16.16 -39.18 -17.88
N GLU B 1117 -16.85 -39.64 -18.93
CA GLU B 1117 -18.00 -38.95 -19.49
C GLU B 1117 -18.98 -38.56 -18.39
N THR B 1118 -19.27 -39.52 -17.52
CA THR B 1118 -20.23 -39.31 -16.43
C THR B 1118 -19.78 -38.19 -15.51
N VAL B 1119 -18.54 -38.27 -15.06
CA VAL B 1119 -18.00 -37.27 -14.13
C VAL B 1119 -18.06 -35.91 -14.79
N GLU B 1120 -17.70 -35.86 -16.07
CA GLU B 1120 -17.72 -34.61 -16.81
C GLU B 1120 -19.14 -34.06 -16.90
N LYS B 1121 -20.11 -34.91 -17.22
CA LYS B 1121 -21.50 -34.49 -17.32
C LYS B 1121 -22.01 -33.96 -15.98
N LEU B 1122 -21.69 -34.68 -14.91
CA LEU B 1122 -22.05 -34.23 -13.57
C LEU B 1122 -21.40 -32.89 -13.26
N THR B 1123 -20.13 -32.74 -13.66
CA THR B 1123 -19.44 -31.48 -13.48
C THR B 1123 -20.21 -30.38 -14.19
N THR B 1124 -20.52 -30.61 -15.46
CA THR B 1124 -21.27 -29.66 -16.26
C THR B 1124 -22.61 -29.33 -15.61
N ALA B 1125 -23.24 -30.34 -15.00
CA ALA B 1125 -24.47 -30.10 -14.26
C ALA B 1125 -24.21 -29.17 -13.08
N SER B 1126 -23.11 -29.42 -12.38
CA SER B 1126 -22.73 -28.60 -11.24
C SER B 1126 -22.52 -27.15 -11.66
N ILE B 1127 -21.74 -26.94 -12.73
CA ILE B 1127 -21.49 -25.57 -13.19
C ILE B 1127 -22.81 -24.93 -13.62
N ALA B 1128 -23.59 -25.70 -14.38
CA ALA B 1128 -24.89 -25.23 -14.85
C ALA B 1128 -25.72 -24.69 -13.69
N LEU B 1129 -25.92 -25.52 -12.67
CA LEU B 1129 -26.68 -25.08 -11.50
C LEU B 1129 -26.00 -23.91 -10.81
N GLU B 1130 -24.67 -23.95 -10.72
CA GLU B 1130 -23.93 -22.87 -10.07
C GLU B 1130 -24.30 -21.54 -10.72
N GLN B 1131 -24.25 -21.50 -12.05
CA GLN B 1131 -24.63 -20.30 -12.79
C GLN B 1131 -26.11 -20.00 -12.60
N PHE B 1132 -26.94 -21.04 -12.61
CA PHE B 1132 -28.37 -20.91 -12.39
C PHE B 1132 -28.68 -20.19 -11.09
N PHE B 1133 -27.98 -20.55 -10.02
CA PHE B 1133 -28.24 -19.96 -8.71
C PHE B 1133 -28.01 -18.45 -8.70
N LYS B 1134 -27.05 -17.98 -9.48
CA LYS B 1134 -26.76 -16.55 -9.54
C LYS B 1134 -27.97 -15.80 -10.05
N LYS B 1135 -28.74 -16.45 -10.92
CA LYS B 1135 -29.92 -15.84 -11.51
C LYS B 1135 -31.10 -15.94 -10.55
N SER B 1136 -31.27 -17.11 -9.94
CA SER B 1136 -32.34 -17.29 -8.97
C SER B 1136 -31.97 -18.37 -7.94
N PRO B 1137 -31.38 -17.95 -6.80
CA PRO B 1137 -31.07 -18.92 -5.76
C PRO B 1137 -32.34 -19.31 -5.02
N ASP B 1138 -32.22 -20.10 -3.95
CA ASP B 1138 -33.34 -20.40 -3.06
C ASP B 1138 -34.41 -21.31 -3.70
N SER B 1139 -34.13 -21.88 -4.88
CA SER B 1139 -35.03 -22.88 -5.46
C SER B 1139 -34.69 -24.24 -4.87
N GLN B 1140 -35.55 -24.71 -3.99
CA GLN B 1140 -35.31 -25.92 -3.21
C GLN B 1140 -34.84 -27.10 -4.05
N PHE B 1141 -35.57 -27.37 -5.13
CA PHE B 1141 -35.24 -28.48 -5.99
C PHE B 1141 -33.83 -28.30 -6.55
N ALA B 1142 -33.55 -27.12 -7.07
CA ALA B 1142 -32.24 -26.82 -7.65
C ALA B 1142 -31.14 -27.04 -6.62
N LEU B 1143 -31.40 -26.61 -5.39
CA LEU B 1143 -30.46 -26.81 -4.29
C LEU B 1143 -30.27 -28.29 -4.01
N GLN B 1144 -31.35 -29.05 -4.00
CA GLN B 1144 -31.25 -30.48 -3.79
C GLN B 1144 -30.37 -31.10 -4.88
N CYS B 1145 -30.64 -30.74 -6.13
CA CYS B 1145 -29.82 -31.18 -7.25
C CYS B 1145 -28.36 -30.85 -7.00
N ALA B 1146 -28.10 -29.61 -6.62
CA ALA B 1146 -26.74 -29.17 -6.34
C ALA B 1146 -26.11 -30.06 -5.27
N LEU B 1147 -26.86 -30.37 -4.23
CA LEU B 1147 -26.37 -31.26 -3.18
C LEU B 1147 -26.03 -32.64 -3.74
N LEU B 1148 -26.95 -33.22 -4.51
CA LEU B 1148 -26.72 -34.55 -5.07
C LEU B 1148 -25.48 -34.57 -5.98
N THR B 1149 -25.41 -33.66 -6.94
CA THR B 1149 -24.27 -33.62 -7.86
C THR B 1149 -22.97 -33.34 -7.13
N LEU B 1150 -22.98 -32.34 -6.27
CA LEU B 1150 -21.78 -32.01 -5.53
C LEU B 1150 -21.34 -33.23 -4.73
N GLU B 1151 -22.29 -33.89 -4.09
CA GLU B 1151 -21.96 -35.08 -3.32
C GLU B 1151 -21.32 -36.11 -4.22
N ARG B 1152 -21.89 -36.31 -5.41
CA ARG B 1152 -21.29 -37.23 -6.38
C ARG B 1152 -19.88 -36.80 -6.71
N LEU B 1153 -19.66 -35.49 -6.79
CA LEU B 1153 -18.35 -34.96 -7.12
C LEU B 1153 -17.41 -34.82 -5.92
N HIS B 1154 -17.90 -35.13 -4.73
CA HIS B 1154 -17.15 -34.97 -3.48
C HIS B 1154 -16.83 -33.50 -3.15
N HIS B 1155 -17.45 -32.56 -3.87
CA HIS B 1155 -17.30 -31.15 -3.54
C HIS B 1155 -18.10 -30.82 -2.28
N TYR B 1156 -17.58 -31.24 -1.14
CA TYR B 1156 -18.36 -31.25 0.09
C TYR B 1156 -18.58 -29.87 0.74
N GLU B 1157 -17.61 -28.98 0.61
CA GLU B 1157 -17.72 -27.65 1.23
C GLU B 1157 -18.89 -26.86 0.65
N ASN B 1158 -18.92 -26.77 -0.68
CA ASN B 1158 -20.03 -26.13 -1.37
C ASN B 1158 -21.35 -26.74 -0.95
N ALA B 1159 -21.34 -28.07 -0.84
CA ALA B 1159 -22.53 -28.79 -0.41
C ALA B 1159 -22.94 -28.34 0.98
N ASN B 1160 -21.96 -28.21 1.87
CA ASN B 1160 -22.24 -27.74 3.22
C ASN B 1160 -22.92 -26.37 3.20
N GLU B 1161 -22.33 -25.43 2.47
CA GLU B 1161 -22.92 -24.09 2.35
C GLU B 1161 -24.36 -24.13 1.80
N LEU B 1162 -24.53 -24.77 0.65
CA LEU B 1162 -25.85 -24.86 0.03
C LEU B 1162 -26.81 -25.56 0.99
N ALA B 1163 -26.31 -26.54 1.72
CA ALA B 1163 -27.12 -27.30 2.68
C ALA B 1163 -27.60 -26.39 3.79
N ASN B 1164 -26.70 -25.54 4.29
CA ASN B 1164 -27.09 -24.54 5.27
C ASN B 1164 -28.20 -23.66 4.72
N ARG B 1165 -27.97 -23.09 3.54
CA ARG B 1165 -28.98 -22.19 2.95
C ARG B 1165 -30.33 -22.88 2.71
N LEU B 1166 -30.29 -24.13 2.25
CA LEU B 1166 -31.53 -24.87 2.02
C LEU B 1166 -32.22 -25.25 3.33
N ILE B 1167 -31.42 -25.61 4.33
CA ILE B 1167 -31.97 -25.98 5.63
C ILE B 1167 -32.66 -24.78 6.26
N GLY B 1168 -32.04 -23.61 6.11
CA GLY B 1168 -32.66 -22.36 6.53
C GLY B 1168 -33.94 -22.08 5.77
N ILE B 1169 -33.83 -22.08 4.43
CA ILE B 1169 -34.99 -21.85 3.57
C ILE B 1169 -36.14 -22.82 3.88
N LEU B 1170 -35.81 -24.06 4.24
CA LEU B 1170 -36.85 -25.05 4.59
C LEU B 1170 -37.43 -24.81 5.98
N GLU B 1171 -36.56 -24.58 6.96
CA GLU B 1171 -37.01 -24.32 8.33
C GLU B 1171 -37.95 -23.11 8.41
N LYS B 1172 -37.56 -22.04 7.72
CA LYS B 1172 -38.39 -20.82 7.68
C LYS B 1172 -39.80 -21.11 7.17
N LYS B 1173 -39.91 -21.88 6.10
CA LYS B 1173 -41.21 -22.23 5.53
C LYS B 1173 -41.99 -23.21 6.42
N PHE B 1174 -41.27 -24.18 6.99
CA PHE B 1174 -41.89 -25.16 7.88
C PHE B 1174 -42.45 -24.50 9.13
N GLU B 1175 -41.78 -23.43 9.58
CA GLU B 1175 -42.23 -22.68 10.75
C GLU B 1175 -43.68 -22.20 10.68
N LYS B 1176 -44.16 -21.88 9.48
CA LYS B 1176 -45.52 -21.37 9.30
C LYS B 1176 -46.55 -22.49 9.34
N THR B 1177 -46.52 -23.36 8.33
CA THR B 1177 -47.51 -24.43 8.19
C THR B 1177 -47.06 -25.69 8.90
N GLN B 1178 -45.91 -26.21 8.51
CA GLN B 1178 -45.36 -27.42 9.13
C GLN B 1178 -46.22 -28.64 8.84
N ASP B 1179 -46.78 -28.72 7.63
CA ASP B 1179 -47.48 -29.93 7.19
C ASP B 1179 -46.50 -31.09 7.18
N GLU B 1180 -46.96 -32.27 7.58
CA GLU B 1180 -46.10 -33.44 7.75
C GLU B 1180 -45.17 -33.70 6.56
N ARG B 1181 -45.70 -33.48 5.36
CA ARG B 1181 -44.91 -33.66 4.14
C ARG B 1181 -43.67 -32.76 4.15
N GLU B 1182 -43.84 -31.55 4.67
CA GLU B 1182 -42.73 -30.60 4.80
C GLU B 1182 -41.68 -31.16 5.75
N LEU B 1183 -42.15 -31.76 6.84
CA LEU B 1183 -41.25 -32.37 7.82
C LEU B 1183 -40.51 -33.55 7.20
N PHE B 1184 -41.21 -34.35 6.39
CA PHE B 1184 -40.57 -35.44 5.66
C PHE B 1184 -39.48 -34.92 4.71
N ASN B 1185 -39.84 -33.92 3.91
CA ASN B 1185 -38.86 -33.28 3.02
C ASN B 1185 -37.66 -32.77 3.81
N PHE B 1186 -37.93 -32.09 4.91
CA PHE B 1186 -36.89 -31.60 5.79
C PHE B 1186 -36.04 -32.75 6.35
N ALA B 1187 -36.71 -33.86 6.68
CA ALA B 1187 -36.00 -35.02 7.20
C ALA B 1187 -35.00 -35.52 6.18
N ILE B 1188 -35.48 -35.71 4.95
CA ILE B 1188 -34.61 -36.13 3.85
C ILE B 1188 -33.43 -35.16 3.68
N ILE B 1189 -33.74 -33.86 3.72
CA ILE B 1189 -32.72 -32.81 3.62
C ILE B 1189 -31.66 -32.89 4.73
N LYS B 1190 -32.11 -33.11 5.97
CA LYS B 1190 -31.19 -33.25 7.10
C LYS B 1190 -30.33 -34.50 6.92
N GLY B 1191 -30.97 -35.58 6.48
CA GLY B 1191 -30.26 -36.81 6.15
C GLY B 1191 -29.19 -36.56 5.11
N GLN B 1192 -29.49 -35.73 4.12
CA GLN B 1192 -28.48 -35.29 3.14
C GLN B 1192 -27.33 -34.58 3.85
N PHE B 1193 -27.70 -33.56 4.62
CA PHE B 1193 -26.74 -32.77 5.38
C PHE B 1193 -25.77 -33.68 6.14
N ALA B 1194 -26.33 -34.71 6.77
CA ALA B 1194 -25.52 -35.70 7.49
C ALA B 1194 -24.42 -36.29 6.61
N ARG B 1195 -24.78 -36.69 5.40
CA ARG B 1195 -23.81 -37.24 4.47
C ARG B 1195 -22.78 -36.19 4.10
N ILE B 1196 -23.24 -34.96 3.90
CA ILE B 1196 -22.31 -33.87 3.61
C ILE B 1196 -21.26 -33.82 4.71
N HIS B 1197 -21.72 -33.80 5.96
CA HIS B 1197 -20.81 -33.76 7.09
C HIS B 1197 -19.92 -35.00 7.14
N LEU B 1198 -20.50 -36.17 6.89
CA LEU B 1198 -19.72 -37.40 6.84
C LEU B 1198 -18.57 -37.19 5.86
N GLY B 1199 -18.86 -36.54 4.73
CA GLY B 1199 -17.83 -36.19 3.78
C GLY B 1199 -16.81 -35.27 4.41
N LEU B 1200 -17.29 -34.19 5.03
CA LEU B 1200 -16.41 -33.21 5.65
C LEU B 1200 -15.49 -33.85 6.66
N GLY B 1201 -16.03 -34.83 7.39
CA GLY B 1201 -15.26 -35.57 8.38
C GLY B 1201 -15.67 -35.27 9.81
N ASN B 1202 -16.28 -34.11 10.04
CA ASN B 1202 -16.75 -33.77 11.38
C ASN B 1202 -17.95 -34.66 11.73
N PHE B 1203 -17.64 -35.83 12.29
CA PHE B 1203 -18.62 -36.89 12.51
C PHE B 1203 -19.66 -36.56 13.57
N GLU B 1204 -19.32 -35.63 14.47
CA GLU B 1204 -20.23 -35.23 15.53
C GLU B 1204 -21.51 -34.62 14.96
N LEU B 1205 -21.34 -33.64 14.09
CA LEU B 1205 -22.47 -32.99 13.44
C LEU B 1205 -23.21 -33.96 12.54
N SER B 1206 -22.47 -34.88 11.93
CA SER B 1206 -23.08 -35.97 11.16
C SER B 1206 -24.04 -36.75 12.06
N ILE B 1207 -23.54 -37.13 13.23
CA ILE B 1207 -24.35 -37.84 14.21
C ILE B 1207 -25.59 -37.04 14.58
N GLU B 1208 -25.39 -35.78 14.97
CA GLU B 1208 -26.49 -34.90 15.34
C GLU B 1208 -27.55 -34.86 14.25
N ASN B 1209 -27.17 -34.35 13.08
CA ASN B 1209 -28.09 -34.20 11.97
C ASN B 1209 -28.77 -35.52 11.62
N ALA B 1210 -27.99 -36.58 11.59
CA ALA B 1210 -28.52 -37.90 11.24
C ALA B 1210 -29.59 -38.33 12.24
N ASP B 1211 -29.29 -38.20 13.52
CA ASP B 1211 -30.26 -38.53 14.56
C ASP B 1211 -31.51 -37.68 14.43
N LEU B 1212 -31.34 -36.39 14.13
CA LEU B 1212 -32.49 -35.53 13.91
C LEU B 1212 -33.36 -36.03 12.75
N SER B 1213 -32.72 -36.24 11.60
CA SER B 1213 -33.40 -36.74 10.41
C SER B 1213 -34.13 -38.04 10.72
N GLN B 1214 -33.45 -38.94 11.42
CA GLN B 1214 -34.04 -40.20 11.84
C GLN B 1214 -35.22 -39.91 12.78
N GLY B 1215 -35.05 -38.95 13.68
CA GLY B 1215 -36.11 -38.59 14.61
C GLY B 1215 -37.37 -38.19 13.88
N ILE B 1216 -37.23 -37.31 12.88
CA ILE B 1216 -38.38 -36.89 12.09
C ILE B 1216 -38.94 -38.05 11.25
N ILE B 1217 -38.04 -38.82 10.62
CA ILE B 1217 -38.45 -39.81 9.61
C ILE B 1217 -38.63 -41.25 10.10
N SER B 1218 -38.03 -41.59 11.25
CA SER B 1218 -37.91 -42.98 11.71
C SER B 1218 -39.11 -43.89 11.43
N GLU B 1219 -40.26 -43.61 12.02
CA GLU B 1219 -41.42 -44.50 11.94
C GLU B 1219 -42.35 -44.15 10.78
N SER B 1220 -41.88 -43.30 9.87
CA SER B 1220 -42.70 -42.81 8.77
C SER B 1220 -43.26 -43.94 7.93
N SER B 1221 -42.39 -44.86 7.53
CA SER B 1221 -42.79 -45.98 6.68
C SER B 1221 -43.32 -45.50 5.34
N ASP B 1222 -42.80 -44.36 4.88
CA ASP B 1222 -43.13 -43.85 3.55
C ASP B 1222 -42.14 -44.44 2.56
N GLU B 1223 -42.63 -44.83 1.40
CA GLU B 1223 -41.83 -45.54 0.41
C GLU B 1223 -40.48 -44.87 0.16
N LYS B 1224 -40.48 -43.55 0.01
CA LYS B 1224 -39.26 -42.80 -0.25
C LYS B 1224 -38.40 -42.66 1.00
N SER B 1225 -39.05 -42.55 2.16
CA SER B 1225 -38.35 -42.34 3.43
C SER B 1225 -37.33 -43.43 3.72
N MET B 1226 -37.64 -44.67 3.32
CA MET B 1226 -36.80 -45.83 3.58
C MET B 1226 -35.34 -45.62 3.13
N LYS B 1227 -35.18 -45.17 1.90
CA LYS B 1227 -33.86 -44.90 1.34
C LYS B 1227 -33.15 -43.90 2.25
N THR B 1228 -33.89 -42.88 2.68
CA THR B 1228 -33.34 -41.84 3.53
C THR B 1228 -33.01 -42.37 4.93
N LYS B 1229 -33.77 -43.36 5.40
CA LYS B 1229 -33.42 -44.07 6.64
C LYS B 1229 -32.10 -44.85 6.50
N ILE B 1230 -32.00 -45.67 5.46
CA ILE B 1230 -30.77 -46.41 5.18
C ILE B 1230 -29.62 -45.43 5.19
N SER B 1231 -29.79 -44.35 4.42
CA SER B 1231 -28.83 -43.26 4.38
C SER B 1231 -28.39 -42.87 5.80
N ASN B 1232 -29.35 -42.59 6.68
CA ASN B 1232 -29.02 -42.17 8.04
C ASN B 1232 -28.20 -43.20 8.77
N HIS B 1233 -28.59 -44.46 8.63
CA HIS B 1233 -27.83 -45.52 9.28
C HIS B 1233 -26.39 -45.62 8.80
N ILE B 1234 -26.18 -45.57 7.48
CA ILE B 1234 -24.82 -45.60 6.96
C ILE B 1234 -24.01 -44.41 7.50
N CYS B 1235 -24.68 -43.30 7.77
CA CYS B 1235 -23.98 -42.13 8.32
C CYS B 1235 -23.63 -42.35 9.78
N LEU B 1236 -24.62 -42.75 10.58
CA LEU B 1236 -24.43 -42.91 12.00
C LEU B 1236 -23.41 -44.01 12.32
N GLY B 1237 -23.55 -45.18 11.70
CA GLY B 1237 -22.63 -46.28 11.98
C GLY B 1237 -21.18 -45.86 11.78
N LEU B 1238 -20.89 -45.34 10.59
CA LEU B 1238 -19.55 -44.89 10.24
C LEU B 1238 -19.12 -43.74 11.15
N SER B 1239 -19.99 -42.76 11.30
CA SER B 1239 -19.75 -41.62 12.18
C SER B 1239 -19.28 -42.09 13.55
N TYR B 1240 -20.02 -43.02 14.15
CA TYR B 1240 -19.63 -43.57 15.45
C TYR B 1240 -18.29 -44.28 15.35
N PHE B 1241 -18.17 -45.17 14.36
CA PHE B 1241 -16.94 -45.92 14.14
C PHE B 1241 -15.73 -45.00 14.17
N PHE B 1242 -15.75 -43.96 13.34
CA PHE B 1242 -14.65 -43.02 13.29
C PHE B 1242 -14.58 -42.19 14.57
N LEU B 1243 -15.75 -41.75 15.04
CA LEU B 1243 -15.85 -40.73 16.09
C LEU B 1243 -15.02 -41.03 17.33
N ASN B 1244 -15.53 -41.89 18.21
CA ASN B 1244 -14.87 -42.18 19.47
C ASN B 1244 -14.50 -43.66 19.55
N ASP B 1245 -14.68 -44.36 18.44
CA ASP B 1245 -14.54 -45.81 18.41
C ASP B 1245 -15.55 -46.41 19.39
N PHE B 1246 -16.66 -45.70 19.61
CA PHE B 1246 -17.78 -46.21 20.39
C PHE B 1246 -18.37 -47.39 19.64
N ASP B 1247 -17.61 -48.48 19.59
CA ASP B 1247 -17.89 -49.58 18.68
C ASP B 1247 -19.23 -50.25 19.01
N GLN B 1248 -19.66 -50.17 20.28
CA GLN B 1248 -20.90 -50.82 20.69
C GLN B 1248 -22.10 -50.14 20.02
N THR B 1249 -22.04 -48.82 19.90
CA THR B 1249 -23.03 -48.07 19.14
C THR B 1249 -22.92 -48.48 17.68
N LEU B 1250 -21.71 -48.40 17.14
CA LEU B 1250 -21.42 -48.79 15.77
C LEU B 1250 -21.88 -50.21 15.47
N ASN B 1251 -21.83 -51.08 16.48
CA ASN B 1251 -22.18 -52.49 16.31
C ASN B 1251 -23.69 -52.66 16.37
N GLN B 1252 -24.29 -52.05 17.38
CA GLN B 1252 -25.74 -52.06 17.54
C GLN B 1252 -26.41 -51.45 16.31
N PHE B 1253 -25.72 -50.51 15.67
CA PHE B 1253 -26.25 -49.85 14.47
C PHE B 1253 -25.95 -50.60 13.17
N GLN B 1254 -24.69 -50.98 12.96
CA GLN B 1254 -24.33 -51.74 11.77
C GLN B 1254 -25.10 -53.06 11.72
N GLU B 1255 -25.26 -53.70 12.89
CA GLU B 1255 -26.04 -54.93 12.97
C GLU B 1255 -27.48 -54.68 12.54
N LEU B 1256 -27.99 -53.49 12.85
CA LEU B 1256 -29.32 -53.09 12.44
C LEU B 1256 -29.36 -52.91 10.94
N LEU B 1257 -28.35 -52.23 10.41
CA LEU B 1257 -28.24 -52.02 8.97
C LEU B 1257 -28.18 -53.35 8.22
N SER B 1258 -27.49 -54.33 8.78
CA SER B 1258 -27.42 -55.66 8.19
C SER B 1258 -28.82 -56.22 7.96
N ILE B 1259 -29.67 -56.13 8.99
CA ILE B 1259 -31.04 -56.65 8.91
C ILE B 1259 -31.90 -55.85 7.92
N SER B 1260 -31.42 -54.68 7.52
CA SER B 1260 -32.18 -53.78 6.65
C SER B 1260 -32.18 -54.24 5.19
N LYS B 1261 -31.04 -54.75 4.73
CA LYS B 1261 -30.91 -55.15 3.32
C LYS B 1261 -29.75 -56.10 3.07
N ASP B 1262 -29.78 -56.74 1.91
CA ASP B 1262 -28.74 -57.68 1.49
C ASP B 1262 -28.24 -57.34 0.09
N SER B 1263 -27.52 -56.23 -0.02
CA SER B 1263 -26.94 -55.77 -1.28
C SER B 1263 -25.41 -55.69 -1.16
N LYS B 1264 -24.73 -56.21 -2.19
CA LYS B 1264 -23.28 -56.41 -2.20
C LYS B 1264 -22.45 -55.34 -1.48
N HIS B 1265 -22.51 -54.12 -1.99
CA HIS B 1265 -21.67 -53.03 -1.49
C HIS B 1265 -21.92 -52.74 -0.01
N LEU B 1266 -23.19 -52.69 0.37
CA LEU B 1266 -23.55 -52.48 1.76
C LEU B 1266 -22.99 -53.61 2.64
N VAL B 1267 -23.08 -54.85 2.16
CA VAL B 1267 -22.51 -55.99 2.86
C VAL B 1267 -21.01 -55.78 3.05
N VAL B 1268 -20.33 -55.43 1.97
CA VAL B 1268 -18.90 -55.15 2.02
C VAL B 1268 -18.61 -54.07 3.07
N LEU B 1269 -19.43 -53.02 3.10
CA LEU B 1269 -19.29 -51.98 4.11
C LEU B 1269 -19.36 -52.56 5.52
N ILE B 1270 -20.48 -53.22 5.82
CA ILE B 1270 -20.67 -53.79 7.16
C ILE B 1270 -19.50 -54.70 7.54
N ALA B 1271 -19.15 -55.61 6.64
CA ALA B 1271 -18.04 -56.53 6.88
C ALA B 1271 -16.77 -55.77 7.20
N LYS B 1272 -16.45 -54.78 6.37
CA LYS B 1272 -15.30 -53.93 6.61
C LYS B 1272 -15.33 -53.36 8.01
N VAL B 1273 -16.43 -52.69 8.37
CA VAL B 1273 -16.54 -52.08 9.69
C VAL B 1273 -16.35 -53.12 10.79
N LEU B 1274 -17.24 -54.11 10.84
CA LEU B 1274 -17.25 -55.12 11.89
C LEU B 1274 -15.92 -55.85 12.00
N TYR B 1275 -15.26 -56.06 10.87
CA TYR B 1275 -13.94 -56.68 10.89
C TYR B 1275 -12.87 -55.71 11.40
N ASP B 1276 -12.95 -54.45 10.97
CA ASP B 1276 -12.01 -53.43 11.43
C ASP B 1276 -12.15 -53.18 12.93
N VAL B 1277 -13.34 -53.38 13.49
CA VAL B 1277 -13.47 -53.41 14.95
C VAL B 1277 -12.36 -54.26 15.57
N GLY B 1278 -12.36 -55.56 15.27
CA GLY B 1278 -11.31 -56.44 15.73
C GLY B 1278 -11.79 -57.47 16.73
N GLU B 1279 -12.92 -57.20 17.37
CA GLU B 1279 -13.51 -58.13 18.34
C GLU B 1279 -13.69 -59.51 17.71
N SER B 1280 -13.41 -60.55 18.49
CA SER B 1280 -13.36 -61.91 17.99
C SER B 1280 -14.66 -62.34 17.29
N ASP B 1281 -15.79 -61.94 17.84
CA ASP B 1281 -17.08 -62.28 17.25
C ASP B 1281 -17.33 -61.47 15.97
N THR B 1282 -16.99 -60.17 16.02
CA THR B 1282 -17.26 -59.26 14.91
C THR B 1282 -16.62 -59.73 13.61
N LYS B 1283 -15.35 -60.13 13.67
CA LYS B 1283 -14.65 -60.61 12.49
C LYS B 1283 -15.38 -61.82 11.90
N GLU B 1284 -15.77 -62.73 12.79
CA GLU B 1284 -16.53 -63.90 12.37
C GLU B 1284 -17.83 -63.49 11.68
N ILE B 1285 -18.52 -62.51 12.27
CA ILE B 1285 -19.75 -61.98 11.68
C ILE B 1285 -19.50 -61.47 10.26
N ALA B 1286 -18.49 -60.62 10.12
CA ALA B 1286 -18.13 -60.05 8.83
C ALA B 1286 -17.84 -61.14 7.80
N LEU B 1287 -16.87 -61.98 8.10
CA LEU B 1287 -16.44 -63.03 7.16
C LEU B 1287 -17.60 -63.97 6.82
N GLN B 1288 -18.39 -64.33 7.84
CA GLN B 1288 -19.56 -65.17 7.62
C GLN B 1288 -20.50 -64.53 6.62
N GLU B 1289 -20.85 -63.27 6.86
CA GLU B 1289 -21.78 -62.57 5.97
C GLU B 1289 -21.22 -62.48 4.55
N LEU B 1290 -19.97 -62.07 4.42
CA LEU B 1290 -19.33 -61.98 3.11
C LEU B 1290 -19.38 -63.32 2.40
N THR B 1291 -19.05 -64.39 3.13
CA THR B 1291 -19.10 -65.73 2.57
C THR B 1291 -20.51 -66.10 2.14
N GLU B 1292 -21.48 -65.81 2.99
CA GLU B 1292 -22.87 -66.14 2.70
C GLU B 1292 -23.35 -65.42 1.45
N TYR B 1293 -23.01 -64.15 1.29
CA TYR B 1293 -23.29 -63.50 0.02
C TYR B 1293 -22.55 -64.22 -1.10
N ILE B 1294 -21.25 -64.48 -0.89
CA ILE B 1294 -20.42 -65.16 -1.87
C ILE B 1294 -20.93 -66.59 -2.11
N ALA B 1295 -21.83 -67.05 -1.25
CA ALA B 1295 -22.56 -68.29 -1.50
C ALA B 1295 -23.88 -68.01 -2.20
N THR B 1296 -24.50 -66.87 -1.89
CA THR B 1296 -25.78 -66.50 -2.48
C THR B 1296 -25.71 -66.41 -4.00
N SER B 1297 -25.12 -65.33 -4.51
CA SER B 1297 -24.93 -65.16 -5.96
C SER B 1297 -23.52 -65.61 -6.33
N GLY B 1298 -22.56 -65.18 -5.52
CA GLY B 1298 -21.24 -65.78 -5.49
C GLY B 1298 -20.48 -65.88 -6.80
N ALA B 1299 -19.85 -64.80 -7.23
CA ALA B 1299 -18.94 -64.85 -8.35
C ALA B 1299 -17.99 -63.66 -8.36
N ASP B 1300 -18.45 -62.53 -7.80
CA ASP B 1300 -17.76 -61.26 -7.99
C ASP B 1300 -16.49 -61.11 -7.17
N LEU B 1301 -15.62 -60.22 -7.64
CA LEU B 1301 -14.31 -60.00 -7.06
C LEU B 1301 -14.35 -59.39 -5.67
N LEU B 1302 -14.91 -58.19 -5.59
CA LEU B 1302 -14.83 -57.37 -4.38
C LEU B 1302 -14.96 -58.21 -3.11
N VAL B 1303 -15.99 -59.06 -3.08
CA VAL B 1303 -16.19 -59.98 -1.98
C VAL B 1303 -14.98 -60.88 -1.79
N THR B 1304 -14.54 -61.53 -2.87
CA THR B 1304 -13.42 -62.45 -2.81
C THR B 1304 -12.12 -61.75 -2.40
N LEU B 1305 -11.91 -60.54 -2.93
CA LEU B 1305 -10.68 -59.81 -2.68
C LEU B 1305 -10.64 -59.35 -1.22
N THR B 1306 -11.75 -58.78 -0.75
CA THR B 1306 -11.83 -58.36 0.65
C THR B 1306 -11.69 -59.57 1.58
N ILE B 1307 -12.29 -60.68 1.20
CA ILE B 1307 -12.14 -61.93 1.94
C ILE B 1307 -10.68 -62.41 1.92
N ALA B 1308 -10.03 -62.29 0.77
CA ALA B 1308 -8.65 -62.73 0.64
C ALA B 1308 -7.71 -61.89 1.48
N ALA B 1309 -7.92 -60.58 1.50
CA ALA B 1309 -7.12 -59.71 2.37
C ALA B 1309 -7.42 -60.02 3.83
N MET B 1310 -8.71 -60.11 4.15
CA MET B 1310 -9.17 -60.41 5.49
C MET B 1310 -8.49 -61.67 6.00
N SER B 1311 -8.51 -62.72 5.19
CA SER B 1311 -7.80 -63.95 5.52
C SER B 1311 -6.30 -63.69 5.50
N ILE B 1312 -5.86 -62.87 4.56
CA ILE B 1312 -4.44 -62.59 4.37
C ILE B 1312 -3.78 -62.12 5.65
N LEU B 1313 -4.32 -61.08 6.28
CA LEU B 1313 -3.67 -60.51 7.46
C LEU B 1313 -3.89 -61.31 8.75
N ASP B 1314 -4.94 -62.11 8.83
CA ASP B 1314 -5.14 -62.98 10.00
C ASP B 1314 -4.10 -64.09 10.05
N ASP B 1315 -3.49 -64.38 8.90
CA ASP B 1315 -2.39 -65.33 8.85
C ASP B 1315 -2.80 -66.71 9.35
N LYS B 1316 -3.94 -67.21 8.85
CA LYS B 1316 -4.41 -68.56 9.17
C LYS B 1316 -4.15 -69.47 7.98
N ARG B 1317 -3.07 -70.24 8.05
CA ARG B 1317 -2.61 -71.05 6.92
C ARG B 1317 -3.70 -71.91 6.29
N GLU B 1318 -4.56 -72.49 7.12
CA GLU B 1318 -5.62 -73.37 6.62
C GLU B 1318 -6.53 -72.64 5.63
N ASP B 1319 -6.94 -71.43 5.98
CA ASP B 1319 -7.87 -70.67 5.14
C ASP B 1319 -7.19 -70.11 3.89
N LEU B 1320 -5.89 -69.84 3.98
CA LEU B 1320 -5.17 -69.19 2.90
C LEU B 1320 -5.08 -70.06 1.64
N SER B 1321 -4.81 -71.34 1.82
CA SER B 1321 -4.75 -72.27 0.69
C SER B 1321 -6.08 -72.27 -0.05
N ILE B 1322 -7.17 -72.29 0.73
CA ILE B 1322 -8.51 -72.29 0.17
C ILE B 1322 -8.84 -70.99 -0.58
N ILE B 1323 -8.67 -69.85 0.09
CA ILE B 1323 -9.00 -68.57 -0.53
C ILE B 1323 -8.09 -68.25 -1.72
N LEU B 1324 -6.84 -68.68 -1.63
CA LEU B 1324 -5.91 -68.55 -2.74
C LEU B 1324 -6.41 -69.42 -3.88
N GLU B 1325 -6.79 -70.65 -3.55
CA GLU B 1325 -7.38 -71.55 -4.54
C GLU B 1325 -8.57 -70.87 -5.21
N GLU B 1326 -9.38 -70.17 -4.41
CA GLU B 1326 -10.50 -69.42 -4.97
C GLU B 1326 -10.04 -68.30 -5.88
N LEU B 1327 -9.03 -67.55 -5.43
CA LEU B 1327 -8.51 -66.43 -6.22
C LEU B 1327 -7.96 -66.87 -7.56
N LYS B 1328 -7.19 -67.96 -7.57
CA LYS B 1328 -6.63 -68.45 -8.83
C LYS B 1328 -7.74 -68.76 -9.82
N ALA B 1329 -8.86 -69.24 -9.31
CA ALA B 1329 -9.95 -69.74 -10.16
C ALA B 1329 -11.02 -68.67 -10.43
N LEU B 1330 -10.65 -67.41 -10.26
CA LEU B 1330 -11.55 -66.32 -10.63
C LEU B 1330 -11.82 -66.42 -12.12
N PRO B 1331 -13.11 -66.38 -12.50
CA PRO B 1331 -13.40 -66.60 -13.92
C PRO B 1331 -12.83 -65.49 -14.79
N LEU B 1332 -12.69 -65.75 -16.07
CA LEU B 1332 -12.01 -64.84 -16.96
C LEU B 1332 -12.76 -63.51 -17.04
N SER B 1333 -14.09 -63.59 -17.00
CA SER B 1333 -14.93 -62.40 -17.06
C SER B 1333 -14.57 -61.41 -15.97
N LYS B 1334 -14.39 -61.93 -14.76
CA LYS B 1334 -14.08 -61.10 -13.60
C LYS B 1334 -12.68 -60.50 -13.69
N GLN B 1335 -11.72 -61.27 -14.20
CA GLN B 1335 -10.36 -60.77 -14.33
C GLN B 1335 -10.30 -59.50 -15.16
N ILE B 1336 -11.22 -59.36 -16.12
CA ILE B 1336 -11.29 -58.15 -16.92
C ILE B 1336 -11.78 -56.99 -16.08
N ILE B 1337 -12.89 -57.20 -15.36
CA ILE B 1337 -13.48 -56.18 -14.50
C ILE B 1337 -12.47 -55.66 -13.48
N ASP B 1338 -11.44 -56.46 -13.23
CA ASP B 1338 -10.36 -56.06 -12.33
C ASP B 1338 -9.28 -55.30 -13.09
N LYS B 1339 -9.57 -54.06 -13.43
CA LYS B 1339 -8.62 -53.26 -14.17
C LYS B 1339 -7.38 -53.04 -13.32
N HIS B 1340 -7.59 -52.74 -12.06
CA HIS B 1340 -6.51 -52.44 -11.15
C HIS B 1340 -5.59 -53.64 -10.94
N LYS B 1341 -6.10 -54.83 -11.28
CA LYS B 1341 -5.37 -56.08 -11.06
C LYS B 1341 -5.00 -56.27 -9.59
N ASP B 1342 -6.02 -56.33 -8.74
CA ASP B 1342 -5.86 -56.61 -7.32
C ASP B 1342 -5.57 -58.08 -7.09
N ALA B 1343 -6.20 -58.94 -7.87
CA ALA B 1343 -6.10 -60.36 -7.61
C ALA B 1343 -4.66 -60.87 -7.75
N PRO B 1344 -4.00 -60.54 -8.87
CA PRO B 1344 -2.63 -61.06 -9.01
C PRO B 1344 -1.68 -60.55 -7.92
N TYR B 1345 -2.05 -59.47 -7.23
CA TYR B 1345 -1.25 -58.95 -6.15
C TYR B 1345 -1.40 -59.83 -4.91
N LEU B 1346 -2.65 -60.01 -4.49
CA LEU B 1346 -2.95 -60.83 -3.33
C LEU B 1346 -2.47 -62.26 -3.55
N ILE B 1347 -2.73 -62.81 -4.73
CA ILE B 1347 -2.26 -64.16 -5.04
C ILE B 1347 -0.75 -64.25 -4.85
N GLU B 1348 -0.02 -63.24 -5.32
CA GLU B 1348 1.43 -63.22 -5.14
C GLU B 1348 1.79 -63.16 -3.67
N GLU B 1349 1.22 -62.21 -2.95
CA GLU B 1349 1.52 -62.08 -1.52
C GLU B 1349 1.28 -63.38 -0.77
N ILE B 1350 0.08 -63.93 -0.93
CA ILE B 1350 -0.28 -65.18 -0.26
C ILE B 1350 0.67 -66.31 -0.67
N THR B 1351 0.87 -66.50 -1.96
CA THR B 1351 1.75 -67.57 -2.45
C THR B 1351 3.15 -67.41 -1.86
N LYS B 1352 3.68 -66.20 -1.97
CA LYS B 1352 5.03 -65.92 -1.52
C LYS B 1352 5.15 -66.12 0.00
N ARG B 1353 4.10 -65.76 0.73
CA ARG B 1353 4.10 -65.91 2.18
C ARG B 1353 3.74 -67.32 2.66
N LEU B 1354 2.98 -68.05 1.86
CA LEU B 1354 2.46 -69.36 2.27
C LEU B 1354 3.31 -70.49 1.70
N TYR B 1355 3.36 -70.59 0.38
CA TYR B 1355 4.20 -71.58 -0.29
C TYR B 1355 5.68 -71.28 -0.04
N ARG B 1356 5.98 -70.02 0.26
CA ARG B 1356 7.36 -69.58 0.51
C ARG B 1356 8.22 -69.75 -0.74
N ASN B 1357 7.59 -69.62 -1.90
CA ASN B 1357 8.26 -69.72 -3.19
C ASN B 1357 8.16 -68.41 -3.96
N ASP B 1358 9.18 -68.09 -4.72
CA ASP B 1358 9.18 -66.89 -5.54
C ASP B 1358 8.22 -67.05 -6.72
N THR B 1359 7.87 -68.31 -7.01
CA THR B 1359 6.94 -68.64 -8.08
C THR B 1359 5.66 -67.82 -8.03
N GLY B 1360 5.34 -67.29 -6.84
CA GLY B 1360 4.19 -66.43 -6.65
C GLY B 1360 4.16 -65.25 -7.62
N LYS B 1361 5.32 -64.92 -8.19
CA LYS B 1361 5.40 -63.89 -9.23
C LYS B 1361 4.64 -64.29 -10.49
N GLN B 1362 4.78 -65.56 -10.89
CA GLN B 1362 4.34 -66.07 -12.19
C GLN B 1362 3.05 -65.43 -12.69
N VAL B 1363 2.05 -65.37 -11.81
CA VAL B 1363 0.73 -64.85 -12.15
C VAL B 1363 0.86 -63.59 -12.98
N TRP B 1364 1.66 -62.65 -12.49
CA TRP B 1364 1.78 -61.34 -13.12
C TRP B 1364 2.13 -61.47 -14.59
N GLN B 1365 2.91 -62.49 -14.94
CA GLN B 1365 3.20 -62.75 -16.33
C GLN B 1365 1.91 -63.14 -17.05
N ARG B 1366 1.16 -64.05 -16.44
CA ARG B 1366 -0.01 -64.61 -17.09
C ARG B 1366 -1.01 -63.49 -17.33
N SER B 1367 -0.97 -62.48 -16.47
CA SER B 1367 -1.75 -61.27 -16.67
C SER B 1367 -1.23 -60.50 -17.86
N ALA B 1368 0.09 -60.34 -17.94
CA ALA B 1368 0.65 -59.46 -18.96
C ALA B 1368 0.39 -60.06 -20.33
N TYR B 1369 0.37 -61.38 -20.38
CA TYR B 1369 0.02 -62.08 -21.60
C TYR B 1369 -1.44 -61.79 -21.93
N PHE B 1370 -2.27 -61.64 -20.90
CA PHE B 1370 -3.71 -61.45 -21.10
C PHE B 1370 -4.03 -59.99 -21.37
N PHE B 1371 -3.52 -59.12 -20.51
CA PHE B 1371 -3.79 -57.71 -20.61
C PHE B 1371 -2.50 -56.96 -20.87
N PRO B 1372 -1.93 -57.13 -22.07
CA PRO B 1372 -0.59 -56.60 -22.34
C PRO B 1372 -0.51 -55.08 -22.35
N ASN B 1373 -1.62 -54.39 -22.12
CA ASN B 1373 -1.62 -52.93 -22.13
C ASN B 1373 -2.09 -52.34 -20.79
N ASN B 1374 -2.32 -53.21 -19.82
CA ASN B 1374 -2.64 -52.78 -18.46
C ASN B 1374 -1.37 -52.28 -17.77
N LEU B 1375 -1.43 -51.13 -17.12
CA LEU B 1375 -0.24 -50.59 -16.43
C LEU B 1375 0.13 -51.40 -15.19
N LYS B 1376 -0.88 -51.70 -14.37
CA LYS B 1376 -0.66 -52.30 -13.06
C LYS B 1376 0.17 -53.59 -13.13
N VAL B 1377 0.15 -54.27 -14.27
CA VAL B 1377 0.91 -55.51 -14.43
C VAL B 1377 2.36 -55.24 -14.80
N TRP B 1378 2.57 -54.27 -15.68
CA TRP B 1378 3.93 -53.88 -16.02
C TRP B 1378 4.59 -53.14 -14.86
N GLU B 1379 3.77 -52.60 -13.95
CA GLU B 1379 4.30 -52.12 -12.68
C GLU B 1379 5.15 -53.21 -12.00
N ARG B 1380 4.65 -54.43 -11.95
CA ARG B 1380 5.41 -55.54 -11.36
C ARG B 1380 6.48 -56.04 -12.30
N LEU B 1381 6.09 -56.37 -13.53
CA LEU B 1381 7.02 -57.05 -14.43
C LEU B 1381 8.16 -56.21 -15.00
N ASP B 1382 7.85 -55.13 -15.70
CA ASP B 1382 8.88 -54.33 -16.36
C ASP B 1382 8.45 -52.88 -16.35
N LYS B 1383 9.25 -52.03 -15.71
CA LYS B 1383 8.90 -50.62 -15.56
C LYS B 1383 8.94 -49.85 -16.88
N ASN B 1384 9.91 -50.15 -17.73
CA ASN B 1384 10.09 -49.41 -18.98
C ASN B 1384 8.89 -49.51 -19.88
N ILE B 1385 8.30 -50.70 -19.96
CA ILE B 1385 7.11 -50.88 -20.76
C ILE B 1385 5.96 -50.08 -20.15
N GLN B 1386 5.83 -50.10 -18.83
CA GLN B 1386 4.79 -49.30 -18.17
C GLN B 1386 4.96 -47.84 -18.56
N ARG B 1387 6.17 -47.33 -18.43
CA ARG B 1387 6.46 -45.95 -18.77
C ARG B 1387 6.18 -45.70 -20.24
N ARG B 1388 6.54 -46.67 -21.07
CA ARG B 1388 6.37 -46.52 -22.50
C ARG B 1388 4.90 -46.55 -22.90
N ILE B 1389 4.10 -47.31 -22.15
CA ILE B 1389 2.68 -47.43 -22.43
C ILE B 1389 1.98 -46.10 -22.15
N ALA B 1390 2.42 -45.41 -21.11
CA ALA B 1390 1.77 -44.17 -20.70
C ALA B 1390 2.32 -42.95 -21.45
N SER B 1391 3.30 -43.18 -22.32
CA SER B 1391 3.92 -42.08 -23.07
C SER B 1391 2.93 -41.33 -23.96
N ASN B 1392 2.54 -41.95 -25.08
CA ASN B 1392 1.78 -41.24 -26.10
C ASN B 1392 0.28 -41.19 -25.84
N GLY B 1393 -0.12 -41.72 -24.69
CA GLY B 1393 -1.51 -41.71 -24.31
C GLY B 1393 -2.25 -42.98 -24.70
N GLN B 1394 -1.51 -44.09 -24.77
CA GLN B 1394 -2.16 -45.38 -24.96
C GLN B 1394 -3.08 -45.61 -23.78
N ASN B 1395 -2.53 -45.37 -22.58
CA ASN B 1395 -3.31 -45.37 -21.36
C ASN B 1395 -3.25 -43.99 -20.71
N LYS B 1396 -4.40 -43.50 -20.30
CA LYS B 1396 -4.49 -42.19 -19.69
C LYS B 1396 -4.05 -42.28 -18.25
N VAL B 1397 -2.87 -41.74 -17.96
CA VAL B 1397 -2.32 -41.77 -16.61
C VAL B 1397 -2.21 -40.35 -16.06
N THR B 1398 -2.38 -40.21 -14.75
CA THR B 1398 -2.37 -38.89 -14.12
C THR B 1398 -0.98 -38.27 -14.13
N ALA B 1399 -0.89 -37.05 -13.63
CA ALA B 1399 0.37 -36.31 -13.60
C ALA B 1399 1.36 -36.88 -12.59
N GLU B 1400 0.86 -37.19 -11.40
CA GLU B 1400 1.71 -37.72 -10.36
C GLU B 1400 2.35 -39.03 -10.81
N GLU B 1401 1.51 -39.98 -11.24
CA GLU B 1401 2.02 -41.28 -11.64
C GLU B 1401 3.01 -41.12 -12.78
N MET B 1402 2.70 -40.25 -13.74
CA MET B 1402 3.61 -39.99 -14.84
C MET B 1402 4.95 -39.50 -14.32
N SER B 1403 4.90 -38.57 -13.37
CA SER B 1403 6.12 -38.10 -12.73
C SER B 1403 6.90 -39.26 -12.14
N LYS B 1404 6.20 -40.11 -11.39
CA LYS B 1404 6.80 -41.28 -10.76
C LYS B 1404 7.49 -42.17 -11.79
N LEU B 1405 6.79 -42.44 -12.90
CA LEU B 1405 7.33 -43.28 -13.96
C LEU B 1405 8.57 -42.64 -14.55
N TYR B 1406 8.49 -41.33 -14.78
CA TYR B 1406 9.63 -40.62 -15.33
C TYR B 1406 10.83 -40.74 -14.41
N CYS B 1407 10.63 -40.49 -13.13
CA CYS B 1407 11.73 -40.61 -12.17
C CYS B 1407 12.25 -42.04 -12.12
N GLU B 1408 11.34 -43.02 -12.22
CA GLU B 1408 11.73 -44.42 -12.17
C GLU B 1408 12.73 -44.79 -13.26
N SER B 1409 12.95 -43.91 -14.23
CA SER B 1409 13.99 -44.11 -15.23
C SER B 1409 15.36 -43.93 -14.58
N LYS B 1410 15.37 -43.20 -13.47
CA LYS B 1410 16.53 -43.13 -12.60
C LYS B 1410 17.72 -42.37 -13.18
N ASN B 1411 17.48 -41.42 -14.08
CA ASN B 1411 18.55 -40.54 -14.56
C ASN B 1411 18.14 -39.07 -14.45
N LEU B 1412 19.12 -38.16 -14.47
CA LEU B 1412 18.87 -36.75 -14.13
C LEU B 1412 17.79 -36.09 -14.97
N ARG B 1413 17.97 -36.09 -16.29
CA ARG B 1413 17.05 -35.40 -17.20
C ARG B 1413 15.61 -35.76 -16.92
N SER B 1414 15.35 -37.06 -16.78
CA SER B 1414 14.01 -37.56 -16.61
C SER B 1414 13.50 -37.28 -15.20
N ILE B 1415 14.40 -37.23 -14.21
CA ILE B 1415 14.00 -36.86 -12.86
C ILE B 1415 13.63 -35.37 -12.82
N GLN B 1416 14.37 -34.56 -13.57
CA GLN B 1416 14.02 -33.16 -13.70
C GLN B 1416 12.65 -33.03 -14.34
N ARG B 1417 12.48 -33.72 -15.46
CA ARG B 1417 11.19 -33.74 -16.15
C ARG B 1417 10.10 -34.11 -15.18
N GLY B 1418 10.34 -35.21 -14.46
CA GLY B 1418 9.38 -35.74 -13.52
C GLY B 1418 9.03 -34.73 -12.44
N MET B 1419 10.06 -34.19 -11.79
CA MET B 1419 9.86 -33.23 -10.71
C MET B 1419 9.14 -31.98 -11.22
N PHE B 1420 9.47 -31.54 -12.43
CA PHE B 1420 8.84 -30.35 -13.00
C PHE B 1420 7.36 -30.64 -13.25
N LEU B 1421 7.08 -31.79 -13.84
CA LEU B 1421 5.70 -32.18 -14.12
C LEU B 1421 4.88 -32.19 -12.84
N CYS B 1422 5.54 -32.49 -11.73
CA CYS B 1422 4.84 -32.60 -10.46
C CYS B 1422 5.80 -32.37 -9.31
N PRO B 1423 6.03 -31.10 -8.96
CA PRO B 1423 7.07 -30.81 -7.98
C PRO B 1423 6.65 -31.02 -6.53
N TRP B 1424 5.48 -31.58 -6.29
CA TRP B 1424 5.00 -31.74 -4.92
C TRP B 1424 4.88 -33.19 -4.47
N ASN B 1425 5.56 -34.09 -5.17
CA ASN B 1425 5.65 -35.47 -4.69
C ASN B 1425 7.05 -35.83 -4.16
N VAL B 1426 7.07 -36.22 -2.89
CA VAL B 1426 8.29 -36.49 -2.14
C VAL B 1426 9.32 -37.26 -2.97
N THR B 1427 8.89 -38.39 -3.52
CA THR B 1427 9.80 -39.31 -4.18
C THR B 1427 10.63 -38.63 -5.28
N ALA B 1428 10.04 -37.65 -5.95
CA ALA B 1428 10.73 -36.99 -7.06
C ALA B 1428 11.77 -36.00 -6.53
N VAL B 1429 11.35 -35.18 -5.58
CA VAL B 1429 12.26 -34.25 -4.93
C VAL B 1429 13.46 -35.02 -4.36
N LYS B 1430 13.18 -36.08 -3.60
CA LYS B 1430 14.23 -36.93 -3.07
C LYS B 1430 15.06 -37.50 -4.21
N ALA B 1431 14.39 -37.98 -5.25
CA ALA B 1431 15.08 -38.53 -6.41
C ALA B 1431 16.05 -37.52 -7.04
N LEU B 1432 15.67 -36.25 -7.05
CA LEU B 1432 16.57 -35.20 -7.54
C LEU B 1432 17.65 -34.80 -6.56
N ASN B 1433 17.36 -34.80 -5.27
CA ASN B 1433 18.40 -34.50 -4.31
C ASN B 1433 19.46 -35.60 -4.39
N GLU B 1434 19.04 -36.85 -4.24
CA GLU B 1434 19.99 -37.96 -4.08
C GLU B 1434 20.93 -38.18 -5.26
N CYS B 1435 20.60 -37.66 -6.44
CA CYS B 1435 21.52 -37.83 -7.57
C CYS B 1435 22.65 -36.79 -7.53
N PHE B 1436 22.53 -35.81 -6.63
CA PHE B 1436 23.60 -34.86 -6.37
C PHE B 1436 24.28 -35.12 -5.02
N SER C 2 -5.49 -12.30 -39.19
CA SER C 2 -4.15 -12.84 -39.20
C SER C 2 -3.95 -13.84 -38.07
N LYS C 3 -4.54 -15.03 -38.18
CA LYS C 3 -4.35 -16.04 -37.12
C LYS C 3 -3.67 -17.30 -37.65
N VAL C 4 -3.07 -17.18 -38.83
CA VAL C 4 -2.28 -18.26 -39.44
C VAL C 4 -0.80 -18.02 -39.21
N PHE C 5 -0.20 -18.83 -38.35
CA PHE C 5 1.21 -18.69 -38.02
C PHE C 5 2.07 -19.56 -38.93
N ILE C 6 3.23 -19.03 -39.32
CA ILE C 6 4.15 -19.78 -40.18
C ILE C 6 5.57 -19.72 -39.62
N ALA C 7 6.24 -20.87 -39.59
CA ALA C 7 7.51 -21.00 -38.91
C ALA C 7 8.62 -20.23 -39.63
N THR C 8 9.51 -19.62 -38.86
CA THR C 8 10.55 -18.78 -39.42
C THR C 8 11.98 -19.29 -39.18
N ALA C 9 12.31 -19.67 -37.95
CA ALA C 9 13.66 -20.13 -37.65
C ALA C 9 13.67 -21.21 -36.56
N ASN C 10 14.55 -22.19 -36.71
CA ASN C 10 14.65 -23.31 -35.78
C ASN C 10 16.04 -23.52 -35.22
N ALA C 11 16.08 -24.02 -34.00
CA ALA C 11 17.32 -24.47 -33.39
C ALA C 11 17.05 -25.79 -32.68
N GLY C 12 17.56 -26.87 -33.26
CA GLY C 12 17.38 -28.20 -32.70
C GLY C 12 18.54 -28.57 -31.82
N LYS C 13 18.28 -29.38 -30.80
CA LYS C 13 19.31 -29.72 -29.83
C LYS C 13 19.92 -28.44 -29.29
N ALA C 14 19.05 -27.55 -28.82
CA ALA C 14 19.49 -26.27 -28.28
C ALA C 14 20.13 -26.45 -26.91
N HIS C 15 19.74 -27.51 -26.21
CA HIS C 15 20.25 -27.78 -24.86
C HIS C 15 20.54 -29.26 -24.70
N ASP C 16 21.15 -29.61 -23.57
CA ASP C 16 21.47 -30.99 -23.27
C ASP C 16 20.45 -31.61 -22.32
N ALA C 17 19.46 -30.81 -21.93
CA ALA C 17 18.37 -31.31 -21.09
C ALA C 17 17.13 -30.46 -21.30
N ASP C 18 15.98 -30.99 -20.89
CA ASP C 18 14.68 -30.35 -21.16
C ASP C 18 14.66 -28.84 -20.91
N ILE C 19 14.12 -28.11 -21.88
CA ILE C 19 13.95 -26.66 -21.77
C ILE C 19 12.57 -26.36 -21.18
N PHE C 20 12.52 -25.78 -19.98
CA PHE C 20 11.26 -25.65 -19.25
C PHE C 20 10.53 -24.33 -19.44
N SER C 21 11.27 -23.23 -19.43
CA SER C 21 10.68 -21.91 -19.60
C SER C 21 11.38 -21.18 -20.74
N VAL C 22 10.65 -20.27 -21.38
CA VAL C 22 11.22 -19.41 -22.39
C VAL C 22 10.61 -18.02 -22.24
N SER C 23 11.41 -17.00 -22.49
CA SER C 23 10.93 -15.62 -22.43
C SER C 23 11.66 -14.80 -23.48
N ALA C 24 11.17 -13.60 -23.74
CA ALA C 24 11.80 -12.73 -24.72
C ALA C 24 11.51 -11.27 -24.46
N CYS C 25 12.24 -10.42 -25.19
CA CYS C 25 12.04 -8.98 -25.15
C CYS C 25 12.44 -8.41 -26.50
N ASN C 26 12.53 -7.09 -26.59
CA ASN C 26 12.86 -6.43 -27.86
C ASN C 26 14.19 -6.91 -28.44
N SER C 27 15.16 -7.13 -27.56
CA SER C 27 16.51 -7.46 -27.98
C SER C 27 16.69 -8.93 -28.30
N PHE C 28 16.14 -9.80 -27.46
CA PHE C 28 16.43 -11.23 -27.59
C PHE C 28 15.39 -12.13 -26.92
N THR C 29 15.50 -13.42 -27.22
CA THR C 29 14.70 -14.46 -26.60
C THR C 29 15.62 -15.29 -25.73
N VAL C 30 15.32 -15.34 -24.43
CA VAL C 30 16.13 -16.11 -23.49
C VAL C 30 15.41 -17.38 -23.06
N SER C 31 16.14 -18.50 -23.15
CA SER C 31 15.61 -19.81 -22.79
C SER C 31 16.52 -20.49 -21.76
N CYS C 32 15.91 -21.00 -20.71
CA CYS C 32 16.62 -21.71 -19.65
C CYS C 32 16.25 -23.18 -19.69
N SER C 33 17.12 -24.05 -19.19
CA SER C 33 16.82 -25.49 -19.20
C SER C 33 17.45 -26.22 -18.01
N GLY C 34 17.38 -27.55 -18.08
CA GLY C 34 17.79 -28.40 -16.97
C GLY C 34 19.28 -28.55 -16.87
N ASP C 35 20.00 -28.12 -17.91
CA ASP C 35 21.46 -28.09 -17.85
C ASP C 35 21.92 -26.80 -17.16
N GLY C 36 20.98 -26.06 -16.60
CA GLY C 36 21.30 -24.88 -15.81
C GLY C 36 21.98 -23.78 -16.61
N TYR C 37 21.89 -23.88 -17.93
CA TYR C 37 22.44 -22.87 -18.81
C TYR C 37 21.34 -21.93 -19.26
N LEU C 38 21.55 -20.63 -19.09
CA LEU C 38 20.68 -19.65 -19.71
C LEU C 38 21.19 -19.45 -21.12
N LYS C 39 20.27 -19.38 -22.08
CA LYS C 39 20.65 -19.16 -23.47
C LYS C 39 19.92 -17.97 -24.07
N VAL C 40 20.70 -16.94 -24.38
CA VAL C 40 20.22 -15.74 -25.07
C VAL C 40 20.28 -15.94 -26.59
N TRP C 41 19.14 -15.78 -27.24
CA TRP C 41 19.05 -15.94 -28.68
C TRP C 41 18.70 -14.58 -29.29
N ASP C 42 19.55 -14.07 -30.18
CA ASP C 42 19.29 -12.77 -30.80
C ASP C 42 17.99 -12.85 -31.57
N ASN C 43 17.09 -11.90 -31.31
CA ASN C 43 15.84 -11.81 -32.05
C ASN C 43 16.05 -11.17 -33.41
N LYS C 44 17.00 -10.26 -33.48
CA LYS C 44 17.27 -9.53 -34.71
C LYS C 44 18.19 -10.36 -35.61
N LEU C 45 17.59 -11.09 -36.54
CA LEU C 45 18.35 -11.93 -37.47
C LEU C 45 18.12 -11.50 -38.91
N LEU C 46 19.09 -11.80 -39.77
CA LEU C 46 19.00 -11.50 -41.19
C LEU C 46 18.90 -12.78 -42.01
N ASP C 47 18.22 -12.68 -43.15
CA ASP C 47 17.78 -13.83 -43.96
C ASP C 47 18.68 -15.07 -43.94
N ASN C 48 18.08 -16.22 -43.65
CA ASN C 48 18.75 -17.51 -43.75
C ASN C 48 19.98 -17.63 -42.86
N GLU C 49 19.93 -17.02 -41.67
CA GLU C 49 21.02 -17.10 -40.71
C GLU C 49 20.62 -17.98 -39.52
N ASN C 50 21.46 -18.96 -39.23
CA ASN C 50 21.20 -19.92 -38.16
C ASN C 50 21.12 -19.22 -36.80
N PRO C 51 19.99 -19.35 -36.08
CA PRO C 51 19.85 -18.73 -34.77
C PRO C 51 20.96 -19.08 -33.81
N LYS C 52 21.55 -20.26 -34.00
CA LYS C 52 22.60 -20.74 -33.11
C LYS C 52 23.89 -19.96 -33.29
N ASP C 53 24.07 -19.34 -34.46
CA ASP C 53 25.23 -18.48 -34.69
C ASP C 53 25.11 -17.23 -33.84
N LYS C 54 23.88 -16.78 -33.61
CA LYS C 54 23.62 -15.61 -32.79
C LYS C 54 23.03 -16.00 -31.44
N SER C 55 23.46 -17.16 -30.94
CA SER C 55 23.07 -17.60 -29.60
C SER C 55 24.26 -17.47 -28.67
N TYR C 56 24.00 -16.91 -27.49
CA TYR C 56 25.00 -16.77 -26.45
C TYR C 56 24.51 -17.52 -25.22
N SER C 57 25.35 -18.39 -24.68
CA SER C 57 24.97 -19.25 -23.58
C SER C 57 25.82 -18.99 -22.33
N HIS C 58 25.22 -19.18 -21.17
CA HIS C 58 25.89 -18.92 -19.91
C HIS C 58 25.37 -19.81 -18.77
N PHE C 59 26.30 -20.38 -18.02
CA PHE C 59 25.97 -21.29 -16.92
C PHE C 59 25.25 -20.54 -15.82
N VAL C 60 24.49 -21.24 -14.99
CA VAL C 60 23.83 -20.62 -13.84
C VAL C 60 23.88 -21.51 -12.60
N HIS C 61 23.22 -22.66 -12.67
CA HIS C 61 23.20 -23.58 -11.53
C HIS C 61 23.39 -25.02 -11.97
N LYS C 62 23.97 -25.83 -11.08
CA LYS C 62 24.25 -27.21 -11.39
C LYS C 62 22.96 -28.01 -11.54
N SER C 63 22.01 -27.75 -10.65
CA SER C 63 20.77 -28.51 -10.63
C SER C 63 19.93 -28.31 -11.89
N GLY C 64 19.96 -27.09 -12.42
CA GLY C 64 19.19 -26.75 -13.61
C GLY C 64 18.20 -25.65 -13.30
N LEU C 65 17.59 -25.10 -14.35
CA LEU C 65 16.65 -24.01 -14.19
C LEU C 65 15.33 -24.41 -14.82
N HIS C 66 14.24 -24.11 -14.14
CA HIS C 66 12.92 -24.47 -14.63
C HIS C 66 11.99 -23.27 -14.83
N HIS C 67 12.52 -22.06 -14.68
CA HIS C 67 11.74 -20.84 -14.87
C HIS C 67 12.63 -19.63 -15.13
N VAL C 68 12.30 -18.87 -16.17
CA VAL C 68 13.09 -17.71 -16.56
C VAL C 68 12.18 -16.59 -17.03
N ASP C 69 12.56 -15.36 -16.71
CA ASP C 69 11.86 -14.20 -17.23
C ASP C 69 12.80 -13.02 -17.36
N VAL C 70 12.61 -12.22 -18.40
CA VAL C 70 13.52 -11.11 -18.68
C VAL C 70 12.76 -9.79 -18.69
N LEU C 71 13.41 -8.75 -18.21
CA LEU C 71 12.84 -7.42 -18.16
C LEU C 71 13.74 -6.46 -18.92
N GLN C 72 13.22 -5.89 -20.00
CA GLN C 72 13.96 -4.87 -20.75
C GLN C 72 13.21 -3.56 -20.73
N ALA C 73 13.84 -2.54 -20.17
CA ALA C 73 13.24 -1.22 -20.10
C ALA C 73 14.28 -0.19 -20.46
N ILE C 74 13.81 1.03 -20.72
CA ILE C 74 14.70 2.14 -21.02
C ILE C 74 14.55 3.13 -19.87
N GLU C 75 15.12 2.76 -18.73
CA GLU C 75 14.85 3.41 -17.44
C GLU C 75 14.90 4.94 -17.50
N ARG C 76 16.10 5.51 -17.43
CA ARG C 76 16.24 6.95 -17.63
C ARG C 76 16.11 7.21 -19.12
N ASP C 77 15.91 8.47 -19.49
CA ASP C 77 15.82 8.84 -20.90
C ASP C 77 17.09 8.43 -21.65
N ALA C 78 18.16 8.18 -20.90
CA ALA C 78 19.45 7.83 -21.48
C ALA C 78 19.77 6.34 -21.35
N PHE C 79 19.50 5.78 -20.17
CA PHE C 79 20.02 4.47 -19.79
C PHE C 79 19.12 3.32 -20.23
N GLU C 80 19.74 2.24 -20.71
CA GLU C 80 19.02 1.03 -21.09
C GLU C 80 19.22 -0.07 -20.07
N LEU C 81 18.12 -0.67 -19.62
CA LEU C 81 18.15 -1.68 -18.58
C LEU C 81 17.66 -3.02 -19.14
N CYS C 82 18.47 -4.05 -18.97
CA CYS C 82 18.09 -5.40 -19.40
C CYS C 82 18.48 -6.40 -18.32
N LEU C 83 17.48 -7.11 -17.78
CA LEU C 83 17.69 -7.93 -16.60
C LEU C 83 16.96 -9.27 -16.63
N VAL C 84 17.71 -10.37 -16.52
CA VAL C 84 17.14 -11.72 -16.54
C VAL C 84 17.07 -12.30 -15.13
N ALA C 85 15.90 -12.84 -14.78
CA ALA C 85 15.72 -13.52 -13.51
C ALA C 85 15.33 -14.98 -13.75
N THR C 86 15.82 -15.86 -12.89
CA THR C 86 15.68 -17.31 -13.08
C THR C 86 15.54 -18.04 -11.75
N THR C 87 14.77 -19.12 -11.74
CA THR C 87 14.72 -20.00 -10.59
C THR C 87 15.32 -21.36 -10.97
N SER C 88 16.14 -21.90 -10.07
CA SER C 88 16.79 -23.18 -10.30
C SER C 88 16.03 -24.29 -9.59
N PHE C 89 16.26 -25.52 -9.99
CA PHE C 89 15.64 -26.67 -9.34
C PHE C 89 15.98 -26.69 -7.85
N SER C 90 17.12 -26.11 -7.50
CA SER C 90 17.51 -25.99 -6.10
C SER C 90 16.55 -25.07 -5.34
N GLY C 91 15.87 -24.19 -6.07
CA GLY C 91 14.96 -23.23 -5.49
C GLY C 91 15.55 -21.83 -5.45
N ASP C 92 16.84 -21.74 -5.78
CA ASP C 92 17.54 -20.47 -5.73
C ASP C 92 17.05 -19.52 -6.84
N LEU C 93 16.99 -18.24 -6.50
CA LEU C 93 16.54 -17.20 -7.42
C LEU C 93 17.76 -16.45 -7.91
N LEU C 94 18.12 -16.65 -9.18
CA LEU C 94 19.29 -16.01 -9.78
C LEU C 94 18.92 -14.83 -10.67
N PHE C 95 19.74 -13.78 -10.60
CA PHE C 95 19.55 -12.57 -11.40
C PHE C 95 20.80 -12.27 -12.21
N TYR C 96 20.60 -11.90 -13.47
CA TYR C 96 21.70 -11.67 -14.38
C TYR C 96 21.44 -10.42 -15.22
N ARG C 97 22.31 -9.43 -15.10
CA ARG C 97 22.24 -8.28 -16.00
C ARG C 97 22.88 -8.65 -17.33
N ILE C 98 22.17 -8.34 -18.41
CA ILE C 98 22.65 -8.62 -19.75
C ILE C 98 23.07 -7.32 -20.40
N THR C 99 24.24 -7.31 -21.02
CA THR C 99 24.63 -6.18 -21.86
C THR C 99 25.43 -6.66 -23.06
N ARG C 100 25.56 -5.81 -24.07
CA ARG C 100 26.23 -6.20 -25.29
C ARG C 100 27.58 -5.49 -25.44
N GLU C 101 28.54 -6.21 -26.02
CA GLU C 101 29.90 -5.72 -26.19
C GLU C 101 29.95 -4.43 -27.03
N ASP C 102 31.01 -3.66 -26.86
CA ASP C 102 31.14 -2.35 -27.49
C ASP C 102 30.96 -2.39 -29.01
N GLU C 103 31.70 -3.28 -29.67
CA GLU C 103 31.65 -3.38 -31.12
C GLU C 103 31.19 -4.77 -31.56
N THR C 104 31.67 -5.79 -30.86
CA THR C 104 31.36 -7.18 -31.22
C THR C 104 29.87 -7.47 -31.05
N LYS C 105 29.20 -6.68 -30.21
CA LYS C 105 27.78 -6.85 -29.97
C LYS C 105 27.47 -8.22 -29.37
N LYS C 106 28.49 -8.86 -28.80
CA LYS C 106 28.31 -10.16 -28.13
C LYS C 106 27.66 -9.94 -26.77
N VAL C 107 26.94 -10.94 -26.29
CA VAL C 107 26.23 -10.84 -25.02
C VAL C 107 27.16 -11.05 -23.84
N ILE C 108 26.94 -10.26 -22.80
CA ILE C 108 27.73 -10.33 -21.57
C ILE C 108 26.78 -10.40 -20.39
N PHE C 109 26.97 -11.43 -19.58
CA PHE C 109 26.18 -11.65 -18.38
C PHE C 109 26.91 -11.11 -17.16
N GLU C 110 26.15 -10.47 -16.26
CA GLU C 110 26.68 -10.04 -14.98
C GLU C 110 25.72 -10.49 -13.89
N LYS C 111 26.08 -11.56 -13.19
CA LYS C 111 25.23 -12.08 -12.11
C LYS C 111 25.09 -11.01 -11.04
N LEU C 112 23.86 -10.59 -10.78
CA LEU C 112 23.59 -9.57 -9.79
C LEU C 112 23.13 -10.24 -8.50
N ASP C 113 23.60 -9.72 -7.38
CA ASP C 113 23.25 -10.25 -6.07
C ASP C 113 22.35 -9.26 -5.36
N LEU C 114 21.06 -9.58 -5.30
CA LEU C 114 20.05 -8.63 -4.84
C LEU C 114 19.31 -9.06 -3.57
N LEU C 115 19.32 -10.36 -3.27
CA LEU C 115 18.58 -10.91 -2.13
C LEU C 115 19.45 -11.03 -0.87
N ASP C 116 18.83 -10.92 0.30
CA ASP C 116 19.58 -11.09 1.55
C ASP C 116 19.57 -12.55 1.99
N SER C 117 20.47 -12.89 2.91
CA SER C 117 20.64 -14.27 3.32
C SER C 117 19.36 -14.92 3.85
N ASP C 118 18.56 -14.13 4.56
CA ASP C 118 17.29 -14.63 5.10
C ASP C 118 16.33 -15.01 3.98
N MET C 119 16.37 -14.25 2.89
CA MET C 119 15.46 -14.46 1.77
C MET C 119 15.95 -15.62 0.94
N LYS C 120 17.26 -15.71 0.74
CA LYS C 120 17.82 -16.76 -0.13
C LYS C 120 17.46 -18.15 0.37
N LYS C 121 17.18 -18.30 1.66
CA LYS C 121 16.80 -19.59 2.22
C LYS C 121 15.50 -20.14 1.65
N HIS C 122 14.71 -19.28 1.01
CA HIS C 122 13.43 -19.69 0.46
C HIS C 122 13.62 -20.51 -0.82
N SER C 123 12.69 -21.42 -1.09
CA SER C 123 12.75 -22.25 -2.30
C SER C 123 11.75 -21.75 -3.32
N PHE C 124 12.19 -20.83 -4.16
CA PHE C 124 11.30 -20.20 -5.14
C PHE C 124 11.02 -21.12 -6.32
N TRP C 125 9.87 -20.90 -6.95
CA TRP C 125 9.44 -21.74 -8.07
C TRP C 125 9.18 -20.91 -9.32
N ALA C 126 8.09 -20.16 -9.33
CA ALA C 126 7.75 -19.31 -10.46
C ALA C 126 8.15 -17.87 -10.18
N LEU C 127 8.28 -17.08 -11.23
CA LEU C 127 8.55 -15.65 -11.10
C LEU C 127 7.91 -14.88 -12.24
N LYS C 128 7.71 -13.57 -12.06
CA LYS C 128 7.30 -12.69 -13.16
C LYS C 128 7.73 -11.25 -12.91
N TRP C 129 8.23 -10.61 -13.96
CA TRP C 129 8.67 -9.23 -13.87
C TRP C 129 7.51 -8.28 -14.16
N GLY C 130 7.33 -7.27 -13.32
CA GLY C 130 6.32 -6.25 -13.54
C GLY C 130 6.92 -4.95 -14.05
N ALA C 131 6.78 -4.69 -15.34
CA ALA C 131 7.37 -3.50 -15.94
C ALA C 131 6.76 -2.24 -15.39
N SER C 132 7.47 -1.12 -15.50
CA SER C 132 6.95 0.16 -15.02
C SER C 132 5.84 0.66 -15.92
N ASN C 133 4.63 0.15 -15.68
CA ASN C 133 3.47 0.52 -16.47
C ASN C 133 2.49 1.38 -15.67
N ASP C 134 3.06 2.30 -14.88
CA ASP C 134 2.30 3.22 -14.02
C ASP C 134 1.52 2.52 -12.91
N ARG C 135 1.79 1.23 -12.71
CA ARG C 135 1.21 0.46 -11.61
C ARG C 135 1.60 1.21 -10.34
N LEU C 136 2.90 1.17 -10.07
CA LEU C 136 3.60 2.23 -9.35
C LEU C 136 4.79 2.55 -10.29
N LEU C 137 5.65 3.49 -9.92
CA LEU C 137 6.72 3.91 -10.83
C LEU C 137 7.87 2.91 -10.97
N SER C 138 8.06 2.09 -9.94
CA SER C 138 9.21 1.19 -9.85
C SER C 138 8.92 -0.24 -10.35
N HIS C 139 9.81 -0.77 -11.19
CA HIS C 139 9.71 -2.13 -11.69
C HIS C 139 9.51 -3.06 -10.51
N ARG C 140 8.60 -4.02 -10.62
CA ARG C 140 8.38 -4.97 -9.55
C ARG C 140 8.67 -6.39 -10.02
N LEU C 141 8.86 -7.27 -9.04
CA LEU C 141 9.11 -8.66 -9.30
C LEU C 141 8.23 -9.48 -8.38
N VAL C 142 7.52 -10.45 -8.95
CA VAL C 142 6.73 -11.38 -8.14
C VAL C 142 7.32 -12.77 -8.24
N ALA C 143 7.27 -13.52 -7.13
CA ALA C 143 7.73 -14.90 -7.12
C ALA C 143 6.88 -15.76 -6.20
N THR C 144 7.02 -17.09 -6.32
CA THR C 144 6.26 -18.04 -5.52
C THR C 144 7.17 -19.11 -4.93
N ASP C 145 6.87 -19.54 -3.71
CA ASP C 145 7.66 -20.58 -3.06
C ASP C 145 6.81 -21.82 -2.88
N VAL C 146 7.47 -22.92 -2.53
CA VAL C 146 6.82 -24.22 -2.41
C VAL C 146 5.82 -24.23 -1.26
N LYS C 147 5.92 -23.25 -0.37
CA LYS C 147 5.02 -23.15 0.78
C LYS C 147 3.67 -22.53 0.41
N GLY C 148 3.60 -21.93 -0.78
CA GLY C 148 2.35 -21.35 -1.27
C GLY C 148 2.20 -19.88 -0.92
N THR C 149 3.31 -19.15 -0.95
CA THR C 149 3.31 -17.74 -0.67
C THR C 149 3.81 -16.99 -1.89
N THR C 150 3.28 -15.79 -2.12
CA THR C 150 3.73 -14.95 -3.21
C THR C 150 4.55 -13.77 -2.69
N TYR C 151 5.80 -13.68 -3.16
CA TYR C 151 6.70 -12.60 -2.78
C TYR C 151 6.63 -11.48 -3.79
N ILE C 152 6.57 -10.25 -3.29
CA ILE C 152 6.47 -9.06 -4.13
C ILE C 152 7.60 -8.10 -3.76
N TRP C 153 8.54 -7.94 -4.69
CA TRP C 153 9.63 -6.98 -4.56
C TRP C 153 9.47 -5.83 -5.52
N LYS C 154 10.09 -4.71 -5.15
CA LYS C 154 10.22 -3.56 -6.01
C LYS C 154 11.69 -3.48 -6.39
N PHE C 155 11.99 -3.26 -7.66
CA PHE C 155 13.37 -3.25 -8.15
C PHE C 155 13.86 -1.85 -8.52
N HIS C 156 14.75 -1.32 -7.70
CA HIS C 156 15.34 0.01 -7.92
C HIS C 156 16.74 -0.12 -8.51
N PRO C 157 16.90 0.21 -9.81
CA PRO C 157 18.21 0.04 -10.44
C PRO C 157 19.20 1.16 -10.14
N PHE C 158 18.74 2.22 -9.50
CA PHE C 158 19.57 3.39 -9.26
C PHE C 158 19.63 3.80 -7.79
N ALA C 159 20.70 4.49 -7.43
CA ALA C 159 20.95 4.87 -6.04
C ALA C 159 20.34 6.23 -5.69
N ASP C 160 19.18 6.20 -5.04
CA ASP C 160 18.54 7.41 -4.54
C ASP C 160 18.35 8.46 -5.63
N GLU C 161 18.05 8.01 -6.85
CA GLU C 161 17.83 8.92 -7.96
C GLU C 161 19.06 9.77 -8.24
N THR C 166 24.06 12.24 -11.47
CA THR C 166 22.66 12.06 -11.10
C THR C 166 22.27 10.57 -11.15
N LEU C 167 22.74 9.87 -12.17
CA LEU C 167 22.44 8.45 -12.35
C LEU C 167 23.69 7.58 -12.40
N ASN C 168 23.73 6.59 -11.53
CA ASN C 168 24.80 5.60 -11.49
C ASN C 168 24.23 4.21 -11.25
N TRP C 169 24.92 3.19 -11.75
CA TRP C 169 24.40 1.82 -11.72
C TRP C 169 24.65 1.13 -10.39
N SER C 170 23.58 0.88 -9.64
CA SER C 170 23.66 0.06 -8.44
C SER C 170 22.26 -0.48 -8.11
N PRO C 171 22.02 -1.75 -8.46
CA PRO C 171 20.66 -2.29 -8.32
C PRO C 171 20.31 -2.75 -6.91
N THR C 172 19.05 -2.61 -6.53
CA THR C 172 18.57 -3.06 -5.23
C THR C 172 17.12 -3.55 -5.35
N LEU C 173 16.81 -4.68 -4.74
CA LEU C 173 15.44 -5.19 -4.71
C LEU C 173 14.86 -4.96 -3.32
N GLU C 174 13.84 -4.12 -3.23
CA GLU C 174 13.16 -3.87 -1.97
C GLU C 174 11.98 -4.79 -1.86
N LEU C 175 11.96 -5.61 -0.80
CA LEU C 175 10.83 -6.50 -0.58
C LEU C 175 9.64 -5.67 -0.13
N GLN C 176 8.65 -5.54 -1.00
CA GLN C 176 7.42 -4.86 -0.64
C GLN C 176 6.65 -5.75 0.33
N GLY C 177 6.60 -7.05 0.05
CA GLY C 177 5.99 -7.97 1.00
C GLY C 177 5.50 -9.29 0.42
N THR C 178 4.57 -9.93 1.13
CA THR C 178 4.09 -11.26 0.75
C THR C 178 2.58 -11.38 0.68
N VAL C 179 2.11 -12.38 -0.06
CA VAL C 179 0.69 -12.73 -0.06
C VAL C 179 0.57 -14.24 0.20
N GLU C 180 0.12 -14.57 1.40
CA GLU C 180 -0.03 -15.95 1.84
C GLU C 180 -1.26 -16.58 1.22
N SER C 181 -1.18 -17.87 0.90
CA SER C 181 -2.34 -18.58 0.36
C SER C 181 -3.46 -18.60 1.38
N PRO C 182 -4.71 -18.65 0.90
CA PRO C 182 -5.89 -18.61 1.78
C PRO C 182 -6.18 -19.94 2.46
N MET C 183 -5.75 -21.02 1.82
CA MET C 183 -6.04 -22.38 2.26
C MET C 183 -5.19 -22.83 3.44
N THR C 184 -5.59 -23.93 4.06
CA THR C 184 -4.88 -24.52 5.19
C THR C 184 -5.24 -26.00 5.27
N PRO C 185 -4.28 -26.89 4.96
CA PRO C 185 -2.85 -26.66 4.69
C PRO C 185 -2.58 -25.85 3.43
N SER C 186 -1.54 -25.03 3.48
CA SER C 186 -1.11 -24.27 2.32
C SER C 186 -0.69 -25.22 1.20
N GLN C 187 -0.98 -24.83 -0.03
CA GLN C 187 -0.70 -25.68 -1.19
C GLN C 187 0.47 -25.12 -1.98
N PHE C 188 1.00 -25.93 -2.90
CA PHE C 188 2.16 -25.55 -3.69
C PHE C 188 1.77 -24.53 -4.77
N ALA C 189 2.41 -23.37 -4.76
CA ALA C 189 2.12 -22.31 -5.72
C ALA C 189 2.80 -22.59 -7.05
N THR C 190 2.04 -23.14 -7.99
CA THR C 190 2.60 -23.72 -9.22
C THR C 190 2.92 -22.68 -10.29
N SER C 191 2.22 -21.56 -10.28
CA SER C 191 2.54 -20.48 -11.20
C SER C 191 1.88 -19.17 -10.80
N VAL C 192 2.36 -18.08 -11.43
CA VAL C 192 1.95 -16.74 -11.07
C VAL C 192 1.92 -15.83 -12.29
N ASP C 193 1.16 -14.74 -12.19
CA ASP C 193 1.21 -13.70 -13.21
C ASP C 193 0.64 -12.40 -12.67
N ILE C 194 1.06 -11.28 -13.28
CA ILE C 194 0.62 -9.96 -12.84
C ILE C 194 0.07 -9.16 -14.01
N SER C 195 -1.08 -8.53 -13.79
CA SER C 195 -1.81 -7.85 -14.85
C SER C 195 -1.34 -6.42 -15.05
N GLU C 196 -1.85 -5.79 -16.10
CA GLU C 196 -1.51 -4.41 -16.40
C GLU C 196 -2.17 -3.45 -15.41
N ARG C 197 -3.33 -3.85 -14.91
CA ARG C 197 -4.10 -3.02 -13.99
C ARG C 197 -3.71 -3.24 -12.53
N GLY C 198 -2.59 -3.93 -12.31
CA GLY C 198 -2.02 -4.08 -10.97
C GLY C 198 -2.56 -5.23 -10.13
N LEU C 199 -2.99 -6.31 -10.79
CA LEU C 199 -3.49 -7.51 -10.10
C LEU C 199 -2.52 -8.67 -10.19
N ILE C 200 -2.30 -9.35 -9.07
CA ILE C 200 -1.54 -10.60 -9.06
C ILE C 200 -2.50 -11.77 -9.01
N ALA C 201 -2.26 -12.75 -9.87
CA ALA C 201 -2.96 -14.03 -9.81
C ALA C 201 -1.97 -15.11 -9.38
N THR C 202 -2.34 -15.87 -8.35
CA THR C 202 -1.52 -16.96 -7.84
C THR C 202 -2.24 -18.30 -7.94
N GLY C 203 -1.63 -19.22 -8.70
CA GLY C 203 -2.24 -20.51 -8.99
C GLY C 203 -1.59 -21.66 -8.24
N PHE C 204 -2.38 -22.33 -7.43
CA PHE C 204 -1.92 -23.45 -6.63
C PHE C 204 -2.22 -24.81 -7.29
N ASN C 205 -1.66 -25.87 -6.72
CA ASN C 205 -1.78 -27.20 -7.29
C ASN C 205 -3.05 -27.93 -6.87
N ASN C 206 -3.99 -27.20 -6.27
CA ASN C 206 -5.25 -27.79 -5.85
C ASN C 206 -6.42 -27.16 -6.59
N GLY C 207 -6.15 -26.63 -7.78
CA GLY C 207 -7.19 -26.05 -8.61
C GLY C 207 -7.64 -24.69 -8.12
N THR C 208 -7.04 -24.22 -7.04
CA THR C 208 -7.40 -22.93 -6.46
C THR C 208 -6.51 -21.83 -7.05
N VAL C 209 -7.13 -20.67 -7.28
CA VAL C 209 -6.43 -19.49 -7.75
C VAL C 209 -6.83 -18.34 -6.84
N GLN C 210 -5.85 -17.51 -6.48
CA GLN C 210 -6.09 -16.34 -5.65
C GLN C 210 -5.70 -15.05 -6.36
N ILE C 211 -6.65 -14.11 -6.39
CA ILE C 211 -6.44 -12.79 -6.98
C ILE C 211 -6.23 -11.74 -5.89
N SER C 212 -5.13 -11.01 -6.02
CA SER C 212 -4.70 -10.01 -5.05
C SER C 212 -4.22 -8.74 -5.75
N GLU C 213 -4.11 -7.65 -4.99
CA GLU C 213 -3.63 -6.38 -5.54
C GLU C 213 -2.10 -6.28 -5.46
N LEU C 214 -1.47 -5.97 -6.58
CA LEU C 214 -0.01 -5.86 -6.63
C LEU C 214 0.48 -4.69 -5.80
N SER C 215 -0.25 -3.58 -5.88
CA SER C 215 0.17 -2.37 -5.19
C SER C 215 0.05 -2.55 -3.69
N THR C 216 -1.09 -3.01 -3.23
CA THR C 216 -1.41 -2.99 -1.81
C THR C 216 -1.20 -4.34 -1.12
N LEU C 217 -0.73 -5.33 -1.88
CA LEU C 217 -0.43 -6.65 -1.32
C LEU C 217 -1.62 -7.27 -0.62
N ARG C 218 -2.81 -6.78 -0.92
CA ARG C 218 -4.03 -7.27 -0.30
C ARG C 218 -4.66 -8.34 -1.18
N PRO C 219 -5.04 -9.49 -0.57
CA PRO C 219 -5.77 -10.47 -1.37
C PRO C 219 -7.21 -10.01 -1.56
N LEU C 220 -7.71 -10.11 -2.79
CA LEU C 220 -9.06 -9.70 -3.11
C LEU C 220 -10.02 -10.88 -3.04
N TYR C 221 -9.62 -12.00 -3.65
CA TYR C 221 -10.46 -13.19 -3.60
C TYR C 221 -9.73 -14.44 -4.09
N ASN C 222 -10.44 -15.56 -4.09
CA ASN C 222 -9.89 -16.82 -4.59
C ASN C 222 -10.99 -17.74 -5.08
N PHE C 223 -10.75 -18.41 -6.21
CA PHE C 223 -11.75 -19.33 -6.78
C PHE C 223 -11.12 -20.68 -7.07
N GLU C 224 -11.95 -21.70 -7.25
CA GLU C 224 -11.46 -23.06 -7.41
C GLU C 224 -11.94 -23.71 -8.71
N SER C 225 -11.26 -24.78 -9.12
CA SER C 225 -11.63 -25.54 -10.31
C SER C 225 -12.32 -26.85 -9.94
N GLN C 226 -13.28 -27.27 -10.77
CA GLN C 226 -14.26 -28.29 -10.40
C GLN C 226 -13.86 -29.73 -10.75
N HIS C 227 -14.76 -30.67 -10.45
CA HIS C 227 -14.55 -32.10 -10.69
C HIS C 227 -13.50 -32.70 -9.74
N SER C 228 -13.73 -32.55 -8.43
CA SER C 228 -12.72 -32.89 -7.43
C SER C 228 -12.91 -34.29 -6.85
N MET C 229 -13.28 -35.23 -7.71
CA MET C 229 -13.49 -36.61 -7.30
C MET C 229 -12.21 -37.20 -6.73
N ILE C 230 -11.16 -37.22 -7.54
CA ILE C 230 -9.83 -37.67 -7.11
C ILE C 230 -8.93 -36.47 -6.81
N ASN C 231 -8.51 -36.35 -5.55
CA ASN C 231 -7.82 -35.15 -5.09
C ASN C 231 -6.58 -34.75 -5.90
N ASN C 232 -5.70 -35.71 -6.18
CA ASN C 232 -4.41 -35.41 -6.79
C ASN C 232 -4.47 -35.06 -8.28
N SER C 233 -5.68 -35.12 -8.85
CA SER C 233 -5.92 -34.91 -10.27
C SER C 233 -5.62 -33.49 -10.73
N ASN C 234 -6.44 -32.56 -10.26
CA ASN C 234 -6.43 -31.19 -10.74
C ASN C 234 -5.33 -30.33 -10.12
N SER C 235 -4.61 -29.62 -10.98
CA SER C 235 -3.60 -28.66 -10.53
C SER C 235 -3.45 -27.64 -11.64
N ILE C 236 -2.99 -26.45 -11.29
CA ILE C 236 -2.93 -25.36 -12.24
C ILE C 236 -1.54 -25.25 -12.84
N ARG C 237 -1.45 -25.36 -14.16
CA ARG C 237 -0.17 -25.35 -14.85
C ARG C 237 0.30 -23.93 -15.18
N SER C 238 -0.63 -23.07 -15.58
CA SER C 238 -0.27 -21.72 -16.00
C SER C 238 -1.47 -20.80 -15.87
N VAL C 239 -1.21 -19.57 -15.43
CA VAL C 239 -2.24 -18.55 -15.38
C VAL C 239 -1.72 -17.29 -16.07
N LYS C 240 -2.59 -16.64 -16.82
CA LYS C 240 -2.21 -15.48 -17.61
C LYS C 240 -3.37 -14.53 -17.75
N PHE C 241 -3.09 -13.25 -17.47
CA PHE C 241 -4.07 -12.19 -17.63
C PHE C 241 -4.20 -11.74 -19.08
N SER C 242 -5.40 -11.27 -19.43
CA SER C 242 -5.64 -10.65 -20.72
C SER C 242 -5.14 -9.21 -20.66
N PRO C 243 -4.34 -8.78 -21.65
CA PRO C 243 -3.93 -7.38 -21.64
C PRO C 243 -5.09 -6.42 -21.80
N GLN C 244 -5.97 -6.74 -22.75
CA GLN C 244 -7.09 -5.87 -23.11
C GLN C 244 -8.12 -5.77 -21.98
N GLY C 245 -8.82 -6.86 -21.73
CA GLY C 245 -9.94 -6.84 -20.78
C GLY C 245 -9.58 -7.17 -19.34
N SER C 246 -10.61 -7.48 -18.58
CA SER C 246 -10.46 -7.91 -17.20
C SER C 246 -10.31 -9.42 -17.14
N LEU C 247 -10.17 -10.05 -18.30
CA LEU C 247 -10.15 -11.52 -18.38
C LEU C 247 -8.88 -12.15 -17.84
N LEU C 248 -9.04 -13.38 -17.35
CA LEU C 248 -7.95 -14.19 -16.83
C LEU C 248 -8.17 -15.61 -17.32
N ALA C 249 -7.15 -16.15 -17.99
CA ALA C 249 -7.20 -17.53 -18.46
C ALA C 249 -6.42 -18.44 -17.51
N ILE C 250 -7.08 -19.49 -17.04
CA ILE C 250 -6.48 -20.44 -16.11
C ILE C 250 -6.30 -21.76 -16.84
N ALA C 251 -5.08 -22.27 -16.85
CA ALA C 251 -4.79 -23.57 -17.45
C ALA C 251 -4.53 -24.58 -16.34
N HIS C 252 -5.41 -25.56 -16.24
CA HIS C 252 -5.29 -26.58 -15.20
C HIS C 252 -5.44 -27.97 -15.76
N ASP C 253 -5.04 -28.95 -14.96
CA ASP C 253 -5.21 -30.34 -15.36
C ASP C 253 -6.53 -30.86 -14.83
N SER C 254 -7.16 -31.73 -15.60
CA SER C 254 -8.09 -32.70 -15.06
C SER C 254 -7.40 -33.99 -15.44
N ASN C 255 -6.94 -34.75 -14.43
CA ASN C 255 -5.94 -35.81 -14.61
C ASN C 255 -5.91 -36.43 -16.01
N SER C 256 -4.74 -36.30 -16.66
CA SER C 256 -4.49 -36.80 -18.02
C SER C 256 -5.04 -35.90 -19.13
N PHE C 257 -5.76 -34.84 -18.76
CA PHE C 257 -6.29 -33.89 -19.75
C PHE C 257 -6.02 -32.47 -19.29
N GLY C 258 -5.92 -31.56 -20.25
CA GLY C 258 -5.67 -30.15 -19.97
C GLY C 258 -6.91 -29.31 -20.23
N CYS C 259 -7.14 -28.34 -19.35
CA CYS C 259 -8.34 -27.51 -19.41
C CYS C 259 -7.98 -26.04 -19.29
N ILE C 260 -8.60 -25.23 -20.14
CA ILE C 260 -8.47 -23.78 -20.06
C ILE C 260 -9.82 -23.20 -19.66
N THR C 261 -9.84 -22.47 -18.54
CA THR C 261 -11.06 -21.82 -18.06
C THR C 261 -10.85 -20.31 -17.98
N LEU C 262 -11.85 -19.55 -18.42
CA LEU C 262 -11.75 -18.10 -18.44
C LEU C 262 -12.56 -17.48 -17.32
N TYR C 263 -11.90 -16.69 -16.49
CA TYR C 263 -12.57 -15.94 -15.43
C TYR C 263 -12.40 -14.45 -15.71
N GLU C 264 -13.43 -13.67 -15.43
CA GLU C 264 -13.31 -12.21 -15.52
C GLU C 264 -13.06 -11.66 -14.12
N THR C 265 -12.18 -10.68 -13.99
CA THR C 265 -11.58 -10.36 -12.70
C THR C 265 -12.26 -9.25 -11.88
N GLU C 266 -13.24 -8.56 -12.44
CA GLU C 266 -13.97 -7.56 -11.68
C GLU C 266 -14.56 -8.23 -10.43
N PHE C 267 -15.52 -9.12 -10.65
CA PHE C 267 -16.16 -9.86 -9.58
C PHE C 267 -15.60 -11.28 -9.48
N GLY C 268 -14.73 -11.66 -10.41
CA GLY C 268 -14.01 -12.91 -10.31
C GLY C 268 -14.84 -14.14 -10.62
N GLU C 269 -15.75 -14.04 -11.58
CA GLU C 269 -16.63 -15.16 -11.91
C GLU C 269 -16.21 -15.89 -13.18
N ARG C 270 -16.65 -17.14 -13.28
CA ARG C 270 -16.34 -18.00 -14.42
C ARG C 270 -17.21 -17.59 -15.60
N ILE C 271 -16.58 -17.30 -16.73
CA ILE C 271 -17.31 -16.82 -17.90
C ILE C 271 -17.29 -17.79 -19.07
N GLY C 272 -16.43 -18.80 -19.00
CA GLY C 272 -16.37 -19.78 -20.07
C GLY C 272 -15.19 -20.70 -19.98
N SER C 273 -15.10 -21.64 -20.91
CA SER C 273 -14.05 -22.64 -20.93
C SER C 273 -13.72 -23.03 -22.36
N LEU C 274 -12.44 -23.13 -22.68
CA LEU C 274 -12.02 -23.47 -24.03
C LEU C 274 -11.82 -24.97 -24.16
N SER C 275 -12.49 -25.56 -25.15
CA SER C 275 -12.40 -27.00 -25.36
C SER C 275 -12.56 -27.32 -26.83
N VAL C 276 -12.10 -28.50 -27.22
CA VAL C 276 -12.34 -29.03 -28.55
C VAL C 276 -12.50 -30.53 -28.46
N PRO C 277 -13.11 -31.15 -29.48
CA PRO C 277 -13.27 -32.60 -29.45
C PRO C 277 -11.94 -33.31 -29.28
N THR C 278 -11.71 -33.84 -28.09
CA THR C 278 -10.54 -34.65 -27.77
C THR C 278 -10.96 -36.11 -27.60
N HIS C 279 -9.99 -36.94 -27.21
CA HIS C 279 -10.19 -38.39 -27.15
C HIS C 279 -10.60 -38.86 -25.75
N SER C 280 -11.67 -39.64 -25.68
CA SER C 280 -12.13 -40.24 -24.42
C SER C 280 -12.91 -41.52 -24.66
N SER C 281 -12.51 -42.61 -24.03
CA SER C 281 -13.23 -43.88 -24.11
C SER C 281 -13.29 -44.43 -25.54
N GLN C 282 -12.13 -44.56 -26.18
CA GLN C 282 -12.02 -45.13 -27.52
C GLN C 282 -12.78 -44.30 -28.56
N ALA C 283 -13.93 -44.78 -29.01
CA ALA C 283 -14.70 -44.11 -30.08
C ALA C 283 -15.33 -42.79 -29.63
N SER C 284 -15.68 -42.69 -28.36
CA SER C 284 -16.37 -41.53 -27.82
C SER C 284 -15.54 -40.25 -27.93
N LEU C 285 -16.19 -39.11 -27.81
CA LEU C 285 -15.55 -37.81 -28.00
C LEU C 285 -15.70 -36.97 -26.72
N GLY C 286 -14.59 -36.36 -26.28
CA GLY C 286 -14.58 -35.62 -25.03
C GLY C 286 -14.36 -34.12 -25.22
N GLU C 287 -14.78 -33.34 -24.22
CA GLU C 287 -14.66 -31.88 -24.28
C GLU C 287 -13.57 -31.39 -23.34
N PHE C 288 -12.32 -31.41 -23.82
CA PHE C 288 -11.20 -30.81 -23.10
C PHE C 288 -10.44 -29.89 -24.05
N ALA C 289 -9.57 -29.05 -23.50
CA ALA C 289 -8.73 -28.19 -24.32
C ALA C 289 -7.69 -29.01 -25.08
N HIS C 290 -7.00 -29.88 -24.36
CA HIS C 290 -5.96 -30.74 -24.93
C HIS C 290 -6.06 -32.14 -24.39
N SER C 291 -5.77 -33.12 -25.24
CA SER C 291 -5.84 -34.51 -24.85
C SER C 291 -4.84 -34.82 -23.76
N SER C 292 -3.85 -33.95 -23.61
CA SER C 292 -2.89 -34.04 -22.53
C SER C 292 -2.83 -32.69 -21.82
N TRP C 293 -1.95 -32.58 -20.83
CA TRP C 293 -1.92 -31.38 -19.99
C TRP C 293 -1.57 -30.10 -20.75
N VAL C 294 -2.27 -29.02 -20.45
CA VAL C 294 -1.92 -27.72 -20.98
C VAL C 294 -0.74 -27.21 -20.18
N MET C 295 0.39 -26.99 -20.85
CA MET C 295 1.63 -26.63 -20.15
C MET C 295 1.83 -25.12 -19.97
N SER C 296 1.34 -24.32 -20.92
CA SER C 296 1.54 -22.88 -20.83
C SER C 296 0.62 -22.09 -21.75
N LEU C 297 0.32 -20.86 -21.34
CA LEU C 297 -0.57 -19.99 -22.10
C LEU C 297 0.13 -18.71 -22.53
N SER C 298 -0.40 -18.07 -23.57
CA SER C 298 0.06 -16.75 -23.99
C SER C 298 -1.00 -16.02 -24.80
N PHE C 299 -1.12 -14.72 -24.54
CA PHE C 299 -2.07 -13.86 -25.24
C PHE C 299 -1.32 -13.04 -26.27
N ASN C 300 -1.95 -12.80 -27.42
CA ASN C 300 -1.39 -11.87 -28.38
C ASN C 300 -1.55 -10.45 -27.85
N ASP C 301 -0.83 -9.51 -28.45
CA ASP C 301 -0.83 -8.13 -27.99
C ASP C 301 -2.26 -7.58 -27.89
N SER C 302 -3.07 -7.95 -28.87
CA SER C 302 -4.43 -7.42 -28.98
C SER C 302 -5.37 -8.01 -27.93
N GLY C 303 -5.05 -9.21 -27.47
CA GLY C 303 -5.83 -9.89 -26.45
C GLY C 303 -7.01 -10.66 -27.03
N GLU C 304 -7.02 -10.81 -28.34
CA GLU C 304 -8.12 -11.43 -29.06
C GLU C 304 -7.87 -12.92 -29.28
N THR C 305 -6.58 -13.28 -29.31
CA THR C 305 -6.16 -14.67 -29.51
C THR C 305 -5.48 -15.19 -28.26
N LEU C 306 -5.78 -16.43 -27.89
CA LEU C 306 -5.07 -17.09 -26.81
C LEU C 306 -4.39 -18.35 -27.35
N CYS C 307 -3.07 -18.37 -27.30
CA CYS C 307 -2.31 -19.56 -27.70
C CYS C 307 -2.04 -20.43 -26.49
N SER C 308 -2.34 -21.72 -26.61
CA SER C 308 -2.10 -22.69 -25.54
C SER C 308 -1.17 -23.78 -26.04
N ALA C 309 -0.10 -24.03 -25.27
CA ALA C 309 0.86 -25.08 -25.55
C ALA C 309 0.56 -26.26 -24.66
N GLY C 310 0.28 -27.40 -25.29
CA GLY C 310 -0.09 -28.61 -24.59
C GLY C 310 1.01 -29.65 -24.61
N TRP C 311 0.91 -30.63 -23.71
CA TRP C 311 1.87 -31.71 -23.62
C TRP C 311 1.67 -32.71 -24.75
N ASP C 312 0.57 -32.54 -25.49
CA ASP C 312 0.26 -33.39 -26.64
C ASP C 312 1.02 -32.96 -27.89
N GLY C 313 1.93 -32.00 -27.75
CA GLY C 313 2.75 -31.56 -28.85
C GLY C 313 1.98 -30.71 -29.83
N LYS C 314 0.95 -30.03 -29.31
CA LYS C 314 0.11 -29.18 -30.14
C LYS C 314 0.03 -27.77 -29.55
N LEU C 315 0.28 -26.78 -30.41
CA LEU C 315 0.03 -25.39 -30.06
C LEU C 315 -1.35 -25.04 -30.60
N ARG C 316 -2.30 -24.73 -29.72
CA ARG C 316 -3.64 -24.38 -30.18
C ARG C 316 -3.98 -22.93 -29.91
N PHE C 317 -4.36 -22.24 -30.98
CA PHE C 317 -4.73 -20.84 -30.91
C PHE C 317 -6.24 -20.71 -30.93
N TRP C 318 -6.77 -20.14 -29.84
CA TRP C 318 -8.19 -19.93 -29.65
C TRP C 318 -8.54 -18.46 -29.83
N ASP C 319 -9.80 -18.20 -30.18
CA ASP C 319 -10.34 -16.85 -30.25
C ASP C 319 -11.08 -16.56 -28.95
N VAL C 320 -10.59 -15.58 -28.21
CA VAL C 320 -11.06 -15.35 -26.85
C VAL C 320 -12.51 -14.89 -26.84
N LYS C 321 -12.90 -14.11 -27.83
CA LYS C 321 -14.25 -13.54 -27.83
C LYS C 321 -15.31 -14.61 -28.08
N THR C 322 -15.12 -15.44 -29.10
CA THR C 322 -16.08 -16.49 -29.43
C THR C 322 -15.86 -17.75 -28.60
N LYS C 323 -14.70 -17.85 -27.97
CA LYS C 323 -14.33 -18.99 -27.14
C LYS C 323 -14.23 -20.30 -27.94
N GLU C 324 -14.17 -20.17 -29.25
CA GLU C 324 -13.96 -21.32 -30.12
C GLU C 324 -12.51 -21.31 -30.56
N ARG C 325 -12.06 -22.42 -31.14
CA ARG C 325 -10.68 -22.55 -31.58
C ARG C 325 -10.49 -22.03 -32.99
N ILE C 326 -9.49 -21.18 -33.19
CA ILE C 326 -9.17 -20.71 -34.52
C ILE C 326 -8.32 -21.72 -35.26
N THR C 327 -7.20 -22.13 -34.65
CA THR C 327 -6.27 -23.01 -35.35
C THR C 327 -5.30 -23.79 -34.47
N THR C 328 -4.62 -24.76 -35.08
CA THR C 328 -3.79 -25.72 -34.37
C THR C 328 -2.47 -25.98 -35.13
N LEU C 329 -1.37 -26.01 -34.39
CA LEU C 329 -0.07 -26.34 -34.96
C LEU C 329 0.50 -27.58 -34.29
N ASN C 330 0.81 -28.59 -35.11
CA ASN C 330 1.38 -29.84 -34.64
C ASN C 330 2.91 -29.80 -34.68
N MET C 331 3.53 -30.00 -33.53
CA MET C 331 4.99 -29.95 -33.45
C MET C 331 5.56 -31.31 -33.85
N HIS C 332 6.65 -31.31 -34.60
CA HIS C 332 7.33 -32.55 -34.98
C HIS C 332 8.83 -32.43 -34.73
N CYS C 333 9.47 -33.56 -34.49
CA CYS C 333 10.91 -33.56 -34.26
C CYS C 333 11.63 -33.09 -35.51
N ASP C 334 11.04 -33.35 -36.68
CA ASP C 334 11.70 -33.07 -37.95
C ASP C 334 11.20 -31.78 -38.60
N ASP C 335 10.66 -30.87 -37.81
CA ASP C 335 10.32 -29.55 -38.31
C ASP C 335 11.59 -28.73 -38.51
N ILE C 336 12.66 -29.14 -37.86
CA ILE C 336 13.87 -28.34 -37.76
C ILE C 336 14.62 -28.31 -39.08
N GLU C 337 15.05 -27.12 -39.46
CA GLU C 337 15.65 -26.87 -40.78
C GLU C 337 17.00 -27.56 -40.94
N ILE C 338 17.63 -27.91 -39.82
CA ILE C 338 18.94 -28.56 -39.83
C ILE C 338 18.78 -30.04 -39.51
N GLU C 339 19.17 -30.90 -40.44
CA GLU C 339 18.97 -32.34 -40.27
C GLU C 339 19.71 -32.86 -39.04
N GLU C 340 20.97 -32.46 -38.92
CA GLU C 340 21.85 -32.95 -37.86
C GLU C 340 21.34 -32.57 -36.46
N ASP C 341 20.40 -31.63 -36.40
CA ASP C 341 19.87 -31.17 -35.12
C ASP C 341 18.49 -31.73 -34.79
N ILE C 342 18.01 -32.66 -35.62
CA ILE C 342 16.73 -33.32 -35.38
C ILE C 342 16.90 -34.40 -34.31
N LEU C 343 16.07 -34.35 -33.28
CA LEU C 343 16.17 -35.30 -32.17
C LEU C 343 15.03 -36.29 -32.19
N ALA C 344 15.16 -37.33 -33.00
CA ALA C 344 14.09 -38.29 -33.23
C ALA C 344 13.71 -39.02 -31.95
N VAL C 345 14.71 -39.62 -31.31
CA VAL C 345 14.49 -40.36 -30.07
C VAL C 345 15.36 -39.80 -28.97
N ASP C 346 14.88 -39.92 -27.74
CA ASP C 346 15.58 -39.35 -26.59
C ASP C 346 16.63 -40.33 -26.06
N GLU C 347 17.19 -40.00 -24.90
CA GLU C 347 18.25 -40.77 -24.28
C GLU C 347 17.88 -42.23 -24.08
N HIS C 348 16.62 -42.47 -23.71
CA HIS C 348 16.15 -43.82 -23.39
C HIS C 348 15.57 -44.51 -24.62
N GLY C 349 15.63 -43.83 -25.76
CA GLY C 349 15.16 -44.42 -27.00
C GLY C 349 13.65 -44.34 -27.14
N ASP C 350 13.04 -43.43 -26.38
CA ASP C 350 11.62 -43.13 -26.55
C ASP C 350 11.46 -42.21 -27.74
N SER C 351 10.29 -42.21 -28.37
CA SER C 351 10.09 -41.45 -29.60
C SER C 351 9.64 -40.03 -29.29
N LEU C 352 10.23 -39.08 -29.99
CA LEU C 352 9.85 -37.67 -29.87
C LEU C 352 9.30 -37.15 -31.19
N ALA C 353 8.56 -38.01 -31.88
CA ALA C 353 7.96 -37.65 -33.16
C ALA C 353 7.00 -36.49 -32.95
N GLU C 354 6.22 -36.55 -31.88
CA GLU C 354 5.26 -35.51 -31.53
C GLU C 354 5.61 -34.98 -30.15
N PRO C 355 6.64 -34.13 -30.06
CA PRO C 355 7.17 -33.68 -28.77
C PRO C 355 6.28 -32.66 -28.08
N GLY C 356 5.86 -32.96 -26.85
CA GLY C 356 5.07 -32.03 -26.07
C GLY C 356 5.71 -30.66 -26.03
N VAL C 357 4.90 -29.62 -25.87
CA VAL C 357 5.41 -28.27 -25.83
C VAL C 357 5.59 -27.82 -24.39
N PHE C 358 6.83 -27.62 -23.98
CA PHE C 358 7.09 -27.20 -22.61
C PHE C 358 6.59 -25.80 -22.40
N ASP C 359 6.81 -24.92 -23.39
CA ASP C 359 6.41 -23.53 -23.20
C ASP C 359 6.21 -22.75 -24.51
N VAL C 360 5.38 -21.72 -24.44
CA VAL C 360 5.09 -20.88 -25.61
C VAL C 360 5.00 -19.40 -25.18
N LYS C 361 5.28 -18.49 -26.13
CA LYS C 361 5.30 -17.07 -25.82
C LYS C 361 5.00 -16.26 -27.07
N PHE C 362 4.24 -15.18 -26.90
CA PHE C 362 3.95 -14.25 -27.99
C PHE C 362 4.98 -13.14 -28.00
N LEU C 363 5.57 -12.90 -29.18
CA LEU C 363 6.51 -11.81 -29.36
C LEU C 363 5.84 -10.63 -30.05
N LYS C 364 6.01 -9.45 -29.46
CA LYS C 364 5.43 -8.22 -29.98
C LYS C 364 5.99 -7.87 -31.35
N LYS C 365 5.21 -7.14 -32.14
CA LYS C 365 5.61 -6.76 -33.50
C LYS C 365 6.87 -5.92 -33.46
N GLY C 366 7.92 -6.42 -34.12
CA GLY C 366 9.16 -5.66 -34.26
C GLY C 366 10.31 -6.30 -33.52
N TRP C 367 10.00 -7.12 -32.53
CA TRP C 367 11.04 -7.82 -31.78
C TRP C 367 11.79 -8.76 -32.70
N ARG C 368 11.05 -9.67 -33.31
CA ARG C 368 11.62 -10.58 -34.29
C ARG C 368 11.69 -9.83 -35.62
N SER C 369 12.91 -9.51 -36.06
CA SER C 369 13.09 -8.82 -37.33
C SER C 369 13.22 -9.83 -38.45
N GLY C 370 12.42 -9.65 -39.50
CA GLY C 370 12.42 -10.55 -40.65
C GLY C 370 12.50 -9.79 -41.95
N MET C 371 13.16 -10.37 -42.94
CA MET C 371 13.37 -9.71 -44.22
C MET C 371 12.16 -9.90 -45.14
N GLY C 372 11.69 -8.81 -45.73
CA GLY C 372 10.63 -8.85 -46.72
C GLY C 372 9.34 -9.50 -46.23
N ALA C 373 9.06 -9.34 -44.94
CA ALA C 373 7.83 -9.82 -44.33
C ALA C 373 7.11 -8.63 -43.73
N ASP C 374 5.78 -8.62 -43.80
CA ASP C 374 5.01 -7.53 -43.20
C ASP C 374 5.28 -7.48 -41.70
N LEU C 375 5.83 -6.36 -41.25
CA LEU C 375 6.21 -6.18 -39.85
C LEU C 375 5.02 -6.49 -38.94
N ASN C 376 5.05 -7.66 -38.31
CA ASN C 376 3.91 -8.15 -37.54
C ASN C 376 4.33 -8.89 -36.29
N GLU C 377 3.32 -9.33 -35.52
CA GLU C 377 3.52 -10.11 -34.30
C GLU C 377 4.28 -11.40 -34.60
N SER C 378 4.73 -12.08 -33.54
CA SER C 378 5.46 -13.33 -33.72
C SER C 378 5.21 -14.28 -32.53
N LEU C 379 5.70 -15.50 -32.64
CA LEU C 379 5.47 -16.53 -31.64
C LEU C 379 6.75 -17.31 -31.40
N CYS C 380 6.94 -17.81 -30.18
CA CYS C 380 8.10 -18.65 -29.87
C CYS C 380 7.70 -19.73 -28.89
N CYS C 381 8.25 -20.93 -29.08
CA CYS C 381 7.94 -22.03 -28.16
C CYS C 381 9.11 -22.99 -28.04
N VAL C 382 9.19 -23.62 -26.86
CA VAL C 382 10.21 -24.64 -26.60
C VAL C 382 9.54 -25.97 -26.30
N CYS C 383 10.10 -27.01 -26.92
CA CYS C 383 9.51 -28.34 -26.95
C CYS C 383 10.46 -29.45 -26.49
N LEU C 384 9.82 -30.47 -25.93
CA LEU C 384 10.45 -31.59 -25.23
C LEU C 384 11.64 -32.22 -25.96
N ASP C 385 11.67 -32.10 -27.28
CA ASP C 385 12.83 -32.59 -28.04
C ASP C 385 14.03 -31.63 -27.95
N ARG C 386 14.09 -30.88 -26.85
CA ARG C 386 15.18 -29.94 -26.62
C ARG C 386 15.27 -28.95 -27.77
N SER C 387 14.11 -28.57 -28.31
CA SER C 387 14.09 -27.73 -29.50
C SER C 387 13.36 -26.43 -29.24
N ILE C 388 13.88 -25.34 -29.81
CA ILE C 388 13.24 -24.04 -29.69
C ILE C 388 12.82 -23.53 -31.08
N ARG C 389 11.52 -23.25 -31.24
CA ARG C 389 10.98 -22.80 -32.52
C ARG C 389 10.40 -21.40 -32.47
N TRP C 390 10.55 -20.69 -33.60
CA TRP C 390 9.99 -19.36 -33.78
C TRP C 390 9.05 -19.33 -34.99
N PHE C 391 7.88 -18.71 -34.79
CA PHE C 391 6.88 -18.53 -35.85
C PHE C 391 6.56 -17.05 -36.02
N ARG C 392 5.97 -16.70 -37.16
CA ARG C 392 5.44 -15.34 -37.34
C ARG C 392 3.97 -15.42 -37.70
N GLU C 393 3.23 -14.42 -37.24
CA GLU C 393 1.81 -14.32 -37.50
C GLU C 393 1.60 -13.70 -38.88
N ALA C 394 1.28 -14.54 -39.86
CA ALA C 394 1.01 -14.05 -41.20
C ALA C 394 -0.09 -13.02 -41.08
N GLY C 395 0.27 -11.78 -41.36
CA GLY C 395 -0.66 -10.68 -41.27
C GLY C 395 -0.04 -9.50 -41.97
N GLY C 396 -0.44 -8.29 -41.59
CA GLY C 396 -0.01 -7.12 -42.32
C GLY C 396 0.06 -5.85 -41.49
N LYS C 397 0.91 -4.94 -41.96
CA LYS C 397 1.07 -3.61 -41.37
C LYS C 397 2.10 -2.86 -42.21
N LYS D 3 -12.19 -86.80 -39.94
CA LYS D 3 -10.83 -86.48 -39.55
C LYS D 3 -10.73 -86.27 -38.04
N VAL D 4 -10.22 -87.29 -37.34
CA VAL D 4 -10.03 -87.23 -35.89
C VAL D 4 -8.57 -87.38 -35.51
N PHE D 5 -8.21 -86.88 -34.33
CA PHE D 5 -6.82 -86.80 -33.90
C PHE D 5 -6.54 -87.62 -32.64
N ILE D 6 -5.40 -88.33 -32.64
CA ILE D 6 -5.00 -89.18 -31.53
C ILE D 6 -3.68 -88.71 -30.92
N ALA D 7 -3.52 -88.89 -29.61
CA ALA D 7 -2.33 -88.44 -28.92
C ALA D 7 -1.16 -89.41 -29.15
N THR D 8 0.00 -88.85 -29.49
CA THR D 8 1.19 -89.65 -29.75
C THR D 8 2.12 -89.64 -28.56
N ALA D 9 2.42 -88.45 -28.05
CA ALA D 9 3.31 -88.30 -26.90
C ALA D 9 3.00 -87.02 -26.15
N ASN D 10 3.36 -87.00 -24.87
CA ASN D 10 3.23 -85.80 -24.05
C ASN D 10 4.37 -85.74 -23.04
N ALA D 11 4.61 -84.54 -22.52
CA ALA D 11 5.70 -84.33 -21.57
C ALA D 11 5.21 -83.47 -20.41
N GLY D 12 5.03 -84.09 -19.26
CA GLY D 12 4.48 -83.41 -18.09
C GLY D 12 5.51 -82.54 -17.39
N LYS D 13 5.05 -81.37 -16.92
CA LYS D 13 5.90 -80.43 -16.22
C LYS D 13 7.15 -80.14 -17.02
N ALA D 14 6.97 -79.69 -18.26
CA ALA D 14 8.07 -79.42 -19.17
C ALA D 14 8.87 -78.19 -18.77
N HIS D 15 8.19 -77.22 -18.15
CA HIS D 15 8.84 -75.99 -17.70
C HIS D 15 8.44 -75.68 -16.26
N ASP D 16 9.21 -74.83 -15.60
CA ASP D 16 8.93 -74.48 -14.22
C ASP D 16 7.88 -73.37 -14.13
N ALA D 17 7.56 -72.77 -15.27
CA ALA D 17 6.55 -71.73 -15.35
C ALA D 17 5.75 -71.88 -16.64
N ASP D 18 4.75 -71.03 -16.82
CA ASP D 18 3.81 -71.16 -17.94
C ASP D 18 4.52 -71.23 -19.29
N ILE D 19 4.07 -72.17 -20.12
CA ILE D 19 4.55 -72.27 -21.49
C ILE D 19 3.66 -71.41 -22.39
N PHE D 20 4.17 -70.27 -22.84
CA PHE D 20 3.35 -69.29 -23.56
C PHE D 20 3.26 -69.55 -25.05
N SER D 21 4.33 -70.07 -25.65
CA SER D 21 4.34 -70.28 -27.08
C SER D 21 5.19 -71.47 -27.54
N VAL D 22 4.73 -72.10 -28.63
CA VAL D 22 5.41 -73.24 -29.24
C VAL D 22 5.43 -73.10 -30.75
N SER D 23 6.54 -73.48 -31.36
CA SER D 23 6.65 -73.49 -32.80
C SER D 23 7.50 -74.71 -33.19
N ALA D 24 7.54 -75.03 -34.48
CA ALA D 24 8.25 -76.22 -34.91
C ALA D 24 8.71 -76.17 -36.36
N CYS D 25 9.71 -76.98 -36.68
CA CYS D 25 10.19 -77.14 -38.04
C CYS D 25 10.42 -78.62 -38.28
N ASN D 26 10.94 -78.96 -39.45
CA ASN D 26 11.18 -80.36 -39.79
C ASN D 26 12.06 -81.04 -38.76
N SER D 27 13.11 -80.33 -38.35
CA SER D 27 14.05 -80.85 -37.37
C SER D 27 13.39 -81.12 -36.01
N PHE D 28 12.89 -80.08 -35.35
CA PHE D 28 12.35 -80.25 -34.00
C PHE D 28 11.28 -79.22 -33.61
N THR D 29 10.58 -79.50 -32.52
CA THR D 29 9.55 -78.62 -31.99
C THR D 29 10.16 -77.86 -30.84
N VAL D 30 10.12 -76.53 -30.91
CA VAL D 30 10.72 -75.70 -29.89
C VAL D 30 9.63 -74.95 -29.12
N SER D 31 9.78 -74.87 -27.80
CA SER D 31 8.82 -74.17 -26.94
C SER D 31 9.52 -73.17 -26.02
N CYS D 32 8.83 -72.08 -25.68
CA CYS D 32 9.37 -71.10 -24.74
C CYS D 32 8.42 -70.89 -23.56
N SER D 33 8.95 -70.33 -22.48
CA SER D 33 8.18 -70.24 -21.24
C SER D 33 8.61 -69.08 -20.34
N GLY D 34 7.96 -68.97 -19.18
CA GLY D 34 8.19 -67.85 -18.29
C GLY D 34 9.42 -67.98 -17.41
N ASP D 35 10.13 -69.09 -17.52
CA ASP D 35 11.37 -69.27 -16.77
C ASP D 35 12.57 -68.83 -17.59
N GLY D 36 12.31 -68.34 -18.80
CA GLY D 36 13.36 -67.82 -19.65
C GLY D 36 14.18 -68.91 -20.30
N TYR D 37 13.55 -70.07 -20.49
CA TYR D 37 14.23 -71.19 -21.12
C TYR D 37 13.61 -71.56 -22.45
N LEU D 38 14.44 -71.61 -23.49
CA LEU D 38 14.07 -72.20 -24.76
C LEU D 38 14.28 -73.69 -24.61
N LYS D 39 13.26 -74.48 -24.95
CA LYS D 39 13.42 -75.93 -24.94
C LYS D 39 13.11 -76.50 -26.31
N VAL D 40 14.11 -77.13 -26.91
CA VAL D 40 13.94 -77.75 -28.21
C VAL D 40 13.74 -79.24 -28.00
N TRP D 41 12.70 -79.77 -28.63
CA TRP D 41 12.34 -81.18 -28.49
C TRP D 41 12.46 -81.84 -29.85
N ASP D 42 13.26 -82.90 -29.91
CA ASP D 42 13.52 -83.59 -31.17
C ASP D 42 12.23 -84.25 -31.68
N ASN D 43 11.78 -83.84 -32.87
CA ASN D 43 10.55 -84.36 -33.44
C ASN D 43 10.67 -85.83 -33.75
N LYS D 44 11.65 -86.17 -34.59
CA LYS D 44 11.85 -87.55 -34.99
C LYS D 44 12.16 -88.40 -33.76
N LEU D 45 11.10 -88.89 -33.11
CA LEU D 45 11.21 -89.60 -31.85
C LEU D 45 10.90 -91.07 -32.02
N LEU D 46 11.69 -91.92 -31.36
CA LEU D 46 11.45 -93.36 -31.35
C LEU D 46 10.03 -93.62 -30.89
N ASP D 47 9.37 -94.59 -31.52
CA ASP D 47 7.95 -94.85 -31.28
C ASP D 47 7.63 -94.96 -29.79
N ASN D 48 8.46 -95.72 -29.06
CA ASN D 48 8.31 -95.86 -27.61
C ASN D 48 9.45 -95.18 -26.86
N GLU D 49 9.32 -93.88 -26.62
CA GLU D 49 10.36 -93.11 -25.95
C GLU D 49 9.77 -91.84 -25.34
N ASN D 50 10.49 -91.27 -24.37
CA ASN D 50 10.05 -90.04 -23.73
C ASN D 50 10.71 -88.84 -24.42
N PRO D 51 9.90 -87.86 -24.87
CA PRO D 51 10.44 -86.65 -25.50
C PRO D 51 11.38 -85.86 -24.59
N LYS D 52 11.31 -86.09 -23.29
CA LYS D 52 12.14 -85.36 -22.34
C LYS D 52 13.61 -85.76 -22.46
N ASP D 53 13.88 -87.05 -22.70
CA ASP D 53 15.27 -87.51 -22.85
C ASP D 53 15.93 -86.80 -24.01
N LYS D 54 15.13 -86.41 -25.00
CA LYS D 54 15.65 -85.75 -26.19
C LYS D 54 15.51 -84.23 -26.08
N SER D 55 14.82 -83.77 -25.05
CA SER D 55 14.63 -82.33 -24.86
C SER D 55 15.95 -81.65 -24.48
N TYR D 56 16.28 -80.58 -25.20
CA TYR D 56 17.46 -79.79 -24.88
C TYR D 56 17.04 -78.37 -24.51
N SER D 57 17.46 -77.94 -23.33
CA SER D 57 17.02 -76.68 -22.75
C SER D 57 18.15 -75.66 -22.77
N HIS D 58 17.78 -74.38 -22.91
CA HIS D 58 18.76 -73.30 -22.90
C HIS D 58 18.15 -72.04 -22.30
N PHE D 59 18.95 -71.32 -21.51
CA PHE D 59 18.51 -70.09 -20.85
C PHE D 59 18.78 -68.90 -21.75
N VAL D 60 17.83 -67.96 -21.81
CA VAL D 60 17.98 -66.77 -22.66
C VAL D 60 17.86 -65.45 -21.88
N HIS D 61 16.90 -65.36 -20.96
CA HIS D 61 16.68 -64.12 -20.23
C HIS D 61 15.81 -64.31 -18.99
N LYS D 62 16.10 -63.55 -17.95
CA LYS D 62 15.57 -63.79 -16.61
C LYS D 62 14.06 -63.49 -16.52
N SER D 63 13.62 -62.45 -17.21
CA SER D 63 12.22 -62.02 -17.15
C SER D 63 11.26 -63.02 -17.79
N GLY D 64 11.80 -63.99 -18.50
CA GLY D 64 11.00 -65.02 -19.13
C GLY D 64 10.63 -64.72 -20.56
N LEU D 65 10.48 -65.78 -21.35
CA LEU D 65 10.06 -65.67 -22.73
C LEU D 65 8.57 -65.85 -22.83
N HIS D 66 7.95 -65.18 -23.81
CA HIS D 66 6.52 -65.33 -24.05
C HIS D 66 6.19 -65.56 -25.52
N HIS D 67 7.20 -65.75 -26.36
CA HIS D 67 7.00 -65.97 -27.78
C HIS D 67 8.20 -66.65 -28.41
N VAL D 68 7.96 -67.49 -29.42
CA VAL D 68 9.05 -68.08 -30.19
C VAL D 68 8.60 -68.49 -31.60
N ASP D 69 9.49 -68.29 -32.57
CA ASP D 69 9.30 -68.86 -33.90
C ASP D 69 10.65 -69.23 -34.47
N VAL D 70 10.70 -70.37 -35.13
CA VAL D 70 11.95 -70.93 -35.64
C VAL D 70 11.90 -71.11 -37.14
N LEU D 71 13.01 -70.80 -37.80
CA LEU D 71 13.14 -70.93 -39.23
C LEU D 71 14.13 -72.03 -39.55
N GLN D 72 13.79 -72.88 -40.51
CA GLN D 72 14.68 -73.93 -40.97
C GLN D 72 14.70 -73.98 -42.48
N ALA D 73 15.87 -73.78 -43.07
CA ALA D 73 16.01 -73.77 -44.52
C ALA D 73 17.33 -74.37 -44.99
N ILE D 74 17.23 -75.15 -46.06
CA ILE D 74 18.41 -75.62 -46.79
C ILE D 74 18.65 -74.70 -47.99
N GLU D 75 19.08 -73.47 -47.70
CA GLU D 75 19.05 -72.36 -48.66
C GLU D 75 19.76 -72.67 -49.97
N ARG D 76 21.05 -72.99 -49.88
CA ARG D 76 21.87 -73.25 -51.05
C ARG D 76 23.03 -74.19 -50.74
N ASP D 77 23.56 -74.82 -51.79
CA ASP D 77 24.64 -75.79 -51.63
C ASP D 77 24.20 -76.94 -50.73
N ALA D 78 24.75 -77.00 -49.51
CA ALA D 78 24.47 -78.09 -48.58
C ALA D 78 24.00 -77.58 -47.21
N PHE D 79 24.09 -76.26 -47.00
CA PHE D 79 23.91 -75.65 -45.69
C PHE D 79 22.51 -75.83 -45.09
N GLU D 80 22.43 -76.54 -43.97
CA GLU D 80 21.18 -76.71 -43.23
C GLU D 80 21.10 -75.62 -42.17
N LEU D 81 20.38 -74.56 -42.48
CA LEU D 81 20.29 -73.39 -41.60
C LEU D 81 19.07 -73.47 -40.68
N CYS D 82 19.32 -73.45 -39.37
CA CYS D 82 18.23 -73.42 -38.39
C CYS D 82 18.39 -72.33 -37.33
N LEU D 83 17.43 -71.39 -37.31
CA LEU D 83 17.50 -70.24 -36.42
C LEU D 83 16.22 -70.09 -35.59
N VAL D 84 16.38 -70.00 -34.27
CA VAL D 84 15.26 -69.73 -33.39
C VAL D 84 15.27 -68.25 -33.02
N ALA D 85 14.12 -67.59 -33.17
CA ALA D 85 13.98 -66.20 -32.75
C ALA D 85 12.90 -66.13 -31.68
N THR D 86 13.18 -65.37 -30.62
CA THR D 86 12.28 -65.32 -29.47
C THR D 86 12.37 -64.02 -28.68
N THR D 87 11.21 -63.53 -28.24
CA THR D 87 11.12 -62.30 -27.45
C THR D 87 10.80 -62.59 -25.99
N SER D 88 11.29 -61.74 -25.10
CA SER D 88 11.10 -61.91 -23.67
C SER D 88 10.12 -60.89 -23.11
N PHE D 89 9.77 -61.05 -21.84
CA PHE D 89 8.93 -60.08 -21.15
C PHE D 89 9.67 -58.77 -20.98
N SER D 90 11.00 -58.83 -21.02
CA SER D 90 11.81 -57.63 -20.95
C SER D 90 11.64 -56.79 -22.22
N GLY D 91 11.23 -57.45 -23.30
CA GLY D 91 11.00 -56.78 -24.56
C GLY D 91 12.22 -56.84 -25.47
N ASP D 92 13.17 -57.69 -25.13
CA ASP D 92 14.33 -57.91 -25.98
C ASP D 92 14.05 -59.02 -26.96
N LEU D 93 14.55 -58.85 -28.18
CA LEU D 93 14.41 -59.84 -29.24
C LEU D 93 15.74 -60.59 -29.39
N LEU D 94 15.70 -61.89 -29.13
CA LEU D 94 16.89 -62.73 -29.15
C LEU D 94 16.86 -63.72 -30.31
N PHE D 95 18.05 -64.06 -30.79
CA PHE D 95 18.23 -65.01 -31.88
C PHE D 95 19.24 -66.08 -31.48
N TYR D 96 18.97 -67.31 -31.89
CA TYR D 96 19.84 -68.43 -31.55
C TYR D 96 19.94 -69.41 -32.69
N ARG D 97 21.14 -69.58 -33.23
CA ARG D 97 21.35 -70.59 -34.24
C ARG D 97 21.38 -71.94 -33.55
N ILE D 98 20.64 -72.90 -34.10
CA ILE D 98 20.57 -74.24 -33.50
C ILE D 98 21.33 -75.28 -34.33
N THR D 99 22.34 -75.90 -33.72
CA THR D 99 23.13 -76.92 -34.40
C THR D 99 23.57 -77.98 -33.41
N ARG D 100 23.41 -79.24 -33.78
CA ARG D 100 23.78 -80.34 -32.89
C ARG D 100 25.28 -80.63 -32.89
N GLU D 101 25.78 -81.14 -31.76
CA GLU D 101 27.20 -81.40 -31.59
C GLU D 101 27.59 -82.68 -32.31
N ASP D 102 28.76 -82.64 -32.96
CA ASP D 102 29.25 -83.78 -33.72
C ASP D 102 29.47 -85.01 -32.84
N GLU D 103 30.03 -84.79 -31.65
CA GLU D 103 30.41 -85.88 -30.76
C GLU D 103 29.22 -86.59 -30.10
N THR D 104 28.36 -85.82 -29.43
CA THR D 104 27.28 -86.40 -28.65
C THR D 104 25.93 -86.28 -29.36
N LYS D 105 25.88 -85.53 -30.44
CA LYS D 105 24.64 -85.33 -31.18
C LYS D 105 23.63 -84.52 -30.35
N LYS D 106 24.12 -83.80 -29.36
CA LYS D 106 23.27 -82.92 -28.54
C LYS D 106 23.16 -81.52 -29.16
N VAL D 107 22.03 -80.85 -28.95
CA VAL D 107 21.82 -79.51 -29.52
C VAL D 107 22.75 -78.46 -28.91
N ILE D 108 23.21 -77.56 -29.77
CA ILE D 108 24.01 -76.43 -29.34
C ILE D 108 23.33 -75.16 -29.83
N PHE D 109 23.19 -74.22 -28.91
CA PHE D 109 22.63 -72.91 -29.18
C PHE D 109 23.76 -71.92 -29.41
N GLU D 110 23.68 -71.13 -30.48
CA GLU D 110 24.64 -70.06 -30.72
C GLU D 110 23.91 -68.71 -30.74
N LYS D 111 24.18 -67.89 -29.73
CA LYS D 111 23.52 -66.59 -29.63
C LYS D 111 24.04 -65.66 -30.72
N LEU D 112 23.15 -65.29 -31.65
CA LEU D 112 23.50 -64.40 -32.74
C LEU D 112 23.04 -62.97 -32.46
N ASP D 113 23.97 -62.03 -32.52
CA ASP D 113 23.65 -60.61 -32.35
C ASP D 113 23.36 -60.00 -33.72
N LEU D 114 22.10 -59.64 -33.95
CA LEU D 114 21.66 -59.15 -35.25
C LEU D 114 20.94 -57.80 -35.17
N LEU D 115 20.89 -57.22 -33.98
CA LEU D 115 20.21 -55.94 -33.78
C LEU D 115 21.15 -54.86 -33.24
N ASP D 116 21.18 -53.73 -33.92
CA ASP D 116 22.02 -52.60 -33.50
C ASP D 116 21.47 -51.99 -32.22
N SER D 117 22.22 -51.05 -31.66
CA SER D 117 21.88 -50.45 -30.37
C SER D 117 20.51 -49.80 -30.38
N ASP D 118 20.28 -48.90 -31.33
CA ASP D 118 19.04 -48.15 -31.40
C ASP D 118 17.85 -49.09 -31.55
N MET D 119 18.00 -50.11 -32.38
CA MET D 119 16.92 -51.07 -32.59
C MET D 119 16.62 -51.83 -31.32
N LYS D 120 17.66 -52.41 -30.74
CA LYS D 120 17.52 -53.28 -29.57
C LYS D 120 16.90 -52.53 -28.39
N LYS D 121 16.99 -51.20 -28.43
CA LYS D 121 16.49 -50.38 -27.33
C LYS D 121 14.96 -50.38 -27.28
N HIS D 122 14.32 -50.87 -28.34
CA HIS D 122 12.87 -50.96 -28.37
C HIS D 122 12.35 -52.07 -27.46
N SER D 123 11.04 -52.08 -27.27
CA SER D 123 10.38 -53.11 -26.47
C SER D 123 9.50 -53.98 -27.37
N PHE D 124 10.05 -55.07 -27.87
CA PHE D 124 9.31 -55.95 -28.78
C PHE D 124 8.31 -56.82 -28.04
N TRP D 125 7.34 -57.35 -28.77
CA TRP D 125 6.31 -58.21 -28.19
C TRP D 125 6.14 -59.53 -28.94
N ALA D 126 5.75 -59.44 -30.22
CA ALA D 126 5.52 -60.62 -31.04
C ALA D 126 6.43 -60.65 -32.27
N LEU D 127 6.62 -61.83 -32.83
CA LEU D 127 7.44 -61.99 -34.02
C LEU D 127 6.88 -63.09 -34.92
N LYS D 128 7.39 -63.15 -36.15
CA LYS D 128 7.25 -64.35 -36.96
C LYS D 128 8.21 -64.32 -38.13
N TRP D 129 8.68 -65.50 -38.51
CA TRP D 129 9.59 -65.65 -39.64
C TRP D 129 8.82 -65.75 -40.96
N GLY D 130 9.53 -65.48 -42.05
CA GLY D 130 8.96 -65.50 -43.39
C GLY D 130 9.83 -66.35 -44.28
N ALA D 131 9.43 -67.61 -44.44
CA ALA D 131 10.22 -68.60 -45.16
C ALA D 131 10.58 -68.12 -46.56
N SER D 132 11.70 -68.61 -47.08
CA SER D 132 12.09 -68.32 -48.45
C SER D 132 11.00 -68.84 -49.40
N ASN D 133 10.65 -68.03 -50.39
CA ASN D 133 9.64 -68.43 -51.37
C ASN D 133 9.83 -67.64 -52.66
N ASP D 134 8.89 -67.79 -53.58
CA ASP D 134 8.93 -67.08 -54.86
C ASP D 134 8.61 -65.59 -54.72
N ARG D 135 8.13 -65.20 -53.53
CA ARG D 135 7.79 -63.81 -53.20
C ARG D 135 8.95 -62.89 -53.58
N LEU D 136 9.97 -62.94 -52.74
CA LEU D 136 11.33 -62.49 -53.06
C LEU D 136 12.29 -63.57 -52.55
N LEU D 137 13.52 -63.58 -53.08
CA LEU D 137 14.51 -64.60 -52.74
C LEU D 137 14.68 -64.86 -51.26
N SER D 138 14.76 -63.81 -50.45
CA SER D 138 15.26 -63.97 -49.10
C SER D 138 14.18 -64.06 -48.02
N HIS D 139 14.65 -64.38 -46.82
CA HIS D 139 13.79 -64.69 -45.70
C HIS D 139 13.37 -63.41 -45.02
N ARG D 140 12.14 -63.36 -44.53
CA ARG D 140 11.58 -62.14 -43.96
C ARG D 140 11.28 -62.38 -42.48
N LEU D 141 11.62 -61.41 -41.65
CA LEU D 141 11.25 -61.45 -40.23
C LEU D 141 10.36 -60.26 -39.88
N VAL D 142 9.16 -60.54 -39.34
CA VAL D 142 8.27 -59.47 -38.89
C VAL D 142 8.18 -59.50 -37.36
N ALA D 143 8.05 -58.32 -36.76
CA ALA D 143 7.88 -58.23 -35.31
C ALA D 143 7.01 -57.03 -34.92
N THR D 144 6.64 -56.95 -33.65
CA THR D 144 5.86 -55.82 -33.13
C THR D 144 6.52 -55.30 -31.86
N ASP D 145 6.09 -54.12 -31.43
CA ASP D 145 6.57 -53.55 -30.18
C ASP D 145 5.38 -53.16 -29.30
N VAL D 146 5.69 -52.75 -28.07
CA VAL D 146 4.64 -52.36 -27.13
C VAL D 146 3.92 -51.08 -27.56
N LYS D 147 4.40 -50.47 -28.64
CA LYS D 147 3.86 -49.20 -29.09
C LYS D 147 3.05 -49.34 -30.38
N GLY D 148 2.80 -50.57 -30.80
CA GLY D 148 1.93 -50.82 -31.94
C GLY D 148 2.61 -50.80 -33.29
N THR D 149 3.91 -50.53 -33.31
CA THR D 149 4.67 -50.46 -34.56
C THR D 149 5.14 -51.84 -34.99
N THR D 150 4.99 -52.15 -36.27
CA THR D 150 5.46 -53.41 -36.83
C THR D 150 6.81 -53.22 -37.51
N TYR D 151 7.73 -54.15 -37.29
CA TYR D 151 9.06 -54.11 -37.88
C TYR D 151 9.23 -55.24 -38.88
N ILE D 152 9.79 -54.91 -40.05
CA ILE D 152 10.00 -55.85 -41.13
C ILE D 152 11.48 -55.86 -41.54
N TRP D 153 12.17 -56.94 -41.18
CA TRP D 153 13.55 -57.16 -41.59
C TRP D 153 13.67 -58.22 -42.69
N LYS D 154 14.72 -58.10 -43.50
CA LYS D 154 15.10 -59.12 -44.46
C LYS D 154 16.39 -59.78 -43.97
N PHE D 155 16.36 -61.09 -43.76
CA PHE D 155 17.51 -61.80 -43.20
C PHE D 155 18.45 -62.34 -44.28
N HIS D 156 19.72 -62.00 -44.15
CA HIS D 156 20.77 -62.48 -45.05
C HIS D 156 21.75 -63.37 -44.26
N PRO D 157 21.77 -64.68 -44.54
CA PRO D 157 22.70 -65.57 -43.82
C PRO D 157 24.12 -65.56 -44.38
N PHE D 158 24.33 -64.94 -45.53
CA PHE D 158 25.65 -64.85 -46.15
C PHE D 158 25.93 -63.44 -46.64
N ALA D 159 27.18 -63.00 -46.44
CA ALA D 159 27.60 -61.66 -46.85
C ALA D 159 28.37 -61.75 -48.17
N ASP D 160 28.09 -60.81 -49.07
CA ASP D 160 28.78 -60.73 -50.36
C ASP D 160 28.65 -62.02 -51.16
N LEU D 167 30.30 -69.17 -49.90
CA LEU D 167 29.65 -69.83 -48.77
C LEU D 167 30.33 -69.45 -47.46
N ASN D 168 30.08 -68.23 -46.98
CA ASN D 168 30.64 -67.75 -45.73
C ASN D 168 29.54 -67.28 -44.78
N TRP D 169 29.30 -68.06 -43.73
CA TRP D 169 28.25 -67.76 -42.76
C TRP D 169 28.53 -66.47 -41.99
N SER D 170 27.84 -65.39 -42.38
CA SER D 170 27.93 -64.11 -41.70
C SER D 170 26.55 -63.47 -41.66
N PRO D 171 25.68 -63.93 -40.75
CA PRO D 171 24.29 -63.49 -40.73
C PRO D 171 24.14 -62.03 -40.35
N THR D 172 23.20 -61.36 -41.02
CA THR D 172 22.88 -59.97 -40.74
C THR D 172 21.39 -59.76 -40.94
N LEU D 173 20.84 -58.75 -40.25
CA LEU D 173 19.43 -58.39 -40.43
C LEU D 173 19.28 -57.00 -41.03
N GLU D 174 18.80 -56.97 -42.26
CA GLU D 174 18.53 -55.71 -42.95
C GLU D 174 17.08 -55.30 -42.69
N LEU D 175 16.91 -54.14 -42.05
CA LEU D 175 15.58 -53.62 -41.76
C LEU D 175 14.93 -53.05 -43.01
N GLN D 176 14.11 -53.84 -43.67
CA GLN D 176 13.40 -53.37 -44.87
C GLN D 176 12.53 -52.17 -44.52
N GLY D 177 11.80 -52.26 -43.41
CA GLY D 177 11.00 -51.11 -43.00
C GLY D 177 10.08 -51.31 -41.81
N THR D 178 9.37 -50.26 -41.47
CA THR D 178 8.44 -50.27 -40.34
C THR D 178 7.05 -49.85 -40.78
N VAL D 179 6.03 -50.34 -40.06
CA VAL D 179 4.65 -49.99 -40.34
C VAL D 179 3.95 -49.68 -39.02
N GLU D 180 3.70 -48.40 -38.78
CA GLU D 180 3.12 -47.94 -37.53
C GLU D 180 1.67 -48.34 -37.41
N SER D 181 1.08 -48.02 -36.26
CA SER D 181 -0.30 -48.41 -36.00
C SER D 181 -1.27 -47.61 -36.84
N PRO D 182 -2.51 -48.08 -36.96
CA PRO D 182 -3.55 -47.25 -37.58
C PRO D 182 -4.01 -46.19 -36.61
N MET D 183 -3.75 -46.41 -35.33
CA MET D 183 -4.42 -45.68 -34.27
C MET D 183 -3.59 -44.51 -33.76
N THR D 184 -4.30 -43.51 -33.25
CA THR D 184 -3.69 -42.40 -32.53
C THR D 184 -4.62 -42.04 -31.38
N PRO D 185 -4.17 -42.27 -30.13
CA PRO D 185 -2.85 -42.71 -29.72
C PRO D 185 -2.65 -44.20 -30.00
N SER D 186 -1.40 -44.63 -30.01
CA SER D 186 -1.07 -46.01 -30.31
C SER D 186 -1.72 -46.97 -29.33
N GLN D 187 -1.76 -48.24 -29.71
CA GLN D 187 -2.24 -49.29 -28.83
C GLN D 187 -1.35 -50.52 -29.00
N PHE D 188 -1.38 -51.39 -28.01
CA PHE D 188 -0.47 -52.53 -27.97
C PHE D 188 -0.69 -53.50 -29.13
N ALA D 189 0.36 -53.78 -29.88
CA ALA D 189 0.32 -54.79 -30.94
C ALA D 189 0.46 -56.18 -30.34
N THR D 190 -0.65 -56.89 -30.22
CA THR D 190 -0.68 -58.18 -29.55
C THR D 190 -0.25 -59.31 -30.47
N SER D 191 -0.60 -59.20 -31.74
CA SER D 191 -0.35 -60.27 -32.69
C SER D 191 0.13 -59.77 -34.04
N VAL D 192 0.90 -60.60 -34.73
CA VAL D 192 1.36 -60.27 -36.08
C VAL D 192 1.45 -61.55 -36.91
N ASP D 193 1.30 -61.42 -38.22
CA ASP D 193 1.51 -62.55 -39.11
C ASP D 193 1.88 -62.13 -40.53
N ILE D 194 2.68 -62.96 -41.18
CA ILE D 194 3.10 -62.73 -42.56
C ILE D 194 2.72 -63.93 -43.44
N SER D 195 2.11 -63.64 -44.58
CA SER D 195 1.62 -64.68 -45.48
C SER D 195 2.65 -65.01 -46.55
N GLU D 196 2.48 -66.16 -47.19
CA GLU D 196 3.33 -66.56 -48.30
C GLU D 196 3.15 -65.59 -49.46
N ARG D 197 1.98 -64.97 -49.52
CA ARG D 197 1.67 -64.00 -50.56
C ARG D 197 2.54 -62.77 -50.42
N GLY D 198 2.72 -62.32 -49.18
CA GLY D 198 3.49 -61.12 -48.89
C GLY D 198 2.66 -60.09 -48.15
N LEU D 199 1.51 -60.51 -47.62
CA LEU D 199 0.69 -59.64 -46.80
C LEU D 199 1.19 -59.69 -45.35
N ILE D 200 0.88 -58.63 -44.59
CA ILE D 200 1.28 -58.55 -43.19
C ILE D 200 0.05 -58.16 -42.37
N ALA D 201 -0.35 -59.03 -41.46
CA ALA D 201 -1.45 -58.74 -40.55
C ALA D 201 -0.91 -58.38 -39.18
N THR D 202 -1.40 -57.27 -38.64
CA THR D 202 -1.05 -56.85 -37.30
C THR D 202 -2.31 -56.61 -36.47
N GLY D 203 -2.42 -57.33 -35.36
CA GLY D 203 -3.59 -57.25 -34.50
C GLY D 203 -3.27 -56.65 -33.13
N PHE D 204 -4.11 -55.71 -32.71
CA PHE D 204 -3.90 -54.97 -31.47
C PHE D 204 -4.88 -55.35 -30.36
N ASN D 205 -4.74 -54.70 -29.20
CA ASN D 205 -5.47 -55.12 -28.01
C ASN D 205 -6.91 -54.60 -27.90
N ASN D 206 -7.36 -53.85 -28.92
CA ASN D 206 -8.67 -53.20 -28.86
C ASN D 206 -9.67 -53.81 -29.84
N GLY D 207 -9.16 -54.60 -30.78
CA GLY D 207 -10.00 -55.25 -31.78
C GLY D 207 -9.57 -54.88 -33.19
N THR D 208 -8.76 -53.84 -33.31
CA THR D 208 -8.31 -53.39 -34.62
C THR D 208 -7.28 -54.35 -35.20
N VAL D 209 -7.34 -54.57 -36.50
CA VAL D 209 -6.33 -55.37 -37.22
C VAL D 209 -6.00 -54.68 -38.53
N GLN D 210 -4.71 -54.46 -38.78
CA GLN D 210 -4.28 -53.79 -40.00
C GLN D 210 -3.55 -54.74 -40.92
N ILE D 211 -3.97 -54.74 -42.17
CA ILE D 211 -3.34 -55.55 -43.21
C ILE D 211 -2.56 -54.65 -44.17
N SER D 212 -1.26 -54.86 -44.22
CA SER D 212 -0.38 -54.10 -45.09
C SER D 212 0.44 -55.06 -45.94
N GLU D 213 0.69 -54.70 -47.21
CA GLU D 213 1.43 -55.58 -48.11
C GLU D 213 2.91 -55.28 -48.08
N LEU D 214 3.71 -56.35 -48.00
CA LEU D 214 5.13 -56.25 -47.68
C LEU D 214 5.96 -55.58 -48.77
N SER D 215 5.70 -55.94 -50.02
CA SER D 215 6.48 -55.46 -51.15
C SER D 215 6.48 -53.94 -51.26
N THR D 216 5.42 -53.32 -50.78
CA THR D 216 5.25 -51.87 -50.85
C THR D 216 5.33 -51.23 -49.47
N LEU D 217 5.01 -52.02 -48.44
CA LEU D 217 4.96 -51.56 -47.06
C LEU D 217 3.92 -50.47 -46.82
N ARG D 218 3.12 -50.19 -47.84
CA ARG D 218 1.90 -49.41 -47.66
C ARG D 218 0.96 -50.18 -46.76
N PRO D 219 -0.10 -49.52 -46.27
CA PRO D 219 -1.17 -50.25 -45.60
C PRO D 219 -2.34 -50.48 -46.56
N LEU D 220 -2.53 -51.72 -46.98
CA LEU D 220 -3.63 -52.06 -47.88
C LEU D 220 -4.95 -51.70 -47.21
N TYR D 221 -5.28 -52.37 -46.12
CA TYR D 221 -6.54 -52.06 -45.42
C TYR D 221 -6.68 -52.68 -44.05
N ASN D 222 -7.55 -52.09 -43.24
CA ASN D 222 -7.65 -52.45 -41.82
C ASN D 222 -9.10 -52.64 -41.36
N PHE D 223 -9.26 -53.45 -40.31
CA PHE D 223 -10.55 -53.85 -39.77
C PHE D 223 -10.62 -53.55 -38.28
N GLU D 224 -11.71 -52.89 -37.86
CA GLU D 224 -11.93 -52.56 -36.45
C GLU D 224 -13.19 -53.25 -35.90
N SER D 225 -13.07 -53.93 -34.76
CA SER D 225 -14.16 -54.76 -34.23
C SER D 225 -15.18 -53.92 -33.45
N GLN D 226 -16.46 -54.22 -33.65
CA GLN D 226 -17.56 -53.37 -33.16
C GLN D 226 -17.78 -53.39 -31.64
N HIS D 227 -17.51 -54.54 -31.01
CA HIS D 227 -17.74 -54.68 -29.57
C HIS D 227 -16.87 -53.69 -28.79
N SER D 228 -17.52 -52.85 -27.98
CA SER D 228 -16.83 -51.80 -27.24
C SER D 228 -16.67 -52.15 -25.77
N MET D 229 -15.71 -51.49 -25.11
CA MET D 229 -15.45 -51.68 -23.68
C MET D 229 -16.21 -50.67 -22.84
N ASN D 231 -15.84 -51.86 -19.35
CA ASN D 231 -15.67 -53.09 -18.56
C ASN D 231 -15.85 -54.37 -19.38
N ASN D 232 -15.66 -54.28 -20.71
CA ASN D 232 -15.81 -55.43 -21.59
C ASN D 232 -14.70 -55.58 -22.65
N SER D 233 -13.60 -56.26 -22.33
CA SER D 233 -12.47 -56.30 -23.25
C SER D 233 -12.79 -57.08 -24.52
N ASN D 234 -12.52 -56.46 -25.66
CA ASN D 234 -12.64 -57.11 -26.96
C ASN D 234 -11.31 -57.06 -27.70
N SER D 235 -10.36 -57.89 -27.26
CA SER D 235 -8.97 -57.84 -27.75
C SER D 235 -8.65 -58.91 -28.79
N ILE D 236 -7.74 -58.58 -29.71
CA ILE D 236 -7.25 -59.53 -30.69
C ILE D 236 -6.19 -60.43 -30.06
N ARG D 237 -6.39 -61.74 -30.15
CA ARG D 237 -5.46 -62.68 -29.54
C ARG D 237 -4.51 -63.31 -30.56
N SER D 238 -4.98 -63.49 -31.79
CA SER D 238 -4.17 -64.14 -32.83
C SER D 238 -4.67 -63.83 -34.23
N VAL D 239 -3.72 -63.66 -35.15
CA VAL D 239 -4.02 -63.45 -36.55
C VAL D 239 -3.25 -64.44 -37.39
N LYS D 240 -3.91 -65.04 -38.38
CA LYS D 240 -3.28 -66.05 -39.22
C LYS D 240 -3.78 -66.01 -40.66
N PHE D 241 -2.84 -66.03 -41.59
CA PHE D 241 -3.15 -66.13 -43.01
C PHE D 241 -3.15 -67.58 -43.43
N SER D 242 -4.22 -68.01 -44.08
CA SER D 242 -4.25 -69.37 -44.62
C SER D 242 -3.34 -69.44 -45.83
N PRO D 243 -2.55 -70.53 -45.95
CA PRO D 243 -1.61 -70.62 -47.05
C PRO D 243 -2.30 -70.70 -48.42
N GLN D 244 -3.49 -71.29 -48.44
CA GLN D 244 -4.27 -71.44 -49.67
C GLN D 244 -5.38 -70.39 -49.69
N GLY D 245 -5.61 -69.80 -50.86
CA GLY D 245 -6.56 -68.70 -50.98
C GLY D 245 -5.96 -67.43 -50.42
N SER D 246 -6.79 -66.40 -50.25
CA SER D 246 -6.34 -65.13 -49.70
C SER D 246 -6.97 -64.90 -48.33
N LEU D 247 -7.44 -65.97 -47.71
CA LEU D 247 -8.20 -65.87 -46.48
C LEU D 247 -7.37 -65.39 -45.30
N LEU D 248 -8.03 -64.70 -44.37
CA LEU D 248 -7.42 -64.23 -43.13
C LEU D 248 -8.33 -64.61 -41.97
N ALA D 249 -7.75 -65.14 -40.90
CA ALA D 249 -8.52 -65.56 -39.73
C ALA D 249 -8.10 -64.79 -38.47
N ILE D 250 -9.07 -64.11 -37.86
CA ILE D 250 -8.83 -63.28 -36.68
C ILE D 250 -9.46 -63.91 -35.44
N ALA D 251 -8.62 -64.18 -34.44
CA ALA D 251 -9.10 -64.67 -33.15
C ALA D 251 -9.18 -63.49 -32.20
N HIS D 252 -10.34 -63.29 -31.58
CA HIS D 252 -10.52 -62.13 -30.71
C HIS D 252 -11.51 -62.40 -29.58
N ASP D 253 -11.40 -61.60 -28.53
CA ASP D 253 -12.29 -61.75 -27.39
C ASP D 253 -13.64 -61.12 -27.63
N SER D 254 -14.68 -61.76 -27.11
CA SER D 254 -15.88 -61.07 -26.69
C SER D 254 -15.74 -61.03 -25.17
N ASN D 255 -16.63 -60.36 -24.45
CA ASN D 255 -16.48 -60.37 -23.01
C ASN D 255 -16.63 -61.78 -22.40
N SER D 256 -15.52 -62.41 -22.01
CA SER D 256 -15.52 -63.76 -21.41
C SER D 256 -15.70 -64.91 -22.42
N PHE D 257 -15.57 -64.63 -23.72
CA PHE D 257 -15.73 -65.66 -24.76
C PHE D 257 -14.67 -65.45 -25.84
N GLY D 258 -14.40 -66.49 -26.62
CA GLY D 258 -13.44 -66.41 -27.71
C GLY D 258 -14.11 -66.58 -29.06
N CYS D 259 -13.85 -65.65 -29.99
CA CYS D 259 -14.47 -65.66 -31.31
C CYS D 259 -13.45 -65.71 -32.43
N ILE D 260 -13.74 -66.53 -33.45
CA ILE D 260 -12.95 -66.58 -34.66
C ILE D 260 -13.77 -66.00 -35.80
N THR D 261 -13.20 -65.00 -36.47
CA THR D 261 -13.84 -64.39 -37.63
C THR D 261 -12.96 -64.58 -38.85
N LEU D 262 -13.60 -64.77 -40.00
CA LEU D 262 -12.91 -65.02 -41.25
C LEU D 262 -13.16 -63.90 -42.22
N TYR D 263 -12.05 -63.30 -42.69
CA TYR D 263 -12.06 -62.23 -43.67
C TYR D 263 -11.32 -62.73 -44.89
N GLU D 264 -11.43 -61.99 -45.99
CA GLU D 264 -10.79 -62.35 -47.24
C GLU D 264 -9.87 -61.23 -47.70
N THR D 265 -8.60 -61.57 -47.94
CA THR D 265 -7.63 -60.62 -48.49
C THR D 265 -7.91 -60.40 -49.98
N GLU D 266 -7.51 -59.24 -50.51
CA GLU D 266 -7.61 -58.89 -51.94
C GLU D 266 -8.91 -58.20 -52.33
N PHE D 267 -9.96 -58.37 -51.54
CA PHE D 267 -11.17 -57.58 -51.73
C PHE D 267 -11.63 -56.99 -50.40
N GLY D 268 -10.99 -57.43 -49.32
CA GLY D 268 -11.31 -56.94 -47.98
C GLY D 268 -12.68 -57.35 -47.49
N GLU D 269 -13.23 -58.42 -48.05
CA GLU D 269 -14.57 -58.86 -47.68
C GLU D 269 -14.52 -59.76 -46.46
N ARG D 270 -15.32 -59.42 -45.44
CA ARG D 270 -15.59 -60.34 -44.36
C ARG D 270 -16.38 -61.50 -44.96
N ILE D 271 -16.05 -62.73 -44.56
CA ILE D 271 -16.71 -63.90 -45.13
C ILE D 271 -17.45 -64.73 -44.10
N GLY D 272 -17.06 -64.63 -42.83
CA GLY D 272 -17.88 -65.21 -41.79
C GLY D 272 -17.28 -65.34 -40.40
N SER D 273 -17.82 -66.27 -39.63
CA SER D 273 -17.34 -66.52 -38.27
C SER D 273 -17.50 -68.00 -37.93
N LEU D 274 -16.57 -68.52 -37.14
CA LEU D 274 -16.60 -69.93 -36.74
C LEU D 274 -17.20 -70.08 -35.35
N SER D 275 -18.44 -70.56 -35.30
CA SER D 275 -19.16 -70.64 -34.04
C SER D 275 -19.64 -72.06 -33.82
N VAL D 276 -19.96 -72.38 -32.56
CA VAL D 276 -20.52 -73.67 -32.19
C VAL D 276 -21.64 -73.41 -31.18
N PRO D 277 -22.77 -74.13 -31.27
CA PRO D 277 -23.93 -73.84 -30.40
C PRO D 277 -23.61 -73.77 -28.91
N THR D 278 -24.24 -72.82 -28.22
CA THR D 278 -24.00 -72.57 -26.79
C THR D 278 -25.31 -72.39 -26.03
N HIS D 279 -25.36 -72.91 -24.81
CA HIS D 279 -26.51 -72.76 -23.94
C HIS D 279 -26.07 -72.61 -22.48
N SER D 280 -26.44 -71.47 -21.89
CA SER D 280 -26.22 -71.19 -20.47
C SER D 280 -27.54 -70.72 -19.88
N SER D 281 -27.92 -69.47 -20.17
CA SER D 281 -29.27 -69.01 -19.90
C SER D 281 -30.18 -69.42 -21.06
N GLN D 282 -29.58 -70.06 -22.06
CA GLN D 282 -30.24 -70.33 -23.33
C GLN D 282 -30.40 -69.03 -24.14
N ALA D 283 -29.77 -67.95 -23.64
CA ALA D 283 -29.78 -66.65 -24.29
C ALA D 283 -28.89 -66.66 -25.55
N SER D 284 -27.78 -67.38 -25.47
CA SER D 284 -26.79 -67.51 -26.53
C SER D 284 -26.09 -66.20 -26.88
N GLU D 287 -23.63 -66.46 -30.75
CA GLU D 287 -22.83 -67.64 -30.43
C GLU D 287 -21.34 -67.32 -30.47
N PHE D 288 -20.52 -68.32 -30.14
CA PHE D 288 -19.07 -68.16 -30.03
C PHE D 288 -18.30 -69.38 -30.51
N ALA D 289 -16.97 -69.29 -30.50
CA ALA D 289 -16.10 -70.39 -30.88
C ALA D 289 -15.70 -71.19 -29.64
N HIS D 290 -15.50 -70.50 -28.53
CA HIS D 290 -15.12 -71.15 -27.27
C HIS D 290 -15.77 -70.44 -26.10
N SER D 291 -16.01 -71.20 -25.04
CA SER D 291 -16.61 -70.63 -23.84
C SER D 291 -15.69 -69.60 -23.20
N SER D 292 -14.38 -69.73 -23.45
CA SER D 292 -13.41 -68.72 -23.03
C SER D 292 -12.64 -68.21 -24.26
N TRP D 293 -11.64 -67.35 -24.05
CA TRP D 293 -10.94 -66.72 -25.18
C TRP D 293 -10.23 -67.73 -26.04
N VAL D 294 -10.10 -67.42 -27.33
CA VAL D 294 -9.25 -68.18 -28.23
C VAL D 294 -7.83 -67.62 -28.14
N MET D 295 -6.89 -68.44 -27.68
CA MET D 295 -5.53 -67.96 -27.42
C MET D 295 -4.66 -67.97 -28.68
N SER D 296 -4.99 -68.84 -29.63
CA SER D 296 -4.20 -68.97 -30.84
C SER D 296 -4.94 -69.73 -31.94
N LEU D 297 -4.44 -69.55 -33.17
CA LEU D 297 -4.99 -70.25 -34.33
C LEU D 297 -3.84 -70.88 -35.11
N SER D 298 -4.15 -71.82 -35.99
CA SER D 298 -3.15 -72.40 -36.88
C SER D 298 -3.80 -73.25 -37.96
N PHE D 299 -3.52 -72.90 -39.21
CA PHE D 299 -4.00 -73.69 -40.36
C PHE D 299 -3.09 -74.89 -40.59
N ASN D 300 -3.64 -75.92 -41.21
CA ASN D 300 -2.85 -77.06 -41.64
C ASN D 300 -2.17 -76.73 -42.97
N ASP D 301 -1.30 -77.62 -43.43
CA ASP D 301 -0.54 -77.39 -44.66
C ASP D 301 -1.45 -77.16 -45.86
N SER D 302 -2.51 -77.96 -45.94
CA SER D 302 -3.47 -77.87 -47.03
C SER D 302 -4.35 -76.62 -46.91
N GLY D 303 -4.39 -76.05 -45.71
CA GLY D 303 -5.22 -74.88 -45.45
C GLY D 303 -6.70 -75.20 -45.52
N GLU D 304 -7.04 -76.47 -45.29
CA GLU D 304 -8.41 -76.94 -45.34
C GLU D 304 -9.02 -76.98 -43.94
N THR D 305 -8.16 -77.06 -42.93
CA THR D 305 -8.61 -77.18 -41.55
C THR D 305 -7.89 -76.18 -40.65
N LEU D 306 -8.67 -75.46 -39.85
CA LEU D 306 -8.12 -74.50 -38.90
C LEU D 306 -8.26 -75.03 -37.48
N CYS D 307 -7.17 -75.00 -36.72
CA CYS D 307 -7.22 -75.42 -35.33
C CYS D 307 -7.16 -74.22 -34.40
N SER D 308 -8.12 -74.15 -33.49
CA SER D 308 -8.16 -73.08 -32.51
C SER D 308 -7.86 -73.63 -31.12
N ALA D 309 -6.96 -72.96 -30.42
CA ALA D 309 -6.60 -73.30 -29.05
C ALA D 309 -7.37 -72.40 -28.08
N GLY D 310 -8.39 -72.98 -27.47
CA GLY D 310 -9.25 -72.22 -26.57
C GLY D 310 -8.82 -72.31 -25.11
N TRP D 311 -9.04 -71.21 -24.39
CA TRP D 311 -8.77 -71.17 -22.96
C TRP D 311 -9.85 -71.92 -22.18
N ASP D 312 -10.75 -72.57 -22.89
CA ASP D 312 -11.71 -73.46 -22.25
C ASP D 312 -11.07 -74.83 -22.00
N GLY D 313 -9.78 -74.94 -22.32
CA GLY D 313 -9.07 -76.19 -22.11
C GLY D 313 -9.28 -77.14 -23.25
N LYS D 314 -9.55 -76.60 -24.44
CA LYS D 314 -9.91 -77.43 -25.59
C LYS D 314 -9.27 -76.98 -26.90
N LEU D 315 -9.00 -77.95 -27.76
CA LEU D 315 -8.57 -77.69 -29.13
C LEU D 315 -9.74 -77.97 -30.05
N ARG D 316 -10.09 -77.01 -30.89
CA ARG D 316 -11.20 -77.18 -31.83
C ARG D 316 -10.75 -77.10 -33.28
N PHE D 317 -11.00 -78.16 -34.03
CA PHE D 317 -10.64 -78.22 -35.45
C PHE D 317 -11.87 -77.95 -36.30
N TRP D 318 -11.76 -76.89 -37.12
CA TRP D 318 -12.83 -76.43 -37.98
C TRP D 318 -12.46 -76.64 -39.45
N ASP D 319 -13.46 -76.97 -40.27
CA ASP D 319 -13.26 -77.05 -41.71
C ASP D 319 -13.46 -75.68 -42.33
N VAL D 320 -12.50 -75.26 -43.15
CA VAL D 320 -12.51 -73.91 -43.70
C VAL D 320 -13.72 -73.67 -44.61
N LYS D 321 -13.86 -74.47 -45.66
CA LYS D 321 -14.92 -74.26 -46.64
C LYS D 321 -16.31 -74.33 -46.01
N THR D 322 -16.54 -75.36 -45.21
CA THR D 322 -17.84 -75.59 -44.58
C THR D 322 -18.11 -74.55 -43.49
N LYS D 323 -17.05 -73.98 -42.92
CA LYS D 323 -17.15 -73.08 -41.78
C LYS D 323 -17.81 -73.79 -40.58
N GLU D 324 -17.76 -75.12 -40.61
CA GLU D 324 -18.31 -75.95 -39.55
C GLU D 324 -17.19 -76.66 -38.80
N ARG D 325 -17.40 -76.87 -37.50
CA ARG D 325 -16.42 -77.56 -36.66
C ARG D 325 -16.28 -79.00 -37.10
N ILE D 326 -15.04 -79.45 -37.30
CA ILE D 326 -14.78 -80.85 -37.60
C ILE D 326 -14.75 -81.66 -36.31
N THR D 327 -13.97 -81.21 -35.33
CA THR D 327 -13.87 -81.97 -34.08
C THR D 327 -13.32 -81.18 -32.90
N THR D 328 -13.37 -81.81 -31.73
CA THR D 328 -12.99 -81.18 -30.48
C THR D 328 -12.08 -82.09 -29.67
N LEU D 329 -11.12 -81.49 -28.95
CA LEU D 329 -10.25 -82.24 -28.06
C LEU D 329 -10.12 -81.57 -26.70
N ASN D 330 -10.56 -82.28 -25.66
CA ASN D 330 -10.32 -81.87 -24.29
C ASN D 330 -8.87 -82.09 -23.93
N MET D 331 -8.37 -81.32 -22.98
CA MET D 331 -7.01 -81.49 -22.49
C MET D 331 -7.01 -82.00 -21.04
N HIS D 332 -8.22 -82.21 -20.51
CA HIS D 332 -8.40 -82.83 -19.20
C HIS D 332 -8.90 -84.26 -19.39
N CYS D 333 -9.63 -84.48 -20.48
CA CYS D 333 -10.13 -85.80 -20.83
C CYS D 333 -9.34 -86.36 -22.01
N ASP D 334 -9.05 -87.66 -21.98
CA ASP D 334 -8.31 -88.31 -23.04
C ASP D 334 -9.28 -89.02 -24.00
N ASP D 335 -10.57 -88.91 -23.72
CA ASP D 335 -11.59 -89.67 -24.46
C ASP D 335 -12.35 -88.80 -25.45
N ILE D 336 -12.91 -89.43 -26.48
CA ILE D 336 -13.71 -88.73 -27.47
C ILE D 336 -14.99 -88.19 -26.83
N GLU D 340 -20.37 -84.18 -29.47
CA GLU D 340 -21.24 -83.12 -28.99
C GLU D 340 -20.54 -82.27 -27.94
N ASP D 341 -19.89 -81.21 -28.40
CA ASP D 341 -19.14 -80.29 -27.54
C ASP D 341 -19.88 -78.98 -27.39
N ILE D 342 -21.13 -79.07 -26.93
CA ILE D 342 -21.89 -77.87 -26.61
C ILE D 342 -21.07 -77.01 -25.64
N LEU D 343 -21.01 -75.70 -25.89
CA LEU D 343 -20.25 -74.78 -25.04
C LEU D 343 -20.82 -74.77 -23.63
N ALA D 344 -20.03 -75.22 -22.67
CA ALA D 344 -20.43 -75.24 -21.27
C ALA D 344 -20.23 -73.87 -20.65
N VAL D 345 -21.32 -73.12 -20.51
CA VAL D 345 -21.28 -71.76 -19.99
C VAL D 345 -22.16 -71.64 -18.75
N ASP D 346 -21.58 -71.10 -17.68
CA ASP D 346 -22.29 -70.94 -16.42
C ASP D 346 -23.48 -70.01 -16.60
N GLU D 347 -24.36 -69.97 -15.60
CA GLU D 347 -25.53 -69.13 -15.65
C GLU D 347 -25.16 -67.66 -15.78
N HIS D 348 -24.06 -67.28 -15.13
CA HIS D 348 -23.57 -65.90 -15.16
C HIS D 348 -22.94 -65.55 -16.50
N GLY D 349 -22.70 -66.57 -17.33
CA GLY D 349 -22.06 -66.39 -18.62
C GLY D 349 -20.59 -66.79 -18.57
N ASP D 350 -20.08 -66.97 -17.36
CA ASP D 350 -18.70 -67.40 -17.18
C ASP D 350 -18.53 -68.82 -17.69
N SER D 351 -17.55 -69.04 -18.55
CA SER D 351 -17.26 -70.37 -19.09
C SER D 351 -16.82 -71.34 -18.00
N LEU D 352 -17.66 -72.30 -17.66
CA LEU D 352 -17.23 -73.34 -16.74
C LEU D 352 -16.41 -74.34 -17.52
N ALA D 353 -15.12 -74.40 -17.19
CA ALA D 353 -14.16 -75.30 -17.83
C ALA D 353 -12.80 -74.96 -17.27
N GLU D 354 -12.15 -75.94 -16.63
CA GLU D 354 -10.79 -75.73 -16.17
C GLU D 354 -9.92 -75.32 -17.36
N PRO D 355 -9.30 -74.13 -17.29
CA PRO D 355 -8.63 -73.63 -18.49
C PRO D 355 -7.21 -74.16 -18.56
N GLY D 356 -6.74 -74.51 -19.75
CA GLY D 356 -5.42 -75.07 -19.89
C GLY D 356 -4.59 -74.51 -21.04
N VAL D 357 -5.22 -74.20 -22.16
CA VAL D 357 -4.47 -74.08 -23.41
C VAL D 357 -3.90 -72.68 -23.69
N PHE D 358 -2.63 -72.65 -24.10
CA PHE D 358 -1.94 -71.41 -24.44
C PHE D 358 -1.65 -71.33 -25.93
N ASP D 359 -1.19 -72.43 -26.52
CA ASP D 359 -0.82 -72.36 -27.94
C ASP D 359 -0.81 -73.71 -28.67
N VAL D 360 -1.00 -73.66 -29.99
CA VAL D 360 -1.05 -74.87 -30.83
C VAL D 360 -0.39 -74.61 -32.19
N LYS D 361 0.16 -75.67 -32.79
CA LYS D 361 0.80 -75.58 -34.10
C LYS D 361 0.60 -76.88 -34.87
N PHE D 362 0.39 -76.75 -36.17
CA PHE D 362 0.32 -77.91 -37.07
C PHE D 362 1.71 -78.25 -37.59
N LEU D 363 2.07 -79.54 -37.52
CA LEU D 363 3.33 -80.03 -38.06
C LEU D 363 3.11 -80.84 -39.31
N LYS D 364 3.81 -80.46 -40.37
CA LYS D 364 3.66 -81.06 -41.70
C LYS D 364 3.89 -82.56 -41.66
N LYS D 365 3.30 -83.26 -42.62
CA LYS D 365 3.44 -84.72 -42.70
C LYS D 365 4.88 -85.09 -43.05
N GLY D 366 5.57 -85.73 -42.10
CA GLY D 366 6.94 -86.16 -42.31
C GLY D 366 7.93 -85.53 -41.35
N TRP D 367 7.44 -84.65 -40.49
CA TRP D 367 8.31 -83.93 -39.58
C TRP D 367 8.48 -84.70 -38.28
N ARG D 368 7.38 -84.97 -37.59
CA ARG D 368 7.44 -85.80 -36.39
C ARG D 368 7.27 -87.26 -36.81
N SER D 369 8.38 -87.99 -36.91
CA SER D 369 8.37 -89.34 -37.47
C SER D 369 8.13 -90.41 -36.42
N GLY D 370 7.45 -91.47 -36.85
CA GLY D 370 7.12 -92.59 -35.99
C GLY D 370 5.87 -93.27 -36.48
N MET D 371 5.33 -94.18 -35.68
CA MET D 371 4.11 -94.90 -36.02
C MET D 371 2.89 -94.06 -35.71
N ASP D 374 4.05 -90.48 -40.06
CA ASP D 374 4.92 -90.18 -41.19
C ASP D 374 4.12 -89.98 -42.48
N LEU D 375 2.93 -90.58 -42.52
CA LEU D 375 2.02 -90.41 -43.66
C LEU D 375 0.87 -89.47 -43.29
N ASN D 376 0.86 -89.00 -42.06
CA ASN D 376 -0.19 -88.11 -41.57
C ASN D 376 0.39 -86.85 -40.95
N GLU D 377 -0.34 -85.74 -41.08
CA GLU D 377 0.06 -84.49 -40.45
C GLU D 377 -0.01 -84.64 -38.93
N SER D 378 0.91 -83.98 -38.24
CA SER D 378 0.94 -84.02 -36.78
C SER D 378 0.54 -82.67 -36.19
N LEU D 379 0.40 -82.61 -34.88
CA LEU D 379 -0.04 -81.40 -34.20
C LEU D 379 0.70 -81.28 -32.88
N CYS D 380 0.90 -80.06 -32.40
CA CYS D 380 1.54 -79.85 -31.11
C CYS D 380 0.91 -78.70 -30.36
N CYS D 381 0.71 -78.86 -29.05
CA CYS D 381 0.14 -77.78 -28.23
C CYS D 381 0.78 -77.68 -26.85
N VAL D 382 0.75 -76.45 -26.33
CA VAL D 382 1.25 -76.15 -24.99
C VAL D 382 0.15 -75.55 -24.16
N CYS D 383 0.05 -76.05 -22.93
CA CYS D 383 -1.05 -75.76 -22.03
C CYS D 383 -0.56 -75.04 -20.78
N LEU D 384 -1.49 -74.80 -19.84
CA LEU D 384 -1.19 -74.02 -18.63
C LEU D 384 -0.30 -74.81 -17.71
N ASP D 385 -0.70 -76.05 -17.45
CA ASP D 385 -0.02 -76.90 -16.47
C ASP D 385 1.38 -77.34 -16.90
N ARG D 386 2.06 -76.51 -17.68
CA ARG D 386 3.45 -76.74 -18.03
C ARG D 386 3.64 -78.11 -18.70
N SER D 387 2.63 -78.52 -19.46
CA SER D 387 2.68 -79.77 -20.19
C SER D 387 2.57 -79.49 -21.67
N ILE D 388 3.44 -80.14 -22.46
CA ILE D 388 3.41 -80.00 -23.91
C ILE D 388 2.98 -81.33 -24.53
N ARG D 389 2.01 -81.26 -25.44
CA ARG D 389 1.43 -82.46 -26.05
C ARG D 389 1.56 -82.48 -27.56
N TRP D 390 1.70 -83.69 -28.11
CA TRP D 390 1.71 -83.92 -29.55
C TRP D 390 0.54 -84.81 -29.97
N PHE D 391 0.07 -84.63 -31.20
CA PHE D 391 -1.05 -85.41 -31.73
C PHE D 391 -0.84 -85.75 -33.20
N ARG D 392 -1.56 -86.77 -33.66
CA ARG D 392 -1.43 -87.26 -35.03
C ARG D 392 -2.81 -87.49 -35.62
N GLU D 393 -2.95 -87.17 -36.91
CA GLU D 393 -4.17 -87.41 -37.65
C GLU D 393 -4.35 -88.91 -37.89
N ALA D 394 -5.59 -89.33 -38.08
CA ALA D 394 -5.92 -90.75 -38.18
C ALA D 394 -5.83 -91.29 -39.60
N GLY D 395 -4.69 -91.88 -39.92
CA GLY D 395 -4.51 -92.67 -41.12
C GLY D 395 -4.28 -94.11 -40.68
N GLY D 396 -5.02 -94.51 -39.65
CA GLY D 396 -4.88 -95.82 -39.04
C GLY D 396 -4.05 -95.76 -37.76
N LYS D 397 -3.42 -94.62 -37.52
CA LYS D 397 -2.56 -94.46 -36.34
C LYS D 397 -2.07 -93.02 -36.18
N SER E 13 5.61 -29.39 11.98
CA SER E 13 4.43 -30.20 12.24
C SER E 13 3.52 -29.52 13.26
N ILE E 14 4.00 -28.43 13.85
CA ILE E 14 3.25 -27.69 14.86
C ILE E 14 1.81 -27.42 14.41
N GLN E 15 1.66 -26.89 13.20
CA GLN E 15 0.35 -26.58 12.65
C GLN E 15 -0.51 -27.82 12.58
N GLU E 16 0.11 -28.97 12.34
CA GLU E 16 -0.66 -30.22 12.28
C GLU E 16 -1.29 -30.50 13.63
N LEU E 17 -0.50 -30.37 14.69
CA LEU E 17 -0.98 -30.60 16.03
C LEU E 17 -2.05 -29.59 16.40
N TYR E 18 -1.79 -28.33 16.08
CA TYR E 18 -2.76 -27.27 16.33
C TYR E 18 -4.02 -27.48 15.47
N GLN E 19 -3.86 -28.04 14.28
CA GLN E 19 -5.00 -28.29 13.42
C GLN E 19 -5.84 -29.36 14.07
N SER E 20 -5.17 -30.40 14.55
CA SER E 20 -5.84 -31.45 15.30
C SER E 20 -6.48 -30.83 16.53
N LEU E 21 -5.82 -29.81 17.08
CA LEU E 21 -6.30 -29.13 18.27
C LEU E 21 -7.59 -28.34 18.01
N LYS E 22 -7.67 -27.69 16.86
CA LYS E 22 -8.83 -26.85 16.53
C LYS E 22 -10.17 -27.56 16.56
N GLU E 23 -10.16 -28.88 16.42
CA GLU E 23 -11.42 -29.62 16.26
C GLU E 23 -12.39 -29.52 17.43
N ILE E 24 -11.99 -28.87 18.51
CA ILE E 24 -12.85 -28.72 19.70
C ILE E 24 -14.05 -27.82 19.44
N THR E 25 -15.23 -28.28 19.84
CA THR E 25 -16.47 -27.52 19.72
C THR E 25 -17.12 -27.35 21.07
N ASN E 26 -18.05 -26.41 21.17
CA ASN E 26 -18.73 -26.15 22.43
C ASN E 26 -19.86 -27.14 22.71
N ASN E 27 -19.97 -27.55 23.97
CA ASN E 27 -21.05 -28.40 24.43
C ASN E 27 -21.97 -27.65 25.38
N ALA E 28 -23.21 -27.43 24.96
CA ALA E 28 -24.17 -26.66 25.75
C ALA E 28 -24.91 -27.54 26.75
N VAL E 30 -23.02 -23.20 27.69
CA VAL E 30 -22.33 -22.84 28.92
C VAL E 30 -22.46 -23.95 29.96
N GLU E 31 -21.34 -24.59 30.27
CA GLU E 31 -21.28 -25.63 31.29
C GLU E 31 -20.30 -25.22 32.39
N LEU E 32 -20.67 -25.51 33.63
CA LEU E 32 -19.82 -25.21 34.78
C LEU E 32 -18.43 -25.82 34.60
N PHE E 33 -17.40 -25.02 34.85
CA PHE E 33 -16.03 -25.44 34.59
C PHE E 33 -15.67 -26.75 35.27
N GLU E 34 -14.95 -27.59 34.55
CA GLU E 34 -14.49 -28.87 35.07
C GLU E 34 -13.00 -29.04 34.79
N ASP E 35 -12.21 -29.10 35.83
CA ASP E 35 -10.79 -29.40 35.70
C ASP E 35 -10.67 -30.80 35.13
N ARG E 36 -10.02 -30.91 33.97
CA ARG E 36 -9.96 -32.16 33.23
C ARG E 36 -8.59 -32.83 33.38
N ILE E 37 -8.58 -34.15 33.29
CA ILE E 37 -7.36 -34.93 33.36
C ILE E 37 -7.10 -35.60 32.03
N THR E 38 -5.94 -35.35 31.45
CA THR E 38 -5.61 -35.79 30.10
C THR E 38 -5.61 -37.30 29.95
N LYS E 39 -5.93 -37.75 28.74
CA LYS E 39 -5.87 -39.18 28.41
C LYS E 39 -4.48 -39.56 27.92
N LEU E 40 -3.63 -38.55 27.72
CA LEU E 40 -2.32 -38.76 27.13
C LEU E 40 -1.47 -39.71 27.97
N ASP E 41 -0.88 -40.71 27.31
CA ASP E 41 -0.01 -41.67 27.97
C ASP E 41 1.42 -41.17 27.92
N PHE E 42 1.80 -40.35 28.88
CA PHE E 42 3.15 -39.82 28.96
C PHE E 42 4.19 -40.93 28.93
N GLU E 43 3.89 -42.03 29.63
CA GLU E 43 4.78 -43.19 29.64
C GLU E 43 4.86 -43.82 28.26
N HIS E 50 13.96 -47.42 21.40
CA HIS E 50 14.28 -46.01 21.21
C HIS E 50 15.37 -45.55 22.19
N ALA E 51 15.58 -46.34 23.24
CA ALA E 51 16.56 -45.99 24.27
C ALA E 51 17.97 -45.91 23.69
N ASN E 52 18.31 -46.89 22.85
CA ASN E 52 19.57 -46.88 22.13
C ASN E 52 19.71 -45.59 21.33
N ASP E 53 18.61 -45.17 20.73
CA ASP E 53 18.59 -43.94 19.95
C ASP E 53 18.93 -42.75 20.84
N ILE E 54 18.34 -42.72 22.04
CA ILE E 54 18.57 -41.63 22.97
C ILE E 54 20.03 -41.63 23.40
N ILE E 55 20.54 -42.79 23.80
CA ILE E 55 21.93 -42.90 24.23
C ILE E 55 22.89 -42.49 23.11
N LYS E 56 22.62 -42.96 21.89
CA LYS E 56 23.46 -42.62 20.74
C LYS E 56 23.40 -41.12 20.46
N ASP E 57 22.18 -40.58 20.51
CA ASP E 57 21.96 -39.16 20.26
C ASP E 57 22.55 -38.32 21.38
N ARG E 58 22.55 -38.87 22.59
CA ARG E 58 22.97 -38.12 23.78
C ARG E 58 24.48 -38.12 23.98
N PHE E 59 25.10 -39.30 23.94
CA PHE E 59 26.48 -39.44 24.38
C PHE E 59 27.55 -39.45 23.29
N LEU E 60 27.34 -40.25 22.25
CA LEU E 60 28.40 -40.51 21.28
C LEU E 60 28.18 -39.82 19.93
N ARG E 61 27.20 -38.92 19.86
CA ARG E 61 26.91 -38.21 18.62
C ARG E 61 27.87 -37.01 18.44
N PRO E 62 28.40 -36.81 17.21
CA PRO E 62 29.32 -35.68 16.99
C PRO E 62 28.64 -34.31 17.15
N SER E 63 29.46 -33.27 17.20
CA SER E 63 28.99 -31.91 17.41
C SER E 63 29.10 -31.16 16.09
N ASN E 64 27.97 -30.68 15.56
CA ASN E 64 27.96 -29.78 14.41
C ASN E 64 28.70 -28.50 14.79
N ALA E 65 28.36 -27.98 15.96
CA ALA E 65 28.95 -26.75 16.49
C ALA E 65 29.89 -27.08 17.64
N LEU E 66 31.15 -26.67 17.49
CA LEU E 66 32.21 -27.02 18.44
C LEU E 66 31.95 -26.44 19.83
N PRO E 67 32.17 -27.25 20.89
CA PRO E 67 31.96 -26.80 22.26
C PRO E 67 33.15 -26.02 22.80
N TRP E 68 33.00 -25.42 23.98
CA TRP E 68 34.08 -24.62 24.56
C TRP E 68 35.30 -25.49 24.87
N SER E 69 35.04 -26.72 25.31
CA SER E 69 36.08 -27.65 25.70
C SER E 69 37.16 -27.77 24.65
N LEU E 70 36.74 -27.88 23.39
CA LEU E 70 37.67 -27.98 22.27
C LEU E 70 38.14 -26.61 21.81
N LEU E 71 37.26 -25.61 21.93
CA LEU E 71 37.60 -24.24 21.53
C LEU E 71 38.80 -23.73 22.29
N ASP E 72 38.83 -23.96 23.61
CA ASP E 72 39.98 -23.58 24.43
C ASP E 72 41.24 -24.19 23.85
N MET E 73 41.11 -25.39 23.30
CA MET E 73 42.21 -26.08 22.66
C MET E 73 42.50 -25.44 21.31
N VAL E 74 41.44 -25.03 20.61
CA VAL E 74 41.54 -24.56 19.23
C VAL E 74 41.99 -23.11 19.03
N GLN E 75 41.34 -22.16 19.71
CA GLN E 75 41.51 -20.75 19.39
C GLN E 75 42.65 -20.10 20.17
N ASP E 76 43.41 -19.24 19.50
CA ASP E 76 44.53 -18.54 20.10
C ASP E 76 44.29 -17.03 20.08
N VAL E 77 44.22 -16.43 21.26
CA VAL E 77 44.07 -14.98 21.38
C VAL E 77 45.35 -14.27 20.90
N PRO E 78 45.20 -13.15 20.16
CA PRO E 78 46.40 -12.37 19.81
C PRO E 78 46.95 -11.59 21.00
N LYS E 93 47.57 7.21 22.83
CA LYS E 93 47.58 7.83 21.51
C LYS E 93 46.17 8.24 21.08
N GLU E 94 45.32 7.25 20.79
CA GLU E 94 43.97 7.50 20.29
C GLU E 94 43.00 7.91 21.40
N LEU E 95 43.36 7.62 22.65
CA LEU E 95 42.48 7.90 23.79
C LEU E 95 42.34 9.39 24.11
N LEU E 96 43.35 10.18 23.73
CA LEU E 96 43.36 11.60 24.07
C LEU E 96 42.09 12.29 23.57
N LYS E 97 41.41 12.99 24.47
CA LYS E 97 40.15 13.67 24.15
C LYS E 97 40.39 15.11 23.67
N VAL E 98 40.01 15.39 22.43
CA VAL E 98 40.10 16.75 21.89
C VAL E 98 38.92 17.56 22.39
N PRO E 99 39.15 18.82 22.80
CA PRO E 99 38.04 19.57 23.41
C PRO E 99 36.99 20.00 22.40
N ASP E 100 35.89 20.58 22.90
CA ASP E 100 34.79 21.00 22.05
C ASP E 100 35.08 22.38 21.48
N PRO E 101 34.49 22.68 20.31
CA PRO E 101 34.64 24.03 19.74
C PRO E 101 34.03 25.09 20.66
N ILE E 102 34.38 26.35 20.42
CA ILE E 102 33.87 27.46 21.20
C ILE E 102 33.07 28.39 20.31
N ASN E 103 31.96 28.91 20.84
CA ASN E 103 31.14 29.86 20.11
C ASN E 103 30.89 31.11 20.96
N ARG E 104 31.39 32.24 20.47
CA ARG E 104 31.25 33.52 21.17
C ARG E 104 30.10 34.33 20.59
N THR E 105 29.85 34.14 19.30
CA THR E 105 28.77 34.86 18.64
C THR E 105 27.42 34.43 19.16
N SER E 106 26.57 35.41 19.42
CA SER E 106 25.20 35.15 19.86
C SER E 106 24.29 36.22 19.30
N TYR E 107 23.02 35.88 19.13
CA TYR E 107 22.04 36.82 18.62
C TYR E 107 21.60 37.80 19.69
N GLN E 108 21.49 39.07 19.31
CA GLN E 108 20.82 40.07 20.12
C GLN E 108 19.73 40.67 19.28
N PHE E 109 18.51 40.70 19.84
CA PHE E 109 17.34 41.15 19.12
C PHE E 109 16.99 42.57 19.54
N LYS E 110 16.90 43.45 18.55
CA LYS E 110 16.59 44.85 18.80
C LYS E 110 15.16 45.18 18.38
N ARG E 111 14.44 45.85 19.29
CA ARG E 111 13.06 46.27 19.07
C ARG E 111 12.98 47.73 18.68
N THR E 112 12.10 48.04 17.74
CA THR E 112 11.88 49.40 17.26
C THR E 112 10.41 49.79 17.43
N GLY E 113 10.17 50.86 18.17
CA GLY E 113 8.82 51.36 18.39
C GLY E 113 8.30 51.06 19.78
N LEU E 114 7.20 51.70 20.14
CA LEU E 114 6.57 51.51 21.44
C LEU E 114 5.80 50.20 21.48
N GLU E 115 6.26 49.26 22.30
CA GLU E 115 5.63 47.95 22.39
C GLU E 115 5.66 47.23 21.05
N GLY E 116 6.84 47.22 20.42
CA GLY E 116 7.02 46.62 19.12
C GLY E 116 7.83 45.34 19.22
N LYS E 117 7.56 44.42 18.30
CA LYS E 117 8.35 43.20 18.20
C LYS E 117 9.76 43.54 17.76
N ILE E 118 10.67 42.57 17.85
CA ILE E 118 12.06 42.78 17.48
C ILE E 118 12.18 43.35 16.07
N SER E 119 12.76 44.55 16.00
CA SER E 119 12.96 45.21 14.72
C SER E 119 14.00 44.43 13.94
N GLY E 120 15.02 43.93 14.63
CA GLY E 120 16.07 43.18 13.98
C GLY E 120 16.92 42.30 14.88
N TYR E 121 17.82 41.56 14.25
CA TYR E 121 18.76 40.71 14.96
C TYR E 121 20.20 41.02 14.53
N LYS E 122 21.11 41.08 15.49
CA LYS E 122 22.54 41.30 15.21
C LYS E 122 23.40 40.30 15.99
N GLU E 123 24.56 39.97 15.45
CA GLU E 123 25.50 39.09 16.14
C GLU E 123 26.39 39.89 17.09
N GLU E 124 26.49 39.44 18.33
CA GLU E 124 27.36 40.08 19.31
C GLU E 124 28.03 39.02 20.16
N VAL E 125 29.11 39.42 20.82
CA VAL E 125 29.88 38.49 21.64
C VAL E 125 29.49 38.58 23.12
N ASP E 126 29.06 37.46 23.68
CA ASP E 126 28.77 37.37 25.11
C ASP E 126 29.18 35.98 25.63
N LEU E 127 30.04 35.98 26.64
CA LEU E 127 30.59 34.73 27.16
C LEU E 127 31.07 34.89 28.60
N LYS E 128 31.31 33.75 29.25
CA LYS E 128 31.76 33.73 30.64
C LYS E 128 32.67 32.53 30.88
N GLU E 129 33.93 32.79 31.21
CA GLU E 129 34.91 31.74 31.50
C GLU E 129 35.05 30.79 30.31
N VAL E 130 35.05 29.48 30.57
CA VAL E 130 35.06 28.50 29.48
C VAL E 130 33.63 28.21 29.05
N ALA E 131 33.47 27.24 28.14
CA ALA E 131 32.14 26.79 27.72
C ALA E 131 31.34 26.30 28.92
N ASN E 132 30.18 26.89 29.12
CA ASN E 132 29.41 26.67 30.35
C ASN E 132 29.08 25.20 30.59
N ALA E 133 29.68 24.63 31.63
CA ALA E 133 29.38 23.27 32.07
C ALA E 133 28.75 23.28 33.45
N ASN E 134 27.91 22.28 33.73
CA ASN E 134 27.20 22.23 35.00
C ASN E 134 28.15 22.07 36.17
N ALA E 135 29.17 21.23 35.98
CA ALA E 135 30.15 20.95 37.01
C ALA E 135 31.55 21.31 36.53
N SER E 136 31.81 21.04 35.26
CA SER E 136 33.15 21.13 34.70
C SER E 136 33.78 22.51 34.83
N ASN E 137 32.98 23.57 34.76
CA ASN E 137 33.52 24.91 34.55
C ASN E 137 32.99 26.03 35.45
N SER E 138 31.70 26.01 35.78
CA SER E 138 31.06 27.20 36.34
C SER E 138 30.11 26.96 37.51
N LEU E 139 29.98 28.01 38.33
CA LEU E 139 29.00 28.05 39.42
C LEU E 139 27.86 28.99 39.06
N SER E 140 28.00 29.71 37.96
CA SER E 140 27.00 30.68 37.52
C SER E 140 25.67 30.00 37.23
N ILE E 141 24.59 30.75 37.40
CA ILE E 141 23.25 30.24 37.16
C ILE E 141 23.02 30.00 35.68
N THR E 142 23.82 30.68 34.85
CA THR E 142 23.66 30.59 33.40
C THR E 142 24.26 29.30 32.84
N ARG E 143 24.77 28.44 33.73
CA ARG E 143 25.42 27.22 33.29
C ARG E 143 24.45 26.33 32.53
N SER E 144 24.95 25.69 31.48
CA SER E 144 24.13 24.85 30.61
C SER E 144 23.49 23.73 31.41
N ILE E 145 22.21 23.49 31.16
CA ILE E 145 21.49 22.41 31.82
C ILE E 145 22.03 21.06 31.34
N ASN E 146 22.08 20.09 32.26
CA ASN E 146 22.44 18.73 31.91
C ASN E 146 21.18 17.88 31.72
N HIS E 147 20.82 17.63 30.46
CA HIS E 147 19.61 16.87 30.13
C HIS E 147 19.65 15.46 30.72
N ASN E 148 20.86 14.91 30.83
CA ASN E 148 21.04 13.58 31.39
C ASN E 148 20.94 13.58 32.91
N GLN E 149 21.43 14.65 33.53
CA GLN E 149 21.41 14.77 34.99
C GLN E 149 20.01 15.09 35.51
N ASN E 150 19.76 14.75 36.77
CA ASN E 150 18.44 14.94 37.37
C ASN E 150 18.17 16.41 37.65
N SER E 151 16.90 16.80 37.51
CA SER E 151 16.50 18.20 37.64
C SER E 151 16.32 18.60 39.10
N VAL E 152 15.79 17.68 39.91
CA VAL E 152 15.42 17.98 41.29
C VAL E 152 16.43 17.43 42.30
N ARG E 153 16.75 16.15 42.17
CA ARG E 153 17.62 15.47 43.13
C ARG E 153 19.05 16.01 43.13
N GLY E 154 19.51 16.46 41.96
CA GLY E 154 20.86 16.96 41.83
C GLY E 154 21.88 15.84 41.81
N SER E 155 23.16 16.20 41.70
CA SER E 155 24.23 15.22 41.66
C SER E 155 25.45 15.75 42.43
N THR E 156 26.35 14.84 42.79
CA THR E 156 27.58 15.22 43.48
C THR E 156 28.48 16.02 42.55
N ALA E 157 28.48 15.64 41.28
CA ALA E 157 29.30 16.32 40.28
C ALA E 157 28.92 17.79 40.15
N GLN E 158 27.63 18.04 39.92
CA GLN E 158 27.13 19.39 39.76
C GLN E 158 27.51 20.28 40.93
N LEU E 159 28.21 21.37 40.65
CA LEU E 159 28.56 22.33 41.68
C LEU E 159 27.35 23.21 41.97
N PRO E 160 27.19 23.67 43.22
CA PRO E 160 25.99 24.40 43.61
C PRO E 160 25.93 25.76 42.91
N PHE E 161 24.75 26.36 42.93
CA PHE E 161 24.58 27.68 42.33
C PHE E 161 25.10 28.73 43.30
N THR E 162 25.50 29.86 42.74
CA THR E 162 26.11 30.94 43.51
C THR E 162 25.20 31.42 44.64
N PRO E 163 25.64 31.26 45.90
CA PRO E 163 24.84 31.76 47.02
C PRO E 163 24.87 33.28 47.14
N GLY E 164 23.69 33.90 47.10
CA GLY E 164 23.61 35.35 47.11
C GLY E 164 23.81 35.94 48.50
N GLY E 165 24.48 37.09 48.55
CA GLY E 165 24.60 37.85 49.77
C GLY E 165 25.78 37.48 50.65
N ILE E 166 26.40 36.34 50.36
CA ILE E 166 27.55 35.86 51.12
C ILE E 166 28.80 35.98 50.25
N PRO E 167 29.53 37.11 50.37
CA PRO E 167 30.73 37.32 49.55
C PRO E 167 31.69 36.14 49.60
N MET E 168 31.93 35.54 48.44
CA MET E 168 32.77 34.35 48.34
C MET E 168 33.80 34.53 47.24
N LYS E 169 35.01 34.05 47.48
CA LYS E 169 36.08 34.13 46.51
C LYS E 169 36.11 32.87 45.65
N THR E 182 45.57 37.40 37.50
CA THR E 182 44.88 36.15 37.77
C THR E 182 45.65 34.96 37.21
N MET E 183 45.79 34.94 35.89
CA MET E 183 46.52 33.87 35.22
C MET E 183 47.99 33.92 35.59
N ALA E 184 48.55 35.13 35.57
CA ALA E 184 49.95 35.33 35.90
C ALA E 184 50.26 34.83 37.31
N ASN E 185 49.35 35.08 38.25
CA ASN E 185 49.53 34.62 39.62
C ASN E 185 49.49 33.10 39.70
N ALA E 186 48.49 32.52 39.05
CA ALA E 186 48.33 31.06 39.00
C ALA E 186 49.56 30.42 38.38
N THR E 187 50.13 31.10 37.39
CA THR E 187 51.37 30.63 36.77
C THR E 187 52.57 30.82 37.68
N LYS E 188 52.61 31.96 38.39
CA LYS E 188 53.73 32.29 39.26
C LYS E 188 53.77 31.41 40.51
N LEU E 189 52.60 31.00 40.97
CA LEU E 189 52.47 30.23 42.21
C LEU E 189 53.26 28.91 42.25
N LEU E 190 53.12 28.10 41.21
CA LEU E 190 53.61 26.70 41.23
C LEU E 190 54.66 26.37 40.17
N HIS E 191 55.14 27.37 39.44
CA HIS E 191 56.10 27.13 38.37
C HIS E 191 57.47 26.69 38.89
N LYS E 192 57.91 25.51 38.46
CA LYS E 192 59.29 25.05 38.69
C LYS E 192 59.96 25.06 37.33
N ASP E 193 59.67 26.10 36.57
CA ASP E 193 59.98 26.15 35.14
C ASP E 193 61.47 26.17 34.81
N GLY E 194 61.86 25.32 33.87
CA GLY E 194 63.20 25.35 33.32
C GLY E 194 63.14 25.96 31.93
N GLN E 195 63.83 27.08 31.74
CA GLN E 195 63.82 27.79 30.46
C GLN E 195 62.42 28.27 30.08
N GLY E 196 61.61 28.60 31.08
CA GLY E 196 60.29 29.16 30.86
C GLY E 196 59.20 28.12 30.63
N LEU E 197 59.57 26.84 30.76
CA LEU E 197 58.65 25.73 30.55
C LEU E 197 58.44 24.97 31.86
N PHE E 198 57.18 24.83 32.26
CA PHE E 198 56.82 24.17 33.51
C PHE E 198 57.36 22.73 33.58
N ASP E 199 58.15 22.46 34.61
CA ASP E 199 58.76 21.15 34.81
C ASP E 199 58.06 20.38 35.92
N ILE E 200 57.01 20.98 36.48
CA ILE E 200 56.29 20.38 37.61
C ILE E 200 54.79 20.68 37.53
N PRO E 201 53.93 19.65 37.69
CA PRO E 201 52.47 19.83 37.72
C PRO E 201 51.96 20.30 39.09
N GLU E 202 50.84 21.03 39.09
CA GLU E 202 50.31 21.61 40.32
C GLU E 202 49.91 20.54 41.33
N GLY E 203 50.38 20.67 42.56
CA GLY E 203 49.99 19.77 43.63
C GLY E 203 50.64 18.39 43.61
N MET E 204 51.72 18.27 42.85
CA MET E 204 52.49 17.03 42.77
C MET E 204 53.97 17.36 42.64
N ASN E 205 54.81 16.34 42.73
CA ASN E 205 56.26 16.51 42.86
C ASN E 205 57.07 16.15 41.62
N ARG E 206 56.96 14.90 41.18
CA ARG E 206 57.93 14.32 40.24
C ARG E 206 58.07 15.04 38.89
N GLY E 207 56.99 15.09 38.11
CA GLY E 207 57.09 15.45 36.71
C GLY E 207 57.45 14.22 35.91
N ILE E 208 57.37 14.30 34.58
CA ILE E 208 57.55 13.13 33.73
C ILE E 208 59.02 12.77 33.51
N LYS E 209 59.43 11.64 34.09
CA LYS E 209 60.77 11.09 33.87
C LYS E 209 60.66 9.85 32.98
N PRO E 210 61.27 9.88 31.78
CA PRO E 210 60.91 8.83 30.83
C PRO E 210 61.70 7.51 31.00
N MET E 211 61.15 6.39 30.54
CA MET E 211 61.87 5.13 30.62
C MET E 211 62.79 4.98 29.40
N ASP E 212 62.28 5.37 28.23
CA ASP E 212 63.05 5.28 27.01
C ASP E 212 63.55 6.65 26.57
N UNK E 256 64.27 25.24 18.88
CA UNK E 256 63.52 26.43 18.43
C UNK E 256 62.06 26.52 19.03
N UNK E 257 61.36 25.38 19.13
CA UNK E 257 60.00 25.32 19.74
C UNK E 257 59.90 26.02 21.15
N UNK E 258 60.90 25.78 22.00
CA UNK E 258 61.02 26.48 23.29
C UNK E 258 60.98 28.06 23.15
N UNK E 259 61.83 28.62 22.31
CA UNK E 259 61.76 30.06 21.95
C UNK E 259 60.33 30.52 21.46
N UNK E 260 59.67 29.70 20.64
CA UNK E 260 58.27 29.93 20.25
C UNK E 260 57.26 29.97 21.47
N UNK E 261 57.33 28.97 22.34
CA UNK E 261 56.54 28.95 23.60
C UNK E 261 56.82 30.17 24.55
N UNK E 262 58.09 30.49 24.78
CA UNK E 262 58.48 31.74 25.49
C UNK E 262 57.85 33.04 24.88
N UNK E 263 58.02 33.24 23.56
CA UNK E 263 57.32 34.32 22.81
C UNK E 263 55.76 34.13 22.76
N UNK E 264 55.31 32.87 22.86
CA UNK E 264 53.87 32.54 22.88
C UNK E 264 53.14 32.84 24.24
N UNK E 265 53.88 32.86 25.36
CA UNK E 265 53.30 33.27 26.67
C UNK E 265 52.33 34.50 26.58
N UNK E 266 52.83 35.62 26.06
CA UNK E 266 51.98 36.82 25.69
C UNK E 266 50.64 37.02 26.48
N UNK E 267 50.72 37.30 27.78
CA UNK E 267 49.50 37.52 28.60
C UNK E 267 48.68 38.79 28.23
N UNK E 268 47.37 38.66 28.10
CA UNK E 268 46.51 39.81 27.80
C UNK E 268 45.00 39.61 28.15
N UNK E 269 44.60 39.97 29.36
CA UNK E 269 43.17 39.91 29.74
C UNK E 269 42.25 40.77 28.85
N UNK E 270 42.58 42.05 28.70
CA UNK E 270 41.79 42.99 27.86
C UNK E 270 40.24 42.87 28.01
N UNK E 271 39.73 42.92 29.23
CA UNK E 271 38.26 42.84 29.48
C UNK E 271 37.39 43.73 28.54
N UNK E 272 37.74 45.00 28.39
CA UNK E 272 37.00 45.90 27.48
C UNK E 272 35.45 45.99 27.75
N UNK E 273 35.01 45.64 28.95
CA UNK E 273 33.59 45.84 29.35
C UNK E 273 33.16 47.35 29.33
N UNK E 274 34.03 48.24 29.82
CA UNK E 274 33.84 49.71 29.70
C UNK E 274 33.73 50.22 28.21
N UNK E 275 34.43 49.56 27.29
CA UNK E 275 34.27 49.80 25.85
C UNK E 275 32.80 49.52 25.33
N UNK E 276 32.23 48.38 25.71
CA UNK E 276 30.80 48.07 25.43
C UNK E 276 29.78 49.12 26.05
N UNK E 277 29.92 49.41 27.34
CA UNK E 277 29.17 50.51 28.01
C UNK E 277 29.40 51.94 27.37
N UNK E 278 30.67 52.30 27.12
CA UNK E 278 31.00 53.52 26.34
C UNK E 278 30.35 53.55 24.91
N UNK E 279 30.37 52.41 24.21
CA UNK E 279 29.65 52.24 22.93
C UNK E 279 28.10 52.51 23.02
N UNK E 280 27.45 51.93 24.02
CA UNK E 280 26.05 52.25 24.35
C UNK E 280 25.80 53.77 24.68
N UNK E 281 26.48 54.29 25.69
CA UNK E 281 26.47 55.74 26.02
C UNK E 281 26.79 56.71 24.81
N UNK E 282 27.89 56.45 24.10
CA UNK E 282 28.21 57.18 22.84
C UNK E 282 27.06 57.11 21.75
N UNK E 283 26.49 55.93 21.55
CA UNK E 283 25.30 55.76 20.68
C UNK E 283 24.04 56.61 21.11
N UNK E 284 23.75 56.61 22.42
CA UNK E 284 22.71 57.50 23.01
C UNK E 284 23.03 59.04 22.84
N UNK E 285 24.29 59.43 23.04
CA UNK E 285 24.77 60.80 22.74
C UNK E 285 24.63 61.20 21.21
N UNK E 286 25.05 60.31 20.32
CA UNK E 286 24.84 60.48 18.85
C UNK E 286 23.31 60.59 18.43
N UNK E 287 22.47 59.71 18.94
CA UNK E 287 20.99 59.78 18.74
C UNK E 287 20.32 61.10 19.34
N UNK E 288 20.76 61.54 20.51
CA UNK E 288 20.36 62.84 21.09
C UNK E 288 20.81 64.08 20.23
N UNK E 289 22.06 64.07 19.75
CA UNK E 289 22.56 65.07 18.77
C UNK E 289 21.80 65.06 17.38
N UNK E 290 21.56 63.87 16.82
CA UNK E 290 20.71 63.70 15.62
C UNK E 290 19.23 64.20 15.79
N UNK E 291 18.58 63.83 16.90
CA UNK E 291 17.24 64.37 17.24
C UNK E 291 17.20 65.95 17.38
N UNK E 292 18.30 66.56 17.81
CA UNK E 292 18.39 68.04 17.95
C UNK E 292 18.83 68.79 16.64
N UNK E 293 5.37 80.65 8.80
CA UNK E 293 6.21 80.38 9.98
C UNK E 293 6.48 81.66 10.89
N UNK E 294 5.96 82.82 10.51
CA UNK E 294 6.12 84.07 11.29
C UNK E 294 5.53 84.03 12.77
N UNK E 295 4.27 83.63 12.90
CA UNK E 295 3.63 83.44 14.22
C UNK E 295 4.27 82.31 15.12
N UNK E 296 4.71 81.22 14.51
CA UNK E 296 5.40 80.10 15.20
C UNK E 296 6.88 80.39 15.66
N UNK E 297 7.60 81.23 14.90
CA UNK E 297 8.98 81.65 15.26
C UNK E 297 9.12 82.24 16.73
N UNK E 298 8.18 83.08 17.13
CA UNK E 298 8.11 83.58 18.53
C UNK E 298 8.16 82.43 19.62
N UNK E 299 7.38 81.38 19.41
CA UNK E 299 7.46 80.14 20.23
C UNK E 299 8.88 79.45 20.15
N UNK E 300 9.47 79.40 18.96
CA UNK E 300 10.85 78.91 18.76
C UNK E 300 11.95 79.73 19.56
N UNK E 301 11.90 81.06 19.47
CA UNK E 301 12.79 81.94 20.27
C UNK E 301 12.59 81.84 21.83
N UNK E 302 11.34 81.71 22.28
CA UNK E 302 11.01 81.56 23.72
C UNK E 302 11.18 80.10 24.29
N UNK E 303 10.84 79.09 23.50
CA UNK E 303 10.97 77.66 23.92
C UNK E 303 12.44 77.15 24.15
N UNK E 304 13.40 77.67 23.39
CA UNK E 304 14.82 77.23 23.53
C UNK E 304 15.41 77.36 24.99
N GLU E 305 19.12 45.72 52.13
CA GLU E 305 19.82 44.71 52.91
C GLU E 305 19.56 44.91 54.39
N TRP E 306 18.42 45.50 54.72
CA TRP E 306 18.06 45.74 56.10
C TRP E 306 16.73 45.08 56.40
N ALA E 307 16.56 44.64 57.64
CA ALA E 307 15.32 44.05 58.09
C ALA E 307 14.38 45.08 58.71
N HIS E 308 13.30 45.40 58.00
CA HIS E 308 12.37 46.43 58.43
C HIS E 308 11.32 45.84 59.36
N VAL E 309 10.61 46.71 60.08
CA VAL E 309 9.61 46.28 61.05
C VAL E 309 8.30 47.00 60.80
N VAL E 310 7.25 46.24 60.53
CA VAL E 310 5.93 46.81 60.28
C VAL E 310 5.29 47.25 61.59
N ASP E 311 4.87 48.50 61.65
CA ASP E 311 4.15 49.02 62.80
C ASP E 311 2.78 48.35 62.88
N LEU E 312 2.58 47.57 63.93
CA LEU E 312 1.32 46.84 64.12
C LEU E 312 0.15 47.81 64.28
N ASN E 313 0.39 48.91 65.00
CA ASN E 313 -0.65 49.90 65.22
C ASN E 313 -1.09 50.55 63.91
N HIS E 314 -0.15 50.73 62.99
CA HIS E 314 -0.43 51.31 61.68
C HIS E 314 -1.43 50.43 60.93
N LYS E 315 -2.40 51.08 60.29
CA LYS E 315 -3.47 50.37 59.59
C LYS E 315 -3.51 50.72 58.09
N ILE E 316 -3.63 49.70 57.25
CA ILE E 316 -3.80 49.90 55.82
C ILE E 316 -5.27 50.17 55.52
N GLU E 317 -5.58 51.40 55.14
CA GLU E 317 -6.96 51.84 54.96
C GLU E 317 -7.72 51.01 53.92
N ASN E 318 -7.15 50.87 52.74
CA ASN E 318 -7.81 50.19 51.63
C ASN E 318 -6.96 49.10 51.00
N PHE E 319 -7.23 47.85 51.36
CA PHE E 319 -6.55 46.71 50.77
C PHE E 319 -7.04 46.50 49.34
N ASP E 320 -8.25 46.97 49.08
CA ASP E 320 -8.85 46.85 47.75
C ASP E 320 -8.20 47.81 46.76
N GLU E 321 -7.78 48.97 47.26
CA GLU E 321 -7.20 50.01 46.41
C GLU E 321 -5.66 49.95 46.39
N LEU E 322 -5.09 49.39 47.44
CA LEU E 322 -3.64 49.28 47.55
C LEU E 322 -3.05 48.41 46.46
N ILE E 323 -3.67 47.25 46.23
CA ILE E 323 -3.25 46.32 45.19
C ILE E 323 -4.38 46.06 44.20
N PRO E 324 -4.25 46.56 42.96
CA PRO E 324 -5.36 46.38 42.01
C PRO E 324 -5.59 44.92 41.64
N ASN E 325 -4.51 44.19 41.37
CA ASN E 325 -4.59 42.79 40.96
C ASN E 325 -3.95 41.86 41.97
N PRO E 326 -4.74 41.30 42.89
CA PRO E 326 -4.22 40.34 43.87
C PRO E 326 -4.20 38.93 43.31
N ALA E 327 -3.25 38.13 43.77
CA ALA E 327 -3.11 36.76 43.27
C ALA E 327 -4.26 35.87 43.76
N ARG E 328 -4.66 36.07 45.01
CA ARG E 328 -5.79 35.33 45.59
C ARG E 328 -6.65 36.26 46.44
N SER E 329 -7.92 35.90 46.56
CA SER E 329 -8.85 36.68 47.36
C SER E 329 -9.71 35.76 48.22
N TRP E 330 -9.86 36.12 49.49
CA TRP E 330 -10.71 35.38 50.41
C TRP E 330 -11.94 36.22 50.75
N PRO E 331 -13.12 35.59 50.86
CA PRO E 331 -14.32 36.38 51.17
C PRO E 331 -14.21 37.09 52.52
N PHE E 332 -13.69 36.41 53.53
CA PHE E 332 -13.46 37.05 54.82
C PHE E 332 -12.31 38.04 54.72
N GLU E 333 -12.47 39.20 55.35
CA GLU E 333 -11.46 40.26 55.28
C GLU E 333 -10.19 39.80 55.98
N LEU E 334 -9.05 39.99 55.33
CA LEU E 334 -7.77 39.56 55.88
C LEU E 334 -7.39 40.43 57.07
N ASP E 335 -6.62 39.85 57.99
CA ASP E 335 -6.16 40.59 59.16
C ASP E 335 -5.26 41.73 58.74
N THR E 336 -4.94 42.61 59.68
CA THR E 336 -4.10 43.77 59.38
C THR E 336 -2.71 43.30 58.99
N PHE E 337 -2.14 42.42 59.81
CA PHE E 337 -0.82 41.88 59.57
C PHE E 337 -0.78 41.12 58.24
N GLN E 338 -1.85 40.38 57.95
CA GLN E 338 -1.96 39.65 56.70
C GLN E 338 -1.91 40.63 55.52
N LYS E 339 -2.74 41.67 55.59
CA LYS E 339 -2.79 42.68 54.55
C LYS E 339 -1.42 43.32 54.33
N GLU E 340 -0.78 43.74 55.42
CA GLU E 340 0.57 44.30 55.33
C GLU E 340 1.54 43.33 54.67
N ALA E 341 1.50 42.07 55.10
CA ALA E 341 2.35 41.03 54.55
C ALA E 341 2.14 40.87 53.04
N VAL E 342 0.87 40.80 52.63
CA VAL E 342 0.54 40.70 51.22
C VAL E 342 1.11 41.89 50.48
N TYR E 343 0.88 43.08 51.02
CA TYR E 343 1.38 44.29 50.38
C TYR E 343 2.89 44.24 50.19
N HIS E 344 3.62 43.93 51.25
CA HIS E 344 5.08 43.87 51.19
C HIS E 344 5.55 42.76 50.27
N LEU E 345 4.80 41.66 50.24
CA LEU E 345 5.09 40.58 49.32
C LEU E 345 4.84 41.04 47.89
N GLU E 346 3.82 41.87 47.71
CA GLU E 346 3.45 42.37 46.39
C GLU E 346 4.47 43.34 45.84
N GLN E 347 5.16 44.05 46.72
CA GLN E 347 6.25 44.93 46.32
C GLN E 347 7.45 44.10 45.85
N GLY E 348 7.45 42.82 46.22
CA GLY E 348 8.51 41.90 45.85
C GLY E 348 9.50 41.65 46.97
N ASP E 349 9.33 42.37 48.07
CA ASP E 349 10.20 42.22 49.23
C ASP E 349 9.75 41.03 50.07
N SER E 350 10.68 40.47 50.85
CA SER E 350 10.41 39.29 51.66
C SER E 350 9.73 39.65 52.98
N VAL E 351 9.12 38.65 53.62
CA VAL E 351 8.38 38.89 54.86
C VAL E 351 8.67 37.85 55.94
N PHE E 352 8.51 38.28 57.19
CA PHE E 352 8.60 37.39 58.34
C PHE E 352 7.39 37.65 59.24
N VAL E 353 6.29 36.96 58.94
CA VAL E 353 5.12 37.00 59.80
C VAL E 353 5.26 35.91 60.85
N ALA E 354 5.03 36.26 62.11
CA ALA E 354 5.17 35.30 63.20
C ALA E 354 4.05 35.46 64.21
N ALA E 355 2.85 35.09 63.81
CA ALA E 355 1.69 35.12 64.69
C ALA E 355 1.61 33.80 65.45
N HIS E 356 0.65 33.71 66.37
CA HIS E 356 0.42 32.48 67.10
C HIS E 356 -0.04 31.38 66.14
N THR E 357 -0.11 30.16 66.65
CA THR E 357 -0.58 29.04 65.86
C THR E 357 -2.08 29.19 65.62
N SER E 358 -2.54 28.75 64.44
CA SER E 358 -3.95 28.84 64.08
C SER E 358 -4.41 30.29 63.92
N ALA E 359 -3.47 31.19 63.65
CA ALA E 359 -3.78 32.60 63.48
C ALA E 359 -4.32 32.90 62.09
N GLY E 360 -4.37 31.88 61.24
CA GLY E 360 -4.70 32.07 59.84
C GLY E 360 -3.51 32.70 59.14
N LYS E 361 -2.33 32.40 59.66
CA LYS E 361 -1.06 32.89 59.15
C LYS E 361 -0.81 32.40 57.73
N THR E 362 -1.23 31.17 57.45
CA THR E 362 -0.95 30.50 56.18
C THR E 362 -1.37 31.33 54.97
N VAL E 363 -2.31 32.25 55.16
CA VAL E 363 -2.76 33.12 54.08
C VAL E 363 -1.58 33.80 53.41
N VAL E 364 -0.52 34.05 54.19
CA VAL E 364 0.71 34.60 53.64
C VAL E 364 1.38 33.58 52.73
N ALA E 365 1.38 32.31 53.15
CA ALA E 365 2.04 31.27 52.39
C ALA E 365 1.27 30.99 51.12
N GLU E 366 -0.05 30.98 51.24
CA GLU E 366 -0.92 30.68 50.11
C GLU E 366 -0.85 31.77 49.06
N TYR E 367 -0.78 33.02 49.50
CA TYR E 367 -0.64 34.13 48.56
C TYR E 367 0.68 34.04 47.83
N ALA E 368 1.77 33.91 48.60
CA ALA E 368 3.11 33.81 48.04
C ALA E 368 3.19 32.77 46.93
N ILE E 369 2.58 31.61 47.17
CA ILE E 369 2.55 30.56 46.16
C ILE E 369 1.75 31.03 44.94
N ALA E 370 0.72 31.84 45.18
CA ALA E 370 -0.16 32.27 44.10
C ALA E 370 0.56 33.26 43.20
N MET E 371 1.41 34.08 43.79
CA MET E 371 2.23 35.01 43.03
C MET E 371 3.14 34.23 42.10
N ALA E 372 3.87 33.29 42.67
CA ALA E 372 4.81 32.46 41.91
C ALA E 372 4.15 31.89 40.68
N HIS E 373 2.92 31.42 40.84
CA HIS E 373 2.15 30.90 39.73
C HIS E 373 1.93 31.96 38.65
N ARG E 374 1.75 33.21 39.08
CA ARG E 374 1.49 34.31 38.15
C ARG E 374 2.76 34.70 37.40
N ASN E 375 3.89 34.61 38.10
CA ASN E 375 5.19 34.94 37.52
C ASN E 375 5.81 33.74 36.81
N MET E 376 5.05 32.66 36.66
CA MET E 376 5.54 31.44 36.02
C MET E 376 6.75 30.89 36.77
N THR E 377 6.83 31.20 38.06
CA THR E 377 7.92 30.75 38.91
C THR E 377 7.40 29.78 39.97
N LYS E 378 8.30 29.13 40.69
CA LYS E 378 7.92 28.07 41.62
C LYS E 378 8.12 28.48 43.08
N THR E 379 7.49 27.73 43.98
CA THR E 379 7.61 27.96 45.41
C THR E 379 7.99 26.68 46.14
N ILE E 380 8.99 26.74 47.00
CA ILE E 380 9.40 25.59 47.79
C ILE E 380 8.89 25.71 49.21
N TYR E 381 8.12 24.73 49.67
CA TYR E 381 7.60 24.76 51.02
C TYR E 381 8.34 23.75 51.89
N THR E 382 9.04 24.28 52.88
CA THR E 382 9.81 23.48 53.81
C THR E 382 9.29 23.62 55.23
N SER E 383 9.17 22.49 55.91
CA SER E 383 8.78 22.44 57.30
C SER E 383 9.71 21.46 58.02
N PRO E 384 10.10 21.77 59.27
CA PRO E 384 11.01 20.91 60.02
C PRO E 384 10.54 19.46 60.18
N ILE E 385 9.28 19.27 60.55
CA ILE E 385 8.75 17.93 60.78
C ILE E 385 8.59 17.16 59.46
N LYS E 386 9.33 16.07 59.33
CA LYS E 386 9.27 15.23 58.13
C LYS E 386 7.88 14.63 57.97
N ALA E 387 7.23 14.34 59.10
CA ALA E 387 5.88 13.79 59.09
C ALA E 387 4.83 14.84 58.70
N LEU E 388 5.11 16.10 59.01
CA LEU E 388 4.17 17.20 58.78
C LEU E 388 3.97 17.50 57.29
N SER E 389 5.01 17.24 56.50
CA SER E 389 5.00 17.53 55.07
C SER E 389 3.81 16.87 54.36
N ASN E 390 3.57 15.60 54.64
CA ASN E 390 2.47 14.88 54.04
C ASN E 390 1.15 15.60 54.31
N GLN E 391 0.93 15.94 55.58
CA GLN E 391 -0.27 16.68 55.99
C GLN E 391 -0.36 17.95 55.19
N LYS E 392 0.76 18.66 55.11
CA LYS E 392 0.82 19.88 54.32
C LYS E 392 0.42 19.60 52.88
N PHE E 393 0.90 18.48 52.33
CA PHE E 393 0.61 18.12 50.95
C PHE E 393 -0.88 17.97 50.78
N ARG E 394 -1.50 17.08 51.55
CA ARG E 394 -2.94 16.88 51.44
C ARG E 394 -3.66 18.22 51.62
N ASP E 395 -3.34 18.94 52.68
CA ASP E 395 -3.99 20.22 52.99
C ASP E 395 -3.90 21.18 51.82
N PHE E 396 -2.70 21.36 51.29
CA PHE E 396 -2.52 22.31 50.20
C PHE E 396 -3.17 21.84 48.91
N LYS E 397 -3.08 20.56 48.57
CA LYS E 397 -3.82 20.10 47.41
C LYS E 397 -5.32 20.28 47.60
N GLU E 398 -5.81 20.16 48.83
CA GLU E 398 -7.19 20.51 49.13
C GLU E 398 -7.50 21.99 48.89
N THR E 399 -6.49 22.86 49.00
CA THR E 399 -6.70 24.31 48.96
C THR E 399 -6.75 24.90 47.55
N PHE E 400 -5.63 24.79 46.83
CA PHE E 400 -5.42 25.57 45.60
C PHE E 400 -6.36 25.25 44.46
N ASP E 401 -6.31 26.12 43.44
CA ASP E 401 -7.16 26.00 42.27
C ASP E 401 -6.32 26.20 41.02
N ASP E 402 -6.26 25.17 40.18
CA ASP E 402 -5.50 25.23 38.94
C ASP E 402 -4.01 25.41 39.21
N VAL E 403 -3.59 25.09 40.44
CA VAL E 403 -2.18 25.10 40.80
C VAL E 403 -1.72 23.68 41.07
N ASN E 404 -0.60 23.29 40.48
CA ASN E 404 -0.02 21.98 40.74
C ASN E 404 0.81 21.99 42.01
N ILE E 405 0.67 20.94 42.82
CA ILE E 405 1.45 20.80 44.05
C ILE E 405 2.17 19.44 44.07
N GLY E 406 3.38 19.43 44.61
CA GLY E 406 4.17 18.21 44.70
C GLY E 406 4.76 17.95 46.07
N LEU E 407 5.52 16.86 46.16
CA LEU E 407 6.17 16.48 47.40
C LEU E 407 7.45 15.73 47.11
N ILE E 408 8.53 16.11 47.80
CA ILE E 408 9.82 15.44 47.63
C ILE E 408 10.45 15.06 48.97
N THR E 409 10.88 13.80 49.08
CA THR E 409 11.57 13.30 50.27
C THR E 409 12.70 12.36 49.87
N GLY E 410 13.14 11.53 50.81
CA GLY E 410 14.22 10.60 50.55
C GLY E 410 13.85 9.49 49.57
N ASP E 411 12.66 8.90 49.77
CA ASP E 411 12.23 7.77 48.97
C ASP E 411 11.22 8.20 47.91
N VAL E 412 10.13 8.82 48.34
CA VAL E 412 9.04 9.19 47.45
C VAL E 412 9.29 10.51 46.73
N GLN E 413 8.90 10.56 45.46
CA GLN E 413 9.04 11.76 44.66
C GLN E 413 7.75 12.00 43.88
N ILE E 414 6.97 12.99 44.29
CA ILE E 414 5.60 13.18 43.81
C ILE E 414 5.39 14.51 43.08
N ASN E 415 4.93 14.42 41.83
CA ASN E 415 4.71 15.60 40.98
C ASN E 415 5.86 16.60 41.01
N PRO E 416 7.09 16.17 40.69
CA PRO E 416 8.25 17.06 40.80
C PRO E 416 8.17 18.32 39.95
N ASP E 417 7.47 18.25 38.82
CA ASP E 417 7.36 19.40 37.92
C ASP E 417 6.31 20.40 38.42
N ALA E 418 5.71 20.11 39.56
CA ALA E 418 4.69 20.98 40.15
C ALA E 418 5.20 22.39 40.36
N ASN E 419 4.28 23.34 40.42
CA ASN E 419 4.65 24.73 40.63
C ASN E 419 5.05 24.96 42.07
N CYS E 420 4.47 24.20 42.98
CA CYS E 420 4.81 24.30 44.39
C CYS E 420 5.06 22.93 44.98
N LEU E 421 6.28 22.71 45.45
CA LEU E 421 6.60 21.43 46.06
C LEU E 421 6.92 21.57 47.54
N ILE E 422 6.46 20.57 48.29
CA ILE E 422 6.72 20.48 49.72
C ILE E 422 7.90 19.56 49.96
N MET E 423 8.78 19.92 50.89
CA MET E 423 9.92 19.08 51.18
C MET E 423 10.54 19.37 52.54
N THR E 424 11.47 18.51 52.95
CA THR E 424 12.17 18.72 54.21
C THR E 424 13.28 19.73 53.99
N THR E 425 13.65 20.44 55.04
CA THR E 425 14.74 21.40 54.97
C THR E 425 16.03 20.67 54.58
N GLU E 426 16.15 19.43 55.05
CA GLU E 426 17.33 18.61 54.77
C GLU E 426 17.44 18.27 53.28
N ILE E 427 16.31 17.95 52.66
CA ILE E 427 16.31 17.64 51.24
C ILE E 427 16.69 18.89 50.45
N LEU E 428 16.14 20.03 50.84
CA LEU E 428 16.44 21.31 50.20
C LEU E 428 17.94 21.59 50.29
N ARG E 429 18.48 21.44 51.49
CA ARG E 429 19.92 21.53 51.69
C ARG E 429 20.64 20.62 50.70
N SER E 430 20.19 19.37 50.64
CA SER E 430 20.77 18.39 49.71
C SER E 430 20.76 18.88 48.25
N MET E 431 19.63 19.41 47.83
CA MET E 431 19.48 19.94 46.47
C MET E 431 20.43 21.13 46.25
N LEU E 432 20.50 22.02 47.24
CA LEU E 432 21.34 23.20 47.14
C LEU E 432 22.82 22.80 47.01
N TYR E 433 23.29 21.95 47.92
CA TYR E 433 24.67 21.48 47.88
C TYR E 433 24.93 20.72 46.59
N ARG E 434 23.95 19.91 46.16
CA ARG E 434 24.06 19.16 44.91
C ARG E 434 23.81 20.08 43.71
N GLY E 435 23.22 21.24 43.97
CA GLY E 435 22.99 22.23 42.94
C GLY E 435 22.01 21.75 41.89
N ALA E 436 20.83 21.33 42.33
CA ALA E 436 19.78 20.92 41.41
C ALA E 436 19.35 22.09 40.55
N ASP E 437 19.06 21.83 39.27
CA ASP E 437 18.61 22.88 38.37
C ASP E 437 17.25 23.42 38.83
N LEU E 438 16.53 22.58 39.56
CA LEU E 438 15.20 22.92 40.05
C LEU E 438 15.13 24.30 40.67
N ILE E 439 16.20 24.70 41.37
CA ILE E 439 16.18 25.94 42.14
C ILE E 439 15.93 27.13 41.23
N ARG E 440 16.35 27.01 39.97
CA ARG E 440 16.36 28.16 39.07
C ARG E 440 15.04 28.93 39.05
N ASP E 441 13.94 28.18 38.91
CA ASP E 441 12.62 28.80 38.75
C ASP E 441 12.07 29.39 40.05
N VAL E 442 12.59 28.95 41.19
CA VAL E 442 12.03 29.33 42.49
C VAL E 442 12.12 30.83 42.75
N GLU E 443 11.03 31.39 43.29
CA GLU E 443 10.97 32.80 43.66
C GLU E 443 10.76 32.94 45.18
N PHE E 444 10.23 31.89 45.78
CA PHE E 444 9.92 31.89 47.22
C PHE E 444 10.34 30.59 47.88
N VAL E 445 10.84 30.71 49.11
CA VAL E 445 11.11 29.56 49.97
C VAL E 445 10.40 29.78 51.30
N ILE E 446 9.34 29.01 51.54
CA ILE E 446 8.55 29.14 52.75
C ILE E 446 9.11 28.29 53.87
N PHE E 447 9.83 28.93 54.79
CA PHE E 447 10.29 28.27 56.02
C PHE E 447 9.17 28.32 57.04
N ASP E 448 8.51 27.19 57.27
CA ASP E 448 7.36 27.13 58.17
C ASP E 448 7.76 26.63 59.56
N GLU E 449 7.18 27.24 60.59
CA GLU E 449 7.50 26.91 61.98
C GLU E 449 9.00 26.96 62.21
N VAL E 450 9.58 28.11 61.88
CA VAL E 450 11.03 28.32 61.92
C VAL E 450 11.59 28.16 63.33
N HIS E 451 10.75 28.40 64.33
CA HIS E 451 11.19 28.40 65.72
C HIS E 451 11.74 27.03 66.16
N TYR E 452 11.45 25.99 65.38
CA TYR E 452 11.96 24.65 65.66
C TYR E 452 13.47 24.59 65.43
N VAL E 453 14.00 25.58 64.73
CA VAL E 453 15.40 25.62 64.34
C VAL E 453 16.38 25.69 65.52
N ASN E 454 15.87 25.93 66.72
CA ASN E 454 16.70 26.00 67.92
C ASN E 454 17.32 24.66 68.28
N ASP E 455 16.64 23.58 67.93
CA ASP E 455 17.12 22.23 68.22
C ASP E 455 18.47 22.00 67.54
N GLN E 456 19.37 21.31 68.24
CA GLN E 456 20.74 21.10 67.76
C GLN E 456 20.83 20.34 66.44
N ASP E 457 19.99 19.32 66.30
CA ASP E 457 19.98 18.49 65.10
C ASP E 457 19.57 19.26 63.86
N ARG E 458 18.58 20.15 64.03
CA ARG E 458 18.05 20.94 62.93
C ARG E 458 18.68 22.33 62.86
N GLY E 459 19.48 22.68 63.87
CA GLY E 459 20.04 24.01 63.94
C GLY E 459 21.03 24.30 62.81
N VAL E 460 21.67 23.27 62.29
CA VAL E 460 22.72 23.44 61.30
C VAL E 460 22.10 23.64 59.92
N VAL E 461 21.12 22.81 59.63
CA VAL E 461 20.60 22.67 58.27
C VAL E 461 19.91 23.96 57.83
N TRP E 462 19.07 24.53 58.69
CA TRP E 462 18.33 25.74 58.36
C TRP E 462 19.27 26.85 57.97
N GLU E 463 20.31 27.01 58.78
CA GLU E 463 21.37 27.97 58.50
C GLU E 463 21.97 27.67 57.14
N GLU E 464 22.50 26.46 56.97
CA GLU E 464 23.12 26.08 55.70
C GLU E 464 22.22 26.39 54.50
N VAL E 465 20.94 26.09 54.63
CA VAL E 465 19.96 26.41 53.60
C VAL E 465 19.94 27.92 53.35
N ILE E 466 19.72 28.70 54.41
CA ILE E 466 19.72 30.16 54.27
C ILE E 466 20.98 30.65 53.57
N ILE E 467 22.14 30.18 54.01
CA ILE E 467 23.41 30.63 53.43
C ILE E 467 23.53 30.23 51.96
N MET E 468 23.24 28.98 51.65
CA MET E 468 23.51 28.47 50.31
C MET E 468 22.51 28.90 49.23
N LEU E 469 21.36 29.43 49.61
CA LEU E 469 20.32 29.78 48.63
C LEU E 469 20.78 30.85 47.63
N PRO E 470 20.45 30.69 46.34
CA PRO E 470 20.87 31.70 45.36
C PRO E 470 20.23 33.07 45.57
N GLN E 471 20.76 34.09 44.88
CA GLN E 471 20.36 35.47 45.10
C GLN E 471 18.91 35.76 44.71
N HIS E 472 18.41 35.06 43.71
CA HIS E 472 17.06 35.31 43.21
C HIS E 472 15.98 34.84 44.17
N VAL E 473 16.37 34.13 45.22
CA VAL E 473 15.43 33.58 46.17
C VAL E 473 14.95 34.62 47.19
N LYS E 474 13.63 34.76 47.32
CA LYS E 474 13.03 35.58 48.37
C LYS E 474 12.65 34.67 49.53
N PHE E 475 12.21 35.24 50.64
CA PHE E 475 11.89 34.46 51.83
C PHE E 475 10.50 34.76 52.39
N ILE E 476 9.78 33.69 52.74
CA ILE E 476 8.50 33.81 53.40
C ILE E 476 8.53 33.00 54.70
N LEU E 477 9.19 33.57 55.70
CA LEU E 477 9.41 32.89 56.97
C LEU E 477 8.18 32.94 57.86
N LEU E 478 7.74 31.78 58.33
CA LEU E 478 6.59 31.66 59.22
C LEU E 478 7.00 31.01 60.53
N SER E 479 6.71 31.69 61.65
CA SER E 479 7.10 31.19 62.96
C SER E 479 6.01 31.43 64.01
N ALA E 480 6.10 30.70 65.11
CA ALA E 480 5.25 30.97 66.27
C ALA E 480 5.80 32.24 66.92
N THR E 481 5.01 32.85 67.81
CA THR E 481 5.40 34.12 68.41
C THR E 481 6.61 33.98 69.32
N VAL E 482 7.61 34.84 69.10
CA VAL E 482 8.82 34.87 69.91
C VAL E 482 9.30 36.32 69.94
N PRO E 483 10.16 36.65 70.91
CA PRO E 483 10.56 38.06 71.08
C PRO E 483 11.78 38.44 70.24
N ASN E 484 12.45 37.45 69.68
CA ASN E 484 13.76 37.65 69.05
C ASN E 484 13.67 37.84 67.54
N THR E 485 12.49 38.21 67.05
CA THR E 485 12.24 38.27 65.61
C THR E 485 13.22 39.16 64.84
N TYR E 486 13.41 40.38 65.28
CA TYR E 486 14.21 41.36 64.54
C TYR E 486 15.66 40.93 64.36
N GLU E 487 16.28 40.40 65.40
CA GLU E 487 17.67 39.97 65.32
C GLU E 487 17.84 38.96 64.19
N PHE E 488 17.01 37.92 64.23
CA PHE E 488 17.05 36.86 63.24
C PHE E 488 16.77 37.42 61.84
N ALA E 489 15.69 38.19 61.74
CA ALA E 489 15.31 38.82 60.48
C ALA E 489 16.45 39.65 59.91
N ASN E 490 17.14 40.38 60.78
CA ASN E 490 18.29 41.18 60.37
C ASN E 490 19.42 40.29 59.90
N TRP E 491 19.71 39.23 60.66
CA TRP E 491 20.72 38.26 60.23
C TRP E 491 20.44 37.77 58.81
N ILE E 492 19.23 37.27 58.58
CA ILE E 492 18.86 36.78 57.25
C ILE E 492 18.98 37.88 56.20
N GLY E 493 18.33 39.01 56.46
CA GLY E 493 18.26 40.11 55.52
C GLY E 493 19.61 40.72 55.17
N ARG E 494 20.51 40.78 56.14
CA ARG E 494 21.82 41.35 55.93
C ARG E 494 22.76 40.32 55.30
N THR E 495 22.64 39.07 55.74
CA THR E 495 23.47 38.02 55.17
C THR E 495 23.07 37.74 53.72
N LYS E 496 21.79 37.93 53.40
CA LYS E 496 21.29 37.68 52.05
C LYS E 496 21.03 38.97 51.27
N GLN E 497 21.24 40.12 51.90
CA GLN E 497 21.08 41.41 51.27
C GLN E 497 19.70 41.56 50.63
N LYS E 498 18.68 41.06 51.33
CA LYS E 498 17.30 41.11 50.85
C LYS E 498 16.41 41.86 51.85
N ASN E 499 15.65 42.83 51.36
CA ASN E 499 14.72 43.57 52.20
C ASN E 499 13.67 42.63 52.76
N ILE E 500 13.55 42.61 54.09
CA ILE E 500 12.62 41.72 54.78
C ILE E 500 11.75 42.52 55.75
N TYR E 501 10.46 42.20 55.78
CA TYR E 501 9.52 42.90 56.67
C TYR E 501 9.03 42.04 57.84
N VAL E 502 9.42 42.43 59.04
CA VAL E 502 8.99 41.77 60.26
C VAL E 502 7.56 42.17 60.59
N ILE E 503 6.71 41.17 60.84
CA ILE E 503 5.30 41.40 61.11
C ILE E 503 4.79 40.44 62.19
N SER E 504 4.44 40.98 63.35
CA SER E 504 3.96 40.15 64.46
C SER E 504 2.74 40.74 65.17
N THR E 505 1.67 39.94 65.24
CA THR E 505 0.51 40.28 66.06
C THR E 505 0.40 39.28 67.22
N PRO E 506 0.50 39.78 68.47
CA PRO E 506 0.40 38.85 69.59
C PRO E 506 -0.98 38.21 69.75
N LYS E 507 -2.02 38.90 69.29
CA LYS E 507 -3.39 38.44 69.46
C LYS E 507 -3.62 37.03 68.92
N ARG E 508 -4.21 36.17 69.76
CA ARG E 508 -4.54 34.80 69.39
C ARG E 508 -5.92 34.75 68.73
N PRO E 509 -6.19 33.67 67.97
CA PRO E 509 -7.43 33.59 67.19
C PRO E 509 -8.66 33.47 68.07
N VAL E 510 -8.55 32.67 69.12
CA VAL E 510 -9.65 32.44 70.04
C VAL E 510 -9.08 32.40 71.46
N PRO E 511 -9.71 33.15 72.39
CA PRO E 511 -9.13 33.24 73.74
C PRO E 511 -9.12 31.89 74.45
N LEU E 512 -8.22 31.74 75.42
CA LEU E 512 -8.12 30.52 76.21
C LEU E 512 -7.99 30.87 77.69
N GLU E 513 -8.77 30.19 78.52
CA GLU E 513 -8.74 30.38 79.96
C GLU E 513 -8.25 29.11 80.65
N ILE E 514 -7.08 29.20 81.28
CA ILE E 514 -6.50 28.07 81.98
C ILE E 514 -7.30 27.73 83.24
N ASN E 515 -7.48 26.43 83.49
CA ASN E 515 -8.22 25.93 84.64
C ASN E 515 -7.38 24.87 85.33
N ILE E 516 -7.62 24.67 86.62
CA ILE E 516 -6.90 23.67 87.41
C ILE E 516 -7.87 22.63 87.96
N TRP E 517 -7.71 21.38 87.56
CA TRP E 517 -8.59 20.30 88.02
C TRP E 517 -8.20 19.85 89.42
N LYS E 519 -9.60 17.68 93.21
CA LYS E 519 -10.42 16.61 92.62
C LYS E 519 -11.87 17.05 92.49
N LYS E 520 -12.49 16.65 91.37
CA LYS E 520 -13.90 16.96 91.11
C LYS E 520 -14.15 18.47 91.06
N GLU E 521 -13.09 19.25 90.82
CA GLU E 521 -13.20 20.69 90.75
C GLU E 521 -12.23 21.27 89.72
N LEU E 522 -12.79 21.82 88.64
CA LEU E 522 -11.99 22.49 87.61
C LEU E 522 -12.10 24.00 87.78
N ILE E 523 -11.16 24.59 88.50
CA ILE E 523 -11.22 26.00 88.87
C ILE E 523 -10.45 26.90 87.89
N PRO E 524 -11.12 27.92 87.34
CA PRO E 524 -10.38 28.89 86.51
C PRO E 524 -9.31 29.62 87.30
N VAL E 525 -8.10 29.66 86.77
CA VAL E 525 -6.97 30.30 87.43
C VAL E 525 -6.51 31.55 86.67
N ILE E 526 -6.59 31.48 85.34
CA ILE E 526 -6.31 32.64 84.48
C ILE E 526 -7.46 32.85 83.50
N ASN E 527 -7.98 34.08 83.47
CA ASN E 527 -9.12 34.42 82.63
C ASN E 527 -8.70 34.67 81.19
N GLN E 528 -9.65 35.10 80.36
CA GLN E 528 -9.38 35.40 78.96
C GLN E 528 -8.42 36.58 78.83
N ASN E 529 -8.42 37.46 79.84
CA ASN E 529 -7.54 38.62 79.86
C ASN E 529 -6.12 38.27 80.28
N SER E 530 -5.87 36.98 80.50
CA SER E 530 -4.55 36.50 80.93
C SER E 530 -4.19 36.99 82.33
N GLU E 531 -5.22 37.30 83.12
CA GLU E 531 -5.01 37.79 84.48
C GLU E 531 -5.02 36.64 85.49
N PHE E 532 -3.90 36.49 86.20
CA PHE E 532 -3.77 35.42 87.19
C PHE E 532 -4.70 35.64 88.37
N LEU E 533 -5.44 34.59 88.72
CA LEU E 533 -6.39 34.66 89.83
C LEU E 533 -5.79 34.02 91.08
N GLU E 534 -5.40 34.86 92.04
CA GLU E 534 -4.81 34.39 93.28
C GLU E 534 -5.81 33.61 94.13
N ALA E 535 -7.05 34.08 94.13
CA ALA E 535 -8.11 33.50 94.95
C ALA E 535 -8.35 32.02 94.63
N ASN E 536 -8.62 31.74 93.35
CA ASN E 536 -8.92 30.38 92.92
C ASN E 536 -7.70 29.45 93.04
N PHE E 537 -6.52 29.99 92.80
CA PHE E 537 -5.28 29.25 92.96
C PHE E 537 -5.12 28.83 94.42
N ARG E 538 -5.28 29.80 95.32
CA ARG E 538 -5.28 29.54 96.76
C ARG E 538 -6.43 28.61 97.12
N LYS E 539 -7.53 28.72 96.39
CA LYS E 539 -8.69 27.85 96.57
C LYS E 539 -8.33 26.41 96.25
N HIS E 540 -7.52 26.23 95.20
CA HIS E 540 -6.99 24.92 94.86
C HIS E 540 -6.04 24.45 95.97
N LYS E 541 -5.14 25.33 96.37
CA LYS E 541 -4.17 25.03 97.42
C LYS E 541 -4.84 24.59 98.72
N GLU E 542 -5.95 25.25 99.06
CA GLU E 542 -6.67 24.95 100.28
C GLU E 542 -7.58 23.73 100.10
N ILE E 543 -8.18 23.62 98.93
CA ILE E 543 -9.09 22.52 98.63
C ILE E 543 -8.35 21.19 98.65
N LEU E 544 -7.16 21.18 98.05
CA LEU E 544 -6.34 19.98 98.00
C LEU E 544 -5.94 19.50 99.38
N ASN E 545 -5.44 20.42 100.20
CA ASN E 545 -4.97 20.09 101.55
C ASN E 545 -6.11 20.14 102.56
N GLY E 612 -1.06 12.02 91.38
CA GLY E 612 -0.80 10.99 90.39
C GLY E 612 -2.07 10.53 89.70
N PRO E 613 -1.94 9.55 88.78
CA PRO E 613 -3.10 9.01 88.06
C PRO E 613 -3.90 8.00 88.90
N SER E 614 -5.22 8.02 88.75
CA SER E 614 -6.09 7.04 89.39
C SER E 614 -7.12 6.50 88.40
N LYS E 615 -7.61 5.29 88.66
CA LYS E 615 -8.55 4.64 87.75
C LYS E 615 -9.82 5.47 87.55
N LYS E 616 -10.13 6.31 88.52
CA LYS E 616 -11.33 7.15 88.45
C LYS E 616 -11.01 8.56 87.97
N THR E 617 -9.74 8.94 87.97
CA THR E 617 -9.32 10.30 87.63
C THR E 617 -9.71 10.69 86.21
N TRP E 618 -9.37 9.85 85.25
CA TRP E 618 -9.63 10.15 83.84
C TRP E 618 -11.11 9.99 83.46
N PRO E 619 -11.77 8.92 83.92
CA PRO E 619 -13.21 8.82 83.68
C PRO E 619 -14.02 9.94 84.34
N GLU E 620 -13.53 10.45 85.47
CA GLU E 620 -14.20 11.54 86.17
C GLU E 620 -14.04 12.86 85.43
N ILE E 621 -12.79 13.22 85.15
CA ILE E 621 -12.50 14.45 84.42
C ILE E 621 -13.18 14.41 83.05
N VAL E 622 -13.20 13.24 82.45
CA VAL E 622 -13.87 13.03 81.17
C VAL E 622 -15.39 13.18 81.33
N ASN E 623 -15.93 12.57 82.37
CA ASN E 623 -17.37 12.64 82.62
C ASN E 623 -17.83 14.06 82.98
N TYR E 624 -16.99 14.78 83.71
CA TYR E 624 -17.27 16.16 84.09
C TYR E 624 -17.34 17.06 82.85
N LEU E 625 -16.35 16.93 81.98
CA LEU E 625 -16.29 17.72 80.76
C LEU E 625 -17.37 17.23 79.79
N ARG E 626 -17.68 15.94 79.84
CA ARG E 626 -18.64 15.32 78.93
C ARG E 626 -20.04 15.91 79.10
N LYS E 627 -20.44 16.13 80.35
CA LYS E 627 -21.75 16.70 80.63
C LYS E 627 -21.79 18.17 80.20
N ARG E 628 -20.67 18.87 80.39
CA ARG E 628 -20.58 20.29 80.11
C ARG E 628 -20.24 20.57 78.65
N GLU E 629 -20.27 19.54 77.81
CA GLU E 629 -20.01 19.67 76.38
C GLU E 629 -18.66 20.32 76.08
N LEU E 630 -17.64 19.94 76.86
CA LEU E 630 -16.30 20.45 76.66
C LEU E 630 -15.46 19.46 75.85
N LEU E 631 -16.12 18.73 74.95
CA LEU E 631 -15.46 17.74 74.11
C LEU E 631 -15.06 18.35 72.77
N PRO E 632 -14.04 17.81 72.11
CA PRO E 632 -13.21 16.67 72.54
C PRO E 632 -11.97 17.11 73.32
N MET E 633 -11.39 16.18 74.08
CA MET E 633 -10.26 16.50 74.97
C MET E 633 -8.96 15.86 74.47
N VAL E 634 -7.92 16.70 74.32
CA VAL E 634 -6.58 16.22 73.96
C VAL E 634 -5.67 16.27 75.18
N VAL E 635 -5.49 15.10 75.82
CA VAL E 635 -4.70 15.00 77.04
C VAL E 635 -3.22 14.83 76.71
N PHE E 636 -2.38 15.66 77.32
CA PHE E 636 -0.94 15.63 77.03
C PHE E 636 -0.15 14.81 78.05
N VAL E 637 -0.25 13.49 77.93
CA VAL E 637 0.59 12.56 78.68
C VAL E 637 1.95 12.47 78.00
N PHE E 638 3.03 12.52 78.78
CA PHE E 638 4.37 12.68 78.22
C PHE E 638 5.19 11.37 78.19
N SER E 639 4.50 10.24 78.15
CA SER E 639 5.16 8.95 77.88
C SER E 639 4.16 7.97 77.29
N LYS E 640 4.55 7.35 76.19
CA LYS E 640 3.66 6.48 75.42
C LYS E 640 2.99 5.41 76.28
N LYS E 641 3.78 4.79 77.15
CA LYS E 641 3.26 3.75 78.04
C LYS E 641 2.11 4.32 78.86
N ARG E 642 2.33 5.50 79.43
CA ARG E 642 1.32 6.17 80.22
C ARG E 642 0.10 6.51 79.37
N CYS E 643 0.32 6.94 78.13
CA CYS E 643 -0.77 7.25 77.22
C CYS E 643 -1.64 6.03 76.99
N GLU E 644 -1.00 4.93 76.62
CA GLU E 644 -1.71 3.67 76.42
C GLU E 644 -2.48 3.27 77.67
N GLU E 645 -1.81 3.33 78.82
CA GLU E 645 -2.44 2.98 80.09
C GLU E 645 -3.69 3.81 80.37
N TYR E 646 -3.52 5.14 80.40
CA TYR E 646 -4.62 6.07 80.64
C TYR E 646 -5.74 5.84 79.61
N ALA E 647 -5.35 5.57 78.37
CA ALA E 647 -6.31 5.27 77.32
C ALA E 647 -7.04 3.95 77.61
N ASP E 648 -6.29 2.97 78.10
CA ASP E 648 -6.85 1.64 78.34
C ASP E 648 -7.86 1.68 79.49
N TRP E 649 -7.55 2.46 80.52
CA TRP E 649 -8.46 2.61 81.66
C TRP E 649 -9.83 3.13 81.23
N LEU E 650 -9.85 3.90 80.15
CA LEU E 650 -11.07 4.60 79.72
C LEU E 650 -12.16 3.66 79.21
N GLU E 651 -11.88 2.36 79.18
CA GLU E 651 -12.84 1.37 78.70
C GLU E 651 -14.15 1.44 79.50
N GLY E 652 -15.25 1.05 78.85
CA GLY E 652 -16.56 1.13 79.45
C GLY E 652 -17.26 2.42 79.06
N ILE E 653 -16.49 3.40 78.63
CA ILE E 653 -17.03 4.67 78.15
C ILE E 653 -17.24 4.57 76.64
N ASN E 654 -18.31 5.21 76.16
CA ASN E 654 -18.62 5.20 74.73
C ASN E 654 -19.08 6.58 74.25
N PHE E 655 -18.49 7.04 73.15
CA PHE E 655 -18.84 8.32 72.55
C PHE E 655 -19.18 8.16 71.08
N CYS E 656 -19.22 6.92 70.61
CA CYS E 656 -19.48 6.63 69.20
C CYS E 656 -20.72 5.74 69.05
N ASN E 657 -21.70 6.21 68.28
CA ASN E 657 -22.92 5.45 68.04
C ASN E 657 -22.78 4.54 66.82
N ASN E 658 -23.88 3.90 66.43
CA ASN E 658 -23.86 2.90 65.36
C ASN E 658 -23.29 3.42 64.04
N LYS E 659 -23.93 4.45 63.48
CA LYS E 659 -23.52 5.00 62.20
C LYS E 659 -22.08 5.49 62.21
N GLU E 660 -21.69 6.17 63.29
CA GLU E 660 -20.33 6.69 63.42
C GLU E 660 -19.31 5.56 63.49
N LYS E 661 -19.64 4.52 64.25
CA LYS E 661 -18.78 3.35 64.36
C LYS E 661 -18.64 2.68 63.00
N SER E 662 -19.76 2.56 62.28
CA SER E 662 -19.76 2.00 60.94
C SER E 662 -18.85 2.82 60.02
N GLN E 663 -19.00 4.14 60.09
CA GLN E 663 -18.16 5.05 59.32
C GLN E 663 -16.68 4.82 59.64
N ILE E 664 -16.37 4.79 60.94
CA ILE E 664 -15.01 4.55 61.40
C ILE E 664 -14.45 3.24 60.84
N HIS E 665 -15.18 2.15 61.03
CA HIS E 665 -14.74 0.84 60.57
C HIS E 665 -14.54 0.81 59.05
N MET E 666 -15.52 1.36 58.31
CA MET E 666 -15.43 1.41 56.86
C MET E 666 -14.20 2.19 56.41
N PHE E 667 -13.96 3.33 57.06
CA PHE E 667 -12.79 4.14 56.75
C PHE E 667 -11.48 3.40 57.07
N ILE E 668 -11.44 2.76 58.24
CA ILE E 668 -10.26 1.97 58.62
C ILE E 668 -10.00 0.87 57.60
N GLU E 669 -11.05 0.16 57.21
CA GLU E 669 -10.94 -0.90 56.22
C GLU E 669 -10.42 -0.29 54.92
N LYS E 670 -11.00 0.85 54.55
CA LYS E 670 -10.64 1.53 53.32
C LYS E 670 -9.22 2.08 53.37
N SER E 671 -8.75 2.41 54.58
CA SER E 671 -7.43 2.98 54.76
C SER E 671 -6.31 1.93 54.65
N ILE E 672 -6.48 0.80 55.34
CA ILE E 672 -5.45 -0.23 55.39
C ILE E 672 -5.66 -1.35 54.36
N THR E 673 -6.51 -1.09 53.36
CA THR E 673 -6.72 -2.05 52.28
C THR E 673 -5.43 -2.32 51.53
N ARG E 674 -4.51 -1.36 51.58
CA ARG E 674 -3.23 -1.46 50.90
C ARG E 674 -2.29 -2.43 51.58
N LEU E 675 -2.54 -2.70 52.86
CA LEU E 675 -1.69 -3.60 53.64
C LEU E 675 -2.11 -5.05 53.47
N LYS E 676 -1.14 -5.95 53.61
CA LYS E 676 -1.38 -7.39 53.54
C LYS E 676 -2.39 -7.83 54.60
N LYS E 677 -2.73 -9.11 54.60
CA LYS E 677 -3.58 -9.68 55.64
C LYS E 677 -2.78 -9.81 56.94
N GLU E 678 -1.52 -10.23 56.82
CA GLU E 678 -0.65 -10.35 57.98
C GLU E 678 -0.47 -9.00 58.67
N ASP E 679 -0.26 -7.95 57.88
CA ASP E 679 -0.11 -6.62 58.43
C ASP E 679 -1.45 -6.07 58.91
N ARG E 680 -2.51 -6.33 58.16
CA ARG E 680 -3.84 -5.85 58.50
C ARG E 680 -4.29 -6.40 59.86
N ASP E 681 -3.85 -7.61 60.17
CA ASP E 681 -4.24 -8.27 61.41
C ASP E 681 -3.22 -8.03 62.53
N LEU E 682 -2.35 -7.04 62.36
CA LEU E 682 -1.37 -6.74 63.39
C LEU E 682 -2.10 -6.31 64.66
N PRO E 683 -1.52 -6.64 65.82
CA PRO E 683 -2.24 -6.40 67.09
C PRO E 683 -2.56 -4.93 67.29
N GLN E 684 -1.57 -4.07 67.10
CA GLN E 684 -1.74 -2.65 67.33
C GLN E 684 -2.90 -2.09 66.51
N ILE E 685 -3.02 -2.57 65.28
CA ILE E 685 -4.10 -2.13 64.40
C ILE E 685 -5.44 -2.59 64.96
N LEU E 686 -5.50 -3.84 65.42
CA LEU E 686 -6.72 -4.39 65.98
C LEU E 686 -7.16 -3.60 67.21
N LYS E 687 -6.25 -3.42 68.17
CA LYS E 687 -6.55 -2.65 69.37
C LYS E 687 -6.93 -1.21 69.01
N THR E 688 -6.18 -0.63 68.07
CA THR E 688 -6.42 0.74 67.63
C THR E 688 -7.81 0.87 67.03
N ARG E 689 -8.24 -0.14 66.28
CA ARG E 689 -9.60 -0.17 65.78
C ARG E 689 -10.57 -0.29 66.95
N SER E 690 -10.23 -1.16 67.90
CA SER E 690 -11.07 -1.36 69.08
C SER E 690 -11.26 -0.06 69.87
N LEU E 691 -10.24 0.78 69.89
CA LEU E 691 -10.33 2.08 70.56
C LEU E 691 -10.98 3.15 69.68
N LEU E 692 -10.66 3.15 68.39
CA LEU E 692 -11.16 4.18 67.48
C LEU E 692 -12.67 4.08 67.27
N GLU E 693 -13.18 2.86 67.12
CA GLU E 693 -14.61 2.65 66.93
C GLU E 693 -15.39 3.07 68.18
N ARG E 694 -14.68 3.27 69.28
CA ARG E 694 -15.29 3.66 70.55
C ARG E 694 -15.38 5.18 70.65
N GLY E 695 -14.33 5.86 70.21
CA GLY E 695 -14.24 7.31 70.28
C GLY E 695 -13.04 7.77 71.09
N ILE E 696 -12.19 6.82 71.47
CA ILE E 696 -10.96 7.12 72.20
C ILE E 696 -9.75 6.78 71.32
N ALA E 697 -8.65 7.49 71.53
CA ALA E 697 -7.45 7.27 70.72
C ALA E 697 -6.17 7.64 71.48
N VAL E 698 -5.06 7.11 70.99
CA VAL E 698 -3.75 7.38 71.56
C VAL E 698 -2.82 7.81 70.44
N HIS E 699 -1.97 8.80 70.72
CA HIS E 699 -1.01 9.26 69.72
C HIS E 699 0.39 9.33 70.31
N HIS E 700 1.25 8.41 69.90
CA HIS E 700 2.60 8.38 70.44
C HIS E 700 3.58 7.76 69.45
N GLY E 701 4.87 7.99 69.69
CA GLY E 701 5.91 7.62 68.75
C GLY E 701 5.95 6.15 68.41
N GLY E 702 5.61 5.30 69.37
CA GLY E 702 5.67 3.87 69.17
C GLY E 702 4.70 3.37 68.12
N LEU E 703 3.62 4.12 67.90
CA LEU E 703 2.61 3.72 66.93
C LEU E 703 3.17 3.69 65.51
N LEU E 704 2.70 2.73 64.72
CA LEU E 704 3.09 2.64 63.31
C LEU E 704 2.63 3.90 62.58
N PRO E 705 3.38 4.33 61.57
CA PRO E 705 3.03 5.58 60.86
C PRO E 705 1.59 5.60 60.35
N ILE E 706 1.17 4.56 59.65
CA ILE E 706 -0.17 4.52 59.08
C ILE E 706 -1.24 4.58 60.16
N VAL E 707 -0.94 4.01 61.33
CA VAL E 707 -1.84 4.04 62.46
C VAL E 707 -1.98 5.48 62.94
N LYS E 708 -0.84 6.14 63.14
CA LYS E 708 -0.81 7.54 63.53
C LYS E 708 -1.61 8.37 62.54
N GLU E 709 -1.35 8.17 61.25
CA GLU E 709 -2.05 8.89 60.20
C GLU E 709 -3.56 8.62 60.26
N LEU E 710 -3.93 7.36 60.43
CA LEU E 710 -5.32 6.95 60.57
C LEU E 710 -5.99 7.73 61.68
N ILE E 711 -5.36 7.69 62.86
CA ILE E 711 -5.87 8.39 64.03
C ILE E 711 -5.97 9.88 63.77
N GLU E 712 -4.92 10.45 63.17
CA GLU E 712 -4.86 11.88 62.91
C GLU E 712 -5.99 12.35 61.99
N ILE E 713 -6.21 11.60 60.92
CA ILE E 713 -7.31 11.91 60.01
C ILE E 713 -8.65 11.74 60.71
N LEU E 714 -8.80 10.62 61.41
CA LEU E 714 -10.05 10.36 62.11
C LEU E 714 -10.34 11.44 63.15
N PHE E 715 -9.30 11.98 63.78
CA PHE E 715 -9.47 13.06 64.73
C PHE E 715 -9.80 14.35 63.99
N SER E 716 -9.14 14.53 62.85
CA SER E 716 -9.41 15.68 61.99
C SER E 716 -10.87 15.70 61.59
N LYS E 717 -11.42 14.51 61.32
CA LYS E 717 -12.83 14.38 60.99
C LYS E 717 -13.70 14.72 62.21
N GLY E 718 -13.16 14.50 63.40
CA GLY E 718 -13.85 14.82 64.64
C GLY E 718 -14.58 13.63 65.23
N PHE E 719 -14.19 12.42 64.85
CA PHE E 719 -14.81 11.21 65.38
C PHE E 719 -14.39 10.98 66.83
N ILE E 720 -13.10 11.13 67.09
CA ILE E 720 -12.53 10.84 68.40
C ILE E 720 -12.86 11.97 69.37
N LYS E 721 -13.26 11.60 70.58
CA LYS E 721 -13.65 12.58 71.60
C LYS E 721 -12.59 12.73 72.71
N VAL E 722 -11.76 11.71 72.88
CA VAL E 722 -10.67 11.74 73.85
C VAL E 722 -9.40 11.22 73.19
N LEU E 723 -8.33 12.01 73.25
CA LEU E 723 -7.06 11.65 72.62
C LEU E 723 -5.89 11.84 73.57
N PHE E 724 -5.30 10.74 74.02
CA PHE E 724 -4.10 10.76 74.85
C PHE E 724 -2.87 10.85 73.96
N ALA E 725 -2.29 12.05 73.89
CA ALA E 725 -1.21 12.32 72.93
C ALA E 725 0.06 12.84 73.61
N THR E 726 1.21 12.57 73.00
CA THR E 726 2.49 13.06 73.50
C THR E 726 2.68 14.52 73.10
N GLU E 727 3.89 15.03 73.31
CA GLU E 727 4.19 16.43 72.99
C GLU E 727 4.27 16.67 71.48
N THR E 728 4.52 15.61 70.73
CA THR E 728 4.71 15.73 69.28
C THR E 728 3.42 16.11 68.57
N PHE E 729 2.29 15.69 69.14
CA PHE E 729 0.98 15.90 68.53
C PHE E 729 0.55 17.37 68.55
N ALA E 730 1.28 18.20 69.28
CA ALA E 730 0.97 19.62 69.39
C ALA E 730 1.17 20.33 68.06
N MET E 731 2.25 19.99 67.36
CA MET E 731 2.61 20.65 66.11
C MET E 731 1.61 20.35 64.99
N GLY E 732 0.85 19.28 65.14
CA GLY E 732 -0.12 18.85 64.14
C GLY E 732 -0.97 19.97 63.59
N LEU E 733 -0.87 20.18 62.28
CA LEU E 733 -1.56 21.29 61.62
C LEU E 733 -3.06 21.27 61.88
N ASN E 734 -3.69 20.14 61.60
CA ASN E 734 -5.14 20.03 61.67
C ASN E 734 -5.61 19.21 62.86
N LEU E 735 -5.99 19.89 63.94
CA LEU E 735 -6.67 19.25 65.06
C LEU E 735 -7.61 20.27 65.69
N PRO E 736 -8.87 19.88 65.98
CA PRO E 736 -9.82 20.83 66.58
C PRO E 736 -10.08 20.56 68.06
N ARG E 738 -11.19 21.02 71.33
CA ARG E 738 -12.03 21.95 72.08
C ARG E 738 -11.64 21.98 73.56
N THR E 739 -10.74 21.10 73.97
CA THR E 739 -10.21 21.09 75.33
C THR E 739 -8.85 20.43 75.35
N VAL E 740 -7.94 20.99 76.16
CA VAL E 740 -6.59 20.44 76.31
C VAL E 740 -6.30 20.16 77.78
N ILE E 741 -5.95 18.92 78.08
CA ILE E 741 -5.68 18.51 79.45
C ILE E 741 -4.20 18.20 79.66
N PHE E 742 -3.64 18.73 80.75
CA PHE E 742 -2.23 18.48 81.09
C PHE E 742 -2.11 17.48 82.22
N SER E 743 -1.56 16.31 81.92
CA SER E 743 -1.31 15.29 82.93
C SER E 743 -0.23 15.77 83.89
N SER E 744 0.83 16.35 83.32
CA SER E 744 1.91 16.90 84.11
C SER E 744 2.50 18.13 83.43
N ILE E 745 3.04 19.03 84.25
CA ILE E 745 3.67 20.24 83.76
C ILE E 745 5.18 20.04 83.61
N ARG E 746 5.63 18.82 83.88
CA ARG E 746 7.05 18.48 83.81
C ARG E 746 7.31 17.33 82.84
N LYS E 747 8.41 17.42 82.10
CA LYS E 747 8.79 16.40 81.13
C LYS E 747 10.16 15.81 81.49
N HIS E 748 10.33 14.53 81.17
CA HIS E 748 11.61 13.85 81.39
C HIS E 748 12.52 14.10 80.19
N ASP E 749 13.52 14.95 80.36
CA ASP E 749 14.45 15.28 79.29
C ASP E 749 15.80 15.67 79.88
N GLY E 750 16.86 15.50 79.09
CA GLY E 750 18.20 15.76 79.55
C GLY E 750 18.55 14.92 80.76
N ASN E 751 18.93 15.59 81.86
CA ASN E 751 19.20 14.92 83.13
C ASN E 751 18.06 15.15 84.11
N GLY E 752 17.34 14.09 84.45
CA GLY E 752 16.22 14.16 85.37
C GLY E 752 14.94 14.68 84.72
N LEU E 753 13.89 14.86 85.52
CA LEU E 753 12.64 15.40 85.03
C LEU E 753 12.60 16.91 85.28
N ARG E 754 12.31 17.67 84.23
CA ARG E 754 12.32 19.13 84.32
C ARG E 754 10.97 19.74 84.00
N GLU E 755 10.76 20.98 84.41
CA GLU E 755 9.53 21.71 84.12
C GLU E 755 9.50 22.12 82.65
N LEU E 756 8.30 22.10 82.06
CA LEU E 756 8.13 22.49 80.67
C LEU E 756 8.38 23.99 80.52
N THR E 757 9.02 24.37 79.43
CA THR E 757 9.32 25.78 79.17
C THR E 757 8.03 26.45 78.70
N PRO E 758 7.95 27.79 78.79
CA PRO E 758 6.68 28.48 78.54
C PRO E 758 6.11 28.27 77.13
N GLY E 759 6.96 28.33 76.11
CA GLY E 759 6.52 28.18 74.73
C GLY E 759 5.82 26.86 74.47
N GLU E 760 6.36 25.80 75.04
CA GLU E 760 5.79 24.46 74.88
C GLU E 760 4.35 24.48 75.38
N PHE E 761 4.19 24.92 76.63
CA PHE E 761 2.88 25.06 77.24
C PHE E 761 1.98 25.93 76.38
N THR E 762 2.52 27.04 75.89
CA THR E 762 1.78 27.95 75.04
C THR E 762 1.22 27.23 73.81
N GLN E 763 2.05 26.41 73.15
CA GLN E 763 1.61 25.66 71.98
C GLN E 763 0.57 24.60 72.32
N MET E 764 0.96 23.67 73.20
CA MET E 764 0.13 22.53 73.58
C MET E 764 -1.24 23.02 74.06
N ALA E 765 -1.23 24.06 74.88
CA ALA E 765 -2.47 24.68 75.34
C ALA E 765 -3.04 25.58 74.25
N GLY E 766 -2.15 26.16 73.46
CA GLY E 766 -2.53 27.08 72.40
C GLY E 766 -3.48 26.48 71.39
N ARG E 767 -3.17 25.30 70.87
CA ARG E 767 -4.02 24.70 69.85
C ARG E 767 -5.49 24.50 70.30
N ALA E 768 -5.75 24.50 71.61
CA ALA E 768 -7.11 24.25 72.14
C ALA E 768 -8.20 25.12 71.51
N GLY E 769 -7.81 26.32 71.10
CA GLY E 769 -8.71 27.23 70.43
C GLY E 769 -9.24 26.69 69.12
N ARG E 770 -10.57 26.65 69.01
CA ARG E 770 -11.23 26.17 67.81
C ARG E 770 -11.98 27.32 67.15
N ARG E 771 -11.42 27.81 66.05
CA ARG E 771 -11.98 28.95 65.32
C ARG E 771 -13.38 28.67 64.80
N GLY E 772 -14.29 29.59 65.05
CA GLY E 772 -15.68 29.44 64.63
C GLY E 772 -16.39 28.34 65.39
N LEU E 773 -15.82 27.95 66.53
CA LEU E 773 -16.41 26.90 67.36
C LEU E 773 -16.04 27.10 68.83
N SER E 775 -15.93 29.55 71.34
CA SER E 775 -15.87 30.86 71.97
C SER E 775 -14.68 30.97 72.90
N THR E 776 -14.41 29.90 73.64
CA THR E 776 -13.30 29.89 74.60
C THR E 776 -12.69 28.49 74.71
N GLY E 777 -11.36 28.42 74.62
CA GLY E 777 -10.65 27.16 74.67
C GLY E 777 -10.32 26.74 76.09
N THR E 778 -10.87 25.59 76.51
CA THR E 778 -10.68 25.10 77.87
C THR E 778 -9.37 24.33 78.00
N VAL E 779 -8.39 24.94 78.67
CA VAL E 779 -7.13 24.27 78.99
C VAL E 779 -7.16 23.89 80.46
N ILE E 780 -7.09 22.59 80.76
CA ILE E 780 -7.20 22.12 82.14
C ILE E 780 -5.94 21.39 82.61
N VAL E 781 -5.31 21.93 83.65
CA VAL E 781 -4.13 21.29 84.24
C VAL E 781 -4.59 20.40 85.39
N MET E 782 -4.19 19.14 85.36
CA MET E 782 -4.65 18.16 86.36
C MET E 782 -3.95 18.35 87.70
N ALA E 783 -4.70 18.26 88.78
CA ALA E 783 -4.15 18.27 90.14
C ALA E 783 -4.55 16.98 90.86
N TYR E 784 -3.56 16.27 91.38
CA TYR E 784 -3.79 14.99 92.03
C TYR E 784 -2.86 14.78 93.23
N ASN E 785 -3.39 14.97 94.42
CA ASN E 785 -2.68 14.69 95.66
C ASN E 785 -1.61 15.72 96.05
N SER E 786 -1.80 16.97 95.61
CA SER E 786 -0.90 18.05 96.02
C SER E 786 -1.34 19.39 95.44
N PRO E 787 -0.83 20.49 96.02
CA PRO E 787 -1.07 21.84 95.49
C PRO E 787 0.08 22.29 94.59
N LEU E 788 -0.22 22.67 93.36
CA LEU E 788 0.81 23.12 92.43
C LEU E 788 1.43 24.43 92.92
N SER E 789 2.76 24.47 92.98
CA SER E 789 3.47 25.67 93.43
C SER E 789 3.28 26.80 92.43
N ILE E 790 2.92 27.97 92.94
CA ILE E 790 2.72 29.15 92.10
C ILE E 790 4.03 29.53 91.42
N ALA E 791 5.15 29.19 92.07
CA ALA E 791 6.47 29.50 91.53
C ALA E 791 6.66 28.88 90.16
N THR E 792 6.39 27.59 90.04
CA THR E 792 6.52 26.89 88.76
C THR E 792 5.35 27.23 87.85
N PHE E 793 4.16 27.36 88.42
CA PHE E 793 2.96 27.63 87.66
C PHE E 793 3.08 28.93 86.87
N LYS E 794 3.46 30.00 87.54
CA LYS E 794 3.69 31.27 86.87
C LYS E 794 4.83 31.13 85.87
N GLU E 795 5.80 30.29 86.22
CA GLU E 795 6.97 30.08 85.38
C GLU E 795 6.62 29.40 84.06
N VAL E 796 5.72 28.43 84.12
CA VAL E 796 5.34 27.66 82.94
C VAL E 796 4.20 28.32 82.17
N THR E 797 3.29 28.98 82.89
CA THR E 797 2.13 29.61 82.27
C THR E 797 2.39 31.05 81.84
N MET E 798 3.31 31.72 82.53
CA MET E 798 3.58 33.14 82.28
C MET E 798 5.05 33.42 81.95
N GLY E 799 5.86 32.37 81.84
CA GLY E 799 7.27 32.53 81.56
C GLY E 799 7.52 33.19 80.21
N VAL E 800 8.64 33.89 80.10
CA VAL E 800 9.02 34.52 78.84
C VAL E 800 9.41 33.45 77.82
N PRO E 801 8.76 33.44 76.65
CA PRO E 801 9.09 32.43 75.62
C PRO E 801 10.57 32.44 75.25
N THR E 802 11.07 31.28 74.82
CA THR E 802 12.48 31.13 74.49
C THR E 802 12.87 32.04 73.34
N ARG E 803 14.14 32.44 73.30
CA ARG E 803 14.67 33.31 72.26
C ARG E 803 15.23 32.47 71.10
N LEU E 804 15.14 33.00 69.89
CA LEU E 804 15.60 32.28 68.71
C LEU E 804 17.12 32.29 68.58
N GLN E 805 17.80 31.50 69.41
CA GLN E 805 19.24 31.32 69.28
C GLN E 805 19.51 30.27 68.21
N SER E 806 20.75 30.18 67.75
CA SER E 806 21.15 29.20 66.75
C SER E 806 22.21 28.27 67.31
N GLN E 807 21.95 26.97 67.19
CA GLN E 807 22.84 25.94 67.74
C GLN E 807 23.70 25.32 66.65
N PHE E 808 23.90 26.08 65.57
CA PHE E 808 24.73 25.63 64.44
C PHE E 808 26.09 25.08 64.89
N ARG E 809 26.46 23.95 64.30
CA ARG E 809 27.70 23.26 64.64
C ARG E 809 28.38 22.76 63.36
N LEU E 810 29.68 22.54 63.45
CA LEU E 810 30.45 22.08 62.31
C LEU E 810 30.46 20.56 62.22
N THR E 811 30.22 20.04 61.02
CA THR E 811 30.30 18.60 60.77
C THR E 811 31.36 18.33 59.72
N TYR E 812 31.91 17.12 59.72
CA TYR E 812 32.95 16.75 58.76
C TYR E 812 32.40 16.72 57.34
N ASN E 813 31.18 16.20 57.19
CA ASN E 813 30.50 16.19 55.91
C ASN E 813 30.46 17.58 55.31
N MET E 814 30.09 18.56 56.14
CA MET E 814 30.02 19.94 55.73
C MET E 814 31.39 20.49 55.34
N ILE E 815 32.39 20.26 56.19
CA ILE E 815 33.74 20.75 55.94
C ILE E 815 34.27 20.21 54.62
N LEU E 816 34.14 18.90 54.43
CA LEU E 816 34.63 18.26 53.21
C LEU E 816 33.85 18.73 51.98
N ASN E 817 32.53 18.79 52.10
CA ASN E 817 31.69 19.35 51.05
C ASN E 817 32.18 20.71 50.62
N LEU E 818 32.23 21.65 51.56
CA LEU E 818 32.69 23.00 51.25
C LEU E 818 34.17 23.03 50.88
N LEU E 819 34.93 22.04 51.34
CA LEU E 819 36.36 21.94 51.00
C LEU E 819 36.54 21.57 49.56
N ARG E 820 35.64 20.73 49.05
CA ARG E 820 35.69 20.30 47.65
C ARG E 820 35.36 21.45 46.71
N ILE E 821 34.33 22.22 47.04
CA ILE E 821 33.76 23.21 46.14
C ILE E 821 34.65 24.44 45.90
N GLU E 822 35.22 24.96 46.98
CA GLU E 822 36.01 26.19 46.93
C GLU E 822 35.11 27.43 46.73
N ALA E 823 33.90 27.33 47.25
CA ALA E 823 32.94 28.45 47.28
C ALA E 823 32.24 28.45 48.63
N LEU E 824 31.90 29.64 49.09
CA LEU E 824 31.39 29.83 50.44
C LEU E 824 32.39 29.25 51.42
N ARG E 825 33.65 29.65 51.26
CA ARG E 825 34.76 29.13 52.05
C ARG E 825 34.41 29.06 53.53
N VAL E 826 34.77 27.95 54.15
CA VAL E 826 34.40 27.63 55.53
C VAL E 826 34.50 28.83 56.49
N GLU E 827 35.56 29.62 56.36
CA GLU E 827 35.75 30.80 57.20
C GLU E 827 34.65 31.84 56.97
N GLU E 828 34.26 32.01 55.72
CA GLU E 828 33.18 32.93 55.36
C GLU E 828 31.83 32.35 55.78
N MET E 829 31.71 31.02 55.72
CA MET E 829 30.50 30.34 56.14
C MET E 829 30.28 30.55 57.63
N ILE E 830 31.34 30.35 58.40
CA ILE E 830 31.29 30.57 59.85
C ILE E 830 31.13 32.05 60.12
N LYS E 831 31.77 32.88 59.30
CA LYS E 831 31.64 34.34 59.43
C LYS E 831 30.22 34.79 59.13
N TYR E 832 29.59 34.18 58.13
CA TYR E 832 28.23 34.53 57.73
C TYR E 832 27.18 33.74 58.51
N SER E 833 27.64 32.91 59.46
CA SER E 833 26.73 32.14 60.29
C SER E 833 26.02 33.05 61.29
N PHE E 834 24.90 32.57 61.85
CA PHE E 834 24.16 33.33 62.86
C PHE E 834 25.01 33.54 64.09
N SER E 835 25.72 32.49 64.52
CA SER E 835 26.70 32.62 65.57
C SER E 835 27.80 33.56 65.10
N GLU E 836 28.21 34.49 65.95
CA GLU E 836 29.16 35.53 65.58
C GLU E 836 28.58 36.45 64.50
N LEU E 843 32.18 32.16 65.62
CA LEU E 843 33.04 32.59 66.72
C LEU E 843 34.01 31.48 67.13
N SER E 844 33.54 30.51 67.90
CA SER E 844 34.39 29.41 68.34
C SER E 844 34.59 28.42 67.21
N LEU E 845 33.79 28.56 66.17
CA LEU E 845 33.86 27.64 65.06
C LEU E 845 35.16 27.84 64.28
N LEU E 846 35.78 29.02 64.38
CA LEU E 846 37.03 29.26 63.68
C LEU E 846 38.19 28.41 64.23
N PRO E 847 38.32 28.33 65.56
CA PRO E 847 39.19 27.35 66.23
C PRO E 847 38.73 25.91 66.03
N ASP E 848 37.45 25.64 66.31
CA ASP E 848 36.92 24.30 66.18
C ASP E 848 37.23 23.72 64.79
N TYR E 849 37.02 24.54 63.77
CA TYR E 849 37.27 24.15 62.38
C TYR E 849 38.72 23.76 62.14
N GLU E 850 39.63 24.45 62.82
CA GLU E 850 41.04 24.11 62.75
C GLU E 850 41.23 22.76 63.39
N LYS E 851 40.69 22.58 64.58
CA LYS E 851 40.77 21.27 65.24
C LYS E 851 40.27 20.13 64.33
N ARG E 852 39.07 20.30 63.78
CA ARG E 852 38.48 19.29 62.91
C ARG E 852 39.35 19.03 61.70
N LEU E 853 39.76 20.11 61.03
CA LEU E 853 40.65 20.02 59.88
C LEU E 853 41.92 19.28 60.25
N ALA E 854 42.47 19.56 61.42
CA ALA E 854 43.58 18.78 61.94
C ALA E 854 43.21 17.30 62.04
N VAL E 855 42.06 16.97 62.65
CA VAL E 855 41.61 15.57 62.67
C VAL E 855 41.61 14.94 61.28
N LEU E 856 40.95 15.62 60.32
CA LEU E 856 40.88 15.13 58.96
C LEU E 856 42.27 14.92 58.39
N LYS E 857 43.10 15.96 58.48
CA LYS E 857 44.46 15.88 57.96
C LYS E 857 45.21 14.71 58.58
N ASP E 858 45.05 14.51 59.90
CA ASP E 858 45.65 13.34 60.54
C ASP E 858 45.14 12.04 59.94
N THR E 859 43.82 11.83 59.90
CA THR E 859 43.27 10.60 59.34
C THR E 859 43.43 10.47 57.83
N GLU E 860 44.01 11.48 57.19
CA GLU E 860 44.26 11.47 55.75
C GLU E 860 42.97 11.54 54.93
N PHE E 861 41.96 12.21 55.48
CA PHE E 861 40.74 12.48 54.73
C PHE E 861 40.96 13.67 53.79
N ILE E 862 41.94 14.50 54.12
CA ILE E 862 42.27 15.67 53.31
C ILE E 862 43.78 15.87 53.24
N ASP E 863 44.26 16.30 52.07
CA ASP E 863 45.69 16.51 51.85
C ASP E 863 46.22 17.63 52.74
N GLN E 864 47.54 17.65 52.94
CA GLN E 864 48.18 18.70 53.72
C GLN E 864 47.93 20.06 53.08
N ASN E 865 47.74 20.06 51.76
CA ASN E 865 47.38 21.27 51.04
C ASN E 865 45.87 21.52 51.09
N HIS E 866 45.20 20.86 52.03
CA HIS E 866 43.75 21.03 52.22
C HIS E 866 42.93 20.64 51.00
N ASN E 867 43.52 19.85 50.10
CA ASN E 867 42.77 19.28 48.99
C ASN E 867 42.01 18.04 49.48
N VAL E 868 40.75 17.90 49.09
CA VAL E 868 39.95 16.74 49.46
C VAL E 868 40.56 15.47 48.89
N LEU E 869 40.44 14.36 49.61
CA LEU E 869 40.95 13.08 49.14
C LEU E 869 39.84 12.04 48.96
N LEU E 870 40.23 10.83 48.57
CA LEU E 870 39.30 9.73 48.38
C LEU E 870 38.43 9.52 49.61
N LYS E 871 39.08 9.26 50.75
CA LYS E 871 38.38 9.12 52.02
C LYS E 871 37.52 10.35 52.28
N GLY E 872 38.03 11.51 51.89
CA GLY E 872 37.32 12.76 52.03
C GLY E 872 36.02 12.79 51.25
N ARG E 873 36.08 12.47 49.97
CA ARG E 873 34.89 12.50 49.12
C ARG E 873 33.93 11.40 49.54
N VAL E 874 34.44 10.18 49.69
CA VAL E 874 33.62 9.06 50.14
C VAL E 874 32.87 9.49 51.39
N ALA E 875 33.60 10.06 52.35
CA ALA E 875 32.99 10.61 53.55
C ALA E 875 32.04 11.74 53.18
N CYS E 876 32.43 12.52 52.18
CA CYS E 876 31.66 13.70 51.76
C CYS E 876 30.28 13.29 51.24
N GLU E 877 30.19 12.10 50.65
CA GLU E 877 28.90 11.53 50.28
C GLU E 877 27.95 11.30 51.45
N ILE E 878 28.45 10.76 52.56
CA ILE E 878 27.58 10.38 53.69
C ILE E 878 26.94 11.60 54.35
N ASN E 879 25.67 11.83 54.07
CA ASN E 879 24.92 12.92 54.69
C ASN E 879 24.57 12.58 56.13
N SER E 880 24.61 11.30 56.47
CA SER E 880 24.42 10.87 57.84
C SER E 880 25.53 11.46 58.71
N GLY E 881 25.30 11.54 60.01
CA GLY E 881 26.24 12.17 60.92
C GLY E 881 27.61 11.53 60.96
N TYR E 882 27.64 10.22 61.17
CA TYR E 882 28.90 9.50 61.35
C TYR E 882 29.59 9.22 60.02
N GLU E 883 30.30 10.21 59.50
CA GLU E 883 30.95 10.08 58.20
C GLU E 883 32.21 9.21 58.30
N LEU E 884 33.10 9.60 59.20
CA LEU E 884 34.40 8.96 59.36
C LEU E 884 34.30 7.44 59.57
N VAL E 885 33.59 7.03 60.62
CA VAL E 885 33.43 5.62 60.95
C VAL E 885 32.97 4.80 59.74
N LEU E 886 31.84 5.20 59.18
CA LEU E 886 31.26 4.49 58.06
C LEU E 886 32.24 4.41 56.90
N THR E 887 32.86 5.55 56.58
CA THR E 887 33.86 5.58 55.50
C THR E 887 34.95 4.54 55.74
N GLU E 888 35.53 4.59 56.94
CA GLU E 888 36.56 3.64 57.32
C GLU E 888 36.05 2.21 57.14
N LEU E 889 34.80 1.98 57.51
CA LEU E 889 34.23 0.64 57.40
C LEU E 889 34.08 0.19 55.95
N ILE E 890 33.55 1.05 55.10
CA ILE E 890 33.27 0.68 53.71
C ILE E 890 34.49 0.66 52.79
N LEU E 891 35.50 1.49 53.09
CA LEU E 891 36.66 1.61 52.21
C LEU E 891 37.34 0.27 51.90
N ASP E 892 37.78 -0.45 52.94
CA ASP E 892 38.49 -1.71 52.72
C ASP E 892 37.55 -2.83 52.24
N ASN E 893 38.13 -3.96 51.86
CA ASN E 893 37.36 -5.08 51.32
C ASN E 893 36.72 -5.94 52.42
N PHE E 894 36.59 -5.37 53.61
CA PHE E 894 36.06 -6.12 54.76
C PHE E 894 34.60 -6.55 54.55
N LEU E 895 33.85 -5.72 53.84
CA LEU E 895 32.44 -6.03 53.58
C LEU E 895 32.25 -6.86 52.32
N GLY E 896 33.35 -7.26 51.70
CA GLY E 896 33.31 -8.03 50.47
C GLY E 896 32.63 -9.38 50.64
N SER E 897 32.93 -10.04 51.77
CA SER E 897 32.38 -11.36 52.05
C SER E 897 30.95 -11.28 52.60
N PHE E 898 30.59 -10.13 53.15
CA PHE E 898 29.28 -9.95 53.75
C PHE E 898 28.15 -10.01 52.74
N GLU E 899 27.08 -10.70 53.12
CA GLU E 899 25.86 -10.72 52.31
C GLU E 899 25.17 -9.38 52.45
N PRO E 900 24.39 -8.99 51.43
CA PRO E 900 23.66 -7.71 51.47
C PRO E 900 22.80 -7.56 52.73
N GLU E 901 22.09 -8.62 53.08
CA GLU E 901 21.23 -8.62 54.26
C GLU E 901 22.05 -8.35 55.52
N GLU E 902 23.23 -8.97 55.60
CA GLU E 902 24.14 -8.77 56.71
C GLU E 902 24.64 -7.32 56.78
N ILE E 903 24.97 -6.75 55.62
CA ILE E 903 25.46 -5.37 55.56
C ILE E 903 24.38 -4.38 55.97
N VAL E 904 23.18 -4.51 55.41
CA VAL E 904 22.10 -3.60 55.78
C VAL E 904 21.71 -3.81 57.23
N ALA E 905 21.82 -5.06 57.71
CA ALA E 905 21.60 -5.34 59.12
C ALA E 905 22.68 -4.70 59.99
N LEU E 906 23.92 -4.77 59.51
CA LEU E 906 25.06 -4.24 60.23
C LEU E 906 24.99 -2.71 60.32
N LEU E 907 24.60 -2.09 59.22
CA LEU E 907 24.56 -0.63 59.12
C LEU E 907 23.53 0.00 60.05
N SER E 908 22.76 -0.82 60.74
CA SER E 908 21.72 -0.32 61.62
C SER E 908 22.28 0.43 62.82
N VAL E 909 23.56 0.22 63.11
CA VAL E 909 24.17 0.83 64.29
C VAL E 909 24.17 2.36 64.18
N PHE E 910 24.30 2.86 62.97
CA PHE E 910 24.38 4.30 62.74
C PHE E 910 23.05 5.01 62.89
N VAL E 911 21.95 4.27 62.70
CA VAL E 911 20.62 4.86 62.71
C VAL E 911 19.92 4.67 64.05
N TYR E 912 20.23 3.57 64.72
CA TYR E 912 19.59 3.25 65.99
C TYR E 912 20.31 3.94 67.14
N GLU E 913 19.55 4.59 68.01
CA GLU E 913 20.11 5.35 69.12
C GLU E 913 20.77 4.45 70.16
N GLY E 914 20.12 3.33 70.49
CA GLY E 914 20.67 2.39 71.45
C GLY E 914 20.09 2.54 72.84
N LYS E 915 19.04 3.37 72.95
CA LYS E 915 18.38 3.59 74.23
C LYS E 915 17.29 2.55 74.46
N THR E 916 17.69 1.35 74.83
CA THR E 916 16.75 0.25 75.09
C THR E 916 17.09 -0.47 76.38
N ARG E 917 16.06 -0.77 77.17
CA ARG E 917 16.24 -1.43 78.46
C ARG E 917 16.50 -2.93 78.29
N GLU E 918 15.90 -3.52 77.26
CA GLU E 918 16.00 -4.97 77.03
C GLU E 918 17.43 -5.41 76.77
N GLU E 919 17.77 -6.61 77.23
CA GLU E 919 19.11 -7.14 77.10
C GLU E 919 19.39 -7.58 75.66
N GLU E 920 20.66 -7.54 75.27
CA GLU E 920 21.06 -7.91 73.92
C GLU E 920 20.88 -9.40 73.66
N PRO E 921 20.18 -9.76 72.56
CA PRO E 921 20.18 -11.16 72.14
C PRO E 921 21.46 -11.49 71.40
N PRO E 922 21.82 -12.79 71.31
CA PRO E 922 23.06 -13.15 70.61
C PRO E 922 22.97 -12.78 69.13
N ILE E 923 24.12 -12.66 68.47
CA ILE E 923 24.15 -12.20 67.09
C ILE E 923 23.61 -13.27 66.12
N VAL E 924 22.91 -12.83 65.08
CA VAL E 924 22.26 -13.75 64.15
C VAL E 924 23.24 -14.54 63.30
N THR E 925 24.28 -13.88 62.79
CA THR E 925 25.31 -14.52 61.98
C THR E 925 26.69 -14.12 62.50
N PRO E 926 27.70 -14.97 62.28
CA PRO E 926 29.01 -14.69 62.87
C PRO E 926 29.64 -13.41 62.31
N ARG E 927 29.36 -13.14 61.03
CA ARG E 927 29.92 -11.96 60.36
C ARG E 927 29.31 -10.68 60.88
N LEU E 928 28.08 -10.73 61.37
CA LEU E 928 27.47 -9.59 62.01
C LEU E 928 28.24 -9.23 63.29
N ALA E 929 28.66 -10.27 64.02
CA ALA E 929 29.47 -10.06 65.21
C ALA E 929 30.85 -9.52 64.80
N LYS E 930 31.45 -10.15 63.79
CA LYS E 930 32.73 -9.66 63.26
C LYS E 930 32.63 -8.20 62.84
N GLY E 931 31.51 -7.85 62.21
CA GLY E 931 31.28 -6.50 61.73
C GLY E 931 31.09 -5.52 62.86
N LYS E 932 30.32 -5.94 63.88
CA LYS E 932 30.18 -5.13 65.08
C LYS E 932 31.54 -4.87 65.70
N GLN E 933 32.34 -5.91 65.82
CA GLN E 933 33.69 -5.80 66.37
C GLN E 933 34.52 -4.80 65.57
N ARG E 934 34.53 -4.94 64.25
CA ARG E 934 35.24 -3.99 63.39
C ARG E 934 34.75 -2.56 63.57
N ILE E 935 33.44 -2.37 63.49
CA ILE E 935 32.83 -1.07 63.67
C ILE E 935 33.29 -0.44 64.99
N GLU E 936 33.20 -1.23 66.06
CA GLU E 936 33.66 -0.82 67.38
C GLU E 936 35.11 -0.37 67.34
N GLU E 937 35.98 -1.22 66.81
CA GLU E 937 37.41 -0.92 66.67
C GLU E 937 37.65 0.41 65.95
N ILE E 938 37.09 0.53 64.75
CA ILE E 938 37.24 1.73 63.94
C ILE E 938 36.78 2.96 64.72
N TYR E 939 35.61 2.88 65.33
CA TYR E 939 35.07 3.99 66.10
C TYR E 939 35.97 4.32 67.29
N LYS E 940 36.57 3.29 67.89
CA LYS E 940 37.51 3.48 68.98
C LYS E 940 38.68 4.32 68.49
N LYS E 941 39.29 3.90 67.39
CA LYS E 941 40.39 4.66 66.79
C LYS E 941 39.98 6.10 66.53
N MET E 942 38.81 6.27 65.93
CA MET E 942 38.28 7.61 65.69
C MET E 942 38.17 8.40 66.98
N LEU E 943 37.70 7.76 68.05
CA LEU E 943 37.59 8.44 69.33
C LEU E 943 38.97 8.82 69.87
N CYS E 944 39.96 7.93 69.69
CA CYS E 944 41.33 8.26 70.07
C CYS E 944 41.78 9.52 69.34
N VAL E 945 41.55 9.58 68.03
CA VAL E 945 41.91 10.78 67.27
C VAL E 945 41.12 12.01 67.71
N PHE E 946 39.84 11.83 68.01
CA PHE E 946 39.00 12.92 68.47
C PHE E 946 39.52 13.46 69.80
N ASN E 947 39.95 12.54 70.66
CA ASN E 947 40.46 12.91 71.98
C ASN E 947 41.84 13.56 71.88
N THR E 948 42.68 13.04 70.98
CA THR E 948 44.02 13.57 70.79
C THR E 948 44.01 15.07 70.49
N HIS E 949 43.14 15.50 69.57
CA HIS E 949 43.08 16.90 69.17
C HIS E 949 42.11 17.69 70.05
N GLN E 950 41.51 17.02 71.02
CA GLN E 950 40.65 17.67 72.00
C GLN E 950 39.42 18.34 71.39
N ILE E 951 38.65 17.57 70.61
CA ILE E 951 37.41 18.06 70.03
C ILE E 951 36.24 17.77 70.97
N PRO E 952 35.36 18.77 71.18
CA PRO E 952 34.20 18.53 72.04
C PRO E 952 33.17 17.62 71.37
N LEU E 953 32.76 16.55 72.06
CA LEU E 953 31.82 15.58 71.52
C LEU E 953 30.38 15.90 71.93
N THR E 954 29.44 15.14 71.36
CA THR E 954 28.03 15.23 71.72
C THR E 954 27.64 13.99 72.52
N GLN E 955 26.43 14.01 73.08
CA GLN E 955 25.97 12.91 73.91
C GLN E 955 25.90 11.60 73.13
N ASP E 956 25.58 11.70 71.85
CA ASP E 956 25.50 10.53 70.98
C ASP E 956 26.88 9.94 70.73
N GLU E 957 27.88 10.81 70.59
CA GLU E 957 29.25 10.37 70.36
C GLU E 957 29.88 9.77 71.62
N ALA E 958 29.50 10.29 72.78
CA ALA E 958 30.02 9.79 74.04
C ALA E 958 29.40 8.44 74.40
N GLU E 959 28.12 8.28 74.09
CA GLU E 959 27.38 7.06 74.41
C GLU E 959 27.26 6.15 73.20
N PHE E 960 28.10 6.36 72.19
CA PHE E 960 28.08 5.53 71.00
C PHE E 960 28.47 4.10 71.34
N LEU E 961 29.59 3.95 72.01
CA LEU E 961 30.03 2.63 72.46
C LEU E 961 29.28 2.20 73.72
N ASP E 962 29.01 3.17 74.60
CA ASP E 962 28.35 2.90 75.88
C ASP E 962 26.97 2.29 75.67
N ARG E 963 26.16 2.92 74.82
CA ARG E 963 24.80 2.45 74.56
C ARG E 963 24.80 1.18 73.73
N LYS E 964 23.65 0.52 73.67
CA LYS E 964 23.51 -0.73 72.93
C LYS E 964 22.84 -0.49 71.58
N ARG E 965 23.64 -0.05 70.61
CA ARG E 965 23.13 0.26 69.28
C ARG E 965 23.03 -0.99 68.40
N PHE E 966 23.79 -2.03 68.74
CA PHE E 966 23.86 -3.21 67.89
C PHE E 966 22.74 -4.21 68.16
N ALA E 967 21.94 -3.96 69.20
CA ALA E 967 20.87 -4.88 69.58
C ALA E 967 19.81 -5.03 68.48
N MET E 968 19.63 -4.00 67.67
CA MET E 968 18.60 -3.97 66.64
C MET E 968 18.93 -4.82 65.42
N MET E 969 20.22 -5.04 65.19
CA MET E 969 20.72 -5.74 64.01
C MET E 969 19.92 -7.00 63.67
N ASN E 970 19.62 -7.81 64.69
CA ASN E 970 18.90 -9.06 64.49
C ASN E 970 17.53 -8.80 63.83
N VAL E 971 16.91 -7.69 64.20
CA VAL E 971 15.57 -7.39 63.69
C VAL E 971 15.64 -7.03 62.21
N VAL E 972 16.55 -6.12 61.87
CA VAL E 972 16.75 -5.73 60.47
C VAL E 972 17.12 -6.96 59.66
N TYR E 973 18.17 -7.67 60.10
CA TYR E 973 18.65 -8.86 59.41
C TYR E 973 17.51 -9.78 58.98
N GLU E 974 16.57 -9.98 59.89
CA GLU E 974 15.41 -10.80 59.57
C GLU E 974 14.54 -10.09 58.54
N TRP E 975 14.39 -8.77 58.69
CA TRP E 975 13.53 -8.02 57.79
C TRP E 975 14.10 -8.05 56.37
N ALA E 976 15.42 -8.22 56.29
CA ALA E 976 16.10 -8.42 55.02
C ALA E 976 15.90 -9.87 54.56
N ARG E 977 15.67 -10.76 55.51
CA ARG E 977 15.53 -12.18 55.20
C ARG E 977 14.16 -12.45 54.57
N GLY E 978 13.14 -11.77 55.09
CA GLY E 978 11.79 -11.87 54.56
C GLY E 978 10.74 -12.14 55.62
N LEU E 979 11.08 -11.96 56.89
CA LEU E 979 10.14 -12.21 57.96
C LEU E 979 9.01 -11.19 57.96
N SER E 980 7.82 -11.63 58.37
CA SER E 980 6.67 -10.75 58.46
C SER E 980 6.89 -9.77 59.61
N PHE E 981 6.04 -8.74 59.68
CA PHE E 981 6.17 -7.73 60.71
C PHE E 981 5.78 -8.30 62.07
N LYS E 982 4.86 -9.26 62.06
CA LYS E 982 4.44 -9.93 63.29
C LYS E 982 5.65 -10.57 63.97
N GLU E 983 6.37 -11.40 63.22
CA GLU E 983 7.57 -12.05 63.73
C GLU E 983 8.57 -11.01 64.23
N ILE E 984 8.78 -9.98 63.41
CA ILE E 984 9.67 -8.88 63.77
C ILE E 984 9.29 -8.30 65.13
N MET E 985 8.01 -8.04 65.35
CA MET E 985 7.56 -7.45 66.60
C MET E 985 7.66 -8.42 67.77
N GLU E 986 7.38 -9.70 67.53
CA GLU E 986 7.57 -10.72 68.55
C GLU E 986 9.05 -10.86 68.86
N MET E 987 9.88 -10.52 67.87
CA MET E 987 11.33 -10.61 67.99
C MET E 987 12.02 -9.31 68.42
N SER E 988 11.45 -8.16 68.03
CA SER E 988 12.13 -6.88 68.22
C SER E 988 12.15 -6.42 69.68
N PRO E 989 13.28 -5.83 70.12
CA PRO E 989 13.35 -5.32 71.49
C PRO E 989 12.56 -4.03 71.69
N GLU E 990 12.62 -3.13 70.71
CA GLU E 990 12.01 -1.82 70.84
C GLU E 990 10.55 -1.84 70.40
N ALA E 991 9.91 -0.68 70.45
CA ALA E 991 8.54 -0.53 69.99
C ALA E 991 8.47 -0.65 68.46
N GLU E 992 7.28 -0.47 67.91
CA GLU E 992 7.04 -0.67 66.48
C GLU E 992 7.54 0.51 65.64
N GLY E 993 7.12 1.70 66.02
CA GLY E 993 7.49 2.92 65.32
C GLY E 993 9.00 3.12 65.22
N THR E 994 9.72 2.72 66.26
CA THR E 994 11.17 2.83 66.25
C THR E 994 11.76 1.92 65.18
N VAL E 995 11.33 0.66 65.16
CA VAL E 995 11.78 -0.28 64.15
C VAL E 995 11.50 0.29 62.76
N VAL E 996 10.27 0.77 62.56
CA VAL E 996 9.92 1.43 61.30
C VAL E 996 10.92 2.53 60.97
N ARG E 997 11.17 3.42 61.93
CA ARG E 997 12.14 4.50 61.73
C ARG E 997 13.52 3.99 61.31
N VAL E 998 14.01 2.98 62.02
CA VAL E 998 15.32 2.40 61.72
C VAL E 998 15.36 1.90 60.27
N ILE E 999 14.43 1.01 59.92
CA ILE E 999 14.46 0.44 58.57
C ILE E 999 14.23 1.52 57.53
N THR E 1000 13.47 2.57 57.90
CA THR E 1000 13.27 3.70 57.00
C THR E 1000 14.58 4.44 56.75
N TRP E 1001 15.31 4.74 57.81
CA TRP E 1001 16.59 5.45 57.70
C TRP E 1001 17.61 4.61 56.92
N LEU E 1002 17.60 3.30 57.18
CA LEU E 1002 18.51 2.39 56.49
C LEU E 1002 18.46 2.52 54.97
N ASP E 1003 17.34 3.02 54.44
CA ASP E 1003 17.23 3.25 53.01
C ASP E 1003 18.19 4.34 52.56
N GLU E 1004 18.07 5.51 53.19
CA GLU E 1004 18.96 6.63 52.92
C GLU E 1004 20.40 6.20 53.14
N ILE E 1005 20.64 5.48 54.24
CA ILE E 1005 21.97 4.96 54.52
C ILE E 1005 22.49 4.12 53.35
N CYS E 1006 21.69 3.15 52.91
CA CYS E 1006 22.10 2.29 51.78
C CYS E 1006 22.34 3.09 50.51
N ARG E 1007 21.50 4.09 50.26
CA ARG E 1007 21.72 4.98 49.12
C ARG E 1007 23.07 5.68 49.21
N GLU E 1008 23.36 6.27 50.36
CA GLU E 1008 24.64 6.92 50.57
C GLU E 1008 25.80 5.95 50.38
N VAL E 1009 25.71 4.78 50.99
CA VAL E 1009 26.74 3.76 50.83
C VAL E 1009 26.82 3.29 49.39
N LYS E 1010 25.70 3.29 48.69
CA LYS E 1010 25.67 2.90 47.29
C LYS E 1010 26.48 3.90 46.45
N THR E 1011 26.19 5.19 46.65
CA THR E 1011 26.96 6.25 45.98
C THR E 1011 28.45 6.12 46.31
N ALA E 1012 28.74 5.97 47.60
CA ALA E 1012 30.10 5.76 48.06
C ALA E 1012 30.74 4.60 47.33
N SER E 1013 29.99 3.50 47.22
CA SER E 1013 30.46 2.30 46.51
C SER E 1013 30.78 2.66 45.08
N ILE E 1014 29.93 3.46 44.47
CA ILE E 1014 30.17 3.98 43.13
C ILE E 1014 31.48 4.73 43.08
N ILE E 1015 31.75 5.52 44.12
CA ILE E 1015 32.99 6.29 44.18
C ILE E 1015 34.25 5.45 44.42
N ILE E 1016 34.20 4.57 45.42
CA ILE E 1016 35.40 3.89 45.90
C ILE E 1016 36.10 3.09 44.80
N GLY E 1017 35.31 2.50 43.91
CA GLY E 1017 35.85 1.77 42.78
C GLY E 1017 35.44 0.30 42.74
N ASN E 1018 34.79 -0.16 43.80
CA ASN E 1018 34.31 -1.54 43.86
C ASN E 1018 32.83 -1.61 43.51
N SER E 1019 32.54 -2.09 42.30
CA SER E 1019 31.17 -2.09 41.78
C SER E 1019 30.26 -3.06 42.55
N THR E 1020 30.83 -4.15 43.05
CA THR E 1020 30.04 -5.20 43.71
C THR E 1020 29.24 -4.67 44.89
N LEU E 1021 29.86 -3.81 45.68
CA LEU E 1021 29.18 -3.24 46.84
C LEU E 1021 27.91 -2.52 46.39
N HIS E 1022 28.01 -1.74 45.32
CA HIS E 1022 26.86 -1.04 44.76
C HIS E 1022 25.68 -2.01 44.58
N MET E 1023 25.94 -3.11 43.90
CA MET E 1023 24.92 -4.14 43.67
C MET E 1023 24.37 -4.66 44.98
N LYS E 1024 25.27 -4.99 45.92
CA LYS E 1024 24.82 -5.47 47.23
C LYS E 1024 23.87 -4.47 47.90
N MET E 1025 24.25 -3.19 47.86
CA MET E 1025 23.44 -2.15 48.47
C MET E 1025 22.11 -1.99 47.77
N SER E 1026 22.10 -2.06 46.44
CA SER E 1026 20.86 -1.99 45.68
C SER E 1026 19.94 -3.16 46.06
N ARG E 1027 20.54 -4.35 46.14
CA ARG E 1027 19.81 -5.55 46.53
C ARG E 1027 19.17 -5.36 47.91
N ALA E 1028 19.97 -4.95 48.89
CA ALA E 1028 19.45 -4.68 50.22
C ALA E 1028 18.35 -3.62 50.17
N GLN E 1029 18.58 -2.59 49.36
CA GLN E 1029 17.63 -1.51 49.16
C GLN E 1029 16.29 -2.08 48.79
N GLU E 1030 16.28 -2.92 47.76
CA GLU E 1030 15.04 -3.59 47.36
C GLU E 1030 14.49 -4.44 48.49
N LEU E 1031 15.35 -5.28 49.08
CA LEU E 1031 14.92 -6.24 50.08
C LEU E 1031 14.19 -5.62 51.27
N ILE E 1032 14.71 -4.51 51.79
CA ILE E 1032 14.10 -3.91 52.98
C ILE E 1032 12.86 -3.09 52.67
N LYS E 1033 12.75 -2.59 51.45
CA LYS E 1033 11.63 -1.75 51.07
C LYS E 1033 10.40 -2.60 50.74
N ARG E 1034 9.55 -2.84 51.72
CA ARG E 1034 8.36 -3.65 51.51
C ARG E 1034 7.37 -3.55 52.67
N ASP E 1035 6.09 -3.72 52.39
CA ASP E 1035 5.05 -3.80 53.43
C ASP E 1035 4.95 -2.57 54.32
N ILE E 1036 4.17 -2.72 55.40
CA ILE E 1036 3.81 -1.65 56.33
C ILE E 1036 4.89 -0.61 56.61
N VAL E 1037 6.15 -1.03 56.60
CA VAL E 1037 7.22 -0.12 56.96
C VAL E 1037 7.34 1.00 55.93
N PHE E 1038 7.06 0.69 54.67
CA PHE E 1038 7.17 1.64 53.57
C PHE E 1038 5.81 1.86 52.93
N ALA E 1039 4.76 1.47 53.64
CA ALA E 1039 3.40 1.64 53.14
C ALA E 1039 3.12 3.11 52.91
N ALA E 1040 2.54 3.42 51.76
CA ALA E 1040 2.26 4.79 51.39
C ALA E 1040 1.32 5.44 52.38
N SER E 1041 1.48 6.74 52.57
CA SER E 1041 0.71 7.49 53.54
C SER E 1041 -0.75 7.65 53.13
N LEU E 1042 -1.61 7.90 54.10
CA LEU E 1042 -3.04 8.13 53.84
C LEU E 1042 -3.27 9.47 53.15
N TYR E 1043 -2.36 10.40 53.37
CA TYR E 1043 -2.48 11.75 52.82
C TYR E 1043 -2.30 11.74 51.30
N LEU E 1044 -1.59 10.74 50.79
CA LEU E 1044 -1.41 10.58 49.35
C LEU E 1044 -2.63 9.89 48.73
N ASP F 3 -37.70 78.12 149.75
CA ASP F 3 -38.38 78.26 148.43
C ASP F 3 -39.19 79.56 148.36
N SER F 4 -38.49 80.70 148.46
CA SER F 4 -39.12 82.00 148.39
C SER F 4 -38.10 83.08 148.04
N MET F 5 -38.56 84.21 147.51
CA MET F 5 -37.65 85.28 147.07
C MET F 5 -36.74 85.73 148.21
N SER F 6 -37.32 85.99 149.37
CA SER F 6 -36.56 86.35 150.55
C SER F 6 -35.63 85.20 150.94
N ASP F 7 -36.12 83.98 150.77
CA ASP F 7 -35.33 82.78 151.07
C ASP F 7 -34.13 82.66 150.13
N ILE F 8 -34.38 82.83 148.83
CA ILE F 8 -33.30 82.79 147.84
C ILE F 8 -32.28 83.90 148.10
N LYS F 9 -32.78 85.10 148.39
CA LYS F 9 -31.91 86.24 148.68
C LYS F 9 -31.05 86.00 149.92
N GLN F 10 -31.68 85.55 151.00
CA GLN F 10 -30.97 85.28 152.25
C GLN F 10 -29.97 84.15 152.08
N LEU F 11 -30.39 83.08 151.43
CA LEU F 11 -29.52 81.93 151.15
C LEU F 11 -28.33 82.34 150.29
N LEU F 12 -28.60 83.11 149.25
CA LEU F 12 -27.55 83.64 148.38
C LEU F 12 -26.61 84.53 149.17
N LYS F 13 -27.19 85.34 150.07
CA LYS F 13 -26.41 86.20 150.94
C LYS F 13 -25.49 85.37 151.83
N GLU F 14 -26.03 84.27 152.36
CA GLU F 14 -25.25 83.35 153.19
C GLU F 14 -24.12 82.71 152.38
N ALA F 15 -24.44 82.26 151.17
CA ALA F 15 -23.44 81.67 150.29
C ALA F 15 -22.32 82.67 149.98
N LYS F 16 -22.69 83.91 149.68
CA LYS F 16 -21.72 84.97 149.47
C LYS F 16 -20.88 85.19 150.72
N GLN F 17 -21.55 85.25 151.87
CA GLN F 17 -20.87 85.41 153.15
C GLN F 17 -19.85 84.31 153.38
N GLU F 18 -20.25 83.07 153.09
CA GLU F 18 -19.36 81.93 153.25
C GLU F 18 -18.22 81.97 152.23
N LEU F 19 -18.53 82.41 151.02
CA LEU F 19 -17.51 82.54 149.98
C LEU F 19 -16.47 83.59 150.33
N THR F 20 -16.92 84.69 150.93
CA THR F 20 -16.02 85.74 151.39
C THR F 20 -15.05 85.20 152.44
N ASN F 21 -15.49 84.20 153.19
CA ASN F 21 -14.67 83.60 154.23
C ASN F 21 -13.70 82.55 153.68
N ARG F 22 -13.69 82.39 152.36
CA ARG F 22 -12.76 81.48 151.69
C ARG F 22 -13.08 80.01 151.92
N ASP F 23 -14.26 79.73 152.48
CA ASP F 23 -14.74 78.36 152.61
C ASP F 23 -15.32 77.89 151.28
N TYR F 24 -14.43 77.59 150.33
CA TYR F 24 -14.82 77.32 148.95
C TYR F 24 -15.75 76.12 148.80
N GLU F 25 -15.47 75.06 149.53
CA GLU F 25 -16.33 73.87 149.50
C GLU F 25 -17.74 74.23 149.97
N GLU F 26 -17.81 75.06 151.00
CA GLU F 26 -19.09 75.52 151.54
C GLU F 26 -19.88 76.32 150.50
N THR F 27 -19.17 77.12 149.72
CA THR F 27 -19.80 77.90 148.66
C THR F 27 -20.24 76.99 147.51
N ILE F 28 -19.39 76.02 147.18
CA ILE F 28 -19.71 75.05 146.13
C ILE F 28 -20.96 74.28 146.50
N GLU F 29 -21.07 73.92 147.77
CA GLU F 29 -22.26 73.21 148.27
C GLU F 29 -23.45 74.14 148.39
N ILE F 30 -23.21 75.36 148.87
CA ILE F 30 -24.29 76.31 149.15
C ILE F 30 -24.94 76.85 147.88
N SER F 31 -24.12 77.23 146.91
CA SER F 31 -24.62 77.82 145.67
C SER F 31 -25.49 76.84 144.89
N GLU F 32 -25.10 75.56 144.91
CA GLU F 32 -25.82 74.54 144.16
C GLU F 32 -27.27 74.44 144.62
N LYS F 33 -27.51 74.58 145.90
CA LYS F 33 -28.86 74.52 146.46
C LYS F 33 -29.71 75.68 145.95
N VAL F 34 -29.13 76.87 145.93
CA VAL F 34 -29.82 78.06 145.41
C VAL F 34 -30.12 77.85 143.92
N LEU F 35 -29.13 77.35 143.19
CA LEU F 35 -29.30 77.04 141.77
C LEU F 35 -30.29 75.90 141.59
N LYS F 36 -30.40 75.04 142.60
CA LYS F 36 -31.35 73.94 142.59
C LYS F 36 -32.78 74.43 142.85
N LEU F 37 -32.93 75.39 143.77
CA LEU F 37 -34.23 75.96 144.10
C LEU F 37 -34.75 76.83 142.96
N ASP F 38 -33.96 77.83 142.59
CA ASP F 38 -34.27 78.67 141.42
C ASP F 38 -33.42 78.17 140.26
N PRO F 39 -34.07 77.65 139.19
CA PRO F 39 -33.32 76.99 138.12
C PRO F 39 -32.18 77.84 137.55
N ASP F 40 -32.46 79.13 137.36
CA ASP F 40 -31.47 80.06 136.83
C ASP F 40 -31.26 81.22 137.79
N ASN F 41 -30.07 81.26 138.41
CA ASN F 41 -29.69 82.39 139.25
C ASN F 41 -28.27 82.84 138.94
N TYR F 42 -28.16 84.05 138.40
CA TYR F 42 -26.90 84.64 137.95
C TYR F 42 -25.80 84.56 139.02
N PHE F 43 -26.09 85.16 140.17
CA PHE F 43 -25.13 85.20 141.26
C PHE F 43 -24.69 83.81 141.71
N ALA F 44 -25.64 82.91 141.91
CA ALA F 44 -25.34 81.54 142.33
C ALA F 44 -24.41 80.85 141.34
N HIS F 45 -24.68 81.03 140.06
CA HIS F 45 -23.82 80.49 139.00
C HIS F 45 -22.41 81.04 139.10
N ILE F 46 -22.29 82.36 139.19
CA ILE F 46 -20.98 82.99 139.36
C ILE F 46 -20.22 82.42 140.56
N PHE F 47 -20.85 82.49 141.72
CA PHE F 47 -20.25 82.02 142.97
C PHE F 47 -19.83 80.55 142.87
N LEU F 48 -20.74 79.71 142.39
CA LEU F 48 -20.44 78.30 142.23
C LEU F 48 -19.22 78.11 141.36
N GLY F 49 -19.22 78.77 140.20
CA GLY F 49 -18.10 78.68 139.28
C GLY F 49 -16.78 79.07 139.92
N LYS F 50 -16.77 80.21 140.61
CA LYS F 50 -15.55 80.71 141.23
C LYS F 50 -15.08 79.74 142.29
N ALA F 51 -16.03 79.28 143.10
CA ALA F 51 -15.72 78.36 144.19
C ALA F 51 -15.16 77.05 143.64
N LEU F 52 -15.77 76.53 142.59
CA LEU F 52 -15.33 75.29 141.97
C LEU F 52 -13.94 75.49 141.36
N SER F 53 -13.73 76.66 140.74
CA SER F 53 -12.42 77.03 140.23
C SER F 53 -11.41 77.16 141.37
N SER F 54 -11.91 77.60 142.52
CA SER F 54 -11.08 77.73 143.72
C SER F 54 -10.65 76.37 144.24
N LEU F 55 -11.50 75.37 144.08
CA LEU F 55 -11.19 74.02 144.57
C LEU F 55 -10.15 73.35 143.68
N ASN F 59 -5.19 65.54 141.40
CA ASN F 59 -5.05 64.75 140.19
C ASN F 59 -5.51 65.54 138.97
N ASN F 60 -5.09 65.07 137.78
CA ASN F 60 -5.44 65.75 136.54
C ASN F 60 -6.93 65.68 136.22
N VAL F 61 -7.47 64.47 136.23
CA VAL F 61 -8.86 64.23 135.84
C VAL F 61 -9.86 65.04 136.67
N SER F 62 -9.77 64.90 137.99
CA SER F 62 -10.68 65.59 138.90
C SER F 62 -10.68 67.09 138.67
N SER F 63 -9.48 67.68 138.66
CA SER F 63 -9.34 69.11 138.45
C SER F 63 -9.89 69.52 137.08
N ASN F 64 -9.62 68.71 136.06
CA ASN F 64 -10.15 68.95 134.73
C ASN F 64 -11.68 69.03 134.74
N ARG F 65 -12.31 68.01 135.31
CA ARG F 65 -13.78 67.98 135.43
C ARG F 65 -14.28 69.20 136.19
N ASN F 66 -13.61 69.50 137.31
CA ASN F 66 -13.90 70.69 138.10
C ASN F 66 -13.91 71.96 137.24
N LEU F 67 -12.81 72.20 136.54
CA LEU F 67 -12.65 73.38 135.70
C LEU F 67 -13.70 73.43 134.60
N GLU F 68 -14.01 72.25 134.04
CA GLU F 68 -15.08 72.12 133.05
C GLU F 68 -16.41 72.63 133.61
N ARG F 69 -16.82 72.07 134.74
CA ARG F 69 -18.06 72.48 135.40
C ARG F 69 -18.09 73.98 135.70
N ALA F 70 -17.03 74.46 136.35
CA ALA F 70 -16.90 75.88 136.68
C ALA F 70 -17.06 76.76 135.44
N THR F 71 -16.28 76.47 134.41
CA THR F 71 -16.34 77.21 133.15
C THR F 71 -17.76 77.22 132.59
N ASN F 72 -18.37 76.03 132.55
CA ASN F 72 -19.75 75.89 132.06
C ASN F 72 -20.71 76.81 132.81
N HIS F 73 -20.65 76.79 134.14
CA HIS F 73 -21.51 77.65 134.94
C HIS F 73 -21.24 79.13 134.71
N TYR F 74 -19.96 79.51 134.62
CA TYR F 74 -19.61 80.89 134.27
C TYR F 74 -20.26 81.30 132.96
N VAL F 75 -20.08 80.47 131.94
CA VAL F 75 -20.68 80.71 130.64
C VAL F 75 -22.19 80.86 130.79
N SER F 76 -22.79 79.96 131.55
CA SER F 76 -24.23 80.01 131.80
C SER F 76 -24.65 81.36 132.38
N ALA F 77 -23.93 81.79 133.42
CA ALA F 77 -24.19 83.08 134.06
C ALA F 77 -24.08 84.19 133.03
N ALA F 78 -23.01 84.17 132.24
CA ALA F 78 -22.84 85.16 131.19
C ALA F 78 -24.00 85.12 130.21
N LYS F 79 -24.47 83.92 129.87
CA LYS F 79 -25.56 83.76 128.92
C LYS F 79 -26.89 84.25 129.52
N LEU F 80 -27.05 84.07 130.83
CA LEU F 80 -28.29 84.46 131.51
C LEU F 80 -28.52 85.97 131.56
N VAL F 81 -27.45 86.72 131.79
CA VAL F 81 -27.51 88.18 131.88
C VAL F 81 -26.27 88.81 131.24
N PRO F 82 -26.21 88.79 129.89
CA PRO F 82 -25.10 89.33 129.08
C PRO F 82 -24.57 90.71 129.48
N ASP F 83 -25.44 91.63 129.86
CA ASP F 83 -25.05 93.01 130.11
C ASP F 83 -24.13 93.19 131.34
N ASN F 84 -24.38 92.42 132.39
CA ASN F 84 -23.66 92.55 133.66
C ASN F 84 -22.15 92.34 133.51
N LEU F 85 -21.38 92.79 134.50
CA LEU F 85 -19.92 92.78 134.40
C LEU F 85 -19.26 91.61 135.14
N LEU F 86 -19.90 91.14 136.20
CA LEU F 86 -19.29 90.15 137.11
C LEU F 86 -18.90 88.85 136.41
N ALA F 87 -19.91 88.15 135.88
CA ALA F 87 -19.69 86.86 135.23
C ALA F 87 -18.61 86.94 134.16
N TRP F 88 -18.63 88.03 133.39
CA TRP F 88 -17.71 88.21 132.29
C TRP F 88 -16.28 88.43 132.74
N LYS F 89 -16.05 89.45 133.56
CA LYS F 89 -14.73 89.76 134.10
C LYS F 89 -14.19 88.51 134.72
N GLY F 90 -15.02 87.87 135.53
CA GLY F 90 -14.63 86.64 136.19
C GLY F 90 -14.26 85.57 135.18
N LEU F 91 -15.08 85.44 134.14
CA LEU F 91 -14.85 84.46 133.09
C LEU F 91 -13.49 84.67 132.43
N PHE F 92 -13.22 85.90 132.00
CA PHE F 92 -11.92 86.18 131.39
C PHE F 92 -10.76 86.07 132.40
N LEU F 93 -10.97 86.48 133.64
CA LEU F 93 -9.99 86.21 134.67
C LEU F 93 -9.74 84.69 134.71
N LEU F 94 -10.80 83.89 134.57
CA LEU F 94 -10.66 82.43 134.50
C LEU F 94 -9.84 81.97 133.30
N PHE F 95 -10.15 82.51 132.12
CA PHE F 95 -9.41 82.16 130.91
C PHE F 95 -7.93 82.48 131.07
N ARG F 96 -7.63 83.68 131.54
CA ARG F 96 -6.24 84.07 131.76
C ARG F 96 -5.59 83.18 132.81
N THR F 97 -6.30 82.90 133.90
CA THR F 97 -5.78 82.05 134.96
C THR F 97 -5.80 80.57 134.57
N THR F 98 -6.75 80.16 133.71
CA THR F 98 -6.89 78.76 133.33
C THR F 98 -5.70 78.29 132.50
N GLU F 99 -5.34 77.03 132.66
CA GLU F 99 -4.20 76.45 131.96
C GLU F 99 -4.50 76.17 130.49
N VAL F 100 -5.58 75.43 130.25
CA VAL F 100 -5.94 75.01 128.90
C VAL F 100 -7.44 75.17 128.62
N VAL F 101 -8.08 76.11 129.31
CA VAL F 101 -9.49 76.39 129.08
C VAL F 101 -9.78 76.80 127.64
N PRO F 102 -8.97 77.72 127.09
CA PRO F 102 -9.16 78.15 125.70
C PRO F 102 -8.99 77.02 124.69
N ASP F 103 -8.02 76.13 124.94
CA ASP F 103 -7.71 75.06 124.00
C ASP F 103 -8.77 73.98 123.97
N ILE F 104 -9.11 73.44 125.14
CA ILE F 104 -10.06 72.34 125.25
C ILE F 104 -11.44 72.74 124.71
N LEU F 105 -12.01 73.80 125.28
CA LEU F 105 -13.30 74.28 124.81
C LEU F 105 -13.15 74.81 123.39
N SER F 106 -14.25 74.85 122.64
CA SER F 106 -14.25 75.30 121.25
C SER F 106 -13.60 76.68 121.09
N TYR F 107 -12.62 76.78 120.19
CA TYR F 107 -11.91 78.03 119.96
C TYR F 107 -12.87 79.08 119.38
N ASP F 108 -13.85 78.61 118.61
CA ASP F 108 -14.92 79.47 118.07
C ASP F 108 -15.68 80.10 119.23
N GLU F 109 -16.01 79.26 120.21
CA GLU F 109 -16.76 79.68 121.39
C GLU F 109 -16.03 80.78 122.17
N TYR F 110 -14.71 80.70 122.23
CA TYR F 110 -13.92 81.69 122.97
C TYR F 110 -14.17 83.10 122.46
N PHE F 111 -14.00 83.28 121.16
CA PHE F 111 -14.20 84.59 120.53
C PHE F 111 -15.69 84.97 120.53
N ASP F 112 -16.56 83.99 120.26
CA ASP F 112 -18.00 84.22 120.35
C ASP F 112 -18.37 84.77 121.73
N LEU F 113 -17.67 84.29 122.76
CA LEU F 113 -17.83 84.84 124.10
C LEU F 113 -17.21 86.23 124.20
N CYS F 114 -15.97 86.37 123.71
CA CYS F 114 -15.24 87.65 123.75
C CYS F 114 -16.08 88.81 123.22
N GLY F 115 -16.71 88.56 122.07
CA GLY F 115 -17.51 89.57 121.41
C GLY F 115 -18.62 90.15 122.25
N GLN F 116 -19.40 89.29 122.91
CA GLN F 116 -20.48 89.75 123.78
C GLN F 116 -19.96 90.67 124.86
N TYR F 117 -18.81 90.34 125.44
CA TYR F 117 -18.19 91.18 126.45
C TYR F 117 -17.77 92.51 125.85
N ALA F 118 -17.15 92.46 124.68
CA ALA F 118 -16.75 93.69 123.99
C ALA F 118 -17.94 94.61 123.81
N ASP F 119 -19.05 94.06 123.31
CA ASP F 119 -20.27 94.86 123.12
C ASP F 119 -20.81 95.37 124.45
N ALA F 120 -20.85 94.48 125.45
CA ALA F 120 -21.33 94.85 126.77
C ALA F 120 -20.53 96.01 127.35
N LEU F 121 -19.20 95.94 127.24
CA LEU F 121 -18.32 96.98 127.75
C LEU F 121 -18.50 98.26 126.95
N LEU F 122 -18.63 98.11 125.63
CA LEU F 122 -18.86 99.25 124.75
C LEU F 122 -20.15 99.96 125.13
N LYS F 123 -21.17 99.18 125.48
CA LYS F 123 -22.42 99.74 125.95
C LYS F 123 -22.24 100.35 127.34
N GLN F 124 -21.46 99.69 128.18
CA GLN F 124 -21.15 100.23 129.50
C GLN F 124 -20.10 101.34 129.41
N GLU F 125 -19.43 101.42 128.26
CA GLU F 125 -18.45 102.49 127.99
C GLU F 125 -17.09 102.25 128.66
N GLN F 126 -16.89 101.08 129.27
CA GLN F 126 -15.58 100.71 129.78
C GLN F 126 -14.77 100.03 128.67
N SER F 127 -13.50 100.41 128.56
CA SER F 127 -12.65 99.95 127.46
C SER F 127 -12.20 98.51 127.65
N GLN F 128 -12.00 97.83 126.52
CA GLN F 128 -11.62 96.42 126.51
C GLN F 128 -10.18 96.24 126.04
N VAL F 129 -9.29 97.12 126.49
CA VAL F 129 -7.87 97.01 126.16
C VAL F 129 -7.30 95.73 126.74
N GLU F 130 -7.71 95.41 127.96
CA GLU F 130 -7.27 94.20 128.63
C GLU F 130 -7.64 92.96 127.82
N LEU F 131 -8.88 92.93 127.34
CA LEU F 131 -9.36 91.80 126.55
C LEU F 131 -8.62 91.69 125.23
N ILE F 132 -8.50 92.80 124.51
CA ILE F 132 -7.81 92.82 123.22
C ILE F 132 -6.37 92.39 123.41
N ASN F 133 -5.75 92.90 124.46
CA ASN F 133 -4.39 92.54 124.81
C ASN F 133 -4.28 91.05 125.14
N ASP F 134 -5.23 90.55 125.93
CA ASP F 134 -5.24 89.13 126.32
C ASP F 134 -5.49 88.22 125.13
N ILE F 135 -6.35 88.65 124.21
CA ILE F 135 -6.68 87.88 123.02
C ILE F 135 -5.49 87.85 122.08
N LYS F 136 -4.84 89.01 121.94
CA LYS F 136 -3.63 89.11 121.13
C LYS F 136 -2.55 88.20 121.71
N LEU F 137 -2.38 88.26 123.02
CA LEU F 137 -1.43 87.38 123.71
C LEU F 137 -1.85 85.94 123.50
N LEU F 138 -3.16 85.71 123.50
CA LEU F 138 -3.70 84.38 123.27
C LEU F 138 -3.34 83.90 121.86
N LYS F 139 -3.43 84.80 120.89
CA LYS F 139 -3.08 84.48 119.51
C LYS F 139 -1.59 84.21 119.37
N LYS F 140 -0.78 85.03 120.03
CA LYS F 140 0.66 84.84 120.03
C LYS F 140 1.05 83.63 120.88
N THR F 141 0.17 83.27 121.81
CA THR F 141 0.38 82.11 122.68
C THR F 141 0.08 80.80 121.95
N HIS F 142 -1.05 80.76 121.25
CA HIS F 142 -1.48 79.56 120.52
C HIS F 142 -1.84 79.91 119.07
N PRO F 143 -1.20 79.24 118.09
CA PRO F 143 -1.49 79.58 116.69
C PRO F 143 -2.58 78.73 116.05
N ASP F 144 -3.00 77.69 116.76
CA ASP F 144 -3.95 76.72 116.20
C ASP F 144 -5.34 77.33 115.99
N CYS F 145 -5.65 78.40 116.72
CA CYS F 145 -6.99 78.99 116.68
C CYS F 145 -7.09 80.20 115.75
N GLN F 146 -6.23 80.24 114.73
CA GLN F 146 -6.16 81.37 113.80
C GLN F 146 -7.42 81.53 112.98
N LYS F 147 -7.88 80.43 112.40
CA LYS F 147 -9.01 80.40 111.47
C LYS F 147 -10.25 81.04 112.06
N ALA F 148 -10.62 80.61 113.26
CA ALA F 148 -11.80 81.13 113.94
C ALA F 148 -11.70 82.64 114.11
N PHE F 149 -10.59 83.09 114.67
CA PHE F 149 -10.34 84.51 114.87
C PHE F 149 -10.44 85.27 113.55
N TYR F 150 -9.79 84.74 112.52
CA TYR F 150 -9.88 85.33 111.19
C TYR F 150 -11.33 85.33 110.69
N GLN F 151 -12.07 84.26 111.00
CA GLN F 151 -13.46 84.13 110.60
C GLN F 151 -14.33 85.21 111.25
N HIS F 152 -14.14 85.44 112.54
CA HIS F 152 -14.88 86.51 113.21
C HIS F 152 -14.41 87.91 112.88
N LEU F 153 -13.12 88.06 112.59
CA LEU F 153 -12.61 89.32 112.09
C LEU F 153 -13.32 89.71 110.78
N LYS F 154 -13.78 88.71 110.04
CA LYS F 154 -14.60 88.95 108.85
C LYS F 154 -15.92 89.58 109.27
N PRO F 155 -16.44 90.53 108.48
CA PRO F 155 -17.68 91.23 108.85
C PRO F 155 -18.88 90.30 108.97
N GLY F 156 -19.93 90.78 109.60
CA GLY F 156 -21.14 90.00 109.82
C GLY F 156 -21.08 89.32 111.18
N SER F 157 -19.95 89.49 111.87
CA SER F 157 -19.81 89.00 113.25
C SER F 157 -19.80 90.20 114.19
N LEU F 158 -20.43 90.04 115.35
CA LEU F 158 -20.55 91.16 116.29
C LEU F 158 -19.16 91.62 116.78
N MET F 159 -18.19 90.72 116.74
CA MET F 159 -16.83 91.06 117.16
C MET F 159 -16.21 92.14 116.28
N ALA F 160 -16.44 92.04 114.97
CA ALA F 160 -16.00 93.05 114.02
C ALA F 160 -16.60 94.41 114.37
N GLU F 161 -17.85 94.39 114.79
CA GLU F 161 -18.53 95.61 115.24
C GLU F 161 -18.16 95.94 116.68
N THR F 162 -17.69 94.94 117.41
CA THR F 162 -17.42 95.10 118.84
C THR F 162 -16.03 95.68 119.12
N ILE F 163 -15.02 95.07 118.51
CA ILE F 163 -13.64 95.51 118.61
C ILE F 163 -13.19 96.17 117.29
N GLY F 164 -12.83 95.35 116.30
CA GLY F 164 -12.47 95.84 114.97
C GLY F 164 -10.98 96.01 114.73
N ARG F 165 -10.19 95.70 115.76
CA ARG F 165 -8.72 95.83 115.76
C ARG F 165 -8.15 96.93 114.88
N THR F 169 -8.80 96.48 108.31
CA THR F 169 -9.78 95.59 108.95
C THR F 169 -10.14 94.41 108.04
N PRO F 170 -10.74 94.70 106.87
CA PRO F 170 -11.23 93.62 106.02
C PRO F 170 -10.12 92.87 105.29
N GLN F 171 -9.25 93.61 104.61
CA GLN F 171 -8.19 93.02 103.80
C GLN F 171 -7.44 91.91 104.54
N ASP F 172 -6.81 92.26 105.65
CA ASP F 172 -6.00 91.32 106.42
C ASP F 172 -6.80 90.08 106.81
N ALA F 173 -7.92 90.29 107.50
CA ALA F 173 -8.74 89.20 108.00
C ALA F 173 -9.23 88.29 106.87
N LEU F 174 -9.92 88.87 105.89
CA LEU F 174 -10.48 88.08 104.79
C LEU F 174 -9.40 87.37 103.97
N LEU F 175 -8.35 88.10 103.61
CA LEU F 175 -7.26 87.51 102.83
C LEU F 175 -6.61 86.36 103.60
N ASN F 176 -6.36 86.59 104.89
CA ASN F 176 -5.81 85.56 105.77
C ASN F 176 -6.71 84.34 105.83
N LEU F 177 -8.01 84.57 105.99
CA LEU F 177 -9.00 83.50 106.01
C LEU F 177 -8.96 82.71 104.71
N ILE F 178 -9.00 83.43 103.59
CA ILE F 178 -8.97 82.82 102.26
C ILE F 178 -7.72 81.95 102.09
N LYS F 179 -6.57 82.49 102.46
CA LYS F 179 -5.30 81.77 102.36
C LYS F 179 -5.31 80.51 103.22
N ILE F 180 -5.73 80.67 104.48
CA ILE F 180 -5.80 79.56 105.43
C ILE F 180 -6.69 78.43 104.92
N LEU F 181 -7.93 78.77 104.60
CA LEU F 181 -8.88 77.80 104.07
C LEU F 181 -8.35 77.18 102.77
N SER F 182 -7.79 78.01 101.90
CA SER F 182 -7.24 77.54 100.63
C SER F 182 -6.16 76.48 100.88
N ASN F 183 -5.24 76.78 101.79
CA ASN F 183 -4.20 75.83 102.17
C ASN F 183 -4.82 74.56 102.76
N ILE F 184 -5.83 74.72 103.60
CA ILE F 184 -6.57 73.58 104.15
C ILE F 184 -7.16 72.73 103.02
N GLU F 185 -7.66 73.40 101.99
CA GLU F 185 -8.22 72.72 100.83
C GLU F 185 -7.12 71.98 100.07
N THR F 186 -5.99 72.64 99.87
CA THR F 186 -4.83 72.01 99.23
C THR F 186 -4.44 70.75 100.00
N THR F 187 -4.39 70.86 101.32
CA THR F 187 -4.09 69.71 102.18
C THR F 187 -5.11 68.59 102.01
N GLU F 188 -6.39 68.95 102.04
CA GLU F 188 -7.47 67.97 101.87
C GLU F 188 -7.39 67.23 100.54
N ILE F 189 -7.33 67.98 99.45
CA ILE F 189 -7.21 67.39 98.12
C ILE F 189 -5.93 66.55 98.04
N GLY F 190 -4.85 67.08 98.62
CA GLY F 190 -3.60 66.36 98.70
C GLY F 190 -3.78 65.04 99.42
N LYS F 191 -4.61 65.05 100.46
CA LYS F 191 -4.97 63.83 101.17
C LYS F 191 -5.71 62.90 100.23
N THR F 192 -6.64 63.46 99.47
CA THR F 192 -7.39 62.68 98.48
C THR F 192 -6.50 62.22 97.33
N LEU F 193 -5.41 62.93 97.10
CA LEU F 193 -4.51 62.63 95.99
C LEU F 193 -3.91 61.22 96.03
N SER F 194 -3.66 60.71 97.24
CA SER F 194 -3.05 59.40 97.40
C SER F 194 -3.83 58.31 96.66
N ALA F 202 -4.70 55.54 84.72
CA ALA F 202 -3.28 55.75 84.60
C ALA F 202 -2.96 56.81 83.53
N SER F 203 -2.60 56.35 82.33
CA SER F 203 -2.23 57.26 81.24
C SER F 203 -3.28 57.26 80.15
N ASP F 204 -3.80 58.44 79.84
CA ASP F 204 -4.80 58.62 78.80
C ASP F 204 -4.93 60.11 78.50
N PRO F 205 -5.76 60.48 77.51
CA PRO F 205 -5.92 61.92 77.25
C PRO F 205 -6.61 62.63 78.42
N ASP F 206 -7.48 61.90 79.13
CA ASP F 206 -8.15 62.44 80.30
C ASP F 206 -7.35 62.19 81.57
N TYR F 207 -6.12 62.70 81.59
CA TYR F 207 -5.21 62.46 82.71
C TYR F 207 -5.44 63.47 83.84
N GLN F 208 -5.13 64.74 83.56
CA GLN F 208 -5.28 65.80 84.55
C GLN F 208 -6.75 65.99 84.92
N ILE F 209 -7.61 65.86 83.93
CA ILE F 209 -9.05 66.04 84.13
C ILE F 209 -9.61 65.05 85.16
N LYS F 210 -9.02 63.86 85.20
CA LYS F 210 -9.47 62.82 86.13
C LYS F 210 -9.21 63.22 87.60
N LEU F 211 -7.97 63.57 87.90
CA LEU F 211 -7.59 64.01 89.24
C LEU F 211 -8.29 65.31 89.61
N ASN F 212 -8.25 66.28 88.69
CA ASN F 212 -8.94 67.54 88.88
C ASN F 212 -10.43 67.32 89.13
N SER F 213 -11.01 66.33 88.46
CA SER F 213 -12.39 65.93 88.71
C SER F 213 -12.50 65.24 90.06
N PHE F 214 -11.46 64.52 90.44
CA PHE F 214 -11.42 63.84 91.73
C PHE F 214 -11.39 64.82 92.89
N SER F 215 -10.74 65.97 92.67
CA SER F 215 -10.62 67.01 93.70
C SER F 215 -11.84 67.92 93.79
N TRP F 216 -12.97 67.47 93.25
CA TRP F 216 -14.19 68.27 93.22
C TRP F 216 -14.95 68.24 94.56
N GLU F 217 -14.83 67.12 95.27
CA GLU F 217 -15.58 66.92 96.51
C GLU F 217 -15.30 68.01 97.55
N ILE F 218 -14.04 68.35 97.72
CA ILE F 218 -13.66 69.38 98.69
C ILE F 218 -14.08 70.77 98.22
N ILE F 219 -14.10 70.98 96.92
CA ILE F 219 -14.40 72.29 96.32
C ILE F 219 -15.90 72.60 96.32
N LYS F 220 -16.71 71.59 96.03
CA LYS F 220 -18.16 71.77 95.97
C LYS F 220 -18.75 72.37 97.24
N ASN F 221 -18.38 71.83 98.40
CA ASN F 221 -18.95 72.23 99.68
C ASN F 221 -18.37 73.55 100.23
N SER F 222 -17.15 73.88 99.82
CA SER F 222 -16.48 75.09 100.30
C SER F 222 -17.08 76.35 99.69
N GLU F 223 -17.12 77.42 100.50
CA GLU F 223 -17.72 78.69 100.09
C GLU F 223 -16.67 79.80 100.03
N ILE F 224 -15.44 79.44 99.69
CA ILE F 224 -14.36 80.42 99.60
C ILE F 224 -14.55 81.40 98.44
N ASP F 225 -15.26 80.94 97.40
CA ASP F 225 -15.55 81.77 96.24
C ASP F 225 -16.30 83.02 96.68
N GLN F 226 -17.40 82.83 97.39
CA GLN F 226 -18.19 83.93 97.90
C GLN F 226 -17.33 84.81 98.80
N LEU F 227 -16.38 84.18 99.48
CA LEU F 227 -15.45 84.88 100.34
C LEU F 227 -14.59 85.83 99.50
N TYR F 228 -14.08 85.33 98.39
CA TYR F 228 -13.37 86.17 97.42
C TYR F 228 -14.29 87.31 96.98
N ASN F 229 -15.51 86.95 96.59
CA ASN F 229 -16.50 87.94 96.23
C ASN F 229 -16.67 89.02 97.31
N GLN F 230 -16.70 88.61 98.59
CA GLN F 230 -16.78 89.56 99.70
C GLN F 230 -15.56 90.44 99.80
N LEU F 231 -14.38 89.83 99.77
CA LEU F 231 -13.12 90.55 99.87
C LEU F 231 -12.98 91.61 98.78
N VAL F 232 -13.29 91.22 97.55
CA VAL F 232 -13.15 92.13 96.41
C VAL F 232 -14.16 93.27 96.46
N ASN F 233 -15.20 93.12 97.29
CA ASN F 233 -16.24 94.14 97.41
C ASN F 233 -15.65 95.50 97.78
N ILE F 234 -14.90 95.51 98.87
CA ILE F 234 -14.21 96.71 99.35
C ILE F 234 -13.79 96.52 100.80
N ALA F 236 -10.87 98.58 100.14
CA ALA F 236 -9.77 98.02 99.36
C ALA F 236 -9.14 99.08 98.47
N ASP F 237 -7.81 99.06 98.41
CA ASP F 237 -7.07 100.00 97.56
C ASP F 237 -7.39 99.76 96.10
N ASP F 238 -7.31 100.82 95.30
CA ASP F 238 -7.59 100.73 93.87
C ASP F 238 -6.58 99.83 93.19
N GLN F 239 -5.32 99.93 93.61
CA GLN F 239 -4.25 99.12 93.04
C GLN F 239 -4.20 97.75 93.69
N LYS F 240 -4.50 97.70 94.99
CA LYS F 240 -4.43 96.45 95.75
C LYS F 240 -5.47 95.44 95.29
N ARG F 241 -6.60 95.95 94.80
CA ARG F 241 -7.69 95.10 94.35
C ARG F 241 -7.28 94.20 93.19
N SER F 242 -6.55 94.77 92.23
CA SER F 242 -6.20 94.08 90.99
C SER F 242 -5.54 92.73 91.21
N GLU F 243 -4.56 92.69 92.12
CA GLU F 243 -3.87 91.46 92.45
C GLU F 243 -4.87 90.43 92.96
N ILE F 244 -5.75 90.88 93.85
CA ILE F 244 -6.78 90.01 94.41
C ILE F 244 -7.71 89.50 93.31
N GLU F 245 -8.09 90.39 92.39
CA GLU F 245 -8.96 90.01 91.29
C GLU F 245 -8.30 88.98 90.37
N ASN F 246 -7.03 89.19 90.06
CA ASN F 246 -6.27 88.25 89.27
C ASN F 246 -6.23 86.89 89.97
N GLN F 247 -5.82 86.90 91.24
CA GLN F 247 -5.79 85.70 92.06
C GLN F 247 -7.17 85.03 92.05
N TRP F 248 -8.21 85.85 92.09
CA TRP F 248 -9.58 85.35 92.10
C TRP F 248 -9.85 84.58 90.80
N LEU F 249 -9.64 85.24 89.67
CA LEU F 249 -9.80 84.59 88.37
C LEU F 249 -9.00 83.30 88.31
N GLU F 250 -7.79 83.32 88.87
CA GLU F 250 -6.98 82.12 88.99
C GLU F 250 -7.75 81.03 89.73
N TYR F 251 -8.28 81.39 90.89
CA TYR F 251 -9.07 80.47 91.70
C TYR F 251 -10.31 80.00 90.94
N ARG F 252 -10.89 80.89 90.15
CA ARG F 252 -12.11 80.58 89.41
C ARG F 252 -11.82 79.58 88.31
N ILE F 253 -10.71 79.77 87.60
CA ILE F 253 -10.28 78.81 86.59
C ILE F 253 -9.90 77.49 87.26
N LYS F 254 -9.29 77.59 88.44
CA LYS F 254 -8.98 76.41 89.24
C LYS F 254 -10.26 75.65 89.56
N VAL F 255 -11.30 76.39 89.94
CA VAL F 255 -12.59 75.81 90.26
C VAL F 255 -13.25 75.20 89.02
N LEU F 256 -13.13 75.90 87.90
CA LEU F 256 -13.68 75.41 86.63
C LEU F 256 -13.03 74.10 86.23
N LYS F 257 -11.74 73.97 86.52
CA LYS F 257 -10.98 72.76 86.21
C LYS F 257 -11.46 71.57 87.05
N SER F 258 -12.17 71.87 88.13
CA SER F 258 -12.57 70.84 89.09
C SER F 258 -13.93 70.21 88.75
N MET F 259 -14.97 71.03 88.73
CA MET F 259 -16.36 70.55 88.58
C MET F 259 -16.57 69.75 87.29
N PRO F 260 -17.60 68.88 87.26
CA PRO F 260 -17.78 67.98 86.12
C PRO F 260 -18.22 68.71 84.85
N LEU F 261 -18.21 67.99 83.72
CA LEU F 261 -18.53 68.58 82.42
C LEU F 261 -19.90 69.22 82.41
N ASP F 262 -20.85 68.59 83.09
CA ASP F 262 -22.21 69.11 83.18
C ASP F 262 -22.24 70.45 83.90
N VAL F 263 -21.50 70.52 85.00
CA VAL F 263 -21.49 71.71 85.84
C VAL F 263 -20.66 72.85 85.24
N LYS F 264 -19.61 72.48 84.51
CA LYS F 264 -18.62 73.44 84.02
C LYS F 264 -19.25 74.51 83.12
N LYS F 265 -20.12 74.09 82.23
CA LYS F 265 -20.75 75.01 81.28
C LYS F 265 -21.52 76.12 81.99
N ASP F 266 -22.20 75.77 83.09
CA ASP F 266 -23.00 76.72 83.84
C ASP F 266 -22.15 77.84 84.41
N PHE F 267 -21.01 77.47 84.99
CA PHE F 267 -20.14 78.41 85.67
C PHE F 267 -19.24 79.15 84.68
N PHE F 268 -18.91 78.48 83.58
CA PHE F 268 -18.05 79.09 82.57
C PHE F 268 -18.66 80.37 82.03
N THR F 269 -19.98 80.42 81.96
CA THR F 269 -20.69 81.62 81.53
C THR F 269 -20.32 82.79 82.44
N LYS F 270 -20.45 82.56 83.75
CA LYS F 270 -20.08 83.55 84.74
C LYS F 270 -18.61 83.93 84.61
N VAL F 271 -17.75 82.93 84.49
CA VAL F 271 -16.31 83.19 84.32
C VAL F 271 -16.05 84.11 83.12
N LYS F 272 -16.67 83.79 81.99
CA LYS F 272 -16.50 84.58 80.77
C LYS F 272 -17.02 86.00 80.96
N GLU F 273 -18.21 86.13 81.55
CA GLU F 273 -18.77 87.44 81.86
C GLU F 273 -17.80 88.25 82.73
N MET F 274 -17.19 87.58 83.69
CA MET F 274 -16.20 88.21 84.56
C MET F 274 -15.00 88.68 83.75
N VAL F 275 -14.47 87.80 82.91
CA VAL F 275 -13.33 88.13 82.05
C VAL F 275 -13.62 89.33 81.15
N GLU F 276 -14.81 89.35 80.55
CA GLU F 276 -15.22 90.48 79.71
C GLU F 276 -15.34 91.76 80.54
N ASP F 277 -16.01 91.66 81.69
CA ASP F 277 -16.13 92.79 82.61
C ASP F 277 -14.75 93.31 82.98
N MET F 278 -13.80 92.41 83.16
CA MET F 278 -12.42 92.79 83.45
C MET F 278 -11.76 93.45 82.23
N VAL F 279 -12.06 92.92 81.05
CA VAL F 279 -11.50 93.46 79.81
C VAL F 279 -11.99 94.88 79.55
N LEU F 280 -13.26 95.13 79.81
CA LEU F 280 -13.87 96.44 79.55
C LEU F 280 -13.20 97.57 80.33
N VAL F 281 -12.77 97.27 81.55
CA VAL F 281 -12.19 98.29 82.43
C VAL F 281 -10.68 98.40 82.25
N ASN F 282 -10.15 97.65 81.28
CA ASN F 282 -8.70 97.63 81.04
C ASN F 282 -7.94 97.13 82.25
N HIS F 283 -8.40 96.01 82.81
CA HIS F 283 -7.83 95.43 84.01
C HIS F 283 -6.39 94.94 83.76
N GLN F 284 -5.55 95.03 84.78
CA GLN F 284 -4.13 94.73 84.65
C GLN F 284 -3.77 93.25 84.45
N SER F 285 -4.59 92.34 84.99
CA SER F 285 -4.23 90.91 84.93
C SER F 285 -4.31 90.36 83.52
N LEU F 286 -3.17 89.88 83.02
CA LEU F 286 -3.05 89.44 81.63
C LEU F 286 -3.88 88.21 81.35
N LEU F 287 -4.15 87.42 82.39
CA LEU F 287 -4.94 86.20 82.24
C LEU F 287 -6.36 86.54 81.83
N ALA F 288 -6.85 87.69 82.27
CA ALA F 288 -8.19 88.14 81.91
C ALA F 288 -8.24 88.43 80.42
N TRP F 289 -7.24 89.16 79.94
CA TRP F 289 -7.14 89.48 78.52
C TRP F 289 -7.03 88.19 77.71
N GLN F 290 -6.03 87.39 78.04
CA GLN F 290 -5.78 86.13 77.35
C GLN F 290 -7.03 85.25 77.31
N LYS F 291 -7.65 85.07 78.47
CA LYS F 291 -8.87 84.29 78.56
C LYS F 291 -9.94 84.90 77.67
N TYR F 292 -10.11 86.22 77.76
CA TYR F 292 -11.10 86.92 76.94
C TYR F 292 -10.90 86.60 75.47
N PHE F 293 -9.75 87.00 74.93
CA PHE F 293 -9.48 86.79 73.51
C PHE F 293 -9.60 85.32 73.14
N GLU F 294 -9.12 84.45 74.02
CA GLU F 294 -9.11 83.01 73.73
C GLU F 294 -10.51 82.41 73.76
N TRP F 295 -11.37 82.95 74.64
CA TRP F 295 -12.71 82.40 74.82
C TRP F 295 -13.75 83.01 73.87
N THR F 296 -13.57 84.28 73.50
CA THR F 296 -14.50 84.91 72.56
C THR F 296 -14.39 84.26 71.19
N ASP F 297 -15.52 83.75 70.71
CA ASP F 297 -15.55 83.04 69.43
C ASP F 297 -15.78 84.02 68.29
N TYR F 298 -15.09 83.79 67.17
CA TYR F 298 -15.22 84.66 65.99
C TYR F 298 -15.62 83.86 64.76
N GLU F 299 -16.70 84.29 64.11
CA GLU F 299 -17.17 83.63 62.90
C GLU F 299 -16.07 83.65 61.84
N ASP F 300 -15.46 84.82 61.66
CA ASP F 300 -14.36 84.98 60.73
C ASP F 300 -13.28 85.83 61.39
N LEU F 301 -12.06 85.75 60.88
CA LEU F 301 -10.94 86.49 61.45
C LEU F 301 -10.92 87.95 61.01
N ASP F 302 -11.64 88.26 59.94
CA ASP F 302 -11.73 89.64 59.44
C ASP F 302 -12.91 90.38 60.03
N ASN F 303 -13.57 89.76 61.01
CA ASN F 303 -14.65 90.40 61.75
C ASN F 303 -14.27 90.58 63.21
N MET F 304 -13.01 90.31 63.52
CA MET F 304 -12.50 90.39 64.88
C MET F 304 -12.46 91.85 65.38
N ASP F 305 -12.47 92.01 66.70
CA ASP F 305 -12.33 93.33 67.32
C ASP F 305 -10.90 93.84 67.06
N ALA F 306 -10.80 95.04 66.49
CA ALA F 306 -9.50 95.56 66.08
C ALA F 306 -8.85 96.53 67.08
N PRO F 307 -9.58 97.57 67.52
CA PRO F 307 -8.96 98.47 68.50
C PRO F 307 -8.52 97.78 69.80
N LEU F 308 -9.35 96.86 70.28
CA LEU F 308 -9.06 96.15 71.52
C LEU F 308 -7.76 95.35 71.41
N ILE F 309 -7.53 94.77 70.25
CA ILE F 309 -6.31 94.00 70.00
C ILE F 309 -5.07 94.89 70.08
N ILE F 310 -5.16 96.08 69.49
CA ILE F 310 -4.07 97.05 69.56
C ILE F 310 -3.91 97.55 70.98
N LYS F 311 -5.02 97.72 71.70
CA LYS F 311 -4.98 98.10 73.10
C LYS F 311 -4.23 97.04 73.91
N TYR F 312 -4.52 95.78 73.62
CA TYR F 312 -3.84 94.64 74.26
C TYR F 312 -2.36 94.65 73.93
N PHE F 313 -2.03 94.82 72.65
CA PHE F 313 -0.65 94.86 72.20
C PHE F 313 0.09 96.04 72.82
N LYS F 314 -0.62 97.15 72.98
CA LYS F 314 -0.02 98.36 73.53
C LYS F 314 0.25 98.20 75.02
N LYS F 315 -0.74 97.68 75.74
CA LYS F 315 -0.58 97.45 77.18
C LYS F 315 0.53 96.45 77.46
N PHE F 316 0.52 95.34 76.73
CA PHE F 316 1.51 94.28 76.90
C PHE F 316 2.29 94.03 75.62
N PRO F 317 3.51 94.59 75.52
CA PRO F 317 4.33 94.26 74.34
C PRO F 317 4.95 92.87 74.47
N LYS F 318 5.13 92.42 75.71
CA LYS F 318 5.85 91.18 75.96
C LYS F 318 5.01 89.93 75.70
N ASP F 319 3.75 89.94 76.10
CA ASP F 319 2.89 88.76 76.01
C ASP F 319 2.80 88.23 74.58
N PRO F 320 2.94 86.89 74.42
CA PRO F 320 3.01 86.29 73.08
C PRO F 320 1.72 86.43 72.27
N LEU F 321 0.59 86.17 72.91
CA LEU F 321 -0.72 86.27 72.27
C LEU F 321 -0.86 87.64 71.59
N ALA F 322 -0.44 88.67 72.30
CA ALA F 322 -0.48 90.03 71.77
C ALA F 322 0.42 90.17 70.55
N MET F 323 1.60 89.55 70.61
CA MET F 323 2.56 89.62 69.51
C MET F 323 1.98 88.95 68.26
N ILE F 324 1.47 87.73 68.41
CA ILE F 324 0.89 87.03 67.28
C ILE F 324 -0.34 87.75 66.73
N LEU F 325 -1.21 88.20 67.63
CA LEU F 325 -2.40 88.94 67.22
C LEU F 325 -2.02 90.19 66.44
N TYR F 326 -1.13 90.99 67.00
CA TYR F 326 -0.65 92.19 66.31
C TYR F 326 -0.01 91.79 64.99
N SER F 327 0.70 90.66 65.01
CA SER F 327 1.35 90.12 63.82
C SER F 327 0.32 89.85 62.74
N TRP F 328 -0.83 89.32 63.14
CA TRP F 328 -1.92 89.11 62.21
C TRP F 328 -2.54 90.43 61.75
N LEU F 329 -2.73 91.35 62.71
CA LEU F 329 -3.31 92.65 62.40
C LEU F 329 -2.46 93.40 61.37
N SER F 330 -1.14 93.26 61.50
CA SER F 330 -0.20 93.96 60.63
C SER F 330 -0.01 93.29 59.27
N SER F 331 -0.18 91.97 59.21
CA SER F 331 0.06 91.22 57.98
C SER F 331 -0.81 91.69 56.82
N LYS F 332 -0.25 91.65 55.62
CA LYS F 332 -0.96 92.09 54.42
C LYS F 332 -2.11 91.15 54.10
N LEU F 333 -2.06 89.93 54.63
CA LEU F 333 -3.12 88.96 54.44
C LEU F 333 -4.40 89.38 55.16
N SER F 334 -4.24 89.97 56.35
CA SER F 334 -5.37 90.45 57.12
C SER F 334 -6.00 91.65 56.42
N LYS F 335 -7.33 91.66 56.34
CA LYS F 335 -8.05 92.76 55.68
C LYS F 335 -7.96 94.06 56.49
N TYR F 336 -7.44 93.96 57.71
CA TYR F 336 -7.35 95.11 58.60
C TYR F 336 -6.38 96.18 58.09
N ASP F 337 -6.80 97.44 58.20
CA ASP F 337 -5.94 98.57 57.88
C ASP F 337 -5.04 98.87 59.06
N ILE F 338 -3.77 98.50 58.93
CA ILE F 338 -2.83 98.67 60.03
C ILE F 338 -2.58 100.16 60.30
N LYS F 339 -2.44 100.94 59.22
CA LYS F 339 -2.16 102.36 59.34
C LYS F 339 -3.35 103.10 59.96
N SER F 340 -4.55 102.77 59.49
CA SER F 340 -5.76 103.43 59.96
C SER F 340 -6.03 103.12 61.43
N LEU F 341 -5.69 101.89 61.83
CA LEU F 341 -5.95 101.45 63.20
C LEU F 341 -5.15 102.26 64.21
N GLU F 342 -3.85 102.42 63.95
CA GLU F 342 -2.99 103.16 64.87
C GLU F 342 -3.31 104.66 64.80
N ASP F 403 13.19 110.54 50.90
CA ASP F 403 12.61 109.22 50.77
C ASP F 403 11.28 109.14 51.51
N ASP F 404 11.32 109.30 52.83
CA ASP F 404 10.13 109.21 53.66
C ASP F 404 9.47 107.85 53.49
N ILE F 405 10.22 106.79 53.76
CA ILE F 405 9.72 105.42 53.62
C ILE F 405 8.51 105.19 54.51
N GLU F 406 8.69 105.38 55.81
CA GLU F 406 7.60 105.28 56.78
C GLU F 406 6.95 103.90 56.75
N ILE F 407 7.73 102.88 57.09
CA ILE F 407 7.23 101.51 57.15
C ILE F 407 7.46 100.95 58.56
N GLY F 408 6.43 100.32 59.11
CA GLY F 408 6.48 99.81 60.47
C GLY F 408 6.97 98.38 60.59
N LEU F 409 6.41 97.48 59.78
CA LEU F 409 6.71 96.05 59.92
C LEU F 409 6.67 95.31 58.58
N LEU F 410 7.53 94.30 58.45
CA LEU F 410 7.65 93.51 57.23
C LEU F 410 6.94 92.16 57.42
N GLU F 411 6.50 91.57 56.31
CA GLU F 411 5.75 90.32 56.36
C GLU F 411 6.61 89.15 56.86
N GLU F 412 7.85 89.10 56.40
CA GLU F 412 8.79 88.07 56.82
C GLU F 412 8.90 88.07 58.34
N GLU F 413 8.94 89.26 58.92
CA GLU F 413 8.95 89.38 60.38
C GLU F 413 7.62 88.91 60.98
N VAL F 414 6.51 89.18 60.28
CA VAL F 414 5.20 88.72 60.73
C VAL F 414 5.17 87.20 60.84
N VAL F 415 5.51 86.51 59.76
CA VAL F 415 5.58 85.05 59.79
C VAL F 415 6.62 84.58 60.82
N THR F 416 7.73 85.31 60.93
CA THR F 416 8.71 84.99 61.98
C THR F 416 8.10 85.11 63.38
N VAL F 417 7.24 86.10 63.58
CA VAL F 417 6.60 86.28 64.89
C VAL F 417 5.61 85.15 65.14
N LEU F 418 4.88 84.77 64.10
CA LEU F 418 3.98 83.62 64.19
C LEU F 418 4.75 82.37 64.58
N THR F 419 5.81 82.06 63.82
CA THR F 419 6.61 80.87 64.05
C THR F 419 7.27 80.88 65.44
N GLU F 420 7.86 82.02 65.79
CA GLU F 420 8.58 82.14 67.05
C GLU F 420 7.63 82.12 68.25
N ASN F 421 6.50 82.82 68.12
CA ASN F 421 5.55 82.97 69.23
C ASN F 421 4.63 81.76 69.40
N ILE F 422 4.30 81.10 68.28
CA ILE F 422 3.37 79.95 68.31
C ILE F 422 3.82 78.85 69.27
N VAL F 423 5.13 78.69 69.42
CA VAL F 423 5.68 77.68 70.32
C VAL F 423 5.69 78.17 71.76
N LYS F 424 5.63 79.49 71.93
CA LYS F 424 5.60 80.08 73.26
C LYS F 424 4.26 79.80 73.94
N CYS F 425 3.20 79.79 73.16
CA CYS F 425 1.86 79.51 73.67
C CYS F 425 1.24 78.30 72.97
N LYS F 426 1.84 77.14 73.17
CA LYS F 426 1.23 75.90 72.71
C LYS F 426 0.07 75.60 73.65
N ASN F 427 -0.92 74.87 73.14
CA ASN F 427 -2.16 74.58 73.89
C ASN F 427 -3.13 75.76 73.93
N ASN F 428 -2.68 76.92 73.46
CA ASN F 428 -3.59 78.02 73.12
C ASN F 428 -4.31 77.62 71.84
N ILE F 429 -5.51 78.16 71.63
CA ILE F 429 -6.30 77.80 70.47
C ILE F 429 -6.30 78.90 69.41
N LEU F 430 -6.36 80.15 69.85
CA LEU F 430 -6.45 81.27 68.92
C LEU F 430 -5.16 81.41 68.11
N ALA F 431 -4.02 81.30 68.78
CA ALA F 431 -2.73 81.35 68.11
C ALA F 431 -2.71 80.32 66.99
N HIS F 432 -3.19 79.13 67.31
CA HIS F 432 -3.25 78.04 66.35
C HIS F 432 -4.14 78.36 65.16
N ARG F 433 -5.35 78.84 65.42
CA ARG F 433 -6.29 79.13 64.33
C ARG F 433 -5.77 80.25 63.43
N ILE F 434 -5.16 81.25 64.04
CA ILE F 434 -4.58 82.36 63.29
C ILE F 434 -3.39 81.88 62.44
N LEU F 435 -2.52 81.10 63.08
CA LEU F 435 -1.38 80.53 62.38
C LEU F 435 -1.83 79.65 61.22
N CYS F 436 -2.82 78.80 61.48
CA CYS F 436 -3.39 77.92 60.47
C CYS F 436 -3.92 78.74 59.30
N GLN F 437 -4.79 79.69 59.60
CA GLN F 437 -5.35 80.59 58.61
C GLN F 437 -4.23 81.17 57.75
N TYR F 438 -3.22 81.74 58.42
CA TYR F 438 -2.07 82.30 57.73
C TYR F 438 -1.44 81.29 56.78
N TYR F 439 -1.15 80.10 57.29
CA TYR F 439 -0.54 79.06 56.48
C TYR F 439 -1.43 78.65 55.31
N LEU F 440 -2.74 78.68 55.51
CA LEU F 440 -3.67 78.33 54.43
C LEU F 440 -3.71 79.41 53.35
N LEU F 441 -3.76 80.67 53.77
CA LEU F 441 -3.79 81.78 52.82
C LEU F 441 -2.54 81.78 51.94
N THR F 442 -1.40 81.43 52.52
CA THR F 442 -0.14 81.38 51.79
C THR F 442 0.00 80.08 51.01
N LYS F 443 -1.07 79.30 50.95
CA LYS F 443 -1.08 78.05 50.20
C LYS F 443 -0.06 77.03 50.72
N GLU F 444 0.36 77.19 51.97
CA GLU F 444 1.26 76.24 52.62
C GLU F 444 0.43 75.18 53.36
N TYR F 445 -0.18 74.29 52.59
CA TYR F 445 -1.14 73.33 53.13
C TYR F 445 -0.49 72.27 54.01
N GLU F 446 0.68 71.79 53.59
CA GLU F 446 1.38 70.73 54.30
C GLU F 446 1.69 71.15 55.74
N ALA F 447 1.88 72.45 55.94
CA ALA F 447 2.30 72.98 57.23
C ALA F 447 1.10 73.17 58.17
N ALA F 448 -0.08 73.25 57.60
CA ALA F 448 -1.28 73.55 58.39
C ALA F 448 -1.85 72.31 59.06
N LEU F 449 -1.74 71.17 58.37
CA LEU F 449 -2.32 69.91 58.83
C LEU F 449 -2.04 69.58 60.31
N PRO F 450 -0.77 69.68 60.74
CA PRO F 450 -0.49 69.35 62.14
C PRO F 450 -1.07 70.37 63.12
N TYR F 451 -1.03 71.64 62.75
CA TYR F 451 -1.51 72.69 63.63
C TYR F 451 -3.03 72.68 63.75
N ILE F 452 -3.71 72.42 62.64
CA ILE F 452 -5.16 72.26 62.66
C ILE F 452 -5.52 71.11 63.60
N LYS F 453 -4.89 69.96 63.38
CA LYS F 453 -5.15 68.78 64.20
C LYS F 453 -4.80 69.05 65.66
N ASN F 454 -3.68 69.73 65.89
CA ASN F 454 -3.24 70.05 67.24
C ASN F 454 -4.19 71.03 67.91
N GLY F 455 -4.86 71.85 67.10
CA GLY F 455 -5.82 72.81 67.61
C GLY F 455 -7.15 72.17 67.95
N ILE F 456 -7.65 71.33 67.05
CA ILE F 456 -8.89 70.60 67.29
C ILE F 456 -8.76 69.74 68.54
N SER F 457 -7.59 69.13 68.71
CA SER F 457 -7.29 68.34 69.90
C SER F 457 -7.32 69.22 71.13
N LEU F 458 -6.96 70.49 70.95
CA LEU F 458 -6.98 71.46 72.04
C LEU F 458 -8.42 71.83 72.40
N ILE F 459 -9.27 71.99 71.39
CA ILE F 459 -10.66 72.33 71.63
C ILE F 459 -11.39 71.22 72.38
N ALA F 460 -11.17 69.98 71.97
CA ALA F 460 -11.80 68.84 72.61
C ALA F 460 -11.43 68.76 74.09
N TYR F 461 -10.14 68.88 74.38
CA TYR F 461 -9.64 68.83 75.74
C TYR F 461 -10.20 69.98 76.57
N ASN F 462 -10.19 71.18 75.98
CA ASN F 462 -10.55 72.38 76.73
C ASN F 462 -12.00 72.38 77.19
N ILE F 463 -12.88 71.78 76.38
CA ILE F 463 -14.29 71.68 76.75
C ILE F 463 -14.43 70.95 78.08
N LYS F 464 -13.52 70.00 78.33
CA LYS F 464 -13.51 69.23 79.57
C LYS F 464 -12.81 70.01 80.67
N ASP F 465 -11.72 70.69 80.32
CA ASP F 465 -10.90 71.41 81.30
C ASP F 465 -11.60 72.66 81.83
N LEU F 466 -11.89 73.60 80.93
CA LEU F 466 -12.44 74.89 81.33
C LEU F 466 -13.96 74.96 81.24
N GLY F 467 -14.58 73.98 80.61
CA GLY F 467 -16.01 74.01 80.36
C GLY F 467 -16.36 75.00 79.27
N VAL F 468 -15.40 75.25 78.37
CA VAL F 468 -15.58 76.22 77.31
C VAL F 468 -16.49 75.69 76.21
N HIS F 469 -17.09 76.61 75.46
CA HIS F 469 -17.90 76.26 74.29
C HIS F 469 -17.52 77.11 73.07
N LEU F 470 -16.80 76.51 72.12
CA LEU F 470 -16.36 77.20 70.91
C LEU F 470 -16.92 76.53 69.66
N PRO F 471 -18.10 76.97 69.19
CA PRO F 471 -18.73 76.32 68.05
C PRO F 471 -18.15 76.76 66.70
N LEU F 472 -18.24 78.06 66.42
CA LEU F 472 -17.86 78.59 65.13
C LEU F 472 -16.38 78.37 64.84
N THR F 473 -15.55 78.47 65.87
CA THR F 473 -14.12 78.21 65.74
C THR F 473 -13.90 76.77 65.31
N LYS F 474 -14.49 75.86 66.07
CA LYS F 474 -14.43 74.43 65.75
C LYS F 474 -14.86 74.20 64.30
N ARG F 475 -15.98 74.83 63.91
CA ARG F 475 -16.41 74.77 62.52
C ARG F 475 -15.30 75.27 61.59
N GLU F 476 -14.66 76.38 61.93
CA GLU F 476 -13.59 76.91 61.11
C GLU F 476 -12.42 75.92 60.98
N PHE F 477 -12.04 75.29 62.08
CA PHE F 477 -10.98 74.29 62.05
C PHE F 477 -11.36 73.14 61.13
N SER F 478 -12.60 72.65 61.26
CA SER F 478 -13.10 71.60 60.39
C SER F 478 -13.02 72.04 58.92
N LEU F 479 -13.47 73.26 58.67
CA LEU F 479 -13.44 73.84 57.33
C LEU F 479 -12.01 73.81 56.76
N ASP F 480 -11.09 74.47 57.48
CA ASP F 480 -9.70 74.51 57.07
C ASP F 480 -9.18 73.11 56.80
N LEU F 481 -9.45 72.20 57.74
CA LEU F 481 -9.04 70.81 57.61
C LEU F 481 -9.53 70.21 56.31
N ALA F 482 -10.80 70.42 56.00
CA ALA F 482 -11.38 69.94 54.75
C ALA F 482 -10.61 70.50 53.56
N THR F 483 -10.38 71.81 53.53
CA THR F 483 -9.58 72.40 52.44
C THR F 483 -8.23 71.70 52.31
N VAL F 484 -7.53 71.55 53.44
CA VAL F 484 -6.24 70.86 53.44
C VAL F 484 -6.37 69.46 52.83
N TYR F 485 -7.38 68.72 53.26
CA TYR F 485 -7.63 67.39 52.72
C TYR F 485 -7.85 67.46 51.21
N THR F 486 -8.55 68.48 50.75
CA THR F 486 -8.76 68.66 49.32
C THR F 486 -7.45 68.89 48.58
N TYR F 487 -6.63 69.81 49.07
CA TYR F 487 -5.41 70.19 48.35
C TYR F 487 -4.20 69.25 48.50
N VAL F 488 -3.98 68.69 49.68
CA VAL F 488 -2.72 67.97 49.96
C VAL F 488 -2.47 66.77 49.03
N ASP F 489 -3.43 65.86 48.94
CA ASP F 489 -3.32 64.69 48.08
C ASP F 489 -4.56 64.67 47.21
N ALA F 490 -4.36 64.89 45.91
CA ALA F 490 -5.47 65.21 45.01
C ALA F 490 -6.62 64.20 45.01
N PRO F 491 -6.37 62.94 44.65
CA PRO F 491 -7.49 61.99 44.73
C PRO F 491 -7.57 61.25 46.07
N LYS F 492 -6.54 61.41 46.90
CA LYS F 492 -6.40 60.59 48.10
C LYS F 492 -7.47 60.86 49.14
N ASP F 493 -7.50 62.08 49.65
CA ASP F 493 -8.29 62.42 50.84
C ASP F 493 -9.61 63.10 50.52
N HIS F 494 -10.04 63.03 49.27
CA HIS F 494 -11.27 63.69 48.87
C HIS F 494 -12.51 63.09 49.53
N ASN F 495 -12.46 61.81 49.87
CA ASN F 495 -13.60 61.17 50.54
C ASN F 495 -13.86 61.84 51.89
N ALA F 496 -12.85 61.83 52.76
CA ALA F 496 -12.97 62.43 54.09
C ALA F 496 -13.25 63.93 53.99
N ALA F 497 -12.69 64.55 52.96
CA ALA F 497 -12.91 65.97 52.70
C ALA F 497 -14.39 66.23 52.43
N LEU F 498 -14.96 65.42 51.54
CA LEU F 498 -16.37 65.53 51.18
C LEU F 498 -17.23 65.23 52.39
N LYS F 499 -16.86 64.21 53.16
CA LYS F 499 -17.58 63.86 54.39
C LYS F 499 -17.57 65.02 55.37
N LEU F 500 -16.39 65.61 55.59
CA LEU F 500 -16.25 66.76 56.48
C LEU F 500 -17.06 67.95 55.96
N TYR F 501 -17.02 68.15 54.64
CA TYR F 501 -17.79 69.21 54.01
C TYR F 501 -19.29 69.03 54.27
N ASP F 502 -19.81 67.85 53.96
CA ASP F 502 -21.22 67.54 54.20
C ASP F 502 -21.59 67.69 55.67
N ASN F 503 -20.73 67.19 56.55
CA ASN F 503 -20.94 67.33 57.99
C ASN F 503 -21.02 68.80 58.41
N ILE F 504 -20.12 69.62 57.86
CA ILE F 504 -20.12 71.06 58.13
C ILE F 504 -21.32 71.73 57.49
N LEU F 505 -21.75 71.20 56.35
CA LEU F 505 -22.84 71.79 55.59
C LEU F 505 -24.19 71.51 56.27
N SER F 506 -24.34 70.31 56.80
CA SER F 506 -25.58 69.92 57.46
C SER F 506 -25.91 70.86 58.63
N GLY F 507 -24.86 71.31 59.33
CA GLY F 507 -25.04 72.19 60.47
C GLY F 507 -25.51 73.58 60.07
N ASP F 508 -24.77 74.20 59.16
CA ASP F 508 -25.08 75.57 58.73
C ASP F 508 -26.04 75.55 57.55
N PHE F 509 -25.68 74.85 56.48
CA PHE F 509 -26.54 74.66 55.32
C PHE F 509 -26.73 75.91 54.45
N SER F 510 -26.07 77.00 54.83
CA SER F 510 -26.10 78.24 54.04
C SER F 510 -24.67 78.71 53.80
N ASN F 511 -23.71 77.87 54.18
CA ASN F 511 -22.29 78.20 54.10
C ASN F 511 -21.84 78.37 52.66
N ILE F 512 -21.09 79.43 52.39
CA ILE F 512 -20.55 79.70 51.06
C ILE F 512 -19.18 79.04 50.91
N GLN F 513 -18.37 79.13 51.94
CA GLN F 513 -17.01 78.57 51.91
C GLN F 513 -17.06 77.06 51.71
N ALA F 514 -17.94 76.39 52.44
CA ALA F 514 -18.08 74.94 52.32
C ALA F 514 -18.53 74.56 50.92
N LYS F 515 -19.53 75.26 50.41
CA LYS F 515 -20.05 75.02 49.06
C LYS F 515 -18.93 75.20 48.03
N MET F 516 -18.15 76.27 48.19
CA MET F 516 -17.02 76.53 47.30
C MET F 516 -15.99 75.40 47.35
N GLY F 517 -15.65 74.99 48.58
CA GLY F 517 -14.73 73.89 48.79
C GLY F 517 -15.19 72.62 48.10
N LYS F 518 -16.44 72.24 48.34
CA LYS F 518 -17.00 71.06 47.68
C LYS F 518 -17.09 71.29 46.18
N GLY F 519 -17.28 72.55 45.79
CA GLY F 519 -17.31 72.91 44.38
C GLY F 519 -16.00 72.51 43.71
N ILE F 520 -14.89 72.99 44.26
CA ILE F 520 -13.58 72.59 43.79
C ILE F 520 -13.44 71.07 43.86
N ILE F 521 -13.83 70.51 45.00
CA ILE F 521 -13.77 69.06 45.22
C ILE F 521 -14.45 68.30 44.08
N PHE F 522 -15.59 68.81 43.62
CA PHE F 522 -16.32 68.18 42.52
C PHE F 522 -15.66 68.47 41.17
N ILE F 523 -15.14 69.68 40.98
CA ILE F 523 -14.42 69.98 39.76
C ILE F 523 -13.26 69.01 39.56
N GLU F 524 -12.51 68.78 40.63
CA GLU F 524 -11.36 67.87 40.57
C GLU F 524 -11.76 66.47 40.11
N ARG F 525 -12.97 66.05 40.48
CA ARG F 525 -13.48 64.73 40.10
C ARG F 525 -13.93 64.69 38.65
N LYS F 526 -14.00 65.85 38.02
CA LYS F 526 -14.46 65.97 36.63
C LYS F 526 -15.96 65.72 36.48
N ASN F 527 -16.68 65.77 37.59
CA ASN F 527 -18.15 65.73 37.57
C ASN F 527 -18.71 67.14 37.73
N TRP F 528 -18.82 67.85 36.61
CA TRP F 528 -19.09 69.28 36.63
C TRP F 528 -20.55 69.65 36.89
N LYS F 529 -21.46 68.72 36.63
CA LYS F 529 -22.89 68.96 36.83
C LYS F 529 -23.18 69.38 38.26
N ASP F 530 -22.63 68.64 39.21
CA ASP F 530 -22.82 68.94 40.62
C ASP F 530 -22.01 70.17 41.05
N ALA F 531 -20.91 70.43 40.35
CA ALA F 531 -20.02 71.54 40.70
C ALA F 531 -20.57 72.90 40.29
N MET F 532 -21.01 73.00 39.04
CA MET F 532 -21.46 74.27 38.48
C MET F 532 -22.59 74.87 39.31
N THR F 533 -23.57 74.05 39.68
CA THR F 533 -24.70 74.49 40.49
C THR F 533 -24.21 75.07 41.81
N LEU F 534 -23.26 74.39 42.44
CA LEU F 534 -22.69 74.84 43.70
C LEU F 534 -21.90 76.13 43.52
N LEU F 535 -21.17 76.22 42.42
CA LEU F 535 -20.34 77.39 42.15
C LEU F 535 -21.16 78.63 41.84
N THR F 536 -22.28 78.45 41.13
CA THR F 536 -23.19 79.56 40.89
C THR F 536 -24.00 79.81 42.16
N GLN F 537 -24.22 78.75 42.95
CA GLN F 537 -24.86 78.89 44.25
C GLN F 537 -23.96 79.70 45.18
N VAL F 538 -22.64 79.56 45.03
CA VAL F 538 -21.68 80.34 45.81
C VAL F 538 -21.47 81.73 45.21
N HIS F 539 -21.41 81.79 43.88
CA HIS F 539 -21.14 83.05 43.20
C HIS F 539 -22.33 83.99 43.28
N GLU F 540 -23.53 83.44 43.36
CA GLU F 540 -24.74 84.24 43.53
C GLU F 540 -24.68 84.98 44.86
N GLN F 541 -23.95 84.41 45.82
CA GLN F 541 -23.78 85.03 47.13
C GLN F 541 -22.71 86.12 47.07
N SER F 542 -21.79 86.02 46.11
CA SER F 542 -20.72 87.02 45.99
C SER F 542 -20.00 86.94 44.64
N PRO F 543 -20.04 88.04 43.86
CA PRO F 543 -19.15 88.16 42.70
C PRO F 543 -17.83 88.80 43.11
N ASN F 544 -17.59 88.87 44.41
CA ASN F 544 -16.43 89.55 44.95
C ASN F 544 -15.11 88.86 44.60
N ASN F 545 -15.03 87.56 44.89
CA ASN F 545 -13.80 86.80 44.64
C ASN F 545 -13.74 86.26 43.21
N LEU F 546 -12.58 86.42 42.57
CA LEU F 546 -12.39 85.98 41.20
C LEU F 546 -12.36 84.46 41.12
N GLU F 547 -11.91 83.83 42.20
CA GLU F 547 -11.80 82.37 42.24
C GLU F 547 -13.13 81.72 41.88
N VAL F 548 -14.18 82.10 42.59
CA VAL F 548 -15.51 81.56 42.35
C VAL F 548 -15.94 81.75 40.89
N LEU F 549 -15.67 82.93 40.35
CA LEU F 549 -16.04 83.24 38.97
C LEU F 549 -15.26 82.38 37.98
N SER F 550 -13.96 82.27 38.18
CA SER F 550 -13.10 81.49 37.29
C SER F 550 -13.48 80.02 37.31
N GLU F 551 -13.62 79.46 38.51
CA GLU F 551 -14.00 78.06 38.66
C GLU F 551 -15.39 77.82 38.08
N LEU F 552 -16.31 78.74 38.35
CA LEU F 552 -17.67 78.65 37.80
C LEU F 552 -17.61 78.60 36.27
N SER F 553 -16.85 79.53 35.69
CA SER F 553 -16.65 79.56 34.25
C SER F 553 -16.08 78.24 33.75
N TRP F 554 -15.03 77.77 34.42
CA TRP F 554 -14.39 76.51 34.06
C TRP F 554 -15.40 75.36 34.09
N SER F 555 -16.29 75.38 35.08
CA SER F 555 -17.35 74.38 35.18
C SER F 555 -18.29 74.49 34.00
N LYS F 556 -18.74 75.72 33.72
CA LYS F 556 -19.65 75.99 32.62
C LYS F 556 -19.05 75.56 31.29
N ALA F 557 -17.74 75.74 31.15
CA ALA F 557 -17.04 75.37 29.93
C ALA F 557 -17.21 73.89 29.60
N HIS F 558 -16.96 73.03 30.58
CA HIS F 558 -17.10 71.59 30.38
C HIS F 558 -18.57 71.18 30.37
N MET F 559 -19.37 71.85 31.18
CA MET F 559 -20.80 71.56 31.26
C MET F 559 -21.44 71.68 29.87
N GLY F 560 -20.92 72.62 29.07
CA GLY F 560 -21.40 72.82 27.72
C GLY F 560 -21.53 74.29 27.37
N TYR F 561 -21.77 75.12 28.38
CA TYR F 561 -21.92 76.56 28.17
C TYR F 561 -20.55 77.21 28.04
N MET F 562 -19.95 77.10 26.86
CA MET F 562 -18.57 77.53 26.64
C MET F 562 -18.41 79.04 26.43
N ASP F 563 -19.37 79.65 25.75
CA ASP F 563 -19.29 81.07 25.42
C ASP F 563 -19.22 81.96 26.66
N GLU F 564 -20.25 81.83 27.51
CA GLU F 564 -20.32 82.59 28.75
C GLU F 564 -19.11 82.30 29.63
N ALA F 565 -18.64 81.06 29.56
CA ALA F 565 -17.45 80.66 30.31
C ALA F 565 -16.24 81.42 29.82
N LEU F 566 -16.07 81.48 28.50
CA LEU F 566 -14.95 82.19 27.90
C LEU F 566 -14.99 83.66 28.29
N ALA F 567 -16.15 84.27 28.11
CA ALA F 567 -16.35 85.66 28.51
C ALA F 567 -15.96 85.83 29.98
N GLY F 568 -16.45 84.91 30.81
CA GLY F 568 -16.16 84.92 32.23
C GLY F 568 -14.67 84.83 32.52
N LEU F 569 -13.98 83.97 31.78
CA LEU F 569 -12.53 83.85 31.90
C LEU F 569 -11.87 85.18 31.56
N ASP F 570 -12.29 85.78 30.44
CA ASP F 570 -11.78 87.09 30.02
C ASP F 570 -11.93 88.12 31.14
N THR F 571 -13.15 88.25 31.64
CA THR F 571 -13.42 89.15 32.76
C THR F 571 -12.56 88.77 33.96
N VAL F 572 -12.34 87.46 34.14
CA VAL F 572 -11.50 86.95 35.22
C VAL F 572 -10.06 87.44 35.10
N ILE F 573 -9.51 87.41 33.89
CA ILE F 573 -8.18 87.94 33.65
C ILE F 573 -8.18 89.44 33.92
N LYS F 574 -9.18 90.14 33.40
CA LYS F 574 -9.28 91.59 33.54
C LYS F 574 -9.30 92.06 34.99
N GLY F 575 -9.80 91.20 35.88
CA GLY F 575 -10.04 91.57 37.26
C GLY F 575 -8.87 91.39 38.22
N ILE F 576 -7.92 90.52 37.87
CA ILE F 576 -6.81 90.16 38.75
C ILE F 576 -6.18 91.36 39.46
N LYS F 577 -5.52 92.23 38.70
CA LYS F 577 -4.97 93.47 39.23
C LYS F 577 -4.04 93.25 40.41
N GLY F 578 -3.15 92.27 40.29
CA GLY F 578 -2.21 91.96 41.34
C GLY F 578 -0.82 91.67 40.78
N MET F 579 0.19 92.24 41.41
CA MET F 579 1.57 92.06 40.99
C MET F 579 2.26 90.94 41.77
N ASP F 580 1.53 90.31 42.69
CA ASP F 580 2.08 89.21 43.48
C ASP F 580 2.37 87.99 42.61
N LEU F 581 3.35 87.19 43.02
CA LEU F 581 3.74 85.99 42.28
C LEU F 581 2.58 85.00 42.20
N ARG F 582 1.85 84.86 43.30
CA ARG F 582 0.67 84.01 43.34
C ARG F 582 -0.34 84.48 42.31
N SER F 583 -0.53 85.80 42.25
CA SER F 583 -1.39 86.42 41.24
C SER F 583 -0.78 86.21 39.85
N ILE F 584 0.55 86.27 39.77
CA ILE F 584 1.26 86.04 38.52
C ILE F 584 0.95 84.66 37.96
N ASP F 585 0.95 83.66 38.85
CA ASP F 585 0.60 82.29 38.45
C ASP F 585 -0.90 82.16 38.16
N PHE F 586 -1.70 82.81 38.99
CA PHE F 586 -3.16 82.82 38.84
C PHE F 586 -3.55 83.29 37.43
N ARG F 587 -2.97 84.41 37.01
CA ARG F 587 -3.23 84.96 35.68
C ARG F 587 -2.90 83.95 34.60
N ALA F 588 -1.77 83.28 34.74
CA ALA F 588 -1.35 82.27 33.78
C ALA F 588 -2.37 81.13 33.75
N LEU F 589 -2.79 80.68 34.92
CA LEU F 589 -3.80 79.64 35.02
C LEU F 589 -5.06 80.05 34.25
N ASN F 590 -5.56 81.26 34.53
CA ASN F 590 -6.74 81.77 33.81
C ASN F 590 -6.54 81.84 32.30
N LEU F 591 -5.39 82.38 31.87
CA LEU F 591 -5.07 82.44 30.45
C LEU F 591 -5.12 81.06 29.80
N TRP F 592 -4.44 80.10 30.42
CA TRP F 592 -4.42 78.74 29.92
C TRP F 592 -5.83 78.16 29.83
N ARG F 593 -6.60 78.32 30.90
CA ARG F 593 -7.99 77.87 30.92
C ARG F 593 -8.79 78.51 29.78
N GLN F 594 -8.58 79.80 29.57
CA GLN F 594 -9.23 80.53 28.49
C GLN F 594 -8.89 79.89 27.14
N ALA F 595 -7.60 79.63 26.92
CA ALA F 595 -7.13 78.98 25.70
C ALA F 595 -7.79 77.61 25.50
N LYS F 596 -7.71 76.76 26.52
CA LYS F 596 -8.32 75.44 26.46
C LYS F 596 -9.82 75.54 26.11
N VAL F 597 -10.53 76.41 26.82
CA VAL F 597 -11.96 76.64 26.56
C VAL F 597 -12.19 77.09 25.12
N TYR F 598 -11.32 77.96 24.64
CA TYR F 598 -11.33 78.38 23.24
C TYR F 598 -11.27 77.15 22.34
N ILE F 599 -10.31 76.27 22.60
CA ILE F 599 -10.18 75.04 21.82
C ILE F 599 -11.44 74.17 21.93
N MET F 600 -11.99 74.07 23.14
CA MET F 600 -13.22 73.32 23.35
C MET F 600 -14.32 73.85 22.45
N LYS F 601 -14.41 75.18 22.38
CA LYS F 601 -15.33 75.82 21.43
C LYS F 601 -14.93 75.47 20.00
N HIS F 602 -13.63 75.41 19.76
CA HIS F 602 -13.11 75.05 18.44
C HIS F 602 -13.50 73.63 18.06
N ALA F 603 -13.76 72.80 19.05
CA ALA F 603 -14.18 71.42 18.81
C ALA F 603 -15.65 71.38 18.39
N GLN F 610 -10.50 77.56 12.05
CA GLN F 610 -9.14 77.42 12.54
C GLN F 610 -8.70 78.67 13.32
N GLU F 611 -9.55 79.69 13.33
CA GLU F 611 -9.24 80.95 14.01
C GLU F 611 -9.21 80.77 15.52
N ASN F 612 -10.15 79.98 16.04
CA ASN F 612 -10.24 79.75 17.47
C ASN F 612 -8.94 79.16 18.02
N VAL F 613 -8.38 78.19 17.31
CA VAL F 613 -7.14 77.54 17.71
C VAL F 613 -5.98 78.52 17.68
N LYS F 614 -6.04 79.46 16.74
CA LYS F 614 -5.01 80.49 16.62
C LYS F 614 -5.08 81.48 17.79
N CYS F 615 -6.28 81.98 18.05
CA CYS F 615 -6.48 82.89 19.18
C CYS F 615 -6.10 82.19 20.48
N ALA F 616 -6.52 80.93 20.61
CA ALA F 616 -6.15 80.09 21.74
C ALA F 616 -4.64 80.02 21.87
N PHE F 617 -3.98 79.67 20.76
CA PHE F 617 -2.52 79.59 20.71
C PHE F 617 -1.88 80.89 21.19
N LYS F 618 -2.45 82.01 20.75
CA LYS F 618 -2.01 83.33 21.20
C LYS F 618 -2.14 83.44 22.72
N LEU F 619 -3.29 83.04 23.24
CA LEU F 619 -3.50 83.01 24.69
C LEU F 619 -2.46 82.13 25.37
N LEU F 620 -2.18 80.98 24.77
CA LEU F 620 -1.22 80.03 25.34
C LEU F 620 0.19 80.60 25.40
N ILE F 621 0.66 81.17 24.29
CA ILE F 621 1.99 81.77 24.25
C ILE F 621 2.06 82.96 25.19
N GLN F 622 0.94 83.69 25.31
CA GLN F 622 0.82 84.72 26.33
C GLN F 622 1.10 84.10 27.69
N SER F 623 0.39 83.02 27.98
CA SER F 623 0.56 82.29 29.24
C SER F 623 2.02 81.88 29.47
N ILE F 624 2.62 81.22 28.48
CA ILE F 624 3.99 80.72 28.60
C ILE F 624 5.00 81.84 28.81
N LYS F 625 4.81 82.94 28.08
CA LYS F 625 5.70 84.10 28.17
C LYS F 625 5.55 84.79 29.52
N ILE F 626 4.32 84.89 30.00
CA ILE F 626 4.03 85.55 31.27
C ILE F 626 4.84 84.96 32.43
N LEU F 627 4.78 83.64 32.57
CA LEU F 627 5.43 82.95 33.69
C LEU F 627 6.82 82.44 33.32
N ASP F 628 6.87 81.64 32.26
CA ASP F 628 8.12 81.01 31.79
C ASP F 628 8.50 79.76 32.61
N THR F 629 7.79 79.54 33.71
CA THR F 629 7.96 78.34 34.53
C THR F 629 6.65 77.55 34.51
N PHE F 630 5.79 77.90 33.58
CA PHE F 630 4.43 77.37 33.52
C PHE F 630 4.29 76.24 32.51
N ALA F 631 4.27 75.01 33.01
CA ALA F 631 4.27 73.80 32.16
C ALA F 631 3.02 73.62 31.31
N PRO F 632 1.82 73.77 31.91
CA PRO F 632 0.59 73.48 31.16
C PRO F 632 0.45 74.33 29.90
N GLY F 633 1.09 75.50 29.89
CA GLY F 633 1.14 76.32 28.71
C GLY F 633 1.85 75.58 27.59
N PHE F 634 3.09 75.19 27.85
CA PHE F 634 3.88 74.45 26.88
C PHE F 634 3.17 73.17 26.47
N SER F 635 2.57 72.48 27.44
CA SER F 635 1.82 71.25 27.13
C SER F 635 0.68 71.53 26.17
N THR F 636 -0.12 72.55 26.48
CA THR F 636 -1.22 72.93 25.61
C THR F 636 -0.69 73.23 24.21
N LEU F 637 0.33 74.08 24.14
CA LEU F 637 0.98 74.42 22.88
C LEU F 637 1.40 73.14 22.17
N GLY F 638 1.90 72.20 22.95
CA GLY F 638 2.32 70.91 22.43
C GLY F 638 1.14 70.19 21.81
N ASP F 639 -0.01 70.23 22.49
CA ASP F 639 -1.23 69.66 21.94
C ASP F 639 -1.58 70.34 20.62
N ILE F 640 -1.52 71.67 20.60
CA ILE F 640 -1.77 72.42 19.36
C ILE F 640 -0.90 71.90 18.23
N TYR F 641 0.42 71.96 18.42
CA TYR F 641 1.34 71.54 17.37
C TYR F 641 1.16 70.08 16.97
N CYS F 642 0.90 69.22 17.96
CA CYS F 642 0.74 67.79 17.72
C CYS F 642 -0.50 67.52 16.86
N HIS F 643 -1.62 68.10 17.24
CA HIS F 643 -2.88 67.83 16.55
C HIS F 643 -3.24 68.89 15.49
N TYR F 644 -3.27 70.15 15.90
CA TYR F 644 -3.77 71.23 15.05
C TYR F 644 -2.94 71.44 13.78
N TYR F 645 -1.68 71.82 13.93
CA TYR F 645 -0.84 72.22 12.80
C TYR F 645 -0.05 71.06 12.20
N LYS F 646 0.06 69.96 12.94
CA LYS F 646 0.80 68.79 12.47
C LYS F 646 2.28 69.11 12.26
N ASP F 647 2.91 69.66 13.30
CA ASP F 647 4.34 69.95 13.29
C ASP F 647 5.03 69.20 14.43
N HIS F 648 5.83 68.20 14.09
CA HIS F 648 6.43 67.31 15.07
C HIS F 648 7.59 67.96 15.82
N LEU F 649 8.52 68.55 15.08
CA LEU F 649 9.75 69.11 15.65
C LEU F 649 9.46 70.09 16.80
N ARG F 650 8.58 71.05 16.56
CA ARG F 650 8.28 72.07 17.55
C ARG F 650 7.49 71.47 18.72
N ALA F 651 6.50 70.65 18.39
CA ALA F 651 5.68 69.98 19.38
C ALA F 651 6.55 69.25 20.39
N PHE F 652 7.44 68.42 19.87
CA PHE F 652 8.37 67.65 20.70
C PHE F 652 9.09 68.55 21.70
N LYS F 653 9.62 69.66 21.19
CA LYS F 653 10.30 70.64 22.01
C LYS F 653 9.37 71.15 23.11
N CYS F 654 8.16 71.55 22.71
CA CYS F 654 7.17 72.04 23.68
C CYS F 654 6.89 71.02 24.78
N TYR F 655 6.58 69.79 24.39
CA TYR F 655 6.32 68.73 25.35
C TYR F 655 7.50 68.55 26.29
N PHE F 656 8.70 68.48 25.73
CA PHE F 656 9.89 68.28 26.55
C PHE F 656 10.07 69.40 27.57
N LYS F 657 10.02 70.64 27.08
CA LYS F 657 10.14 71.80 27.98
C LYS F 657 9.04 71.76 29.04
N ALA F 658 7.87 71.29 28.65
CA ALA F 658 6.78 71.10 29.60
C ALA F 658 7.14 70.00 30.60
N PHE F 659 7.75 68.94 30.11
CA PHE F 659 8.04 67.77 30.94
C PHE F 659 9.08 68.11 32.00
N ASP F 660 10.12 68.85 31.60
CA ASP F 660 11.13 69.29 32.54
C ASP F 660 10.50 70.10 33.66
N LEU F 661 9.46 70.86 33.32
CA LEU F 661 8.83 71.78 34.28
C LEU F 661 7.86 71.07 35.23
N ASP F 662 7.17 70.05 34.74
CA ASP F 662 6.06 69.43 35.48
C ASP F 662 6.38 68.03 36.02
N ALA F 663 6.77 67.12 35.13
CA ALA F 663 6.95 65.69 35.44
C ALA F 663 5.62 65.02 35.76
N GLY F 664 4.53 65.75 35.54
CA GLY F 664 3.19 65.26 35.82
C GLY F 664 2.48 64.79 34.57
N ASP F 665 2.48 65.62 33.53
CA ASP F 665 1.63 65.38 32.37
C ASP F 665 2.00 64.14 31.56
N TYR F 666 1.10 63.16 31.64
CA TYR F 666 1.22 61.88 30.98
C TYR F 666 1.42 62.02 29.47
N THR F 667 0.66 62.92 28.86
CA THR F 667 0.67 63.11 27.41
C THR F 667 2.05 63.46 26.86
N ALA F 668 2.70 64.45 27.47
CA ALA F 668 4.03 64.88 27.05
C ALA F 668 5.01 63.73 27.06
N ALA F 669 5.11 63.09 28.22
CA ALA F 669 5.91 61.88 28.37
C ALA F 669 5.59 60.90 27.25
N LYS F 670 4.30 60.69 27.01
CA LYS F 670 3.86 59.79 25.93
C LYS F 670 4.46 60.23 24.59
N TYR F 671 4.38 61.51 24.26
CA TYR F 671 4.91 61.99 22.99
C TYR F 671 6.43 61.78 22.90
N ILE F 672 7.16 62.25 23.92
CA ILE F 672 8.62 62.14 23.91
C ILE F 672 9.06 60.68 23.83
N THR F 673 8.49 59.83 24.68
CA THR F 673 8.82 58.41 24.73
C THR F 673 8.47 57.72 23.42
N GLU F 674 7.28 58.03 22.88
CA GLU F 674 6.84 57.43 21.63
C GLU F 674 7.79 57.82 20.49
N THR F 675 8.14 59.10 20.41
CA THR F 675 9.03 59.58 19.36
C THR F 675 10.43 58.98 19.52
N TYR F 676 10.93 58.93 20.75
CA TYR F 676 12.22 58.31 21.03
C TYR F 676 12.18 56.83 20.69
N ALA F 677 11.04 56.20 20.95
CA ALA F 677 10.90 54.77 20.70
C ALA F 677 10.79 54.43 19.22
N SER F 678 10.26 55.37 18.43
CA SER F 678 10.08 55.15 17.00
C SER F 678 11.36 55.40 16.22
N LYS F 679 12.40 55.86 16.91
CA LYS F 679 13.68 56.18 16.26
C LYS F 679 14.36 54.96 15.61
N PRO F 680 14.67 53.91 16.39
CA PRO F 680 14.45 53.73 17.83
C PRO F 680 15.67 54.06 18.69
N ASN F 681 15.43 54.61 19.87
CA ASN F 681 16.49 54.90 20.84
C ASN F 681 15.94 54.72 22.26
N TRP F 682 16.49 53.75 22.98
CA TRP F 682 15.87 53.24 24.20
C TRP F 682 16.38 53.84 25.51
N GLN F 683 17.63 54.30 25.51
CA GLN F 683 18.19 54.94 26.69
C GLN F 683 17.36 56.17 27.06
N ALA F 684 17.10 57.02 26.07
CA ALA F 684 16.31 58.23 26.26
C ALA F 684 14.90 57.92 26.75
N ALA F 685 14.23 57.01 26.03
CA ALA F 685 12.88 56.59 26.39
C ALA F 685 12.84 56.03 27.81
N SER F 686 13.85 55.23 28.17
CA SER F 686 13.96 54.69 29.51
C SER F 686 14.11 55.82 30.52
N SER F 687 14.92 56.81 30.18
CA SER F 687 15.09 58.00 31.02
C SER F 687 13.76 58.69 31.28
N ILE F 688 13.05 59.03 30.21
CA ILE F 688 11.75 59.68 30.30
C ILE F 688 10.76 58.84 31.14
N ALA F 689 10.55 57.60 30.71
CA ALA F 689 9.62 56.71 31.38
C ALA F 689 9.99 56.55 32.86
N SER F 690 11.29 56.39 33.11
CA SER F 690 11.79 56.20 34.47
C SER F 690 11.53 57.43 35.33
N ARG F 691 11.75 58.61 34.76
CA ARG F 691 11.43 59.84 35.45
C ARG F 691 9.94 59.91 35.77
N LEU F 692 9.11 59.56 34.79
CA LEU F 692 7.66 59.56 34.96
C LEU F 692 7.20 58.62 36.08
N ILE F 693 7.69 57.38 36.04
CA ILE F 693 7.37 56.40 37.07
C ILE F 693 7.86 56.88 38.44
N LYS F 694 9.15 57.22 38.51
CA LYS F 694 9.77 57.61 39.77
C LYS F 694 9.11 58.85 40.36
N GLY F 695 8.69 59.77 39.50
CA GLY F 695 8.07 61.01 39.92
C GLY F 695 6.82 60.80 40.75
N GLU F 696 6.04 59.77 40.39
CA GLU F 696 4.82 59.45 41.12
C GLU F 696 3.81 60.59 41.05
N LYS F 697 4.01 61.51 40.11
CA LYS F 697 3.09 62.62 39.92
C LYS F 697 1.85 62.17 39.16
N ALA F 698 2.01 61.15 38.33
CA ALA F 698 0.95 60.63 37.48
C ALA F 698 0.55 59.21 37.92
N LYS F 699 0.47 58.99 39.22
CA LYS F 699 0.22 57.66 39.76
C LYS F 699 -1.06 57.06 39.21
N ALA F 700 -2.07 57.89 38.99
CA ALA F 700 -3.36 57.42 38.52
C ALA F 700 -3.31 56.96 37.07
N GLU F 701 -2.67 57.74 36.21
CA GLU F 701 -2.63 57.43 34.78
C GLU F 701 -1.87 56.14 34.50
N LEU F 702 -0.88 55.84 35.33
CA LEU F 702 -0.05 54.65 35.14
C LEU F 702 -0.81 53.37 35.49
N ARG F 703 -1.89 53.51 36.23
CA ARG F 703 -2.69 52.35 36.62
C ARG F 703 -3.44 51.78 35.42
N SER F 704 -3.58 52.58 34.37
CA SER F 704 -4.32 52.19 33.17
C SER F 704 -3.40 51.71 32.05
N ASN F 705 -2.34 52.46 31.81
CA ASN F 705 -1.41 52.16 30.72
C ASN F 705 -0.08 51.64 31.26
N ASN F 706 0.46 50.61 30.60
CA ASN F 706 1.64 49.92 31.10
C ASN F 706 2.92 50.24 30.34
N TRP F 707 2.86 51.17 29.40
CA TRP F 707 3.99 51.40 28.50
C TRP F 707 5.30 51.84 29.16
N PRO F 708 5.24 52.69 30.20
CA PRO F 708 6.52 53.18 30.73
C PRO F 708 7.37 52.04 31.30
N PHE F 709 6.76 51.19 32.11
CA PHE F 709 7.44 50.05 32.70
C PHE F 709 8.07 49.19 31.61
N ARG F 710 7.28 48.93 30.57
CA ARG F 710 7.71 48.15 29.41
C ARG F 710 8.90 48.78 28.70
N VAL F 711 8.80 50.08 28.43
CA VAL F 711 9.88 50.81 27.80
C VAL F 711 11.14 50.65 28.63
N VAL F 712 11.06 50.95 29.92
CA VAL F 712 12.21 50.78 30.81
C VAL F 712 12.73 49.35 30.71
N GLY F 713 11.81 48.39 30.72
CA GLY F 713 12.17 47.00 30.63
C GLY F 713 12.99 46.67 29.39
N ILE F 714 12.49 47.07 28.23
CA ILE F 714 13.19 46.82 26.97
C ILE F 714 14.53 47.54 26.94
N ALA F 715 14.53 48.79 27.40
CA ALA F 715 15.75 49.58 27.46
C ALA F 715 16.81 48.85 28.27
N HIS F 716 16.39 48.28 29.40
CA HIS F 716 17.29 47.46 30.21
C HIS F 716 17.66 46.18 29.47
N LEU F 717 16.67 45.60 28.79
CA LEU F 717 16.87 44.34 28.10
C LEU F 717 17.99 44.44 27.06
N GLU F 718 17.83 45.38 26.12
CA GLU F 718 18.79 45.52 25.03
C GLU F 718 20.17 45.93 25.53
N LYS F 719 20.21 46.57 26.69
CA LYS F 719 21.47 47.03 27.28
C LYS F 719 22.20 45.91 28.00
N GLN F 720 21.75 44.68 27.80
CA GLN F 720 22.42 43.48 28.33
C GLN F 720 22.36 43.37 29.86
N GLU F 721 21.33 43.95 30.46
CA GLU F 721 21.09 43.83 31.90
C GLU F 721 19.74 43.15 32.13
N GLU F 722 19.67 41.86 31.82
CA GLU F 722 18.40 41.14 31.78
C GLU F 722 17.73 40.98 33.15
N SER F 723 18.54 40.86 34.20
CA SER F 723 18.00 40.64 35.54
C SER F 723 17.11 41.81 35.98
N ASP F 724 17.57 43.02 35.71
CA ASP F 724 16.83 44.21 36.09
C ASP F 724 15.56 44.37 35.26
N SER F 725 15.54 43.73 34.09
CA SER F 725 14.41 43.84 33.18
C SER F 725 13.20 43.07 33.68
N ILE F 726 13.46 41.97 34.38
CA ILE F 726 12.40 41.12 34.91
C ILE F 726 11.42 41.90 35.78
N GLU F 727 11.97 42.66 36.73
CA GLU F 727 11.15 43.48 37.61
C GLU F 727 10.20 44.37 36.82
N TRP F 728 10.75 45.12 35.88
CA TRP F 728 9.99 46.09 35.10
C TRP F 728 8.95 45.43 34.22
N PHE F 729 9.32 44.35 33.52
CA PHE F 729 8.37 43.65 32.67
C PHE F 729 7.25 43.02 33.51
N GLN F 730 7.59 42.50 34.68
CA GLN F 730 6.57 41.95 35.57
C GLN F 730 5.64 43.05 36.01
N SER F 731 6.21 44.16 36.45
CA SER F 731 5.42 45.31 36.88
C SER F 731 4.54 45.80 35.75
N ALA F 732 5.08 45.76 34.53
CA ALA F 732 4.32 46.12 33.35
C ALA F 732 3.14 45.18 33.18
N LEU F 733 3.43 43.88 33.25
CA LEU F 733 2.39 42.86 33.06
C LEU F 733 1.32 42.95 34.15
N ARG F 734 1.73 43.31 35.35
CA ARG F 734 0.83 43.41 36.49
C ARG F 734 -0.30 44.39 36.21
N VAL F 735 -0.07 45.31 35.27
CA VAL F 735 -1.09 46.28 34.88
C VAL F 735 -1.91 45.76 33.70
N ASP F 736 -1.23 45.32 32.65
CA ASP F 736 -1.89 44.84 31.44
C ASP F 736 -1.46 43.42 31.11
N PRO F 737 -2.26 42.43 31.52
CA PRO F 737 -2.00 41.04 31.14
C PRO F 737 -2.42 40.72 29.71
N ASN F 738 -2.98 41.71 29.01
CA ASN F 738 -3.38 41.54 27.62
C ASN F 738 -2.23 41.83 26.66
N ASP F 739 -1.20 42.52 27.17
CA ASP F 739 -0.01 42.82 26.38
C ASP F 739 0.61 41.51 25.91
N VAL F 740 1.37 41.57 24.82
CA VAL F 740 2.01 40.39 24.27
C VAL F 740 3.52 40.52 24.36
N GLU F 741 4.05 41.60 23.83
CA GLU F 741 5.50 41.79 23.73
C GLU F 741 6.15 41.76 25.11
N SER F 742 5.44 42.30 26.10
CA SER F 742 5.97 42.34 27.46
C SER F 742 6.31 40.93 27.95
N TRP F 743 5.44 39.98 27.64
CA TRP F 743 5.68 38.59 28.00
C TRP F 743 6.91 38.05 27.29
N VAL F 744 7.01 38.34 25.99
CA VAL F 744 8.15 37.88 25.19
C VAL F 744 9.45 38.40 25.78
N GLY F 745 9.49 39.71 26.05
CA GLY F 745 10.65 40.32 26.67
C GLY F 745 10.95 39.67 28.01
N LEU F 746 9.92 39.55 28.85
CA LEU F 746 10.07 38.93 30.16
C LEU F 746 10.69 37.55 30.06
N GLY F 747 10.13 36.72 29.19
CA GLY F 747 10.61 35.36 29.00
C GLY F 747 12.02 35.33 28.44
N GLN F 748 12.31 36.25 27.53
CA GLN F 748 13.65 36.37 26.98
C GLN F 748 14.63 36.63 28.13
N ALA F 749 14.28 37.58 28.98
CA ALA F 749 15.07 37.89 30.17
C ALA F 749 15.19 36.67 31.07
N TYR F 750 14.07 35.99 31.29
CA TYR F 750 14.05 34.77 32.08
C TYR F 750 15.10 33.80 31.55
N HIS F 751 15.07 33.56 30.24
CA HIS F 751 15.98 32.63 29.60
C HIS F 751 17.43 33.05 29.77
N ALA F 752 17.69 34.33 29.51
CA ALA F 752 19.04 34.86 29.67
C ALA F 752 19.49 34.76 31.14
N CYS F 753 18.55 34.87 32.05
CA CYS F 753 18.85 34.81 33.48
C CYS F 753 18.93 33.38 34.03
N GLY F 754 18.67 32.40 33.16
CA GLY F 754 18.82 31.00 33.51
C GLY F 754 17.52 30.32 33.91
N ARG F 755 16.50 31.09 34.25
CA ARG F 755 15.21 30.51 34.59
C ARG F 755 14.55 29.96 33.32
N ILE F 756 15.09 28.87 32.79
CA ILE F 756 14.70 28.41 31.46
C ILE F 756 13.27 27.84 31.38
N GLU F 757 12.95 26.90 32.25
CA GLU F 757 11.62 26.27 32.25
C GLU F 757 10.53 27.34 32.35
N ALA F 758 10.75 28.30 33.25
CA ALA F 758 9.85 29.42 33.41
C ALA F 758 9.72 30.17 32.10
N SER F 759 10.86 30.50 31.49
CA SER F 759 10.87 31.21 30.22
C SER F 759 10.01 30.47 29.20
N ILE F 760 10.16 29.15 29.15
CA ILE F 760 9.32 28.33 28.29
C ILE F 760 7.84 28.58 28.59
N LYS F 761 7.48 28.48 29.87
CA LYS F 761 6.11 28.77 30.30
C LYS F 761 5.64 30.16 29.86
N VAL F 762 6.51 31.15 30.01
CA VAL F 762 6.20 32.54 29.63
C VAL F 762 5.96 32.68 28.13
N PHE F 763 6.88 32.14 27.32
CA PHE F 763 6.70 32.16 25.87
C PHE F 763 5.42 31.43 25.48
N ASP F 764 5.13 30.33 26.16
CA ASP F 764 3.90 29.59 25.91
C ASP F 764 2.69 30.48 26.19
N LYS F 765 2.76 31.24 27.28
CA LYS F 765 1.73 32.24 27.56
C LYS F 765 1.63 33.27 26.42
N ALA F 766 2.78 33.78 25.99
CA ALA F 766 2.82 34.73 24.88
C ALA F 766 2.13 34.17 23.64
N ILE F 767 2.41 32.92 23.32
CA ILE F 767 1.76 32.26 22.19
C ILE F 767 0.27 32.09 22.45
N GLN F 768 -0.08 31.68 23.68
CA GLN F 768 -1.47 31.49 24.04
C GLN F 768 -2.24 32.79 23.87
N LEU F 769 -1.56 33.91 24.04
CA LEU F 769 -2.16 35.22 23.77
C LEU F 769 -2.39 35.47 22.28
N ARG F 770 -1.53 34.95 21.42
CA ARG F 770 -1.74 35.02 19.97
C ARG F 770 -0.86 34.04 19.20
N PRO F 771 -1.47 33.15 18.39
CA PRO F 771 -0.64 32.22 17.61
C PRO F 771 0.11 32.89 16.47
N SER F 772 -0.26 34.13 16.17
CA SER F 772 0.34 34.84 15.05
C SER F 772 1.81 35.19 15.32
N HIS F 773 2.17 35.25 16.59
CA HIS F 773 3.50 35.71 17.01
C HIS F 773 4.58 34.64 16.81
N THR F 774 5.42 34.83 15.79
CA THR F 774 6.42 33.85 15.41
C THR F 774 7.64 33.87 16.32
N PHE F 775 8.11 35.06 16.65
CA PHE F 775 9.28 35.22 17.50
C PHE F 775 9.11 34.45 18.81
N ALA F 776 7.91 34.50 19.37
CA ALA F 776 7.62 33.81 20.61
C ALA F 776 7.83 32.31 20.43
N GLN F 777 7.37 31.79 19.31
CA GLN F 777 7.53 30.39 18.98
C GLN F 777 9.01 30.04 18.84
N TYR F 778 9.76 30.90 18.17
CA TYR F 778 11.21 30.73 18.06
C TYR F 778 11.88 30.67 19.44
N PHE F 779 11.69 31.73 20.24
CA PHE F 779 12.24 31.81 21.58
C PHE F 779 11.89 30.56 22.40
N LYS F 780 10.62 30.20 22.39
CA LYS F 780 10.14 29.00 23.07
C LYS F 780 10.86 27.78 22.55
N ALA F 781 11.00 27.68 21.25
CA ALA F 781 11.68 26.54 20.63
C ALA F 781 13.10 26.42 21.17
N ILE F 782 13.85 27.52 21.15
CA ILE F 782 15.20 27.51 21.68
C ILE F 782 15.24 27.11 23.16
N SER F 783 14.45 27.81 23.97
CA SER F 783 14.42 27.51 25.41
C SER F 783 14.08 26.04 25.64
N LEU F 784 13.17 25.51 24.84
CA LEU F 784 12.81 24.10 24.91
C LEU F 784 14.01 23.23 24.57
N CYS F 785 14.67 23.57 23.47
CA CYS F 785 15.84 22.85 23.01
C CYS F 785 16.91 22.84 24.09
N ASP F 786 17.01 23.94 24.84
CA ASP F 786 17.98 24.03 25.94
C ASP F 786 17.67 23.06 27.09
N VAL F 787 16.40 22.73 27.29
CA VAL F 787 16.01 21.80 28.34
C VAL F 787 16.29 20.35 27.92
N GLY F 788 16.07 20.07 26.63
CA GLY F 788 16.30 18.75 26.10
C GLY F 788 15.10 18.20 25.35
N GLU F 789 13.97 18.91 25.42
CA GLU F 789 12.78 18.50 24.69
C GLU F 789 12.89 18.96 23.23
N TYR F 790 13.43 18.09 22.38
CA TYR F 790 13.77 18.47 21.00
C TYR F 790 12.62 18.39 20.03
N LEU F 791 11.67 17.49 20.27
CA LEU F 791 10.57 17.32 19.34
C LEU F 791 9.76 18.59 19.21
N GLU F 792 9.26 19.10 20.33
CA GLU F 792 8.46 20.32 20.32
C GLU F 792 9.23 21.46 19.65
N SER F 793 10.50 21.60 20.04
CA SER F 793 11.37 22.62 19.48
C SER F 793 11.45 22.51 17.95
N LEU F 794 11.74 21.32 17.46
CA LEU F 794 11.92 21.12 16.03
C LEU F 794 10.60 21.25 15.26
N ASP F 795 9.51 20.80 15.85
CA ASP F 795 8.19 20.94 15.24
C ASP F 795 7.86 22.41 15.08
N ILE F 796 8.01 23.15 16.18
CA ILE F 796 7.80 24.58 16.18
C ILE F 796 8.66 25.27 15.12
N LEU F 797 9.98 25.11 15.22
CA LEU F 797 10.90 25.77 14.30
C LEU F 797 10.67 25.40 12.84
N GLU F 798 10.35 24.12 12.60
CA GLU F 798 10.01 23.66 11.25
C GLU F 798 8.78 24.43 10.75
N LYS F 799 7.72 24.42 11.56
CA LYS F 799 6.50 25.15 11.23
C LYS F 799 6.79 26.63 10.93
N VAL F 800 7.54 27.27 11.81
CA VAL F 800 7.86 28.68 11.66
C VAL F 800 8.68 28.93 10.39
N CYS F 801 9.70 28.11 10.17
CA CYS F 801 10.54 28.28 8.99
C CYS F 801 9.76 28.04 7.70
N GLN F 802 8.79 27.13 7.75
CA GLN F 802 7.87 26.92 6.64
C GLN F 802 7.03 28.17 6.44
N GLU F 803 6.62 28.77 7.56
CA GLU F 803 5.84 30.01 7.53
C GLU F 803 6.63 31.21 7.00
N ALA F 804 7.83 31.42 7.53
CA ALA F 804 8.65 32.57 7.15
C ALA F 804 10.08 32.16 6.80
N ALA F 805 10.26 31.67 5.58
CA ALA F 805 11.56 31.14 5.15
C ALA F 805 12.60 32.25 4.94
N THR F 806 12.14 33.46 4.65
CA THR F 806 13.03 34.56 4.30
C THR F 806 13.94 34.99 5.45
N GLU F 807 13.45 34.87 6.68
CA GLU F 807 14.20 35.37 7.84
C GLU F 807 15.25 34.40 8.36
N GLU F 808 16.42 34.96 8.64
CA GLU F 808 17.62 34.20 8.96
C GLU F 808 17.53 33.52 10.33
N SER F 809 17.17 34.31 11.33
CA SER F 809 17.11 33.86 12.72
C SER F 809 16.46 32.48 12.89
N PHE F 810 15.31 32.30 12.27
CA PHE F 810 14.57 31.04 12.34
C PHE F 810 15.36 29.87 11.75
N GLN F 811 15.85 30.04 10.53
CA GLN F 811 16.61 29.01 9.85
C GLN F 811 17.86 28.61 10.65
N ILE F 812 18.64 29.61 11.03
CA ILE F 812 19.85 29.35 11.79
C ILE F 812 19.50 28.65 13.10
N GLY F 813 18.44 29.12 13.76
CA GLY F 813 17.93 28.46 14.94
C GLY F 813 17.58 27.00 14.68
N LEU F 814 16.94 26.74 13.53
CA LEU F 814 16.58 25.38 13.16
C LEU F 814 17.83 24.52 13.05
N VAL F 815 18.83 25.01 12.33
CA VAL F 815 20.11 24.30 12.27
C VAL F 815 20.64 24.03 13.67
N GLU F 816 20.68 25.07 14.49
CA GLU F 816 21.17 24.95 15.87
C GLU F 816 20.50 23.80 16.60
N VAL F 817 19.18 23.86 16.71
CA VAL F 817 18.43 22.83 17.43
C VAL F 817 18.72 21.46 16.82
N LEU F 818 18.61 21.37 15.49
CA LEU F 818 18.79 20.10 14.80
C LEU F 818 20.14 19.46 15.09
N MET F 819 21.21 20.27 15.03
CA MET F 819 22.55 19.74 15.27
C MET F 819 22.74 19.43 16.74
N ARG F 820 22.09 20.20 17.61
CA ARG F 820 22.14 19.94 19.04
C ARG F 820 21.53 18.58 19.34
N CYS F 821 20.39 18.32 18.70
CA CYS F 821 19.75 17.02 18.78
C CYS F 821 20.68 15.96 18.21
N SER F 822 21.26 16.28 17.04
CA SER F 822 22.21 15.39 16.38
C SER F 822 23.30 14.92 17.35
N LEU F 823 23.90 15.87 18.07
CA LEU F 823 24.97 15.54 19.01
C LEU F 823 24.43 14.83 20.27
N ASP F 824 23.32 15.33 20.82
CA ASP F 824 22.75 14.72 22.02
C ASP F 824 22.45 13.25 21.78
N LEU F 825 21.89 12.95 20.61
CA LEU F 825 21.57 11.56 20.27
C LEU F 825 22.83 10.72 20.18
N TYR F 826 23.90 11.29 19.64
CA TYR F 826 25.18 10.61 19.62
C TYR F 826 25.61 10.34 21.06
N SER F 827 25.45 11.35 21.91
CA SER F 827 25.82 11.23 23.31
C SER F 827 24.99 10.15 24.02
N GLN F 828 23.70 10.10 23.75
CA GLN F 828 22.84 9.13 24.43
C GLN F 828 22.90 7.70 23.86
N GLY F 829 23.60 7.50 22.75
CA GLY F 829 23.82 6.17 22.21
C GLY F 829 23.04 5.82 20.95
N PHE F 830 22.19 6.74 20.51
CA PHE F 830 21.43 6.55 19.28
C PHE F 830 22.29 6.90 18.08
N LEU F 831 23.29 6.07 17.80
CA LEU F 831 24.32 6.42 16.82
C LEU F 831 23.79 6.64 15.40
N LEU F 832 22.80 5.86 15.00
CA LEU F 832 22.32 5.92 13.62
C LEU F 832 21.37 7.11 13.39
N LYS F 833 20.40 7.28 14.29
CA LYS F 833 19.51 8.43 14.20
C LYS F 833 20.31 9.73 14.27
N SER F 834 21.41 9.70 15.02
CA SER F 834 22.32 10.83 15.09
C SER F 834 22.81 11.20 13.68
N VAL F 835 23.31 10.21 12.95
CA VAL F 835 23.80 10.46 11.60
C VAL F 835 22.68 10.91 10.69
N SER F 836 21.51 10.28 10.80
CA SER F 836 20.36 10.68 10.01
C SER F 836 20.08 12.18 10.20
N ILE F 837 19.94 12.58 11.46
CA ILE F 837 19.68 13.97 11.76
C ILE F 837 20.81 14.85 11.21
N ALA F 838 22.05 14.48 11.49
CA ALA F 838 23.21 15.20 10.93
C ALA F 838 23.04 15.49 9.44
N LYS F 839 22.76 14.43 8.68
CA LYS F 839 22.49 14.54 7.26
C LYS F 839 21.43 15.61 7.01
N ASP F 840 20.31 15.50 7.72
CA ASP F 840 19.25 16.52 7.61
C ASP F 840 19.77 17.95 7.88
N THR F 841 20.54 18.12 8.95
CA THR F 841 21.08 19.45 9.28
C THR F 841 21.91 20.01 8.12
N ILE F 842 22.83 19.19 7.60
CA ILE F 842 23.67 19.63 6.48
C ILE F 842 22.81 20.02 5.28
N GLU F 843 21.86 19.17 4.93
CA GLU F 843 20.92 19.47 3.86
C GLU F 843 20.22 20.80 4.10
N ARG F 844 19.86 21.08 5.36
CA ARG F 844 19.30 22.37 5.72
C ARG F 844 20.29 23.52 5.48
N ILE F 845 21.50 23.38 5.99
CA ILE F 845 22.50 24.43 5.81
C ILE F 845 22.65 24.76 4.34
N LYS F 846 22.69 23.74 3.48
CA LYS F 846 22.72 24.00 2.05
C LYS F 846 21.60 24.95 1.63
N ILE F 847 20.39 24.70 2.15
CA ILE F 847 19.26 25.57 1.86
C ILE F 847 19.58 26.99 2.30
N ILE F 848 20.12 27.13 3.51
CA ILE F 848 20.45 28.47 4.01
C ILE F 848 21.45 29.17 3.10
N ILE F 849 22.53 28.49 2.75
CA ILE F 849 23.57 29.12 1.96
C ILE F 849 23.12 29.43 0.53
N SER F 850 22.31 28.54 -0.06
CA SER F 850 21.83 28.75 -1.43
C SER F 850 20.68 29.75 -1.51
N GLU F 851 19.59 29.47 -0.79
CA GLU F 851 18.38 30.28 -0.90
C GLU F 851 18.54 31.66 -0.25
N LEU F 852 18.94 31.68 1.01
CA LEU F 852 19.00 32.94 1.77
C LEU F 852 20.32 33.65 1.58
N LYS F 853 21.38 32.91 1.30
CA LYS F 853 22.72 33.47 1.25
C LYS F 853 23.05 34.10 2.60
N CYS F 854 22.48 33.56 3.66
CA CYS F 854 22.70 34.06 5.01
C CYS F 854 23.93 33.42 5.65
N GLU F 855 25.06 34.12 5.61
CA GLU F 855 26.31 33.62 6.16
C GLU F 855 26.55 34.14 7.58
N ASN F 856 26.61 33.21 8.53
CA ASN F 856 26.94 33.54 9.90
C ASN F 856 28.10 32.69 10.39
N GLN F 857 28.82 33.20 11.36
CA GLN F 857 29.95 32.48 11.94
C GLN F 857 29.46 31.24 12.69
N GLN F 858 28.17 31.22 13.02
CA GLN F 858 27.60 30.13 13.81
C GLN F 858 27.32 28.92 12.95
N VAL F 859 26.75 29.16 11.77
CA VAL F 859 26.32 28.11 10.87
C VAL F 859 27.47 27.15 10.58
N TRP F 860 28.66 27.70 10.38
CA TRP F 860 29.82 26.89 10.05
C TRP F 860 30.27 26.08 11.27
N ILE F 861 30.17 26.67 12.46
CA ILE F 861 30.47 25.94 13.68
C ILE F 861 29.53 24.75 13.77
N TYR F 862 28.24 25.02 13.54
CA TYR F 862 27.23 23.97 13.55
C TYR F 862 27.64 22.89 12.55
N LEU F 863 27.93 23.31 11.31
CA LEU F 863 28.30 22.39 10.25
C LEU F 863 29.48 21.51 10.67
N SER F 864 30.47 22.13 11.31
CA SER F 864 31.62 21.41 11.83
C SER F 864 31.15 20.35 12.83
N GLN F 865 30.53 20.82 13.90
CA GLN F 865 30.02 19.94 14.97
C GLN F 865 29.20 18.79 14.43
N VAL F 866 28.47 19.04 13.34
CA VAL F 866 27.71 17.97 12.69
C VAL F 866 28.64 16.98 12.01
N LEU F 867 29.50 17.47 11.12
CA LEU F 867 30.44 16.60 10.41
C LEU F 867 31.24 15.71 11.38
N ARG F 868 31.56 16.26 12.55
CA ARG F 868 32.24 15.50 13.60
C ARG F 868 31.64 14.10 13.75
N LEU F 869 30.32 14.00 13.56
CA LEU F 869 29.63 12.72 13.71
C LEU F 869 29.99 11.78 12.57
N PHE F 870 29.97 12.28 11.34
CA PHE F 870 30.37 11.49 10.19
C PHE F 870 31.79 11.00 10.38
N ILE F 871 32.63 11.83 10.98
CA ILE F 871 33.98 11.39 11.32
C ILE F 871 33.94 10.24 12.32
N TRP F 872 33.34 10.49 13.48
CA TRP F 872 33.34 9.53 14.59
C TRP F 872 32.66 8.20 14.23
N ILE F 873 31.52 8.28 13.57
CA ILE F 873 30.76 7.08 13.18
C ILE F 873 31.14 6.63 11.77
N GLU F 874 31.97 5.61 11.69
CA GLU F 874 32.47 5.14 10.40
C GLU F 874 31.51 4.18 9.74
N SER F 875 30.53 3.70 10.49
CA SER F 875 29.54 2.80 9.93
C SER F 875 28.77 3.54 8.85
N LYS F 876 28.20 4.68 9.22
CA LYS F 876 27.35 5.45 8.33
C LYS F 876 28.12 6.63 7.70
N VAL F 877 29.43 6.47 7.52
CA VAL F 877 30.24 7.54 6.96
C VAL F 877 29.86 7.79 5.50
N ASP F 878 29.48 6.73 4.81
CA ASP F 878 29.16 6.81 3.39
C ASP F 878 27.96 7.71 3.14
N THR F 879 27.15 7.91 4.18
CA THR F 879 25.97 8.75 4.08
C THR F 879 26.35 10.20 3.78
N LEU F 880 27.60 10.55 4.07
CA LEU F 880 28.13 11.90 3.85
C LEU F 880 27.67 12.50 2.52
N PRO F 881 26.81 13.54 2.56
CA PRO F 881 26.35 14.13 1.30
C PRO F 881 27.38 15.08 0.68
N VAL F 882 28.28 14.52 -0.13
CA VAL F 882 29.39 15.27 -0.68
C VAL F 882 28.88 16.37 -1.60
N GLU F 883 27.96 15.99 -2.49
CA GLU F 883 27.39 16.93 -3.44
C GLU F 883 26.88 18.18 -2.73
N SER F 884 26.05 17.96 -1.72
CA SER F 884 25.46 19.06 -0.95
C SER F 884 26.54 19.87 -0.21
N LEU F 885 27.58 19.20 0.27
CA LEU F 885 28.70 19.90 0.91
C LEU F 885 29.40 20.83 -0.09
N VAL F 886 29.70 20.31 -1.28
CA VAL F 886 30.28 21.13 -2.33
C VAL F 886 29.35 22.30 -2.63
N SER F 887 28.05 22.01 -2.75
CA SER F 887 27.07 23.08 -2.97
C SER F 887 27.07 24.09 -1.82
N ILE F 888 27.33 23.62 -0.61
CA ILE F 888 27.41 24.52 0.54
C ILE F 888 28.64 25.43 0.45
N PHE F 889 29.81 24.86 0.18
CA PHE F 889 31.03 25.66 0.13
C PHE F 889 31.14 26.54 -1.10
N GLU F 890 30.65 26.06 -2.24
CA GLU F 890 30.78 26.82 -3.49
C GLU F 890 29.99 28.12 -3.43
N ASN F 891 28.92 28.14 -2.64
CA ASN F 891 28.05 29.31 -2.56
C ASN F 891 28.60 30.42 -1.67
N SER F 892 29.34 30.06 -0.62
CA SER F 892 29.84 31.04 0.33
C SER F 892 31.03 31.83 -0.22
N GLN F 893 31.13 33.08 0.22
CA GLN F 893 32.26 33.93 -0.13
C GLN F 893 33.36 33.75 0.89
N PHE F 894 34.61 33.90 0.46
CA PHE F 894 35.73 33.79 1.39
C PHE F 894 37.01 34.41 0.83
N SER F 895 37.58 35.31 1.61
CA SER F 895 38.85 35.94 1.28
C SER F 895 39.98 34.94 1.44
N GLY F 896 39.96 34.22 2.55
CA GLY F 896 40.93 33.16 2.78
C GLY F 896 42.21 33.64 3.43
N SER F 897 42.93 32.66 3.96
CA SER F 897 44.23 32.89 4.56
C SER F 897 45.21 31.88 4.00
N GLU F 898 46.11 32.36 3.16
CA GLU F 898 47.16 31.54 2.57
C GLU F 898 47.98 30.87 3.66
N GLU F 899 48.03 31.51 4.82
CA GLU F 899 48.76 30.99 5.98
C GLU F 899 48.39 29.55 6.32
N ILE F 900 47.13 29.30 6.62
CA ILE F 900 46.71 27.97 7.00
C ILE F 900 46.55 27.06 5.78
N ASP F 901 46.12 27.65 4.66
CA ASP F 901 45.92 26.89 3.43
C ASP F 901 47.23 26.26 2.94
N SER F 902 48.33 26.99 3.08
CA SER F 902 49.65 26.46 2.75
C SER F 902 50.04 25.37 3.75
N VAL F 903 49.42 25.43 4.93
CA VAL F 903 49.67 24.45 5.97
C VAL F 903 48.93 23.14 5.67
N ASP F 904 47.61 23.21 5.52
CA ASP F 904 46.79 22.00 5.38
C ASP F 904 46.59 21.55 3.92
N ASN F 905 46.86 22.44 2.97
CA ASN F 905 46.69 22.15 1.55
C ASN F 905 45.25 21.73 1.21
N ILE F 906 44.29 22.43 1.80
CA ILE F 906 42.87 22.11 1.62
C ILE F 906 42.07 23.32 1.17
N LYS F 907 41.62 23.27 -0.08
CA LYS F 907 40.72 24.28 -0.64
C LYS F 907 39.59 23.56 -1.37
N ILE F 908 38.57 24.30 -1.80
CA ILE F 908 37.43 23.68 -2.47
C ILE F 908 37.85 22.93 -3.73
N ASP F 909 38.77 23.51 -4.49
CA ASP F 909 39.21 22.90 -5.73
C ASP F 909 40.19 21.76 -5.49
N THR F 910 40.98 21.87 -4.43
CA THR F 910 42.05 20.91 -4.16
C THR F 910 41.59 19.72 -3.32
N LEU F 911 40.49 19.88 -2.59
CA LEU F 911 40.02 18.84 -1.68
C LEU F 911 39.61 17.57 -2.42
N LEU F 912 38.66 17.71 -3.33
CA LEU F 912 38.09 16.56 -4.02
C LEU F 912 38.89 16.16 -5.26
N ASP F 913 39.95 16.91 -5.57
CA ASP F 913 40.79 16.60 -6.72
C ASP F 913 41.54 15.28 -6.52
N SER F 914 41.91 15.00 -5.28
CA SER F 914 42.70 13.81 -4.98
C SER F 914 41.94 12.52 -5.26
N THR F 915 42.70 11.45 -5.52
CA THR F 915 42.14 10.12 -5.76
C THR F 915 42.60 9.20 -4.64
N THR F 916 41.88 8.09 -4.46
CA THR F 916 42.23 7.11 -3.44
C THR F 916 42.09 7.70 -2.04
N ASP F 917 41.07 8.54 -1.85
CA ASP F 917 40.75 9.09 -0.54
C ASP F 917 39.51 8.42 0.02
N ASP F 918 39.55 8.08 1.30
CA ASP F 918 38.42 7.44 1.97
C ASP F 918 37.34 8.48 2.27
N ASN F 919 36.11 8.02 2.42
CA ASN F 919 35.01 8.92 2.76
C ASN F 919 35.29 9.67 4.05
N VAL F 920 35.92 8.99 5.00
CA VAL F 920 36.30 9.59 6.26
C VAL F 920 37.29 10.74 6.00
N SER F 921 38.28 10.48 5.14
CA SER F 921 39.26 11.49 4.78
C SER F 921 38.57 12.74 4.21
N ILE F 922 37.65 12.49 3.27
CA ILE F 922 36.85 13.55 2.68
C ILE F 922 36.07 14.32 3.76
N ALA F 923 35.45 13.59 4.68
CA ALA F 923 34.73 14.21 5.79
C ALA F 923 35.67 15.10 6.61
N CYS F 924 36.87 14.61 6.90
CA CYS F 924 37.86 15.38 7.65
C CYS F 924 38.18 16.69 6.92
N LYS F 925 38.51 16.57 5.65
CA LYS F 925 38.79 17.75 4.83
C LYS F 925 37.62 18.74 4.87
N PHE F 926 36.39 18.23 4.67
CA PHE F 926 35.22 19.08 4.73
C PHE F 926 35.05 19.72 6.11
N LEU F 927 35.41 18.98 7.15
CA LEU F 927 35.36 19.49 8.52
C LEU F 927 36.28 20.70 8.64
N ILE F 928 37.54 20.50 8.25
CA ILE F 928 38.54 21.56 8.26
C ILE F 928 38.05 22.78 7.50
N LEU F 929 37.69 22.55 6.24
CA LEU F 929 37.20 23.62 5.39
C LEU F 929 36.05 24.37 6.08
N ALA F 930 35.10 23.61 6.62
CA ALA F 930 33.96 24.19 7.32
C ALA F 930 34.44 25.08 8.46
N SER F 931 35.37 24.57 9.26
CA SER F 931 35.92 25.32 10.37
C SER F 931 36.56 26.62 9.89
N LYS F 932 37.31 26.55 8.79
CA LYS F 932 37.94 27.74 8.22
C LYS F 932 36.94 28.72 7.62
N TYR F 933 35.88 28.19 7.02
CA TYR F 933 34.89 29.04 6.37
C TYR F 933 34.02 29.89 7.31
N SER F 934 34.29 29.84 8.61
CA SER F 934 33.57 30.71 9.56
C SER F 934 34.17 32.11 9.52
N VAL F 935 33.35 33.11 9.18
CA VAL F 935 33.87 34.45 8.91
C VAL F 935 33.59 35.46 10.01
N SER F 936 34.52 36.39 10.19
CA SER F 936 34.22 37.65 10.86
C SER F 936 33.53 38.51 9.83
N ASP F 937 32.30 38.12 9.50
CA ASP F 937 31.55 38.71 8.39
C ASP F 937 31.61 40.23 8.42
N GLN F 938 31.61 40.83 7.23
CA GLN F 938 31.64 42.28 7.11
C GLN F 938 30.50 42.91 7.92
N LYS F 939 30.79 44.04 8.54
CA LYS F 939 29.83 44.72 9.42
C LYS F 939 29.66 43.96 10.73
N PHE F 940 30.76 43.38 11.21
CA PHE F 940 30.78 42.69 12.50
C PHE F 940 31.82 43.34 13.42
N THR F 941 31.37 43.69 14.61
CA THR F 941 32.23 44.37 15.58
C THR F 941 32.86 43.37 16.55
N ASP F 942 34.19 43.35 16.60
CA ASP F 942 34.92 42.40 17.42
C ASP F 942 35.49 43.13 18.64
N ILE F 943 35.17 42.60 19.82
CA ILE F 943 35.68 43.11 21.09
C ILE F 943 36.80 42.24 21.64
N ALA F 944 37.97 42.83 21.90
CA ALA F 944 39.09 42.14 22.56
C ALA F 944 39.68 41.00 21.72
N GLY F 945 39.21 40.84 20.50
CA GLY F 945 39.75 39.82 19.61
C GLY F 945 39.56 38.40 20.14
N THR F 946 38.41 38.14 20.75
CA THR F 946 38.12 36.81 21.27
C THR F 946 37.69 35.91 20.13
N VAL F 947 36.91 36.48 19.21
CA VAL F 947 36.34 35.71 18.12
C VAL F 947 37.40 35.15 17.17
N ARG F 948 38.40 35.95 16.82
CA ARG F 948 39.47 35.50 15.93
C ARG F 948 40.26 34.37 16.60
N ALA F 949 40.45 34.49 17.91
CA ALA F 949 41.05 33.42 18.69
C ALA F 949 40.18 32.18 18.59
N SER F 950 38.88 32.34 18.77
CA SER F 950 37.93 31.23 18.63
C SER F 950 38.01 30.62 17.23
N TYR F 951 38.18 31.48 16.23
CA TYR F 951 38.32 31.05 14.85
C TYR F 951 39.53 30.14 14.69
N TRP F 952 40.72 30.69 14.98
CA TRP F 952 41.93 29.91 14.84
C TRP F 952 41.90 28.69 15.74
N TYR F 953 41.26 28.81 16.90
CA TYR F 953 41.11 27.68 17.83
C TYR F 953 40.31 26.53 17.24
N ASN F 954 39.12 26.86 16.76
CA ASN F 954 38.28 25.87 16.08
C ASN F 954 39.01 25.24 14.91
N ILE F 955 39.67 26.06 14.10
CA ILE F 955 40.51 25.53 13.04
C ILE F 955 41.53 24.54 13.61
N GLY F 956 42.26 24.98 14.64
CA GLY F 956 43.23 24.14 15.31
C GLY F 956 42.65 22.79 15.71
N ILE F 957 41.46 22.81 16.32
CA ILE F 957 40.80 21.57 16.71
C ILE F 957 40.45 20.69 15.51
N SER F 958 39.87 21.29 14.49
CA SER F 958 39.52 20.53 13.28
C SER F 958 40.76 19.88 12.68
N GLU F 959 41.81 20.67 12.49
CA GLU F 959 43.07 20.16 11.98
C GLU F 959 43.55 19.02 12.88
N LEU F 960 43.48 19.22 14.19
CA LEU F 960 43.90 18.19 15.14
C LEU F 960 43.13 16.89 14.98
N THR F 961 41.80 17.01 14.86
CA THR F 961 40.93 15.86 14.65
C THR F 961 41.34 15.11 13.39
N ALA F 962 41.52 15.85 12.31
CA ALA F 962 41.98 15.28 11.06
C ALA F 962 43.30 14.54 11.25
N PHE F 963 44.24 15.19 11.93
CA PHE F 963 45.55 14.60 12.17
C PHE F 963 45.45 13.31 12.97
N ILE F 964 44.59 13.29 13.98
CA ILE F 964 44.38 12.07 14.74
C ILE F 964 43.79 10.97 13.86
N THR F 965 42.66 11.26 13.20
CA THR F 965 41.96 10.22 12.45
C THR F 965 42.67 9.80 11.14
N LEU F 966 43.57 10.65 10.64
CA LEU F 966 44.29 10.33 9.40
C LEU F 966 45.78 10.10 9.62
N LYS F 967 46.33 10.65 10.71
CA LYS F 967 47.72 10.42 11.07
C LYS F 967 48.70 11.01 10.05
N GLU F 968 48.31 12.09 9.40
CA GLU F 968 49.15 12.75 8.40
C GLU F 968 49.72 14.08 8.94
N PRO F 969 51.06 14.22 8.97
CA PRO F 969 51.74 15.38 9.57
C PRO F 969 51.19 16.75 9.19
N GLN F 970 50.75 16.92 7.95
CA GLN F 970 50.31 18.22 7.45
C GLN F 970 49.30 18.84 8.40
N TYR F 971 48.38 18.00 8.87
CA TYR F 971 47.32 18.45 9.75
C TYR F 971 47.84 18.79 11.15
N ARG F 972 48.85 18.04 11.61
CA ARG F 972 49.49 18.33 12.88
C ARG F 972 50.14 19.70 12.82
N ASP F 973 50.93 19.93 11.77
CA ASP F 973 51.57 21.22 11.57
C ASP F 973 50.53 22.34 11.48
N ALA F 974 49.50 22.11 10.67
CA ALA F 974 48.40 23.07 10.56
C ALA F 974 47.74 23.34 11.90
N ALA F 975 47.60 22.28 12.70
CA ALA F 975 46.99 22.38 14.02
C ALA F 975 47.83 23.25 14.95
N ILE F 976 49.11 22.91 15.07
CA ILE F 976 50.03 23.69 15.90
C ILE F 976 50.04 25.15 15.46
N PHE F 977 50.10 25.35 14.15
CA PHE F 977 50.05 26.69 13.58
C PHE F 977 48.80 27.44 14.07
N ALA F 978 47.64 26.87 13.77
CA ALA F 978 46.37 27.49 14.14
C ALA F 978 46.30 27.79 15.65
N PHE F 979 46.70 26.84 16.48
CA PHE F 979 46.69 27.05 17.92
C PHE F 979 47.63 28.18 18.33
N LYS F 980 48.84 28.20 17.78
CA LYS F 980 49.78 29.27 18.03
C LYS F 980 49.19 30.62 17.63
N LYS F 981 48.53 30.67 16.47
CA LYS F 981 47.85 31.88 16.05
C LYS F 981 46.76 32.25 17.04
N SER F 982 46.03 31.24 17.52
CA SER F 982 44.92 31.48 18.44
C SER F 982 45.40 32.03 19.79
N ILE F 983 46.47 31.46 20.34
CA ILE F 983 46.96 31.88 21.65
C ILE F 983 47.19 33.37 21.68
N GLN F 984 47.94 33.87 20.69
CA GLN F 984 48.33 35.27 20.59
C GLN F 984 47.23 36.26 20.93
N LEU F 985 45.98 35.85 20.72
CA LEU F 985 44.85 36.75 20.87
C LEU F 985 44.22 36.73 22.26
N GLN F 986 44.59 35.74 23.07
CA GLN F 986 44.06 35.65 24.43
C GLN F 986 45.05 34.99 25.39
N SER F 987 45.25 33.69 25.22
CA SER F 987 46.17 32.95 26.08
C SER F 987 45.67 32.88 27.52
N ASN F 988 44.34 32.91 27.68
CA ASN F 988 43.72 32.75 29.00
C ASN F 988 42.65 31.67 28.97
N THR F 989 42.60 30.92 27.86
CA THR F 989 41.66 29.82 27.69
C THR F 989 42.39 28.48 27.68
N SER F 990 42.15 27.65 28.68
CA SER F 990 42.77 26.34 28.80
C SER F 990 42.57 25.54 27.52
N GLU F 991 41.45 25.83 26.88
CA GLU F 991 40.96 25.10 25.72
C GLU F 991 42.02 24.92 24.65
N THR F 992 42.70 26.01 24.29
CA THR F 992 43.71 25.95 23.22
C THR F 992 44.99 25.26 23.70
N TRP F 993 45.40 25.56 24.92
CA TRP F 993 46.62 24.98 25.48
C TRP F 993 46.52 23.46 25.51
N ILE F 994 45.35 22.94 25.90
CA ILE F 994 45.14 21.50 25.84
C ILE F 994 45.42 21.00 24.42
N GLY F 995 44.82 21.67 23.45
CA GLY F 995 44.97 21.31 22.05
C GLY F 995 46.42 21.24 21.60
N LEU F 996 47.20 22.27 21.90
CA LEU F 996 48.63 22.22 21.64
C LEU F 996 49.24 21.03 22.37
N GLY F 997 48.83 20.86 23.63
CA GLY F 997 49.30 19.74 24.43
C GLY F 997 49.14 18.42 23.73
N ILE F 998 47.97 18.19 23.14
CA ILE F 998 47.73 16.99 22.33
C ILE F 998 48.59 16.96 21.07
N ALA F 999 48.49 18.02 20.26
CA ALA F 999 49.20 18.07 18.98
C ALA F 999 50.70 17.89 19.15
N THR F 1000 51.22 18.32 20.29
CA THR F 1000 52.67 18.37 20.52
C THR F 1000 53.27 17.05 21.01
N MET F 1001 52.44 16.17 21.57
CA MET F 1001 52.90 14.91 22.17
C MET F 1001 53.93 14.18 21.33
N ASP F 1002 53.72 14.14 20.02
CA ASP F 1002 54.56 13.36 19.13
C ASP F 1002 55.95 13.97 18.92
N ILE F 1003 56.03 15.30 18.92
CA ILE F 1003 57.27 15.98 18.60
C ILE F 1003 58.20 16.05 19.81
N ASN F 1004 57.77 16.72 20.88
CA ASN F 1004 58.59 16.85 22.08
C ASN F 1004 57.78 17.00 23.37
N PHE F 1005 57.99 16.11 24.32
CA PHE F 1005 57.08 16.03 25.47
C PHE F 1005 57.12 17.28 26.34
N ARG F 1006 58.31 17.89 26.46
CA ARG F 1006 58.47 19.06 27.32
C ARG F 1006 57.42 20.15 27.04
N VAL F 1007 57.30 20.50 25.77
CA VAL F 1007 56.33 21.50 25.33
C VAL F 1007 54.89 21.04 25.61
N SER F 1008 54.61 19.77 25.31
CA SER F 1008 53.28 19.20 25.53
C SER F 1008 52.88 19.29 27.00
N GLN F 1009 53.75 18.80 27.86
CA GLN F 1009 53.56 18.91 29.31
C GLN F 1009 53.33 20.35 29.70
N HIS F 1010 54.27 21.24 29.36
CA HIS F 1010 54.11 22.66 29.68
C HIS F 1010 52.73 23.15 29.29
N CYS F 1011 52.30 22.81 28.09
CA CYS F 1011 50.97 23.17 27.65
C CYS F 1011 49.91 22.58 28.56
N PHE F 1012 50.07 21.30 28.92
CA PHE F 1012 49.10 20.64 29.78
C PHE F 1012 49.05 21.25 31.18
N ILE F 1013 50.21 21.47 31.79
CA ILE F 1013 50.26 22.06 33.13
C ILE F 1013 49.72 23.47 33.08
N LYS F 1014 50.08 24.20 32.03
CA LYS F 1014 49.50 25.51 31.80
C LYS F 1014 47.99 25.36 31.72
N ALA F 1015 47.52 24.33 31.00
CA ALA F 1015 46.09 24.09 30.84
C ALA F 1015 45.41 23.77 32.18
N THR F 1016 46.04 22.93 32.99
CA THR F 1016 45.50 22.62 34.31
C THR F 1016 45.44 23.89 35.13
N ALA F 1017 46.49 24.69 35.03
CA ALA F 1017 46.56 25.94 35.78
C ALA F 1017 45.47 26.93 35.36
N LEU F 1018 45.28 27.09 34.06
CA LEU F 1018 44.32 28.06 33.53
C LEU F 1018 42.90 27.74 33.96
N GLU F 1019 42.52 26.47 33.88
CA GLU F 1019 41.27 25.99 34.43
C GLU F 1019 41.53 24.85 35.40
N PRO F 1020 41.50 25.14 36.71
CA PRO F 1020 41.81 24.09 37.70
C PRO F 1020 40.77 22.99 37.74
N LYS F 1021 39.53 23.32 37.35
CA LYS F 1021 38.42 22.39 37.44
C LYS F 1021 38.22 21.56 36.16
N ALA F 1022 39.17 21.66 35.23
CA ALA F 1022 39.12 20.88 34.00
C ALA F 1022 39.73 19.50 34.20
N THR F 1023 38.98 18.47 33.87
CA THR F 1023 39.41 17.08 34.09
C THR F 1023 40.18 16.54 32.89
N ASN F 1024 39.83 17.04 31.70
CA ASN F 1024 40.45 16.58 30.46
C ASN F 1024 41.97 16.73 30.45
N THR F 1025 42.42 17.93 30.78
CA THR F 1025 43.84 18.26 30.76
C THR F 1025 44.70 17.31 31.57
N TRP F 1026 44.28 17.05 32.81
CA TRP F 1026 44.99 16.14 33.69
C TRP F 1026 45.12 14.77 33.02
N PHE F 1027 44.02 14.30 32.46
CA PHE F 1027 44.00 13.00 31.81
C PHE F 1027 44.96 12.96 30.64
N ASN F 1028 44.88 13.94 29.76
CA ASN F 1028 45.80 14.02 28.63
C ASN F 1028 47.25 14.06 29.10
N LEU F 1029 47.49 14.77 30.21
CA LEU F 1029 48.81 14.77 30.83
C LEU F 1029 49.21 13.35 31.24
N ALA F 1030 48.30 12.64 31.91
CA ALA F 1030 48.55 11.26 32.32
C ALA F 1030 48.87 10.39 31.11
N MET F 1031 48.14 10.61 30.02
CA MET F 1031 48.39 9.89 28.77
C MET F 1031 49.81 10.20 28.28
N LEU F 1032 50.18 11.48 28.28
CA LEU F 1032 51.54 11.85 27.92
C LEU F 1032 52.53 11.11 28.81
N GLY F 1033 52.18 10.99 30.10
CA GLY F 1033 52.97 10.20 31.02
C GLY F 1033 53.07 8.76 30.56
N LEU F 1034 51.94 8.23 30.11
CA LEU F 1034 51.88 6.87 29.60
C LEU F 1034 52.64 6.72 28.29
N LYS F 1035 52.73 7.81 27.53
CA LYS F 1035 53.42 7.79 26.25
C LYS F 1035 54.92 7.58 26.44
N LYS F 1036 55.47 8.19 27.49
CA LYS F 1036 56.90 8.09 27.76
C LYS F 1036 57.22 6.94 28.69
N LYS F 1037 56.23 6.08 28.92
CA LYS F 1037 56.43 4.84 29.68
C LYS F 1037 56.70 5.10 31.17
N ASP F 1038 56.31 6.27 31.66
CA ASP F 1038 56.43 6.58 33.08
C ASP F 1038 55.17 6.13 33.82
N THR F 1039 55.16 4.88 34.26
CA THR F 1039 54.00 4.29 34.93
C THR F 1039 53.63 5.03 36.23
N GLU F 1040 54.62 5.31 37.06
CA GLU F 1040 54.40 5.94 38.36
C GLU F 1040 53.74 7.31 38.22
N PHE F 1041 54.30 8.14 37.35
CA PHE F 1041 53.76 9.47 37.05
C PHE F 1041 52.29 9.39 36.66
N ALA F 1042 52.03 8.73 35.54
CA ALA F 1042 50.66 8.56 35.03
C ALA F 1042 49.74 8.01 36.11
N GLN F 1043 50.25 7.07 36.90
CA GLN F 1043 49.48 6.48 38.00
C GLN F 1043 49.07 7.57 38.99
N GLN F 1044 50.05 8.38 39.40
CA GLN F 1044 49.79 9.48 40.32
C GLN F 1044 48.73 10.43 39.77
N VAL F 1045 48.92 10.84 38.51
CA VAL F 1045 47.96 11.74 37.87
C VAL F 1045 46.56 11.12 37.86
N LEU F 1046 46.47 9.88 37.39
CA LEU F 1046 45.18 9.18 37.31
C LEU F 1046 44.53 9.08 38.68
N ASN F 1047 45.33 8.79 39.71
CA ASN F 1047 44.82 8.79 41.08
C ASN F 1047 44.25 10.16 41.43
N LYS F 1048 44.99 11.21 41.04
CA LYS F 1048 44.52 12.58 41.21
C LYS F 1048 43.16 12.77 40.53
N LEU F 1049 43.03 12.23 39.31
CA LEU F 1049 41.76 12.30 38.60
C LEU F 1049 40.64 11.61 39.38
N GLN F 1050 40.89 10.37 39.80
CA GLN F 1050 39.94 9.63 40.62
C GLN F 1050 39.51 10.49 41.79
N SER F 1051 40.47 11.10 42.46
CA SER F 1051 40.16 12.00 43.56
C SER F 1051 39.31 13.16 43.06
N LEU F 1052 39.61 13.65 41.85
CA LEU F 1052 38.90 14.79 41.27
C LEU F 1052 37.49 14.47 40.75
N ALA F 1053 37.40 13.60 39.74
CA ALA F 1053 36.12 13.25 39.11
C ALA F 1053 35.98 11.75 38.90
N PRO F 1054 35.45 11.03 39.90
CA PRO F 1054 35.37 9.57 39.82
C PRO F 1054 34.21 9.08 38.94
N GLN F 1055 33.42 9.99 38.42
CA GLN F 1055 32.27 9.64 37.59
C GLN F 1055 32.70 9.22 36.19
N ASP F 1056 33.80 9.82 35.71
CA ASP F 1056 34.32 9.51 34.38
C ASP F 1056 34.89 8.10 34.34
N SER F 1057 34.97 7.53 33.14
CA SER F 1057 35.42 6.16 32.96
C SER F 1057 36.84 6.13 32.44
N SER F 1058 37.21 7.20 31.73
CA SER F 1058 38.55 7.35 31.18
C SER F 1058 39.67 7.11 32.21
N PRO F 1059 39.57 7.73 33.41
CA PRO F 1059 40.65 7.49 34.37
C PRO F 1059 40.78 6.02 34.78
N TRP F 1060 39.65 5.39 35.07
CA TRP F 1060 39.64 3.98 35.42
C TRP F 1060 40.25 3.16 34.29
N LEU F 1061 39.97 3.55 33.05
CA LEU F 1061 40.57 2.89 31.89
C LEU F 1061 42.07 3.10 31.92
N GLY F 1062 42.47 4.31 32.27
CA GLY F 1062 43.88 4.62 32.40
C GLY F 1062 44.57 3.70 33.38
N MET F 1063 44.06 3.66 34.61
CA MET F 1063 44.62 2.79 35.63
C MET F 1063 44.62 1.35 35.15
N ALA F 1064 43.50 0.93 34.57
CA ALA F 1064 43.34 -0.42 34.06
C ALA F 1064 44.46 -0.73 33.08
N LEU F 1065 44.73 0.22 32.17
CA LEU F 1065 45.79 0.04 31.19
C LEU F 1065 47.14 -0.04 31.89
N ILE F 1066 47.35 0.83 32.86
CA ILE F 1066 48.59 0.86 33.63
C ILE F 1066 48.88 -0.49 34.29
N LEU F 1067 47.89 -1.02 35.01
CA LEU F 1067 48.02 -2.33 35.66
C LEU F 1067 48.16 -3.47 34.65
N GLU F 1068 47.34 -3.41 33.60
CA GLU F 1068 47.37 -4.41 32.55
C GLU F 1068 48.77 -4.52 31.93
N GLU F 1069 49.38 -3.36 31.68
CA GLU F 1069 50.77 -3.32 31.21
C GLU F 1069 51.72 -3.74 32.32
N GLN F 1070 51.41 -3.37 33.56
CA GLN F 1070 52.21 -3.74 34.71
C GLN F 1070 52.28 -5.27 34.88
N GLY F 1071 51.16 -5.95 34.65
CA GLY F 1071 51.13 -7.40 34.67
C GLY F 1071 50.16 -8.01 35.66
N ASP F 1072 49.66 -7.19 36.58
CA ASP F 1072 48.64 -7.63 37.53
C ASP F 1072 47.26 -7.50 36.89
N ILE F 1073 46.76 -8.60 36.34
CA ILE F 1073 45.63 -8.53 35.42
C ILE F 1073 44.26 -8.61 36.07
N ILE F 1074 44.16 -9.29 37.21
CA ILE F 1074 42.88 -9.40 37.92
C ILE F 1074 42.33 -8.01 38.23
N GLY F 1075 43.16 -7.21 38.91
CA GLY F 1075 42.84 -5.83 39.20
C GLY F 1075 42.55 -5.09 37.90
N SER F 1076 43.34 -5.39 36.87
CA SER F 1076 43.14 -4.81 35.55
C SER F 1076 41.76 -5.16 34.98
N SER F 1077 41.32 -6.40 35.21
CA SER F 1077 40.04 -6.87 34.68
C SER F 1077 38.89 -6.18 35.41
N LYS F 1078 38.98 -6.14 36.74
CA LYS F 1078 37.99 -5.42 37.54
C LYS F 1078 37.95 -3.94 37.17
N LEU F 1079 39.13 -3.36 36.95
CA LEU F 1079 39.22 -1.94 36.62
C LEU F 1079 38.67 -1.62 35.22
N PHE F 1080 39.02 -2.45 34.23
CA PHE F 1080 38.43 -2.31 32.90
C PHE F 1080 36.91 -2.45 32.98
N ALA F 1081 36.48 -3.48 33.69
CA ALA F 1081 35.06 -3.74 33.89
C ALA F 1081 34.36 -2.52 34.50
N HIS F 1082 34.99 -1.93 35.52
CA HIS F 1082 34.43 -0.73 36.13
C HIS F 1082 34.38 0.43 35.14
N SER F 1083 35.48 0.62 34.42
CA SER F 1083 35.56 1.66 33.39
C SER F 1083 34.38 1.53 32.45
N PHE F 1084 34.21 0.33 31.88
CA PHE F 1084 33.08 0.04 31.01
C PHE F 1084 31.77 0.34 31.75
N ILE F 1085 31.69 -0.14 32.99
CA ILE F 1085 30.48 -0.03 33.80
C ILE F 1085 30.06 1.42 33.98
N LEU F 1086 31.04 2.32 34.08
CA LEU F 1086 30.74 3.74 34.17
C LEU F 1086 30.58 4.39 32.80
N SER F 1087 31.25 3.82 31.80
CA SER F 1087 31.21 4.37 30.44
C SER F 1087 29.81 4.35 29.84
N ASN F 1088 29.05 3.31 30.16
CA ASN F 1088 27.72 3.11 29.61
C ASN F 1088 27.73 3.09 28.08
N GLY F 1089 28.89 2.77 27.51
CA GLY F 1089 29.05 2.70 26.07
C GLY F 1089 29.55 3.98 25.45
N ARG F 1090 30.14 4.85 26.27
CA ARG F 1090 30.59 6.16 25.81
C ARG F 1090 31.81 6.06 24.88
N SER F 1091 32.92 5.58 25.44
CA SER F 1091 34.17 5.52 24.70
C SER F 1091 34.36 4.19 24.00
N LYS F 1092 34.92 4.23 22.80
CA LYS F 1092 35.20 3.01 22.04
C LYS F 1092 36.24 2.17 22.79
N ALA F 1093 37.24 2.83 23.36
CA ALA F 1093 38.33 2.17 24.05
C ALA F 1093 37.81 1.38 25.23
N ALA F 1094 36.85 1.96 25.96
CA ALA F 1094 36.27 1.32 27.13
C ALA F 1094 35.66 -0.02 26.76
N GLN F 1095 35.01 -0.06 25.61
CA GLN F 1095 34.38 -1.28 25.14
C GLN F 1095 35.43 -2.25 24.64
N PHE F 1096 36.28 -1.78 23.75
CA PHE F 1096 37.28 -2.62 23.12
C PHE F 1096 38.15 -3.28 24.18
N MET F 1097 38.71 -2.48 25.06
CA MET F 1097 39.61 -2.97 26.10
C MET F 1097 38.85 -3.92 27.04
N TYR F 1098 37.53 -3.79 27.07
CA TYR F 1098 36.71 -4.67 27.90
C TYR F 1098 36.50 -6.02 27.24
N ALA F 1099 36.05 -6.01 26.00
CA ALA F 1099 35.88 -7.26 25.26
C ALA F 1099 37.19 -8.02 25.17
N LYS F 1100 38.28 -7.32 24.85
CA LYS F 1100 39.58 -7.97 24.77
C LYS F 1100 39.93 -8.62 26.11
N ASN F 1101 39.70 -7.88 27.20
CA ASN F 1101 39.98 -8.38 28.55
C ASN F 1101 39.16 -9.62 28.91
N VAL F 1102 37.83 -9.53 28.73
CA VAL F 1102 36.93 -10.64 28.98
C VAL F 1102 37.38 -11.87 28.19
N LEU F 1103 37.65 -11.68 26.91
CA LEU F 1103 38.18 -12.77 26.10
C LEU F 1103 39.44 -13.37 26.71
N GLU F 1104 40.44 -12.53 26.95
CA GLU F 1104 41.69 -12.99 27.53
C GLU F 1104 41.48 -13.77 28.83
N ASN F 1105 40.54 -13.31 29.65
CA ASN F 1105 40.29 -13.95 30.94
C ASN F 1105 39.58 -15.31 30.84
N HIS F 1106 38.74 -15.49 29.83
CA HIS F 1106 37.89 -16.69 29.72
C HIS F 1106 38.13 -17.48 28.42
N ILE F 1107 39.36 -17.44 27.90
CA ILE F 1107 39.67 -18.15 26.66
C ILE F 1107 40.13 -19.59 26.89
N ASN F 1108 40.96 -19.80 27.90
CA ASN F 1108 41.51 -21.12 28.18
C ASN F 1108 41.43 -21.44 29.66
N ASN F 1109 40.45 -20.85 30.33
CA ASN F 1109 40.24 -21.10 31.76
C ASN F 1109 39.74 -22.50 32.04
N GLY F 1110 39.35 -23.22 30.99
CA GLY F 1110 38.66 -24.48 31.16
C GLY F 1110 37.23 -24.21 31.54
N ASP F 1111 36.73 -23.06 31.09
CA ASP F 1111 35.37 -22.63 31.39
C ASP F 1111 34.34 -23.62 30.87
N ASP F 1112 33.25 -23.75 31.61
CA ASP F 1112 32.16 -24.64 31.23
C ASP F 1112 30.95 -23.83 30.79
N GLU F 1113 30.24 -24.33 29.77
CA GLU F 1113 29.09 -23.64 29.20
C GLU F 1113 27.95 -23.46 30.20
N ARG F 1114 27.96 -24.26 31.25
CA ARG F 1114 26.94 -24.18 32.30
C ARG F 1114 27.16 -22.95 33.18
N ASP F 1115 28.35 -22.36 33.05
CA ASP F 1115 28.70 -21.18 33.85
C ASP F 1115 27.93 -19.96 33.37
N ILE F 1116 26.86 -19.62 34.08
CA ILE F 1116 25.97 -18.52 33.68
C ILE F 1116 26.71 -17.18 33.62
N GLU F 1117 27.49 -16.88 34.65
CA GLU F 1117 28.21 -15.62 34.75
C GLU F 1117 29.14 -15.42 33.54
N THR F 1118 29.90 -16.46 33.22
CA THR F 1118 30.84 -16.40 32.10
C THR F 1118 30.13 -16.07 30.79
N VAL F 1119 29.07 -16.80 30.52
CA VAL F 1119 28.27 -16.56 29.32
C VAL F 1119 27.78 -15.12 29.31
N GLU F 1120 27.25 -14.66 30.43
CA GLU F 1120 26.75 -13.29 30.52
C GLU F 1120 27.86 -12.27 30.21
N LYS F 1121 29.04 -12.51 30.79
CA LYS F 1121 30.20 -11.67 30.50
C LYS F 1121 30.50 -11.64 29.00
N LEU F 1122 30.60 -12.83 28.40
CA LEU F 1122 30.87 -12.95 26.96
C LEU F 1122 29.83 -12.22 26.12
N THR F 1123 28.56 -12.35 26.52
CA THR F 1123 27.47 -11.64 25.87
C THR F 1123 27.70 -10.12 25.92
N THR F 1124 27.93 -9.61 27.14
CA THR F 1124 28.21 -8.19 27.32
C THR F 1124 29.36 -7.75 26.42
N ALA F 1125 30.43 -8.54 26.42
CA ALA F 1125 31.59 -8.28 25.57
C ALA F 1125 31.20 -8.18 24.09
N SER F 1126 30.41 -9.15 23.63
CA SER F 1126 29.94 -9.15 22.25
C SER F 1126 29.15 -7.87 21.93
N ILE F 1127 28.19 -7.53 22.79
CA ILE F 1127 27.37 -6.35 22.59
C ILE F 1127 28.27 -5.11 22.48
N ALA F 1128 29.13 -4.94 23.48
CA ALA F 1128 30.05 -3.81 23.50
C ALA F 1128 30.81 -3.72 22.19
N LEU F 1129 31.42 -4.84 21.80
CA LEU F 1129 32.18 -4.90 20.56
C LEU F 1129 31.28 -4.59 19.36
N GLU F 1130 30.02 -5.00 19.44
CA GLU F 1130 29.06 -4.74 18.38
C GLU F 1130 28.88 -3.25 18.19
N GLN F 1131 28.65 -2.53 19.28
CA GLN F 1131 28.57 -1.07 19.16
C GLN F 1131 29.91 -0.41 18.77
N PHE F 1132 31.01 -0.93 19.33
CA PHE F 1132 32.33 -0.46 18.95
C PHE F 1132 32.49 -0.47 17.45
N PHE F 1133 32.07 -1.57 16.82
CA PHE F 1133 32.09 -1.66 15.36
C PHE F 1133 31.28 -0.56 14.69
N LYS F 1134 30.10 -0.25 15.23
CA LYS F 1134 29.27 0.79 14.64
C LYS F 1134 30.04 2.09 14.64
N LYS F 1135 30.73 2.38 15.75
CA LYS F 1135 31.57 3.58 15.79
C LYS F 1135 32.81 3.46 14.90
N SER F 1136 33.40 2.26 14.85
CA SER F 1136 34.62 2.04 14.07
C SER F 1136 34.79 0.57 13.69
N PRO F 1137 34.23 0.16 12.54
CA PRO F 1137 34.46 -1.19 12.04
C PRO F 1137 35.86 -1.25 11.41
N ASP F 1138 36.15 -2.35 10.71
CA ASP F 1138 37.43 -2.51 9.99
C ASP F 1138 38.63 -2.48 10.94
N SER F 1139 38.40 -2.82 12.20
CA SER F 1139 39.47 -2.97 13.19
C SER F 1139 39.81 -4.45 13.34
N GLN F 1140 40.94 -4.85 12.75
CA GLN F 1140 41.33 -6.25 12.64
C GLN F 1140 41.25 -7.00 13.97
N PHE F 1141 41.93 -6.46 14.98
CA PHE F 1141 41.95 -7.05 16.30
C PHE F 1141 40.54 -7.23 16.85
N ALA F 1142 39.77 -6.16 16.78
CA ALA F 1142 38.40 -6.16 17.27
C ALA F 1142 37.55 -7.19 16.52
N LEU F 1143 37.75 -7.30 15.21
CA LEU F 1143 37.04 -8.29 14.41
C LEU F 1143 37.41 -9.71 14.85
N GLN F 1144 38.70 -9.97 15.02
CA GLN F 1144 39.16 -11.25 15.56
C GLN F 1144 38.45 -11.55 16.89
N CYS F 1145 38.53 -10.60 17.82
CA CYS F 1145 37.84 -10.73 19.10
C CYS F 1145 36.36 -11.05 18.90
N ALA F 1146 35.73 -10.35 17.97
CA ALA F 1146 34.33 -10.59 17.68
C ALA F 1146 34.12 -12.03 17.24
N LEU F 1147 34.98 -12.53 16.35
CA LEU F 1147 34.87 -13.90 15.87
C LEU F 1147 35.02 -14.89 17.03
N LEU F 1148 35.97 -14.65 17.91
CA LEU F 1148 36.14 -15.52 19.08
C LEU F 1148 34.90 -15.50 19.98
N THR F 1149 34.52 -14.32 20.43
CA THR F 1149 33.36 -14.16 21.32
C THR F 1149 32.08 -14.74 20.72
N LEU F 1150 31.85 -14.51 19.43
CA LEU F 1150 30.67 -15.04 18.77
C LEU F 1150 30.79 -16.54 18.63
N GLU F 1151 31.99 -17.03 18.32
CA GLU F 1151 32.20 -18.47 18.22
C GLU F 1151 31.91 -19.14 19.56
N ARG F 1152 32.22 -18.45 20.65
CA ARG F 1152 31.86 -18.93 21.98
C ARG F 1152 30.35 -18.92 22.23
N LEU F 1153 29.66 -17.89 21.74
CA LEU F 1153 28.22 -17.76 21.95
C LEU F 1153 27.40 -18.48 20.87
N HIS F 1154 28.08 -19.23 20.00
CA HIS F 1154 27.44 -19.98 18.92
C HIS F 1154 26.63 -19.07 17.99
N HIS F 1155 26.98 -17.79 17.96
CA HIS F 1155 26.39 -16.84 17.02
C HIS F 1155 27.15 -16.90 15.71
N TYR F 1156 26.93 -17.96 14.95
CA TYR F 1156 27.77 -18.25 13.79
C TYR F 1156 27.51 -17.36 12.58
N GLU F 1157 26.26 -16.93 12.39
CA GLU F 1157 25.92 -16.09 11.25
C GLU F 1157 26.65 -14.75 11.34
N ASN F 1158 26.44 -14.03 12.45
CA ASN F 1158 27.10 -12.76 12.69
C ASN F 1158 28.60 -12.93 12.50
N ALA F 1159 29.13 -14.00 13.08
CA ALA F 1159 30.54 -14.32 12.98
C ALA F 1159 30.92 -14.49 11.51
N ASN F 1160 30.06 -15.13 10.74
CA ASN F 1160 30.35 -15.31 9.32
C ASN F 1160 30.40 -13.96 8.61
N GLU F 1161 29.42 -13.10 8.88
CA GLU F 1161 29.44 -11.75 8.30
C GLU F 1161 30.76 -11.04 8.63
N LEU F 1162 31.06 -10.96 9.93
CA LEU F 1162 32.26 -10.27 10.38
C LEU F 1162 33.53 -10.89 9.83
N ALA F 1163 33.53 -12.20 9.71
CA ALA F 1163 34.68 -12.92 9.16
C ALA F 1163 34.83 -12.63 7.68
N ASN F 1164 33.70 -12.56 6.98
CA ASN F 1164 33.72 -12.15 5.59
C ASN F 1164 34.41 -10.79 5.50
N ARG F 1165 33.89 -9.82 6.25
CA ARG F 1165 34.47 -8.47 6.24
C ARG F 1165 35.97 -8.49 6.56
N LEU F 1166 36.33 -9.20 7.62
CA LEU F 1166 37.72 -9.28 8.06
C LEU F 1166 38.64 -9.87 7.00
N ILE F 1167 38.25 -11.02 6.45
CA ILE F 1167 39.08 -11.68 5.45
C ILE F 1167 39.16 -10.82 4.20
N GLY F 1168 38.08 -10.11 3.89
CA GLY F 1168 38.12 -9.10 2.85
C GLY F 1168 39.23 -8.10 3.12
N ILE F 1169 39.20 -7.47 4.28
CA ILE F 1169 40.22 -6.47 4.64
C ILE F 1169 41.63 -7.05 4.57
N LEU F 1170 41.83 -8.15 5.27
CA LEU F 1170 43.15 -8.78 5.35
C LEU F 1170 43.66 -9.18 3.97
N GLU F 1171 42.76 -9.73 3.16
CA GLU F 1171 43.12 -10.13 1.79
C GLU F 1171 43.51 -8.91 0.96
N LYS F 1172 42.67 -7.89 1.01
CA LYS F 1172 42.95 -6.65 0.31
C LYS F 1172 44.29 -6.06 0.76
N LYS F 1173 44.52 -6.00 2.06
CA LYS F 1173 45.80 -5.51 2.57
C LYS F 1173 46.99 -6.39 2.14
N PHE F 1174 46.85 -7.71 2.26
CA PHE F 1174 47.95 -8.62 1.95
C PHE F 1174 48.31 -8.66 0.46
N GLU F 1175 47.30 -8.50 -0.39
CA GLU F 1175 47.51 -8.55 -1.84
C GLU F 1175 48.55 -7.56 -2.36
N LYS F 1176 48.86 -6.55 -1.55
CA LYS F 1176 49.79 -5.49 -1.94
C LYS F 1176 51.15 -5.61 -1.25
N THR F 1177 51.17 -6.11 -0.02
CA THR F 1177 52.39 -6.14 0.79
C THR F 1177 53.23 -7.39 0.53
N GLN F 1178 52.58 -8.56 0.58
CA GLN F 1178 53.26 -9.84 0.37
C GLN F 1178 54.17 -10.19 1.53
N ASP F 1179 53.98 -9.54 2.67
CA ASP F 1179 54.74 -9.87 3.87
C ASP F 1179 54.25 -11.19 4.47
N GLU F 1180 55.18 -12.07 4.80
CA GLU F 1180 54.85 -13.40 5.32
C GLU F 1180 54.12 -13.30 6.66
N LEU F 1183 50.69 -13.72 6.07
CA LEU F 1183 50.20 -15.00 5.59
C LEU F 1183 49.72 -15.86 6.74
N PHE F 1184 50.46 -15.84 7.84
CA PHE F 1184 50.10 -16.64 9.01
C PHE F 1184 48.79 -16.13 9.61
N ASN F 1185 48.66 -14.81 9.70
CA ASN F 1185 47.44 -14.19 10.19
C ASN F 1185 46.23 -14.60 9.33
N PHE F 1186 46.44 -14.56 8.02
CA PHE F 1186 45.38 -14.93 7.06
C PHE F 1186 45.02 -16.40 7.23
N ALA F 1187 46.01 -17.22 7.55
CA ALA F 1187 45.79 -18.65 7.72
C ALA F 1187 44.99 -18.90 9.00
N ILE F 1188 45.38 -18.24 10.08
CA ILE F 1188 44.66 -18.37 11.34
C ILE F 1188 43.21 -17.89 11.18
N ILE F 1189 43.04 -16.70 10.59
CA ILE F 1189 41.71 -16.15 10.34
C ILE F 1189 40.90 -17.02 9.38
N LYS F 1190 41.58 -17.61 8.40
CA LYS F 1190 40.94 -18.55 7.49
C LYS F 1190 40.48 -19.79 8.26
N GLY F 1191 41.31 -20.24 9.20
CA GLY F 1191 40.94 -21.35 10.07
C GLY F 1191 39.69 -21.02 10.87
N GLN F 1192 39.72 -19.86 11.54
CA GLN F 1192 38.55 -19.33 12.24
C GLN F 1192 37.31 -19.37 11.35
N PHE F 1193 37.47 -18.83 10.14
CA PHE F 1193 36.42 -18.84 9.13
C PHE F 1193 35.90 -20.26 8.89
N ALA F 1194 36.81 -21.21 8.73
CA ALA F 1194 36.43 -22.62 8.54
C ALA F 1194 35.64 -23.16 9.74
N ARG F 1195 36.08 -22.84 10.95
CA ARG F 1195 35.37 -23.28 12.15
C ARG F 1195 33.96 -22.70 12.19
N ILE F 1196 33.83 -21.40 11.91
CA ILE F 1196 32.52 -20.78 11.85
C ILE F 1196 31.68 -21.52 10.81
N HIS F 1197 32.27 -21.76 9.65
CA HIS F 1197 31.58 -22.47 8.58
C HIS F 1197 31.11 -23.85 9.03
N LEU F 1198 31.95 -24.56 9.79
CA LEU F 1198 31.53 -25.84 10.35
C LEU F 1198 30.35 -25.63 11.29
N GLY F 1199 30.43 -24.56 12.09
CA GLY F 1199 29.35 -24.21 12.99
C GLY F 1199 28.06 -23.92 12.26
N LEU F 1200 28.18 -23.30 11.08
CA LEU F 1200 27.01 -23.04 10.23
C LEU F 1200 26.32 -24.35 9.88
N GLY F 1201 27.10 -25.31 9.41
CA GLY F 1201 26.58 -26.53 8.84
C GLY F 1201 27.09 -26.70 7.42
N ASN F 1202 27.80 -25.67 6.95
CA ASN F 1202 28.40 -25.69 5.63
C ASN F 1202 29.69 -26.50 5.62
N PHE F 1203 29.56 -27.82 5.57
CA PHE F 1203 30.72 -28.69 5.68
C PHE F 1203 31.64 -28.60 4.46
N GLU F 1204 31.04 -28.39 3.30
CA GLU F 1204 31.81 -28.25 2.06
C GLU F 1204 32.69 -27.00 2.10
N LEU F 1205 32.05 -25.85 2.35
CA LEU F 1205 32.77 -24.59 2.45
C LEU F 1205 33.82 -24.66 3.55
N SER F 1206 33.43 -25.23 4.69
CA SER F 1206 34.37 -25.49 5.79
C SER F 1206 35.55 -26.29 5.28
N ILE F 1207 35.25 -27.32 4.47
CA ILE F 1207 36.28 -28.15 3.86
C ILE F 1207 37.25 -27.30 3.06
N GLU F 1208 36.71 -26.50 2.14
CA GLU F 1208 37.53 -25.62 1.30
C GLU F 1208 38.44 -24.77 2.16
N ASN F 1209 37.83 -23.98 3.05
CA ASN F 1209 38.58 -23.02 3.86
C ASN F 1209 39.65 -23.71 4.70
N ALA F 1210 39.25 -24.73 5.45
CA ALA F 1210 40.17 -25.46 6.31
C ALA F 1210 41.33 -26.03 5.49
N ASP F 1211 40.99 -26.66 4.36
CA ASP F 1211 42.00 -27.19 3.47
C ASP F 1211 42.95 -26.09 3.00
N LEU F 1212 42.40 -24.94 2.60
CA LEU F 1212 43.23 -23.81 2.16
C LEU F 1212 44.19 -23.32 3.25
N SER F 1213 43.66 -23.06 4.46
CA SER F 1213 44.51 -22.58 5.55
C SER F 1213 45.57 -23.62 5.90
N GLN F 1214 45.18 -24.89 5.90
CA GLN F 1214 46.10 -25.98 6.14
C GLN F 1214 47.23 -25.95 5.12
N GLY F 1215 46.88 -25.93 3.83
CA GLY F 1215 47.86 -25.87 2.77
C GLY F 1215 48.76 -24.67 2.91
N ILE F 1216 48.19 -23.55 3.35
CA ILE F 1216 48.96 -22.33 3.57
C ILE F 1216 50.01 -22.48 4.67
N ILE F 1217 49.56 -22.81 5.88
CA ILE F 1217 50.42 -22.75 7.07
C ILE F 1217 50.71 -24.10 7.70
N SER F 1218 50.78 -25.16 6.91
CA SER F 1218 51.03 -26.50 7.44
C SER F 1218 52.49 -26.73 7.79
N GLU F 1219 53.38 -26.29 6.92
CA GLU F 1219 54.81 -26.64 7.01
C GLU F 1219 55.52 -25.96 8.18
N SER F 1220 55.13 -24.73 8.48
CA SER F 1220 55.84 -23.89 9.46
C SER F 1220 55.99 -24.55 10.83
N SER F 1221 54.86 -24.97 11.41
CA SER F 1221 54.86 -25.52 12.76
C SER F 1221 55.42 -24.50 13.75
N ASP F 1222 55.14 -23.23 13.49
CA ASP F 1222 55.65 -22.13 14.33
C ASP F 1222 55.01 -22.16 15.72
N GLU F 1223 55.50 -21.28 16.59
CA GLU F 1223 54.97 -21.19 17.95
C GLU F 1223 53.52 -20.70 17.93
N SER F 1225 51.73 -22.46 15.90
CA SER F 1225 50.77 -22.70 14.82
C SER F 1225 50.06 -24.03 14.97
N MET F 1226 50.42 -24.78 16.02
CA MET F 1226 49.81 -26.08 16.29
C MET F 1226 48.34 -25.90 16.65
N LYS F 1227 48.05 -24.86 17.42
CA LYS F 1227 46.67 -24.56 17.82
C LYS F 1227 45.84 -24.27 16.58
N THR F 1228 46.43 -23.54 15.63
CA THR F 1228 45.75 -23.22 14.39
C THR F 1228 45.58 -24.48 13.54
N LYS F 1229 46.57 -25.35 13.58
CA LYS F 1229 46.55 -26.58 12.77
C LYS F 1229 45.50 -27.56 13.28
N ILE F 1230 45.50 -27.83 14.58
CA ILE F 1230 44.56 -28.77 15.17
C ILE F 1230 43.11 -28.36 14.87
N SER F 1231 42.87 -27.05 14.81
CA SER F 1231 41.56 -26.54 14.45
C SER F 1231 41.15 -27.02 13.06
N ASN F 1232 42.03 -26.81 12.08
CA ASN F 1232 41.81 -27.31 10.73
C ASN F 1232 41.61 -28.82 10.75
N HIS F 1233 42.40 -29.49 11.57
CA HIS F 1233 42.30 -30.94 11.75
C HIS F 1233 40.87 -31.34 12.11
N ILE F 1234 40.39 -30.84 13.24
CA ILE F 1234 39.04 -31.13 13.69
C ILE F 1234 38.00 -30.74 12.65
N CYS F 1235 38.11 -29.53 12.11
CA CYS F 1235 37.15 -29.04 11.11
C CYS F 1235 37.01 -29.97 9.92
N LEU F 1236 38.13 -30.31 9.29
CA LEU F 1236 38.12 -31.20 8.13
C LEU F 1236 37.64 -32.60 8.51
N GLY F 1237 38.14 -33.12 9.63
CA GLY F 1237 37.72 -34.44 10.09
C GLY F 1237 36.21 -34.54 10.24
N LEU F 1238 35.64 -33.64 11.04
CA LEU F 1238 34.20 -33.60 11.26
C LEU F 1238 33.45 -33.35 9.95
N SER F 1239 33.86 -32.32 9.21
CA SER F 1239 33.27 -32.01 7.92
C SER F 1239 33.19 -33.26 7.03
N TYR F 1240 34.29 -34.00 6.96
CA TYR F 1240 34.33 -35.23 6.19
C TYR F 1240 33.42 -36.30 6.78
N PHE F 1241 33.36 -36.40 8.11
CA PHE F 1241 32.41 -37.31 8.74
C PHE F 1241 30.99 -37.00 8.28
N PHE F 1242 30.56 -35.75 8.44
CA PHE F 1242 29.19 -35.34 8.13
C PHE F 1242 28.88 -35.47 6.65
N LEU F 1243 29.84 -35.13 5.79
CA LEU F 1243 29.59 -35.18 4.35
C LEU F 1243 29.39 -36.61 3.83
N ASN F 1244 29.86 -37.60 4.58
CA ASN F 1244 29.79 -39.02 4.19
C ASN F 1244 30.42 -39.41 2.84
N ASP F 1245 31.17 -38.47 2.24
CA ASP F 1245 31.76 -38.62 0.90
C ASP F 1245 33.02 -39.44 1.03
N PHE F 1246 34.04 -38.81 1.57
CA PHE F 1246 35.32 -39.47 1.84
C PHE F 1246 35.47 -39.88 3.30
N ASP F 1247 34.60 -40.77 3.73
CA ASP F 1247 34.57 -41.21 5.11
C ASP F 1247 35.91 -41.83 5.46
N GLN F 1248 36.50 -42.56 4.51
CA GLN F 1248 37.82 -43.11 4.70
C GLN F 1248 38.84 -41.99 4.91
N THR F 1249 38.67 -40.89 4.19
CA THR F 1249 39.50 -39.70 4.37
C THR F 1249 39.23 -39.10 5.74
N LEU F 1250 37.98 -39.14 6.17
CA LEU F 1250 37.63 -38.72 7.51
C LEU F 1250 38.42 -39.56 8.51
N ASN F 1251 38.49 -40.86 8.23
CA ASN F 1251 39.26 -41.79 9.06
C ASN F 1251 40.76 -41.44 9.10
N GLN F 1252 41.37 -41.29 7.92
CA GLN F 1252 42.79 -40.98 7.84
C GLN F 1252 43.09 -39.67 8.56
N PHE F 1253 42.25 -38.67 8.33
CA PHE F 1253 42.48 -37.34 8.91
C PHE F 1253 42.28 -37.37 10.42
N GLN F 1254 41.23 -38.04 10.89
CA GLN F 1254 41.00 -38.18 12.32
C GLN F 1254 42.14 -38.95 12.98
N GLU F 1255 42.66 -39.94 12.27
CA GLU F 1255 43.83 -40.68 12.74
C GLU F 1255 45.03 -39.75 12.85
N LEU F 1256 45.26 -38.97 11.81
CA LEU F 1256 46.32 -37.97 11.80
C LEU F 1256 46.16 -37.00 12.98
N LEU F 1257 44.92 -36.62 13.27
CA LEU F 1257 44.64 -35.78 14.42
C LEU F 1257 44.88 -36.54 15.72
N SER F 1258 44.58 -37.84 15.70
CA SER F 1258 44.77 -38.70 16.87
C SER F 1258 46.24 -38.78 17.24
N ILE F 1259 47.08 -38.94 16.22
CA ILE F 1259 48.52 -38.98 16.43
C ILE F 1259 49.05 -37.66 16.98
N SER F 1260 48.31 -36.58 16.73
CA SER F 1260 48.76 -35.24 17.07
C SER F 1260 48.87 -34.97 18.57
N LYS F 1261 47.78 -35.21 19.30
CA LYS F 1261 47.73 -34.83 20.71
C LYS F 1261 47.10 -35.91 21.59
N ASP F 1262 47.15 -35.68 22.91
CA ASP F 1262 46.51 -36.55 23.88
C ASP F 1262 45.81 -35.70 24.95
N SER F 1263 44.58 -35.30 24.63
CA SER F 1263 43.76 -34.50 25.55
C SER F 1263 42.50 -35.25 25.93
N LYS F 1264 41.93 -34.88 27.07
CA LYS F 1264 40.71 -35.52 27.58
C LYS F 1264 39.61 -35.49 26.53
N HIS F 1265 39.17 -34.28 26.17
CA HIS F 1265 38.01 -34.11 25.30
C HIS F 1265 38.28 -34.48 23.84
N LEU F 1266 39.47 -34.13 23.36
CA LEU F 1266 39.82 -34.39 21.97
C LEU F 1266 39.76 -35.89 21.65
N VAL F 1267 40.36 -36.70 22.52
CA VAL F 1267 40.35 -38.14 22.34
C VAL F 1267 38.92 -38.66 22.28
N VAL F 1268 38.06 -38.10 23.10
CA VAL F 1268 36.65 -38.48 23.10
C VAL F 1268 36.01 -38.11 21.77
N LEU F 1269 36.33 -36.93 21.26
CA LEU F 1269 35.85 -36.55 19.93
C LEU F 1269 36.26 -37.62 18.93
N ILE F 1270 37.55 -37.89 18.84
CA ILE F 1270 38.06 -38.85 17.84
C ILE F 1270 37.40 -40.22 17.99
N ALA F 1271 37.33 -40.72 19.22
CA ALA F 1271 36.70 -42.01 19.49
C ALA F 1271 35.25 -41.99 19.04
N LYS F 1272 34.56 -40.91 19.37
CA LYS F 1272 33.17 -40.72 18.97
C LYS F 1272 33.04 -40.78 17.46
N VAL F 1273 33.87 -40.01 16.77
CA VAL F 1273 33.84 -39.95 15.31
C VAL F 1273 34.07 -41.34 14.71
N LEU F 1274 35.15 -42.00 15.11
CA LEU F 1274 35.51 -43.28 14.50
C LEU F 1274 34.55 -44.41 14.86
N TYR F 1275 34.04 -44.42 16.09
CA TYR F 1275 33.11 -45.46 16.50
C TYR F 1275 31.78 -45.32 15.76
N ASP F 1276 31.46 -44.11 15.33
CA ASP F 1276 30.23 -43.85 14.60
C ASP F 1276 30.35 -44.27 13.14
N VAL F 1277 31.58 -44.59 12.71
CA VAL F 1277 31.80 -45.09 11.36
C VAL F 1277 31.19 -46.48 11.21
N GLY F 1278 31.44 -47.33 12.20
CA GLY F 1278 30.83 -48.64 12.25
C GLY F 1278 31.75 -49.77 11.83
N GLU F 1279 32.91 -49.42 11.28
CA GLU F 1279 33.87 -50.42 10.84
C GLU F 1279 34.40 -51.20 12.04
N SER F 1280 34.69 -52.48 11.81
CA SER F 1280 35.14 -53.37 12.89
C SER F 1280 36.44 -52.88 13.52
N ASP F 1281 37.37 -52.42 12.71
CA ASP F 1281 38.65 -51.94 13.20
C ASP F 1281 38.54 -50.56 13.84
N THR F 1282 37.70 -49.71 13.26
CA THR F 1282 37.54 -48.34 13.74
C THR F 1282 36.99 -48.31 15.16
N LYS F 1283 35.96 -49.12 15.39
CA LYS F 1283 35.38 -49.25 16.73
C LYS F 1283 36.47 -49.69 17.72
N GLU F 1284 37.16 -50.77 17.37
CA GLU F 1284 38.28 -51.27 18.19
C GLU F 1284 39.28 -50.16 18.49
N ILE F 1285 39.60 -49.35 17.48
CA ILE F 1285 40.48 -48.20 17.66
C ILE F 1285 39.93 -47.20 18.68
N ALA F 1286 38.67 -46.81 18.51
CA ALA F 1286 38.00 -45.88 19.42
C ALA F 1286 38.00 -46.40 20.87
N LEU F 1287 37.45 -47.59 21.06
CA LEU F 1287 37.39 -48.23 22.36
C LEU F 1287 38.78 -48.33 22.99
N GLN F 1288 39.75 -48.75 22.17
CA GLN F 1288 41.13 -48.89 22.62
C GLN F 1288 41.71 -47.56 23.09
N GLU F 1289 41.50 -46.51 22.29
CA GLU F 1289 42.01 -45.18 22.64
C GLU F 1289 41.38 -44.66 23.93
N LEU F 1290 40.06 -44.76 24.02
CA LEU F 1290 39.35 -44.35 25.23
C LEU F 1290 39.85 -45.12 26.46
N THR F 1291 39.93 -46.44 26.34
CA THR F 1291 40.46 -47.28 27.41
C THR F 1291 41.90 -46.87 27.76
N GLU F 1292 42.67 -46.54 26.73
CA GLU F 1292 44.05 -46.08 26.92
C GLU F 1292 44.10 -44.81 27.76
N TYR F 1293 43.27 -43.83 27.41
CA TYR F 1293 43.22 -42.62 28.21
C TYR F 1293 42.72 -42.93 29.62
N ILE F 1294 41.78 -43.86 29.72
CA ILE F 1294 41.31 -44.29 31.04
C ILE F 1294 42.45 -44.94 31.81
N ALA F 1295 43.37 -45.60 31.10
CA ALA F 1295 44.57 -46.12 31.74
C ALA F 1295 45.50 -44.98 32.18
N THR F 1296 45.63 -43.95 31.34
CA THR F 1296 46.44 -42.78 31.69
C THR F 1296 45.99 -42.12 33.00
N SER F 1297 44.72 -41.72 33.04
CA SER F 1297 44.15 -41.07 34.23
C SER F 1297 43.08 -41.95 34.86
N GLY F 1298 41.98 -42.15 34.13
CA GLY F 1298 40.89 -43.00 34.58
C GLY F 1298 39.86 -42.26 35.40
N ALA F 1299 40.22 -41.07 35.88
CA ALA F 1299 39.36 -40.29 36.75
C ALA F 1299 38.43 -39.38 35.96
N ASP F 1300 38.36 -39.60 34.66
CA ASP F 1300 37.50 -38.80 33.79
C ASP F 1300 36.12 -39.46 33.67
N LEU F 1301 35.09 -38.72 34.04
CA LEU F 1301 33.73 -39.25 34.04
C LEU F 1301 33.18 -39.38 32.62
N LEU F 1302 33.58 -38.44 31.76
CA LEU F 1302 33.09 -38.40 30.39
C LEU F 1302 33.48 -39.67 29.63
N VAL F 1303 34.76 -40.03 29.69
CA VAL F 1303 35.23 -41.23 28.99
C VAL F 1303 34.57 -42.49 29.53
N THR F 1304 34.43 -42.56 30.85
CA THR F 1304 33.77 -43.68 31.50
C THR F 1304 32.35 -43.82 30.96
N LEU F 1305 31.58 -42.75 31.08
CA LEU F 1305 30.20 -42.76 30.62
C LEU F 1305 30.12 -43.05 29.13
N THR F 1306 31.03 -42.47 28.34
CA THR F 1306 30.97 -42.65 26.90
C THR F 1306 31.23 -44.12 26.51
N ILE F 1307 32.27 -44.73 27.07
CA ILE F 1307 32.52 -46.14 26.79
C ILE F 1307 31.41 -47.01 27.37
N ALA F 1308 30.85 -46.59 28.50
CA ALA F 1308 29.73 -47.32 29.10
C ALA F 1308 28.57 -47.35 28.12
N ALA F 1309 28.26 -46.19 27.54
CA ALA F 1309 27.20 -46.07 26.56
C ALA F 1309 27.52 -46.90 25.31
N MET F 1310 28.77 -46.83 24.85
CA MET F 1310 29.21 -47.61 23.71
C MET F 1310 29.04 -49.11 23.95
N SER F 1311 29.41 -49.55 25.15
CA SER F 1311 29.24 -50.94 25.53
C SER F 1311 27.75 -51.28 25.62
N ILE F 1312 26.96 -50.35 26.13
CA ILE F 1312 25.51 -50.51 26.18
C ILE F 1312 24.96 -50.71 24.78
N LEU F 1313 25.50 -49.97 23.83
CA LEU F 1313 25.13 -50.10 22.43
C LEU F 1313 25.70 -51.37 21.82
N ASP F 1314 26.88 -51.77 22.29
CA ASP F 1314 27.56 -52.94 21.74
C ASP F 1314 26.80 -54.24 22.00
N ASP F 1315 26.16 -54.30 23.17
CA ASP F 1315 25.35 -55.46 23.55
C ASP F 1315 26.21 -56.70 23.84
N LYS F 1316 27.28 -56.52 24.62
CA LYS F 1316 28.08 -57.63 25.11
C LYS F 1316 27.84 -57.81 26.60
N ARG F 1317 27.61 -59.04 27.04
CA ARG F 1317 27.32 -59.33 28.44
C ARG F 1317 28.50 -59.00 29.35
N GLU F 1318 29.66 -59.59 29.04
CA GLU F 1318 30.86 -59.42 29.85
C GLU F 1318 31.29 -57.96 29.94
N ASP F 1319 31.44 -57.32 28.79
CA ASP F 1319 31.86 -55.92 28.73
C ASP F 1319 30.89 -55.02 29.47
N LEU F 1320 29.59 -55.32 29.36
CA LEU F 1320 28.56 -54.53 30.05
C LEU F 1320 28.64 -54.75 31.55
N SER F 1321 28.88 -55.99 31.97
CA SER F 1321 29.06 -56.32 33.39
C SER F 1321 30.25 -55.57 33.98
N ILE F 1322 31.38 -55.66 33.27
CA ILE F 1322 32.60 -54.95 33.67
C ILE F 1322 32.37 -53.44 33.72
N ILE F 1323 31.76 -52.90 32.67
CA ILE F 1323 31.49 -51.47 32.58
C ILE F 1323 30.57 -51.00 33.70
N LEU F 1324 29.56 -51.81 34.02
CA LEU F 1324 28.66 -51.51 35.12
C LEU F 1324 29.45 -51.53 36.44
N GLU F 1325 30.28 -52.56 36.61
CA GLU F 1325 31.15 -52.64 37.77
C GLU F 1325 32.03 -51.39 37.88
N GLU F 1326 32.48 -50.91 36.73
CA GLU F 1326 33.28 -49.69 36.66
C GLU F 1326 32.46 -48.47 37.07
N LEU F 1327 31.25 -48.37 36.54
CA LEU F 1327 30.39 -47.22 36.81
C LEU F 1327 29.95 -47.15 38.27
N LYS F 1328 29.61 -48.29 38.86
CA LYS F 1328 29.19 -48.34 40.26
C LYS F 1328 30.28 -47.80 41.18
N ALA F 1329 31.53 -48.01 40.78
CA ALA F 1329 32.67 -47.74 41.66
C ALA F 1329 33.25 -46.33 41.51
N LEU F 1330 32.54 -45.46 40.79
CA LEU F 1330 33.07 -44.12 40.52
C LEU F 1330 33.21 -43.32 41.81
N PRO F 1331 34.31 -42.54 41.94
CA PRO F 1331 34.49 -41.68 43.11
C PRO F 1331 33.32 -40.73 43.35
N LEU F 1332 33.17 -40.27 44.59
CA LEU F 1332 32.07 -39.41 44.97
C LEU F 1332 32.23 -38.04 44.33
N SER F 1333 33.47 -37.59 44.19
CA SER F 1333 33.76 -36.31 43.54
C SER F 1333 33.19 -36.29 42.12
N LYS F 1334 33.38 -37.41 41.42
CA LYS F 1334 32.84 -37.53 40.07
C LYS F 1334 31.32 -37.56 40.10
N GLN F 1335 30.76 -38.14 41.17
CA GLN F 1335 29.32 -38.12 41.37
C GLN F 1335 28.83 -36.71 41.64
N ILE F 1336 29.67 -35.89 42.25
CA ILE F 1336 29.36 -34.47 42.36
C ILE F 1336 29.45 -33.82 40.98
N ILE F 1337 30.50 -34.14 40.23
CA ILE F 1337 30.76 -33.48 38.95
C ILE F 1337 29.63 -33.64 37.92
N ASP F 1338 29.04 -34.83 37.80
CA ASP F 1338 27.95 -35.01 36.83
C ASP F 1338 26.65 -34.41 37.36
N LYS F 1339 26.31 -33.22 36.87
CA LYS F 1339 25.09 -32.55 37.26
C LYS F 1339 23.89 -33.23 36.62
N HIS F 1340 24.12 -33.85 35.47
CA HIS F 1340 23.06 -34.55 34.76
C HIS F 1340 22.58 -35.74 35.57
N LYS F 1341 23.47 -36.28 36.39
CA LYS F 1341 23.18 -37.49 37.16
C LYS F 1341 22.75 -38.59 36.19
N ASP F 1342 23.50 -38.72 35.09
CA ASP F 1342 23.19 -39.71 34.05
C ASP F 1342 24.06 -40.97 34.17
N ALA F 1343 24.91 -41.02 35.19
CA ALA F 1343 25.63 -42.24 35.48
C ALA F 1343 24.65 -43.28 36.04
N PRO F 1344 23.78 -42.87 36.98
CA PRO F 1344 22.72 -43.79 37.39
C PRO F 1344 21.80 -44.20 36.25
N TYR F 1345 21.69 -43.37 35.22
CA TYR F 1345 20.85 -43.67 34.08
C TYR F 1345 21.41 -44.88 33.34
N LEU F 1346 22.67 -44.81 32.97
CA LEU F 1346 23.33 -45.91 32.27
C LEU F 1346 23.47 -47.13 33.17
N ILE F 1347 23.81 -46.91 34.45
CA ILE F 1347 23.87 -48.01 35.41
C ILE F 1347 22.52 -48.73 35.44
N GLU F 1348 21.45 -47.97 35.63
CA GLU F 1348 20.10 -48.51 35.71
C GLU F 1348 19.74 -49.24 34.41
N GLU F 1349 20.07 -48.64 33.28
CA GLU F 1349 19.79 -49.27 31.98
C GLU F 1349 20.50 -50.59 31.83
N ILE F 1350 21.81 -50.62 32.07
CA ILE F 1350 22.59 -51.85 31.95
C ILE F 1350 22.01 -52.91 32.89
N THR F 1351 21.76 -52.52 34.15
CA THR F 1351 21.14 -53.44 35.10
C THR F 1351 19.85 -54.00 34.53
N LYS F 1352 19.01 -53.11 34.03
CA LYS F 1352 17.72 -53.49 33.45
C LYS F 1352 17.93 -54.42 32.25
N ARG F 1353 18.99 -54.15 31.50
CA ARG F 1353 19.24 -54.91 30.27
C ARG F 1353 19.77 -56.32 30.52
N LEU F 1354 20.89 -56.45 31.24
CA LEU F 1354 21.47 -57.78 31.43
C LEU F 1354 21.00 -58.48 32.71
N TYR F 1355 21.00 -57.78 33.84
CA TYR F 1355 20.56 -58.38 35.09
C TYR F 1355 19.06 -58.68 35.01
N ARG F 1356 18.33 -57.83 34.29
CA ARG F 1356 16.89 -57.97 34.14
C ARG F 1356 16.18 -57.90 35.50
N ASN F 1357 16.86 -57.29 36.47
CA ASN F 1357 16.34 -57.16 37.82
C ASN F 1357 15.48 -55.91 37.98
N ASP F 1358 14.44 -56.01 38.80
CA ASP F 1358 13.53 -54.90 39.04
C ASP F 1358 14.16 -53.87 39.97
N THR F 1359 15.11 -54.32 40.79
CA THR F 1359 15.72 -53.49 41.82
C THR F 1359 16.78 -52.53 41.27
N GLY F 1360 17.13 -52.68 39.99
CA GLY F 1360 18.14 -51.87 39.36
C GLY F 1360 17.88 -50.37 39.44
N LYS F 1361 16.62 -50.01 39.69
CA LYS F 1361 16.23 -48.61 39.82
C LYS F 1361 16.57 -48.03 41.19
N GLN F 1362 17.15 -48.85 42.07
CA GLN F 1362 17.46 -48.41 43.42
C GLN F 1362 18.59 -47.37 43.46
N VAL F 1363 19.52 -47.45 42.51
CA VAL F 1363 20.64 -46.52 42.44
C VAL F 1363 20.12 -45.09 42.53
N TRP F 1364 19.06 -44.81 41.79
CA TRP F 1364 18.43 -43.50 41.82
C TRP F 1364 18.00 -43.10 43.24
N GLN F 1365 17.58 -44.08 44.04
CA GLN F 1365 17.20 -43.79 45.42
C GLN F 1365 18.42 -43.29 46.18
N ARG F 1366 19.59 -43.76 45.77
CA ARG F 1366 20.83 -43.43 46.46
C ARG F 1366 21.25 -42.03 46.07
N SER F 1367 21.27 -41.77 44.76
CA SER F 1367 21.61 -40.47 44.22
C SER F 1367 20.71 -39.38 44.78
N ALA F 1368 19.47 -39.75 45.11
CA ALA F 1368 18.55 -38.80 45.73
C ALA F 1368 18.99 -38.50 47.16
N TYR F 1369 19.63 -39.48 47.79
CA TYR F 1369 20.09 -39.32 49.16
C TYR F 1369 21.32 -38.42 49.17
N PHE F 1370 22.13 -38.53 48.14
CA PHE F 1370 23.38 -37.78 48.05
C PHE F 1370 23.12 -36.35 47.57
N PHE F 1371 22.23 -36.22 46.59
CA PHE F 1371 21.90 -34.92 46.01
C PHE F 1371 20.38 -34.77 45.98
N PRO F 1372 19.79 -34.36 47.11
CA PRO F 1372 18.33 -34.28 47.24
C PRO F 1372 17.70 -33.05 46.59
N ASN F 1373 18.51 -32.26 45.88
CA ASN F 1373 18.00 -31.06 45.21
C ASN F 1373 18.25 -31.13 43.70
N ASN F 1374 18.90 -32.19 43.26
CA ASN F 1374 19.12 -32.46 41.85
C ASN F 1374 17.79 -32.79 41.17
N LEU F 1375 17.44 -32.09 40.09
CA LEU F 1375 16.19 -32.35 39.38
C LEU F 1375 16.22 -33.69 38.67
N LYS F 1376 17.38 -34.00 38.10
CA LYS F 1376 17.56 -35.21 37.30
C LYS F 1376 17.14 -36.46 38.05
N VAL F 1377 17.51 -36.56 39.33
CA VAL F 1377 17.23 -37.77 40.10
C VAL F 1377 15.74 -37.91 40.40
N TRP F 1378 15.06 -36.81 40.67
CA TRP F 1378 13.64 -36.86 40.96
C TRP F 1378 12.82 -37.02 39.68
N GLU F 1379 13.39 -36.61 38.55
CA GLU F 1379 12.76 -36.89 37.26
C GLU F 1379 12.53 -38.38 37.08
N ARG F 1380 13.32 -39.19 37.78
CA ARG F 1380 13.20 -40.64 37.74
C ARG F 1380 12.35 -41.17 38.90
N LEU F 1381 12.50 -40.57 40.08
CA LEU F 1381 11.87 -41.10 41.30
C LEU F 1381 10.47 -40.54 41.62
N ASP F 1382 10.37 -39.22 41.76
CA ASP F 1382 9.09 -38.59 42.05
C ASP F 1382 8.96 -37.26 41.30
N LYS F 1383 7.97 -37.19 40.41
CA LYS F 1383 7.75 -36.01 39.59
C LYS F 1383 7.30 -34.82 40.42
N ASN F 1384 6.41 -35.06 41.36
CA ASN F 1384 5.88 -34.00 42.21
C ASN F 1384 7.01 -33.27 42.92
N ILE F 1385 8.02 -34.03 43.37
CA ILE F 1385 9.18 -33.44 44.01
C ILE F 1385 9.90 -32.52 43.03
N GLN F 1386 10.22 -33.05 41.86
CA GLN F 1386 10.88 -32.29 40.80
C GLN F 1386 10.19 -30.96 40.58
N ARG F 1387 8.89 -31.03 40.30
CA ARG F 1387 8.08 -29.85 40.06
C ARG F 1387 8.10 -28.93 41.27
N ARG F 1388 8.04 -29.53 42.46
CA ARG F 1388 8.05 -28.78 43.71
C ARG F 1388 9.39 -28.08 43.95
N ILE F 1389 10.48 -28.71 43.49
CA ILE F 1389 11.79 -28.10 43.63
C ILE F 1389 11.89 -26.94 42.67
N ALA F 1390 11.53 -27.18 41.41
CA ALA F 1390 11.64 -26.12 40.42
C ALA F 1390 10.79 -24.88 40.75
N SER F 1391 9.67 -25.07 41.46
CA SER F 1391 8.63 -24.04 41.59
C SER F 1391 9.08 -22.62 41.91
N ASN F 1392 9.63 -22.41 43.11
CA ASN F 1392 9.94 -21.06 43.57
C ASN F 1392 11.39 -20.66 43.33
N GLY F 1393 12.12 -21.51 42.61
CA GLY F 1393 13.46 -21.18 42.17
C GLY F 1393 14.58 -21.79 43.00
N GLN F 1394 14.29 -22.87 43.72
CA GLN F 1394 15.35 -23.63 44.39
C GLN F 1394 16.39 -24.01 43.35
N ASN F 1395 15.92 -24.63 42.27
CA ASN F 1395 16.74 -24.85 41.08
C ASN F 1395 16.13 -24.12 39.88
N LYS F 1396 16.99 -23.58 39.03
CA LYS F 1396 16.56 -22.77 37.90
C LYS F 1396 16.25 -23.63 36.67
N VAL F 1397 14.98 -23.69 36.29
CA VAL F 1397 14.56 -24.50 35.16
C VAL F 1397 14.25 -23.65 33.93
N THR F 1398 14.42 -24.24 32.75
CA THR F 1398 14.16 -23.55 31.50
C THR F 1398 12.65 -23.45 31.27
N ALA F 1399 12.24 -22.53 30.40
CA ALA F 1399 10.85 -22.35 30.04
C ALA F 1399 10.20 -23.66 29.61
N GLU F 1400 10.93 -24.45 28.84
CA GLU F 1400 10.39 -25.70 28.30
C GLU F 1400 10.16 -26.71 29.43
N GLU F 1401 11.15 -26.86 30.29
CA GLU F 1401 11.11 -27.88 31.33
C GLU F 1401 9.99 -27.61 32.32
N MET F 1402 9.86 -26.36 32.75
CA MET F 1402 8.80 -25.98 33.68
C MET F 1402 7.44 -26.30 33.08
N SER F 1403 7.26 -25.97 31.81
CA SER F 1403 6.05 -26.30 31.09
C SER F 1403 5.80 -27.81 31.09
N LYS F 1404 6.85 -28.56 30.77
CA LYS F 1404 6.79 -30.02 30.80
C LYS F 1404 6.34 -30.53 32.17
N LEU F 1405 6.95 -30.00 33.22
CA LEU F 1405 6.62 -30.41 34.57
C LEU F 1405 5.16 -30.07 34.89
N TYR F 1406 4.75 -28.87 34.51
CA TYR F 1406 3.38 -28.45 34.71
C TYR F 1406 2.42 -29.41 34.02
N CYS F 1407 2.70 -29.72 32.76
CA CYS F 1407 1.83 -30.62 32.00
C CYS F 1407 1.91 -32.05 32.52
N GLU F 1408 3.04 -32.40 33.13
CA GLU F 1408 3.18 -33.73 33.72
C GLU F 1408 2.20 -33.99 34.85
N SER F 1409 1.82 -32.94 35.58
CA SER F 1409 0.87 -33.10 36.68
C SER F 1409 -0.51 -33.55 36.16
N LYS F 1410 -0.74 -33.35 34.87
CA LYS F 1410 -1.83 -34.00 34.15
C LYS F 1410 -3.23 -33.43 34.41
N ASN F 1411 -3.33 -32.21 34.93
CA ASN F 1411 -4.63 -31.59 35.16
C ASN F 1411 -4.80 -30.33 34.32
N LEU F 1412 -6.01 -30.12 33.80
CA LEU F 1412 -6.30 -29.08 32.82
C LEU F 1412 -5.72 -27.70 33.13
N ARG F 1413 -5.90 -27.23 34.36
CA ARG F 1413 -5.41 -25.91 34.76
C ARG F 1413 -3.90 -25.84 34.57
N SER F 1414 -3.22 -26.85 35.08
CA SER F 1414 -1.76 -26.91 35.01
C SER F 1414 -1.26 -27.15 33.60
N ILE F 1415 -2.01 -27.91 32.81
CA ILE F 1415 -1.63 -28.16 31.42
C ILE F 1415 -1.80 -26.88 30.61
N GLN F 1416 -2.89 -26.17 30.86
CA GLN F 1416 -3.11 -24.88 30.23
C GLN F 1416 -1.95 -23.96 30.57
N ARG F 1417 -1.64 -23.87 31.87
CA ARG F 1417 -0.51 -23.07 32.34
C ARG F 1417 0.78 -23.45 31.61
N GLY F 1418 1.05 -24.75 31.56
CA GLY F 1418 2.25 -25.23 30.90
C GLY F 1418 2.29 -24.84 29.44
N MET F 1419 1.17 -25.02 28.75
CA MET F 1419 1.10 -24.68 27.34
C MET F 1419 1.30 -23.20 27.15
N PHE F 1420 0.67 -22.39 28.01
CA PHE F 1420 0.80 -20.95 27.90
C PHE F 1420 2.25 -20.58 28.06
N LEU F 1421 2.92 -21.11 29.09
CA LEU F 1421 4.33 -20.80 29.30
C LEU F 1421 5.15 -21.12 28.06
N CYS F 1422 4.78 -22.19 27.38
CA CYS F 1422 5.53 -22.65 26.22
C CYS F 1422 4.61 -23.43 25.29
N PRO F 1423 4.07 -22.77 24.26
CA PRO F 1423 3.11 -23.43 23.36
C PRO F 1423 3.76 -24.11 22.16
N TRP F 1424 5.08 -24.13 22.10
CA TRP F 1424 5.78 -24.71 20.95
C TRP F 1424 6.41 -26.07 21.23
N ASN F 1425 6.11 -26.67 22.38
CA ASN F 1425 6.54 -28.04 22.65
C ASN F 1425 5.38 -29.01 22.46
N VAL F 1426 5.62 -30.01 21.62
CA VAL F 1426 4.59 -30.93 21.16
C VAL F 1426 3.77 -31.53 22.32
N THR F 1427 4.48 -31.99 23.35
CA THR F 1427 3.85 -32.71 24.45
C THR F 1427 2.77 -31.90 25.13
N ALA F 1428 2.97 -30.59 25.24
CA ALA F 1428 1.99 -29.73 25.90
C ALA F 1428 0.71 -29.64 25.08
N VAL F 1429 0.84 -29.33 23.80
CA VAL F 1429 -0.31 -29.22 22.93
C VAL F 1429 -1.06 -30.54 22.91
N LYS F 1430 -0.32 -31.63 22.73
CA LYS F 1430 -0.94 -32.94 22.75
C LYS F 1430 -1.64 -33.18 24.07
N ALA F 1431 -0.97 -32.81 25.16
CA ALA F 1431 -1.52 -32.98 26.51
C ALA F 1431 -2.85 -32.26 26.66
N LEU F 1432 -2.91 -31.00 26.23
CA LEU F 1432 -4.16 -30.26 26.29
C LEU F 1432 -5.18 -30.88 25.35
N ASN F 1433 -4.73 -31.31 24.18
CA ASN F 1433 -5.63 -31.89 23.20
C ASN F 1433 -6.35 -33.11 23.76
N GLU F 1434 -5.57 -34.06 24.29
CA GLU F 1434 -6.13 -35.31 24.77
C GLU F 1434 -7.04 -35.14 26.00
N CYS F 1435 -7.11 -33.94 26.56
CA CYS F 1435 -8.01 -33.68 27.68
C CYS F 1435 -9.45 -33.80 27.24
N PHE F 1436 -9.70 -33.40 26.00
CA PHE F 1436 -11.05 -33.23 25.48
C PHE F 1436 -11.50 -34.38 24.60
N SER G 2 5.71 11.05 41.20
CA SER G 2 4.38 10.52 40.91
C SER G 2 4.46 9.06 40.45
N LYS G 3 5.32 8.27 41.09
CA LYS G 3 5.55 6.89 40.66
C LYS G 3 5.60 5.91 41.83
N VAL G 4 4.71 6.13 42.79
CA VAL G 4 4.48 5.20 43.88
C VAL G 4 3.03 4.74 43.84
N PHE G 5 2.85 3.44 43.62
CA PHE G 5 1.53 2.86 43.39
C PHE G 5 0.98 2.30 44.69
N ILE G 6 -0.32 2.51 44.92
CA ILE G 6 -0.99 1.96 46.09
C ILE G 6 -2.22 1.17 45.69
N ALA G 7 -2.43 0.05 46.38
CA ALA G 7 -3.52 -0.87 46.06
C ALA G 7 -4.88 -0.24 46.36
N THR G 8 -5.83 -0.48 45.46
CA THR G 8 -7.16 0.12 45.55
C THR G 8 -8.21 -0.95 45.84
N ALA G 9 -8.45 -1.82 44.87
CA ALA G 9 -9.45 -2.87 45.00
C ALA G 9 -8.97 -4.13 44.30
N ASN G 10 -9.48 -5.28 44.71
CA ASN G 10 -9.10 -6.54 44.10
C ASN G 10 -10.15 -7.62 44.31
N ALA G 11 -10.07 -8.67 43.49
CA ALA G 11 -10.99 -9.79 43.58
C ALA G 11 -10.21 -11.10 43.60
N GLY G 12 -10.20 -11.76 44.75
CA GLY G 12 -9.55 -13.04 44.88
C GLY G 12 -10.45 -14.14 44.35
N LYS G 13 -9.83 -15.16 43.77
CA LYS G 13 -10.59 -16.27 43.19
C LYS G 13 -11.56 -15.74 42.13
N ALA G 14 -11.04 -14.93 41.21
CA ALA G 14 -11.86 -14.33 40.17
C ALA G 14 -12.33 -15.38 39.17
N HIS G 15 -11.41 -16.22 38.73
CA HIS G 15 -11.71 -17.30 37.81
C HIS G 15 -11.42 -18.66 38.46
N ASP G 16 -11.75 -19.73 37.73
CA ASP G 16 -11.49 -21.09 38.21
C ASP G 16 -10.18 -21.63 37.65
N ALA G 17 -9.74 -21.07 36.53
CA ALA G 17 -8.45 -21.42 35.95
C ALA G 17 -7.63 -20.15 35.78
N ASP G 18 -6.36 -20.32 35.42
CA ASP G 18 -5.43 -19.20 35.36
C ASP G 18 -5.94 -18.03 34.52
N ILE G 19 -5.85 -16.82 35.08
CA ILE G 19 -6.21 -15.61 34.36
C ILE G 19 -5.05 -15.21 33.46
N PHE G 20 -5.06 -15.70 32.23
CA PHE G 20 -3.93 -15.51 31.34
C PHE G 20 -3.79 -14.09 30.79
N SER G 21 -4.90 -13.40 30.56
CA SER G 21 -4.79 -12.05 29.98
C SER G 21 -5.80 -11.07 30.53
N VAL G 22 -5.37 -9.81 30.60
CA VAL G 22 -6.25 -8.72 31.02
C VAL G 22 -6.11 -7.56 30.04
N SER G 23 -7.19 -6.81 29.86
CA SER G 23 -7.13 -5.54 29.15
C SER G 23 -8.20 -4.61 29.70
N ALA G 24 -8.06 -3.33 29.43
CA ALA G 24 -8.95 -2.34 30.01
C ALA G 24 -9.54 -1.36 29.00
N CYS G 25 -10.67 -0.79 29.40
CA CYS G 25 -11.39 0.18 28.61
C CYS G 25 -11.84 1.27 29.56
N ASN G 26 -12.34 2.38 29.03
CA ASN G 26 -12.86 3.45 29.87
C ASN G 26 -14.00 2.93 30.71
N SER G 27 -14.89 2.17 30.07
CA SER G 27 -16.08 1.65 30.75
C SER G 27 -15.74 0.56 31.76
N PHE G 28 -14.79 -0.32 31.42
CA PHE G 28 -14.54 -1.49 32.24
C PHE G 28 -13.19 -2.15 31.97
N THR G 29 -12.86 -3.14 32.79
CA THR G 29 -11.64 -3.94 32.61
C THR G 29 -12.03 -5.38 32.30
N VAL G 30 -11.60 -5.89 31.15
CA VAL G 30 -11.99 -7.24 30.75
C VAL G 30 -10.83 -8.20 31.02
N SER G 31 -11.15 -9.40 31.48
CA SER G 31 -10.16 -10.42 31.75
C SER G 31 -10.55 -11.76 31.14
N CYS G 32 -9.56 -12.49 30.64
CA CYS G 32 -9.77 -13.82 30.09
C CYS G 32 -8.85 -14.82 30.78
N SER G 33 -9.46 -15.94 31.20
CA SER G 33 -8.79 -16.98 31.98
C SER G 33 -8.91 -18.35 31.34
N GLY G 34 -8.46 -19.38 32.06
CA GLY G 34 -8.35 -20.71 31.50
C GLY G 34 -9.67 -21.47 31.42
N ASP G 35 -10.71 -20.92 32.04
CA ASP G 35 -12.02 -21.56 32.06
C ASP G 35 -12.88 -21.06 30.90
N GLY G 36 -12.26 -20.36 29.97
CA GLY G 36 -12.94 -19.92 28.76
C GLY G 36 -14.04 -18.93 29.03
N TYR G 37 -13.93 -18.24 30.16
CA TYR G 37 -14.90 -17.21 30.52
C TYR G 37 -14.28 -15.83 30.37
N LEU G 38 -15.00 -14.94 29.69
CA LEU G 38 -14.62 -13.53 29.68
C LEU G 38 -15.33 -12.85 30.84
N LYS G 39 -14.56 -12.11 31.64
CA LYS G 39 -15.10 -11.39 32.77
C LYS G 39 -14.91 -9.88 32.58
N VAL G 40 -16.02 -9.18 32.49
CA VAL G 40 -16.04 -7.73 32.40
C VAL G 40 -16.21 -7.14 33.81
N TRP G 41 -15.20 -6.41 34.25
CA TRP G 41 -15.22 -5.78 35.57
C TRP G 41 -15.49 -4.29 35.45
N ASP G 42 -16.66 -3.89 35.93
CA ASP G 42 -17.05 -2.49 35.86
C ASP G 42 -16.05 -1.66 36.66
N ASN G 43 -15.61 -0.55 36.07
CA ASN G 43 -14.55 0.27 36.65
C ASN G 43 -15.04 1.46 37.46
N LYS G 44 -16.15 2.06 37.03
CA LYS G 44 -16.71 3.21 37.73
C LYS G 44 -17.33 2.76 39.07
N LEU G 45 -16.46 2.40 40.00
CA LEU G 45 -16.90 1.87 41.29
C LEU G 45 -17.16 2.96 42.32
N LEU G 46 -17.89 2.60 43.38
CA LEU G 46 -18.16 3.51 44.48
C LEU G 46 -17.42 3.02 45.72
N ASP G 47 -17.32 3.89 46.72
CA ASP G 47 -16.50 3.60 47.91
C ASP G 47 -16.85 2.29 48.61
N ASN G 48 -15.81 1.50 48.89
CA ASN G 48 -15.96 0.23 49.60
C ASN G 48 -16.97 -0.72 48.97
N GLU G 49 -17.05 -0.70 47.63
CA GLU G 49 -17.90 -1.60 46.88
C GLU G 49 -17.07 -2.70 46.22
N ASN G 50 -17.36 -3.95 46.59
CA ASN G 50 -16.62 -5.09 46.06
C ASN G 50 -16.68 -5.14 44.54
N PRO G 51 -15.52 -5.23 43.87
CA PRO G 51 -15.53 -5.32 42.40
C PRO G 51 -16.39 -6.45 41.87
N LYS G 52 -16.45 -7.56 42.61
CA LYS G 52 -17.18 -8.74 42.15
C LYS G 52 -18.68 -8.46 42.07
N ASP G 53 -19.14 -7.46 42.82
CA ASP G 53 -20.53 -7.03 42.71
C ASP G 53 -20.81 -6.42 41.35
N LYS G 54 -19.77 -5.89 40.72
CA LYS G 54 -19.91 -5.21 39.44
C LYS G 54 -19.22 -5.98 38.32
N SER G 55 -18.99 -7.27 38.55
CA SER G 55 -18.41 -8.14 37.53
C SER G 55 -19.51 -8.81 36.72
N TYR G 56 -19.23 -9.00 35.43
CA TYR G 56 -20.14 -9.67 34.52
C TYR G 56 -19.40 -10.78 33.80
N SER G 57 -19.90 -12.00 33.92
CA SER G 57 -19.23 -13.17 33.36
C SER G 57 -19.94 -13.66 32.10
N HIS G 58 -19.16 -14.08 31.10
CA HIS G 58 -19.73 -14.70 29.91
C HIS G 58 -18.84 -15.82 29.36
N PHE G 59 -19.46 -16.96 29.08
CA PHE G 59 -18.76 -18.12 28.54
C PHE G 59 -18.36 -17.85 27.10
N VAL G 60 -17.19 -18.36 26.71
CA VAL G 60 -16.62 -18.11 25.39
C VAL G 60 -16.32 -19.41 24.65
N HIS G 61 -15.25 -20.08 25.05
CA HIS G 61 -14.86 -21.34 24.43
C HIS G 61 -14.57 -22.38 25.50
N LYS G 62 -14.69 -23.64 25.12
CA LYS G 62 -14.52 -24.74 26.06
C LYS G 62 -13.05 -24.91 26.44
N SER G 63 -12.15 -24.51 25.53
CA SER G 63 -10.74 -24.78 25.68
C SER G 63 -10.01 -23.78 26.57
N GLY G 64 -10.63 -22.62 26.79
CA GLY G 64 -10.04 -21.58 27.61
C GLY G 64 -9.45 -20.46 26.79
N LEU G 65 -9.30 -19.29 27.40
CA LEU G 65 -8.79 -18.11 26.72
C LEU G 65 -7.43 -17.72 27.29
N HIS G 66 -6.56 -17.18 26.44
CA HIS G 66 -5.23 -16.77 26.89
C HIS G 66 -4.74 -15.49 26.22
N HIS G 67 -5.63 -14.82 25.50
CA HIS G 67 -5.37 -13.49 24.98
C HIS G 67 -6.70 -12.79 24.80
N VAL G 68 -6.77 -11.57 25.32
CA VAL G 68 -7.96 -10.73 25.17
C VAL G 68 -7.54 -9.28 24.93
N ASP G 69 -8.35 -8.54 24.16
CA ASP G 69 -8.17 -7.10 24.02
C ASP G 69 -9.47 -6.41 23.66
N VAL G 70 -9.66 -5.23 24.23
CA VAL G 70 -10.91 -4.49 24.09
C VAL G 70 -10.69 -3.26 23.21
N LEU G 71 -11.74 -2.91 22.47
CA LEU G 71 -11.75 -1.68 21.68
C LEU G 71 -13.01 -0.88 22.00
N GLN G 72 -12.80 0.33 22.50
CA GLN G 72 -13.87 1.31 22.66
C GLN G 72 -13.59 2.53 21.79
N ALA G 73 -14.65 3.11 21.24
CA ALA G 73 -14.52 4.34 20.47
C ALA G 73 -15.88 5.04 20.38
N ILE G 74 -15.85 6.35 20.16
CA ILE G 74 -17.05 7.10 19.81
C ILE G 74 -17.00 7.36 18.31
N GLU G 75 -17.39 6.35 17.54
CA GLU G 75 -17.13 6.34 16.10
C GLU G 75 -17.84 7.48 15.37
N ARG G 76 -19.14 7.34 15.14
CA ARG G 76 -19.93 8.44 14.65
C ARG G 76 -20.19 9.35 15.83
N ASP G 77 -20.56 10.60 15.56
CA ASP G 77 -20.83 11.56 16.62
C ASP G 77 -21.92 11.04 17.55
N ALA G 78 -22.72 10.11 17.05
CA ALA G 78 -23.83 9.55 17.82
C ALA G 78 -23.51 8.18 18.42
N PHE G 79 -22.70 7.40 17.72
CA PHE G 79 -22.57 5.97 18.02
C PHE G 79 -21.40 5.62 18.94
N GLU G 80 -21.73 4.95 20.05
CA GLU G 80 -20.72 4.42 20.95
C GLU G 80 -20.42 2.96 20.59
N LEU G 81 -19.15 2.67 20.32
CA LEU G 81 -18.73 1.36 19.88
C LEU G 81 -17.83 0.72 20.93
N CYS G 82 -18.14 -0.52 21.31
CA CYS G 82 -17.29 -1.26 22.22
C CYS G 82 -17.33 -2.76 21.98
N LEU G 83 -16.17 -3.33 21.64
CA LEU G 83 -16.10 -4.78 21.46
C LEU G 83 -14.78 -5.41 21.90
N VAL G 84 -14.88 -6.69 22.27
CA VAL G 84 -13.78 -7.45 22.82
C VAL G 84 -13.38 -8.53 21.82
N ALA G 85 -12.08 -8.69 21.62
CA ALA G 85 -11.55 -9.74 20.79
C ALA G 85 -10.63 -10.61 21.64
N THR G 86 -10.76 -11.92 21.51
CA THR G 86 -9.98 -12.84 22.33
C THR G 86 -9.68 -14.14 21.59
N THR G 87 -8.58 -14.79 21.96
CA THR G 87 -8.22 -16.09 21.36
C THR G 87 -8.38 -17.22 22.36
N SER G 88 -8.86 -18.36 21.88
CA SER G 88 -9.02 -19.55 22.71
C SER G 88 -7.81 -20.46 22.55
N PHE G 89 -7.67 -21.39 23.48
CA PHE G 89 -6.53 -22.28 23.48
C PHE G 89 -6.50 -23.15 22.23
N SER G 90 -7.65 -23.31 21.58
CA SER G 90 -7.74 -24.09 20.36
C SER G 90 -7.20 -23.30 19.16
N GLY G 91 -7.10 -21.99 19.34
CA GLY G 91 -6.57 -21.11 18.31
C GLY G 91 -7.68 -20.30 17.66
N ASP G 92 -8.91 -20.51 18.12
CA ASP G 92 -10.04 -19.75 17.59
C ASP G 92 -9.98 -18.28 18.02
N LEU G 93 -10.31 -17.41 17.08
CA LEU G 93 -10.35 -15.98 17.31
C LEU G 93 -11.81 -15.54 17.40
N LEU G 94 -12.20 -15.08 18.58
CA LEU G 94 -13.59 -14.74 18.87
C LEU G 94 -13.79 -13.25 19.17
N PHE G 95 -14.95 -12.74 18.77
CA PHE G 95 -15.30 -11.34 18.95
C PHE G 95 -16.65 -11.19 19.66
N TYR G 96 -16.75 -10.15 20.50
CA TYR G 96 -17.98 -9.89 21.24
C TYR G 96 -18.28 -8.39 21.36
N ARG G 97 -19.43 -7.97 20.85
CA ARG G 97 -19.88 -6.60 21.03
C ARG G 97 -20.44 -6.48 22.44
N ILE G 98 -19.98 -5.46 23.16
CA ILE G 98 -20.35 -5.26 24.56
C ILE G 98 -21.28 -4.06 24.66
N THR G 99 -22.50 -4.29 25.11
CA THR G 99 -23.46 -3.22 25.33
C THR G 99 -23.87 -3.20 26.79
N ARG G 100 -24.72 -2.23 27.14
CA ARG G 100 -25.21 -2.10 28.51
C ARG G 100 -26.71 -1.95 28.52
N GLU G 101 -27.35 -2.56 29.52
CA GLU G 101 -28.80 -2.58 29.63
C GLU G 101 -29.35 -1.16 29.78
N ASP G 102 -30.58 -0.96 29.34
CA ASP G 102 -31.18 0.36 29.26
C ASP G 102 -31.15 1.13 30.59
N GLU G 103 -31.56 0.47 31.67
CA GLU G 103 -31.64 1.11 32.98
C GLU G 103 -30.86 0.33 34.04
N THR G 104 -30.73 -0.97 33.85
CA THR G 104 -30.02 -1.82 34.80
C THR G 104 -28.51 -1.60 34.73
N LYS G 105 -28.04 -1.12 33.59
CA LYS G 105 -26.61 -0.89 33.35
C LYS G 105 -25.83 -2.22 33.32
N LYS G 106 -26.56 -3.33 33.20
CA LYS G 106 -25.94 -4.64 33.15
C LYS G 106 -25.33 -4.88 31.77
N VAL G 107 -24.14 -5.46 31.75
CA VAL G 107 -23.44 -5.74 30.49
C VAL G 107 -24.17 -6.80 29.68
N ILE G 108 -24.21 -6.61 28.37
CA ILE G 108 -24.80 -7.58 27.45
C ILE G 108 -23.79 -7.91 26.35
N PHE G 109 -23.48 -9.19 26.23
CA PHE G 109 -22.53 -9.68 25.24
C PHE G 109 -23.26 -10.07 23.96
N GLU G 110 -22.68 -9.69 22.82
CA GLU G 110 -23.16 -10.18 21.53
C GLU G 110 -22.00 -10.79 20.75
N LYS G 111 -22.02 -12.11 20.61
CA LYS G 111 -21.06 -12.81 19.76
C LYS G 111 -21.11 -12.20 18.36
N LEU G 112 -19.95 -11.84 17.83
CA LEU G 112 -19.86 -11.34 16.47
C LEU G 112 -19.11 -12.34 15.62
N ASP G 113 -19.60 -12.55 14.39
CA ASP G 113 -18.91 -13.38 13.43
C ASP G 113 -18.36 -12.50 12.32
N LEU G 114 -17.04 -12.42 12.25
CA LEU G 114 -16.36 -11.50 11.34
C LEU G 114 -15.35 -12.22 10.44
N LEU G 115 -15.05 -13.47 10.80
CA LEU G 115 -14.07 -14.26 10.05
C LEU G 115 -14.76 -15.22 9.11
N ASP G 116 -14.17 -15.43 7.93
CA ASP G 116 -14.70 -16.38 6.97
C ASP G 116 -14.12 -17.76 7.27
N SER G 117 -14.69 -18.78 6.65
CA SER G 117 -14.34 -20.16 6.95
C SER G 117 -12.85 -20.46 6.81
N ASP G 118 -12.22 -19.92 5.78
CA ASP G 118 -10.81 -20.20 5.53
C ASP G 118 -9.91 -19.57 6.59
N MET G 119 -10.20 -18.33 7.00
CA MET G 119 -9.36 -17.67 7.98
C MET G 119 -9.49 -18.32 9.33
N LYS G 120 -10.69 -18.79 9.65
CA LYS G 120 -10.94 -19.42 10.93
C LYS G 120 -10.01 -20.60 11.14
N LYS G 121 -9.73 -21.34 10.05
CA LYS G 121 -8.86 -22.52 10.11
C LYS G 121 -7.47 -22.24 10.67
N HIS G 122 -7.08 -20.98 10.77
CA HIS G 122 -5.79 -20.64 11.36
C HIS G 122 -5.84 -20.70 12.87
N SER G 123 -4.72 -21.07 13.49
CA SER G 123 -4.62 -21.17 14.94
C SER G 123 -3.98 -19.90 15.49
N PHE G 124 -4.82 -18.96 15.91
CA PHE G 124 -4.36 -17.65 16.33
C PHE G 124 -3.85 -17.62 17.76
N TRP G 125 -2.85 -16.78 18.00
CA TRP G 125 -2.22 -16.68 19.31
C TRP G 125 -2.49 -15.34 19.97
N ALA G 126 -1.71 -14.33 19.62
CA ALA G 126 -1.85 -12.99 20.22
C ALA G 126 -2.65 -12.09 19.30
N LEU G 127 -3.28 -11.07 19.87
CA LEU G 127 -4.01 -10.08 19.09
C LEU G 127 -3.80 -8.68 19.64
N LYS G 128 -4.13 -7.67 18.85
CA LYS G 128 -4.08 -6.30 19.32
C LYS G 128 -4.90 -5.38 18.42
N TRP G 129 -5.70 -4.52 19.05
CA TRP G 129 -6.48 -3.53 18.31
C TRP G 129 -5.65 -2.29 18.02
N GLY G 130 -6.00 -1.59 16.93
CA GLY G 130 -5.39 -0.33 16.59
C GLY G 130 -6.46 0.74 16.39
N ALA G 131 -6.62 1.61 17.36
CA ALA G 131 -7.66 2.64 17.30
C ALA G 131 -7.46 3.59 16.12
N SER G 132 -8.43 4.46 15.88
CA SER G 132 -8.35 5.41 14.78
C SER G 132 -7.53 6.63 15.18
N ASN G 133 -6.21 6.48 15.18
CA ASN G 133 -5.31 7.60 15.47
C ASN G 133 -4.86 8.27 14.19
N ASP G 134 -5.67 8.15 13.14
CA ASP G 134 -5.33 8.65 11.80
C ASP G 134 -4.17 7.87 11.18
N ARG G 135 -3.89 6.68 11.70
CA ARG G 135 -2.97 5.74 11.06
C ARG G 135 -3.46 5.57 9.63
N LEU G 136 -4.67 5.01 9.56
CA LEU G 136 -5.65 5.23 8.49
C LEU G 136 -6.97 5.44 9.25
N LEU G 137 -8.06 5.74 8.57
CA LEU G 137 -9.30 6.10 9.29
C LEU G 137 -10.02 4.97 10.01
N SER G 138 -9.87 3.75 9.52
CA SER G 138 -10.59 2.60 10.06
C SER G 138 -9.79 1.84 11.12
N HIS G 139 -10.45 1.46 12.21
CA HIS G 139 -9.82 0.69 13.27
C HIS G 139 -9.23 -0.57 12.66
N ARG G 140 -8.06 -0.97 13.13
CA ARG G 140 -7.41 -2.17 12.63
C ARG G 140 -7.26 -3.23 13.72
N LEU G 141 -7.06 -4.47 13.29
CA LEU G 141 -6.85 -5.57 14.21
C LEU G 141 -5.69 -6.43 13.74
N VAL G 142 -4.69 -6.59 14.60
CA VAL G 142 -3.54 -7.43 14.26
C VAL G 142 -3.54 -8.67 15.14
N ALA G 143 -3.21 -9.82 14.54
CA ALA G 143 -3.08 -11.06 15.30
C ALA G 143 -1.97 -11.94 14.74
N THR G 144 -1.68 -13.04 15.42
CA THR G 144 -0.62 -13.97 14.97
C THR G 144 -0.99 -15.43 15.16
N ASP G 145 -0.36 -16.28 14.35
CA ASP G 145 -0.59 -17.71 14.44
C ASP G 145 0.69 -18.43 14.79
N VAL G 146 0.57 -19.74 15.01
CA VAL G 146 1.68 -20.57 15.43
C VAL G 146 2.70 -20.77 14.32
N LYS G 147 2.36 -20.34 13.11
CA LYS G 147 3.25 -20.52 11.96
C LYS G 147 4.19 -19.34 11.78
N GLY G 148 3.96 -18.27 12.54
CA GLY G 148 4.85 -17.12 12.54
C GLY G 148 4.44 -16.06 11.55
N THR G 149 3.14 -15.91 11.33
CA THR G 149 2.63 -14.94 10.39
C THR G 149 1.77 -13.92 11.12
N THR G 150 1.90 -12.65 10.74
CA THR G 150 1.10 -11.60 11.34
C THR G 150 -0.04 -11.21 10.42
N TYR G 151 -1.26 -11.33 10.94
CA TYR G 151 -2.47 -11.00 10.18
C TYR G 151 -2.96 -9.60 10.53
N ILE G 152 -3.11 -8.78 9.49
CA ILE G 152 -3.61 -7.41 9.63
C ILE G 152 -4.97 -7.26 8.97
N TRP G 153 -5.96 -6.93 9.81
CA TRP G 153 -7.32 -6.67 9.37
C TRP G 153 -7.67 -5.22 9.63
N LYS G 154 -8.70 -4.75 8.92
CA LYS G 154 -9.30 -3.46 9.14
C LYS G 154 -10.77 -3.71 9.48
N PHE G 155 -11.25 -3.10 10.56
CA PHE G 155 -12.62 -3.31 11.04
C PHE G 155 -13.53 -2.15 10.70
N HIS G 156 -14.64 -2.44 10.02
CA HIS G 156 -15.61 -1.42 9.65
C HIS G 156 -16.96 -1.69 10.32
N PRO G 157 -17.34 -0.84 11.28
CA PRO G 157 -18.60 -1.09 12.02
C PRO G 157 -19.84 -0.72 11.23
N PHE G 158 -19.68 0.09 10.19
CA PHE G 158 -20.80 0.46 9.34
C PHE G 158 -20.45 0.15 7.88
N ALA G 159 -21.45 -0.25 7.11
CA ALA G 159 -21.27 -0.60 5.71
C ALA G 159 -21.82 0.48 4.79
N ASP G 160 -21.01 0.93 3.85
CA ASP G 160 -21.41 1.92 2.87
C ASP G 160 -21.86 3.23 3.51
N LEU G 167 -26.27 5.34 9.79
CA LEU G 167 -25.55 4.64 10.84
C LEU G 167 -26.21 3.32 11.17
N ASN G 168 -26.10 2.35 10.26
CA ASN G 168 -26.63 1.01 10.49
C ASN G 168 -25.49 0.08 10.91
N TRP G 169 -25.71 -0.66 11.99
CA TRP G 169 -24.69 -1.55 12.53
C TRP G 169 -24.57 -2.85 11.74
N SER G 170 -23.52 -2.94 10.94
CA SER G 170 -23.18 -4.18 10.25
C SER G 170 -21.66 -4.35 10.29
N PRO G 171 -21.16 -5.14 11.24
CA PRO G 171 -19.72 -5.21 11.44
C PRO G 171 -19.03 -6.12 10.43
N THR G 172 -17.97 -5.63 9.80
CA THR G 172 -17.22 -6.41 8.83
C THR G 172 -15.73 -6.23 9.08
N LEU G 173 -14.99 -7.34 8.98
CA LEU G 173 -13.54 -7.30 9.03
C LEU G 173 -12.98 -7.54 7.64
N GLU G 174 -12.19 -6.59 7.17
CA GLU G 174 -11.57 -6.69 5.85
C GLU G 174 -10.09 -6.99 6.02
N LEU G 175 -9.69 -8.18 5.57
CA LEU G 175 -8.29 -8.58 5.63
C LEU G 175 -7.42 -7.68 4.77
N GLN G 176 -6.68 -6.79 5.43
CA GLN G 176 -5.74 -5.95 4.71
C GLN G 176 -4.58 -6.81 4.22
N GLY G 177 -4.20 -7.80 5.02
CA GLY G 177 -3.23 -8.78 4.54
C GLY G 177 -2.36 -9.44 5.60
N THR G 178 -1.21 -9.93 5.17
CA THR G 178 -0.32 -10.71 6.03
C THR G 178 1.13 -10.26 5.96
N VAL G 179 1.84 -10.46 7.06
CA VAL G 179 3.27 -10.20 7.12
C VAL G 179 3.97 -11.46 7.60
N GLU G 180 4.71 -12.10 6.70
CA GLU G 180 5.34 -13.39 6.98
C GLU G 180 6.63 -13.21 7.76
N SER G 181 6.99 -14.22 8.55
CA SER G 181 8.24 -14.20 9.30
C SER G 181 9.40 -14.21 8.33
N PRO G 182 10.51 -13.56 8.71
CA PRO G 182 11.70 -13.47 7.85
C PRO G 182 12.53 -14.74 7.86
N MET G 183 12.55 -15.40 9.01
CA MET G 183 13.41 -16.54 9.23
C MET G 183 12.87 -17.80 8.59
N THR G 184 13.76 -18.75 8.36
CA THR G 184 13.42 -20.05 7.80
C THR G 184 14.25 -21.11 8.48
N PRO G 185 13.60 -22.05 9.21
CA PRO G 185 12.17 -22.28 9.38
C PRO G 185 11.47 -21.21 10.21
N SER G 186 10.22 -20.91 9.84
CA SER G 186 9.42 -19.88 10.50
C SER G 186 9.17 -20.26 11.96
N GLN G 187 9.28 -19.28 12.83
CA GLN G 187 9.19 -19.50 14.27
C GLN G 187 7.82 -19.08 14.81
N PHE G 188 7.47 -19.62 15.96
CA PHE G 188 6.20 -19.33 16.61
C PHE G 188 6.11 -17.84 16.97
N ALA G 189 5.07 -17.17 16.47
CA ALA G 189 4.84 -15.75 16.76
C ALA G 189 4.20 -15.62 18.14
N THR G 190 4.99 -15.15 19.11
CA THR G 190 4.60 -15.19 20.50
C THR G 190 3.90 -13.93 21.00
N SER G 191 4.24 -12.78 20.42
CA SER G 191 3.70 -11.52 20.91
C SER G 191 3.57 -10.48 19.80
N VAL G 192 2.77 -9.45 20.05
CA VAL G 192 2.48 -8.43 19.04
C VAL G 192 2.15 -7.09 19.70
N ASP G 193 2.46 -6.00 19.00
CA ASP G 193 1.96 -4.69 19.40
C ASP G 193 2.00 -3.70 18.23
N ILE G 194 1.04 -2.78 18.24
CA ILE G 194 0.92 -1.75 17.21
C ILE G 194 1.24 -0.39 17.84
N SER G 195 2.13 0.36 17.19
CA SER G 195 2.55 1.67 17.72
C SER G 195 1.56 2.75 17.32
N GLU G 196 1.83 3.98 17.74
CA GLU G 196 0.98 5.11 17.38
C GLU G 196 1.30 5.59 15.97
N ARG G 197 2.57 5.51 15.59
CA ARG G 197 3.00 5.98 14.28
C ARG G 197 2.59 5.02 13.16
N GLY G 198 2.00 3.89 13.54
CA GLY G 198 1.50 2.92 12.58
C GLY G 198 2.48 1.80 12.27
N LEU G 199 3.22 1.38 13.28
CA LEU G 199 4.17 0.28 13.13
C LEU G 199 3.72 -0.98 13.85
N ILE G 200 4.19 -2.11 13.35
CA ILE G 200 3.92 -3.42 13.94
C ILE G 200 5.23 -4.03 14.36
N ALA G 201 5.28 -4.47 15.62
CA ALA G 201 6.36 -5.31 16.09
C ALA G 201 5.82 -6.72 16.31
N THR G 202 6.53 -7.70 15.75
CA THR G 202 6.17 -9.11 15.93
C THR G 202 7.35 -9.87 16.53
N GLY G 203 7.11 -10.48 17.70
CA GLY G 203 8.15 -11.18 18.43
C GLY G 203 7.99 -12.69 18.37
N PHE G 204 9.06 -13.36 18.00
CA PHE G 204 9.05 -14.82 17.87
C PHE G 204 9.75 -15.50 19.05
N ASN G 205 9.67 -16.82 19.10
CA ASN G 205 10.14 -17.59 20.24
C ASN G 205 11.64 -17.86 20.21
N ASN G 206 12.33 -17.36 19.20
CA ASN G 206 13.78 -17.53 19.09
C ASN G 206 14.51 -16.22 19.31
N GLY G 207 13.83 -15.28 19.94
CA GLY G 207 14.45 -14.02 20.32
C GLY G 207 14.47 -13.01 19.20
N THR G 208 14.00 -13.39 18.02
CA THR G 208 13.95 -12.47 16.89
C THR G 208 12.70 -11.61 17.00
N VAL G 209 12.78 -10.39 16.50
CA VAL G 209 11.62 -9.50 16.43
C VAL G 209 11.66 -8.75 15.10
N GLN G 210 10.48 -8.62 14.49
CA GLN G 210 10.36 -7.96 13.19
C GLN G 210 9.47 -6.72 13.25
N ILE G 211 9.98 -5.64 12.67
CA ILE G 211 9.26 -4.38 12.58
C ILE G 211 8.77 -4.18 11.16
N SER G 212 7.46 -3.96 11.03
CA SER G 212 6.81 -3.80 9.73
C SER G 212 5.76 -2.68 9.77
N GLU G 213 5.45 -2.12 8.61
CA GLU G 213 4.45 -1.05 8.52
C GLU G 213 3.04 -1.60 8.60
N LEU G 214 2.17 -0.88 9.31
CA LEU G 214 0.76 -1.26 9.44
C LEU G 214 0.00 -0.94 8.16
N SER G 215 0.35 0.19 7.55
CA SER G 215 -0.34 0.68 6.37
C SER G 215 0.10 -0.08 5.13
N THR G 216 1.39 0.00 4.82
CA THR G 216 1.93 -0.59 3.60
C THR G 216 2.18 -2.08 3.72
N LEU G 217 2.07 -2.59 4.95
CA LEU G 217 2.18 -4.02 5.22
C LEU G 217 3.53 -4.58 4.77
N ARG G 218 4.52 -3.70 4.71
CA ARG G 218 5.87 -4.07 4.29
C ARG G 218 6.72 -4.28 5.53
N PRO G 219 7.56 -5.34 5.53
CA PRO G 219 8.46 -5.56 6.65
C PRO G 219 9.69 -4.66 6.56
N LEU G 220 9.88 -3.80 7.56
CA LEU G 220 11.00 -2.87 7.55
C LEU G 220 12.30 -3.57 7.93
N TYR G 221 12.29 -4.29 9.06
CA TYR G 221 13.51 -4.97 9.48
C TYR G 221 13.30 -5.99 10.61
N ASN G 222 14.36 -6.66 11.01
CA ASN G 222 14.27 -7.66 12.08
C ASN G 222 15.58 -7.79 12.88
N PHE G 223 15.46 -7.89 14.20
CA PHE G 223 16.65 -7.97 15.06
C PHE G 223 16.56 -9.15 16.04
N GLU G 224 17.70 -9.56 16.58
CA GLU G 224 17.81 -10.76 17.40
C GLU G 224 18.27 -10.43 18.81
N SER G 225 18.13 -11.41 19.72
CA SER G 225 18.60 -11.28 21.10
C SER G 225 19.68 -12.31 21.43
N GLN G 226 20.67 -11.89 22.24
CA GLN G 226 21.97 -12.57 22.32
C GLN G 226 22.07 -13.83 23.18
N HIS G 227 23.20 -14.53 23.01
CA HIS G 227 23.55 -15.73 23.78
C HIS G 227 22.62 -16.90 23.44
N SER G 228 22.84 -17.52 22.29
CA SER G 228 21.84 -18.45 21.75
C SER G 228 22.23 -19.93 21.73
N MET G 229 23.11 -20.35 22.63
CA MET G 229 23.57 -21.75 22.64
C MET G 229 22.50 -22.69 23.22
N ILE G 230 21.82 -22.25 24.27
CA ILE G 230 20.65 -22.95 24.79
C ILE G 230 19.48 -22.48 23.96
N ASN G 231 19.42 -22.97 22.72
CA ASN G 231 18.54 -22.46 21.67
C ASN G 231 17.09 -22.19 22.08
N ASN G 232 16.48 -23.15 22.76
CA ASN G 232 15.06 -23.06 23.08
C ASN G 232 14.77 -22.06 24.20
N SER G 233 15.80 -21.66 24.95
CA SER G 233 15.62 -20.87 26.15
C SER G 233 15.08 -19.46 25.90
N ASN G 234 15.75 -18.71 25.03
CA ASN G 234 15.50 -17.28 24.90
C ASN G 234 14.35 -16.92 23.96
N SER G 235 13.14 -16.86 24.52
CA SER G 235 11.97 -16.49 23.74
C SER G 235 11.47 -15.09 24.09
N ILE G 236 11.05 -14.35 23.07
CA ILE G 236 10.33 -13.10 23.29
C ILE G 236 9.00 -13.44 23.93
N ARG G 237 8.64 -12.71 24.97
CA ARG G 237 7.43 -13.00 25.71
C ARG G 237 6.43 -11.85 25.56
N SER G 238 6.93 -10.63 25.36
CA SER G 238 6.04 -9.49 25.17
C SER G 238 6.77 -8.29 24.58
N VAL G 239 6.14 -7.66 23.59
CA VAL G 239 6.70 -6.47 22.92
C VAL G 239 5.74 -5.30 23.06
N LYS G 240 6.27 -4.11 23.34
CA LYS G 240 5.45 -2.92 23.55
C LYS G 240 6.16 -1.66 23.08
N PHE G 241 5.46 -0.89 22.24
CA PHE G 241 5.96 0.39 21.77
C PHE G 241 5.73 1.50 22.80
N SER G 242 6.74 2.33 23.00
CA SER G 242 6.58 3.53 23.82
C SER G 242 5.65 4.49 23.09
N PRO G 243 4.74 5.16 23.83
CA PRO G 243 3.83 6.11 23.16
C PRO G 243 4.54 7.30 22.50
N GLN G 244 5.46 7.93 23.23
CA GLN G 244 6.07 9.19 22.81
C GLN G 244 7.28 9.00 21.90
N GLY G 245 8.32 8.36 22.43
CA GLY G 245 9.54 8.19 21.68
C GLY G 245 9.40 7.13 20.61
N SER G 246 10.51 6.91 19.91
CA SER G 246 10.63 5.81 18.95
C SER G 246 11.01 4.52 19.65
N LEU G 247 10.92 4.52 20.98
CA LEU G 247 11.38 3.38 21.78
C LEU G 247 10.49 2.15 21.73
N LEU G 248 11.14 1.00 21.60
CA LEU G 248 10.49 -0.30 21.59
C LEU G 248 11.14 -1.16 22.68
N ALA G 249 10.30 -1.66 23.58
CA ALA G 249 10.76 -2.47 24.71
C ALA G 249 10.45 -3.95 24.46
N ILE G 250 11.49 -4.78 24.54
CA ILE G 250 11.39 -6.21 24.31
C ILE G 250 11.62 -6.98 25.60
N ALA G 251 10.61 -7.72 26.05
CA ALA G 251 10.74 -8.57 27.23
C ALA G 251 10.85 -10.02 26.82
N HIS G 252 11.94 -10.68 27.22
CA HIS G 252 12.19 -12.04 26.75
C HIS G 252 12.88 -12.89 27.80
N ASP G 253 12.93 -14.19 27.52
CA ASP G 253 13.57 -15.13 28.42
C ASP G 253 15.07 -15.21 28.18
N SER G 254 15.76 -15.64 29.22
CA SER G 254 17.06 -16.26 29.09
C SER G 254 16.85 -17.52 29.90
N ASN G 255 17.62 -18.57 29.65
CA ASN G 255 17.44 -19.81 30.39
C ASN G 255 17.30 -19.50 31.89
N SER G 256 16.05 -19.54 32.35
CA SER G 256 15.63 -19.37 33.75
C SER G 256 15.45 -17.93 34.22
N PHE G 257 15.69 -16.97 33.34
CA PHE G 257 15.58 -15.57 33.73
C PHE G 257 14.96 -14.66 32.69
N GLY G 258 14.42 -13.53 33.13
CA GLY G 258 13.76 -12.58 32.25
C GLY G 258 14.61 -11.34 31.96
N CYS G 259 14.50 -10.81 30.74
CA CYS G 259 15.31 -9.68 30.31
C CYS G 259 14.43 -8.66 29.60
N ILE G 260 14.69 -7.39 29.86
CA ILE G 260 14.04 -6.30 29.13
C ILE G 260 15.10 -5.51 28.38
N THR G 261 14.94 -5.42 27.06
CA THR G 261 15.89 -4.71 26.21
C THR G 261 15.21 -3.57 25.45
N LEU G 262 15.87 -2.42 25.37
CA LEU G 262 15.32 -1.26 24.68
C LEU G 262 16.01 -0.99 23.34
N TYR G 263 15.20 -1.06 22.28
CA TYR G 263 15.63 -0.75 20.93
C TYR G 263 14.87 0.49 20.51
N GLU G 264 15.51 1.40 19.80
CA GLU G 264 14.81 2.53 19.23
C GLU G 264 14.35 2.12 17.84
N THR G 265 13.10 2.48 17.51
CA THR G 265 12.41 1.92 16.38
C THR G 265 12.92 2.37 15.01
N GLU G 266 13.15 3.68 14.88
CA GLU G 266 13.39 4.29 13.57
C GLU G 266 14.50 3.57 12.76
N PHE G 267 15.64 3.26 13.40
CA PHE G 267 16.76 2.52 12.76
C PHE G 267 16.95 1.15 13.41
N GLY G 268 16.15 0.85 14.43
CA GLY G 268 16.11 -0.48 14.99
C GLY G 268 17.42 -0.96 15.58
N GLU G 269 18.13 -0.04 16.26
CA GLU G 269 19.37 -0.38 16.97
C GLU G 269 19.14 -0.45 18.47
N ARG G 270 19.91 -1.32 19.12
CA ARG G 270 19.81 -1.52 20.56
C ARG G 270 20.40 -0.32 21.27
N ILE G 271 19.63 0.26 22.20
CA ILE G 271 20.10 1.42 22.96
C ILE G 271 20.05 1.20 24.47
N GLY G 272 19.38 0.15 24.93
CA GLY G 272 19.40 -0.13 26.36
C GLY G 272 19.03 -1.53 26.79
N SER G 273 19.20 -1.79 28.09
CA SER G 273 18.79 -3.03 28.73
C SER G 273 18.45 -2.71 30.16
N LEU G 274 17.24 -3.04 30.58
CA LEU G 274 16.80 -2.78 31.94
C LEU G 274 17.16 -3.96 32.83
N SER G 275 17.87 -3.70 33.93
CA SER G 275 18.34 -4.78 34.79
C SER G 275 18.69 -4.33 36.20
N VAL G 276 18.30 -5.15 37.18
CA VAL G 276 18.61 -4.93 38.58
C VAL G 276 19.35 -6.16 39.08
N PRO G 277 20.28 -5.98 40.03
CA PRO G 277 20.92 -7.14 40.65
C PRO G 277 19.91 -8.18 41.15
N THR G 278 19.93 -9.36 40.54
CA THR G 278 19.10 -10.48 40.95
C THR G 278 19.98 -11.67 41.31
N HIS G 279 19.36 -12.75 41.75
CA HIS G 279 20.11 -13.93 42.19
C HIS G 279 20.77 -14.66 41.03
N SER G 280 21.96 -15.21 41.28
CA SER G 280 22.70 -15.95 40.27
C SER G 280 23.88 -16.69 40.90
N SER G 284 28.43 -14.64 43.88
CA SER G 284 28.35 -14.35 42.45
C SER G 284 26.94 -13.90 42.06
N LEU G 285 26.75 -12.58 42.01
CA LEU G 285 25.45 -12.01 41.65
C LEU G 285 25.43 -11.55 40.19
N GLY G 286 24.45 -12.03 39.42
CA GLY G 286 24.27 -11.61 38.04
C GLY G 286 23.28 -10.45 37.95
N GLU G 287 23.06 -9.92 36.74
CA GLU G 287 22.17 -8.78 36.55
C GLU G 287 21.18 -9.01 35.41
N PHE G 288 19.91 -9.20 35.79
CA PHE G 288 18.81 -9.32 34.84
C PHE G 288 17.68 -8.39 35.23
N ALA G 289 16.57 -8.45 34.49
CA ALA G 289 15.43 -7.61 34.80
C ALA G 289 14.57 -8.24 35.89
N HIS G 290 14.58 -9.56 35.98
CA HIS G 290 13.75 -10.28 36.93
C HIS G 290 14.36 -11.61 37.32
N SER G 291 13.98 -12.11 38.49
CA SER G 291 14.51 -13.38 38.99
C SER G 291 14.04 -14.51 38.09
N SER G 292 12.85 -14.36 37.52
CA SER G 292 12.35 -15.33 36.55
C SER G 292 11.85 -14.61 35.28
N TRP G 293 11.09 -15.32 34.45
CA TRP G 293 10.68 -14.78 33.15
C TRP G 293 9.79 -13.54 33.30
N VAL G 294 9.91 -12.61 32.35
CA VAL G 294 9.06 -11.44 32.30
C VAL G 294 7.83 -11.73 31.45
N MET G 295 6.67 -11.75 32.08
CA MET G 295 5.44 -12.19 31.39
C MET G 295 4.79 -11.08 30.58
N SER G 296 5.02 -9.83 30.94
CA SER G 296 4.31 -8.73 30.29
C SER G 296 4.92 -7.37 30.62
N LEU G 297 4.80 -6.42 29.70
CA LEU G 297 5.23 -5.05 29.93
C LEU G 297 4.06 -4.08 29.78
N SER G 298 4.27 -2.85 30.23
CA SER G 298 3.29 -1.79 30.05
C SER G 298 3.92 -0.42 30.29
N PHE G 299 3.76 0.48 29.32
CA PHE G 299 4.19 1.85 29.44
C PHE G 299 3.05 2.67 30.01
N ASN G 300 3.37 3.65 30.84
CA ASN G 300 2.37 4.60 31.30
C ASN G 300 2.15 5.66 30.23
N ASP G 301 1.05 6.41 30.32
CA ASP G 301 0.66 7.34 29.27
C ASP G 301 1.81 8.29 28.93
N SER G 302 2.50 8.78 29.96
CA SER G 302 3.58 9.74 29.76
C SER G 302 4.77 9.12 29.02
N GLY G 303 4.88 7.80 29.10
CA GLY G 303 5.97 7.09 28.45
C GLY G 303 7.28 7.22 29.20
N GLU G 304 7.20 7.73 30.42
CA GLU G 304 8.37 7.95 31.25
C GLU G 304 8.77 6.69 32.01
N THR G 305 7.77 5.94 32.46
CA THR G 305 8.02 4.74 33.26
C THR G 305 7.45 3.47 32.64
N LEU G 306 8.21 2.38 32.77
CA LEU G 306 7.83 1.09 32.22
C LEU G 306 7.59 0.10 33.35
N CYS G 307 6.36 -0.39 33.46
CA CYS G 307 6.05 -1.46 34.41
C CYS G 307 6.33 -2.81 33.80
N SER G 308 6.92 -3.70 34.59
CA SER G 308 7.18 -5.05 34.15
C SER G 308 6.64 -6.08 35.15
N ALA G 309 5.86 -7.01 34.61
CA ALA G 309 5.26 -8.11 35.38
C ALA G 309 6.09 -9.39 35.19
N GLY G 310 6.69 -9.85 36.28
CA GLY G 310 7.56 -11.01 36.24
C GLY G 310 6.90 -12.26 36.80
N TRP G 311 7.44 -13.42 36.45
CA TRP G 311 6.92 -14.69 36.92
C TRP G 311 7.32 -14.91 38.39
N ASP G 312 8.26 -14.11 38.88
CA ASP G 312 8.69 -14.17 40.27
C ASP G 312 7.71 -13.45 41.18
N GLY G 313 6.63 -12.93 40.61
CA GLY G 313 5.60 -12.26 41.39
C GLY G 313 6.06 -10.90 41.85
N LYS G 314 6.66 -10.14 40.94
CA LYS G 314 7.07 -8.77 41.24
C LYS G 314 6.74 -7.83 40.08
N LEU G 315 6.08 -6.72 40.41
CA LEU G 315 5.81 -5.68 39.42
C LEU G 315 6.92 -4.64 39.53
N ARG G 316 7.82 -4.60 38.55
CA ARG G 316 8.93 -3.67 38.61
C ARG G 316 8.69 -2.47 37.72
N PHE G 317 8.65 -1.29 38.33
CA PHE G 317 8.52 -0.05 37.60
C PHE G 317 9.86 0.64 37.39
N TRP G 318 10.24 0.75 36.12
CA TRP G 318 11.51 1.31 35.68
C TRP G 318 11.33 2.68 35.07
N ASP G 319 12.38 3.50 35.12
CA ASP G 319 12.38 4.78 34.41
C ASP G 319 12.97 4.58 33.03
N VAL G 320 12.22 4.92 31.99
CA VAL G 320 12.65 4.69 30.62
C VAL G 320 13.85 5.54 30.26
N LYS G 321 13.82 6.80 30.66
CA LYS G 321 14.90 7.73 30.35
C LYS G 321 16.23 7.25 30.92
N THR G 322 16.27 7.05 32.24
CA THR G 322 17.50 6.70 32.94
C THR G 322 17.80 5.20 32.91
N LYS G 323 16.83 4.41 32.45
CA LYS G 323 16.99 2.95 32.37
C LYS G 323 17.30 2.31 33.71
N GLU G 324 16.91 2.97 34.79
CA GLU G 324 17.10 2.46 36.15
C GLU G 324 15.76 2.10 36.74
N ARG G 325 15.77 1.36 37.85
CA ARG G 325 14.54 0.89 38.47
C ARG G 325 14.02 1.88 39.51
N ILE G 326 12.79 2.33 39.32
CA ILE G 326 12.18 3.29 40.25
C ILE G 326 11.58 2.60 41.46
N THR G 327 10.70 1.62 41.23
CA THR G 327 9.98 0.97 42.33
C THR G 327 9.67 -0.49 42.01
N THR G 328 9.51 -1.30 43.06
CA THR G 328 9.12 -2.70 42.91
C THR G 328 7.92 -2.99 43.79
N LEU G 329 6.98 -3.78 43.28
CA LEU G 329 5.85 -4.23 44.10
C LEU G 329 5.82 -5.75 44.22
N ASN G 330 5.79 -6.22 45.47
CA ASN G 330 5.78 -7.65 45.77
C ASN G 330 4.38 -8.19 45.96
N MET G 331 3.96 -9.05 45.04
CA MET G 331 2.62 -9.62 45.08
C MET G 331 2.53 -10.70 46.14
N HIS G 332 1.43 -10.69 46.88
CA HIS G 332 1.18 -11.68 47.91
C HIS G 332 -0.24 -12.21 47.78
N CYS G 333 -0.44 -13.47 48.12
CA CYS G 333 -1.74 -14.10 48.01
C CYS G 333 -2.75 -13.43 48.94
N ASP G 334 -2.27 -12.97 50.09
CA ASP G 334 -3.16 -12.38 51.09
C ASP G 334 -3.32 -10.87 50.91
N ASP G 335 -2.95 -10.37 49.73
CA ASP G 335 -3.18 -8.98 49.40
C ASP G 335 -4.68 -8.69 49.29
N ILE G 336 -5.46 -9.76 49.08
CA ILE G 336 -6.88 -9.62 48.82
C ILE G 336 -7.59 -9.03 50.03
N GLU G 337 -8.57 -8.16 49.77
CA GLU G 337 -9.28 -7.50 50.84
C GLU G 337 -10.31 -8.44 51.48
N ILE G 338 -10.59 -9.54 50.79
CA ILE G 338 -11.57 -10.52 51.26
C ILE G 338 -10.88 -11.79 51.75
N GLU G 339 -11.18 -12.19 52.98
CA GLU G 339 -10.50 -13.33 53.60
C GLU G 339 -10.89 -14.66 52.97
N GLU G 340 -12.13 -14.76 52.51
CA GLU G 340 -12.64 -16.01 51.94
C GLU G 340 -12.20 -16.22 50.50
N ASP G 341 -11.53 -15.21 49.93
CA ASP G 341 -11.11 -15.25 48.54
C ASP G 341 -9.58 -15.34 48.41
N ILE G 342 -8.90 -15.55 49.53
CA ILE G 342 -7.45 -15.71 49.51
C ILE G 342 -7.09 -17.13 49.10
N LEU G 343 -6.32 -17.26 48.02
CA LEU G 343 -5.89 -18.58 47.56
C LEU G 343 -4.46 -18.83 48.00
N ALA G 344 -4.31 -19.41 49.18
CA ALA G 344 -3.00 -19.68 49.76
C ALA G 344 -2.27 -20.76 48.98
N VAL G 345 -2.85 -21.95 48.95
CA VAL G 345 -2.31 -23.06 48.18
C VAL G 345 -3.12 -23.22 46.91
N ASP G 346 -2.63 -24.02 45.97
CA ASP G 346 -3.36 -24.28 44.74
C ASP G 346 -4.02 -25.65 44.79
N GLU G 347 -4.34 -26.18 43.62
CA GLU G 347 -5.00 -27.48 43.52
C GLU G 347 -4.10 -28.61 44.02
N HIS G 348 -2.82 -28.55 43.69
CA HIS G 348 -1.88 -29.62 44.03
C HIS G 348 -1.24 -29.42 45.40
N GLY G 349 -1.54 -28.30 46.05
CA GLY G 349 -1.00 -28.00 47.36
C GLY G 349 0.34 -27.30 47.31
N ASP G 350 0.61 -26.63 46.20
CA ASP G 350 1.84 -25.86 46.05
C ASP G 350 1.67 -24.46 46.61
N SER G 351 2.79 -23.80 46.88
CA SER G 351 2.75 -22.47 47.46
C SER G 351 2.40 -21.42 46.43
N LEU G 352 1.42 -20.58 46.76
CA LEU G 352 1.09 -19.42 45.97
C LEU G 352 1.28 -18.17 46.81
N ALA G 353 2.18 -18.26 47.78
CA ALA G 353 2.47 -17.13 48.65
C ALA G 353 2.95 -15.95 47.82
N GLU G 354 3.89 -16.23 46.92
CA GLU G 354 4.41 -15.24 45.99
C GLU G 354 3.99 -15.60 44.56
N PRO G 355 2.72 -15.31 44.20
CA PRO G 355 2.20 -15.74 42.91
C PRO G 355 2.78 -14.92 41.77
N GLY G 356 3.27 -15.58 40.73
CA GLY G 356 3.79 -14.88 39.57
C GLY G 356 2.71 -14.03 38.91
N VAL G 357 3.12 -12.95 38.28
CA VAL G 357 2.18 -12.06 37.61
C VAL G 357 2.06 -12.43 36.14
N PHE G 358 0.87 -12.84 35.73
CA PHE G 358 0.64 -13.21 34.34
C PHE G 358 0.59 -11.98 33.47
N ASP G 359 -0.16 -10.96 33.89
CA ASP G 359 -0.33 -9.79 33.03
C ASP G 359 -0.55 -8.50 33.79
N VAL G 360 -0.20 -7.39 33.15
CA VAL G 360 -0.31 -6.08 33.76
C VAL G 360 -0.71 -5.03 32.71
N LYS G 361 -1.34 -3.95 33.15
CA LYS G 361 -1.87 -2.95 32.23
C LYS G 361 -2.07 -1.61 32.94
N PHE G 362 -1.54 -0.55 32.34
CA PHE G 362 -1.75 0.81 32.85
C PHE G 362 -3.12 1.30 32.40
N LEU G 363 -3.87 1.90 33.31
CA LEU G 363 -5.15 2.51 32.97
C LEU G 363 -5.04 4.02 32.99
N LYS G 364 -5.49 4.65 31.91
CA LYS G 364 -5.39 6.10 31.76
C LYS G 364 -6.20 6.83 32.83
N LYS G 365 -5.89 8.10 33.02
CA LYS G 365 -6.58 8.92 34.02
C LYS G 365 -8.05 9.06 33.68
N GLY G 366 -8.91 8.67 34.62
CA GLY G 366 -10.35 8.88 34.49
C GLY G 366 -11.14 7.60 34.29
N TRP G 367 -10.46 6.55 33.85
CA TRP G 367 -11.13 5.28 33.59
C TRP G 367 -11.58 4.65 34.90
N ARG G 368 -10.64 4.44 35.81
CA ARG G 368 -10.95 3.98 37.14
C ARG G 368 -11.33 5.20 37.98
N SER G 369 -12.58 5.23 38.44
CA SER G 369 -13.08 6.36 39.21
C SER G 369 -12.75 6.20 40.69
N GLY G 370 -11.94 7.11 41.22
CA GLY G 370 -11.55 7.09 42.61
C GLY G 370 -12.57 7.76 43.50
N MET G 371 -12.35 7.68 44.82
CA MET G 371 -13.30 8.23 45.78
C MET G 371 -13.25 9.75 45.86
N GLY G 372 -12.40 10.35 45.03
CA GLY G 372 -12.16 11.78 45.09
C GLY G 372 -10.72 12.01 45.47
N ALA G 373 -10.05 10.93 45.88
CA ALA G 373 -8.59 10.95 46.01
C ALA G 373 -8.04 11.33 44.65
N ASP G 374 -7.15 12.33 44.65
CA ASP G 374 -6.69 13.01 43.42
C ASP G 374 -6.62 12.07 42.22
N LEU G 375 -7.39 12.39 41.18
CA LEU G 375 -7.46 11.56 39.98
C LEU G 375 -6.12 11.45 39.29
N ASN G 376 -5.73 10.21 39.03
CA ASN G 376 -4.45 9.91 38.44
C ASN G 376 -4.51 8.61 37.69
N GLU G 377 -3.43 8.31 36.97
CA GLU G 377 -3.32 7.03 36.28
C GLU G 377 -3.51 5.88 37.25
N SER G 378 -4.12 4.80 36.76
CA SER G 378 -4.33 3.61 37.56
C SER G 378 -3.51 2.47 36.97
N LEU G 379 -3.42 1.36 37.69
CA LEU G 379 -2.73 0.17 37.21
C LEU G 379 -3.59 -1.06 37.48
N CYS G 380 -3.47 -2.07 36.62
CA CYS G 380 -4.20 -3.33 36.80
C CYS G 380 -3.32 -4.51 36.45
N CYS G 381 -3.48 -5.62 37.18
CA CYS G 381 -2.72 -6.83 36.88
C CYS G 381 -3.48 -8.09 37.26
N VAL G 382 -3.11 -9.19 36.63
CA VAL G 382 -3.66 -10.50 36.94
C VAL G 382 -2.52 -11.46 37.24
N CYS G 383 -2.69 -12.19 38.35
CA CYS G 383 -1.66 -13.02 38.95
C CYS G 383 -2.09 -14.47 39.19
N LEU G 384 -1.07 -15.32 39.25
CA LEU G 384 -1.19 -16.78 39.23
C LEU G 384 -2.05 -17.39 40.33
N ASP G 385 -2.37 -16.62 41.36
CA ASP G 385 -3.26 -17.09 42.40
C ASP G 385 -4.71 -16.88 42.00
N ARG G 386 -4.95 -16.87 40.68
CA ARG G 386 -6.28 -16.63 40.13
C ARG G 386 -6.81 -15.32 40.64
N SER G 387 -5.95 -14.30 40.68
CA SER G 387 -6.32 -13.01 41.26
C SER G 387 -6.16 -11.86 40.28
N ILE G 388 -6.98 -10.83 40.46
CA ILE G 388 -6.87 -9.59 39.68
C ILE G 388 -6.81 -8.39 40.63
N ARG G 389 -5.79 -7.55 40.48
CA ARG G 389 -5.57 -6.42 41.38
C ARG G 389 -5.49 -5.09 40.64
N TRP G 390 -5.99 -4.05 41.32
CA TRP G 390 -6.00 -2.69 40.78
C TRP G 390 -5.30 -1.72 41.74
N PHE G 391 -4.38 -0.94 41.19
CA PHE G 391 -3.63 0.03 41.99
C PHE G 391 -3.84 1.43 41.43
N ARG G 392 -3.38 2.42 42.16
CA ARG G 392 -3.31 3.79 41.65
C ARG G 392 -1.93 4.41 41.90
N GLU G 393 -1.46 5.14 40.91
CA GLU G 393 -0.22 5.91 40.99
C GLU G 393 -0.44 7.09 41.93
N ALA G 394 0.44 7.23 42.93
CA ALA G 394 0.37 8.37 43.82
C ALA G 394 0.70 9.61 43.00
N GLY G 395 -0.05 10.69 43.21
CA GLY G 395 0.21 11.94 42.50
C GLY G 395 -0.98 12.87 42.56
N GLY G 396 -1.04 13.82 41.63
CA GLY G 396 -2.08 14.83 41.61
C GLY G 396 -2.45 15.22 40.19
N LYS G 397 -3.28 16.24 40.06
CA LYS G 397 -3.70 16.75 38.76
C LYS G 397 -4.65 17.93 38.94
N LYS H 3 38.89 -45.64 75.59
CA LYS H 3 37.55 -46.14 75.29
C LYS H 3 37.50 -46.77 73.89
N VAL H 4 37.55 -48.10 73.85
CA VAL H 4 37.48 -48.85 72.60
C VAL H 4 36.17 -49.62 72.53
N PHE H 5 35.78 -50.01 71.31
CA PHE H 5 34.51 -50.68 71.08
C PHE H 5 34.69 -52.05 70.44
N ILE H 6 33.80 -52.98 70.78
CA ILE H 6 33.88 -54.35 70.28
C ILE H 6 32.55 -54.75 69.65
N ALA H 7 32.62 -55.58 68.61
CA ALA H 7 31.43 -56.05 67.91
C ALA H 7 30.70 -57.12 68.69
N THR H 8 29.37 -57.01 68.75
CA THR H 8 28.54 -57.95 69.49
C THR H 8 27.80 -58.89 68.54
N ALA H 9 26.98 -58.32 67.67
CA ALA H 9 26.20 -59.10 66.72
C ALA H 9 25.91 -58.29 65.45
N ASN H 10 25.59 -58.98 64.36
CA ASN H 10 25.27 -58.34 63.10
C ASN H 10 24.30 -59.18 62.29
N ALA H 11 23.91 -58.67 61.13
CA ALA H 11 22.96 -59.35 60.24
C ALA H 11 23.27 -59.07 58.78
N GLY H 12 23.95 -60.01 58.12
CA GLY H 12 24.34 -59.85 56.74
C GLY H 12 23.16 -59.90 55.78
N LYS H 13 23.11 -58.92 54.89
CA LYS H 13 22.03 -58.83 53.90
C LYS H 13 20.67 -58.72 54.58
N ALA H 14 20.52 -57.69 55.42
CA ALA H 14 19.28 -57.48 56.16
C ALA H 14 18.16 -57.06 55.23
N HIS H 15 18.40 -55.99 54.48
CA HIS H 15 17.42 -55.46 53.53
C HIS H 15 17.83 -55.79 52.11
N ASP H 16 16.87 -55.69 51.19
CA ASP H 16 17.12 -55.95 49.78
C ASP H 16 17.64 -54.69 49.10
N ALA H 17 17.37 -53.54 49.70
CA ALA H 17 17.83 -52.27 49.17
C ALA H 17 18.69 -51.56 50.22
N ASP H 18 19.30 -50.45 49.82
CA ASP H 18 20.20 -49.70 50.70
C ASP H 18 19.52 -49.26 52.00
N ILE H 19 20.12 -49.64 53.14
CA ILE H 19 19.59 -49.26 54.44
C ILE H 19 20.01 -47.84 54.75
N PHE H 20 19.03 -46.93 54.75
CA PHE H 20 19.31 -45.51 54.89
C PHE H 20 19.27 -45.02 56.33
N SER H 21 18.32 -45.50 57.12
CA SER H 21 18.20 -44.99 58.49
C SER H 21 17.98 -46.09 59.52
N VAL H 22 18.43 -45.81 60.74
CA VAL H 22 18.26 -46.71 61.86
C VAL H 22 18.08 -45.89 63.13
N SER H 23 17.07 -46.26 63.91
CA SER H 23 16.82 -45.65 65.21
C SER H 23 16.64 -46.76 66.24
N ALA H 24 16.70 -46.41 67.52
CA ALA H 24 16.62 -47.42 68.57
C ALA H 24 15.96 -46.88 69.83
N CYS H 25 15.52 -47.80 70.69
CA CYS H 25 14.97 -47.47 71.99
C CYS H 25 15.29 -48.59 72.98
N ASN H 26 14.62 -48.56 74.14
CA ASN H 26 14.83 -49.58 75.15
C ASN H 26 14.34 -50.95 74.70
N SER H 27 13.24 -50.95 73.95
CA SER H 27 12.64 -52.21 73.49
C SER H 27 13.45 -52.83 72.34
N PHE H 28 13.44 -52.17 71.18
CA PHE H 28 14.05 -52.73 69.98
C PHE H 28 14.71 -51.67 69.10
N THR H 29 15.60 -52.11 68.22
CA THR H 29 16.23 -51.23 67.24
C THR H 29 15.48 -51.32 65.92
N VAL H 30 15.00 -50.17 65.43
CA VAL H 30 14.23 -50.11 64.19
C VAL H 30 15.09 -49.60 63.04
N SER H 31 14.92 -50.20 61.86
CA SER H 31 15.66 -49.75 60.67
C SER H 31 14.76 -49.64 59.44
N CYS H 32 15.03 -48.62 58.62
CA CYS H 32 14.29 -48.41 57.37
C CYS H 32 15.24 -48.23 56.21
N SER H 33 14.88 -48.87 55.10
CA SER H 33 15.68 -48.94 53.90
C SER H 33 14.86 -48.53 52.69
N GLY H 34 15.51 -48.55 51.52
CA GLY H 34 14.85 -48.14 50.30
C GLY H 34 13.89 -49.18 49.72
N ASP H 35 13.75 -50.32 50.39
CA ASP H 35 12.83 -51.35 49.94
C ASP H 35 11.42 -51.14 50.49
N GLY H 36 11.25 -50.07 51.27
CA GLY H 36 9.93 -49.73 51.79
C GLY H 36 9.50 -50.62 52.95
N TYR H 37 10.47 -51.27 53.58
CA TYR H 37 10.20 -52.18 54.69
C TYR H 37 10.79 -51.67 56.00
N LEU H 38 9.93 -51.48 57.00
CA LEU H 38 10.40 -51.21 58.34
C LEU H 38 10.76 -52.54 58.99
N LYS H 39 11.96 -52.60 59.56
CA LYS H 39 12.41 -53.81 60.26
C LYS H 39 12.75 -53.53 61.72
N VAL H 40 12.01 -54.21 62.60
CA VAL H 40 12.23 -54.13 64.03
C VAL H 40 13.10 -55.29 64.50
N TRP H 41 14.28 -54.96 64.99
CA TRP H 41 15.20 -55.93 65.56
C TRP H 41 15.14 -55.85 67.08
N ASP H 42 14.93 -56.98 67.74
CA ASP H 42 14.90 -57.01 69.19
C ASP H 42 16.28 -56.68 69.76
N ASN H 43 16.30 -55.76 70.71
CA ASN H 43 17.54 -55.39 71.38
C ASN H 43 17.89 -56.36 72.49
N LYS H 44 16.86 -56.94 73.10
CA LYS H 44 17.05 -57.91 74.17
C LYS H 44 17.25 -59.30 73.58
N LEU H 45 18.50 -59.73 73.47
CA LEU H 45 18.83 -60.99 72.80
C LEU H 45 19.62 -61.95 73.68
N LEU H 46 19.51 -63.23 73.38
CA LEU H 46 20.28 -64.26 74.06
C LEU H 46 21.77 -64.16 73.69
N ASP H 47 22.59 -65.02 74.27
CA ASP H 47 24.04 -64.94 74.12
C ASP H 47 24.44 -65.15 72.66
N ASN H 48 24.13 -66.33 72.14
CA ASN H 48 24.48 -66.71 70.77
C ASN H 48 23.24 -66.91 69.88
N GLU H 49 22.43 -65.86 69.77
CA GLU H 49 21.19 -65.87 69.02
C GLU H 49 21.25 -64.86 67.88
N ASN H 50 21.09 -65.35 66.65
CA ASN H 50 21.06 -64.49 65.47
C ASN H 50 19.91 -63.50 65.54
N PRO H 51 20.22 -62.19 65.48
CA PRO H 51 19.16 -61.17 65.55
C PRO H 51 18.05 -61.39 64.52
N LYS H 52 18.41 -61.90 63.35
CA LYS H 52 17.44 -62.10 62.27
C LYS H 52 16.29 -63.01 62.71
N ASP H 53 16.58 -63.90 63.66
CA ASP H 53 15.55 -64.78 64.20
C ASP H 53 14.57 -63.99 65.07
N LYS H 54 15.05 -62.91 65.65
CA LYS H 54 14.22 -62.07 66.52
C LYS H 54 13.83 -60.78 65.81
N SER H 55 13.80 -60.81 64.48
CA SER H 55 13.47 -59.65 63.68
C SER H 55 12.02 -59.69 63.22
N TYR H 56 11.43 -58.51 63.01
CA TYR H 56 10.05 -58.40 62.55
C TYR H 56 9.94 -57.35 61.45
N SER H 57 9.55 -57.79 60.26
CA SER H 57 9.49 -56.94 59.08
C SER H 57 8.07 -56.49 58.76
N HIS H 58 7.93 -55.26 58.26
CA HIS H 58 6.64 -54.74 57.83
C HIS H 58 6.78 -53.75 56.67
N PHE H 59 5.84 -53.83 55.73
CA PHE H 59 5.85 -53.00 54.53
C PHE H 59 5.13 -51.68 54.79
N VAL H 60 5.70 -50.59 54.25
CA VAL H 60 5.16 -49.26 54.46
C VAL H 60 4.73 -48.61 53.15
N HIS H 61 5.67 -48.36 52.25
CA HIS H 61 5.37 -47.69 50.99
C HIS H 61 6.23 -48.26 49.84
N LYS H 62 5.73 -48.11 48.62
CA LYS H 62 6.36 -48.74 47.45
C LYS H 62 7.64 -48.04 47.01
N SER H 63 7.66 -46.71 47.10
CA SER H 63 8.82 -45.93 46.66
C SER H 63 10.08 -46.23 47.49
N GLY H 64 9.87 -46.60 48.75
CA GLY H 64 10.98 -46.92 49.65
C GLY H 64 11.15 -45.90 50.75
N LEU H 65 11.59 -46.36 51.92
CA LEU H 65 11.79 -45.50 53.08
C LEU H 65 13.22 -44.96 53.12
N HIS H 66 13.41 -43.82 53.77
CA HIS H 66 14.74 -43.26 53.95
C HIS H 66 14.96 -42.63 55.33
N HIS H 67 13.87 -42.34 56.06
CA HIS H 67 14.03 -41.86 57.44
C HIS H 67 13.08 -42.54 58.43
N VAL H 68 13.60 -42.80 59.62
CA VAL H 68 12.82 -43.44 60.68
C VAL H 68 13.33 -43.05 62.07
N ASP H 69 12.40 -42.86 63.00
CA ASP H 69 12.74 -42.65 64.39
C ASP H 69 11.62 -43.20 65.27
N VAL H 70 12.00 -43.71 66.44
CA VAL H 70 11.06 -44.37 67.35
C VAL H 70 10.96 -43.61 68.68
N LEU H 71 9.74 -43.51 69.18
CA LEU H 71 9.47 -42.88 70.47
C LEU H 71 8.91 -43.92 71.43
N GLN H 72 9.65 -44.19 72.50
CA GLN H 72 9.19 -45.12 73.53
C GLN H 72 9.09 -44.41 74.87
N ALA H 73 7.87 -44.30 75.38
CA ALA H 73 7.62 -43.60 76.63
C ALA H 73 6.68 -44.38 77.54
N ILE H 74 6.76 -44.09 78.83
CA ILE H 74 5.79 -44.57 79.81
C ILE H 74 4.82 -43.41 80.11
N GLU H 75 4.02 -43.08 79.10
CA GLU H 75 3.23 -41.84 79.06
C GLU H 75 2.41 -41.63 80.33
N ARG H 76 1.43 -42.52 80.53
CA ARG H 76 0.64 -42.56 81.74
C ARG H 76 1.14 -43.70 82.63
N ASP H 77 0.86 -43.62 83.92
CA ASP H 77 1.26 -44.68 84.84
C ASP H 77 0.72 -46.00 84.34
N ALA H 78 1.62 -46.97 84.15
CA ALA H 78 1.28 -48.32 83.70
C ALA H 78 0.82 -48.39 82.23
N PHE H 79 1.31 -47.46 81.41
CA PHE H 79 1.01 -47.42 79.97
C PHE H 79 2.28 -47.26 79.11
N GLU H 80 2.68 -48.36 78.47
CA GLU H 80 3.88 -48.39 77.64
C GLU H 80 3.55 -48.03 76.21
N LEU H 81 4.03 -46.87 75.77
CA LEU H 81 3.77 -46.36 74.44
C LEU H 81 5.02 -46.42 73.57
N CYS H 82 4.93 -47.15 72.46
CA CYS H 82 6.03 -47.25 71.48
C CYS H 82 5.53 -46.93 70.09
N LEU H 83 5.94 -45.77 69.57
CA LEU H 83 5.44 -45.27 68.29
C LEU H 83 6.59 -44.94 67.34
N VAL H 84 6.57 -45.58 66.17
CA VAL H 84 7.59 -45.36 65.15
C VAL H 84 7.07 -44.43 64.05
N ALA H 85 7.86 -43.40 63.75
CA ALA H 85 7.53 -42.48 62.66
C ALA H 85 8.61 -42.56 61.60
N THR H 86 8.19 -42.65 60.34
CA THR H 86 9.14 -42.80 59.23
C THR H 86 8.68 -42.03 58.01
N THR H 87 9.65 -41.51 57.25
CA THR H 87 9.35 -40.82 56.00
C THR H 87 10.03 -41.51 54.82
N SER H 88 9.32 -41.47 53.69
CA SER H 88 9.66 -42.23 52.49
C SER H 88 10.10 -41.32 51.34
N PHE H 89 10.49 -41.95 50.24
CA PHE H 89 10.93 -41.22 49.06
C PHE H 89 9.79 -40.45 48.42
N SER H 90 8.58 -41.00 48.52
CA SER H 90 7.41 -40.38 47.91
C SER H 90 7.06 -39.03 48.56
N GLY H 91 7.69 -38.75 49.70
CA GLY H 91 7.43 -37.53 50.42
C GLY H 91 6.29 -37.70 51.41
N ASP H 92 6.05 -38.95 51.80
CA ASP H 92 4.99 -39.27 52.74
C ASP H 92 5.57 -39.49 54.13
N LEU H 93 4.79 -39.11 55.15
CA LEU H 93 5.19 -39.26 56.54
C LEU H 93 4.25 -40.23 57.26
N LEU H 94 4.75 -41.45 57.52
CA LEU H 94 3.93 -42.50 58.10
C LEU H 94 4.24 -42.74 59.58
N PHE H 95 3.20 -43.15 60.31
CA PHE H 95 3.32 -43.48 61.73
C PHE H 95 2.82 -44.91 61.95
N TYR H 96 3.46 -45.61 62.89
CA TYR H 96 3.08 -46.96 63.22
C TYR H 96 3.26 -47.21 64.72
N ARG H 97 2.18 -47.57 65.40
CA ARG H 97 2.26 -47.99 66.79
C ARG H 97 2.79 -49.42 66.83
N ILE H 98 3.83 -49.64 67.61
CA ILE H 98 4.45 -50.95 67.75
C ILE H 98 3.97 -51.62 69.03
N THR H 99 3.33 -52.78 68.88
CA THR H 99 2.86 -53.54 70.02
C THR H 99 3.45 -54.96 69.95
N ARG H 100 3.19 -55.75 70.99
CA ARG H 100 3.71 -57.12 71.06
C ARG H 100 2.57 -58.09 71.33
N GLU H 101 2.72 -59.32 70.83
CA GLU H 101 1.70 -60.35 71.00
C GLU H 101 1.52 -60.69 72.48
N ASP H 102 0.38 -61.28 72.81
CA ASP H 102 0.04 -61.59 74.20
C ASP H 102 1.02 -62.60 74.80
N GLU H 103 1.32 -63.65 74.05
CA GLU H 103 2.23 -64.70 74.52
C GLU H 103 3.30 -65.02 73.48
N THR H 104 3.00 -64.76 72.21
CA THR H 104 3.93 -65.04 71.13
C THR H 104 5.08 -64.04 71.12
N LYS H 105 4.85 -62.87 71.69
CA LYS H 105 5.85 -61.81 71.73
C LYS H 105 6.20 -61.32 70.34
N LYS H 106 5.32 -61.57 69.38
CA LYS H 106 5.52 -61.12 68.01
C LYS H 106 5.12 -59.66 67.86
N VAL H 107 5.95 -58.90 67.15
CA VAL H 107 5.71 -57.47 66.96
C VAL H 107 4.54 -57.23 66.00
N ILE H 108 3.60 -56.39 66.45
CA ILE H 108 2.45 -56.02 65.63
C ILE H 108 2.50 -54.52 65.33
N PHE H 109 2.35 -54.19 64.05
CA PHE H 109 2.37 -52.81 63.59
C PHE H 109 0.96 -52.28 63.40
N GLU H 110 0.68 -51.11 63.98
CA GLU H 110 -0.63 -50.47 63.83
C GLU H 110 -0.48 -49.11 63.15
N LYS H 111 -0.88 -49.06 61.88
CA LYS H 111 -0.76 -47.84 61.08
C LYS H 111 -1.70 -46.75 61.58
N LEU H 112 -1.15 -45.78 62.29
CA LEU H 112 -1.95 -44.70 62.87
C LEU H 112 -1.97 -43.47 61.96
N ASP H 113 -3.17 -43.08 61.54
CA ASP H 113 -3.35 -41.89 60.70
C ASP H 113 -3.51 -40.65 61.58
N LEU H 114 -2.44 -39.86 61.65
CA LEU H 114 -2.42 -38.69 62.53
C LEU H 114 -2.33 -37.38 61.76
N LEU H 115 -2.28 -37.46 60.43
CA LEU H 115 -2.14 -36.27 59.59
C LEU H 115 -3.38 -36.06 58.74
N ASP H 116 -3.83 -34.81 58.65
CA ASP H 116 -4.99 -34.46 57.83
C ASP H 116 -4.60 -34.41 56.35
N SER H 117 -5.55 -34.01 55.50
CA SER H 117 -5.33 -34.01 54.06
C SER H 117 -4.29 -32.97 53.63
N ASP H 118 -4.55 -31.72 53.99
CA ASP H 118 -3.68 -30.62 53.56
C ASP H 118 -2.23 -30.85 53.95
N MET H 119 -2.03 -31.42 55.13
CA MET H 119 -0.67 -31.65 55.63
C MET H 119 -0.01 -32.82 54.91
N LYS H 120 -0.79 -33.84 54.58
CA LYS H 120 -0.27 -35.00 53.87
C LYS H 120 0.04 -34.64 52.42
N LYS H 121 -0.50 -33.52 51.96
CA LYS H 121 -0.29 -33.07 50.59
C LYS H 121 1.15 -32.60 50.37
N HIS H 122 1.84 -32.29 51.45
CA HIS H 122 3.22 -31.84 51.36
C HIS H 122 4.18 -32.99 51.07
N SER H 123 5.43 -32.64 50.77
CA SER H 123 6.47 -33.61 50.48
C SER H 123 7.53 -33.57 51.57
N PHE H 124 7.42 -34.46 52.56
CA PHE H 124 8.34 -34.47 53.70
C PHE H 124 9.62 -35.21 53.36
N TRP H 125 10.62 -35.09 54.24
CA TRP H 125 11.95 -35.66 53.97
C TRP H 125 12.61 -36.26 55.21
N ALA H 126 12.75 -35.44 56.26
CA ALA H 126 13.43 -35.89 57.48
C ALA H 126 12.54 -35.71 58.70
N LEU H 127 12.88 -36.39 59.78
CA LEU H 127 12.06 -36.43 60.98
C LEU H 127 12.90 -36.46 62.25
N LYS H 128 12.29 -36.09 63.37
CA LYS H 128 12.83 -36.44 64.69
C LYS H 128 11.79 -36.25 65.80
N TRP H 129 11.82 -37.14 66.79
CA TRP H 129 10.91 -37.05 67.93
C TRP H 129 11.53 -36.27 69.07
N GLY H 130 10.70 -35.90 70.05
CA GLY H 130 11.18 -35.20 71.23
C GLY H 130 10.48 -35.67 72.49
N ASN H 133 9.97 -34.75 77.56
CA ASN H 133 10.31 -34.68 78.97
C ASN H 133 9.59 -33.52 79.68
N ASP H 134 10.23 -32.34 79.68
CA ASP H 134 9.68 -31.14 80.31
C ASP H 134 9.86 -29.90 79.43
N ARG H 135 10.11 -30.11 78.14
CA ARG H 135 10.15 -29.03 77.16
C ARG H 135 8.80 -28.32 77.25
N LEU H 136 7.78 -29.06 76.82
CA LEU H 136 6.39 -28.90 77.26
C LEU H 136 5.84 -30.33 77.42
N LEU H 137 4.78 -30.50 78.20
CA LEU H 137 4.35 -31.84 78.66
C LEU H 137 4.08 -32.85 77.54
N SER H 138 3.78 -32.35 76.34
CA SER H 138 3.51 -33.20 75.19
C SER H 138 4.76 -33.51 74.36
N HIS H 139 4.80 -34.74 73.85
CA HIS H 139 5.98 -35.24 73.17
C HIS H 139 6.08 -34.50 71.84
N ARG H 140 7.27 -34.04 71.49
CA ARG H 140 7.45 -33.22 70.31
C ARG H 140 7.77 -34.02 69.06
N LEU H 141 7.32 -33.52 67.90
CA LEU H 141 7.69 -34.11 66.61
C LEU H 141 8.10 -33.03 65.62
N VAL H 142 9.34 -33.12 65.15
CA VAL H 142 9.83 -32.19 64.13
C VAL H 142 10.10 -32.90 62.81
N ALA H 143 9.76 -32.23 61.70
CA ALA H 143 9.99 -32.76 60.37
C ALA H 143 10.36 -31.65 59.40
N THR H 144 10.82 -32.04 58.21
CA THR H 144 11.15 -31.07 57.16
C THR H 144 10.53 -31.48 55.82
N ASP H 145 10.39 -30.51 54.92
CA ASP H 145 9.88 -30.78 53.57
C ASP H 145 10.90 -30.36 52.51
N VAL H 146 10.62 -30.70 51.26
CA VAL H 146 11.53 -30.39 50.17
C VAL H 146 11.63 -28.89 49.94
N LYS H 147 10.72 -28.15 50.56
CA LYS H 147 10.68 -26.69 50.43
C LYS H 147 11.44 -26.01 51.59
N GLY H 148 12.15 -26.81 52.37
CA GLY H 148 13.00 -26.29 53.42
C GLY H 148 12.25 -25.86 54.68
N THR H 149 10.93 -26.03 54.68
CA THR H 149 10.11 -25.61 55.79
C THR H 149 10.07 -26.68 56.88
N THR H 150 10.35 -26.28 58.12
CA THR H 150 10.31 -27.19 59.25
C THR H 150 8.91 -27.19 59.88
N TYR H 151 8.43 -28.40 60.19
CA TYR H 151 7.12 -28.58 60.81
C TYR H 151 7.27 -29.13 62.22
N ILE H 152 6.51 -28.57 63.15
CA ILE H 152 6.57 -28.94 64.57
C ILE H 152 5.18 -29.27 65.11
N TRP H 153 5.00 -30.54 65.48
CA TRP H 153 3.75 -31.03 66.06
C TRP H 153 3.95 -31.46 67.52
N LYS H 154 2.88 -31.34 68.30
CA LYS H 154 2.85 -31.86 69.67
C LYS H 154 1.91 -33.05 69.73
N PHE H 155 2.50 -34.22 69.97
CA PHE H 155 1.77 -35.49 69.99
C PHE H 155 1.02 -35.73 71.29
N HIS H 156 -0.29 -35.93 71.19
CA HIS H 156 -1.14 -36.21 72.34
C HIS H 156 -1.72 -37.62 72.24
N PRO H 157 -1.19 -38.57 73.04
CA PRO H 157 -1.62 -39.97 72.92
C PRO H 157 -3.03 -40.22 73.47
N PHE H 158 -3.50 -39.34 74.35
CA PHE H 158 -4.84 -39.48 74.94
C PHE H 158 -5.66 -38.22 74.67
N ALA H 159 -6.98 -38.40 74.63
CA ALA H 159 -7.90 -37.29 74.36
C ALA H 159 -8.79 -37.02 75.58
N ASP H 160 -8.87 -35.75 75.97
CA ASP H 160 -9.70 -35.33 77.09
C ASP H 160 -9.24 -35.93 78.42
N GLU H 161 -7.98 -36.34 78.48
CA GLU H 161 -7.40 -36.91 79.69
C GLU H 161 -8.16 -38.16 80.13
N LEU H 167 -7.78 -42.98 80.65
CA LEU H 167 -6.84 -43.84 79.93
C LEU H 167 -7.46 -44.32 78.62
N ASN H 168 -7.72 -43.39 77.72
CA ASN H 168 -8.33 -43.70 76.42
C ASN H 168 -7.37 -43.44 75.27
N TRP H 169 -6.87 -44.51 74.66
CA TRP H 169 -5.91 -44.41 73.56
C TRP H 169 -6.56 -43.76 72.33
N SER H 170 -6.43 -42.44 72.24
CA SER H 170 -6.92 -41.69 71.09
C SER H 170 -5.84 -40.72 70.63
N PRO H 171 -4.81 -41.23 69.93
CA PRO H 171 -3.67 -40.40 69.54
C PRO H 171 -4.04 -39.31 68.53
N THR H 172 -3.56 -38.09 68.76
CA THR H 172 -3.83 -36.96 67.86
C THR H 172 -2.59 -36.08 67.73
N LEU H 173 -2.35 -35.57 66.52
CA LEU H 173 -1.23 -34.67 66.26
C LEU H 173 -1.70 -33.23 66.11
N GLU H 174 -1.27 -32.37 67.04
CA GLU H 174 -1.57 -30.95 67.00
C GLU H 174 -0.36 -30.19 66.47
N LEU H 175 -0.52 -29.60 65.29
CA LEU H 175 0.56 -28.82 64.68
C LEU H 175 0.85 -27.59 65.54
N GLN H 176 1.96 -27.62 66.25
CA GLN H 176 2.37 -26.50 67.07
C GLN H 176 2.79 -25.33 66.19
N GLY H 177 3.56 -25.61 65.14
CA GLY H 177 3.96 -24.54 64.23
C GLY H 177 4.86 -24.92 63.08
N THR H 178 5.20 -23.93 62.26
CA THR H 178 6.03 -24.11 61.08
C THR H 178 7.11 -23.03 60.99
N VAL H 179 8.34 -23.44 60.72
CA VAL H 179 9.46 -22.51 60.58
C VAL H 179 10.06 -22.62 59.18
N GLU H 180 9.78 -21.63 58.34
CA GLU H 180 10.24 -21.65 56.95
C GLU H 180 11.73 -21.31 56.87
N SER H 181 12.35 -21.61 55.73
CA SER H 181 13.78 -21.38 55.56
C SER H 181 14.10 -19.89 55.59
N PRO H 182 15.22 -19.51 56.21
CA PRO H 182 15.55 -18.09 56.32
C PRO H 182 16.11 -17.51 55.02
N MET H 183 16.14 -18.31 53.97
CA MET H 183 16.73 -17.90 52.70
C MET H 183 15.68 -17.79 51.61
N THR H 184 16.04 -17.10 50.53
CA THR H 184 15.18 -16.94 49.37
C THR H 184 16.03 -16.98 48.12
N PRO H 185 15.73 -17.90 47.19
CA PRO H 185 14.63 -18.87 47.24
C PRO H 185 14.95 -19.94 48.27
N SER H 186 13.98 -20.80 48.59
CA SER H 186 14.18 -21.83 49.59
C SER H 186 15.28 -22.80 49.17
N GLN H 187 15.62 -23.71 50.07
CA GLN H 187 16.59 -24.76 49.79
C GLN H 187 16.18 -26.03 50.50
N PHE H 188 16.70 -27.16 50.01
CA PHE H 188 16.30 -28.47 50.52
C PHE H 188 16.82 -28.71 51.94
N ALA H 189 15.90 -28.85 52.89
CA ALA H 189 16.27 -29.15 54.27
C ALA H 189 16.63 -30.62 54.39
N THR H 190 17.93 -30.88 54.52
CA THR H 190 18.44 -32.25 54.46
C THR H 190 18.38 -32.94 55.81
N SER H 191 18.60 -32.16 56.86
CA SER H 191 18.68 -32.69 58.22
C SER H 191 17.94 -31.79 59.19
N VAL H 192 17.44 -32.37 60.27
CA VAL H 192 16.75 -31.62 61.30
C VAL H 192 17.06 -32.27 62.65
N ASP H 193 16.88 -31.52 63.72
CA ASP H 193 17.05 -32.08 65.06
C ASP H 193 16.39 -31.16 66.08
N ILE H 194 16.05 -31.72 67.24
CA ILE H 194 15.44 -30.96 68.31
C ILE H 194 16.08 -31.35 69.65
N SER H 195 16.64 -30.38 70.34
CA SER H 195 17.36 -30.62 71.58
C SER H 195 16.42 -30.85 72.76
N GLU H 196 17.01 -31.15 73.91
CA GLU H 196 16.25 -31.29 75.15
C GLU H 196 16.02 -29.92 75.77
N ARG H 197 16.86 -28.95 75.40
CA ARG H 197 16.71 -27.59 75.92
C ARG H 197 15.62 -26.83 75.16
N GLY H 198 15.06 -27.46 74.14
CA GLY H 198 13.99 -26.87 73.37
C GLY H 198 14.46 -26.03 72.20
N LEU H 199 15.54 -26.49 71.55
CA LEU H 199 16.09 -25.81 70.39
C LEU H 199 16.03 -26.71 69.15
N ILE H 200 15.70 -26.10 68.01
CA ILE H 200 15.56 -26.81 66.75
C ILE H 200 16.66 -26.39 65.77
N ALA H 201 17.43 -27.36 65.30
CA ALA H 201 18.45 -27.12 64.28
C ALA H 201 17.98 -27.70 62.95
N THR H 202 17.98 -26.85 61.91
CA THR H 202 17.59 -27.27 60.57
C THR H 202 18.71 -27.03 59.58
N GLY H 203 19.15 -28.10 58.91
CA GLY H 203 20.23 -28.04 57.95
C GLY H 203 19.76 -28.19 56.52
N PHE H 204 20.29 -27.32 55.64
CA PHE H 204 19.92 -27.33 54.23
C PHE H 204 21.04 -27.86 53.35
N ASN H 205 20.80 -27.88 52.05
CA ASN H 205 21.74 -28.45 51.09
C ASN H 205 22.72 -27.43 50.52
N ASN H 206 22.93 -26.34 51.24
CA ASN H 206 23.87 -25.31 50.83
C ASN H 206 24.80 -24.91 51.98
N GLY H 207 24.89 -25.76 52.99
CA GLY H 207 25.78 -25.53 54.11
C GLY H 207 25.15 -24.64 55.17
N THR H 208 23.93 -24.17 54.91
CA THR H 208 23.25 -23.28 55.85
C THR H 208 22.52 -24.08 56.93
N VAL H 209 22.67 -23.63 58.17
CA VAL H 209 21.99 -24.24 59.31
C VAL H 209 21.29 -23.17 60.14
N GLN H 210 20.01 -23.40 60.44
CA GLN H 210 19.20 -22.47 61.20
C GLN H 210 18.81 -23.03 62.55
N ILE H 211 19.03 -22.23 63.60
CA ILE H 211 18.67 -22.61 64.97
C ILE H 211 17.51 -21.75 65.47
N SER H 212 16.41 -22.42 65.82
CA SER H 212 15.20 -21.75 66.29
C SER H 212 14.79 -22.28 67.66
N GLU H 213 13.90 -21.54 68.32
CA GLU H 213 13.43 -21.89 69.66
C GLU H 213 12.08 -22.59 69.59
N LEU H 214 12.00 -23.76 70.21
CA LEU H 214 10.80 -24.58 70.18
C LEU H 214 9.61 -23.88 70.83
N SER H 215 9.82 -23.33 72.03
CA SER H 215 8.74 -22.74 72.79
C SER H 215 8.17 -21.49 72.10
N THR H 216 9.03 -20.76 71.40
CA THR H 216 8.64 -19.51 70.76
C THR H 216 8.40 -19.69 69.27
N LEU H 217 9.00 -20.73 68.70
CA LEU H 217 8.86 -21.04 67.27
C LEU H 217 9.61 -20.05 66.37
N ARG H 218 10.08 -18.95 66.95
CA ARG H 218 10.81 -17.95 66.20
C ARG H 218 12.26 -18.40 66.04
N PRO H 219 12.92 -17.95 64.96
CA PRO H 219 14.32 -18.32 64.75
C PRO H 219 15.24 -17.56 65.70
N LEU H 220 16.14 -18.28 66.35
CA LEU H 220 17.09 -17.65 67.25
C LEU H 220 18.20 -17.06 66.39
N TYR H 221 18.86 -17.92 65.61
CA TYR H 221 19.97 -17.50 64.76
C TYR H 221 20.47 -18.62 63.84
N ASN H 222 20.98 -18.22 62.68
CA ASN H 222 21.39 -19.14 61.62
C ASN H 222 22.77 -18.79 61.04
N PHE H 223 23.49 -19.81 60.55
CA PHE H 223 24.81 -19.58 59.98
C PHE H 223 25.04 -20.45 58.73
N GLU H 224 25.70 -19.86 57.72
CA GLU H 224 25.92 -20.53 56.45
C GLU H 224 27.41 -20.71 56.18
N SER H 225 27.81 -21.96 55.94
CA SER H 225 29.21 -22.28 55.65
C SER H 225 29.72 -21.43 54.48
N GLN H 226 30.85 -20.76 54.68
CA GLN H 226 31.25 -19.62 53.85
C GLN H 226 32.42 -19.87 52.90
N HIS H 227 32.65 -21.14 52.54
CA HIS H 227 33.68 -21.50 51.57
C HIS H 227 33.05 -22.21 50.37
N SER H 228 32.27 -21.47 49.61
CA SER H 228 31.49 -22.05 48.50
C SER H 228 32.39 -22.60 47.38
N MET H 229 32.13 -23.84 46.98
CA MET H 229 32.82 -24.44 45.85
C MET H 229 31.86 -24.44 44.66
N ILE H 230 30.67 -25.00 44.89
CA ILE H 230 29.58 -25.04 43.91
C ILE H 230 30.02 -25.62 42.57
N SER H 233 30.99 -29.01 46.24
CA SER H 233 29.68 -29.13 46.86
C SER H 233 29.79 -29.05 48.37
N ASN H 234 28.82 -28.40 48.99
CA ASN H 234 28.81 -28.18 50.43
C ASN H 234 27.42 -28.31 51.06
N SER H 235 27.00 -29.54 51.32
CA SER H 235 25.66 -29.81 51.84
C SER H 235 25.71 -30.34 53.28
N ILE H 236 24.83 -29.82 54.12
CA ILE H 236 24.71 -30.28 55.50
C ILE H 236 24.20 -31.71 55.52
N ARG H 237 25.05 -32.63 55.95
CA ARG H 237 24.69 -34.04 56.01
C ARG H 237 23.82 -34.33 57.23
N SER H 238 24.26 -33.86 58.39
CA SER H 238 23.56 -34.16 59.64
C SER H 238 23.79 -33.09 60.71
N VAL H 239 22.74 -32.83 61.50
CA VAL H 239 22.82 -31.91 62.63
C VAL H 239 22.42 -32.65 63.91
N LYS H 240 23.17 -32.42 64.97
CA LYS H 240 22.91 -33.08 66.25
C LYS H 240 23.23 -32.19 67.44
N PHE H 241 22.30 -32.14 68.38
CA PHE H 241 22.49 -31.40 69.63
C PHE H 241 22.98 -32.32 70.73
N SER H 242 24.09 -31.95 71.36
CA SER H 242 24.61 -32.71 72.49
C SER H 242 23.64 -32.54 73.66
N PRO H 243 23.33 -33.65 74.37
CA PRO H 243 22.38 -33.56 75.49
C PRO H 243 22.91 -32.75 76.67
N GLN H 244 24.23 -32.65 76.78
CA GLN H 244 24.86 -31.89 77.86
C GLN H 244 25.46 -30.62 77.29
N GLY H 245 25.44 -29.55 78.08
CA GLY H 245 25.85 -28.25 77.61
C GLY H 245 24.89 -27.77 76.53
N SER H 246 25.34 -26.80 75.75
CA SER H 246 24.53 -26.26 74.66
C SER H 246 25.05 -26.71 73.30
N LEU H 247 26.15 -27.45 73.31
CA LEU H 247 26.92 -27.73 72.08
C LEU H 247 26.07 -28.27 70.91
N LEU H 248 26.35 -27.74 69.72
CA LEU H 248 25.74 -28.22 68.48
C LEU H 248 26.83 -28.77 67.56
N ALA H 249 26.54 -29.87 66.87
CA ALA H 249 27.50 -30.50 65.96
C ALA H 249 26.95 -30.51 64.53
N ILE H 250 27.75 -30.03 63.59
CA ILE H 250 27.32 -29.93 62.18
C ILE H 250 28.24 -30.74 61.27
N ALA H 251 27.68 -31.79 60.66
CA ALA H 251 28.38 -32.59 59.68
C ALA H 251 28.01 -32.13 58.29
N HIS H 252 29.00 -31.68 57.52
CA HIS H 252 28.75 -31.17 56.18
C HIS H 252 29.79 -31.65 55.19
N ASP H 253 29.38 -31.76 53.94
CA ASP H 253 30.27 -32.17 52.87
C ASP H 253 31.22 -31.05 52.49
N SER H 254 32.48 -31.41 52.28
CA SER H 254 33.41 -30.58 51.53
C SER H 254 33.55 -31.30 50.20
N ASN H 255 34.00 -30.60 49.16
CA ASN H 255 34.16 -31.22 47.85
C ASN H 255 34.96 -32.52 47.95
N SER H 256 34.25 -33.65 48.01
CA SER H 256 34.83 -35.00 48.11
C SER H 256 35.37 -35.38 49.50
N PHE H 257 34.96 -34.65 50.53
CA PHE H 257 35.30 -34.99 51.92
C PHE H 257 34.16 -34.66 52.87
N GLY H 258 34.25 -35.14 54.11
CA GLY H 258 33.26 -34.85 55.13
C GLY H 258 33.90 -34.05 56.24
N CYS H 259 33.18 -33.08 56.79
CA CYS H 259 33.70 -32.24 57.87
C CYS H 259 32.70 -32.06 58.99
N ILE H 260 33.21 -32.11 60.22
CA ILE H 260 32.43 -31.86 61.42
C ILE H 260 32.84 -30.53 62.02
N THR H 261 31.87 -29.68 62.32
CA THR H 261 32.15 -28.40 62.96
C THR H 261 31.24 -28.23 64.18
N LEU H 262 31.84 -27.76 65.27
CA LEU H 262 31.14 -27.61 66.53
C LEU H 262 30.80 -26.15 66.79
N TYR H 263 29.56 -25.90 67.20
CA TYR H 263 29.08 -24.55 67.50
C TYR H 263 28.48 -24.49 68.91
N GLU H 264 29.04 -23.62 69.75
CA GLU H 264 28.52 -23.45 71.10
C GLU H 264 27.21 -22.66 71.05
N THR H 265 26.10 -23.35 71.30
CA THR H 265 24.77 -22.74 71.25
C THR H 265 24.63 -21.69 72.34
N GLU H 266 23.81 -20.66 72.07
CA GLU H 266 23.58 -19.57 73.00
C GLU H 266 24.74 -18.58 73.00
N PHE H 267 25.94 -19.07 72.68
CA PHE H 267 27.05 -18.16 72.43
C PHE H 267 26.84 -17.52 71.06
N GLY H 268 26.16 -18.23 70.16
CA GLY H 268 25.96 -17.76 68.80
C GLY H 268 27.27 -17.69 68.05
N GLU H 269 28.23 -18.51 68.46
CA GLU H 269 29.58 -18.47 67.90
C GLU H 269 30.14 -19.87 67.71
N ARG H 270 31.07 -19.97 66.76
CA ARG H 270 31.76 -21.20 66.45
C ARG H 270 32.86 -21.43 67.48
N ILE H 271 33.21 -22.69 67.71
CA ILE H 271 34.23 -23.03 68.69
C ILE H 271 35.36 -23.87 68.12
N GLY H 272 35.08 -24.65 67.08
CA GLY H 272 36.11 -25.45 66.44
C GLY H 272 35.57 -26.54 65.53
N SER H 273 36.47 -27.41 65.07
CA SER H 273 36.11 -28.49 64.17
C SER H 273 36.97 -29.73 64.45
N LEU H 274 36.35 -30.90 64.38
CA LEU H 274 37.05 -32.16 64.60
C LEU H 274 37.69 -32.64 63.31
N SER H 275 39.00 -32.81 63.32
CA SER H 275 39.73 -33.22 62.13
C SER H 275 40.90 -34.13 62.48
N VAL H 276 41.31 -34.96 61.52
CA VAL H 276 42.45 -35.85 61.67
C VAL H 276 43.47 -35.58 60.58
N PRO H 277 44.75 -35.94 60.84
CA PRO H 277 45.80 -35.76 59.83
C PRO H 277 45.50 -36.51 58.54
N GLU H 287 42.64 -30.67 58.65
CA GLU H 287 42.32 -31.05 57.28
C GLU H 287 40.85 -31.42 57.15
N PHE H 288 40.54 -32.70 57.38
CA PHE H 288 39.17 -33.19 57.31
C PHE H 288 38.92 -34.24 58.38
N ALA H 289 37.65 -34.59 58.58
CA ALA H 289 37.29 -35.63 59.53
C ALA H 289 37.34 -37.00 58.86
N HIS H 290 36.92 -37.04 57.59
CA HIS H 290 36.91 -38.28 56.83
C HIS H 290 37.37 -38.03 55.40
N SER H 291 37.85 -39.09 54.74
CA SER H 291 38.26 -38.99 53.34
C SER H 291 37.04 -38.91 52.41
N SER H 292 35.88 -39.33 52.92
CA SER H 292 34.62 -39.17 52.21
C SER H 292 33.64 -38.47 53.16
N TRP H 293 32.44 -38.20 52.69
CA TRP H 293 31.46 -37.44 53.48
C TRP H 293 31.15 -38.07 54.85
N VAL H 294 30.87 -37.20 55.81
CA VAL H 294 30.36 -37.62 57.12
C VAL H 294 28.85 -37.80 57.01
N MET H 295 28.41 -39.04 56.91
CA MET H 295 27.00 -39.33 56.62
C MET H 295 26.08 -39.07 57.80
N SER H 296 26.59 -39.21 59.03
CA SER H 296 25.77 -39.00 60.21
C SER H 296 26.60 -38.75 61.47
N LEU H 297 25.94 -38.22 62.48
CA LEU H 297 26.57 -37.99 63.78
C LEU H 297 25.66 -38.52 64.88
N SER H 298 26.24 -38.79 66.05
CA SER H 298 25.46 -39.24 67.20
C SER H 298 26.29 -39.17 68.48
N PHE H 299 25.80 -38.41 69.44
CA PHE H 299 26.45 -38.31 70.75
C PHE H 299 26.04 -39.48 71.63
N ASN H 300 26.91 -39.84 72.59
CA ASN H 300 26.56 -40.81 73.60
C ASN H 300 25.67 -40.14 74.65
N ASP H 301 25.14 -40.93 75.59
CA ASP H 301 24.23 -40.39 76.59
C ASP H 301 24.93 -39.36 77.46
N SER H 302 26.21 -39.58 77.73
CA SER H 302 26.99 -38.67 78.56
C SER H 302 27.38 -37.42 77.79
N GLY H 303 27.34 -37.50 76.46
CA GLY H 303 27.66 -36.37 75.61
C GLY H 303 29.14 -36.01 75.62
N GLU H 304 29.98 -36.98 75.99
CA GLU H 304 31.42 -36.77 76.06
C GLU H 304 32.13 -37.36 74.84
N THR H 305 31.40 -38.16 74.07
CA THR H 305 31.95 -38.78 72.87
C THR H 305 30.98 -38.64 71.69
N LEU H 306 31.51 -38.16 70.57
CA LEU H 306 30.72 -38.01 69.35
C LEU H 306 31.17 -39.00 68.29
N CYS H 307 30.24 -39.86 67.85
CA CYS H 307 30.53 -40.81 66.79
C CYS H 307 30.08 -40.26 65.44
N SER H 308 30.98 -40.29 64.47
CA SER H 308 30.65 -39.87 63.11
C SER H 308 30.70 -41.06 62.16
N ALA H 309 29.58 -41.30 61.49
CA ALA H 309 29.47 -42.34 60.49
C ALA H 309 29.91 -41.77 59.14
N GLY H 310 31.07 -42.24 58.68
CA GLY H 310 31.67 -41.71 57.47
C GLY H 310 31.48 -42.62 56.27
N TRP H 311 31.37 -42.00 55.11
CA TRP H 311 31.26 -42.73 53.85
C TRP H 311 32.61 -43.30 53.43
N ASP H 312 33.65 -43.01 54.22
CA ASP H 312 35.00 -43.50 53.93
C ASP H 312 35.18 -44.95 54.32
N GLY H 313 34.17 -45.52 54.98
CA GLY H 313 34.24 -46.89 55.46
C GLY H 313 34.81 -46.91 56.86
N LYS H 314 34.45 -45.90 57.65
CA LYS H 314 34.95 -45.78 59.01
C LYS H 314 33.94 -45.07 59.91
N LEU H 315 33.71 -45.65 61.09
CA LEU H 315 32.94 -44.99 62.14
C LEU H 315 33.95 -44.43 63.13
N ARG H 316 33.97 -43.10 63.28
CA ARG H 316 35.00 -42.44 64.08
C ARG H 316 34.47 -41.83 65.37
N PHE H 317 35.11 -42.18 66.48
CA PHE H 317 34.70 -41.70 67.80
C PHE H 317 35.61 -40.57 68.28
N TRP H 318 35.02 -39.42 68.58
CA TRP H 318 35.76 -38.24 68.97
C TRP H 318 35.40 -37.84 70.40
N ASP H 319 36.38 -37.28 71.11
CA ASP H 319 36.15 -36.73 72.43
C ASP H 319 35.73 -35.26 72.33
N VAL H 320 34.56 -34.95 72.87
CA VAL H 320 34.00 -33.60 72.79
C VAL H 320 34.90 -32.57 73.45
N LYS H 321 35.36 -32.88 74.66
CA LYS H 321 36.19 -31.96 75.43
C LYS H 321 37.53 -31.72 74.73
N THR H 322 38.30 -32.79 74.56
CA THR H 322 39.63 -32.69 73.96
C THR H 322 39.57 -32.28 72.49
N LYS H 323 38.41 -32.48 71.87
CA LYS H 323 38.25 -32.20 70.44
C LYS H 323 39.24 -33.03 69.62
N GLU H 324 39.46 -34.26 70.08
CA GLU H 324 40.38 -35.18 69.42
C GLU H 324 39.71 -36.53 69.20
N ARG H 325 40.22 -37.28 68.23
CA ARG H 325 39.67 -38.59 67.88
C ARG H 325 40.15 -39.68 68.83
N ILE H 326 39.21 -40.36 69.47
CA ILE H 326 39.54 -41.44 70.41
C ILE H 326 39.95 -42.70 69.65
N THR H 327 39.05 -43.20 68.81
CA THR H 327 39.31 -44.41 68.04
C THR H 327 38.52 -44.44 66.72
N THR H 328 38.98 -45.27 65.80
CA THR H 328 38.39 -45.40 64.47
C THR H 328 38.06 -46.87 64.20
N LEU H 329 36.82 -47.12 63.75
CA LEU H 329 36.40 -48.48 63.42
C LEU H 329 36.08 -48.65 61.94
N ASN H 330 36.88 -49.49 61.27
CA ASN H 330 36.63 -49.83 59.88
C ASN H 330 35.53 -50.89 59.80
N MET H 331 34.84 -50.93 58.65
CA MET H 331 33.69 -51.79 58.48
C MET H 331 33.96 -52.89 57.44
N HIS H 332 35.23 -53.29 57.31
CA HIS H 332 35.61 -54.32 56.36
C HIS H 332 36.57 -55.32 57.00
N GLU H 354 35.85 -45.89 50.02
CA GLU H 354 35.22 -47.15 50.42
C GLU H 354 33.70 -46.97 50.39
N PRO H 355 32.95 -48.07 50.58
CA PRO H 355 31.48 -47.93 50.49
C PRO H 355 30.88 -47.13 51.63
N GLY H 356 31.48 -47.20 52.81
CA GLY H 356 31.06 -46.34 53.89
C GLY H 356 29.84 -46.82 54.66
N VAL H 357 29.35 -45.95 55.53
CA VAL H 357 28.20 -46.24 56.38
C VAL H 357 27.14 -45.18 56.22
N PHE H 358 25.88 -45.60 56.14
CA PHE H 358 24.77 -44.68 55.96
C PHE H 358 24.35 -44.04 57.27
N ASP H 359 24.25 -44.82 58.34
CA ASP H 359 23.83 -44.25 59.61
C ASP H 359 24.32 -44.99 60.86
N VAL H 360 24.43 -44.24 61.96
CA VAL H 360 24.89 -44.80 63.23
C VAL H 360 24.02 -44.26 64.38
N LYS H 361 23.88 -45.06 65.44
CA LYS H 361 23.07 -44.68 66.58
C LYS H 361 23.66 -45.23 67.88
N PHE H 362 23.73 -44.37 68.90
CA PHE H 362 24.20 -44.79 70.22
C PHE H 362 23.04 -45.36 71.03
N LEU H 363 23.24 -46.54 71.60
CA LEU H 363 22.24 -47.16 72.46
C LEU H 363 22.65 -47.05 73.91
N LYS H 364 21.78 -46.43 74.70
CA LYS H 364 22.05 -46.17 76.11
C LYS H 364 22.24 -47.46 76.89
N LYS H 365 22.75 -47.31 78.10
CA LYS H 365 23.06 -48.42 78.99
C LYS H 365 21.82 -49.14 79.48
N GLY H 366 21.67 -50.41 79.12
CA GLY H 366 20.56 -51.22 79.59
C GLY H 366 19.59 -51.64 78.49
N TRP H 367 19.82 -51.11 77.28
CA TRP H 367 18.96 -51.42 76.15
C TRP H 367 19.39 -52.72 75.48
N ARG H 368 20.59 -52.72 74.92
CA ARG H 368 21.16 -53.92 74.30
C ARG H 368 21.56 -54.91 75.37
N SER H 369 20.77 -55.98 75.53
CA SER H 369 21.02 -56.99 76.54
C SER H 369 22.20 -57.89 76.16
N GLY H 370 23.26 -57.83 76.95
CA GLY H 370 24.45 -58.62 76.72
C GLY H 370 24.80 -59.48 77.92
N MET H 371 26.03 -59.99 77.94
CA MET H 371 26.49 -60.84 79.02
C MET H 371 26.96 -60.02 80.21
N ASP H 374 26.97 -55.96 78.77
CA ASP H 374 25.53 -55.94 78.76
C ASP H 374 25.02 -54.54 79.02
N LEU H 375 25.18 -54.09 80.26
CA LEU H 375 24.70 -52.77 80.64
C LEU H 375 25.54 -51.70 79.96
N ASN H 376 26.84 -51.97 79.85
CA ASN H 376 27.76 -51.01 79.24
C ASN H 376 27.23 -50.49 77.89
N GLU H 377 27.24 -49.16 77.73
CA GLU H 377 26.62 -48.51 76.57
C GLU H 377 26.96 -49.17 75.25
N SER H 378 25.96 -49.27 74.37
CA SER H 378 26.11 -50.00 73.12
C SER H 378 25.95 -49.06 71.92
N LEU H 379 26.14 -49.62 70.73
CA LEU H 379 26.12 -48.85 69.50
C LEU H 379 25.47 -49.66 68.39
N CYS H 380 24.93 -48.98 67.39
CA CYS H 380 24.34 -49.64 66.22
C CYS H 380 24.67 -48.86 64.95
N CYS H 381 24.78 -49.56 63.82
CA CYS H 381 25.04 -48.88 62.56
C CYS H 381 24.56 -49.66 61.33
N VAL H 382 24.16 -48.90 60.30
CA VAL H 382 23.73 -49.45 59.02
C VAL H 382 24.55 -48.86 57.87
N CYS H 383 25.07 -49.75 57.03
CA CYS H 383 26.02 -49.39 55.99
C CYS H 383 25.51 -49.83 54.60
N LEU H 384 26.30 -49.55 53.56
CA LEU H 384 25.90 -49.84 52.17
C LEU H 384 25.50 -51.30 51.93
N ASP H 385 26.37 -52.21 52.35
CA ASP H 385 26.14 -53.65 52.19
C ASP H 385 24.82 -54.10 52.80
N ARG H 386 24.16 -53.21 53.54
CA ARG H 386 22.84 -53.47 54.09
C ARG H 386 22.99 -54.51 55.19
N SER H 387 24.20 -54.57 55.75
CA SER H 387 24.47 -55.38 56.93
C SER H 387 24.46 -54.45 58.13
N ILE H 388 23.45 -54.60 58.99
CA ILE H 388 23.33 -53.80 60.21
C ILE H 388 24.14 -54.41 61.34
N ARG H 389 25.02 -53.62 61.94
CA ARG H 389 25.90 -54.11 63.02
C ARG H 389 25.62 -53.41 64.34
N TRP H 390 25.90 -54.13 65.42
CA TRP H 390 25.82 -53.60 66.77
C TRP H 390 27.19 -53.73 67.44
N PHE H 391 27.49 -52.81 68.36
CA PHE H 391 28.76 -52.80 69.07
C PHE H 391 28.57 -52.46 70.54
N ARG H 392 29.62 -52.67 71.33
CA ARG H 392 29.57 -52.37 72.76
C ARG H 392 30.87 -51.71 73.22
N GLU H 393 30.75 -50.84 74.22
CA GLU H 393 31.89 -50.16 74.80
C GLU H 393 32.58 -51.05 75.83
N ALA H 394 33.90 -50.94 75.93
CA ALA H 394 34.67 -51.76 76.87
C ALA H 394 34.37 -51.36 78.31
S SO4 I . -3.25 -4.36 -65.60
O1 SO4 I . -3.34 -2.98 -65.14
O2 SO4 I . -4.31 -5.15 -64.99
O3 SO4 I . -3.37 -4.39 -67.06
O4 SO4 I . -1.95 -4.90 -65.22
S SO4 J . -2.40 -34.07 -68.33
O1 SO4 J . -2.01 -33.12 -67.30
O2 SO4 J . -3.08 -35.21 -67.73
O3 SO4 J . -3.29 -33.42 -69.29
O4 SO4 J . -1.20 -34.53 -69.05
S SO4 K . -4.38 -27.12 -65.17
O1 SO4 K . -4.46 -25.92 -64.35
O2 SO4 K . -5.45 -28.04 -64.76
O3 SO4 K . -4.58 -26.77 -66.57
O4 SO4 K . -3.08 -27.75 -64.98
S SO4 L . -7.07 -24.26 -57.51
O1 SO4 L . -7.91 -23.11 -57.83
O2 SO4 L . -7.82 -25.49 -57.74
O3 SO4 L . -5.89 -24.26 -58.38
O4 SO4 L . -6.65 -24.19 -56.12
S SO4 M . 11.95 -59.15 -8.27
O1 SO4 M . 10.72 -58.57 -7.73
O2 SO4 M . 11.96 -60.59 -8.03
O3 SO4 M . 12.04 -58.88 -9.69
O4 SO4 M . 13.10 -58.54 -7.59
S SO4 N . 3.33 -14.10 -21.43
O1 SO4 N . 3.44 -12.99 -20.49
O2 SO4 N . 1.93 -14.53 -21.51
O3 SO4 N . 3.77 -13.67 -22.76
O4 SO4 N . 4.15 -15.21 -20.97
S SO4 O . 4.17 -26.74 -13.26
O1 SO4 O . 5.39 -26.05 -12.85
O2 SO4 O . 3.20 -26.72 -12.16
O3 SO4 O . 3.61 -26.06 -14.42
O4 SO4 O . 4.47 -28.13 -13.61
S SO4 P . 23.39 -17.11 -4.75
O1 SO4 P . 23.18 -15.89 -4.00
O2 SO4 P . 22.39 -18.10 -4.36
O3 SO4 P . 23.28 -16.84 -6.18
O4 SO4 P . 24.73 -17.63 -4.47
S SO4 Q . -5.20 -36.33 -29.67
O1 SO4 Q . -5.24 -35.00 -29.07
O2 SO4 Q . -6.25 -37.16 -29.09
O3 SO4 Q . -5.39 -36.24 -31.12
O4 SO4 Q . -3.91 -36.95 -29.39
S SO4 R . 1.91 -70.91 -37.54
O1 SO4 R . 2.26 -69.93 -36.51
O2 SO4 R . 0.76 -71.69 -37.11
O3 SO4 R . 1.60 -70.22 -38.78
O4 SO4 R . 3.06 -71.79 -37.76
S SO4 S . -1.26 -62.13 -26.84
O1 SO4 S . -1.43 -62.96 -25.65
O2 SO4 S . -1.75 -62.86 -28.01
O3 SO4 S . -2.04 -60.91 -26.66
O4 SO4 S . 0.14 -61.80 -27.03
S SO4 T . -1.93 29.16 60.60
O1 SO4 T . -2.02 30.39 61.40
O2 SO4 T . -3.27 28.61 60.41
O3 SO4 T . -1.34 29.47 59.30
O4 SO4 T . -1.09 28.19 61.30
S SO4 U . 9.64 4.72 76.93
O1 SO4 U . 8.36 5.30 77.33
O2 SO4 U . 9.46 3.31 76.63
O3 SO4 U . 10.13 5.42 75.74
O4 SO4 U . 10.60 4.86 78.02
S SO4 V . 7.70 10.20 71.00
O1 SO4 V . 7.76 8.82 71.49
O2 SO4 V . 7.97 10.22 69.57
O3 SO4 V . 6.37 10.75 71.24
O4 SO4 V . 8.70 11.00 71.69
S SO4 W . -0.66 -2.06 26.79
O1 SO4 W . -1.47 -1.13 27.59
O2 SO4 W . -0.58 -3.35 27.46
O3 SO4 W . -1.27 -2.23 25.48
O4 SO4 W . 0.68 -1.51 26.64
S SO4 X . 4.11 -16.47 25.46
O1 SO4 X . 4.12 -15.26 26.28
O2 SO4 X . 2.88 -16.48 24.67
O3 SO4 X . 5.27 -16.46 24.57
O4 SO4 X . 4.17 -17.65 26.31
S SO4 Y . -16.19 -19.39 15.86
O1 SO4 Y . -16.21 -18.03 16.39
O2 SO4 Y . -17.22 -20.19 16.52
O3 SO4 Y . -16.45 -19.36 14.43
O4 SO4 Y . -14.88 -19.99 16.10
S SO4 Z . 14.91 -12.80 43.95
O1 SO4 Z . 14.63 -12.18 45.24
O2 SO4 Z . 14.10 -14.02 43.81
O3 SO4 Z . 14.58 -11.87 42.89
O4 SO4 Z . 16.32 -13.16 43.88
S SO4 AA . 20.15 -39.10 68.01
O1 SO4 AA . 19.59 -37.97 68.77
O2 SO4 AA . 19.82 -40.35 68.68
O3 SO4 AA . 19.59 -39.10 66.66
O4 SO4 AA . 21.60 -38.97 67.92
S SO4 BA . 39.59 -25.24 63.70
O1 SO4 BA . 39.24 -24.03 64.43
O2 SO4 BA . 38.86 -26.37 64.25
O3 SO4 BA . 39.26 -25.07 62.29
O4 SO4 BA . 41.02 -25.48 63.82
#